data_7V05
#
_entry.id   7V05
#
_cell.length_a   1.00
_cell.length_b   1.00
_cell.length_c   1.00
_cell.angle_alpha   90.00
_cell.angle_beta   90.00
_cell.angle_gamma   90.00
#
_symmetry.space_group_name_H-M   'P 1'
#
loop_
_entity.id
_entity.type
_entity.pdbx_description
1 polymer '850 Fab Heavy Chain'
2 polymer '850 Fab Light Chain'
3 polymer 'Circumsporozoite protein'
#
loop_
_entity_poly.entity_id
_entity_poly.type
_entity_poly.pdbx_seq_one_letter_code
_entity_poly.pdbx_strand_id
1 'polypeptide(L)'
;QVQLVESGGGVVQPGRSLRLSCAASGFTFSNFGMHWIRQSPGKGLEWVAIIWYDGSNTYYADSVKGRFTISRDNSKNTLY
LQMNSLRAEDTAVYYCAKVWFGESEDNYSVDVWGQGTTVTVSSASTKGPSVFPLAPSSKSTSGGTAALGCLVKDYFPEPV
TVSWNSGALTSGVHTFPAVLQSSGLYSLSSVVTVPSSSLGTQTYICNVNHKPSNTKVDKKVEPKSC
;
A,B,C,D,E,F,G,H,I,J,K,L,M,N
2 'polypeptide(L)'
;DIQMTQSPSTLSTSVGDRVTITCRASQSISNWLAWYQQKPGKAPKLLIYKASTLESGVPSRFSGSGSGTEFTLTISSLQP
DDFATYYCQQYSSYWTFGQGTKLEIKRTVAAPSVFIFPPSDEQLKSGTASVVCLLNNFYPREAKVQWKVDNALQSGNSQE
SVTEQDSKDSTYSLSSTLTLSKADYEKHKVYACEVTHQGLSSPVTKSFNRGEC
;
a,b,c,d,e,f,g,h,i,j,k,l,m,n
3 'polypeptide(L)'
;FQEYQCYGSSSNTRVLNELNYDNAGTNLYNELEMNYYGKQENWYSLKKNSRSLGENDDGNNEDNEKLRKPKHKKLKQPAD
GNPDPNANPNVDPNANPNVDPNANPNVDPNANPNANPNANPNANPNANPNANPNANPNANPNANPNANPNANPNANPNAN
PNANPNANPNANPNANPNANPNANPNANPNANPNANPNANPNANPNANPNANPNANPNANPNANPNANPNANPNANPNAN
PNANPNANPNANPNKNNQGNGQGHNMPNDPNRNVDENANANSAVKNNNNEEPSDKHIKEYLNKIQNSLSTEWSPCSVTCG
NGIQVRIKPGSANKPKDELDYANDIEKKICKMEKCSSVFNVVQSSPHHHHHH
;
X
#
# COMPACT_ATOMS: atom_id res chain seq x y z
N GLN A 1 -11.10 -62.70 67.31
CA GLN A 1 -10.45 -61.81 66.36
C GLN A 1 -9.36 -60.97 67.04
N VAL A 2 -8.99 -59.88 66.38
CA VAL A 2 -7.98 -58.99 66.94
C VAL A 2 -8.54 -58.25 68.14
N GLN A 3 -7.77 -58.19 69.22
CA GLN A 3 -8.17 -57.51 70.43
C GLN A 3 -6.99 -56.74 71.00
N LEU A 4 -7.23 -55.49 71.40
CA LEU A 4 -6.23 -54.65 72.01
C LEU A 4 -6.77 -54.10 73.32
N VAL A 5 -5.97 -54.19 74.38
CA VAL A 5 -6.39 -53.80 75.72
C VAL A 5 -5.35 -52.81 76.24
N GLU A 6 -5.76 -51.56 76.39
CA GLU A 6 -4.91 -50.52 76.94
C GLU A 6 -5.02 -50.48 78.46
N SER A 7 -3.94 -50.06 79.10
CA SER A 7 -3.95 -49.87 80.54
C SER A 7 -2.89 -48.85 80.92
N GLY A 8 -3.03 -48.30 82.12
CA GLY A 8 -2.07 -47.36 82.66
C GLY A 8 -2.55 -45.92 82.72
N GLY A 9 -3.69 -45.60 82.10
CA GLY A 9 -4.15 -44.23 82.10
C GLY A 9 -4.76 -43.82 83.43
N GLY A 10 -4.81 -42.51 83.64
CA GLY A 10 -5.39 -41.96 84.85
C GLY A 10 -5.08 -40.49 84.99
N VAL A 11 -5.22 -40.00 86.21
CA VAL A 11 -4.95 -38.61 86.53
C VAL A 11 -3.51 -38.50 87.02
N VAL A 12 -2.77 -37.54 86.49
CA VAL A 12 -1.37 -37.34 86.84
C VAL A 12 -1.11 -35.85 86.91
N GLN A 13 -0.35 -35.44 87.92
CA GLN A 13 0.03 -34.04 88.05
C GLN A 13 1.02 -33.66 86.96
N PRO A 14 1.01 -32.39 86.53
CA PRO A 14 1.98 -31.96 85.52
C PRO A 14 3.40 -32.10 86.01
N GLY A 15 4.28 -32.54 85.11
CA GLY A 15 5.67 -32.76 85.43
C GLY A 15 6.01 -34.18 85.84
N ARG A 16 5.03 -34.99 86.20
CA ARG A 16 5.30 -36.36 86.58
C ARG A 16 5.35 -37.25 85.33
N SER A 17 5.59 -38.54 85.53
CA SER A 17 5.73 -39.49 84.45
C SER A 17 4.65 -40.55 84.54
N LEU A 18 4.44 -41.26 83.44
CA LEU A 18 3.43 -42.31 83.39
C LEU A 18 3.78 -43.28 82.27
N ARG A 19 3.51 -44.56 82.51
CA ARG A 19 3.82 -45.62 81.55
C ARG A 19 2.52 -46.29 81.15
N LEU A 20 2.20 -46.21 79.86
CA LEU A 20 1.03 -46.86 79.29
C LEU A 20 1.41 -48.20 78.67
N SER A 21 0.49 -49.15 78.72
CA SER A 21 0.70 -50.46 78.13
C SER A 21 -0.47 -50.80 77.23
N CYS A 22 -0.19 -51.68 76.26
CA CYS A 22 -1.17 -52.11 75.27
C CYS A 22 -0.97 -53.60 75.04
N ALA A 23 -1.94 -54.41 75.46
CA ALA A 23 -1.89 -55.84 75.27
C ALA A 23 -2.58 -56.22 73.98
N ALA A 24 -1.90 -57.00 73.15
CA ALA A 24 -2.39 -57.37 71.83
C ALA A 24 -2.67 -58.86 71.78
N SER A 25 -3.72 -59.22 71.05
CA SER A 25 -4.06 -60.63 70.85
C SER A 25 -4.84 -60.78 69.57
N GLY A 26 -4.92 -62.02 69.08
CA GLY A 26 -5.58 -62.33 67.83
C GLY A 26 -4.69 -62.28 66.62
N PHE A 27 -3.42 -61.91 66.77
CA PHE A 27 -2.49 -61.86 65.65
C PHE A 27 -1.08 -61.92 66.20
N THR A 28 -0.12 -62.10 65.30
CA THR A 28 1.29 -62.15 65.66
C THR A 28 1.76 -60.72 65.90
N PHE A 29 1.87 -60.34 67.17
CA PHE A 29 2.19 -58.96 67.52
C PHE A 29 3.59 -58.59 67.03
N SER A 30 4.53 -59.52 67.10
CA SER A 30 5.91 -59.22 66.75
C SER A 30 6.12 -59.01 65.26
N ASN A 31 5.12 -59.27 64.42
CA ASN A 31 5.27 -59.10 62.98
C ASN A 31 4.77 -57.76 62.47
N PHE A 32 4.23 -56.91 63.34
CA PHE A 32 3.60 -55.66 62.92
C PHE A 32 4.11 -54.49 63.73
N GLY A 33 4.28 -53.35 63.07
CA GLY A 33 4.49 -52.11 63.77
C GLY A 33 3.21 -51.61 64.42
N MET A 34 3.37 -50.67 65.35
CA MET A 34 2.24 -50.15 66.10
C MET A 34 2.31 -48.63 66.18
N HIS A 35 1.14 -48.01 66.34
CA HIS A 35 1.02 -46.58 66.55
C HIS A 35 0.39 -46.28 67.90
N TRP A 36 0.75 -45.12 68.45
CA TRP A 36 -0.02 -44.48 69.50
C TRP A 36 -0.59 -43.18 68.95
N ILE A 37 -1.90 -43.03 69.07
CA ILE A 37 -2.63 -41.85 68.59
C ILE A 37 -3.53 -41.37 69.70
N ARG A 38 -3.61 -40.05 69.88
CA ARG A 38 -4.41 -39.47 70.93
C ARG A 38 -5.54 -38.64 70.33
N GLN A 39 -6.62 -38.49 71.09
CA GLN A 39 -7.78 -37.74 70.65
C GLN A 39 -8.29 -36.88 71.80
N SER A 40 -8.41 -35.58 71.54
CA SER A 40 -8.95 -34.66 72.52
C SER A 40 -9.99 -33.76 71.86
N PRO A 41 -10.96 -33.27 72.63
CA PRO A 41 -11.97 -32.36 72.05
C PRO A 41 -11.38 -31.07 71.50
N GLY A 42 -10.22 -30.63 71.99
CA GLY A 42 -9.66 -29.38 71.54
C GLY A 42 -8.83 -29.49 70.28
N LYS A 43 -8.19 -30.64 70.07
CA LYS A 43 -7.31 -30.85 68.94
C LYS A 43 -7.79 -31.95 68.00
N GLY A 44 -8.87 -32.64 68.33
CA GLY A 44 -9.30 -33.73 67.47
C GLY A 44 -8.33 -34.90 67.51
N LEU A 45 -8.23 -35.59 66.38
CA LEU A 45 -7.34 -36.73 66.27
C LEU A 45 -5.90 -36.27 66.02
N GLU A 46 -4.96 -36.89 66.72
CA GLU A 46 -3.58 -36.43 66.72
C GLU A 46 -2.66 -37.63 66.88
N TRP A 47 -1.86 -37.91 65.86
CA TRP A 47 -0.90 -39.01 65.92
C TRP A 47 0.24 -38.67 66.87
N VAL A 48 0.68 -39.67 67.64
CA VAL A 48 1.69 -39.48 68.67
C VAL A 48 3.02 -40.15 68.30
N ALA A 49 3.00 -41.46 68.06
CA ALA A 49 4.25 -42.16 67.82
C ALA A 49 4.01 -43.41 66.99
N ILE A 50 5.08 -43.91 66.38
CA ILE A 50 5.07 -45.17 65.63
C ILE A 50 6.33 -45.95 65.97
N ILE A 51 6.22 -47.27 66.03
CA ILE A 51 7.34 -48.16 66.29
C ILE A 51 7.28 -49.32 65.30
N TRP A 52 8.45 -49.75 64.83
CA TRP A 52 8.54 -50.90 63.93
C TRP A 52 8.21 -52.19 64.67
N TYR A 53 7.97 -53.24 63.88
CA TYR A 53 7.61 -54.55 64.44
C TYR A 53 8.72 -55.08 65.34
N ASP A 54 9.98 -54.83 65.00
CA ASP A 54 11.10 -55.29 65.81
C ASP A 54 11.68 -54.19 66.68
N GLY A 55 11.08 -53.01 66.69
CA GLY A 55 11.59 -51.91 67.48
C GLY A 55 12.81 -51.21 66.91
N SER A 56 13.21 -51.55 65.70
CA SER A 56 14.44 -51.00 65.15
C SER A 56 14.28 -49.54 64.77
N ASN A 57 13.11 -49.13 64.31
CA ASN A 57 12.83 -47.76 63.92
C ASN A 57 11.68 -47.21 64.74
N THR A 58 11.86 -46.01 65.28
CA THR A 58 10.81 -45.32 66.02
C THR A 58 10.71 -43.88 65.51
N TYR A 59 9.50 -43.36 65.49
CA TYR A 59 9.26 -41.97 65.10
C TYR A 59 8.25 -41.34 66.03
N TYR A 60 8.38 -40.03 66.21
CA TYR A 60 7.56 -39.27 67.15
C TYR A 60 7.11 -37.97 66.49
N ALA A 61 5.96 -37.47 66.93
CA ALA A 61 5.53 -36.15 66.52
C ALA A 61 6.41 -35.08 67.13
N ASP A 62 6.48 -33.92 66.47
CA ASP A 62 7.35 -32.85 66.93
C ASP A 62 6.91 -32.31 68.29
N SER A 63 5.60 -32.30 68.55
CA SER A 63 5.10 -31.76 69.80
C SER A 63 5.42 -32.68 70.98
N VAL A 64 5.76 -33.94 70.71
CA VAL A 64 6.07 -34.90 71.76
C VAL A 64 7.49 -35.43 71.67
N LYS A 65 8.25 -35.04 70.65
CA LYS A 65 9.59 -35.56 70.48
C LYS A 65 10.48 -35.13 71.65
N GLY A 66 11.24 -36.09 72.19
CA GLY A 66 12.07 -35.83 73.34
C GLY A 66 11.42 -36.07 74.68
N ARG A 67 10.11 -36.27 74.72
CA ARG A 67 9.39 -36.51 75.96
C ARG A 67 8.80 -37.91 76.06
N PHE A 68 8.29 -38.45 74.96
CA PHE A 68 7.70 -39.77 74.95
C PHE A 68 8.70 -40.79 74.41
N THR A 69 8.63 -42.00 74.93
CA THR A 69 9.45 -43.10 74.44
C THR A 69 8.58 -44.32 74.29
N ILE A 70 8.47 -44.82 73.06
CA ILE A 70 7.70 -46.01 72.75
C ILE A 70 8.64 -47.20 72.66
N SER A 71 8.20 -48.34 73.20
CA SER A 71 9.00 -49.56 73.17
C SER A 71 8.04 -50.74 73.11
N ARG A 72 8.60 -51.94 73.01
CA ARG A 72 7.78 -53.13 72.92
C ARG A 72 8.54 -54.34 73.45
N ASP A 73 7.77 -55.35 73.88
CA ASP A 73 8.28 -56.62 74.39
C ASP A 73 7.61 -57.70 73.57
N ASN A 74 8.30 -58.13 72.51
CA ASN A 74 7.76 -59.15 71.61
C ASN A 74 7.66 -60.51 72.27
N SER A 75 8.43 -60.75 73.34
CA SER A 75 8.30 -62.00 74.06
C SER A 75 7.02 -62.03 74.87
N LYS A 76 6.55 -60.86 75.32
CA LYS A 76 5.30 -60.74 76.06
C LYS A 76 4.17 -60.22 75.20
N ASN A 77 4.46 -59.85 73.95
CA ASN A 77 3.47 -59.27 73.04
C ASN A 77 2.83 -58.03 73.65
N THR A 78 3.67 -57.15 74.20
CA THR A 78 3.18 -55.99 74.94
C THR A 78 3.86 -54.74 74.39
N LEU A 79 3.06 -53.70 74.19
CA LEU A 79 3.56 -52.41 73.75
C LEU A 79 3.55 -51.43 74.92
N TYR A 80 4.62 -50.65 75.05
CA TYR A 80 4.79 -49.71 76.15
C TYR A 80 5.00 -48.31 75.62
N LEU A 81 4.56 -47.33 76.41
CA LEU A 81 4.81 -45.92 76.10
C LEU A 81 5.13 -45.20 77.41
N GLN A 82 6.40 -44.87 77.61
CA GLN A 82 6.82 -44.08 78.76
C GLN A 82 6.73 -42.60 78.42
N MET A 83 5.87 -41.89 79.15
CA MET A 83 5.62 -40.47 78.92
C MET A 83 6.20 -39.67 80.07
N ASN A 84 7.17 -38.81 79.76
CA ASN A 84 7.81 -37.94 80.74
C ASN A 84 7.48 -36.48 80.44
N SER A 85 7.57 -35.66 81.48
CA SER A 85 7.37 -34.21 81.38
C SER A 85 6.01 -33.87 80.77
N LEU A 86 4.96 -34.46 81.33
CA LEU A 86 3.61 -34.29 80.79
C LEU A 86 3.12 -32.87 80.98
N ARG A 87 2.44 -32.35 79.96
CA ARG A 87 1.81 -31.04 80.01
C ARG A 87 0.30 -31.19 80.08
N ALA A 88 -0.37 -30.08 80.40
CA ALA A 88 -1.83 -30.11 80.57
C ALA A 88 -2.52 -30.51 79.28
N GLU A 89 -2.00 -30.07 78.14
CA GLU A 89 -2.63 -30.35 76.84
C GLU A 89 -2.48 -31.79 76.41
N ASP A 90 -1.74 -32.62 77.14
CA ASP A 90 -1.64 -34.03 76.82
C ASP A 90 -2.85 -34.83 77.27
N THR A 91 -3.81 -34.22 77.95
CA THR A 91 -5.03 -34.92 78.34
C THR A 91 -5.82 -35.33 77.09
N ALA A 92 -6.01 -36.63 76.92
CA ALA A 92 -6.70 -37.15 75.75
C ALA A 92 -7.00 -38.63 75.98
N VAL A 93 -7.75 -39.21 75.04
CA VAL A 93 -7.93 -40.65 74.95
C VAL A 93 -6.86 -41.18 74.02
N TYR A 94 -6.07 -42.12 74.51
CA TYR A 94 -4.95 -42.68 73.77
C TYR A 94 -5.29 -44.09 73.28
N TYR A 95 -5.11 -44.31 71.99
CA TYR A 95 -5.33 -45.61 71.37
C TYR A 95 -4.02 -46.16 70.85
N CYS A 96 -3.79 -47.46 71.05
CA CYS A 96 -2.81 -48.16 70.26
C CYS A 96 -3.48 -48.75 69.02
N ALA A 97 -2.71 -48.86 67.94
CA ALA A 97 -3.28 -49.32 66.68
C ALA A 97 -2.26 -50.15 65.90
N LYS A 98 -2.77 -51.10 65.14
CA LYS A 98 -1.96 -52.03 64.36
C LYS A 98 -1.88 -51.58 62.91
N VAL A 99 -0.67 -51.60 62.36
CA VAL A 99 -0.46 -51.29 60.95
C VAL A 99 -1.03 -52.42 60.10
N TRP A 100 -1.65 -52.05 58.98
CA TRP A 100 -2.19 -53.04 58.07
C TRP A 100 -1.08 -53.67 57.25
N PHE A 101 -1.42 -54.80 56.61
CA PHE A 101 -0.51 -55.47 55.70
C PHE A 101 -0.69 -54.92 54.30
N GLY A 102 0.43 -54.64 53.63
CA GLY A 102 0.42 -54.09 52.29
C GLY A 102 1.57 -54.56 51.44
N GLU A 103 1.88 -53.81 50.38
CA GLU A 103 2.99 -54.15 49.50
C GLU A 103 4.28 -53.50 50.00
N SER A 104 5.40 -53.98 49.47
CA SER A 104 6.70 -53.57 49.99
C SER A 104 6.99 -52.10 49.75
N GLU A 105 6.52 -51.53 48.64
CA GLU A 105 6.83 -50.14 48.32
C GLU A 105 5.68 -49.19 48.60
N ASP A 106 4.56 -49.69 49.13
CA ASP A 106 3.44 -48.84 49.46
C ASP A 106 3.69 -48.09 50.78
N ASN A 107 2.89 -47.07 51.00
CA ASN A 107 2.86 -46.43 52.31
C ASN A 107 1.90 -47.20 53.22
N TYR A 108 2.05 -46.97 54.51
CA TYR A 108 1.36 -47.77 55.51
C TYR A 108 0.68 -46.89 56.54
N SER A 109 -0.45 -47.38 57.04
CA SER A 109 -1.15 -46.77 58.17
C SER A 109 -1.80 -47.90 58.95
N VAL A 110 -2.79 -47.57 59.75
CA VAL A 110 -3.36 -48.51 60.70
C VAL A 110 -4.75 -48.93 60.23
N ASP A 111 -5.10 -50.18 60.54
CA ASP A 111 -6.40 -50.75 60.20
C ASP A 111 -7.24 -51.13 61.41
N VAL A 112 -6.63 -51.51 62.52
CA VAL A 112 -7.34 -51.92 63.73
C VAL A 112 -6.92 -51.01 64.87
N TRP A 113 -7.90 -50.41 65.52
CA TRP A 113 -7.67 -49.52 66.65
C TRP A 113 -8.01 -50.25 67.95
N GLY A 114 -7.33 -49.87 69.02
CA GLY A 114 -7.60 -50.41 70.32
C GLY A 114 -8.85 -49.81 70.95
N GLN A 115 -9.07 -50.18 72.21
CA GLN A 115 -10.25 -49.70 72.93
C GLN A 115 -10.08 -48.27 73.41
N GLY A 116 -8.86 -47.87 73.78
CA GLY A 116 -8.61 -46.52 74.23
C GLY A 116 -8.52 -46.41 75.73
N THR A 117 -7.61 -45.57 76.21
CA THR A 117 -7.47 -45.31 77.64
C THR A 117 -7.33 -43.81 77.85
N THR A 118 -8.01 -43.30 78.88
CA THR A 118 -8.09 -41.87 79.11
C THR A 118 -6.97 -41.42 80.02
N VAL A 119 -6.29 -40.33 79.64
CA VAL A 119 -5.22 -39.74 80.43
C VAL A 119 -5.60 -38.29 80.69
N THR A 120 -5.62 -37.91 81.96
CA THR A 120 -5.99 -36.55 82.37
C THR A 120 -4.82 -35.95 83.15
N VAL A 121 -4.19 -34.94 82.57
CA VAL A 121 -3.06 -34.26 83.19
C VAL A 121 -3.58 -32.99 83.85
N SER A 122 -3.66 -32.99 85.17
CA SER A 122 -4.19 -31.86 85.92
C SER A 122 -3.60 -31.87 87.32
N SER A 123 -3.41 -30.67 87.86
CA SER A 123 -2.95 -30.52 89.24
C SER A 123 -4.09 -30.47 90.24
N ALA A 124 -5.32 -30.73 89.80
CA ALA A 124 -6.45 -30.72 90.72
C ALA A 124 -6.43 -31.96 91.61
N SER A 125 -6.86 -31.78 92.86
CA SER A 125 -6.95 -32.85 93.83
C SER A 125 -8.32 -33.50 93.79
N THR A 126 -8.36 -34.78 94.19
CA THR A 126 -9.61 -35.52 94.23
C THR A 126 -10.59 -34.86 95.20
N LYS A 127 -11.82 -34.64 94.73
CA LYS A 127 -12.81 -33.90 95.49
C LYS A 127 -14.20 -34.39 95.11
N GLY A 128 -15.03 -34.66 96.12
CA GLY A 128 -16.39 -35.07 95.89
C GLY A 128 -17.27 -33.91 95.42
N PRO A 129 -18.39 -34.24 94.80
CA PRO A 129 -19.26 -33.22 94.22
C PRO A 129 -20.24 -32.62 95.23
N SER A 130 -20.72 -31.43 94.88
CA SER A 130 -21.84 -30.79 95.57
C SER A 130 -23.08 -30.96 94.71
N VAL A 131 -24.13 -31.53 95.28
CA VAL A 131 -25.37 -31.82 94.58
C VAL A 131 -26.41 -30.80 94.99
N PHE A 132 -26.87 -29.98 94.05
CA PHE A 132 -27.88 -28.99 94.35
C PHE A 132 -29.15 -29.25 93.55
N PRO A 133 -30.31 -29.09 94.17
CA PRO A 133 -31.58 -29.34 93.47
C PRO A 133 -31.96 -28.18 92.56
N LEU A 134 -32.47 -28.54 91.39
CA LEU A 134 -33.10 -27.58 90.47
C LEU A 134 -34.61 -27.77 90.64
N ALA A 135 -35.16 -27.01 91.58
CA ALA A 135 -36.52 -27.22 92.05
C ALA A 135 -37.52 -26.68 91.03
N PRO A 136 -38.53 -27.46 90.65
CA PRO A 136 -39.56 -26.96 89.74
C PRO A 136 -40.54 -26.05 90.45
N SER A 137 -41.09 -25.10 89.70
CA SER A 137 -42.08 -24.17 90.20
C SER A 137 -42.86 -23.62 89.01
N SER A 138 -43.60 -22.53 89.23
CA SER A 138 -44.32 -21.89 88.15
C SER A 138 -43.37 -21.32 87.11
N LYS A 139 -42.15 -20.95 87.52
CA LYS A 139 -41.18 -20.38 86.60
C LYS A 139 -40.48 -21.44 85.76
N SER A 140 -40.67 -22.72 86.06
CA SER A 140 -40.15 -23.82 85.26
C SER A 140 -41.29 -24.71 84.79
N THR A 141 -42.41 -24.09 84.42
CA THR A 141 -43.60 -24.80 83.95
C THR A 141 -44.11 -24.13 82.69
N SER A 142 -44.37 -24.94 81.67
CA SER A 142 -44.96 -24.47 80.41
C SER A 142 -46.11 -25.42 80.09
N GLY A 143 -47.34 -24.96 80.33
CA GLY A 143 -48.49 -25.81 80.16
C GLY A 143 -48.56 -26.84 81.28
N GLY A 144 -48.85 -28.08 80.93
CA GLY A 144 -48.89 -29.16 81.89
C GLY A 144 -47.58 -29.87 82.12
N THR A 145 -46.47 -29.33 81.63
CA THR A 145 -45.16 -29.96 81.76
C THR A 145 -44.24 -29.05 82.56
N ALA A 146 -43.54 -29.64 83.54
CA ALA A 146 -42.56 -28.93 84.34
C ALA A 146 -41.22 -29.63 84.24
N ALA A 147 -40.16 -28.91 84.59
CA ALA A 147 -38.80 -29.43 84.53
C ALA A 147 -38.13 -29.29 85.89
N LEU A 148 -37.43 -30.35 86.30
CA LEU A 148 -36.64 -30.35 87.53
C LEU A 148 -35.33 -31.08 87.26
N GLY A 149 -34.38 -30.93 88.18
CA GLY A 149 -33.11 -31.58 87.97
C GLY A 149 -32.20 -31.50 89.17
N CYS A 150 -30.94 -31.87 88.93
CA CYS A 150 -29.87 -31.82 89.92
C CYS A 150 -28.59 -31.30 89.27
N LEU A 151 -27.92 -30.38 89.94
CA LEU A 151 -26.65 -29.83 89.49
C LEU A 151 -25.53 -30.48 90.29
N VAL A 152 -24.62 -31.16 89.59
CA VAL A 152 -23.52 -31.89 90.21
C VAL A 152 -22.25 -31.10 89.91
N LYS A 153 -21.79 -30.34 90.88
CA LYS A 153 -20.78 -29.30 90.68
C LYS A 153 -19.53 -29.62 91.49
N ASP A 154 -18.37 -29.28 90.89
CA ASP A 154 -17.10 -29.25 91.61
C ASP A 154 -16.71 -30.63 92.16
N TYR A 155 -16.49 -31.56 91.23
CA TYR A 155 -15.97 -32.87 91.57
C TYR A 155 -14.74 -33.15 90.72
N PHE A 156 -13.90 -34.04 91.24
CA PHE A 156 -12.70 -34.43 90.51
C PHE A 156 -12.22 -35.76 91.04
N PRO A 157 -11.81 -36.70 90.17
CA PRO A 157 -11.91 -36.52 88.73
C PRO A 157 -13.17 -37.13 88.13
N GLU A 158 -13.19 -37.23 86.81
CA GLU A 158 -14.26 -37.95 86.13
C GLU A 158 -14.13 -39.45 86.38
N PRO A 159 -15.23 -40.21 86.29
CA PRO A 159 -16.58 -39.72 86.03
C PRO A 159 -17.49 -39.79 87.26
N VAL A 160 -18.73 -39.35 87.09
CA VAL A 160 -19.78 -39.53 88.08
C VAL A 160 -21.02 -40.07 87.37
N THR A 161 -21.80 -40.88 88.08
CA THR A 161 -23.04 -41.42 87.57
C THR A 161 -24.21 -40.78 88.30
N VAL A 162 -25.28 -40.49 87.55
CA VAL A 162 -26.48 -39.89 88.11
C VAL A 162 -27.67 -40.78 87.73
N SER A 163 -28.47 -41.13 88.73
CA SER A 163 -29.73 -41.83 88.51
C SER A 163 -30.84 -41.09 89.22
N TRP A 164 -32.08 -41.44 88.86
CA TRP A 164 -33.26 -40.81 89.43
C TRP A 164 -34.12 -41.87 90.07
N ASN A 165 -34.48 -41.66 91.33
CA ASN A 165 -35.30 -42.60 92.11
C ASN A 165 -34.69 -44.00 92.07
N SER A 166 -33.38 -44.06 92.33
CA SER A 166 -32.63 -45.32 92.33
C SER A 166 -32.74 -46.06 91.02
N GLY A 167 -32.89 -45.33 89.91
CA GLY A 167 -32.98 -45.93 88.60
C GLY A 167 -34.40 -46.21 88.14
N ALA A 168 -35.40 -46.01 89.01
CA ALA A 168 -36.78 -46.30 88.63
C ALA A 168 -37.33 -45.29 87.62
N LEU A 169 -36.75 -44.11 87.54
CA LEU A 169 -37.20 -43.07 86.62
C LEU A 169 -36.12 -42.84 85.57
N THR A 170 -36.36 -43.30 84.34
CA THR A 170 -35.45 -43.07 83.23
C THR A 170 -36.10 -42.37 82.04
N SER A 171 -37.42 -42.41 81.92
CA SER A 171 -38.10 -41.75 80.81
C SER A 171 -38.01 -40.24 80.97
N GLY A 172 -37.44 -39.58 79.96
CA GLY A 172 -37.33 -38.14 80.00
C GLY A 172 -36.12 -37.59 80.70
N VAL A 173 -35.11 -38.43 80.96
CA VAL A 173 -33.91 -38.02 81.65
C VAL A 173 -32.89 -37.53 80.63
N HIS A 174 -32.29 -36.38 80.89
CA HIS A 174 -31.25 -35.82 80.03
C HIS A 174 -30.07 -35.44 80.92
N THR A 175 -29.00 -36.23 80.85
CA THR A 175 -27.75 -35.93 81.53
C THR A 175 -26.77 -35.29 80.56
N PHE A 176 -26.43 -34.03 80.81
CA PHE A 176 -25.57 -33.28 79.91
C PHE A 176 -24.12 -33.72 80.07
N PRO A 177 -23.32 -33.60 79.01
CA PRO A 177 -21.88 -33.85 79.14
C PRO A 177 -21.24 -32.85 80.09
N ALA A 178 -20.24 -33.33 80.82
CA ALA A 178 -19.56 -32.50 81.79
C ALA A 178 -18.74 -31.41 81.11
N VAL A 179 -18.60 -30.28 81.81
CA VAL A 179 -17.79 -29.18 81.35
C VAL A 179 -16.68 -28.94 82.35
N LEU A 180 -15.49 -28.63 81.84
CA LEU A 180 -14.33 -28.35 82.67
C LEU A 180 -14.28 -26.87 83.03
N GLN A 181 -14.15 -26.58 84.31
CA GLN A 181 -14.14 -25.21 84.79
C GLN A 181 -12.70 -24.71 84.92
N SER A 182 -12.57 -23.41 85.18
CA SER A 182 -11.24 -22.81 85.34
C SER A 182 -10.49 -23.43 86.50
N SER A 183 -11.20 -23.97 87.50
CA SER A 183 -10.58 -24.54 88.68
C SER A 183 -10.14 -25.99 88.47
N GLY A 184 -10.31 -26.55 87.28
CA GLY A 184 -9.98 -27.94 87.06
C GLY A 184 -10.98 -28.93 87.62
N LEU A 185 -12.11 -28.46 88.12
CA LEU A 185 -13.15 -29.34 88.62
C LEU A 185 -14.27 -29.45 87.59
N TYR A 186 -14.87 -30.63 87.51
CA TYR A 186 -15.94 -30.87 86.56
C TYR A 186 -17.29 -30.50 87.16
N SER A 187 -18.26 -30.31 86.27
CA SER A 187 -19.62 -29.96 86.66
C SER A 187 -20.55 -30.39 85.55
N LEU A 188 -21.75 -30.84 85.92
CA LEU A 188 -22.75 -31.24 84.94
C LEU A 188 -24.13 -31.06 85.54
N SER A 189 -25.14 -31.25 84.70
CA SER A 189 -26.53 -31.18 85.13
C SER A 189 -27.29 -32.39 84.61
N SER A 190 -28.34 -32.76 85.34
CA SER A 190 -29.26 -33.81 84.92
C SER A 190 -30.68 -33.28 85.10
N VAL A 191 -31.48 -33.35 84.03
CA VAL A 191 -32.81 -32.78 84.04
C VAL A 191 -33.83 -33.83 83.63
N VAL A 192 -35.07 -33.59 84.03
CA VAL A 192 -36.18 -34.48 83.69
C VAL A 192 -37.45 -33.65 83.59
N THR A 193 -38.28 -33.96 82.60
CA THR A 193 -39.58 -33.33 82.42
C THR A 193 -40.67 -34.22 83.04
N VAL A 194 -41.53 -33.61 83.85
CA VAL A 194 -42.56 -34.34 84.57
C VAL A 194 -43.89 -33.63 84.38
N PRO A 195 -45.00 -34.34 84.56
CA PRO A 195 -46.31 -33.67 84.56
C PRO A 195 -46.41 -32.68 85.70
N SER A 196 -46.83 -31.45 85.36
CA SER A 196 -46.96 -30.39 86.36
C SER A 196 -47.93 -30.76 87.46
N SER A 197 -48.95 -31.57 87.14
CA SER A 197 -49.94 -31.97 88.13
C SER A 197 -49.38 -32.91 89.19
N SER A 198 -48.15 -33.39 89.02
CA SER A 198 -47.53 -34.30 89.97
C SER A 198 -46.60 -33.59 90.96
N LEU A 199 -46.31 -32.32 90.73
CA LEU A 199 -45.43 -31.59 91.64
C LEU A 199 -46.05 -31.48 93.03
N GLY A 200 -45.20 -31.54 94.05
CA GLY A 200 -45.65 -31.48 95.43
C GLY A 200 -46.13 -32.78 96.02
N THR A 201 -46.45 -33.78 95.19
CA THR A 201 -46.92 -35.08 95.67
C THR A 201 -45.96 -36.21 95.33
N GLN A 202 -45.43 -36.24 94.11
CA GLN A 202 -44.46 -37.26 93.74
C GLN A 202 -43.06 -36.85 94.20
N THR A 203 -42.37 -37.79 94.85
CA THR A 203 -41.04 -37.54 95.39
C THR A 203 -39.99 -37.85 94.34
N TYR A 204 -39.08 -36.91 94.11
CA TYR A 204 -37.99 -37.07 93.16
C TYR A 204 -36.66 -36.92 93.87
N ILE A 205 -35.82 -37.95 93.78
CA ILE A 205 -34.51 -37.97 94.40
C ILE A 205 -33.49 -38.36 93.35
N CYS A 206 -32.42 -37.57 93.24
CA CYS A 206 -31.30 -37.86 92.36
C CYS A 206 -30.18 -38.52 93.15
N ASN A 207 -29.62 -39.59 92.59
CA ASN A 207 -28.56 -40.38 93.23
C ASN A 207 -27.27 -40.16 92.45
N VAL A 208 -26.37 -39.39 93.03
CA VAL A 208 -25.06 -39.10 92.46
C VAL A 208 -24.05 -40.05 93.08
N ASN A 209 -23.25 -40.68 92.23
CA ASN A 209 -22.23 -41.64 92.64
C ASN A 209 -20.90 -41.27 92.02
N HIS A 210 -19.85 -41.32 92.83
CA HIS A 210 -18.47 -40.97 92.44
C HIS A 210 -17.57 -42.08 92.95
N LYS A 211 -17.29 -43.03 92.07
CA LYS A 211 -16.48 -44.19 92.43
C LYS A 211 -15.09 -43.85 92.93
N PRO A 212 -14.35 -42.88 92.36
CA PRO A 212 -13.00 -42.62 92.88
C PRO A 212 -12.96 -42.27 94.36
N SER A 213 -14.03 -41.66 94.89
CA SER A 213 -14.10 -41.32 96.30
C SER A 213 -15.14 -42.14 97.05
N ASN A 214 -15.80 -43.08 96.39
CA ASN A 214 -16.85 -43.91 96.99
C ASN A 214 -17.99 -43.05 97.52
N THR A 215 -18.28 -41.96 96.82
CA THR A 215 -19.33 -41.04 97.23
C THR A 215 -20.67 -41.49 96.68
N LYS A 216 -21.68 -41.53 97.56
CA LYS A 216 -23.06 -41.81 97.17
C LYS A 216 -23.94 -40.78 97.88
N VAL A 217 -24.65 -39.98 97.11
CA VAL A 217 -25.49 -38.92 97.65
C VAL A 217 -26.88 -39.04 97.04
N ASP A 218 -27.89 -39.12 97.90
CA ASP A 218 -29.30 -39.10 97.49
C ASP A 218 -29.89 -37.75 97.89
N LYS A 219 -30.10 -36.89 96.91
CA LYS A 219 -30.63 -35.54 97.15
C LYS A 219 -32.08 -35.51 96.72
N LYS A 220 -32.96 -35.11 97.64
CA LYS A 220 -34.37 -34.94 97.33
C LYS A 220 -34.63 -33.55 96.76
N VAL A 221 -35.42 -33.51 95.69
CA VAL A 221 -35.75 -32.26 95.01
C VAL A 221 -37.21 -31.95 95.29
N GLU A 222 -37.46 -30.86 96.03
CA GLU A 222 -38.82 -30.47 96.35
C GLU A 222 -39.19 -29.19 95.62
N PRO A 223 -40.46 -29.02 95.26
CA PRO A 223 -40.87 -27.79 94.56
C PRO A 223 -40.86 -26.59 95.51
N LYS A 224 -40.93 -25.42 94.90
CA LYS A 224 -40.97 -24.17 95.67
C LYS A 224 -42.36 -23.54 95.60
N ASP B 1 4.52 -29.48 58.10
CA ASP B 1 3.33 -30.06 58.72
C ASP B 1 2.15 -29.94 57.78
N ILE B 2 1.70 -31.07 57.25
CA ILE B 2 0.62 -31.07 56.27
C ILE B 2 -0.70 -30.73 56.96
N GLN B 3 -1.37 -29.68 56.48
CA GLN B 3 -2.68 -29.31 57.00
C GLN B 3 -3.76 -30.07 56.25
N MET B 4 -4.74 -30.56 56.99
CA MET B 4 -5.88 -31.26 56.43
C MET B 4 -7.17 -30.51 56.74
N THR B 5 -8.11 -30.55 55.80
CA THR B 5 -9.37 -29.83 55.95
C THR B 5 -10.49 -30.68 55.36
N GLN B 6 -11.55 -30.87 56.13
CA GLN B 6 -12.68 -31.69 55.74
C GLN B 6 -13.91 -30.80 55.57
N SER B 7 -14.71 -31.09 54.55
CA SER B 7 -15.95 -30.36 54.36
C SER B 7 -17.07 -31.34 54.00
N PRO B 8 -18.29 -31.11 54.50
CA PRO B 8 -18.61 -30.06 55.48
C PRO B 8 -18.27 -30.53 56.88
N SER B 9 -18.28 -29.63 57.87
CA SER B 9 -18.05 -30.05 59.24
C SER B 9 -19.22 -30.89 59.77
N THR B 10 -20.44 -30.50 59.44
CA THR B 10 -21.64 -31.22 59.84
C THR B 10 -22.57 -31.31 58.64
N LEU B 11 -23.14 -32.49 58.41
CA LEU B 11 -24.06 -32.71 57.31
C LEU B 11 -25.32 -33.40 57.84
N SER B 12 -26.46 -32.71 57.72
CA SER B 12 -27.74 -33.29 58.08
C SER B 12 -28.27 -34.11 56.91
N THR B 13 -28.50 -35.40 57.16
CA THR B 13 -28.89 -36.32 56.10
C THR B 13 -29.87 -37.34 56.63
N SER B 14 -30.46 -38.10 55.72
CA SER B 14 -31.48 -39.08 56.04
C SER B 14 -31.07 -40.43 55.47
N VAL B 15 -31.65 -41.49 56.03
CA VAL B 15 -31.35 -42.84 55.56
C VAL B 15 -31.78 -42.99 54.11
N GLY B 16 -30.87 -43.50 53.28
CA GLY B 16 -31.12 -43.66 51.87
C GLY B 16 -30.59 -42.54 51.00
N ASP B 17 -30.12 -41.45 51.60
CA ASP B 17 -29.62 -40.32 50.84
C ASP B 17 -28.26 -40.64 50.22
N ARG B 18 -27.94 -39.91 49.15
CA ARG B 18 -26.62 -39.94 48.55
C ARG B 18 -25.75 -38.86 49.17
N VAL B 19 -24.66 -39.27 49.82
CA VAL B 19 -23.81 -38.37 50.59
C VAL B 19 -22.46 -38.26 49.90
N THR B 20 -21.96 -37.03 49.77
CA THR B 20 -20.62 -36.78 49.24
C THR B 20 -19.92 -35.78 50.15
N ILE B 21 -18.78 -36.19 50.71
CA ILE B 21 -17.96 -35.32 51.53
C ILE B 21 -16.59 -35.18 50.88
N THR B 22 -15.96 -34.03 51.11
CA THR B 22 -14.68 -33.68 50.49
C THR B 22 -13.61 -33.51 51.56
N CYS B 23 -12.35 -33.65 51.11
CA CYS B 23 -11.19 -33.59 51.98
C CYS B 23 -10.03 -33.05 51.18
N ARG B 24 -9.33 -32.05 51.72
CA ARG B 24 -8.25 -31.38 51.02
C ARG B 24 -7.01 -31.32 51.88
N ALA B 25 -5.86 -31.46 51.24
CA ALA B 25 -4.56 -31.44 51.89
C ALA B 25 -3.83 -30.16 51.54
N SER B 26 -3.00 -29.69 52.47
CA SER B 26 -2.25 -28.47 52.24
C SER B 26 -1.20 -28.62 51.14
N GLN B 27 -0.77 -29.85 50.86
CA GLN B 27 0.16 -30.12 49.78
C GLN B 27 -0.20 -31.45 49.15
N SER B 28 0.49 -31.76 48.04
CA SER B 28 0.16 -32.97 47.30
C SER B 28 0.55 -34.19 48.11
N ILE B 29 -0.40 -35.10 48.30
CA ILE B 29 -0.16 -36.33 49.01
C ILE B 29 -0.31 -37.55 48.10
N SER B 30 -0.30 -37.33 46.79
CA SER B 30 -0.48 -38.39 45.80
C SER B 30 -1.81 -39.08 46.08
N ASN B 31 -1.85 -40.40 46.25
CA ASN B 31 -3.08 -41.11 46.57
C ASN B 31 -3.07 -41.69 47.98
N TRP B 32 -2.10 -41.31 48.81
CA TRP B 32 -1.95 -41.87 50.15
C TRP B 32 -2.91 -41.18 51.10
N LEU B 33 -4.19 -41.52 50.96
CA LEU B 33 -5.25 -40.99 51.82
C LEU B 33 -6.15 -42.13 52.27
N ALA B 34 -6.46 -42.16 53.56
CA ALA B 34 -7.34 -43.15 54.16
C ALA B 34 -8.54 -42.47 54.80
N TRP B 35 -9.66 -43.19 54.84
CA TRP B 35 -10.88 -42.74 55.50
C TRP B 35 -11.21 -43.67 56.65
N TYR B 36 -11.45 -43.09 57.82
CA TYR B 36 -11.77 -43.82 59.04
C TYR B 36 -13.11 -43.36 59.57
N GLN B 37 -13.90 -44.33 60.04
CA GLN B 37 -15.18 -44.06 60.69
C GLN B 37 -15.07 -44.31 62.18
N GLN B 38 -15.66 -43.41 62.97
CA GLN B 38 -15.68 -43.54 64.42
C GLN B 38 -17.07 -43.20 64.92
N LYS B 39 -17.66 -44.11 65.69
CA LYS B 39 -18.92 -43.82 66.33
C LYS B 39 -18.68 -43.31 67.74
N PRO B 40 -19.59 -42.46 68.26
CA PRO B 40 -19.36 -41.87 69.58
C PRO B 40 -19.28 -42.93 70.66
N GLY B 41 -18.34 -42.74 71.58
CA GLY B 41 -18.10 -43.73 72.61
C GLY B 41 -17.67 -45.07 72.06
N LYS B 42 -16.99 -45.07 70.92
CA LYS B 42 -16.61 -46.32 70.25
C LYS B 42 -15.28 -46.10 69.54
N ALA B 43 -14.59 -47.20 69.28
CA ALA B 43 -13.29 -47.09 68.65
C ALA B 43 -13.43 -46.78 67.16
N PRO B 44 -12.46 -46.08 66.57
CA PRO B 44 -12.51 -45.81 65.14
C PRO B 44 -12.35 -47.07 64.31
N LYS B 45 -12.97 -47.06 63.13
CA LYS B 45 -12.93 -48.20 62.22
C LYS B 45 -12.43 -47.75 60.85
N LEU B 46 -11.57 -48.57 60.25
CA LEU B 46 -11.02 -48.27 58.94
C LEU B 46 -12.06 -48.53 57.86
N LEU B 47 -12.27 -47.56 56.98
CA LEU B 47 -13.16 -47.73 55.85
C LEU B 47 -12.44 -47.88 54.52
N ILE B 48 -11.53 -46.96 54.20
CA ILE B 48 -10.91 -46.91 52.89
C ILE B 48 -9.44 -46.57 53.04
N TYR B 49 -8.59 -47.23 52.25
CA TYR B 49 -7.20 -46.84 52.10
C TYR B 49 -6.88 -46.68 50.62
N LYS B 50 -5.70 -46.10 50.35
CA LYS B 50 -5.27 -45.72 49.00
C LYS B 50 -6.32 -44.89 48.28
N ALA B 51 -7.09 -44.12 49.05
CA ALA B 51 -8.07 -43.14 48.56
C ALA B 51 -9.27 -43.77 47.86
N SER B 52 -9.12 -45.01 47.38
CA SER B 52 -10.23 -45.63 46.67
C SER B 52 -10.33 -47.14 46.89
N THR B 53 -9.56 -47.72 47.79
CA THR B 53 -9.64 -49.14 48.06
C THR B 53 -10.56 -49.40 49.25
N LEU B 54 -11.54 -50.26 49.04
CA LEU B 54 -12.51 -50.57 50.08
C LEU B 54 -11.94 -51.63 51.01
N GLU B 55 -11.98 -51.36 52.32
CA GLU B 55 -11.52 -52.32 53.29
C GLU B 55 -12.42 -53.56 53.29
N SER B 56 -11.82 -54.71 53.55
CA SER B 56 -12.57 -55.95 53.61
C SER B 56 -13.63 -55.87 54.70
N GLY B 57 -14.86 -56.27 54.36
CA GLY B 57 -15.97 -56.20 55.28
C GLY B 57 -16.79 -54.93 55.18
N VAL B 58 -16.33 -53.94 54.42
CA VAL B 58 -17.05 -52.68 54.26
C VAL B 58 -18.06 -52.83 53.13
N PRO B 59 -19.33 -52.46 53.36
CA PRO B 59 -20.33 -52.62 52.30
C PRO B 59 -20.00 -51.81 51.06
N SER B 60 -20.51 -52.27 49.92
CA SER B 60 -20.16 -51.69 48.63
C SER B 60 -20.79 -50.31 48.42
N ARG B 61 -21.73 -49.90 49.27
CA ARG B 61 -22.32 -48.58 49.12
C ARG B 61 -21.37 -47.45 49.48
N PHE B 62 -20.19 -47.77 50.00
CA PHE B 62 -19.17 -46.78 50.28
C PHE B 62 -18.15 -46.79 49.15
N SER B 63 -17.70 -45.60 48.75
CA SER B 63 -16.68 -45.52 47.72
C SER B 63 -15.83 -44.29 47.93
N GLY B 64 -14.56 -44.39 47.53
CA GLY B 64 -13.66 -43.26 47.59
C GLY B 64 -13.19 -42.81 46.23
N SER B 65 -12.76 -41.56 46.12
CA SER B 65 -12.26 -41.04 44.85
C SER B 65 -11.35 -39.87 45.16
N GLY B 66 -10.45 -39.59 44.23
CA GLY B 66 -9.62 -38.41 44.38
C GLY B 66 -8.14 -38.70 44.37
N SER B 67 -7.32 -37.70 44.07
CA SER B 67 -5.88 -37.88 44.03
C SER B 67 -5.22 -36.51 44.05
N GLY B 68 -4.02 -36.47 44.62
CA GLY B 68 -3.29 -35.22 44.74
C GLY B 68 -3.68 -34.45 45.98
N THR B 69 -4.58 -33.48 45.82
CA THR B 69 -5.00 -32.60 46.90
C THR B 69 -6.50 -32.59 47.14
N GLU B 70 -7.29 -33.18 46.26
CA GLU B 70 -8.73 -33.23 46.37
C GLU B 70 -9.20 -34.67 46.46
N PHE B 71 -9.99 -34.98 47.47
CA PHE B 71 -10.52 -36.33 47.68
C PHE B 71 -11.97 -36.23 48.08
N THR B 72 -12.74 -37.24 47.71
CA THR B 72 -14.15 -37.32 48.05
C THR B 72 -14.52 -38.71 48.53
N LEU B 73 -15.45 -38.75 49.49
CA LEU B 73 -16.05 -39.99 49.97
C LEU B 73 -17.54 -39.94 49.67
N THR B 74 -18.06 -41.02 49.07
CA THR B 74 -19.44 -41.09 48.63
C THR B 74 -20.13 -42.28 49.26
N ILE B 75 -21.31 -42.04 49.82
CA ILE B 75 -22.21 -43.08 50.30
C ILE B 75 -23.42 -43.08 49.36
N SER B 76 -23.59 -44.16 48.61
CA SER B 76 -24.63 -44.22 47.61
C SER B 76 -26.02 -44.19 48.24
N SER B 77 -26.22 -44.95 49.32
CA SER B 77 -27.52 -45.00 50.00
C SER B 77 -27.26 -45.12 51.49
N LEU B 78 -27.56 -44.05 52.22
CA LEU B 78 -27.25 -44.01 53.64
C LEU B 78 -28.12 -45.00 54.41
N GLN B 79 -27.52 -45.65 55.40
CA GLN B 79 -28.18 -46.60 56.28
C GLN B 79 -27.97 -46.17 57.72
N PRO B 80 -28.86 -46.57 58.63
CA PRO B 80 -28.77 -46.06 60.01
C PRO B 80 -27.47 -46.41 60.71
N ASP B 81 -26.81 -47.49 60.29
CA ASP B 81 -25.51 -47.84 60.88
C ASP B 81 -24.40 -46.89 60.47
N ASP B 82 -24.63 -46.07 59.44
CA ASP B 82 -23.61 -45.18 58.91
C ASP B 82 -23.58 -43.83 59.61
N PHE B 83 -24.44 -43.60 60.60
CA PHE B 83 -24.43 -42.35 61.35
C PHE B 83 -23.26 -42.34 62.32
N ALA B 84 -22.18 -41.66 61.94
CA ALA B 84 -20.94 -41.63 62.70
C ALA B 84 -20.12 -40.44 62.20
N THR B 85 -18.93 -40.28 62.77
CA THR B 85 -18.00 -39.24 62.37
C THR B 85 -16.96 -39.84 61.45
N TYR B 86 -16.66 -39.15 60.34
CA TYR B 86 -15.77 -39.65 59.31
C TYR B 86 -14.56 -38.73 59.21
N TYR B 87 -13.37 -39.32 59.34
CA TYR B 87 -12.12 -38.59 59.27
C TYR B 87 -11.31 -39.03 58.05
N CYS B 88 -10.72 -38.07 57.34
CA CYS B 88 -9.71 -38.39 56.35
C CYS B 88 -8.33 -38.23 56.98
N GLN B 89 -7.35 -38.93 56.40
CA GLN B 89 -6.00 -38.96 56.95
C GLN B 89 -5.01 -39.14 55.82
N GLN B 90 -4.09 -38.19 55.67
CA GLN B 90 -2.96 -38.40 54.78
C GLN B 90 -1.90 -39.24 55.47
N TYR B 91 -1.30 -40.16 54.72
CA TYR B 91 -0.18 -40.95 55.22
C TYR B 91 0.92 -40.97 54.18
N SER B 92 1.15 -39.83 53.53
CA SER B 92 2.26 -39.68 52.60
C SER B 92 3.53 -39.22 53.32
N SER B 93 3.38 -38.37 54.32
CA SER B 93 4.50 -37.86 55.10
C SER B 93 4.00 -37.74 56.53
N TYR B 94 4.40 -38.68 57.37
CA TYR B 94 3.85 -38.82 58.72
C TYR B 94 2.33 -38.98 58.63
N TRP B 95 1.59 -38.49 59.61
CA TRP B 95 0.15 -38.73 59.66
C TRP B 95 -0.53 -37.53 60.30
N THR B 96 -1.46 -36.91 59.58
CA THR B 96 -2.24 -35.79 60.10
C THR B 96 -3.70 -36.02 59.74
N PHE B 97 -4.58 -35.73 60.70
CA PHE B 97 -6.01 -35.94 60.52
C PHE B 97 -6.72 -34.62 60.27
N GLY B 98 -7.85 -34.71 59.55
CA GLY B 98 -8.73 -33.58 59.42
C GLY B 98 -9.57 -33.34 60.67
N GLN B 99 -10.33 -32.24 60.64
CA GLN B 99 -11.15 -31.88 61.79
C GLN B 99 -12.32 -32.84 61.98
N GLY B 100 -12.70 -33.59 60.95
CA GLY B 100 -13.78 -34.54 61.06
C GLY B 100 -15.11 -34.02 60.56
N THR B 101 -15.87 -34.89 59.92
CA THR B 101 -17.22 -34.59 59.45
C THR B 101 -18.21 -35.48 60.18
N LYS B 102 -19.19 -34.85 60.84
CA LYS B 102 -20.23 -35.56 61.57
C LYS B 102 -21.48 -35.65 60.70
N LEU B 103 -21.94 -36.87 60.46
CA LEU B 103 -23.18 -37.11 59.74
C LEU B 103 -24.35 -37.07 60.72
N GLU B 104 -25.23 -36.09 60.55
CA GLU B 104 -26.33 -35.84 61.46
C GLU B 104 -27.63 -36.38 60.87
N ILE B 105 -28.52 -36.82 61.75
CA ILE B 105 -29.82 -37.35 61.35
C ILE B 105 -30.72 -36.17 61.05
N LYS B 106 -31.10 -36.02 59.78
CA LYS B 106 -31.96 -34.92 59.39
C LYS B 106 -33.41 -35.23 59.78
N ARG B 107 -34.07 -34.23 60.35
CA ARG B 107 -35.47 -34.35 60.74
C ARG B 107 -36.14 -33.00 60.56
N THR B 108 -37.43 -32.95 60.87
CA THR B 108 -38.18 -31.71 60.75
C THR B 108 -37.76 -30.73 61.85
N VAL B 109 -38.10 -29.46 61.64
CA VAL B 109 -37.72 -28.41 62.57
C VAL B 109 -38.61 -28.49 63.81
N ALA B 110 -37.99 -28.41 64.98
CA ALA B 110 -38.71 -28.39 66.25
C ALA B 110 -38.13 -27.29 67.12
N ALA B 111 -38.99 -26.37 67.57
CA ALA B 111 -38.52 -25.26 68.39
C ALA B 111 -38.19 -25.73 69.80
N PRO B 112 -37.21 -25.10 70.45
CA PRO B 112 -36.82 -25.52 71.80
C PRO B 112 -37.84 -25.07 72.85
N SER B 113 -37.92 -25.86 73.92
CA SER B 113 -38.61 -25.41 75.13
C SER B 113 -37.58 -24.80 76.07
N VAL B 114 -37.88 -23.59 76.56
CA VAL B 114 -36.91 -22.81 77.32
C VAL B 114 -37.36 -22.77 78.78
N PHE B 115 -36.45 -23.14 79.68
CA PHE B 115 -36.67 -23.09 81.12
C PHE B 115 -35.46 -22.45 81.78
N ILE B 116 -35.70 -21.73 82.87
CA ILE B 116 -34.63 -21.09 83.63
C ILE B 116 -34.69 -21.58 85.08
N PHE B 117 -33.52 -21.76 85.69
CA PHE B 117 -33.39 -22.19 87.06
C PHE B 117 -32.46 -21.25 87.80
N PRO B 118 -32.86 -20.72 88.95
CA PRO B 118 -32.00 -19.84 89.73
C PRO B 118 -31.04 -20.63 90.60
N PRO B 119 -30.00 -19.97 91.13
CA PRO B 119 -29.09 -20.66 92.06
C PRO B 119 -29.79 -21.10 93.34
N SER B 120 -29.40 -22.26 93.84
CA SER B 120 -29.94 -22.78 95.08
C SER B 120 -29.45 -21.95 96.27
N ASP B 121 -30.21 -21.99 97.36
CA ASP B 121 -29.83 -21.27 98.56
C ASP B 121 -28.54 -21.80 99.18
N GLU B 122 -28.25 -23.09 99.01
CA GLU B 122 -27.01 -23.62 99.57
C GLU B 122 -25.80 -23.09 98.81
N GLN B 123 -25.88 -23.04 97.49
CA GLN B 123 -24.78 -22.50 96.70
C GLN B 123 -24.61 -21.02 96.94
N LEU B 124 -25.73 -20.29 97.07
CA LEU B 124 -25.66 -18.88 97.42
C LEU B 124 -25.00 -18.69 98.79
N LYS B 125 -25.28 -19.59 99.72
CA LYS B 125 -24.60 -19.56 101.01
C LYS B 125 -23.12 -19.88 100.87
N SER B 126 -22.75 -20.66 99.85
CA SER B 126 -21.36 -21.02 99.62
C SER B 126 -20.56 -19.90 98.97
N GLY B 127 -21.22 -18.86 98.47
CA GLY B 127 -20.53 -17.73 97.87
C GLY B 127 -20.56 -17.66 96.36
N THR B 128 -21.23 -18.60 95.70
CA THR B 128 -21.31 -18.63 94.25
C THR B 128 -22.76 -18.74 93.82
N ALA B 129 -23.03 -18.30 92.59
CA ALA B 129 -24.38 -18.31 92.03
C ALA B 129 -24.32 -18.82 90.61
N SER B 130 -24.90 -20.00 90.36
CA SER B 130 -25.00 -20.57 89.02
C SER B 130 -26.45 -20.47 88.56
N VAL B 131 -26.65 -19.89 87.38
CA VAL B 131 -27.96 -19.79 86.75
C VAL B 131 -27.96 -20.66 85.51
N VAL B 132 -29.02 -21.45 85.35
CA VAL B 132 -29.09 -22.48 84.32
C VAL B 132 -30.25 -22.15 83.39
N CYS B 133 -29.97 -22.13 82.09
CA CYS B 133 -30.96 -21.94 81.05
C CYS B 133 -31.01 -23.21 80.22
N LEU B 134 -32.19 -23.77 80.03
CA LEU B 134 -32.36 -25.07 79.39
C LEU B 134 -33.16 -24.97 78.11
N LEU B 135 -32.62 -25.53 77.03
CA LEU B 135 -33.31 -25.68 75.76
C LEU B 135 -33.55 -27.16 75.52
N ASN B 136 -34.83 -27.56 75.46
CA ASN B 136 -35.22 -28.95 75.40
C ASN B 136 -35.83 -29.28 74.05
N ASN B 137 -35.37 -30.37 73.45
CA ASN B 137 -36.02 -31.00 72.31
C ASN B 137 -36.17 -30.02 71.13
N PHE B 138 -35.03 -29.66 70.56
CA PHE B 138 -34.98 -28.73 69.45
C PHE B 138 -34.13 -29.29 68.32
N TYR B 139 -34.41 -28.79 67.12
CA TYR B 139 -33.66 -29.13 65.92
C TYR B 139 -33.88 -28.03 64.91
N PRO B 140 -32.85 -27.61 64.15
CA PRO B 140 -31.47 -28.10 64.19
C PRO B 140 -30.69 -27.67 65.43
N ARG B 141 -29.40 -28.02 65.47
CA ARG B 141 -28.60 -27.78 66.66
C ARG B 141 -28.25 -26.31 66.84
N GLU B 142 -28.16 -25.55 65.77
CA GLU B 142 -27.69 -24.16 65.86
C GLU B 142 -28.69 -23.33 66.65
N ALA B 143 -28.21 -22.68 67.70
CA ALA B 143 -29.00 -21.78 68.53
C ALA B 143 -28.05 -20.80 69.21
N LYS B 144 -28.60 -19.67 69.65
CA LYS B 144 -27.82 -18.66 70.34
C LYS B 144 -28.48 -18.35 71.68
N VAL B 145 -27.68 -18.34 72.74
CA VAL B 145 -28.14 -18.02 74.09
C VAL B 145 -27.34 -16.84 74.59
N GLN B 146 -28.01 -15.74 74.91
CA GLN B 146 -27.40 -14.53 75.42
C GLN B 146 -27.89 -14.27 76.83
N TRP B 147 -26.95 -14.06 77.76
CA TRP B 147 -27.30 -13.73 79.14
C TRP B 147 -27.40 -12.22 79.27
N LYS B 148 -28.47 -11.74 79.92
CA LYS B 148 -28.66 -10.33 80.16
C LYS B 148 -28.96 -10.12 81.64
N VAL B 149 -28.16 -9.29 82.30
CA VAL B 149 -28.31 -8.99 83.72
C VAL B 149 -28.59 -7.50 83.83
N ASP B 150 -29.84 -7.16 84.21
CA ASP B 150 -30.33 -5.78 84.20
C ASP B 150 -30.09 -5.12 82.85
N ASN B 151 -30.48 -5.84 81.78
CA ASN B 151 -30.41 -5.37 80.41
C ASN B 151 -28.97 -5.13 79.94
N ALA B 152 -28.00 -5.75 80.59
CA ALA B 152 -26.60 -5.64 80.22
C ALA B 152 -26.10 -6.99 79.72
N LEU B 153 -25.56 -7.00 78.51
CA LEU B 153 -25.09 -8.25 77.91
C LEU B 153 -23.87 -8.77 78.64
N GLN B 154 -23.85 -10.08 78.89
CA GLN B 154 -22.75 -10.73 79.57
C GLN B 154 -21.80 -11.35 78.55
N SER B 155 -20.53 -11.46 78.93
CA SER B 155 -19.52 -12.04 78.06
C SER B 155 -18.38 -12.59 78.90
N GLY B 156 -18.00 -13.84 78.64
CA GLY B 156 -16.88 -14.44 79.33
C GLY B 156 -17.18 -15.05 80.68
N ASN B 157 -18.46 -15.11 81.07
CA ASN B 157 -18.84 -15.67 82.37
C ASN B 157 -19.89 -16.76 82.22
N SER B 158 -20.04 -17.34 81.04
CA SER B 158 -21.02 -18.38 80.79
C SER B 158 -20.35 -19.56 80.08
N GLN B 159 -20.97 -20.73 80.22
CA GLN B 159 -20.51 -21.93 79.55
C GLN B 159 -21.70 -22.69 78.98
N GLU B 160 -21.53 -23.25 77.79
CA GLU B 160 -22.59 -23.96 77.11
C GLU B 160 -22.23 -25.44 76.98
N SER B 161 -23.26 -26.28 77.02
CA SER B 161 -23.09 -27.71 76.82
C SER B 161 -24.23 -28.23 75.97
N VAL B 162 -23.92 -29.11 75.02
CA VAL B 162 -24.89 -29.65 74.08
C VAL B 162 -24.83 -31.16 74.14
N THR B 163 -26.00 -31.80 74.18
CA THR B 163 -26.07 -33.24 74.12
C THR B 163 -25.94 -33.74 72.68
N GLU B 164 -25.65 -35.03 72.55
CA GLU B 164 -25.71 -35.69 71.26
C GLU B 164 -27.15 -35.92 70.84
N GLN B 165 -27.33 -36.31 69.59
CA GLN B 165 -28.66 -36.60 69.08
C GLN B 165 -29.30 -37.73 69.85
N ASP B 166 -30.50 -37.49 70.35
CA ASP B 166 -31.22 -38.50 71.11
C ASP B 166 -31.47 -39.72 70.24
N SER B 167 -31.30 -40.90 70.83
CA SER B 167 -31.46 -42.14 70.06
C SER B 167 -32.90 -42.33 69.60
N LYS B 168 -33.87 -41.77 70.32
CA LYS B 168 -35.27 -42.02 70.00
C LYS B 168 -35.82 -41.05 68.97
N ASP B 169 -35.51 -39.75 69.07
CA ASP B 169 -36.10 -38.76 68.18
C ASP B 169 -35.08 -37.80 67.59
N SER B 170 -33.79 -38.02 67.81
CA SER B 170 -32.73 -37.28 67.13
C SER B 170 -32.77 -35.80 67.44
N THR B 171 -33.21 -35.44 68.63
CA THR B 171 -33.26 -34.04 69.05
C THR B 171 -32.06 -33.71 69.94
N TYR B 172 -31.83 -32.42 70.12
CA TYR B 172 -30.79 -31.90 70.99
C TYR B 172 -31.38 -31.28 72.25
N SER B 173 -30.54 -31.22 73.28
CA SER B 173 -30.79 -30.45 74.48
C SER B 173 -29.55 -29.66 74.81
N LEU B 174 -29.74 -28.43 75.30
CA LEU B 174 -28.63 -27.52 75.57
C LEU B 174 -28.79 -26.92 76.96
N SER B 175 -27.68 -26.85 77.68
CA SER B 175 -27.61 -26.19 78.98
C SER B 175 -26.63 -25.04 78.90
N SER B 176 -27.02 -23.89 79.43
CA SER B 176 -26.16 -22.73 79.56
C SER B 176 -26.03 -22.39 81.05
N THR B 177 -24.80 -22.28 81.52
CA THR B 177 -24.53 -22.03 82.94
C THR B 177 -23.83 -20.68 83.08
N LEU B 178 -24.49 -19.74 83.73
CA LEU B 178 -23.91 -18.45 84.08
C LEU B 178 -23.41 -18.52 85.51
N THR B 179 -22.11 -18.27 85.70
CA THR B 179 -21.48 -18.39 87.01
C THR B 179 -21.04 -16.99 87.46
N LEU B 180 -21.41 -16.63 88.69
CA LEU B 180 -21.07 -15.34 89.25
C LEU B 180 -20.76 -15.50 90.73
N SER B 181 -19.98 -14.56 91.26
CA SER B 181 -19.75 -14.49 92.69
C SER B 181 -21.01 -14.04 93.41
N LYS B 182 -21.10 -14.39 94.70
CA LYS B 182 -22.26 -13.99 95.49
C LYS B 182 -22.43 -12.48 95.52
N ALA B 183 -21.31 -11.75 95.56
CA ALA B 183 -21.39 -10.29 95.57
C ALA B 183 -21.83 -9.75 94.22
N ASP B 184 -21.27 -10.30 93.13
CA ASP B 184 -21.72 -9.90 91.81
C ASP B 184 -23.17 -10.26 91.58
N TYR B 185 -23.59 -11.44 92.07
CA TYR B 185 -24.98 -11.86 91.89
C TYR B 185 -25.94 -10.97 92.67
N GLU B 186 -25.57 -10.59 93.89
CA GLU B 186 -26.44 -9.76 94.70
C GLU B 186 -26.33 -8.28 94.37
N LYS B 187 -25.46 -7.90 93.43
CA LYS B 187 -25.36 -6.52 92.96
C LYS B 187 -26.26 -6.23 91.79
N HIS B 188 -27.24 -7.10 91.51
CA HIS B 188 -28.16 -6.87 90.41
C HIS B 188 -29.53 -7.46 90.77
N LYS B 189 -30.50 -7.20 89.89
CA LYS B 189 -31.89 -7.55 90.16
C LYS B 189 -32.44 -8.56 89.15
N VAL B 190 -32.43 -8.22 87.87
CA VAL B 190 -33.07 -9.02 86.83
C VAL B 190 -32.02 -9.89 86.17
N TYR B 191 -32.34 -11.16 85.97
CA TYR B 191 -31.43 -12.12 85.34
C TYR B 191 -32.21 -12.87 84.27
N ALA B 192 -31.77 -12.73 83.02
CA ALA B 192 -32.49 -13.31 81.89
C ALA B 192 -31.54 -14.05 80.96
N CYS B 193 -32.06 -15.12 80.35
CA CYS B 193 -31.43 -15.77 79.20
C CYS B 193 -32.36 -15.62 77.99
N GLU B 194 -31.81 -15.11 76.90
CA GLU B 194 -32.53 -14.94 75.64
C GLU B 194 -32.03 -15.97 74.65
N VAL B 195 -32.97 -16.63 73.97
CA VAL B 195 -32.68 -17.76 73.10
C VAL B 195 -33.23 -17.47 71.71
N THR B 196 -32.41 -17.68 70.69
CA THR B 196 -32.82 -17.61 69.30
C THR B 196 -32.52 -18.95 68.64
N HIS B 197 -33.46 -19.41 67.82
CA HIS B 197 -33.34 -20.68 67.14
C HIS B 197 -34.13 -20.61 65.84
N GLN B 198 -33.67 -21.36 64.84
CA GLN B 198 -34.30 -21.29 63.52
C GLN B 198 -35.74 -21.75 63.55
N GLY B 199 -36.14 -22.51 64.57
CA GLY B 199 -37.52 -22.89 64.75
C GLY B 199 -38.36 -21.90 65.52
N LEU B 200 -37.78 -20.79 65.94
CA LEU B 200 -38.47 -19.77 66.72
C LEU B 200 -38.62 -18.51 65.86
N SER B 201 -39.87 -18.07 65.67
CA SER B 201 -40.09 -16.84 64.91
C SER B 201 -39.57 -15.61 65.65
N SER B 202 -39.63 -15.61 66.97
CA SER B 202 -39.15 -14.53 67.80
C SER B 202 -38.29 -15.09 68.92
N PRO B 203 -37.32 -14.32 69.42
CA PRO B 203 -36.50 -14.82 70.53
C PRO B 203 -37.33 -15.06 71.77
N VAL B 204 -36.96 -16.09 72.53
CA VAL B 204 -37.61 -16.45 73.78
C VAL B 204 -36.75 -15.96 74.93
N THR B 205 -37.37 -15.31 75.91
CA THR B 205 -36.63 -14.74 77.03
C THR B 205 -37.25 -15.23 78.33
N LYS B 206 -36.42 -15.84 79.19
CA LYS B 206 -36.82 -16.20 80.54
C LYS B 206 -36.02 -15.39 81.54
N SER B 207 -36.66 -14.95 82.62
CA SER B 207 -35.99 -14.07 83.56
C SER B 207 -36.59 -14.23 84.95
N PHE B 208 -35.78 -13.91 85.97
CA PHE B 208 -36.25 -13.87 87.34
C PHE B 208 -35.61 -12.70 88.07
N ASN B 209 -36.19 -12.37 89.21
CA ASN B 209 -35.65 -11.35 90.11
C ASN B 209 -35.00 -12.04 91.30
N ARG B 210 -33.84 -11.54 91.71
CA ARG B 210 -33.13 -12.13 92.84
C ARG B 210 -33.97 -12.02 94.11
N GLY B 211 -34.24 -13.18 94.72
CA GLY B 211 -35.07 -13.27 95.90
C GLY B 211 -36.51 -13.65 95.63
N GLU B 212 -37.02 -13.38 94.43
CA GLU B 212 -38.39 -13.72 94.08
C GLU B 212 -38.59 -15.23 94.05
N GLN C 1 19.65 -30.08 71.50
CA GLN C 1 19.31 -30.08 70.09
C GLN C 1 20.23 -30.99 69.28
N VAL C 2 20.28 -30.76 67.97
CA VAL C 2 21.14 -31.56 67.11
C VAL C 2 22.59 -31.20 67.37
N GLN C 3 23.45 -32.21 67.48
CA GLN C 3 24.87 -31.97 67.71
C GLN C 3 25.69 -32.95 66.89
N LEU C 4 26.74 -32.41 66.24
CA LEU C 4 27.68 -33.20 65.47
C LEU C 4 29.08 -32.84 65.93
N VAL C 5 29.89 -33.86 66.20
CA VAL C 5 31.24 -33.66 66.74
C VAL C 5 32.21 -34.42 65.85
N GLU C 6 33.06 -33.67 65.14
CA GLU C 6 34.08 -34.26 64.29
C GLU C 6 35.33 -34.56 65.10
N SER C 7 36.07 -35.57 64.67
CA SER C 7 37.35 -35.88 65.30
C SER C 7 38.21 -36.61 64.28
N GLY C 8 39.51 -36.63 64.55
CA GLY C 8 40.47 -37.34 63.72
C GLY C 8 41.36 -36.46 62.89
N GLY C 9 41.09 -35.15 62.82
CA GLY C 9 41.90 -34.28 62.01
C GLY C 9 43.25 -33.98 62.62
N GLY C 10 44.17 -33.57 61.76
CA GLY C 10 45.50 -33.22 62.22
C GLY C 10 46.43 -33.03 61.05
N VAL C 11 47.73 -33.09 61.33
CA VAL C 11 48.76 -32.94 60.32
C VAL C 11 49.13 -34.33 59.81
N VAL C 12 49.19 -34.49 58.50
CA VAL C 12 49.51 -35.76 57.88
C VAL C 12 50.42 -35.50 56.68
N GLN C 13 51.44 -36.35 56.52
CA GLN C 13 52.33 -36.22 55.38
C GLN C 13 51.61 -36.64 54.10
N PRO C 14 51.99 -36.05 52.96
CA PRO C 14 51.39 -36.46 51.69
C PRO C 14 51.65 -37.92 51.38
N GLY C 15 50.62 -38.58 50.84
CA GLY C 15 50.69 -39.98 50.52
C GLY C 15 50.18 -40.90 51.60
N ARG C 16 50.04 -40.42 52.83
CA ARG C 16 49.54 -41.24 53.92
C ARG C 16 48.01 -41.20 53.93
N SER C 17 47.43 -41.90 54.90
CA SER C 17 45.98 -42.04 55.01
C SER C 17 45.51 -41.42 56.31
N LEU C 18 44.21 -41.16 56.39
CA LEU C 18 43.64 -40.56 57.58
C LEU C 18 42.15 -40.88 57.65
N ARG C 19 41.66 -41.12 58.86
CA ARG C 19 40.27 -41.49 59.08
C ARG C 19 39.61 -40.44 59.96
N LEU C 20 38.59 -39.77 59.43
CA LEU C 20 37.81 -38.81 60.19
C LEU C 20 36.54 -39.47 60.69
N SER C 21 36.09 -39.04 61.86
CA SER C 21 34.86 -39.56 62.44
C SER C 21 33.95 -38.41 62.82
N CYS C 22 32.66 -38.69 62.87
CA CYS C 22 31.64 -37.69 63.17
C CYS C 22 30.62 -38.34 64.08
N ALA C 23 30.56 -37.89 65.34
CA ALA C 23 29.61 -38.41 66.30
C ALA C 23 28.36 -37.55 66.28
N ALA C 24 27.21 -38.20 66.16
CA ALA C 24 25.93 -37.51 66.02
C ALA C 24 25.08 -37.77 67.25
N SER C 25 24.32 -36.75 67.65
CA SER C 25 23.39 -36.88 68.76
C SER C 25 22.27 -35.88 68.60
N GLY C 26 21.17 -36.12 69.32
CA GLY C 26 20.00 -35.30 69.24
C GLY C 26 18.98 -35.75 68.22
N PHE C 27 19.28 -36.79 67.45
CA PHE C 27 18.36 -37.31 66.46
C PHE C 27 18.74 -38.75 66.15
N THR C 28 17.86 -39.42 65.41
CA THR C 28 18.08 -40.79 64.99
C THR C 28 19.04 -40.76 63.80
N PHE C 29 20.30 -41.08 64.05
CA PHE C 29 21.33 -40.97 63.02
C PHE C 29 21.05 -41.91 61.85
N SER C 30 20.54 -43.11 62.13
CA SER C 30 20.35 -44.10 61.09
C SER C 30 19.23 -43.73 60.11
N ASN C 31 18.45 -42.69 60.40
CA ASN C 31 17.34 -42.32 59.53
C ASN C 31 17.69 -41.24 58.52
N PHE C 32 18.91 -40.73 58.50
CA PHE C 32 19.25 -39.59 57.67
C PHE C 32 20.52 -39.85 56.88
N GLY C 33 20.54 -39.35 55.65
CA GLY C 33 21.78 -39.29 54.91
C GLY C 33 22.69 -38.19 55.42
N MET C 34 23.97 -38.27 55.04
CA MET C 34 24.97 -37.34 55.55
C MET C 34 25.86 -36.85 54.41
N HIS C 35 26.41 -35.65 54.60
CA HIS C 35 27.39 -35.06 53.72
C HIS C 35 28.70 -34.84 54.44
N TRP C 36 29.79 -34.87 53.69
CA TRP C 36 31.05 -34.28 54.09
C TRP C 36 31.36 -33.12 53.16
N ILE C 37 31.62 -31.95 53.73
CA ILE C 37 31.91 -30.75 52.98
C ILE C 37 33.15 -30.09 53.55
N ARG C 38 34.03 -29.61 52.68
CA ARG C 38 35.27 -28.99 53.11
C ARG C 38 35.29 -27.52 52.69
N GLN C 39 36.09 -26.75 53.43
CA GLN C 39 36.22 -25.31 53.20
C GLN C 39 37.69 -24.93 53.29
N SER C 40 38.17 -24.25 52.25
CA SER C 40 39.54 -23.76 52.22
C SER C 40 39.53 -22.30 51.77
N PRO C 41 40.51 -21.52 52.18
CA PRO C 41 40.58 -20.12 51.74
C PRO C 41 40.73 -19.95 50.24
N GLY C 42 41.28 -20.93 49.55
CA GLY C 42 41.52 -20.81 48.13
C GLY C 42 40.34 -21.18 47.28
N LYS C 43 39.52 -22.11 47.76
CA LYS C 43 38.38 -22.61 47.01
C LYS C 43 37.05 -22.31 47.67
N GLY C 44 37.03 -21.71 48.86
CA GLY C 44 35.77 -21.47 49.52
C GLY C 44 35.13 -22.76 49.98
N LEU C 45 33.80 -22.76 49.99
CA LEU C 45 33.05 -23.94 50.39
C LEU C 45 32.97 -24.93 49.23
N GLU C 46 33.19 -26.21 49.54
CA GLU C 46 33.34 -27.23 48.49
C GLU C 46 32.80 -28.56 49.00
N TRP C 47 31.75 -29.07 48.37
CA TRP C 47 31.19 -30.36 48.76
C TRP C 47 32.12 -31.51 48.39
N VAL C 48 32.20 -32.51 49.27
CA VAL C 48 33.12 -33.63 49.12
C VAL C 48 32.38 -34.93 48.81
N ALA C 49 31.46 -35.33 49.68
CA ALA C 49 30.81 -36.62 49.50
C ALA C 49 29.43 -36.63 50.16
N ILE C 50 28.60 -37.56 49.72
CA ILE C 50 27.28 -37.81 50.30
C ILE C 50 27.06 -39.31 50.39
N ILE C 51 26.38 -39.73 51.45
CA ILE C 51 26.02 -41.13 51.67
C ILE C 51 24.56 -41.23 52.07
N TRP C 52 23.89 -42.25 51.56
CA TRP C 52 22.51 -42.52 51.90
C TRP C 52 22.40 -43.00 53.34
N TYR C 53 21.18 -43.00 53.86
CA TYR C 53 20.94 -43.43 55.22
C TYR C 53 21.39 -44.87 55.45
N ASP C 54 21.22 -45.72 54.46
CA ASP C 54 21.62 -47.11 54.56
C ASP C 54 22.92 -47.42 53.85
N GLY C 55 23.59 -46.41 53.30
CA GLY C 55 24.84 -46.65 52.60
C GLY C 55 24.73 -47.23 51.22
N SER C 56 23.52 -47.35 50.66
CA SER C 56 23.39 -48.02 49.38
C SER C 56 23.94 -47.19 48.23
N ASN C 57 23.80 -45.87 48.30
CA ASN C 57 24.29 -44.96 47.27
C ASN C 57 25.27 -43.98 47.88
N THR C 58 26.40 -43.80 47.23
CA THR C 58 27.41 -42.84 47.63
C THR C 58 27.82 -42.01 46.41
N TYR C 59 28.12 -40.75 46.64
CA TYR C 59 28.60 -39.87 45.59
C TYR C 59 29.78 -39.06 46.12
N TYR C 60 30.67 -38.70 45.20
CA TYR C 60 31.90 -38.00 45.54
C TYR C 60 32.12 -36.88 44.53
N ALA C 61 32.83 -35.85 44.96
CA ALA C 61 33.25 -34.83 44.02
C ALA C 61 34.31 -35.38 43.08
N ASP C 62 34.39 -34.75 41.90
CA ASP C 62 35.32 -35.23 40.89
C ASP C 62 36.77 -35.11 41.33
N SER C 63 37.11 -34.08 42.09
CA SER C 63 38.49 -33.88 42.49
C SER C 63 38.94 -34.90 43.53
N VAL C 64 38.00 -35.60 44.17
CA VAL C 64 38.32 -36.58 45.20
C VAL C 64 37.84 -37.97 44.84
N LYS C 65 37.16 -38.13 43.70
CA LYS C 65 36.60 -39.43 43.34
C LYS C 65 37.71 -40.46 43.13
N GLY C 66 37.50 -41.64 43.72
CA GLY C 66 38.49 -42.70 43.66
C GLY C 66 39.50 -42.72 44.77
N ARG C 67 39.56 -41.68 45.59
CA ARG C 67 40.51 -41.61 46.70
C ARG C 67 39.86 -41.64 48.07
N PHE C 68 38.70 -41.01 48.22
CA PHE C 68 38.01 -40.97 49.50
C PHE C 68 36.92 -42.03 49.55
N THR C 69 36.66 -42.54 50.75
CA THR C 69 35.61 -43.51 50.99
C THR C 69 34.83 -43.11 52.23
N ILE C 70 33.54 -42.87 52.05
CA ILE C 70 32.62 -42.51 53.12
C ILE C 70 31.86 -43.74 53.58
N SER C 71 31.68 -43.88 54.89
CA SER C 71 30.96 -45.00 55.45
C SER C 71 30.25 -44.55 56.71
N ARG C 72 29.48 -45.45 57.31
CA ARG C 72 28.72 -45.11 58.50
C ARG C 72 28.46 -46.35 59.33
N ASP C 73 28.27 -46.15 60.63
CA ASP C 73 27.97 -47.21 61.59
C ASP C 73 26.72 -46.77 62.34
N ASN C 74 25.56 -47.22 61.85
CA ASN C 74 24.29 -46.83 62.47
C ASN C 74 24.10 -47.45 63.85
N SER C 75 24.80 -48.54 64.15
CA SER C 75 24.70 -49.10 65.50
C SER C 75 25.45 -48.24 66.51
N LYS C 76 26.49 -47.54 66.07
CA LYS C 76 27.26 -46.65 66.91
C LYS C 76 26.91 -45.19 66.68
N ASN C 77 26.05 -44.91 65.70
CA ASN C 77 25.68 -43.54 65.33
C ASN C 77 26.92 -42.73 64.98
N THR C 78 27.79 -43.32 64.16
CA THR C 78 29.07 -42.72 63.84
C THR C 78 29.24 -42.67 62.32
N LEU C 79 29.70 -41.53 61.82
CA LEU C 79 30.01 -41.36 60.41
C LEU C 79 31.52 -41.35 60.22
N TYR C 80 31.99 -42.04 59.19
CA TYR C 80 33.42 -42.18 58.94
C TYR C 80 33.78 -41.67 57.56
N LEU C 81 34.99 -41.16 57.40
CA LEU C 81 35.52 -40.77 56.10
C LEU C 81 36.98 -41.17 56.05
N GLN C 82 37.28 -42.23 55.29
CA GLN C 82 38.65 -42.67 55.05
C GLN C 82 39.22 -41.95 53.83
N MET C 83 40.27 -41.17 54.05
CA MET C 83 40.91 -40.38 53.00
C MET C 83 42.28 -40.97 52.73
N ASN C 84 42.48 -41.47 51.51
CA ASN C 84 43.75 -42.04 51.07
C ASN C 84 44.39 -41.16 50.00
N SER C 85 45.71 -41.28 49.88
CA SER C 85 46.50 -40.58 48.85
C SER C 85 46.26 -39.07 48.90
N LEU C 86 46.42 -38.51 50.09
CA LEU C 86 46.13 -37.10 50.31
C LEU C 86 47.13 -36.22 49.56
N ARG C 87 46.62 -35.16 48.96
CA ARG C 87 47.45 -34.17 48.29
C ARG C 87 47.46 -32.87 49.09
N ALA C 88 48.38 -31.98 48.73
CA ALA C 88 48.54 -30.73 49.47
C ALA C 88 47.28 -29.89 49.41
N GLU C 89 46.59 -29.89 48.27
CA GLU C 89 45.39 -29.06 48.09
C GLU C 89 44.19 -29.57 48.88
N ASP C 90 44.29 -30.73 49.53
CA ASP C 90 43.23 -31.21 50.39
C ASP C 90 43.20 -30.54 51.76
N THR C 91 44.14 -29.67 52.06
CA THR C 91 44.11 -28.94 53.32
C THR C 91 42.88 -28.04 53.39
N ALA C 92 42.04 -28.30 54.39
CA ALA C 92 40.79 -27.56 54.55
C ALA C 92 40.19 -27.90 55.91
N VAL C 93 39.12 -27.18 56.24
CA VAL C 93 38.27 -27.53 57.37
C VAL C 93 37.14 -28.42 56.88
N TYR C 94 37.01 -29.60 57.47
CA TYR C 94 36.02 -30.59 57.05
C TYR C 94 34.87 -30.63 58.04
N TYR C 95 33.66 -30.50 57.52
CA TYR C 95 32.42 -30.59 58.29
C TYR C 95 31.61 -31.81 57.86
N CYS C 96 31.03 -32.50 58.83
CA CYS C 96 29.93 -33.40 58.53
C CYS C 96 28.63 -32.62 58.65
N ALA C 97 27.64 -33.03 57.87
CA ALA C 97 26.38 -32.30 57.84
C ALA C 97 25.22 -33.26 57.63
N LYS C 98 24.08 -32.89 58.19
CA LYS C 98 22.87 -33.70 58.15
C LYS C 98 21.94 -33.21 57.06
N VAL C 99 21.42 -34.14 56.27
CA VAL C 99 20.43 -33.81 55.25
C VAL C 99 19.13 -33.42 55.94
N TRP C 100 18.46 -32.40 55.40
CA TRP C 100 17.19 -32.01 55.99
C TRP C 100 16.10 -32.99 55.60
N PHE C 101 14.99 -32.93 56.33
CA PHE C 101 13.84 -33.74 56.00
C PHE C 101 12.95 -32.96 55.02
N GLY C 102 12.50 -33.65 53.98
CA GLY C 102 11.68 -33.02 52.96
C GLY C 102 10.64 -33.93 52.35
N GLU C 103 10.16 -33.57 51.16
CA GLU C 103 9.19 -34.36 50.45
C GLU C 103 9.88 -35.41 49.57
N SER C 104 9.09 -36.38 49.12
CA SER C 104 9.65 -37.54 48.43
C SER C 104 10.27 -37.16 47.10
N GLU C 105 9.72 -36.18 46.40
CA GLU C 105 10.20 -35.83 45.07
C GLU C 105 11.06 -34.56 45.05
N ASP C 106 11.32 -33.95 46.20
CA ASP C 106 12.15 -32.77 46.23
C ASP C 106 13.62 -33.14 46.13
N ASN C 107 14.43 -32.13 45.82
CA ASN C 107 15.88 -32.28 45.93
C ASN C 107 16.30 -32.02 47.36
N TYR C 108 17.52 -32.42 47.70
CA TYR C 108 17.95 -32.40 49.08
C TYR C 108 19.33 -31.79 49.22
N SER C 109 19.54 -31.13 50.34
CA SER C 109 20.83 -30.60 50.78
C SER C 109 20.87 -30.71 52.29
N VAL C 110 21.75 -29.94 52.93
CA VAL C 110 22.02 -30.08 54.36
C VAL C 110 21.43 -28.90 55.11
N ASP C 111 21.00 -29.15 56.34
CA ASP C 111 20.45 -28.11 57.20
C ASP C 111 21.25 -27.86 58.46
N VAL C 112 21.90 -28.87 59.02
CA VAL C 112 22.69 -28.73 60.25
C VAL C 112 24.12 -29.14 59.95
N TRP C 113 25.06 -28.27 60.28
CA TRP C 113 26.47 -28.52 60.08
C TRP C 113 27.14 -28.89 61.40
N GLY C 114 28.18 -29.69 61.30
CA GLY C 114 28.98 -30.06 62.45
C GLY C 114 29.90 -28.94 62.88
N GLN C 115 30.76 -29.25 63.84
CA GLN C 115 31.68 -28.25 64.35
C GLN C 115 32.86 -28.03 63.42
N GLY C 116 33.33 -29.07 62.74
CA GLY C 116 34.44 -28.94 61.82
C GLY C 116 35.76 -29.39 62.42
N THR C 117 36.58 -30.04 61.60
CA THR C 117 37.92 -30.45 62.02
C THR C 117 38.91 -30.08 60.92
N THR C 118 40.06 -29.56 61.32
CA THR C 118 41.03 -29.02 60.38
C THR C 118 42.01 -30.11 59.96
N VAL C 119 42.25 -30.22 58.66
CA VAL C 119 43.21 -31.16 58.10
C VAL C 119 44.24 -30.38 57.30
N THR C 120 45.51 -30.57 57.63
CA THR C 120 46.61 -29.87 56.97
C THR C 120 47.54 -30.91 56.36
N VAL C 121 47.57 -30.99 55.04
CA VAL C 121 48.41 -31.93 54.32
C VAL C 121 49.68 -31.21 53.88
N SER C 122 50.79 -31.52 54.53
CA SER C 122 52.06 -30.87 54.26
C SER C 122 53.19 -31.81 54.65
N SER C 123 54.29 -31.73 53.93
CA SER C 123 55.49 -32.50 54.24
C SER C 123 56.40 -31.80 55.24
N ALA C 124 55.97 -30.67 55.79
CA ALA C 124 56.78 -29.96 56.77
C ALA C 124 56.79 -30.71 58.10
N SER C 125 57.93 -30.66 58.77
CA SER C 125 58.10 -31.28 60.08
C SER C 125 57.76 -30.31 61.19
N THR C 126 57.36 -30.86 62.33
CA THR C 126 57.01 -30.03 63.48
C THR C 126 58.22 -29.20 63.92
N LYS C 127 58.01 -27.90 64.09
CA LYS C 127 59.10 -26.98 64.35
C LYS C 127 58.58 -25.82 65.18
N GLY C 128 59.31 -25.48 66.25
CA GLY C 128 58.99 -24.35 67.08
C GLY C 128 59.29 -23.03 66.42
N PRO C 129 58.67 -21.96 66.92
CA PRO C 129 58.82 -20.64 66.31
C PRO C 129 60.06 -19.89 66.79
N SER C 130 60.47 -18.92 65.98
CA SER C 130 61.47 -17.94 66.37
C SER C 130 60.75 -16.65 66.72
N VAL C 131 60.98 -16.15 67.93
CA VAL C 131 60.32 -14.95 68.42
C VAL C 131 61.30 -13.79 68.38
N PHE C 132 61.00 -12.78 67.56
CA PHE C 132 61.85 -11.61 67.45
C PHE C 132 61.10 -10.36 67.89
N PRO C 133 61.77 -9.45 68.59
CA PRO C 133 61.09 -8.23 69.05
C PRO C 133 60.95 -7.20 67.95
N LEU C 134 59.79 -6.55 67.91
CA LEU C 134 59.55 -5.39 67.08
C LEU C 134 59.68 -4.17 67.98
N ALA C 135 60.89 -3.65 68.07
CA ALA C 135 61.25 -2.64 69.07
C ALA C 135 60.71 -1.26 68.68
N PRO C 136 60.05 -0.56 69.58
CA PRO C 136 59.59 0.80 69.29
C PRO C 136 60.75 1.78 69.39
N SER C 137 60.64 2.86 68.63
CA SER C 137 61.64 3.92 68.64
C SER C 137 60.98 5.20 68.14
N SER C 138 61.81 6.20 67.81
CA SER C 138 61.28 7.45 67.28
C SER C 138 60.61 7.26 65.93
N LYS C 139 61.04 6.27 65.15
CA LYS C 139 60.44 6.03 63.84
C LYS C 139 59.12 5.27 63.93
N SER C 140 58.76 4.76 65.10
CA SER C 140 57.48 4.10 65.34
C SER C 140 56.72 4.79 66.46
N THR C 141 56.77 6.11 66.48
CA THR C 141 56.08 6.92 67.49
C THR C 141 55.37 8.06 66.80
N SER C 142 54.07 8.22 67.11
CA SER C 142 53.28 9.33 66.58
C SER C 142 52.51 9.98 67.74
N GLY C 143 53.00 11.12 68.20
CA GLY C 143 52.38 11.77 69.35
C GLY C 143 52.71 11.04 70.63
N GLY C 144 51.69 10.89 71.47
CA GLY C 144 51.84 10.18 72.72
C GLY C 144 51.59 8.69 72.64
N THR C 145 51.46 8.14 71.44
CA THR C 145 51.20 6.71 71.25
C THR C 145 52.36 6.09 70.50
N ALA C 146 52.84 4.96 71.00
CA ALA C 146 53.90 4.20 70.35
C ALA C 146 53.42 2.79 70.11
N ALA C 147 54.09 2.10 69.19
CA ALA C 147 53.73 0.74 68.84
C ALA C 147 54.94 -0.17 69.01
N LEU C 148 54.71 -1.34 69.62
CA LEU C 148 55.73 -2.37 69.77
C LEU C 148 55.08 -3.71 69.53
N GLY C 149 55.89 -4.74 69.35
CA GLY C 149 55.32 -6.04 69.08
C GLY C 149 56.34 -7.16 69.09
N CYS C 150 55.87 -8.32 68.63
CA CYS C 150 56.67 -9.52 68.49
C CYS C 150 56.37 -10.21 67.17
N LEU C 151 57.41 -10.62 66.47
CA LEU C 151 57.29 -11.36 65.22
C LEU C 151 57.55 -12.84 65.49
N VAL C 152 56.55 -13.66 65.19
CA VAL C 152 56.60 -15.10 65.44
C VAL C 152 56.74 -15.78 64.09
N LYS C 153 57.97 -16.17 63.76
CA LYS C 153 58.36 -16.55 62.42
C LYS C 153 58.80 -18.01 62.38
N ASP C 154 58.46 -18.68 61.27
CA ASP C 154 59.02 -19.98 60.93
C ASP C 154 58.67 -21.05 61.96
N TYR C 155 57.37 -21.30 62.10
CA TYR C 155 56.86 -22.36 62.94
C TYR C 155 55.91 -23.24 62.13
N PHE C 156 55.77 -24.49 62.59
CA PHE C 156 54.88 -25.46 61.97
C PHE C 156 54.58 -26.54 62.98
N PRO C 157 53.33 -26.99 63.11
CA PRO C 157 52.20 -26.42 62.37
C PRO C 157 51.43 -25.39 63.19
N GLU C 158 50.24 -25.03 62.70
CA GLU C 158 49.34 -24.21 63.47
C GLU C 158 48.77 -25.02 64.64
N PRO C 159 48.35 -24.35 65.72
CA PRO C 159 48.44 -22.91 65.93
C PRO C 159 49.50 -22.52 66.96
N VAL C 160 49.65 -21.23 67.20
CA VAL C 160 50.45 -20.72 68.30
C VAL C 160 49.63 -19.67 69.04
N THR C 161 49.85 -19.56 70.35
CA THR C 161 49.19 -18.57 71.17
C THR C 161 50.19 -17.51 71.61
N VAL C 162 49.76 -16.26 71.61
CA VAL C 162 50.58 -15.13 72.03
C VAL C 162 49.83 -14.35 73.09
N SER C 163 50.49 -14.08 74.21
CA SER C 163 49.95 -13.21 75.25
C SER C 163 50.99 -12.15 75.59
N TRP C 164 50.53 -11.10 76.27
CA TRP C 164 51.40 -10.00 76.66
C TRP C 164 51.35 -9.83 78.16
N ASN C 165 52.53 -9.82 78.79
CA ASN C 165 52.66 -9.67 80.24
C ASN C 165 51.78 -10.70 80.96
N SER C 166 51.88 -11.96 80.50
CA SER C 166 51.12 -13.07 81.08
C SER C 166 49.62 -12.80 81.05
N GLY C 167 49.15 -12.06 80.04
CA GLY C 167 47.75 -11.76 79.91
C GLY C 167 47.32 -10.46 80.56
N ALA C 168 48.22 -9.77 81.26
CA ALA C 168 47.86 -8.53 81.93
C ALA C 168 47.64 -7.39 80.96
N LEU C 169 48.18 -7.47 79.74
CA LEU C 169 48.04 -6.42 78.74
C LEU C 169 47.20 -6.94 77.58
N THR C 170 45.96 -6.47 77.49
CA THR C 170 45.08 -6.81 76.37
C THR C 170 44.55 -5.61 75.62
N SER C 171 44.54 -4.42 76.23
CA SER C 171 44.03 -3.23 75.55
C SER C 171 44.98 -2.80 74.45
N GLY C 172 44.49 -2.75 73.22
CA GLY C 172 45.28 -2.31 72.09
C GLY C 172 46.11 -3.38 71.43
N VAL C 173 45.85 -4.65 71.72
CA VAL C 173 46.62 -5.76 71.16
C VAL C 173 45.97 -6.20 69.85
N HIS C 174 46.80 -6.37 68.82
CA HIS C 174 46.33 -6.86 67.52
C HIS C 174 47.24 -8.01 67.12
N THR C 175 46.72 -9.22 67.19
CA THR C 175 47.41 -10.41 66.72
C THR C 175 46.89 -10.75 65.32
N PHE C 176 47.76 -10.66 64.32
CA PHE C 176 47.36 -10.87 62.95
C PHE C 176 47.20 -12.37 62.67
N PRO C 177 46.32 -12.72 61.74
CA PRO C 177 46.23 -14.12 61.31
C PRO C 177 47.52 -14.57 60.67
N ALA C 178 47.85 -15.84 60.89
CA ALA C 178 49.10 -16.39 60.36
C ALA C 178 49.02 -16.50 58.85
N VAL C 179 50.18 -16.38 58.22
CA VAL C 179 50.31 -16.55 56.78
C VAL C 179 51.26 -17.70 56.51
N LEU C 180 50.94 -18.51 55.51
CA LEU C 180 51.78 -19.63 55.13
C LEU C 180 52.81 -19.17 54.12
N GLN C 181 54.07 -19.47 54.39
CA GLN C 181 55.18 -19.05 53.55
C GLN C 181 55.55 -20.13 52.56
N SER C 182 56.44 -19.78 51.63
CA SER C 182 56.88 -20.72 50.61
C SER C 182 57.57 -21.93 51.22
N SER C 183 58.13 -21.78 52.42
CA SER C 183 58.83 -22.87 53.07
C SER C 183 57.91 -23.80 53.84
N GLY C 184 56.60 -23.56 53.79
CA GLY C 184 55.66 -24.33 54.56
C GLY C 184 55.61 -24.00 56.03
N LEU C 185 56.33 -22.96 56.47
CA LEU C 185 56.29 -22.52 57.84
C LEU C 185 55.42 -21.27 57.98
N TYR C 186 54.72 -21.17 59.11
CA TYR C 186 53.85 -20.03 59.33
C TYR C 186 54.61 -18.89 59.98
N SER C 187 54.04 -17.70 59.89
CA SER C 187 54.62 -16.50 60.46
C SER C 187 53.51 -15.49 60.68
N LEU C 188 53.60 -14.73 61.77
CA LEU C 188 52.63 -13.69 62.07
C LEU C 188 53.29 -12.62 62.91
N SER C 189 52.55 -11.55 63.14
CA SER C 189 53.00 -10.47 63.99
C SER C 189 51.91 -10.12 64.99
N SER C 190 52.32 -9.61 66.15
CA SER C 190 51.42 -9.11 67.17
C SER C 190 51.91 -7.75 67.60
N VAL C 191 51.02 -6.75 67.59
CA VAL C 191 51.40 -5.38 67.86
C VAL C 191 50.51 -4.84 68.99
N VAL C 192 51.00 -3.81 69.66
CA VAL C 192 50.27 -3.17 70.75
C VAL C 192 50.69 -1.71 70.80
N THR C 193 49.70 -0.85 71.04
CA THR C 193 49.92 0.58 71.22
C THR C 193 49.99 0.91 72.71
N VAL C 194 51.02 1.68 73.09
CA VAL C 194 51.27 2.01 74.49
C VAL C 194 51.51 3.50 74.59
N PRO C 195 51.30 4.08 75.78
CA PRO C 195 51.65 5.48 75.99
C PRO C 195 53.14 5.71 75.83
N SER C 196 53.49 6.70 75.01
CA SER C 196 54.89 7.01 74.75
C SER C 196 55.63 7.38 76.03
N SER C 197 54.94 7.96 77.00
CA SER C 197 55.59 8.35 78.25
C SER C 197 56.01 7.17 79.09
N SER C 198 55.60 5.95 78.72
CA SER C 198 55.96 4.76 79.46
C SER C 198 57.14 4.01 78.85
N LEU C 199 57.57 4.40 77.65
CA LEU C 199 58.68 3.73 77.00
C LEU C 199 59.96 3.89 77.81
N GLY C 200 60.79 2.84 77.82
CA GLY C 200 62.03 2.84 78.57
C GLY C 200 61.89 2.49 80.03
N THR C 201 60.69 2.59 80.59
CA THR C 201 60.45 2.27 82.00
C THR C 201 59.54 1.07 82.20
N GLN C 202 58.45 0.97 81.42
CA GLN C 202 57.56 -0.16 81.52
C GLN C 202 58.10 -1.32 80.69
N THR C 203 58.15 -2.51 81.29
CA THR C 203 58.66 -3.70 80.64
C THR C 203 57.54 -4.41 79.91
N TYR C 204 57.77 -4.74 78.64
CA TYR C 204 56.80 -5.44 77.81
C TYR C 204 57.43 -6.74 77.34
N ILE C 205 56.77 -7.86 77.66
CA ILE C 205 57.25 -9.18 77.29
C ILE C 205 56.09 -9.92 76.64
N CYS C 206 56.36 -10.51 75.48
CA CYS C 206 55.40 -11.35 74.77
C CYS C 206 55.67 -12.82 75.09
N ASN C 207 54.61 -13.56 75.38
CA ASN C 207 54.68 -14.97 75.76
C ASN C 207 54.06 -15.80 74.65
N VAL C 208 54.91 -16.46 73.88
CA VAL C 208 54.49 -17.35 72.79
C VAL C 208 54.48 -18.78 73.32
N ASN C 209 53.37 -19.48 73.10
CA ASN C 209 53.20 -20.86 73.54
C ASN C 209 52.71 -21.73 72.40
N HIS C 210 53.33 -22.91 72.27
CA HIS C 210 53.00 -23.89 71.24
C HIS C 210 52.93 -25.26 71.92
N LYS C 211 51.71 -25.65 72.30
CA LYS C 211 51.51 -26.90 73.01
C LYS C 211 51.97 -28.14 72.23
N PRO C 212 51.75 -28.27 70.92
CA PRO C 212 52.18 -29.49 70.23
C PRO C 212 53.67 -29.78 70.38
N SER C 213 54.49 -28.76 70.53
CA SER C 213 55.93 -28.94 70.71
C SER C 213 56.39 -28.55 72.11
N ASN C 214 55.45 -28.15 72.98
CA ASN C 214 55.76 -27.72 74.35
C ASN C 214 56.70 -26.52 74.35
N THR C 215 56.57 -25.64 73.37
CA THR C 215 57.43 -24.47 73.26
C THR C 215 56.82 -23.33 74.08
N LYS C 216 57.65 -22.72 74.93
CA LYS C 216 57.26 -21.52 75.66
C LYS C 216 58.41 -20.53 75.59
N VAL C 217 58.15 -19.36 75.01
CA VAL C 217 59.17 -18.32 74.85
C VAL C 217 58.62 -17.01 75.38
N ASP C 218 59.37 -16.40 76.31
CA ASP C 218 59.07 -15.06 76.81
C ASP C 218 60.13 -14.11 76.26
N LYS C 219 59.74 -13.28 75.30
CA LYS C 219 60.66 -12.35 74.66
C LYS C 219 60.39 -10.94 75.13
N LYS C 220 61.42 -10.30 75.68
CA LYS C 220 61.33 -8.90 76.08
C LYS C 220 61.66 -7.99 74.90
N VAL C 221 60.85 -6.94 74.74
CA VAL C 221 61.02 -5.98 73.66
C VAL C 221 61.52 -4.69 74.27
N GLU C 222 62.76 -4.32 73.96
CA GLU C 222 63.37 -3.11 74.48
C GLU C 222 63.56 -2.08 73.37
N PRO C 223 63.47 -0.80 73.68
CA PRO C 223 63.67 0.24 72.65
C PRO C 223 65.13 0.31 72.22
N LYS C 224 65.34 1.01 71.12
CA LYS C 224 66.69 1.21 70.59
C LYS C 224 67.15 2.65 70.77
N ASP D 1 29.49 -29.41 36.10
CA ASP D 1 29.62 -28.73 37.37
C ASP D 1 29.11 -27.30 37.29
N ILE D 2 27.99 -27.04 37.94
CA ILE D 2 27.34 -25.73 37.87
C ILE D 2 28.18 -24.71 38.65
N GLN D 3 28.57 -23.63 37.98
CA GLN D 3 29.30 -22.54 38.60
C GLN D 3 28.35 -21.54 39.24
N MET D 4 28.69 -21.09 40.44
CA MET D 4 27.91 -20.10 41.16
C MET D 4 28.73 -18.83 41.36
N THR D 5 28.07 -17.68 41.33
CA THR D 5 28.72 -16.39 41.47
C THR D 5 27.83 -15.45 42.27
N GLN D 6 28.39 -14.82 43.30
CA GLN D 6 27.64 -13.95 44.18
C GLN D 6 28.11 -12.51 44.01
N SER D 7 27.17 -11.57 44.04
CA SER D 7 27.53 -10.18 43.99
C SER D 7 26.73 -9.37 44.99
N PRO D 8 27.35 -8.40 45.67
CA PRO D 8 28.78 -8.13 45.59
C PRO D 8 29.54 -9.08 46.51
N SER D 9 30.87 -9.13 46.40
CA SER D 9 31.65 -9.96 47.31
C SER D 9 31.61 -9.40 48.72
N THR D 10 31.67 -8.08 48.85
CA THR D 10 31.61 -7.41 50.15
C THR D 10 30.66 -6.22 50.04
N LEU D 11 29.81 -6.06 51.05
CA LEU D 11 28.86 -4.95 51.10
C LEU D 11 28.95 -4.29 52.46
N SER D 12 29.36 -3.02 52.48
CA SER D 12 29.39 -2.23 53.71
C SER D 12 28.00 -1.67 53.98
N THR D 13 27.46 -2.00 55.15
CA THR D 13 26.09 -1.64 55.50
C THR D 13 26.01 -1.32 56.98
N SER D 14 24.85 -0.78 57.38
CA SER D 14 24.64 -0.32 58.74
C SER D 14 23.38 -0.97 59.29
N VAL D 15 23.28 -1.00 60.62
CA VAL D 15 22.13 -1.58 61.29
C VAL D 15 20.87 -0.83 60.91
N GLY D 16 19.84 -1.57 60.50
CA GLY D 16 18.59 -1.00 60.07
C GLY D 16 18.47 -0.84 58.57
N ASP D 17 19.56 -1.05 57.84
CA ASP D 17 19.54 -0.91 56.39
C ASP D 17 18.81 -2.09 55.74
N ARG D 18 18.33 -1.85 54.53
CA ARG D 18 17.79 -2.91 53.69
C ARG D 18 18.90 -3.46 52.81
N VAL D 19 19.19 -4.75 52.94
CA VAL D 19 20.32 -5.38 52.27
C VAL D 19 19.79 -6.35 51.24
N THR D 20 20.35 -6.30 50.02
CA THR D 20 20.01 -7.24 48.96
C THR D 20 21.30 -7.73 48.32
N ILE D 21 21.50 -9.05 48.34
CA ILE D 21 22.63 -9.68 47.70
C ILE D 21 22.12 -10.61 46.61
N THR D 22 22.92 -10.79 45.56
CA THR D 22 22.51 -11.56 44.40
C THR D 22 23.41 -12.76 44.21
N CYS D 23 22.89 -13.76 43.50
CA CYS D 23 23.58 -15.02 43.28
C CYS D 23 23.11 -15.57 41.95
N ARG D 24 24.05 -15.96 41.09
CA ARG D 24 23.74 -16.41 39.74
C ARG D 24 24.42 -17.74 39.45
N ALA D 25 23.73 -18.59 38.72
CA ALA D 25 24.20 -19.90 38.35
C ALA D 25 24.54 -19.94 36.88
N SER D 26 25.52 -20.77 36.52
CA SER D 26 25.93 -20.87 35.13
C SER D 26 24.85 -21.50 34.26
N GLN D 27 23.92 -22.24 34.85
CA GLN D 27 22.80 -22.81 34.11
C GLN D 27 21.57 -22.80 35.00
N SER D 28 20.43 -23.14 34.41
CA SER D 28 19.17 -23.10 35.14
C SER D 28 19.15 -24.19 36.21
N ILE D 29 18.88 -23.78 37.44
CA ILE D 29 18.78 -24.70 38.56
C ILE D 29 17.37 -24.73 39.13
N SER D 30 16.40 -24.23 38.38
CA SER D 30 15.00 -24.14 38.80
C SER D 30 14.93 -23.35 40.10
N ASN D 31 14.34 -23.86 41.17
CA ASN D 31 14.29 -23.16 42.44
C ASN D 31 15.12 -23.84 43.52
N TRP D 32 15.95 -24.82 43.16
CA TRP D 32 16.73 -25.60 44.12
C TRP D 32 17.97 -24.80 44.52
N LEU D 33 17.74 -23.78 45.34
CA LEU D 33 18.80 -22.93 45.86
C LEU D 33 18.62 -22.71 47.35
N ALA D 34 19.71 -22.85 48.09
CA ALA D 34 19.72 -22.62 49.53
C ALA D 34 20.69 -21.50 49.88
N TRP D 35 20.38 -20.81 50.98
CA TRP D 35 21.22 -19.74 51.52
C TRP D 35 21.69 -20.14 52.91
N TYR D 36 23.00 -20.05 53.13
CA TYR D 36 23.63 -20.40 54.39
C TYR D 36 24.37 -19.19 54.93
N GLN D 37 24.29 -19.02 56.24
CA GLN D 37 25.02 -17.96 56.94
C GLN D 37 26.16 -18.57 57.73
N GLN D 38 27.31 -17.91 57.68
CA GLN D 38 28.50 -18.35 58.41
C GLN D 38 29.15 -17.15 59.06
N LYS D 39 29.34 -17.23 60.35
CA LYS D 39 30.10 -16.22 61.06
C LYS D 39 31.55 -16.65 61.17
N PRO D 40 32.48 -15.71 61.25
CA PRO D 40 33.89 -16.08 61.25
C PRO D 40 34.25 -16.97 62.44
N GLY D 41 35.08 -17.97 62.17
CA GLY D 41 35.44 -18.93 63.19
C GLY D 41 34.27 -19.73 63.71
N LYS D 42 33.24 -19.95 62.89
CA LYS D 42 32.04 -20.61 63.33
C LYS D 42 31.47 -21.41 62.18
N ALA D 43 30.65 -22.41 62.51
CA ALA D 43 30.11 -23.26 61.47
C ALA D 43 28.98 -22.55 60.73
N PRO D 44 28.78 -22.88 59.46
CA PRO D 44 27.68 -22.27 58.71
C PRO D 44 26.34 -22.72 59.24
N LYS D 45 25.36 -21.86 59.08
CA LYS D 45 24.00 -22.10 59.55
C LYS D 45 23.03 -21.92 58.39
N LEU D 46 22.05 -22.82 58.31
CA LEU D 46 21.06 -22.77 57.24
C LEU D 46 20.06 -21.65 57.47
N LEU D 47 19.86 -20.83 56.45
CA LEU D 47 18.86 -19.77 56.48
C LEU D 47 17.63 -20.06 55.63
N ILE D 48 17.82 -20.43 54.36
CA ILE D 48 16.72 -20.56 53.42
C ILE D 48 16.97 -21.76 52.52
N TYR D 49 15.91 -22.50 52.23
CA TYR D 49 15.98 -23.52 51.19
C TYR D 49 14.84 -23.32 50.20
N LYS D 50 14.95 -24.01 49.07
CA LYS D 50 14.04 -23.85 47.93
C LYS D 50 13.91 -22.39 47.54
N ALA D 51 14.98 -21.61 47.76
CA ALA D 51 15.10 -20.23 47.33
C ALA D 51 14.17 -19.28 48.06
N SER D 52 13.08 -19.77 48.66
CA SER D 52 12.17 -18.85 49.32
C SER D 52 11.52 -19.43 50.57
N THR D 53 11.91 -20.59 51.05
CA THR D 53 11.35 -21.16 52.26
C THR D 53 12.26 -20.83 53.43
N LEU D 54 11.69 -20.22 54.46
CA LEU D 54 12.46 -19.81 55.62
C LEU D 54 12.62 -20.98 56.57
N GLU D 55 13.85 -21.25 56.98
CA GLU D 55 14.09 -22.30 57.95
C GLU D 55 13.48 -21.93 59.30
N SER D 56 13.01 -22.95 60.02
CA SER D 56 12.42 -22.73 61.34
C SER D 56 13.45 -22.12 62.27
N GLY D 57 13.03 -21.08 62.99
CA GLY D 57 13.89 -20.35 63.89
C GLY D 57 14.55 -19.13 63.27
N VAL D 58 14.45 -18.95 61.96
CA VAL D 58 15.06 -17.81 61.28
C VAL D 58 14.10 -16.63 61.34
N PRO D 59 14.56 -15.45 61.77
CA PRO D 59 13.66 -14.30 61.86
C PRO D 59 13.10 -13.91 60.50
N SER D 60 11.93 -13.28 60.54
CA SER D 60 11.18 -12.97 59.33
C SER D 60 11.83 -11.87 58.50
N ARG D 61 12.84 -11.17 59.03
CA ARG D 61 13.50 -10.13 58.28
C ARG D 61 14.33 -10.69 57.14
N PHE D 62 14.48 -12.00 57.03
CA PHE D 62 15.17 -12.64 55.93
C PHE D 62 14.15 -13.11 54.90
N SER D 63 14.46 -12.94 53.62
CA SER D 63 13.57 -13.43 52.59
C SER D 63 14.38 -13.81 51.36
N GLY D 64 13.89 -14.80 50.63
CA GLY D 64 14.53 -15.19 49.39
C GLY D 64 13.65 -14.96 48.19
N SER D 65 14.26 -14.84 47.02
CA SER D 65 13.50 -14.62 45.79
C SER D 65 14.35 -15.09 44.62
N GLY D 66 13.69 -15.41 43.53
CA GLY D 66 14.45 -15.75 42.33
C GLY D 66 14.12 -17.11 41.76
N SER D 67 14.42 -17.30 40.48
CA SER D 67 14.15 -18.57 39.81
C SER D 67 14.96 -18.64 38.53
N GLY D 68 15.31 -19.85 38.14
CA GLY D 68 16.11 -20.07 36.97
C GLY D 68 17.59 -19.95 37.25
N THR D 69 18.16 -18.78 36.95
CA THR D 69 19.58 -18.53 37.11
C THR D 69 19.90 -17.33 37.99
N GLU D 70 18.90 -16.53 38.36
CA GLU D 70 19.09 -15.35 39.19
C GLU D 70 18.30 -15.49 40.48
N PHE D 71 18.98 -15.29 41.60
CA PHE D 71 18.38 -15.39 42.91
C PHE D 71 18.88 -14.23 43.76
N THR D 72 18.04 -13.79 44.70
CA THR D 72 18.38 -12.71 45.59
C THR D 72 18.00 -13.06 47.02
N LEU D 73 18.82 -12.58 47.96
CA LEU D 73 18.54 -12.66 49.38
C LEU D 73 18.38 -11.25 49.91
N THR D 74 17.31 -11.01 50.65
CA THR D 74 16.96 -9.68 51.14
C THR D 74 16.82 -9.72 52.65
N ILE D 75 17.45 -8.76 53.31
CA ILE D 75 17.27 -8.52 54.73
C ILE D 75 16.54 -7.18 54.85
N SER D 76 15.30 -7.23 55.33
CA SER D 76 14.47 -6.02 55.38
C SER D 76 15.04 -4.97 56.32
N SER D 77 15.52 -5.39 57.49
CA SER D 77 16.06 -4.46 58.48
C SER D 77 17.25 -5.11 59.15
N LEU D 78 18.44 -4.60 58.85
CA LEU D 78 19.67 -5.20 59.35
C LEU D 78 19.81 -5.03 60.85
N GLN D 79 20.31 -6.07 61.50
CA GLN D 79 20.56 -6.08 62.93
C GLN D 79 22.02 -6.44 63.19
N PRO D 80 22.58 -6.02 64.33
CA PRO D 80 24.03 -6.22 64.54
C PRO D 80 24.45 -7.68 64.52
N ASP D 81 23.56 -8.61 64.86
CA ASP D 81 23.90 -10.02 64.82
C ASP D 81 24.02 -10.56 63.39
N ASP D 82 23.53 -9.82 62.40
CA ASP D 82 23.51 -10.28 61.02
C ASP D 82 24.78 -9.96 60.25
N PHE D 83 25.78 -9.36 60.88
CA PHE D 83 27.05 -9.09 60.20
C PHE D 83 27.84 -10.38 60.10
N ALA D 84 27.78 -11.02 58.93
CA ALA D 84 28.40 -12.32 58.72
C ALA D 84 28.55 -12.53 57.22
N THR D 85 29.07 -13.70 56.85
CA THR D 85 29.21 -14.06 55.45
C THR D 85 28.07 -14.98 55.02
N TYR D 86 27.50 -14.69 53.85
CA TYR D 86 26.33 -15.41 53.35
C TYR D 86 26.69 -16.12 52.05
N TYR D 87 26.44 -17.42 52.01
CA TYR D 87 26.73 -18.25 50.84
C TYR D 87 25.44 -18.78 50.22
N CYS D 88 25.35 -18.74 48.90
CA CYS D 88 24.31 -19.45 48.19
C CYS D 88 24.84 -20.80 47.72
N GLN D 89 23.92 -21.72 47.49
CA GLN D 89 24.27 -23.09 47.11
C GLN D 89 23.17 -23.68 46.25
N GLN D 90 23.50 -24.06 45.03
CA GLN D 90 22.60 -24.84 44.21
C GLN D 90 22.66 -26.31 44.60
N TYR D 91 21.50 -26.96 44.62
CA TYR D 91 21.44 -28.39 44.86
C TYR D 91 20.53 -29.04 43.83
N SER D 92 20.61 -28.57 42.59
CA SER D 92 19.91 -29.18 41.48
C SER D 92 20.71 -30.28 40.84
N SER D 93 22.03 -30.12 40.78
CA SER D 93 22.92 -31.13 40.22
C SER D 93 24.18 -31.12 41.06
N TYR D 94 24.31 -32.12 41.93
CA TYR D 94 25.36 -32.15 42.95
C TYR D 94 25.23 -30.87 43.78
N TRP D 95 26.34 -30.34 44.28
CA TRP D 95 26.28 -29.22 45.20
C TRP D 95 27.49 -28.33 44.98
N THR D 96 27.26 -27.06 44.65
CA THR D 96 28.32 -26.08 44.48
C THR D 96 27.93 -24.81 45.19
N PHE D 97 28.89 -24.18 45.86
CA PHE D 97 28.66 -22.98 46.63
C PHE D 97 29.17 -21.76 45.88
N GLY D 98 28.57 -20.62 46.17
CA GLY D 98 29.09 -19.37 45.69
C GLY D 98 30.32 -18.92 46.48
N GLN D 99 30.94 -17.84 46.00
CA GLN D 99 32.14 -17.34 46.65
C GLN D 99 31.84 -16.74 48.02
N GLY D 100 30.61 -16.36 48.28
CA GLY D 100 30.25 -15.79 49.57
C GLY D 100 30.24 -14.28 49.58
N THR D 101 29.28 -13.71 50.29
CA THR D 101 29.19 -12.27 50.49
C THR D 101 29.37 -11.96 51.96
N LYS D 102 30.34 -11.11 52.26
CA LYS D 102 30.62 -10.69 53.63
C LYS D 102 29.97 -9.35 53.88
N LEU D 103 29.11 -9.29 54.90
CA LEU D 103 28.48 -8.04 55.32
C LEU D 103 29.37 -7.30 56.30
N GLU D 104 29.83 -6.12 55.89
CA GLU D 104 30.77 -5.36 56.67
C GLU D 104 30.05 -4.22 57.39
N ILE D 105 30.57 -3.87 58.57
CA ILE D 105 30.00 -2.81 59.39
C ILE D 105 30.48 -1.47 58.83
N LYS D 106 29.55 -0.69 58.29
CA LYS D 106 29.91 0.61 57.73
C LYS D 106 30.12 1.61 58.85
N ARG D 107 31.18 2.40 58.75
CA ARG D 107 31.49 3.43 59.72
C ARG D 107 32.16 4.60 59.00
N THR D 108 32.49 5.63 59.76
CA THR D 108 33.14 6.80 59.19
C THR D 108 34.58 6.49 58.78
N VAL D 109 35.12 7.36 57.94
CA VAL D 109 36.47 7.17 57.42
C VAL D 109 37.47 7.49 58.51
N ALA D 110 38.47 6.63 58.66
CA ALA D 110 39.56 6.86 59.61
C ALA D 110 40.87 6.54 58.92
N ALA D 111 41.79 7.51 58.92
CA ALA D 111 43.07 7.32 58.26
C ALA D 111 43.96 6.38 59.07
N PRO D 112 44.80 5.60 58.39
CA PRO D 112 45.65 4.65 59.11
C PRO D 112 46.80 5.32 59.83
N SER D 113 47.23 4.69 60.92
CA SER D 113 48.49 5.02 61.57
C SER D 113 49.57 4.08 61.03
N VAL D 114 50.69 4.65 60.60
CA VAL D 114 51.73 3.90 59.90
C VAL D 114 52.96 3.80 60.81
N PHE D 115 53.44 2.58 61.00
CA PHE D 115 54.65 2.32 61.77
C PHE D 115 55.51 1.35 60.99
N ILE D 116 56.83 1.50 61.11
CA ILE D 116 57.77 0.62 60.43
C ILE D 116 58.72 0.03 61.46
N PHE D 117 59.09 -1.24 61.27
CA PHE D 117 60.01 -1.95 62.14
C PHE D 117 61.10 -2.60 61.31
N PRO D 118 62.37 -2.37 61.65
CA PRO D 118 63.47 -3.01 60.92
C PRO D 118 63.74 -4.41 61.46
N PRO D 119 64.48 -5.23 60.73
CA PRO D 119 64.84 -6.56 61.26
C PRO D 119 65.71 -6.44 62.49
N SER D 120 65.46 -7.33 63.45
CA SER D 120 66.25 -7.38 64.66
C SER D 120 67.65 -7.94 64.36
N ASP D 121 68.60 -7.59 65.22
CA ASP D 121 69.96 -8.11 65.07
C ASP D 121 70.00 -9.61 65.27
N GLU D 122 69.09 -10.16 66.08
CA GLU D 122 69.07 -11.60 66.28
C GLU D 122 68.63 -12.34 65.02
N GLN D 123 67.60 -11.81 64.35
CA GLN D 123 67.15 -12.44 63.11
C GLN D 123 68.20 -12.29 62.03
N LEU D 124 68.87 -11.14 61.96
CA LEU D 124 69.97 -10.97 61.03
C LEU D 124 71.08 -11.96 61.32
N LYS D 125 71.34 -12.23 62.59
CA LYS D 125 72.30 -13.26 62.96
C LYS D 125 71.81 -14.64 62.54
N SER D 126 70.50 -14.83 62.48
CA SER D 126 69.93 -16.11 62.09
C SER D 126 69.95 -16.33 60.57
N GLY D 127 70.25 -15.28 59.79
CA GLY D 127 70.35 -15.40 58.36
C GLY D 127 69.18 -14.85 57.56
N THR D 128 68.17 -14.28 58.23
CA THR D 128 67.02 -13.72 57.55
C THR D 128 66.78 -12.30 58.03
N ALA D 129 66.08 -11.52 57.20
CA ALA D 129 65.75 -10.14 57.52
C ALA D 129 64.30 -9.88 57.16
N SER D 130 63.46 -9.67 58.17
CA SER D 130 62.06 -9.33 57.98
C SER D 130 61.83 -7.88 58.36
N VAL D 131 61.24 -7.12 57.45
CA VAL D 131 60.86 -5.72 57.71
C VAL D 131 59.34 -5.66 57.73
N VAL D 132 58.79 -4.99 58.75
CA VAL D 132 57.36 -5.01 59.01
C VAL D 132 56.83 -3.60 58.92
N CYS D 133 55.76 -3.41 58.15
CA CYS D 133 55.06 -2.15 58.04
C CYS D 133 53.64 -2.36 58.56
N LEU D 134 53.20 -1.50 59.47
CA LEU D 134 51.93 -1.66 60.17
C LEU D 134 51.00 -0.51 59.88
N LEU D 135 49.77 -0.83 59.47
CA LEU D 135 48.69 0.14 59.30
C LEU D 135 47.62 -0.15 60.34
N ASN D 136 47.39 0.81 61.23
CA ASN D 136 46.53 0.63 62.39
C ASN D 136 45.27 1.48 62.25
N ASN D 137 44.12 0.86 62.51
CA ASN D 137 42.85 1.57 62.70
C ASN D 137 42.51 2.43 61.48
N PHE D 138 42.20 1.73 60.39
CA PHE D 138 41.85 2.38 59.14
C PHE D 138 40.56 1.80 58.59
N TYR D 139 39.89 2.60 57.77
CA TYR D 139 38.67 2.22 57.09
C TYR D 139 38.50 3.12 55.89
N PRO D 140 38.05 2.60 54.74
CA PRO D 140 37.68 1.21 54.43
C PRO D 140 38.88 0.28 54.31
N ARG D 141 38.63 -0.96 53.89
CA ARG D 141 39.66 -1.99 53.90
C ARG D 141 40.67 -1.80 52.77
N GLU D 142 40.27 -1.18 51.67
CA GLU D 142 41.16 -1.07 50.51
C GLU D 142 42.30 -0.10 50.83
N ALA D 143 43.54 -0.58 50.67
CA ALA D 143 44.73 0.22 50.88
C ALA D 143 45.85 -0.42 50.07
N LYS D 144 46.89 0.37 49.79
CA LYS D 144 48.05 -0.12 49.07
C LYS D 144 49.32 0.15 49.86
N VAL D 145 50.14 -0.88 50.00
CA VAL D 145 51.43 -0.80 50.70
C VAL D 145 52.51 -1.20 49.70
N GLN D 146 53.44 -0.29 49.45
CA GLN D 146 54.54 -0.52 48.53
C GLN D 146 55.86 -0.49 49.30
N TRP D 147 56.68 -1.53 49.10
CA TRP D 147 58.00 -1.57 49.70
C TRP D 147 58.99 -0.95 48.73
N LYS D 148 59.83 -0.05 49.24
CA LYS D 148 60.85 0.61 48.43
C LYS D 148 62.20 0.49 49.13
N VAL D 149 63.17 -0.08 48.43
CA VAL D 149 64.51 -0.26 48.96
C VAL D 149 65.45 0.56 48.08
N ASP D 150 65.97 1.65 48.63
CA ASP D 150 66.72 2.64 47.85
C ASP D 150 65.94 3.07 46.61
N ASN D 151 64.67 3.41 46.82
CA ASN D 151 63.77 3.91 45.79
C ASN D 151 63.49 2.89 44.69
N ALA D 152 63.67 1.61 44.96
CA ALA D 152 63.39 0.55 44.00
C ALA D 152 62.22 -0.28 44.48
N LEU D 153 61.19 -0.38 43.65
CA LEU D 153 59.98 -1.11 44.02
C LEU D 153 60.24 -2.61 44.09
N GLN D 154 59.73 -3.24 45.15
CA GLN D 154 59.86 -4.66 45.36
C GLN D 154 58.59 -5.36 44.87
N SER D 155 58.74 -6.63 44.46
CA SER D 155 57.61 -7.40 43.98
C SER D 155 57.88 -8.88 44.17
N GLY D 156 56.92 -9.58 44.76
CA GLY D 156 57.03 -11.02 44.92
C GLY D 156 57.79 -11.48 46.14
N ASN D 157 58.20 -10.56 47.02
CA ASN D 157 58.95 -10.93 48.20
C ASN D 157 58.31 -10.41 49.49
N SER D 158 57.02 -10.07 49.44
CA SER D 158 56.31 -9.56 50.60
C SER D 158 54.99 -10.31 50.77
N GLN D 159 54.48 -10.31 52.00
CA GLN D 159 53.19 -10.92 52.30
C GLN D 159 52.39 -10.02 53.24
N GLU D 160 51.09 -9.95 53.02
CA GLU D 160 50.21 -9.09 53.80
C GLU D 160 49.21 -9.93 54.60
N SER D 161 48.83 -9.41 55.76
CA SER D 161 47.83 -10.03 56.62
C SER D 161 46.92 -8.95 57.17
N VAL D 162 45.62 -9.24 57.21
CA VAL D 162 44.61 -8.28 57.64
C VAL D 162 43.77 -8.90 58.76
N THR D 163 43.51 -8.13 59.80
CA THR D 163 42.64 -8.55 60.88
C THR D 163 41.17 -8.37 60.49
N GLU D 164 40.30 -9.02 61.25
CA GLU D 164 38.86 -8.80 61.14
C GLU D 164 38.49 -7.46 61.76
N GLN D 165 37.24 -7.05 61.50
CA GLN D 165 36.73 -5.80 62.07
C GLN D 165 36.74 -5.86 63.59
N ASP D 166 37.38 -4.88 64.21
CA ASP D 166 37.44 -4.84 65.66
C ASP D 166 36.04 -4.74 66.24
N SER D 167 35.81 -5.50 67.32
CA SER D 167 34.48 -5.53 67.92
C SER D 167 34.12 -4.19 68.55
N LYS D 168 35.12 -3.41 68.97
CA LYS D 168 34.85 -2.18 69.70
C LYS D 168 34.64 -0.98 68.79
N ASP D 169 35.47 -0.82 67.75
CA ASP D 169 35.39 0.38 66.91
C ASP D 169 35.38 0.06 65.43
N SER D 170 35.30 -1.21 65.04
CA SER D 170 35.05 -1.61 63.65
C SER D 170 36.18 -1.16 62.73
N THR D 171 37.41 -1.09 63.23
CA THR D 171 38.55 -0.72 62.42
C THR D 171 39.35 -1.94 61.99
N TYR D 172 40.20 -1.72 61.00
CA TYR D 172 41.10 -2.76 60.50
C TYR D 172 42.55 -2.46 60.89
N SER D 173 43.35 -3.51 60.92
CA SER D 173 44.80 -3.40 61.02
C SER D 173 45.43 -4.33 59.99
N LEU D 174 46.52 -3.87 59.40
CA LEU D 174 47.19 -4.62 58.34
C LEU D 174 48.68 -4.67 58.61
N SER D 175 49.27 -5.84 58.41
CA SER D 175 50.70 -6.03 58.52
C SER D 175 51.26 -6.45 57.17
N SER D 176 52.35 -5.84 56.76
CA SER D 176 53.09 -6.23 55.57
C SER D 176 54.49 -6.63 55.97
N THR D 177 54.91 -7.82 55.56
CA THR D 177 56.20 -8.38 55.93
C THR D 177 57.04 -8.56 54.68
N LEU D 178 58.15 -7.84 54.60
CA LEU D 178 59.13 -8.00 53.53
C LEU D 178 60.24 -8.90 54.04
N THR D 179 60.48 -10.01 53.33
CA THR D 179 61.44 -11.01 53.75
C THR D 179 62.59 -11.05 52.76
N LEU D 180 63.82 -10.98 53.26
CA LEU D 180 65.02 -10.99 52.44
C LEU D 180 66.11 -11.79 53.14
N SER D 181 67.05 -12.29 52.33
CA SER D 181 68.23 -12.91 52.88
C SER D 181 69.14 -11.86 53.50
N LYS D 182 69.99 -12.30 54.42
CA LYS D 182 70.93 -11.39 55.06
C LYS D 182 71.85 -10.72 54.05
N ALA D 183 72.24 -11.45 53.00
CA ALA D 183 73.11 -10.87 51.98
C ALA D 183 72.35 -9.87 51.11
N ASP D 184 71.13 -10.19 50.72
CA ASP D 184 70.30 -9.23 50.00
C ASP D 184 70.00 -8.01 50.84
N TYR D 185 69.76 -8.23 52.15
CA TYR D 185 69.43 -7.13 53.03
C TYR D 185 70.61 -6.19 53.21
N GLU D 186 71.81 -6.73 53.35
CA GLU D 186 72.99 -5.91 53.57
C GLU D 186 73.54 -5.29 52.30
N LYS D 187 72.97 -5.58 51.14
CA LYS D 187 73.38 -4.96 49.89
C LYS D 187 72.63 -3.67 49.59
N HIS D 188 71.95 -3.10 50.58
CA HIS D 188 71.23 -1.84 50.39
C HIS D 188 71.25 -1.05 51.70
N LYS D 189 70.74 0.18 51.62
CA LYS D 189 70.84 1.12 52.73
C LYS D 189 69.47 1.54 53.26
N VAL D 190 68.62 2.11 52.42
CA VAL D 190 67.36 2.73 52.85
C VAL D 190 66.22 1.74 52.63
N TYR D 191 65.34 1.63 53.62
CA TYR D 191 64.21 0.72 53.58
C TYR D 191 62.96 1.48 53.97
N ALA D 192 62.00 1.59 53.05
CA ALA D 192 60.80 2.37 53.25
C ALA D 192 59.56 1.58 52.85
N CYS D 193 58.46 1.84 53.55
CA CYS D 193 57.13 1.42 53.12
C CYS D 193 56.28 2.66 52.88
N GLU D 194 55.68 2.73 51.69
CA GLU D 194 54.79 3.81 51.30
C GLU D 194 53.36 3.29 51.30
N VAL D 195 52.45 4.06 51.87
CA VAL D 195 51.07 3.67 52.09
C VAL D 195 50.16 4.67 51.41
N THR D 196 49.20 4.17 50.64
CA THR D 196 48.14 4.98 50.04
C THR D 196 46.79 4.46 50.49
N HIS D 197 45.89 5.39 50.77
CA HIS D 197 44.56 5.06 51.24
C HIS D 197 43.61 6.17 50.80
N GLN D 198 42.35 5.80 50.55
CA GLN D 198 41.39 6.75 50.03
C GLN D 198 41.10 7.90 50.98
N GLY D 199 41.42 7.74 52.26
CA GLY D 199 41.30 8.83 53.19
C GLY D 199 42.51 9.72 53.28
N LEU D 200 43.57 9.42 52.52
CA LEU D 200 44.81 10.19 52.53
C LEU D 200 44.97 10.92 51.21
N SER D 201 45.11 12.25 51.27
CA SER D 201 45.33 13.02 50.06
C SER D 201 46.68 12.71 49.42
N SER D 202 47.69 12.40 50.22
CA SER D 202 49.00 12.06 49.69
C SER D 202 49.51 10.81 50.38
N PRO D 203 50.34 10.02 49.68
CA PRO D 203 50.90 8.82 50.30
C PRO D 203 51.77 9.14 51.50
N VAL D 204 51.74 8.26 52.49
CA VAL D 204 52.55 8.39 53.70
C VAL D 204 53.72 7.42 53.57
N THR D 205 54.93 7.90 53.88
CA THR D 205 56.12 7.09 53.71
C THR D 205 56.91 7.05 55.01
N LYS D 206 57.21 5.85 55.50
CA LYS D 206 58.10 5.65 56.63
C LYS D 206 59.34 4.92 56.15
N SER D 207 60.50 5.30 56.70
CA SER D 207 61.76 4.75 56.22
C SER D 207 62.79 4.76 57.32
N PHE D 208 63.76 3.85 57.19
CA PHE D 208 64.92 3.79 58.06
C PHE D 208 66.15 3.47 57.23
N ASN D 209 67.32 3.67 57.82
CA ASN D 209 68.58 3.31 57.20
C ASN D 209 69.12 2.03 57.83
N ARG D 210 69.64 1.15 56.99
CA ARG D 210 70.17 -0.13 57.48
C ARG D 210 71.31 0.09 58.45
N GLY D 211 71.16 -0.47 59.66
CA GLY D 211 72.12 -0.27 60.72
C GLY D 211 71.73 0.77 61.74
N GLU D 212 70.87 1.71 61.38
CA GLU D 212 70.43 2.74 62.30
C GLU D 212 69.61 2.14 63.43
N GLN E 1 39.78 -46.28 35.33
CA GLN E 1 38.65 -45.57 34.74
C GLN E 1 37.48 -46.52 34.48
N VAL E 2 36.56 -46.09 33.62
CA VAL E 2 35.41 -46.91 33.27
C VAL E 2 35.85 -48.10 32.44
N GLN E 3 35.35 -49.29 32.77
CA GLN E 3 35.70 -50.48 32.02
C GLN E 3 34.47 -51.36 31.87
N LEU E 4 34.24 -51.86 30.66
CA LEU E 4 33.13 -52.76 30.37
C LEU E 4 33.65 -54.00 29.66
N VAL E 5 33.25 -55.17 30.14
CA VAL E 5 33.73 -56.45 29.62
C VAL E 5 32.52 -57.30 29.26
N GLU E 6 32.33 -57.55 27.97
CA GLU E 6 31.26 -58.39 27.49
C GLU E 6 31.68 -59.86 27.54
N SER E 7 30.69 -60.73 27.71
CA SER E 7 30.97 -62.16 27.67
C SER E 7 29.68 -62.88 27.28
N GLY E 8 29.85 -64.12 26.84
CA GLY E 8 28.72 -64.96 26.49
C GLY E 8 28.56 -65.22 25.01
N GLY E 9 29.31 -64.53 24.16
CA GLY E 9 29.16 -64.70 22.74
C GLY E 9 29.76 -66.00 22.24
N GLY E 10 29.31 -66.42 21.06
CA GLY E 10 29.81 -67.64 20.48
C GLY E 10 28.97 -68.03 19.28
N VAL E 11 29.07 -69.31 18.90
CA VAL E 11 28.32 -69.84 17.78
C VAL E 11 27.03 -70.43 18.29
N VAL E 12 25.91 -70.08 17.66
CA VAL E 12 24.60 -70.56 18.06
C VAL E 12 23.79 -70.86 16.80
N GLN E 13 23.07 -71.97 16.82
CA GLN E 13 22.22 -72.32 15.70
C GLN E 13 21.01 -71.40 15.65
N PRO E 14 20.48 -71.14 14.46
CA PRO E 14 19.27 -70.32 14.35
C PRO E 14 18.11 -70.99 15.08
N GLY E 15 17.32 -70.18 15.77
CA GLY E 15 16.21 -70.65 16.55
C GLY E 15 16.53 -70.93 18.00
N ARG E 16 17.81 -71.06 18.35
CA ARG E 16 18.20 -71.29 19.73
C ARG E 16 18.30 -69.95 20.47
N SER E 17 18.67 -70.02 21.73
CA SER E 17 18.73 -68.85 22.59
C SER E 17 20.17 -68.64 23.06
N LEU E 18 20.43 -67.42 23.54
CA LEU E 18 21.76 -67.08 24.03
C LEU E 18 21.63 -65.91 24.98
N ARG E 19 22.45 -65.93 26.03
CA ARG E 19 22.41 -64.91 27.07
C ARG E 19 23.76 -64.21 27.10
N LEU E 20 23.77 -62.90 26.83
CA LEU E 20 24.97 -62.10 26.89
C LEU E 20 25.04 -61.38 28.23
N SER E 21 26.27 -61.19 28.72
CA SER E 21 26.48 -60.47 29.96
C SER E 21 27.53 -59.38 29.75
N CYS E 22 27.47 -58.36 30.60
CA CYS E 22 28.35 -57.20 30.51
C CYS E 22 28.76 -56.83 31.93
N ALA E 23 30.03 -57.01 32.25
CA ALA E 23 30.55 -56.66 33.56
C ALA E 23 31.11 -55.24 33.55
N ALA E 24 30.67 -54.44 34.52
CA ALA E 24 31.05 -53.04 34.59
C ALA E 24 31.93 -52.80 35.81
N SER E 25 32.90 -51.91 35.67
CA SER E 25 33.75 -51.55 36.78
C SER E 25 34.31 -50.16 36.54
N GLY E 26 34.83 -49.56 37.62
CA GLY E 26 35.37 -48.22 37.56
C GLY E 26 34.38 -47.12 37.87
N PHE E 27 33.12 -47.45 38.10
CA PHE E 27 32.10 -46.45 38.43
C PHE E 27 30.95 -47.15 39.14
N THR E 28 30.05 -46.35 39.70
CA THR E 28 28.89 -46.88 40.39
C THR E 28 27.90 -47.33 39.33
N PHE E 29 27.85 -48.64 39.08
CA PHE E 29 27.03 -49.17 38.01
C PHE E 29 25.55 -48.93 38.27
N SER E 30 25.12 -49.02 39.52
CA SER E 30 23.70 -48.91 39.83
C SER E 30 23.15 -47.52 39.63
N ASN E 31 23.99 -46.53 39.37
CA ASN E 31 23.52 -45.17 39.18
C ASN E 31 23.27 -44.80 37.73
N PHE E 32 23.50 -45.70 36.79
CA PHE E 32 23.41 -45.34 35.38
C PHE E 32 22.56 -46.33 34.62
N GLY E 33 21.79 -45.82 33.66
CA GLY E 33 21.15 -46.68 32.70
C GLY E 33 22.14 -47.21 31.69
N MET E 34 21.74 -48.24 30.96
CA MET E 34 22.62 -48.91 30.02
C MET E 34 21.91 -49.16 28.70
N HIS E 35 22.70 -49.21 27.64
CA HIS E 35 22.25 -49.57 26.31
C HIS E 35 22.94 -50.83 25.83
N TRP E 36 22.26 -51.55 24.96
CA TRP E 36 22.89 -52.53 24.09
C TRP E 36 22.79 -52.06 22.66
N ILE E 37 23.91 -51.98 21.98
CA ILE E 37 23.96 -51.54 20.59
C ILE E 37 24.79 -52.54 19.81
N ARG E 38 24.32 -52.89 18.62
CA ARG E 38 24.98 -53.86 17.76
C ARG E 38 25.42 -53.21 16.47
N GLN E 39 26.41 -53.83 15.85
CA GLN E 39 27.01 -53.36 14.61
C GLN E 39 27.22 -54.55 13.68
N SER E 40 26.69 -54.44 12.47
CA SER E 40 26.87 -55.46 11.46
C SER E 40 27.29 -54.78 10.16
N PRO E 41 28.00 -55.50 9.29
CA PRO E 41 28.43 -54.91 8.02
C PRO E 41 27.27 -54.51 7.11
N GLY E 42 26.11 -55.12 7.25
CA GLY E 42 25.01 -54.81 6.36
C GLY E 42 24.17 -53.63 6.80
N LYS E 43 24.08 -53.43 8.11
CA LYS E 43 23.24 -52.38 8.66
C LYS E 43 24.02 -51.33 9.44
N GLY E 44 25.32 -51.49 9.62
CA GLY E 44 26.04 -50.52 10.41
C GLY E 44 25.67 -50.58 11.88
N LEU E 45 25.72 -49.43 12.53
CA LEU E 45 25.40 -49.33 13.94
C LEU E 45 23.89 -49.29 14.13
N GLU E 46 23.41 -50.04 15.12
CA GLU E 46 21.98 -50.27 15.29
C GLU E 46 21.68 -50.40 16.78
N TRP E 47 20.89 -49.47 17.32
CA TRP E 47 20.53 -49.57 18.72
C TRP E 47 19.59 -50.75 18.96
N VAL E 48 19.80 -51.44 20.07
CA VAL E 48 19.07 -52.66 20.40
C VAL E 48 18.10 -52.46 21.56
N ALA E 49 18.61 -52.03 22.72
CA ALA E 49 17.77 -51.92 23.89
C ALA E 49 18.33 -50.90 24.85
N ILE E 50 17.48 -50.41 25.74
CA ILE E 50 17.87 -49.51 26.81
C ILE E 50 17.17 -49.93 28.08
N ILE E 51 17.86 -49.81 29.21
CA ILE E 51 17.28 -50.13 30.50
C ILE E 51 17.61 -49.02 31.47
N TRP E 52 16.64 -48.69 32.33
CA TRP E 52 16.81 -47.68 33.35
C TRP E 52 17.75 -48.18 34.43
N TYR E 53 18.20 -47.27 35.28
CA TYR E 53 19.13 -47.65 36.34
C TYR E 53 18.53 -48.68 37.28
N ASP E 54 17.23 -48.58 37.54
CA ASP E 54 16.56 -49.53 38.42
C ASP E 54 15.75 -50.57 37.66
N GLY E 55 15.83 -50.57 36.33
CA GLY E 55 15.08 -51.54 35.56
C GLY E 55 13.61 -51.27 35.40
N SER E 56 13.11 -50.12 35.83
CA SER E 56 11.67 -49.93 35.79
C SER E 56 11.17 -49.74 34.36
N ASN E 57 11.94 -49.09 33.52
CA ASN E 57 11.57 -48.86 32.13
C ASN E 57 12.61 -49.45 31.20
N THR E 58 12.15 -50.18 30.20
CA THR E 58 12.98 -50.77 29.17
C THR E 58 12.39 -50.45 27.80
N TYR E 59 13.24 -50.27 26.82
CA TYR E 59 12.81 -50.02 25.46
C TYR E 59 13.63 -50.88 24.50
N TYR E 60 13.03 -51.23 23.37
CA TYR E 60 13.65 -52.11 22.40
C TYR E 60 13.42 -51.55 21.01
N ALA E 61 14.32 -51.86 20.09
CA ALA E 61 14.12 -51.53 18.70
C ALA E 61 13.00 -52.38 18.12
N ASP E 62 12.39 -51.85 17.06
CA ASP E 62 11.25 -52.54 16.45
C ASP E 62 11.64 -53.87 15.85
N SER E 63 12.84 -53.98 15.30
CA SER E 63 13.25 -55.21 14.66
C SER E 63 13.51 -56.33 15.66
N VAL E 64 13.66 -56.02 16.95
CA VAL E 64 13.96 -57.02 17.95
C VAL E 64 12.89 -57.12 19.02
N LYS E 65 11.84 -56.31 18.96
CA LYS E 65 10.83 -56.32 20.00
C LYS E 65 10.12 -57.65 20.07
N GLY E 66 9.97 -58.18 21.28
CA GLY E 66 9.35 -59.46 21.47
C GLY E 66 10.28 -60.66 21.48
N ARG E 67 11.53 -60.49 21.07
CA ARG E 67 12.49 -61.58 21.06
C ARG E 67 13.62 -61.40 22.04
N PHE E 68 14.08 -60.16 22.22
CA PHE E 68 15.16 -59.87 23.14
C PHE E 68 14.61 -59.37 24.46
N THR E 69 15.32 -59.66 25.53
CA THR E 69 14.95 -59.20 26.87
C THR E 69 16.20 -58.67 27.56
N ILE E 70 16.19 -57.40 27.92
CA ILE E 70 17.28 -56.76 28.62
C ILE E 70 16.96 -56.71 30.11
N SER E 71 17.96 -57.00 30.94
CA SER E 71 17.79 -56.98 32.38
C SER E 71 19.13 -56.61 33.01
N ARG E 72 19.14 -56.49 34.32
CA ARG E 72 20.36 -56.11 35.02
C ARG E 72 20.32 -56.66 36.44
N ASP E 73 21.51 -56.85 36.99
CA ASP E 73 21.71 -57.32 38.37
C ASP E 73 22.64 -56.31 39.03
N ASN E 74 22.05 -55.34 39.70
CA ASN E 74 22.83 -54.29 40.35
C ASN E 74 23.62 -54.81 41.55
N SER E 75 23.21 -55.94 42.12
CA SER E 75 23.99 -56.53 43.21
C SER E 75 25.28 -57.14 42.68
N LYS E 76 25.27 -57.61 41.44
CA LYS E 76 26.45 -58.17 40.80
C LYS E 76 27.10 -57.20 39.84
N ASN E 77 26.50 -56.03 39.63
CA ASN E 77 26.99 -55.05 38.68
C ASN E 77 27.10 -55.66 37.28
N THR E 78 26.07 -56.37 36.87
CA THR E 78 26.09 -57.11 35.62
C THR E 78 24.86 -56.77 34.81
N LEU E 79 25.07 -56.54 33.51
CA LEU E 79 23.99 -56.31 32.58
C LEU E 79 23.76 -57.55 31.73
N TYR E 80 22.51 -57.92 31.52
CA TYR E 80 22.18 -59.14 30.80
C TYR E 80 21.29 -58.83 29.61
N LEU E 81 21.42 -59.65 28.57
CA LEU E 81 20.54 -59.60 27.40
C LEU E 81 20.22 -61.03 26.99
N GLN E 82 19.02 -61.47 27.27
CA GLN E 82 18.55 -62.79 26.83
C GLN E 82 17.94 -62.67 25.45
N MET E 83 18.54 -63.35 24.49
CA MET E 83 18.10 -63.31 23.10
C MET E 83 17.50 -64.66 22.73
N ASN E 84 16.22 -64.67 22.40
CA ASN E 84 15.52 -65.87 21.97
C ASN E 84 15.11 -65.76 20.51
N SER E 85 14.92 -66.91 19.88
CA SER E 85 14.46 -66.99 18.48
C SER E 85 15.37 -66.19 17.55
N LEU E 86 16.67 -66.46 17.64
CA LEU E 86 17.65 -65.70 16.88
C LEU E 86 17.49 -65.97 15.39
N ARG E 87 17.61 -64.92 14.59
CA ARG E 87 17.59 -65.03 13.14
C ARG E 87 18.97 -64.77 12.58
N ALA E 88 19.13 -65.10 11.29
CA ALA E 88 20.42 -64.98 10.64
C ALA E 88 20.92 -63.53 10.62
N GLU E 89 20.00 -62.58 10.45
CA GLU E 89 20.41 -61.18 10.37
C GLU E 89 20.82 -60.60 11.72
N ASP E 90 20.67 -61.35 12.80
CA ASP E 90 21.14 -60.88 14.09
C ASP E 90 22.63 -61.07 14.29
N THR E 91 23.33 -61.68 13.33
CA THR E 91 24.79 -61.78 13.46
C THR E 91 25.42 -60.40 13.43
N ALA E 92 26.11 -60.04 14.51
CA ALA E 92 26.72 -58.73 14.62
C ALA E 92 27.63 -58.72 15.83
N VAL E 93 28.37 -57.62 15.98
CA VAL E 93 29.12 -57.33 17.19
C VAL E 93 28.23 -56.51 18.12
N TYR E 94 28.04 -57.00 19.35
CA TYR E 94 27.19 -56.37 20.34
C TYR E 94 28.04 -55.68 21.41
N TYR E 95 27.74 -54.40 21.64
CA TYR E 95 28.39 -53.60 22.66
C TYR E 95 27.38 -53.26 23.74
N CYS E 96 27.81 -53.32 25.00
CA CYS E 96 27.07 -52.63 26.06
C CYS E 96 27.65 -51.24 26.23
N ALA E 97 26.79 -50.30 26.65
CA ALA E 97 27.22 -48.92 26.75
C ALA E 97 26.55 -48.22 27.92
N LYS E 98 27.27 -47.27 28.49
CA LYS E 98 26.85 -46.50 29.65
C LYS E 98 26.30 -45.16 29.20
N VAL E 99 25.14 -44.78 29.75
CA VAL E 99 24.57 -43.47 29.50
C VAL E 99 25.42 -42.40 30.16
N TRP E 100 25.59 -41.26 29.49
CA TRP E 100 26.37 -40.21 30.11
C TRP E 100 25.56 -39.52 31.20
N PHE E 101 26.23 -38.76 32.04
CA PHE E 101 25.55 -37.96 33.06
C PHE E 101 25.24 -36.61 32.45
N GLY E 102 24.02 -36.15 32.66
CA GLY E 102 23.56 -34.88 32.11
C GLY E 102 22.59 -34.17 33.02
N GLU E 103 21.79 -33.26 32.46
CA GLU E 103 20.81 -32.55 33.25
C GLU E 103 19.50 -33.33 33.27
N SER E 104 18.63 -32.95 34.20
CA SER E 104 17.41 -33.72 34.44
C SER E 104 16.46 -33.68 33.25
N GLU E 105 16.43 -32.59 32.50
CA GLU E 105 15.49 -32.45 31.41
C GLU E 105 16.12 -32.68 30.04
N ASP E 106 17.40 -33.03 29.99
CA ASP E 106 18.07 -33.29 28.72
C ASP E 106 17.67 -34.66 28.18
N ASN E 107 17.91 -34.84 26.89
CA ASN E 107 17.91 -36.16 26.28
C ASN E 107 19.27 -36.82 26.46
N TYR E 108 19.28 -38.15 26.42
CA TYR E 108 20.43 -38.93 26.83
C TYR E 108 20.84 -39.92 25.75
N SER E 109 22.14 -40.19 25.70
CA SER E 109 22.72 -41.22 24.87
C SER E 109 23.91 -41.81 25.62
N VAL E 110 24.82 -42.46 24.90
CA VAL E 110 25.87 -43.22 25.55
C VAL E 110 27.19 -42.49 25.34
N ASP E 111 28.07 -42.61 26.33
CA ASP E 111 29.39 -41.99 26.25
C ASP E 111 30.53 -42.99 26.27
N VAL E 112 30.37 -44.12 26.94
CA VAL E 112 31.40 -45.14 27.04
C VAL E 112 30.83 -46.44 26.49
N TRP E 113 31.52 -47.02 25.53
CA TRP E 113 31.13 -48.28 24.93
C TRP E 113 31.99 -49.40 25.47
N GLY E 114 31.44 -50.60 25.51
CA GLY E 114 32.19 -51.75 25.92
C GLY E 114 33.12 -52.20 24.83
N GLN E 115 33.77 -53.34 25.07
CA GLN E 115 34.72 -53.85 24.09
C GLN E 115 34.03 -54.53 22.92
N GLY E 116 32.89 -55.15 23.14
CA GLY E 116 32.16 -55.81 22.08
C GLY E 116 32.36 -57.30 22.06
N THR E 117 31.30 -58.04 21.76
CA THR E 117 31.34 -59.49 21.62
C THR E 117 30.61 -59.89 20.35
N THR E 118 31.18 -60.84 19.63
CA THR E 118 30.68 -61.21 18.31
C THR E 118 29.68 -62.34 18.44
N VAL E 119 28.55 -62.21 17.74
CA VAL E 119 27.51 -63.22 17.71
C VAL E 119 27.29 -63.61 16.27
N THR E 120 27.40 -64.91 15.98
CA THR E 120 27.26 -65.44 14.63
C THR E 120 26.12 -66.45 14.60
N VAL E 121 25.05 -66.09 13.89
CA VAL E 121 23.88 -66.96 13.75
C VAL E 121 23.97 -67.64 12.41
N SER E 122 24.26 -68.95 12.42
CA SER E 122 24.41 -69.70 11.18
C SER E 122 24.10 -71.17 11.45
N SER E 123 23.54 -71.83 10.45
CA SER E 123 23.26 -73.26 10.51
C SER E 123 24.42 -74.11 10.04
N ALA E 124 25.58 -73.50 9.76
CA ALA E 124 26.73 -74.26 9.32
C ALA E 124 27.33 -75.04 10.48
N SER E 125 27.85 -76.22 10.19
CA SER E 125 28.51 -77.05 11.18
C SER E 125 30.00 -76.74 11.20
N THR E 126 30.62 -76.97 12.35
CA THR E 126 32.05 -76.72 12.49
C THR E 126 32.83 -77.58 11.49
N LYS E 127 33.71 -76.94 10.73
CA LYS E 127 34.42 -77.61 9.65
C LYS E 127 35.75 -76.94 9.44
N GLY E 128 36.81 -77.75 9.35
CA GLY E 128 38.13 -77.24 9.05
C GLY E 128 38.27 -76.80 7.61
N PRO E 129 39.26 -75.97 7.35
CA PRO E 129 39.45 -75.40 6.01
C PRO E 129 40.23 -76.30 5.07
N SER E 130 40.05 -76.03 3.78
CA SER E 130 40.89 -76.61 2.72
C SER E 130 41.88 -75.55 2.28
N VAL E 131 43.17 -75.88 2.34
CA VAL E 131 44.23 -74.93 1.99
C VAL E 131 44.79 -75.29 0.62
N PHE E 132 44.62 -74.40 -0.35
CA PHE E 132 45.16 -74.67 -1.66
C PHE E 132 46.21 -73.62 -2.04
N PRO E 133 47.31 -74.04 -2.65
CA PRO E 133 48.36 -73.08 -3.03
C PRO E 133 48.02 -72.32 -4.30
N LEU E 134 48.33 -71.03 -4.30
CA LEU E 134 48.28 -70.21 -5.51
C LEU E 134 49.72 -70.09 -5.99
N ALA E 135 50.11 -71.03 -6.83
CA ALA E 135 51.51 -71.24 -7.22
C ALA E 135 51.94 -70.19 -8.23
N PRO E 136 53.08 -69.53 -8.00
CA PRO E 136 53.60 -68.59 -8.99
C PRO E 136 54.26 -69.31 -10.15
N SER E 137 54.23 -68.67 -11.31
CA SER E 137 54.87 -69.21 -12.50
C SER E 137 55.16 -68.06 -13.46
N SER E 138 55.46 -68.41 -14.71
CA SER E 138 55.71 -67.39 -15.72
C SER E 138 54.45 -66.58 -16.01
N LYS E 139 53.28 -67.17 -15.82
CA LYS E 139 52.02 -66.47 -16.07
C LYS E 139 51.66 -65.51 -14.95
N SER E 140 52.35 -65.58 -13.82
CA SER E 140 52.18 -64.67 -12.69
C SER E 140 53.49 -63.96 -12.37
N THR E 141 54.24 -63.57 -13.40
CA THR E 141 55.51 -62.88 -13.22
C THR E 141 55.60 -61.68 -14.14
N SER E 142 55.95 -60.53 -13.57
CA SER E 142 56.16 -59.30 -14.34
C SER E 142 57.49 -58.72 -13.87
N GLY E 143 58.53 -58.91 -14.69
CA GLY E 143 59.86 -58.48 -14.31
C GLY E 143 60.45 -59.40 -13.26
N GLY E 144 61.09 -58.79 -12.26
CA GLY E 144 61.68 -59.53 -11.17
C GLY E 144 60.77 -59.77 -9.98
N THR E 145 59.47 -59.49 -10.11
CA THR E 145 58.53 -59.66 -9.02
C THR E 145 57.48 -60.70 -9.40
N ALA E 146 57.24 -61.64 -8.50
CA ALA E 146 56.23 -62.67 -8.67
C ALA E 146 55.26 -62.63 -7.48
N ALA E 147 54.09 -63.22 -7.67
CA ALA E 147 53.07 -63.28 -6.62
C ALA E 147 52.68 -64.72 -6.38
N LEU E 148 52.58 -65.08 -5.09
CA LEU E 148 52.13 -66.40 -4.68
C LEU E 148 51.23 -66.25 -3.46
N GLY E 149 50.53 -67.31 -3.11
CA GLY E 149 49.65 -67.22 -1.97
C GLY E 149 49.06 -68.54 -1.55
N CYS E 150 48.08 -68.46 -0.65
CA CYS E 150 47.35 -69.61 -0.14
C CYS E 150 45.88 -69.25 -0.06
N LEU E 151 45.02 -70.14 -0.56
CA LEU E 151 43.57 -69.98 -0.48
C LEU E 151 43.03 -70.87 0.63
N VAL E 152 42.40 -70.27 1.62
CA VAL E 152 41.85 -70.99 2.77
C VAL E 152 40.34 -70.98 2.61
N LYS E 153 39.79 -72.08 2.12
CA LYS E 153 38.43 -72.11 1.61
C LYS E 153 37.58 -73.08 2.44
N ASP E 154 36.31 -72.72 2.61
CA ASP E 154 35.28 -73.62 3.13
C ASP E 154 35.59 -74.09 4.55
N TYR E 155 35.63 -73.13 5.46
CA TYR E 155 35.79 -73.41 6.88
C TYR E 155 34.68 -72.71 7.66
N PHE E 156 34.41 -73.24 8.84
CA PHE E 156 33.42 -72.67 9.74
C PHE E 156 33.71 -73.17 11.15
N PRO E 157 33.62 -72.31 12.17
CA PRO E 157 33.32 -70.89 12.00
C PRO E 157 34.56 -70.00 11.99
N GLU E 158 34.33 -68.70 12.09
CA GLU E 158 35.42 -67.76 12.28
C GLU E 158 35.98 -67.90 13.70
N PRO E 159 37.25 -67.54 13.89
CA PRO E 159 38.18 -67.09 12.87
C PRO E 159 39.26 -68.12 12.57
N VAL E 160 40.13 -67.81 11.63
CA VAL E 160 41.34 -68.58 11.36
C VAL E 160 42.52 -67.63 11.29
N THR E 161 43.68 -68.12 11.69
CA THR E 161 44.92 -67.36 11.63
C THR E 161 45.84 -67.96 10.57
N VAL E 162 46.51 -67.09 9.82
CA VAL E 162 47.46 -67.51 8.80
C VAL E 162 48.79 -66.83 9.07
N SER E 163 49.86 -67.62 9.10
CA SER E 163 51.21 -67.12 9.20
C SER E 163 52.06 -67.74 8.12
N TRP E 164 53.23 -67.17 7.88
CA TRP E 164 54.15 -67.67 6.87
C TRP E 164 55.47 -68.01 7.54
N ASN E 165 55.94 -69.24 7.32
CA ASN E 165 57.18 -69.73 7.89
C ASN E 165 57.20 -69.54 9.41
N SER E 166 56.10 -69.93 10.05
CA SER E 166 55.94 -69.82 11.50
C SER E 166 56.12 -68.39 12.00
N GLY E 167 55.76 -67.41 11.19
CA GLY E 167 55.87 -66.02 11.58
C GLY E 167 57.16 -65.35 11.18
N ALA E 168 58.12 -66.08 10.62
CA ALA E 168 59.39 -65.48 10.25
C ALA E 168 59.26 -64.56 9.03
N LEU E 169 58.23 -64.73 8.21
CA LEU E 169 58.02 -63.91 7.03
C LEU E 169 56.75 -63.09 7.21
N THR E 170 56.92 -61.79 7.41
CA THR E 170 55.80 -60.86 7.52
C THR E 170 55.85 -59.71 6.53
N SER E 171 57.01 -59.38 5.98
CA SER E 171 57.12 -58.28 5.03
C SER E 171 56.47 -58.64 3.71
N GLY E 172 55.48 -57.84 3.30
CA GLY E 172 54.81 -58.02 2.03
C GLY E 172 53.65 -58.98 2.03
N VAL E 173 53.15 -59.35 3.21
CA VAL E 173 52.04 -60.29 3.33
C VAL E 173 50.74 -59.51 3.35
N HIS E 174 49.76 -59.96 2.57
CA HIS E 174 48.43 -59.36 2.54
C HIS E 174 47.41 -60.47 2.73
N THR E 175 46.82 -60.53 3.93
CA THR E 175 45.74 -61.45 4.23
C THR E 175 44.40 -60.75 4.10
N PHE E 176 43.60 -61.18 3.16
CA PHE E 176 42.32 -60.53 2.90
C PHE E 176 41.29 -60.91 3.96
N PRO E 177 40.33 -60.04 4.23
CA PRO E 177 39.24 -60.40 5.14
C PRO E 177 38.42 -61.55 4.60
N ALA E 178 37.94 -62.38 5.51
CA ALA E 178 37.16 -63.56 5.15
C ALA E 178 35.81 -63.15 4.60
N VAL E 179 35.29 -63.98 3.70
CA VAL E 179 33.96 -63.79 3.12
C VAL E 179 33.10 -65.01 3.46
N LEU E 180 31.84 -64.75 3.77
CA LEU E 180 30.88 -65.80 4.07
C LEU E 180 30.23 -66.26 2.77
N GLN E 181 30.24 -67.56 2.54
CA GLN E 181 29.71 -68.11 1.30
C GLN E 181 28.26 -68.53 1.46
N SER E 182 27.63 -68.88 0.33
CA SER E 182 26.24 -69.31 0.36
C SER E 182 26.06 -70.56 1.20
N SER E 183 27.12 -71.36 1.34
CA SER E 183 27.06 -72.60 2.10
C SER E 183 27.26 -72.38 3.59
N GLY E 184 27.40 -71.13 4.03
CA GLY E 184 27.70 -70.86 5.42
C GLY E 184 29.13 -71.09 5.81
N LEU E 185 30.01 -71.39 4.86
CA LEU E 185 31.43 -71.56 5.14
C LEU E 185 32.20 -70.33 4.72
N TYR E 186 33.23 -70.00 5.49
CA TYR E 186 34.06 -68.84 5.21
C TYR E 186 35.21 -69.21 4.28
N SER E 187 35.78 -68.18 3.67
CA SER E 187 36.90 -68.35 2.75
C SER E 187 37.68 -67.05 2.69
N LEU E 188 39.00 -67.17 2.54
CA LEU E 188 39.84 -65.99 2.42
C LEU E 188 41.10 -66.36 1.63
N SER E 189 41.89 -65.33 1.31
CA SER E 189 43.15 -65.53 0.62
C SER E 189 44.25 -64.75 1.31
N SER E 190 45.48 -65.25 1.16
CA SER E 190 46.68 -64.58 1.64
C SER E 190 47.70 -64.59 0.52
N VAL E 191 48.24 -63.41 0.19
CA VAL E 191 49.15 -63.28 -0.94
C VAL E 191 50.43 -62.61 -0.48
N VAL E 192 51.50 -62.85 -1.24
CA VAL E 192 52.80 -62.25 -0.97
C VAL E 192 53.54 -62.10 -2.29
N THR E 193 54.22 -60.97 -2.46
CA THR E 193 55.08 -60.70 -3.61
C THR E 193 56.51 -61.03 -3.24
N VAL E 194 57.20 -61.78 -4.10
CA VAL E 194 58.56 -62.23 -3.80
C VAL E 194 59.45 -61.94 -5.00
N PRO E 195 60.76 -61.81 -4.76
CA PRO E 195 61.71 -61.69 -5.88
C PRO E 195 61.71 -62.95 -6.72
N SER E 196 61.59 -62.76 -8.04
CA SER E 196 61.59 -63.90 -8.95
C SER E 196 62.88 -64.70 -8.86
N SER E 197 63.99 -64.04 -8.52
CA SER E 197 65.26 -64.73 -8.41
C SER E 197 65.33 -65.67 -7.22
N SER E 198 64.33 -65.65 -6.34
CA SER E 198 64.32 -66.52 -5.17
C SER E 198 63.47 -67.76 -5.36
N LEU E 199 62.70 -67.85 -6.44
CA LEU E 199 61.85 -69.01 -6.66
C LEU E 199 62.69 -70.26 -6.84
N GLY E 200 62.18 -71.38 -6.34
CA GLY E 200 62.87 -72.65 -6.42
C GLY E 200 63.90 -72.90 -5.35
N THR E 201 64.39 -71.86 -4.67
CA THR E 201 65.39 -72.01 -3.62
C THR E 201 64.89 -71.63 -2.23
N GLN E 202 64.17 -70.52 -2.10
CA GLN E 202 63.62 -70.14 -0.81
C GLN E 202 62.30 -70.87 -0.59
N THR E 203 62.15 -71.47 0.59
CA THR E 203 60.97 -72.24 0.92
C THR E 203 59.90 -71.35 1.54
N TYR E 204 58.69 -71.41 1.01
CA TYR E 204 57.55 -70.66 1.51
C TYR E 204 56.44 -71.62 1.90
N ILE E 205 56.03 -71.57 3.16
CA ILE E 205 54.97 -72.42 3.69
C ILE E 205 53.99 -71.53 4.43
N CYS E 206 52.70 -71.69 4.14
CA CYS E 206 51.64 -70.98 4.86
C CYS E 206 51.08 -71.89 5.95
N ASN E 207 50.94 -71.34 7.15
CA ASN E 207 50.50 -72.05 8.34
C ASN E 207 49.11 -71.54 8.74
N VAL E 208 48.09 -72.36 8.49
CA VAL E 208 46.72 -72.05 8.86
C VAL E 208 46.42 -72.72 10.18
N ASN E 209 45.87 -71.96 11.13
CA ASN E 209 45.52 -72.44 12.45
C ASN E 209 44.10 -72.05 12.80
N HIS E 210 43.35 -73.02 13.36
CA HIS E 210 41.96 -72.84 13.75
C HIS E 210 41.78 -73.46 15.13
N LYS E 211 41.89 -72.61 16.15
CA LYS E 211 41.78 -73.10 17.53
C LYS E 211 40.46 -73.78 17.84
N PRO E 212 39.29 -73.29 17.38
CA PRO E 212 38.04 -73.98 17.75
C PRO E 212 38.01 -75.45 17.35
N SER E 213 38.69 -75.83 16.28
CA SER E 213 38.73 -77.22 15.85
C SER E 213 40.12 -77.82 16.03
N ASN E 214 41.06 -77.05 16.57
CA ASN E 214 42.44 -77.49 16.76
C ASN E 214 43.09 -77.89 15.45
N THR E 215 42.73 -77.20 14.37
CA THR E 215 43.26 -77.51 13.05
C THR E 215 44.57 -76.74 12.84
N LYS E 216 45.60 -77.46 12.40
CA LYS E 216 46.88 -76.85 12.02
C LYS E 216 47.33 -77.48 10.72
N VAL E 217 47.46 -76.66 9.67
CA VAL E 217 47.87 -77.13 8.35
C VAL E 217 49.02 -76.27 7.87
N ASP E 218 50.14 -76.92 7.52
CA ASP E 218 51.28 -76.27 6.91
C ASP E 218 51.35 -76.67 5.44
N LYS E 219 50.98 -75.77 4.54
CA LYS E 219 50.96 -76.04 3.11
C LYS E 219 52.14 -75.34 2.47
N LYS E 220 52.97 -76.11 1.77
CA LYS E 220 54.08 -75.56 1.01
C LYS E 220 53.60 -75.16 -0.39
N VAL E 221 54.01 -73.98 -0.83
CA VAL E 221 53.63 -73.45 -2.14
C VAL E 221 54.86 -73.49 -3.02
N GLU E 222 54.83 -74.32 -4.06
CA GLU E 222 55.95 -74.41 -4.98
C GLU E 222 55.55 -73.86 -6.34
N PRO E 223 56.49 -73.27 -7.08
CA PRO E 223 56.16 -72.74 -8.40
C PRO E 223 55.92 -73.85 -9.41
N LYS E 224 55.35 -73.46 -10.54
CA LYS E 224 55.05 -74.39 -11.62
C LYS E 224 55.98 -74.16 -12.80
N ASP F 1 10.50 -43.83 12.22
CA ASP F 1 11.90 -44.19 12.32
C ASP F 1 12.76 -43.16 11.59
N ILE F 2 13.51 -42.37 12.36
CA ILE F 2 14.30 -41.30 11.78
C ILE F 2 15.48 -41.86 11.01
N GLN F 3 15.57 -41.54 9.73
CA GLN F 3 16.70 -41.93 8.89
C GLN F 3 17.81 -40.91 8.98
N MET F 4 19.05 -41.40 9.08
CA MET F 4 20.23 -40.55 9.10
C MET F 4 21.08 -40.83 7.88
N THR F 5 21.72 -39.79 7.37
CA THR F 5 22.55 -39.89 6.17
C THR F 5 23.76 -38.98 6.31
N GLN F 6 24.93 -39.52 6.07
CA GLN F 6 26.19 -38.79 6.21
C GLN F 6 26.82 -38.58 4.85
N SER F 7 27.42 -37.41 4.65
CA SER F 7 28.14 -37.15 3.41
C SER F 7 29.46 -36.46 3.72
N PRO F 8 30.53 -36.82 3.00
CA PRO F 8 30.55 -37.90 2.02
C PRO F 8 30.73 -39.25 2.70
N SER F 9 30.56 -40.35 1.96
CA SER F 9 30.79 -41.66 2.56
C SER F 9 32.26 -41.88 2.85
N THR F 10 33.14 -41.44 1.96
CA THR F 10 34.59 -41.56 2.14
C THR F 10 35.25 -40.25 1.77
N LEU F 11 36.21 -39.81 2.58
CA LEU F 11 36.93 -38.57 2.32
C LEU F 11 38.42 -38.84 2.40
N SER F 12 39.12 -38.64 1.28
CA SER F 12 40.57 -38.76 1.22
C SER F 12 41.21 -37.46 1.68
N THR F 13 42.03 -37.53 2.71
CA THR F 13 42.62 -36.34 3.31
C THR F 13 44.02 -36.62 3.80
N SER F 14 44.73 -35.54 4.15
CA SER F 14 46.12 -35.60 4.54
C SER F 14 46.28 -34.91 5.89
N VAL F 15 47.37 -35.23 6.59
CA VAL F 15 47.63 -34.61 7.89
C VAL F 15 47.77 -33.11 7.73
N GLY F 16 47.05 -32.37 8.58
CA GLY F 16 47.05 -30.92 8.52
C GLY F 16 45.90 -30.34 7.75
N ASP F 17 45.12 -31.16 7.06
CA ASP F 17 44.00 -30.68 6.28
C ASP F 17 42.85 -30.25 7.19
N ARG F 18 42.00 -29.38 6.65
CA ARG F 18 40.74 -29.01 7.27
C ARG F 18 39.64 -29.93 6.76
N VAL F 19 39.01 -30.68 7.66
CA VAL F 19 38.05 -31.71 7.32
C VAL F 19 36.67 -31.26 7.80
N THR F 20 35.67 -31.38 6.92
CA THR F 20 34.29 -31.09 7.27
C THR F 20 33.39 -32.21 6.74
N ILE F 21 32.65 -32.86 7.62
CA ILE F 21 31.69 -33.88 7.23
C ILE F 21 30.30 -33.44 7.65
N THR F 22 29.30 -33.86 6.88
CA THR F 22 27.92 -33.44 7.08
C THR F 22 27.05 -34.64 7.42
N CYS F 23 25.92 -34.36 8.06
CA CYS F 23 24.99 -35.38 8.53
C CYS F 23 23.60 -34.77 8.53
N ARG F 24 22.64 -35.48 7.95
CA ARG F 24 21.28 -34.98 7.80
C ARG F 24 20.30 -36.01 8.33
N ALA F 25 19.24 -35.51 8.96
CA ALA F 25 18.19 -36.34 9.54
C ALA F 25 16.93 -36.24 8.71
N SER F 26 16.16 -37.33 8.70
CA SER F 26 14.92 -37.34 7.94
C SER F 26 13.88 -36.39 8.51
N GLN F 27 13.97 -36.03 9.78
CA GLN F 27 13.07 -35.07 10.38
C GLN F 27 13.84 -34.24 11.39
N SER F 28 13.20 -33.22 11.93
CA SER F 28 13.88 -32.32 12.85
C SER F 28 14.19 -33.03 14.14
N ILE F 29 15.45 -33.00 14.54
CA ILE F 29 15.88 -33.61 15.79
C ILE F 29 16.39 -32.56 16.78
N SER F 30 16.09 -31.30 16.52
CA SER F 30 16.53 -30.17 17.34
C SER F 30 18.05 -30.20 17.39
N ASN F 31 18.68 -30.18 18.56
CA ASN F 31 20.13 -30.24 18.67
C ASN F 31 20.63 -31.54 19.29
N TRP F 32 19.77 -32.54 19.46
CA TRP F 32 20.14 -33.79 20.13
C TRP F 32 20.86 -34.70 19.14
N LEU F 33 22.11 -34.33 18.87
CA LEU F 33 22.96 -35.10 17.97
C LEU F 33 24.34 -35.31 18.58
N ALA F 34 24.82 -36.53 18.50
CA ALA F 34 26.14 -36.90 18.98
C ALA F 34 26.99 -37.43 17.85
N TRP F 35 28.30 -37.24 17.97
CA TRP F 35 29.30 -37.73 17.04
C TRP F 35 30.21 -38.72 17.75
N TYR F 36 30.39 -39.89 17.15
CA TYR F 36 31.22 -40.95 17.70
C TYR F 36 32.31 -41.30 16.70
N GLN F 37 33.51 -41.53 17.24
CA GLN F 37 34.66 -41.96 16.46
C GLN F 37 34.96 -43.42 16.75
N GLN F 38 35.29 -44.16 15.70
CA GLN F 38 35.61 -45.57 15.82
C GLN F 38 36.84 -45.88 14.98
N LYS F 39 37.82 -46.44 15.60
CA LYS F 39 38.98 -46.92 14.87
C LYS F 39 38.80 -48.40 14.56
N PRO F 40 39.40 -48.87 13.46
CA PRO F 40 39.20 -50.25 13.04
C PRO F 40 39.65 -51.25 14.09
N GLY F 41 38.86 -52.30 14.26
CA GLY F 41 39.10 -53.30 15.28
C GLY F 41 39.05 -52.76 16.69
N LYS F 42 38.25 -51.72 16.92
CA LYS F 42 38.21 -51.08 18.22
C LYS F 42 36.80 -50.56 18.45
N ALA F 43 36.48 -50.35 19.72
CA ALA F 43 35.15 -49.90 20.09
C ALA F 43 35.00 -48.40 19.81
N PRO F 44 33.78 -47.95 19.53
CA PRO F 44 33.56 -46.52 19.29
C PRO F 44 33.78 -45.69 20.54
N LYS F 45 34.19 -44.45 20.32
CA LYS F 45 34.47 -43.50 21.38
C LYS F 45 33.66 -42.23 21.13
N LEU F 46 33.11 -41.68 22.21
CA LEU F 46 32.29 -40.46 22.11
C LEU F 46 33.14 -39.23 21.88
N LEU F 47 32.79 -38.43 20.87
CA LEU F 47 33.47 -37.18 20.63
C LEU F 47 32.68 -35.94 21.03
N ILE F 48 31.44 -35.83 20.57
CA ILE F 48 30.67 -34.61 20.74
C ILE F 48 29.24 -34.98 21.06
N TYR F 49 28.63 -34.25 21.98
CA TYR F 49 27.21 -34.36 22.21
C TYR F 49 26.57 -32.99 22.16
N LYS F 50 25.24 -32.99 22.10
CA LYS F 50 24.45 -31.78 21.91
C LYS F 50 24.93 -30.98 20.70
N ALA F 51 25.47 -31.69 19.71
CA ALA F 51 25.86 -31.16 18.41
C ALA F 51 27.05 -30.21 18.47
N SER F 52 27.34 -29.60 19.62
CA SER F 52 28.45 -28.66 19.68
C SER F 52 29.20 -28.66 20.99
N THR F 53 28.93 -29.58 21.91
CA THR F 53 29.62 -29.65 23.18
C THR F 53 30.74 -30.67 23.07
N LEU F 54 31.94 -30.26 23.42
CA LEU F 54 33.10 -31.13 23.31
C LEU F 54 33.19 -32.01 24.56
N GLU F 55 33.32 -33.31 24.34
CA GLU F 55 33.49 -34.23 25.45
C GLU F 55 34.81 -33.98 26.16
N SER F 56 34.79 -34.17 27.48
CA SER F 56 36.00 -34.01 28.28
C SER F 56 37.09 -34.96 27.81
N GLY F 57 38.29 -34.41 27.63
CA GLY F 57 39.42 -35.17 27.14
C GLY F 57 39.61 -35.10 25.64
N VAL F 58 38.65 -34.53 24.91
CA VAL F 58 38.76 -34.43 23.46
C VAL F 58 39.55 -33.19 23.09
N PRO F 59 40.57 -33.30 22.25
CA PRO F 59 41.36 -32.11 21.88
C PRO F 59 40.50 -31.08 21.17
N SER F 60 40.93 -29.82 21.26
CA SER F 60 40.15 -28.70 20.77
C SER F 60 40.07 -28.63 19.27
N ARG F 61 40.87 -29.43 18.55
CA ARG F 61 40.81 -29.39 17.10
C ARG F 61 39.52 -30.02 16.56
N PHE F 62 38.69 -30.59 17.41
CA PHE F 62 37.39 -31.10 17.01
C PHE F 62 36.33 -30.06 17.33
N SER F 63 35.38 -29.89 16.43
CA SER F 63 34.29 -28.97 16.71
C SER F 63 33.03 -29.43 15.99
N GLY F 64 31.88 -29.14 16.60
CA GLY F 64 30.62 -29.46 15.99
C GLY F 64 29.77 -28.24 15.66
N SER F 65 28.85 -28.39 14.73
CA SER F 65 27.99 -27.29 14.35
C SER F 65 26.72 -27.86 13.75
N GLY F 66 25.65 -27.08 13.78
CA GLY F 66 24.44 -27.49 13.12
C GLY F 66 23.24 -27.56 14.04
N SER F 67 22.05 -27.49 13.46
CA SER F 67 20.82 -27.54 14.26
C SER F 67 19.65 -27.84 13.33
N GLY F 68 18.64 -28.49 13.89
CA GLY F 68 17.48 -28.88 13.12
C GLY F 68 17.67 -30.20 12.41
N THR F 69 18.02 -30.13 11.12
CA THR F 69 18.17 -31.32 10.31
C THR F 69 19.54 -31.43 9.65
N GLU F 70 20.36 -30.40 9.69
CA GLU F 70 21.68 -30.39 9.08
C GLU F 70 22.73 -30.18 10.16
N PHE F 71 23.72 -31.05 10.19
CA PHE F 71 24.79 -30.95 11.18
C PHE F 71 26.12 -31.23 10.51
N THR F 72 27.17 -30.61 11.03
CA THR F 72 28.52 -30.78 10.52
C THR F 72 29.50 -30.99 11.66
N LEU F 73 30.50 -31.81 11.37
CA LEU F 73 31.65 -32.01 12.24
C LEU F 73 32.88 -31.51 11.51
N THR F 74 33.66 -30.68 12.20
CA THR F 74 34.82 -30.03 11.60
C THR F 74 36.06 -30.35 12.41
N ILE F 75 37.10 -30.75 11.72
CA ILE F 75 38.44 -30.89 12.29
C ILE F 75 39.29 -29.81 11.65
N SER F 76 39.73 -28.85 12.47
CA SER F 76 40.44 -27.69 11.95
C SER F 76 41.79 -28.06 11.34
N SER F 77 42.53 -28.97 11.98
CA SER F 77 43.85 -29.38 11.49
C SER F 77 44.00 -30.87 11.76
N LEU F 78 43.98 -31.65 10.69
CA LEU F 78 43.99 -33.09 10.82
C LEU F 78 45.34 -33.58 11.35
N GLN F 79 45.28 -34.58 12.23
CA GLN F 79 46.44 -35.23 12.83
C GLN F 79 46.35 -36.72 12.59
N PRO F 80 47.49 -37.42 12.60
CA PRO F 80 47.49 -38.83 12.22
C PRO F 80 46.59 -39.70 13.09
N ASP F 81 46.34 -39.28 14.33
CA ASP F 81 45.46 -40.03 15.21
C ASP F 81 44.00 -39.94 14.80
N ASP F 82 43.64 -38.99 13.94
CA ASP F 82 42.25 -38.76 13.56
C ASP F 82 41.78 -39.60 12.39
N PHE F 83 42.62 -40.47 11.84
CA PHE F 83 42.19 -41.33 10.75
C PHE F 83 41.34 -42.47 11.30
N ALA F 84 40.02 -42.34 11.18
CA ALA F 84 39.09 -43.30 11.74
C ALA F 84 37.74 -43.09 11.06
N THR F 85 36.75 -43.87 11.49
CA THR F 85 35.39 -43.73 10.97
C THR F 85 34.55 -42.94 11.97
N TYR F 86 33.77 -41.98 11.44
CA TYR F 86 32.99 -41.07 12.26
C TYR F 86 31.51 -41.28 11.99
N TYR F 87 30.75 -41.53 13.03
CA TYR F 87 29.30 -41.73 12.95
C TYR F 87 28.57 -40.61 13.67
N CYS F 88 27.51 -40.11 13.04
CA CYS F 88 26.57 -39.24 13.74
C CYS F 88 25.42 -40.07 14.26
N GLN F 89 24.75 -39.54 15.28
CA GLN F 89 23.67 -40.26 15.95
C GLN F 89 22.66 -39.27 16.47
N GLN F 90 21.43 -39.37 16.00
CA GLN F 90 20.34 -38.63 16.61
C GLN F 90 19.85 -39.36 17.84
N TYR F 91 19.55 -38.61 18.89
CA TYR F 91 18.94 -39.17 20.07
C TYR F 91 17.79 -38.31 20.50
N SER F 92 17.04 -37.83 19.51
CA SER F 92 15.81 -37.10 19.74
C SER F 92 14.62 -38.02 19.86
N SER F 93 14.61 -39.10 19.10
CA SER F 93 13.51 -40.08 19.14
C SER F 93 14.16 -41.44 18.97
N TYR F 94 14.28 -42.17 20.07
CA TYR F 94 15.06 -43.41 20.08
C TYR F 94 16.48 -43.08 19.62
N TRP F 95 17.15 -44.02 18.94
CA TRP F 95 18.54 -43.83 18.59
C TRP F 95 18.82 -44.50 17.27
N THR F 96 19.25 -43.73 16.28
CA THR F 96 19.62 -44.27 14.99
C THR F 96 20.93 -43.63 14.55
N PHE F 97 21.81 -44.45 13.99
CA PHE F 97 23.12 -43.99 13.55
C PHE F 97 23.15 -43.83 12.04
N GLY F 98 24.02 -42.96 11.58
CA GLY F 98 24.27 -42.89 10.15
C GLY F 98 25.15 -44.03 9.66
N GLN F 99 25.32 -44.10 8.34
CA GLN F 99 26.13 -45.17 7.79
C GLN F 99 27.61 -45.00 8.10
N GLY F 100 28.04 -43.78 8.43
CA GLY F 100 29.43 -43.56 8.77
C GLY F 100 30.28 -43.03 7.63
N THR F 101 31.21 -42.15 7.98
CA THR F 101 32.17 -41.59 7.05
C THR F 101 33.57 -42.00 7.48
N LYS F 102 34.30 -42.62 6.56
CA LYS F 102 35.67 -43.06 6.80
C LYS F 102 36.63 -42.04 6.20
N LEU F 103 37.53 -41.52 7.04
CA LEU F 103 38.57 -40.59 6.59
C LEU F 103 39.75 -41.37 6.06
N GLU F 104 40.02 -41.20 4.77
CA GLU F 104 41.03 -41.96 4.06
C GLU F 104 42.30 -41.13 3.88
N ILE F 105 43.43 -41.80 3.88
CA ILE F 105 44.74 -41.15 3.74
C ILE F 105 44.97 -40.84 2.26
N LYS F 106 45.00 -39.57 1.92
CA LYS F 106 45.25 -39.17 0.55
C LYS F 106 46.73 -39.27 0.23
N ARG F 107 47.03 -39.84 -0.93
CA ARG F 107 48.41 -39.98 -1.38
C ARG F 107 48.43 -39.85 -2.90
N THR F 108 49.63 -39.96 -3.46
CA THR F 108 49.79 -39.87 -4.90
C THR F 108 49.22 -41.12 -5.58
N VAL F 109 49.01 -41.00 -6.88
CA VAL F 109 48.41 -42.09 -7.65
C VAL F 109 49.45 -43.19 -7.84
N ALA F 110 49.04 -44.43 -7.61
CA ALA F 110 49.90 -45.58 -7.82
C ALA F 110 49.10 -46.65 -8.57
N ALA F 111 49.62 -47.09 -9.72
CA ALA F 111 48.94 -48.08 -10.53
C ALA F 111 49.03 -49.47 -9.90
N PRO F 112 48.01 -50.29 -10.09
CA PRO F 112 48.01 -51.63 -9.49
C PRO F 112 48.95 -52.58 -10.20
N SER F 113 49.46 -53.54 -9.44
CA SER F 113 50.12 -54.71 -10.01
C SER F 113 49.09 -55.82 -10.13
N VAL F 114 49.00 -56.42 -11.32
CA VAL F 114 47.94 -57.38 -11.63
C VAL F 114 48.53 -58.77 -11.74
N PHE F 115 47.95 -59.71 -11.01
CA PHE F 115 48.34 -61.11 -11.06
C PHE F 115 47.09 -61.97 -11.16
N ILE F 116 47.21 -63.08 -11.87
CA ILE F 116 46.11 -64.03 -12.02
C ILE F 116 46.59 -65.40 -11.56
N PHE F 117 45.70 -66.14 -10.91
CA PHE F 117 46.00 -67.48 -10.42
C PHE F 117 44.91 -68.46 -10.87
N PRO F 118 45.29 -69.58 -11.48
CA PRO F 118 44.30 -70.58 -11.89
C PRO F 118 43.95 -71.50 -10.73
N PRO F 119 42.85 -72.25 -10.85
CA PRO F 119 42.51 -73.22 -9.80
C PRO F 119 43.55 -74.33 -9.68
N SER F 120 43.81 -74.72 -8.44
CA SER F 120 44.74 -75.82 -8.20
C SER F 120 44.12 -77.15 -8.59
N ASP F 121 44.98 -78.12 -8.91
CA ASP F 121 44.52 -79.45 -9.26
C ASP F 121 43.85 -80.15 -8.07
N GLU F 122 44.27 -79.83 -6.85
CA GLU F 122 43.66 -80.46 -5.69
C GLU F 122 42.22 -80.01 -5.50
N GLN F 123 41.97 -78.73 -5.69
CA GLN F 123 40.61 -78.22 -5.55
C GLN F 123 39.73 -78.78 -6.67
N LEU F 124 40.29 -78.89 -7.88
CA LEU F 124 39.56 -79.52 -8.97
C LEU F 124 39.23 -80.97 -8.63
N LYS F 125 40.16 -81.66 -7.96
CA LYS F 125 39.87 -83.01 -7.50
C LYS F 125 38.78 -83.00 -6.44
N SER F 126 38.67 -81.91 -5.68
CA SER F 126 37.64 -81.82 -4.65
C SER F 126 36.26 -81.47 -5.21
N GLY F 127 36.18 -81.08 -6.48
CA GLY F 127 34.92 -80.77 -7.11
C GLY F 127 34.61 -79.31 -7.31
N THR F 128 35.52 -78.41 -6.93
CA THR F 128 35.31 -76.98 -7.07
C THR F 128 36.50 -76.36 -7.78
N ALA F 129 36.26 -75.19 -8.38
CA ALA F 129 37.30 -74.47 -9.11
C ALA F 129 37.22 -72.98 -8.75
N SER F 130 38.23 -72.48 -8.04
CA SER F 130 38.32 -71.07 -7.71
C SER F 130 39.41 -70.40 -8.54
N VAL F 131 39.07 -69.32 -9.21
CA VAL F 131 40.00 -68.52 -9.98
C VAL F 131 40.18 -67.19 -9.27
N VAL F 132 41.42 -66.77 -9.10
CA VAL F 132 41.75 -65.61 -8.26
C VAL F 132 42.43 -64.57 -9.13
N CYS F 133 41.94 -63.33 -9.06
CA CYS F 133 42.57 -62.20 -9.70
C CYS F 133 42.99 -61.25 -8.59
N LEU F 134 44.26 -60.83 -8.61
CA LEU F 134 44.83 -60.04 -7.52
C LEU F 134 45.31 -58.69 -8.04
N LEU F 135 44.88 -57.62 -7.38
CA LEU F 135 45.38 -56.28 -7.61
C LEU F 135 46.14 -55.82 -6.38
N ASN F 136 47.43 -55.56 -6.53
CA ASN F 136 48.31 -55.28 -5.40
C ASN F 136 48.76 -53.82 -5.45
N ASN F 137 48.67 -53.15 -4.30
CA ASN F 137 49.29 -51.85 -4.07
C ASN F 137 48.81 -50.82 -5.10
N PHE F 138 47.55 -50.48 -4.96
CA PHE F 138 46.90 -49.51 -5.85
C PHE F 138 46.18 -48.45 -5.04
N TYR F 139 46.01 -47.29 -5.67
CA TYR F 139 45.28 -46.16 -5.12
C TYR F 139 44.86 -45.28 -6.28
N PRO F 140 43.64 -44.71 -6.25
CA PRO F 140 42.62 -44.85 -5.21
C PRO F 140 41.92 -46.20 -5.22
N ARG F 141 40.90 -46.34 -4.40
CA ARG F 141 40.26 -47.64 -4.19
C ARG F 141 39.36 -48.03 -5.35
N GLU F 142 38.82 -47.07 -6.08
CA GLU F 142 37.86 -47.38 -7.14
C GLU F 142 38.54 -48.09 -8.30
N ALA F 143 38.04 -49.27 -8.62
CA ALA F 143 38.51 -50.08 -9.73
C ALA F 143 37.39 -51.02 -10.14
N LYS F 144 37.47 -51.52 -11.38
CA LYS F 144 36.50 -52.47 -11.89
C LYS F 144 37.21 -53.73 -12.35
N VAL F 145 36.70 -54.88 -11.91
CA VAL F 145 37.21 -56.19 -12.27
C VAL F 145 36.09 -56.98 -12.91
N GLN F 146 36.28 -57.39 -14.17
CA GLN F 146 35.31 -58.18 -14.90
C GLN F 146 35.89 -59.55 -15.22
N TRP F 147 35.15 -60.59 -14.88
CA TRP F 147 35.53 -61.96 -15.20
C TRP F 147 34.97 -62.35 -16.56
N LYS F 148 35.81 -62.95 -17.39
CA LYS F 148 35.42 -63.42 -18.72
C LYS F 148 35.83 -64.86 -18.89
N VAL F 149 34.86 -65.73 -19.21
CA VAL F 149 35.09 -67.15 -19.42
C VAL F 149 34.74 -67.43 -20.88
N ASP F 150 35.75 -67.69 -21.69
CA ASP F 150 35.61 -67.77 -23.15
C ASP F 150 34.91 -66.51 -23.67
N ASN F 151 35.41 -65.36 -23.20
CA ASN F 151 34.94 -64.04 -23.63
C ASN F 151 33.50 -63.77 -23.22
N ALA F 152 32.98 -64.50 -22.23
CA ALA F 152 31.62 -64.32 -21.75
C ALA F 152 31.69 -63.78 -20.33
N LEU F 153 31.06 -62.63 -20.10
CA LEU F 153 31.08 -61.99 -18.78
C LEU F 153 30.28 -62.79 -17.77
N GLN F 154 30.84 -62.97 -16.58
CA GLN F 154 30.19 -63.67 -15.49
C GLN F 154 29.50 -62.69 -14.55
N SER F 155 28.45 -63.18 -13.90
CA SER F 155 27.69 -62.35 -12.96
C SER F 155 27.04 -63.26 -11.94
N GLY F 156 27.20 -62.92 -10.66
CA GLY F 156 26.57 -63.65 -9.59
C GLY F 156 27.31 -64.88 -9.13
N ASN F 157 28.52 -65.11 -9.64
CA ASN F 157 29.31 -66.26 -9.25
C ASN F 157 30.71 -65.85 -8.77
N SER F 158 30.89 -64.59 -8.40
CA SER F 158 32.17 -64.08 -7.94
C SER F 158 31.99 -63.31 -6.64
N GLN F 159 33.07 -63.21 -5.88
CA GLN F 159 33.08 -62.44 -4.64
C GLN F 159 34.37 -61.65 -4.56
N GLU F 160 34.28 -60.43 -4.05
CA GLU F 160 35.43 -59.53 -3.96
C GLU F 160 35.79 -59.27 -2.50
N SER F 161 37.07 -59.06 -2.25
CA SER F 161 37.55 -58.72 -0.92
C SER F 161 38.62 -57.65 -1.03
N VAL F 162 38.57 -56.67 -0.15
CA VAL F 162 39.48 -55.52 -0.16
C VAL F 162 40.12 -55.39 1.21
N THR F 163 41.43 -55.16 1.22
CA THR F 163 42.15 -54.88 2.46
C THR F 163 41.98 -53.41 2.84
N GLU F 164 42.30 -53.12 4.10
CA GLU F 164 42.39 -51.73 4.53
C GLU F 164 43.66 -51.08 4.00
N GLN F 165 43.73 -49.75 4.14
CA GLN F 165 44.91 -49.03 3.69
C GLN F 165 46.15 -49.50 4.45
N ASP F 166 47.17 -49.87 3.69
CA ASP F 166 48.41 -50.34 4.28
C ASP F 166 49.03 -49.27 5.16
N SER F 167 49.54 -49.69 6.32
CA SER F 167 50.10 -48.74 7.28
C SER F 167 51.35 -48.08 6.75
N LYS F 168 52.08 -48.74 5.86
CA LYS F 168 53.37 -48.23 5.40
C LYS F 168 53.25 -47.28 4.22
N ASP F 169 52.40 -47.59 3.24
CA ASP F 169 52.32 -46.79 2.03
C ASP F 169 50.91 -46.41 1.64
N SER F 170 49.91 -46.71 2.46
CA SER F 170 48.55 -46.23 2.28
C SER F 170 47.94 -46.75 0.98
N THR F 171 48.34 -47.94 0.56
CA THR F 171 47.82 -48.56 -0.64
C THR F 171 46.76 -49.60 -0.30
N TYR F 172 46.02 -49.99 -1.32
CA TYR F 172 45.00 -51.04 -1.22
C TYR F 172 45.48 -52.31 -1.91
N SER F 173 44.89 -53.43 -1.50
CA SER F 173 45.01 -54.69 -2.21
C SER F 173 43.62 -55.28 -2.36
N LEU F 174 43.37 -55.90 -3.50
CA LEU F 174 42.05 -56.43 -3.81
C LEU F 174 42.18 -57.84 -4.34
N SER F 175 41.30 -58.72 -3.86
CA SER F 175 41.20 -60.09 -4.35
C SER F 175 39.81 -60.29 -4.93
N SER F 176 39.74 -60.89 -6.10
CA SER F 176 38.47 -61.30 -6.70
C SER F 176 38.50 -62.81 -6.88
N THR F 177 37.48 -63.49 -6.37
CA THR F 177 37.42 -64.94 -6.41
C THR F 177 36.22 -65.38 -7.23
N LEU F 178 36.48 -66.03 -8.36
CA LEU F 178 35.45 -66.63 -9.19
C LEU F 178 35.33 -68.10 -8.84
N THR F 179 34.14 -68.52 -8.44
CA THR F 179 33.90 -69.89 -7.99
C THR F 179 32.98 -70.58 -8.98
N LEU F 180 33.39 -71.77 -9.43
CA LEU F 180 32.62 -72.54 -10.40
C LEU F 180 32.71 -74.02 -10.05
N SER F 181 31.72 -74.77 -10.52
CA SER F 181 31.78 -76.22 -10.40
C SER F 181 32.85 -76.78 -11.33
N LYS F 182 33.31 -77.98 -10.98
CA LYS F 182 34.33 -78.64 -11.80
C LYS F 182 33.83 -78.86 -13.22
N ALA F 183 32.54 -79.15 -13.38
CA ALA F 183 31.99 -79.37 -14.71
C ALA F 183 31.90 -78.07 -15.50
N ASP F 184 31.47 -76.98 -14.85
CA ASP F 184 31.47 -75.69 -15.53
C ASP F 184 32.88 -75.25 -15.87
N TYR F 185 33.84 -75.50 -14.98
CA TYR F 185 35.21 -75.10 -15.25
C TYR F 185 35.81 -75.87 -16.40
N GLU F 186 35.55 -77.18 -16.46
CA GLU F 186 36.13 -77.99 -17.53
C GLU F 186 35.31 -77.92 -18.82
N LYS F 187 34.19 -77.22 -18.81
CA LYS F 187 33.41 -77.01 -20.03
C LYS F 187 33.82 -75.74 -20.76
N HIS F 188 34.96 -75.15 -20.42
CA HIS F 188 35.42 -73.95 -21.08
C HIS F 188 36.94 -73.95 -21.13
N LYS F 189 37.49 -72.98 -21.84
CA LYS F 189 38.92 -72.94 -22.13
C LYS F 189 39.60 -71.70 -21.57
N VAL F 190 39.17 -70.50 -21.95
CA VAL F 190 39.87 -69.27 -21.63
C VAL F 190 39.24 -68.62 -20.40
N TYR F 191 40.09 -68.18 -19.48
CA TYR F 191 39.65 -67.55 -18.23
C TYR F 191 40.45 -66.27 -18.03
N ALA F 192 39.75 -65.13 -18.02
CA ALA F 192 40.40 -63.83 -17.94
C ALA F 192 39.74 -62.94 -16.90
N CYS F 193 40.54 -62.11 -16.25
CA CYS F 193 40.05 -60.98 -15.47
C CYS F 193 40.56 -59.68 -16.09
N GLU F 194 39.63 -58.76 -16.36
CA GLU F 194 39.93 -57.45 -16.92
C GLU F 194 39.75 -56.39 -15.84
N VAL F 195 40.71 -55.49 -15.74
CA VAL F 195 40.79 -54.48 -14.69
C VAL F 195 40.88 -53.11 -15.35
N THR F 196 40.04 -52.19 -14.86
CA THR F 196 40.08 -50.79 -15.26
C THR F 196 40.28 -49.91 -14.02
N HIS F 197 41.11 -48.89 -14.17
CA HIS F 197 41.43 -47.98 -13.08
C HIS F 197 41.78 -46.62 -13.67
N GLN F 198 41.46 -45.57 -12.92
CA GLN F 198 41.66 -44.21 -13.40
C GLN F 198 43.12 -43.89 -13.64
N GLY F 199 44.05 -44.64 -13.04
CA GLY F 199 45.46 -44.47 -13.30
C GLY F 199 45.98 -45.24 -14.49
N LEU F 200 45.12 -45.99 -15.18
CA LEU F 200 45.51 -46.81 -16.32
C LEU F 200 44.91 -46.20 -17.58
N SER F 201 45.77 -45.89 -18.56
CA SER F 201 45.26 -45.34 -19.82
C SER F 201 44.43 -46.35 -20.59
N SER F 202 44.75 -47.64 -20.48
CA SER F 202 44.01 -48.69 -21.15
C SER F 202 43.70 -49.81 -20.17
N PRO F 203 42.61 -50.53 -20.38
CA PRO F 203 42.30 -51.65 -19.48
C PRO F 203 43.36 -52.73 -19.56
N VAL F 204 43.61 -53.37 -18.42
CA VAL F 204 44.58 -54.46 -18.33
C VAL F 204 43.83 -55.77 -18.28
N THR F 205 44.28 -56.75 -19.07
CA THR F 205 43.60 -58.04 -19.15
C THR F 205 44.63 -59.13 -18.93
N LYS F 206 44.36 -60.00 -17.95
CA LYS F 206 45.16 -61.20 -17.74
C LYS F 206 44.29 -62.42 -18.00
N SER F 207 44.87 -63.46 -18.61
CA SER F 207 44.09 -64.62 -19.00
C SER F 207 44.98 -65.85 -19.05
N PHE F 208 44.36 -67.01 -18.87
CA PHE F 208 45.03 -68.29 -19.03
C PHE F 208 44.08 -69.27 -19.70
N ASN F 209 44.66 -70.35 -20.22
CA ASN F 209 43.90 -71.45 -20.80
C ASN F 209 43.88 -72.64 -19.85
N ARG F 210 42.72 -73.25 -19.71
CA ARG F 210 42.59 -74.42 -18.84
C ARG F 210 43.47 -75.55 -19.36
N GLY F 211 44.39 -76.01 -18.51
CA GLY F 211 45.34 -77.03 -18.87
C GLY F 211 46.70 -76.51 -19.28
N GLU F 212 46.77 -75.27 -19.74
CA GLU F 212 48.03 -74.65 -20.16
C GLU F 212 48.98 -74.48 -18.98
N GLN G 1 0.13 -59.04 19.47
CA GLN G 1 0.16 -57.60 19.26
C GLN G 1 -0.48 -56.89 20.44
N VAL G 2 -0.88 -55.64 20.22
CA VAL G 2 -1.52 -54.85 21.27
C VAL G 2 -2.90 -55.41 21.53
N GLN G 3 -3.25 -55.57 22.81
CA GLN G 3 -4.57 -56.07 23.14
C GLN G 3 -5.11 -55.32 24.34
N LEU G 4 -6.36 -54.90 24.25
CA LEU G 4 -7.05 -54.21 25.32
C LEU G 4 -8.37 -54.90 25.61
N VAL G 5 -8.65 -55.17 26.88
CA VAL G 5 -9.84 -55.90 27.27
C VAL G 5 -10.57 -55.10 28.34
N GLU G 6 -11.74 -54.59 28.02
CA GLU G 6 -12.56 -53.86 28.97
C GLU G 6 -13.41 -54.81 29.79
N SER G 7 -13.73 -54.38 31.01
CA SER G 7 -14.63 -55.16 31.86
C SER G 7 -15.30 -54.22 32.84
N GLY G 8 -16.38 -54.70 33.43
CA GLY G 8 -17.09 -53.95 34.46
C GLY G 8 -18.43 -53.40 34.03
N GLY G 9 -18.77 -53.48 32.75
CA GLY G 9 -20.03 -52.91 32.30
C GLY G 9 -21.22 -53.76 32.69
N GLY G 10 -22.39 -53.12 32.68
CA GLY G 10 -23.62 -53.82 33.02
C GLY G 10 -24.77 -52.84 33.17
N VAL G 11 -25.82 -53.32 33.85
CA VAL G 11 -27.01 -52.52 34.10
C VAL G 11 -26.87 -51.83 35.44
N VAL G 12 -27.15 -50.53 35.47
CA VAL G 12 -27.05 -49.74 36.69
C VAL G 12 -28.21 -48.75 36.71
N GLN G 13 -28.82 -48.59 37.89
CA GLN G 13 -29.89 -47.63 38.03
C GLN G 13 -29.33 -46.20 37.99
N PRO G 14 -30.11 -45.24 37.51
CA PRO G 14 -29.64 -43.86 37.49
C PRO G 14 -29.35 -43.36 38.89
N GLY G 15 -28.27 -42.59 39.02
CA GLY G 15 -27.84 -42.08 40.29
C GLY G 15 -26.83 -42.95 41.02
N ARG G 16 -26.70 -44.20 40.62
CA ARG G 16 -25.74 -45.10 41.23
C ARG G 16 -24.38 -44.91 40.58
N SER G 17 -23.40 -45.68 41.03
CA SER G 17 -22.04 -45.58 40.55
C SER G 17 -21.63 -46.87 39.88
N LEU G 18 -20.55 -46.80 39.10
CA LEU G 18 -20.04 -47.96 38.39
C LEU G 18 -18.57 -47.73 38.08
N ARG G 19 -17.78 -48.80 38.16
CA ARG G 19 -16.34 -48.73 37.94
C ARG G 19 -15.96 -49.60 36.76
N LEU G 20 -15.42 -48.99 35.72
CA LEU G 20 -14.95 -49.72 34.55
C LEU G 20 -13.43 -49.93 34.64
N SER G 21 -12.99 -51.07 34.12
CA SER G 21 -11.56 -51.38 34.08
C SER G 21 -11.16 -51.79 32.67
N CYS G 22 -9.87 -51.62 32.37
CA CYS G 22 -9.32 -51.92 31.05
C CYS G 22 -7.97 -52.57 31.26
N ALA G 23 -7.86 -53.85 30.91
CA ALA G 23 -6.60 -54.57 31.03
C ALA G 23 -5.82 -54.49 29.73
N ALA G 24 -4.56 -54.11 29.81
CA ALA G 24 -3.72 -53.90 28.64
C ALA G 24 -2.62 -54.95 28.63
N SER G 25 -2.28 -55.41 27.43
CA SER G 25 -1.19 -56.36 27.29
C SER G 25 -0.61 -56.26 25.89
N GLY G 26 0.59 -56.80 25.73
CA GLY G 26 1.27 -56.72 24.46
C GLY G 26 2.18 -55.53 24.30
N PHE G 27 2.24 -54.64 25.28
CA PHE G 27 3.10 -53.47 25.21
C PHE G 27 3.35 -52.97 26.62
N THR G 28 4.29 -52.04 26.73
CA THR G 28 4.61 -51.45 28.03
C THR G 28 3.52 -50.44 28.35
N PHE G 29 2.59 -50.84 29.21
CA PHE G 29 1.44 -50.00 29.49
C PHE G 29 1.82 -48.68 30.15
N SER G 30 2.81 -48.71 31.03
CA SER G 30 3.14 -47.51 31.80
C SER G 30 3.78 -46.41 30.98
N ASN G 31 4.12 -46.67 29.73
CA ASN G 31 4.77 -45.66 28.91
C ASN G 31 3.82 -44.86 28.05
N PHE G 32 2.52 -45.11 28.08
CA PHE G 32 1.59 -44.48 27.17
C PHE G 32 0.41 -43.90 27.90
N GLY G 33 -0.06 -42.74 27.44
CA GLY G 33 -1.33 -42.23 27.89
C GLY G 33 -2.48 -43.01 27.32
N MET G 34 -3.65 -42.85 27.93
CA MET G 34 -4.82 -43.62 27.54
C MET G 34 -6.04 -42.72 27.45
N HIS G 35 -6.98 -43.11 26.62
CA HIS G 35 -8.27 -42.46 26.48
C HIS G 35 -9.38 -43.42 26.86
N TRP G 36 -10.48 -42.85 27.31
CA TRP G 36 -11.76 -43.52 27.33
C TRP G 36 -12.68 -42.80 26.35
N ILE G 37 -13.23 -43.54 25.42
CA ILE G 37 -14.12 -42.99 24.41
C ILE G 37 -15.36 -43.85 24.36
N ARG G 38 -16.51 -43.21 24.28
CA ARG G 38 -17.79 -43.88 24.26
C ARG G 38 -18.50 -43.63 22.96
N GLN G 39 -19.42 -44.54 22.65
CA GLN G 39 -20.20 -44.50 21.42
C GLN G 39 -21.64 -44.81 21.75
N SER G 40 -22.54 -43.94 21.33
CA SER G 40 -23.95 -44.15 21.53
C SER G 40 -24.68 -43.87 20.23
N PRO G 41 -25.84 -44.51 20.03
CA PRO G 41 -26.61 -44.26 18.81
C PRO G 41 -27.09 -42.84 18.65
N GLY G 42 -27.25 -42.10 19.75
CA GLY G 42 -27.78 -40.75 19.63
C GLY G 42 -26.73 -39.71 19.34
N LYS G 43 -25.51 -39.92 19.83
CA LYS G 43 -24.44 -38.96 19.68
C LYS G 43 -23.26 -39.48 18.87
N GLY G 44 -23.28 -40.74 18.46
CA GLY G 44 -22.12 -41.24 17.76
C GLY G 44 -20.92 -41.38 18.69
N LEU G 45 -19.74 -41.19 18.12
CA LEU G 45 -18.51 -41.28 18.90
C LEU G 45 -18.27 -39.99 19.67
N GLU G 46 -17.87 -40.15 20.92
CA GLU G 46 -17.79 -39.02 21.85
C GLU G 46 -16.64 -39.29 22.81
N TRP G 47 -15.62 -38.45 22.78
CA TRP G 47 -14.50 -38.61 23.71
C TRP G 47 -14.92 -38.30 25.14
N VAL G 48 -14.40 -39.08 26.08
CA VAL G 48 -14.76 -38.99 27.49
C VAL G 48 -13.62 -38.44 28.35
N ALA G 49 -12.46 -39.10 28.34
CA ALA G 49 -11.38 -38.67 29.22
C ALA G 49 -10.04 -39.08 28.66
N ILE G 50 -9.00 -38.42 29.15
CA ILE G 50 -7.61 -38.75 28.82
C ILE G 50 -6.76 -38.67 30.07
N ILE G 51 -5.79 -39.57 30.18
CA ILE G 51 -4.86 -39.58 31.30
C ILE G 51 -3.46 -39.74 30.77
N TRP G 52 -2.52 -39.03 31.39
CA TRP G 52 -1.11 -39.09 31.09
C TRP G 52 -0.52 -40.43 31.51
N TYR G 53 0.68 -40.72 31.03
CA TYR G 53 1.32 -41.99 31.34
C TYR G 53 1.53 -42.16 32.84
N ASP G 54 1.84 -41.08 33.55
CA ASP G 54 2.06 -41.14 34.98
C ASP G 54 0.88 -40.66 35.79
N GLY G 55 -0.23 -40.34 35.15
CA GLY G 55 -1.40 -39.87 35.86
C GLY G 55 -1.34 -38.44 36.32
N SER G 56 -0.32 -37.68 35.93
CA SER G 56 -0.20 -36.34 36.48
C SER G 56 -1.24 -35.40 35.91
N ASN G 57 -1.62 -35.56 34.64
CA ASN G 57 -2.61 -34.71 34.00
C ASN G 57 -3.76 -35.55 33.50
N THR G 58 -4.97 -35.12 33.78
CA THR G 58 -6.19 -35.74 33.31
C THR G 58 -7.07 -34.66 32.73
N TYR G 59 -7.83 -35.01 31.71
CA TYR G 59 -8.78 -34.11 31.10
C TYR G 59 -10.08 -34.86 30.86
N TYR G 60 -11.19 -34.14 30.89
CA TYR G 60 -12.50 -34.74 30.76
C TYR G 60 -13.34 -33.92 29.82
N ALA G 61 -14.28 -34.59 29.19
CA ALA G 61 -15.27 -33.88 28.40
C ALA G 61 -16.19 -33.09 29.31
N ASP G 62 -16.77 -32.03 28.75
CA ASP G 62 -17.60 -31.14 29.55
C ASP G 62 -18.82 -31.86 30.10
N SER G 63 -19.36 -32.81 29.36
CA SER G 63 -20.57 -33.49 29.81
C SER G 63 -20.31 -34.41 30.99
N VAL G 64 -19.06 -34.75 31.28
CA VAL G 64 -18.76 -35.67 32.37
C VAL G 64 -17.89 -35.04 33.44
N LYS G 65 -17.47 -33.79 33.28
CA LYS G 65 -16.58 -33.18 34.24
C LYS G 65 -17.24 -33.06 35.60
N GLY G 66 -16.52 -33.47 36.64
CA GLY G 66 -17.04 -33.45 37.98
C GLY G 66 -17.75 -34.70 38.42
N ARG G 67 -18.05 -35.61 37.52
CA ARG G 67 -18.74 -36.85 37.85
C ARG G 67 -17.89 -38.08 37.63
N PHE G 68 -17.07 -38.09 36.59
CA PHE G 68 -16.20 -39.21 36.26
C PHE G 68 -14.79 -38.96 36.76
N THR G 69 -14.12 -40.04 37.12
CA THR G 69 -12.74 -39.97 37.57
C THR G 69 -11.96 -41.06 36.87
N ILE G 70 -10.97 -40.67 36.10
CA ILE G 70 -10.10 -41.61 35.40
C ILE G 70 -8.83 -41.79 36.21
N SER G 71 -8.36 -43.01 36.30
CA SER G 71 -7.15 -43.30 37.05
C SER G 71 -6.47 -44.49 36.40
N ARG G 72 -5.31 -44.87 36.91
CA ARG G 72 -4.59 -45.98 36.34
C ARG G 72 -3.72 -46.62 37.39
N ASP G 73 -3.43 -47.90 37.18
CA ASP G 73 -2.56 -48.69 38.05
C ASP G 73 -1.49 -49.29 37.16
N ASN G 74 -0.36 -48.60 37.07
CA ASN G 74 0.73 -49.04 36.21
C ASN G 74 1.39 -50.29 36.73
N SER G 75 1.24 -50.59 38.01
CA SER G 75 1.78 -51.84 38.53
C SER G 75 0.94 -53.03 38.08
N LYS G 76 -0.35 -52.81 37.85
CA LYS G 76 -1.25 -53.86 37.39
C LYS G 76 -1.56 -53.76 35.90
N ASN G 77 -1.05 -52.72 35.23
CA ASN G 77 -1.34 -52.47 33.81
C ASN G 77 -2.85 -52.36 33.58
N THR G 78 -3.51 -51.60 34.43
CA THR G 78 -4.96 -51.50 34.39
C THR G 78 -5.37 -50.04 34.35
N LEU G 79 -6.32 -49.72 33.49
CA LEU G 79 -6.90 -48.38 33.42
C LEU G 79 -8.29 -48.43 34.04
N TYR G 80 -8.63 -47.42 34.83
CA TYR G 80 -9.89 -47.41 35.57
C TYR G 80 -10.69 -46.16 35.22
N LEU G 81 -12.02 -46.28 35.27
CA LEU G 81 -12.92 -45.14 35.10
C LEU G 81 -14.05 -45.29 36.10
N GLN G 82 -14.02 -44.49 37.16
CA GLN G 82 -15.08 -44.44 38.15
C GLN G 82 -16.14 -43.43 37.73
N MET G 83 -17.36 -43.91 37.50
CA MET G 83 -18.46 -43.08 37.05
C MET G 83 -19.49 -42.95 38.17
N ASN G 84 -19.68 -41.73 38.65
CA ASN G 84 -20.66 -41.44 39.69
C ASN G 84 -21.77 -40.57 39.12
N SER G 85 -22.93 -40.64 39.77
CA SER G 85 -24.09 -39.81 39.40
C SER G 85 -24.47 -39.99 37.93
N LEU G 86 -24.65 -41.24 37.53
CA LEU G 86 -24.92 -41.55 36.14
C LEU G 86 -26.28 -41.04 35.70
N ARG G 87 -26.33 -40.50 34.48
CA ARG G 87 -27.57 -40.06 33.87
C ARG G 87 -27.96 -41.00 32.73
N ALA G 88 -29.19 -40.84 32.27
CA ALA G 88 -29.72 -41.73 31.23
C ALA G 88 -28.90 -41.65 29.95
N GLU G 89 -28.42 -40.46 29.60
CA GLU G 89 -27.67 -40.30 28.36
C GLU G 89 -26.28 -40.90 28.40
N ASP G 90 -25.82 -41.40 29.55
CA ASP G 90 -24.54 -42.09 29.60
C ASP G 90 -24.60 -43.53 29.10
N THR G 91 -25.77 -44.04 28.75
CA THR G 91 -25.81 -45.37 28.18
C THR G 91 -25.07 -45.39 26.85
N ALA G 92 -24.02 -46.19 26.76
CA ALA G 92 -23.20 -46.25 25.56
C ALA G 92 -22.24 -47.41 25.69
N VAL G 93 -21.53 -47.67 24.60
CA VAL G 93 -20.39 -48.58 24.59
C VAL G 93 -19.13 -47.79 24.88
N TYR G 94 -18.39 -48.21 25.91
CA TYR G 94 -17.17 -47.52 26.33
C TYR G 94 -15.96 -48.32 25.90
N TYR G 95 -15.04 -47.65 25.20
CA TYR G 95 -13.78 -48.23 24.76
C TYR G 95 -12.64 -47.53 25.48
N CYS G 96 -11.64 -48.31 25.89
CA CYS G 96 -10.35 -47.72 26.22
C CYS G 96 -9.49 -47.71 24.98
N ALA G 97 -8.60 -46.73 24.91
CA ALA G 97 -7.77 -46.59 23.72
C ALA G 97 -6.39 -46.12 24.10
N LYS G 98 -5.41 -46.54 23.32
CA LYS G 98 -4.00 -46.24 23.53
C LYS G 98 -3.56 -45.10 22.63
N VAL G 99 -2.85 -44.14 23.21
CA VAL G 99 -2.28 -43.06 22.42
C VAL G 99 -1.14 -43.62 21.58
N TRP G 100 -1.03 -43.15 20.34
CA TRP G 100 0.06 -43.61 19.51
C TRP G 100 1.36 -42.95 19.93
N PHE G 101 2.47 -43.49 19.47
CA PHE G 101 3.77 -42.89 19.71
C PHE G 101 4.03 -41.91 18.57
N GLY G 102 4.52 -40.72 18.92
CA GLY G 102 4.77 -39.69 17.94
C GLY G 102 5.95 -38.80 18.25
N GLU G 103 5.97 -37.61 17.67
CA GLU G 103 7.05 -36.68 17.92
C GLU G 103 6.74 -35.83 19.14
N SER G 104 7.78 -35.17 19.66
CA SER G 104 7.65 -34.46 20.92
C SER G 104 6.71 -33.26 20.82
N GLU G 105 6.66 -32.59 19.67
CA GLU G 105 5.84 -31.39 19.56
C GLU G 105 4.53 -31.61 18.82
N ASP G 106 4.22 -32.84 18.42
CA ASP G 106 2.98 -33.12 17.72
C ASP G 106 1.82 -33.18 18.69
N ASN G 107 0.61 -33.05 18.15
CA ASN G 107 -0.61 -33.40 18.86
C ASN G 107 -0.89 -34.89 18.73
N TYR G 108 -1.63 -35.42 19.69
CA TYR G 108 -1.78 -36.85 19.88
C TYR G 108 -3.24 -37.26 19.92
N SER G 109 -3.50 -38.48 19.46
CA SER G 109 -4.79 -39.14 19.56
C SER G 109 -4.54 -40.63 19.73
N VAL G 110 -5.53 -41.46 19.46
CA VAL G 110 -5.46 -42.86 19.79
C VAL G 110 -5.32 -43.67 18.52
N ASP G 111 -4.60 -44.79 18.61
CA ASP G 111 -4.41 -45.67 17.47
C ASP G 111 -5.00 -47.06 17.65
N VAL G 112 -5.04 -47.58 18.86
CA VAL G 112 -5.57 -48.92 19.12
C VAL G 112 -6.71 -48.77 20.10
N TRP G 113 -7.87 -49.30 19.73
CA TRP G 113 -9.04 -49.28 20.58
C TRP G 113 -9.25 -50.63 21.22
N GLY G 114 -9.86 -50.62 22.39
CA GLY G 114 -10.19 -51.83 23.08
C GLY G 114 -11.40 -52.48 22.47
N GLN G 115 -11.85 -53.54 23.14
CA GLN G 115 -12.98 -54.29 22.64
C GLN G 115 -14.30 -53.58 22.90
N GLY G 116 -14.40 -52.86 24.00
CA GLY G 116 -15.62 -52.16 24.30
C GLY G 116 -16.48 -52.88 25.29
N THR G 117 -17.11 -52.14 26.19
CA THR G 117 -18.03 -52.69 27.16
C THR G 117 -19.28 -51.84 27.21
N THR G 118 -20.44 -52.50 27.29
CA THR G 118 -21.72 -51.82 27.18
C THR G 118 -22.20 -51.41 28.56
N VAL G 119 -22.64 -50.16 28.68
CA VAL G 119 -23.20 -49.64 29.92
C VAL G 119 -24.60 -49.13 29.63
N THR G 120 -25.58 -49.63 30.38
CA THR G 120 -26.98 -49.28 30.20
C THR G 120 -27.51 -48.65 31.49
N VAL G 121 -27.82 -47.37 31.43
CA VAL G 121 -28.35 -46.64 32.57
C VAL G 121 -29.85 -46.56 32.43
N SER G 122 -30.57 -47.31 33.26
CA SER G 122 -32.02 -47.36 33.17
C SER G 122 -32.60 -47.75 34.52
N SER G 123 -33.77 -47.20 34.83
CA SER G 123 -34.50 -47.55 36.04
C SER G 123 -35.42 -48.74 35.87
N ALA G 124 -35.35 -49.42 34.73
CA ALA G 124 -36.20 -50.58 34.49
C ALA G 124 -35.73 -51.77 35.32
N SER G 125 -36.68 -52.56 35.77
CA SER G 125 -36.40 -53.75 36.55
C SER G 125 -36.24 -54.96 35.64
N THR G 126 -35.50 -55.95 36.12
CA THR G 126 -35.26 -57.16 35.35
C THR G 126 -36.60 -57.83 35.04
N LYS G 127 -36.81 -58.15 33.76
CA LYS G 127 -38.10 -58.66 33.31
C LYS G 127 -37.92 -59.54 32.10
N GLY G 128 -38.56 -60.71 32.13
CA GLY G 128 -38.56 -61.62 31.00
C GLY G 128 -39.42 -61.09 29.88
N PRO G 129 -39.21 -61.60 28.68
CA PRO G 129 -39.93 -61.09 27.51
C PRO G 129 -41.29 -61.71 27.35
N SER G 130 -42.15 -61.02 26.60
CA SER G 130 -43.42 -61.55 26.14
C SER G 130 -43.26 -61.94 24.68
N VAL G 131 -43.55 -63.20 24.37
CA VAL G 131 -43.39 -63.74 23.03
C VAL G 131 -44.77 -63.87 22.39
N PHE G 132 -45.00 -63.12 21.31
CA PHE G 132 -46.27 -63.17 20.61
C PHE G 132 -46.09 -63.68 19.18
N PRO G 133 -47.02 -64.50 18.69
CA PRO G 133 -46.89 -65.05 17.34
C PRO G 133 -47.29 -64.05 16.27
N LEU G 134 -46.52 -64.03 15.19
CA LEU G 134 -46.86 -63.30 13.97
C LEU G 134 -47.39 -64.33 12.99
N ALA G 135 -48.70 -64.55 13.03
CA ALA G 135 -49.33 -65.67 12.34
C ALA G 135 -49.45 -65.41 10.85
N PRO G 136 -49.00 -66.35 10.02
CA PRO G 136 -49.17 -66.23 8.58
C PRO G 136 -50.58 -66.58 8.13
N SER G 137 -51.00 -65.98 7.03
CA SER G 137 -52.32 -66.25 6.46
C SER G 137 -52.29 -65.94 4.97
N SER G 138 -53.48 -65.86 4.36
CA SER G 138 -53.56 -65.50 2.95
C SER G 138 -53.08 -64.09 2.68
N LYS G 139 -53.20 -63.20 3.67
CA LYS G 139 -52.78 -61.81 3.51
C LYS G 139 -51.27 -61.63 3.64
N SER G 140 -50.54 -62.66 4.03
CA SER G 140 -49.09 -62.64 4.11
C SER G 140 -48.47 -63.72 3.21
N THR G 141 -49.06 -63.91 2.03
CA THR G 141 -48.58 -64.89 1.08
C THR G 141 -48.50 -64.24 -0.30
N SER G 142 -47.36 -64.39 -0.96
CA SER G 142 -47.15 -63.89 -2.32
C SER G 142 -46.53 -65.02 -3.12
N GLY G 143 -47.35 -65.68 -3.94
CA GLY G 143 -46.86 -66.84 -4.66
C GLY G 143 -46.71 -68.03 -3.72
N GLY G 144 -45.59 -68.74 -3.88
CA GLY G 144 -45.29 -69.87 -3.02
C GLY G 144 -44.56 -69.54 -1.75
N THR G 145 -44.43 -68.27 -1.40
CA THR G 145 -43.71 -67.84 -0.21
C THR G 145 -44.64 -67.15 0.76
N ALA G 146 -44.56 -67.55 2.04
CA ALA G 146 -45.33 -66.95 3.11
C ALA G 146 -44.36 -66.48 4.18
N ALA G 147 -44.83 -65.57 5.03
CA ALA G 147 -44.01 -65.02 6.10
C ALA G 147 -44.69 -65.22 7.44
N LEU G 148 -43.91 -65.64 8.43
CA LEU G 148 -44.36 -65.79 9.81
C LEU G 148 -43.24 -65.29 10.71
N GLY G 149 -43.57 -65.10 11.99
CA GLY G 149 -42.54 -64.61 12.89
C GLY G 149 -42.97 -64.63 14.34
N CYS G 150 -42.14 -63.98 15.16
CA CYS G 150 -42.37 -63.83 16.59
C CYS G 150 -42.03 -62.42 17.01
N LEU G 151 -42.89 -61.81 17.80
CA LEU G 151 -42.68 -60.48 18.35
C LEU G 151 -42.26 -60.62 19.81
N VAL G 152 -41.07 -60.13 20.13
CA VAL G 152 -40.49 -60.24 21.46
C VAL G 152 -40.56 -58.86 22.10
N LYS G 153 -41.56 -58.67 22.95
CA LYS G 153 -41.96 -57.36 23.43
C LYS G 153 -41.75 -57.27 24.93
N ASP G 154 -41.34 -56.08 25.39
CA ASP G 154 -41.35 -55.73 26.81
C ASP G 154 -40.43 -56.63 27.64
N TYR G 155 -39.15 -56.57 27.32
CA TYR G 155 -38.13 -57.26 28.11
C TYR G 155 -37.05 -56.29 28.50
N PHE G 156 -36.35 -56.62 29.58
CA PHE G 156 -35.24 -55.82 30.06
C PHE G 156 -34.38 -56.69 30.95
N PRO G 157 -33.05 -56.63 30.83
CA PRO G 157 -32.36 -55.82 29.82
C PRO G 157 -31.96 -56.61 28.59
N GLU G 158 -31.12 -56.00 27.76
CA GLU G 158 -30.51 -56.69 26.65
C GLU G 158 -29.50 -57.71 27.14
N PRO G 159 -29.22 -58.77 26.36
CA PRO G 159 -29.86 -59.07 25.08
C PRO G 159 -30.80 -60.25 25.14
N VAL G 160 -31.43 -60.58 24.02
CA VAL G 160 -32.20 -61.80 23.86
C VAL G 160 -31.77 -62.46 22.56
N THR G 161 -31.80 -63.79 22.56
CA THR G 161 -31.48 -64.57 21.38
C THR G 161 -32.75 -65.24 20.85
N VAL G 162 -32.88 -65.28 19.53
CA VAL G 162 -34.02 -65.90 18.88
C VAL G 162 -33.50 -66.93 17.87
N SER G 163 -34.03 -68.15 17.96
CA SER G 163 -33.76 -69.18 16.97
C SER G 163 -35.10 -69.77 16.53
N TRP G 164 -35.08 -70.48 15.41
CA TRP G 164 -36.28 -71.10 14.89
C TRP G 164 -36.06 -72.60 14.76
N ASN G 165 -36.96 -73.38 15.34
CA ASN G 165 -36.89 -74.83 15.32
C ASN G 165 -35.52 -75.32 15.79
N SER G 166 -35.07 -74.75 16.92
CA SER G 166 -33.79 -75.10 17.53
C SER G 166 -32.62 -74.91 16.57
N GLY G 167 -32.73 -73.93 15.66
CA GLY G 167 -31.66 -73.67 14.71
C GLY G 167 -31.79 -74.39 13.40
N ALA G 168 -32.78 -75.26 13.24
CA ALA G 168 -32.93 -76.02 11.99
C ALA G 168 -33.38 -75.15 10.84
N LEU G 169 -34.00 -74.00 11.12
CA LEU G 169 -34.48 -73.10 10.10
C LEU G 169 -33.66 -71.81 10.16
N THR G 170 -32.79 -71.62 9.17
CA THR G 170 -31.99 -70.40 9.08
C THR G 170 -32.15 -69.64 7.77
N SER G 171 -32.61 -70.30 6.71
CA SER G 171 -32.78 -69.64 5.42
C SER G 171 -33.95 -68.68 5.48
N GLY G 172 -33.69 -67.39 5.22
CA GLY G 172 -34.76 -66.41 5.20
C GLY G 172 -35.09 -65.80 6.54
N VAL G 173 -34.24 -65.95 7.53
CA VAL G 173 -34.49 -65.42 8.87
C VAL G 173 -33.97 -64.00 8.97
N HIS G 174 -34.79 -63.11 9.51
CA HIS G 174 -34.42 -61.71 9.75
C HIS G 174 -34.77 -61.39 11.19
N THR G 175 -33.75 -61.27 12.04
CA THR G 175 -33.93 -60.83 13.41
C THR G 175 -33.61 -59.35 13.48
N PHE G 176 -34.60 -58.55 13.79
CA PHE G 176 -34.43 -57.11 13.78
C PHE G 176 -33.68 -56.65 15.03
N PRO G 177 -32.95 -55.54 14.93
CA PRO G 177 -32.34 -54.95 16.12
C PRO G 177 -33.41 -54.46 17.09
N ALA G 178 -33.11 -54.58 18.37
CA ALA G 178 -34.06 -54.18 19.40
C ALA G 178 -34.24 -52.68 19.39
N VAL G 179 -35.43 -52.24 19.76
CA VAL G 179 -35.75 -50.82 19.89
C VAL G 179 -36.18 -50.55 21.33
N LEU G 180 -35.75 -49.41 21.86
CA LEU G 180 -36.12 -49.00 23.20
C LEU G 180 -37.42 -48.22 23.15
N GLN G 181 -38.38 -48.60 23.97
CA GLN G 181 -39.69 -47.98 23.99
C GLN G 181 -39.77 -46.90 25.05
N SER G 182 -40.88 -46.16 25.03
CA SER G 182 -41.08 -45.08 25.99
C SER G 182 -41.11 -45.60 27.42
N SER G 183 -41.48 -46.86 27.60
CA SER G 183 -41.56 -47.44 28.93
C SER G 183 -40.21 -47.94 29.44
N GLY G 184 -39.14 -47.75 28.67
CA GLY G 184 -37.85 -48.28 29.05
C GLY G 184 -37.67 -49.76 28.82
N LEU G 185 -38.64 -50.42 28.18
CA LEU G 185 -38.53 -51.83 27.85
C LEU G 185 -38.19 -52.00 26.38
N TYR G 186 -37.41 -53.04 26.10
CA TYR G 186 -37.02 -53.31 24.73
C TYR G 186 -38.05 -54.17 24.01
N SER G 187 -37.99 -54.15 22.69
CA SER G 187 -38.88 -54.91 21.85
C SER G 187 -38.23 -55.11 20.50
N LEU G 188 -38.45 -56.28 19.90
CA LEU G 188 -37.91 -56.55 18.58
C LEU G 188 -38.82 -57.55 17.88
N SER G 189 -38.53 -57.79 16.61
CA SER G 189 -39.27 -58.78 15.84
C SER G 189 -38.31 -59.71 15.12
N SER G 190 -38.77 -60.93 14.88
CA SER G 190 -38.03 -61.91 14.09
C SER G 190 -38.98 -62.53 13.08
N VAL G 191 -38.60 -62.51 11.81
CA VAL G 191 -39.48 -62.99 10.75
C VAL G 191 -38.73 -64.04 9.94
N VAL G 192 -39.50 -64.89 9.26
CA VAL G 192 -38.93 -65.93 8.41
C VAL G 192 -39.89 -66.22 7.28
N THR G 193 -39.33 -66.42 6.08
CA THR G 193 -40.08 -66.79 4.90
C THR G 193 -40.04 -68.30 4.70
N VAL G 194 -41.20 -68.90 4.45
CA VAL G 194 -41.33 -70.36 4.34
C VAL G 194 -42.13 -70.65 3.08
N PRO G 195 -41.98 -71.86 2.53
CA PRO G 195 -42.83 -72.27 1.42
C PRO G 195 -44.30 -72.32 1.83
N SER G 196 -45.14 -71.67 1.01
CA SER G 196 -46.56 -71.61 1.30
C SER G 196 -47.18 -73.01 1.38
N SER G 197 -46.63 -73.95 0.61
CA SER G 197 -47.15 -75.31 0.61
C SER G 197 -46.90 -76.02 1.93
N SER G 198 -46.10 -75.44 2.83
CA SER G 198 -45.81 -76.06 4.10
C SER G 198 -46.67 -75.51 5.22
N LEU G 199 -47.44 -74.45 4.98
CA LEU G 199 -48.28 -73.90 6.04
C LEU G 199 -49.34 -74.92 6.44
N GLY G 200 -49.64 -74.96 7.73
CA GLY G 200 -50.63 -75.88 8.26
C GLY G 200 -50.12 -77.28 8.52
N THR G 201 -49.00 -77.67 7.92
CA THR G 201 -48.44 -78.99 8.11
C THR G 201 -47.08 -78.98 8.80
N GLN G 202 -46.19 -78.09 8.39
CA GLN G 202 -44.89 -77.97 9.03
C GLN G 202 -45.01 -77.09 10.28
N THR G 203 -44.46 -77.58 11.39
CA THR G 203 -44.53 -76.87 12.66
C THR G 203 -43.34 -75.91 12.79
N TYR G 204 -43.63 -74.66 13.12
CA TYR G 204 -42.61 -73.64 13.32
C TYR G 204 -42.71 -73.08 14.73
N ILE G 205 -41.60 -73.17 15.47
CA ILE G 205 -41.53 -72.70 16.85
C ILE G 205 -40.30 -71.80 16.96
N CYS G 206 -40.49 -70.62 17.54
CA CYS G 206 -39.40 -69.70 17.83
C CYS G 206 -38.94 -69.88 19.27
N ASN G 207 -37.64 -69.93 19.46
CA ASN G 207 -37.02 -70.15 20.76
C ASN G 207 -36.33 -68.86 21.18
N VAL G 208 -36.95 -68.17 22.14
CA VAL G 208 -36.41 -66.94 22.71
C VAL G 208 -35.70 -67.30 24.00
N ASN G 209 -34.47 -66.79 24.15
CA ASN G 209 -33.66 -67.04 25.32
C ASN G 209 -33.14 -65.72 25.86
N HIS G 210 -33.23 -65.56 27.18
CA HIS G 210 -32.82 -64.33 27.89
C HIS G 210 -32.03 -64.78 29.12
N LYS G 211 -30.72 -64.82 28.97
CA LYS G 211 -29.85 -65.29 30.05
C LYS G 211 -29.97 -64.48 31.34
N PRO G 212 -30.07 -63.15 31.32
CA PRO G 212 -30.15 -62.42 32.60
C PRO G 212 -31.29 -62.87 33.49
N SER G 213 -32.40 -63.35 32.91
CA SER G 213 -33.52 -63.83 33.69
C SER G 213 -33.70 -65.33 33.58
N ASN G 214 -32.81 -66.02 32.86
CA ASN G 214 -32.90 -67.46 32.65
C ASN G 214 -34.21 -67.83 31.97
N THR G 215 -34.69 -66.97 31.09
CA THR G 215 -35.94 -67.19 30.39
C THR G 215 -35.69 -67.99 29.13
N LYS G 216 -36.47 -69.05 28.94
CA LYS G 216 -36.47 -69.84 27.72
C LYS G 216 -37.91 -70.09 27.34
N VAL G 217 -38.32 -69.59 26.17
CA VAL G 217 -39.70 -69.73 25.71
C VAL G 217 -39.69 -70.27 24.29
N ASP G 218 -40.40 -71.37 24.08
CA ASP G 218 -40.62 -71.94 22.76
C ASP G 218 -42.08 -71.68 22.37
N LYS G 219 -42.29 -70.72 21.48
CA LYS G 219 -43.63 -70.34 21.06
C LYS G 219 -43.90 -70.87 19.67
N LYS G 220 -44.96 -71.65 19.52
CA LYS G 220 -45.40 -72.12 18.22
C LYS G 220 -46.32 -71.08 17.58
N VAL G 221 -46.09 -70.83 16.30
CA VAL G 221 -46.87 -69.86 15.55
C VAL G 221 -47.76 -70.62 14.58
N GLU G 222 -49.07 -70.57 14.81
CA GLU G 222 -50.07 -71.24 13.99
C GLU G 222 -50.92 -70.22 13.25
N PRO G 223 -51.41 -70.56 12.05
CA PRO G 223 -52.26 -69.61 11.32
C PRO G 223 -53.62 -69.49 11.98
N LYS G 224 -54.35 -68.47 11.56
CA LYS G 224 -55.69 -68.23 12.08
C LYS G 224 -56.76 -68.53 11.04
N ASP H 1 -16.04 -25.75 21.45
CA ASP H 1 -16.22 -27.12 21.00
C ASP H 1 -16.27 -27.21 19.49
N ILE H 2 -15.23 -27.79 18.89
CA ILE H 2 -15.14 -27.86 17.43
C ILE H 2 -16.15 -28.87 16.91
N GLN H 3 -17.04 -28.42 16.03
CA GLN H 3 -18.01 -29.28 15.39
C GLN H 3 -17.40 -29.92 14.15
N MET H 4 -17.66 -31.20 13.96
CA MET H 4 -17.20 -31.93 12.78
C MET H 4 -18.41 -32.40 11.98
N THR H 5 -18.27 -32.41 10.66
CA THR H 5 -19.36 -32.78 9.78
C THR H 5 -18.81 -33.56 8.59
N GLN H 6 -19.41 -34.71 8.31
CA GLN H 6 -18.97 -35.59 7.25
C GLN H 6 -19.99 -35.63 6.13
N SER H 7 -19.52 -35.67 4.89
CA SER H 7 -20.41 -35.82 3.77
C SER H 7 -19.82 -36.83 2.79
N PRO H 8 -20.66 -37.67 2.17
CA PRO H 8 -22.09 -37.76 2.48
C PRO H 8 -22.33 -38.61 3.71
N SER H 9 -23.55 -38.62 4.23
CA SER H 9 -23.84 -39.48 5.36
C SER H 9 -23.83 -40.95 4.96
N THR H 10 -24.33 -41.25 3.77
CA THR H 10 -24.33 -42.60 3.24
C THR H 10 -23.91 -42.55 1.78
N LEU H 11 -23.03 -43.46 1.38
CA LEU H 11 -22.59 -43.52 -0.01
C LEU H 11 -22.72 -44.95 -0.51
N SER H 12 -23.58 -45.14 -1.51
CA SER H 12 -23.74 -46.42 -2.18
C SER H 12 -22.68 -46.58 -3.26
N THR H 13 -21.89 -47.64 -3.16
CA THR H 13 -20.76 -47.83 -4.06
C THR H 13 -20.60 -49.32 -4.37
N SER H 14 -19.74 -49.61 -5.34
CA SER H 14 -19.53 -50.95 -5.85
C SER H 14 -18.04 -51.28 -5.79
N VAL H 15 -17.73 -52.57 -5.82
CA VAL H 15 -16.35 -53.01 -5.80
C VAL H 15 -15.61 -52.48 -7.01
N GLY H 16 -14.45 -51.88 -6.77
CA GLY H 16 -13.64 -51.30 -7.82
C GLY H 16 -13.86 -49.82 -8.03
N ASP H 17 -14.86 -49.23 -7.37
CA ASP H 17 -15.12 -47.81 -7.52
C ASP H 17 -14.08 -46.98 -6.78
N ARG H 18 -13.91 -45.75 -7.23
CA ARG H 18 -13.13 -44.75 -6.52
C ARG H 18 -14.04 -43.95 -5.59
N VAL H 19 -13.77 -44.00 -4.28
CA VAL H 19 -14.65 -43.42 -3.28
C VAL H 19 -13.94 -42.21 -2.67
N THR H 20 -14.66 -41.10 -2.55
CA THR H 20 -14.13 -39.92 -1.89
C THR H 20 -15.17 -39.37 -0.93
N ILE H 21 -14.80 -39.27 0.35
CA ILE H 21 -15.67 -38.69 1.37
C ILE H 21 -14.97 -37.47 1.95
N THR H 22 -15.78 -36.51 2.40
CA THR H 22 -15.29 -35.23 2.88
C THR H 22 -15.65 -35.05 4.34
N CYS H 23 -14.89 -34.18 5.02
CA CYS H 23 -15.05 -33.92 6.44
C CYS H 23 -14.63 -32.48 6.65
N ARG H 24 -15.46 -31.73 7.36
CA ARG H 24 -15.24 -30.31 7.57
C ARG H 24 -15.37 -30.00 9.05
N ALA H 25 -14.54 -29.08 9.50
CA ALA H 25 -14.50 -28.67 10.89
C ALA H 25 -15.09 -27.28 11.02
N SER H 26 -15.71 -27.02 12.18
CA SER H 26 -16.32 -25.72 12.41
C SER H 26 -15.28 -24.61 12.50
N GLN H 27 -14.03 -24.93 12.81
CA GLN H 27 -12.97 -23.94 12.82
C GLN H 27 -11.70 -24.59 12.31
N SER H 28 -10.66 -23.79 12.13
CA SER H 28 -9.42 -24.30 11.58
C SER H 28 -8.75 -25.23 12.57
N ILE H 29 -8.44 -26.44 12.11
CA ILE H 29 -7.76 -27.43 12.93
C ILE H 29 -6.38 -27.76 12.38
N SER H 30 -5.86 -26.92 11.50
CA SER H 30 -4.55 -27.13 10.87
C SER H 30 -4.58 -28.48 10.15
N ASN H 31 -3.64 -29.38 10.41
CA ASN H 31 -3.65 -30.70 9.79
C ASN H 31 -3.92 -31.83 10.78
N TRP H 32 -4.34 -31.51 12.01
CA TRP H 32 -4.54 -32.50 13.06
C TRP H 32 -5.88 -33.19 12.89
N LEU H 33 -5.95 -34.08 11.91
CA LEU H 33 -7.14 -34.86 11.63
C LEU H 33 -6.79 -36.31 11.42
N ALA H 34 -7.55 -37.20 12.06
CA ALA H 34 -7.37 -38.63 11.94
C ALA H 34 -8.63 -39.25 11.37
N TRP H 35 -8.46 -40.37 10.66
CA TRP H 35 -9.55 -41.15 10.09
C TRP H 35 -9.57 -42.54 10.69
N TYR H 36 -10.74 -42.96 11.16
CA TYR H 36 -10.93 -44.26 11.78
C TYR H 36 -11.99 -45.04 11.02
N GLN H 37 -11.74 -46.32 10.86
CA GLN H 37 -12.66 -47.26 10.24
C GLN H 37 -13.26 -48.17 11.28
N GLN H 38 -14.56 -48.43 11.17
CA GLN H 38 -15.26 -49.30 12.09
C GLN H 38 -16.16 -50.25 11.33
N LYS H 39 -16.00 -51.48 11.59
CA LYS H 39 -16.90 -52.49 11.06
C LYS H 39 -17.99 -52.77 12.08
N PRO H 40 -19.17 -53.16 11.63
CA PRO H 40 -20.29 -53.34 12.57
C PRO H 40 -20.00 -54.40 13.62
N GLY H 41 -20.40 -54.09 14.85
CA GLY H 41 -20.13 -54.96 15.99
C GLY H 41 -18.68 -55.19 16.30
N LYS H 42 -17.83 -54.23 15.99
CA LYS H 42 -16.39 -54.41 16.18
C LYS H 42 -15.78 -53.06 16.51
N ALA H 43 -14.62 -53.09 17.11
CA ALA H 43 -14.00 -51.85 17.53
C ALA H 43 -13.39 -51.10 16.36
N PRO H 44 -13.33 -49.79 16.44
CA PRO H 44 -12.72 -48.99 15.38
C PRO H 44 -11.23 -49.21 15.26
N LYS H 45 -10.74 -49.03 14.06
CA LYS H 45 -9.35 -49.21 13.73
C LYS H 45 -8.82 -47.94 13.07
N LEU H 46 -7.61 -47.54 13.45
CA LEU H 46 -7.02 -46.31 12.91
C LEU H 46 -6.54 -46.51 11.48
N LEU H 47 -6.93 -45.60 10.59
CA LEU H 47 -6.46 -45.62 9.21
C LEU H 47 -5.44 -44.54 8.89
N ILE H 48 -5.69 -43.30 9.25
CA ILE H 48 -4.85 -42.19 8.83
C ILE H 48 -4.69 -41.21 9.96
N TYR H 49 -3.49 -40.69 10.14
CA TYR H 49 -3.25 -39.57 11.04
C TYR H 49 -2.53 -38.46 10.30
N LYS H 50 -2.47 -37.30 10.94
CA LYS H 50 -1.95 -36.08 10.33
C LYS H 50 -2.60 -35.81 8.98
N ALA H 51 -3.84 -36.25 8.83
CA ALA H 51 -4.68 -35.98 7.67
C ALA H 51 -4.20 -36.64 6.39
N SER H 52 -2.92 -37.00 6.30
CA SER H 52 -2.43 -37.60 5.07
C SER H 52 -1.36 -38.66 5.28
N THR H 53 -1.07 -39.06 6.51
CA THR H 53 -0.07 -40.07 6.78
C THR H 53 -0.76 -41.42 6.93
N LEU H 54 -0.29 -42.41 6.18
CA LEU H 54 -0.88 -43.73 6.22
C LEU H 54 -0.31 -44.52 7.39
N GLU H 55 -1.19 -45.09 8.19
CA GLU H 55 -0.77 -45.93 9.30
C GLU H 55 -0.07 -47.18 8.79
N SER H 56 0.93 -47.62 9.55
CA SER H 56 1.65 -48.84 9.19
C SER H 56 0.70 -50.03 9.17
N GLY H 57 0.78 -50.82 8.11
CA GLY H 57 -0.09 -51.95 7.92
C GLY H 57 -1.33 -51.67 7.12
N VAL H 58 -1.63 -50.41 6.83
CA VAL H 58 -2.81 -50.04 6.05
C VAL H 58 -2.50 -50.14 4.57
N PRO H 59 -3.32 -50.81 3.78
CA PRO H 59 -3.02 -50.93 2.35
C PRO H 59 -2.99 -49.58 1.67
N SER H 60 -2.24 -49.51 0.58
CA SER H 60 -1.96 -48.26 -0.11
C SER H 60 -3.17 -47.70 -0.84
N ARG H 61 -4.24 -48.47 -0.99
CA ARG H 61 -5.41 -47.95 -1.67
C ARG H 61 -6.14 -46.88 -0.89
N PHE H 62 -5.74 -46.62 0.35
CA PHE H 62 -6.30 -45.55 1.15
C PHE H 62 -5.40 -44.32 1.10
N SER H 63 -6.00 -43.14 1.01
CA SER H 63 -5.20 -41.93 1.04
C SER H 63 -6.00 -40.80 1.65
N GLY H 64 -5.28 -39.89 2.30
CA GLY H 64 -5.89 -38.72 2.88
C GLY H 64 -5.40 -37.44 2.25
N SER H 65 -6.19 -36.38 2.35
CA SER H 65 -5.80 -35.11 1.78
C SER H 65 -6.56 -34.02 2.51
N GLY H 66 -6.02 -32.81 2.47
CA GLY H 66 -6.77 -31.70 3.03
C GLY H 66 -6.03 -30.94 4.10
N SER H 67 -6.42 -29.70 4.34
CA SER H 67 -5.78 -28.87 5.35
C SER H 67 -6.67 -27.70 5.69
N GLY H 68 -6.55 -27.24 6.93
CA GLY H 68 -7.37 -26.15 7.40
C GLY H 68 -8.70 -26.63 7.94
N THR H 69 -9.75 -26.53 7.13
CA THR H 69 -11.09 -26.89 7.54
C THR H 69 -11.74 -27.95 6.66
N GLU H 70 -11.16 -28.26 5.51
CA GLU H 70 -11.69 -29.25 4.58
C GLU H 70 -10.71 -30.39 4.43
N PHE H 71 -11.19 -31.61 4.60
CA PHE H 71 -10.37 -32.79 4.50
C PHE H 71 -11.14 -33.86 3.72
N THR H 72 -10.40 -34.69 3.01
CA THR H 72 -11.00 -35.77 2.23
C THR H 72 -10.24 -37.06 2.44
N LEU H 73 -11.00 -38.16 2.40
CA LEU H 73 -10.48 -39.51 2.41
C LEU H 73 -10.84 -40.17 1.10
N THR H 74 -9.85 -40.77 0.44
CA THR H 74 -10.01 -41.36 -0.88
C THR H 74 -9.61 -42.82 -0.84
N ILE H 75 -10.46 -43.68 -1.40
CA ILE H 75 -10.15 -45.06 -1.66
C ILE H 75 -10.08 -45.23 -3.17
N SER H 76 -8.88 -45.53 -3.67
CA SER H 76 -8.68 -45.58 -5.12
C SER H 76 -9.48 -46.71 -5.76
N SER H 77 -9.51 -47.88 -5.15
CA SER H 77 -10.25 -49.02 -5.70
C SER H 77 -10.87 -49.79 -4.55
N LEU H 78 -12.18 -49.72 -4.44
CA LEU H 78 -12.87 -50.33 -3.32
C LEU H 78 -12.80 -51.85 -3.41
N GLN H 79 -12.60 -52.48 -2.26
CA GLN H 79 -12.55 -53.93 -2.12
C GLN H 79 -13.55 -54.35 -1.06
N PRO H 80 -14.02 -55.60 -1.11
CA PRO H 80 -15.10 -56.01 -0.21
C PRO H 80 -14.79 -55.86 1.25
N ASP H 81 -13.51 -55.90 1.64
CA ASP H 81 -13.15 -55.71 3.04
C ASP H 81 -13.32 -54.27 3.50
N ASP H 82 -13.45 -53.32 2.58
CA ASP H 82 -13.53 -51.91 2.92
C ASP H 82 -14.95 -51.43 3.17
N PHE H 83 -15.95 -52.30 3.12
CA PHE H 83 -17.31 -51.89 3.41
C PHE H 83 -17.47 -51.73 4.91
N ALA H 84 -17.41 -50.49 5.39
CA ALA H 84 -17.45 -50.19 6.82
C ALA H 84 -17.82 -48.73 6.98
N THR H 85 -17.88 -48.28 8.23
CA THR H 85 -18.15 -46.89 8.55
C THR H 85 -16.87 -46.13 8.86
N TYR H 86 -16.74 -44.93 8.29
CA TYR H 86 -15.53 -44.14 8.41
C TYR H 86 -15.82 -42.85 9.16
N TYR H 87 -15.07 -42.62 10.24
CA TYR H 87 -15.20 -41.43 11.06
C TYR H 87 -13.95 -40.59 10.96
N CYS H 88 -14.12 -39.27 10.85
CA CYS H 88 -13.02 -38.35 11.01
C CYS H 88 -12.99 -37.82 12.44
N GLN H 89 -11.83 -37.35 12.86
CA GLN H 89 -11.64 -36.88 14.23
C GLN H 89 -10.60 -35.79 14.22
N GLN H 90 -10.97 -34.60 14.65
CA GLN H 90 -10.00 -33.56 14.92
C GLN H 90 -9.37 -33.78 16.27
N TYR H 91 -8.07 -33.54 16.36
CA TYR H 91 -7.38 -33.59 17.63
C TYR H 91 -6.50 -32.37 17.77
N SER H 92 -7.01 -31.23 17.33
CA SER H 92 -6.37 -29.94 17.51
C SER H 92 -6.73 -29.30 18.84
N SER H 93 -7.97 -29.48 19.29
CA SER H 93 -8.41 -28.93 20.55
C SER H 93 -9.36 -29.97 21.16
N TYR H 94 -8.87 -30.70 22.15
CA TYR H 94 -9.59 -31.86 22.66
C TYR H 94 -9.86 -32.82 21.50
N TRP H 95 -10.97 -33.55 21.52
CA TRP H 95 -11.20 -34.58 20.52
C TRP H 95 -12.69 -34.67 20.23
N THR H 96 -13.08 -34.46 18.97
CA THR H 96 -14.46 -34.60 18.56
C THR H 96 -14.52 -35.36 17.26
N PHE H 97 -15.48 -36.27 17.15
CA PHE H 97 -15.65 -37.11 15.97
C PHE H 97 -16.81 -36.63 15.12
N GLY H 98 -16.72 -36.93 13.83
CA GLY H 98 -17.87 -36.71 12.96
C GLY H 98 -18.93 -37.78 13.15
N GLN H 99 -20.08 -37.57 12.49
CA GLN H 99 -21.18 -38.53 12.62
C GLN H 99 -20.88 -39.85 11.92
N GLY H 100 -19.94 -39.87 10.99
CA GLY H 100 -19.61 -41.10 10.31
C GLY H 100 -20.28 -41.28 8.97
N THR H 101 -19.56 -41.85 8.01
CA THR H 101 -20.07 -42.18 6.70
C THR H 101 -20.01 -43.68 6.51
N LYS H 102 -21.15 -44.28 6.20
CA LYS H 102 -21.24 -45.71 5.96
C LYS H 102 -21.21 -45.98 4.47
N LEU H 103 -20.26 -46.80 4.03
CA LEU H 103 -20.16 -47.20 2.63
C LEU H 103 -21.04 -48.41 2.38
N GLU H 104 -22.05 -48.23 1.54
CA GLU H 104 -23.06 -49.23 1.26
C GLU H 104 -22.79 -49.90 -0.08
N ILE H 105 -23.18 -51.18 -0.16
CA ILE H 105 -23.00 -51.96 -1.37
C ILE H 105 -24.11 -51.59 -2.34
N LYS H 106 -23.74 -50.97 -3.45
CA LYS H 106 -24.71 -50.57 -4.46
C LYS H 106 -25.14 -51.76 -5.30
N ARG H 107 -26.44 -51.84 -5.55
CA ARG H 107 -27.02 -52.89 -6.39
C ARG H 107 -28.20 -52.31 -7.14
N THR H 108 -28.83 -53.15 -7.96
CA THR H 108 -29.98 -52.73 -8.73
C THR H 108 -31.20 -52.55 -7.83
N VAL H 109 -32.20 -51.84 -8.35
CA VAL H 109 -33.40 -51.54 -7.57
C VAL H 109 -34.25 -52.79 -7.47
N ALA H 110 -34.73 -53.08 -6.26
CA ALA H 110 -35.62 -54.20 -6.03
C ALA H 110 -36.78 -53.74 -5.16
N ALA H 111 -38.00 -53.96 -5.64
CA ALA H 111 -39.17 -53.52 -4.90
C ALA H 111 -39.40 -54.40 -3.68
N PRO H 112 -39.95 -53.83 -2.61
CA PRO H 112 -40.15 -54.62 -1.38
C PRO H 112 -41.33 -55.58 -1.50
N SER H 113 -41.23 -56.67 -0.76
CA SER H 113 -42.36 -57.55 -0.50
C SER H 113 -43.00 -57.13 0.81
N VAL H 114 -44.32 -56.93 0.80
CA VAL H 114 -45.03 -56.35 1.92
C VAL H 114 -45.87 -57.41 2.61
N PHE H 115 -45.71 -57.53 3.93
CA PHE H 115 -46.50 -58.44 4.73
C PHE H 115 -47.01 -57.70 5.95
N ILE H 116 -48.21 -58.06 6.40
CA ILE H 116 -48.82 -57.47 7.58
C ILE H 116 -49.18 -58.57 8.56
N PHE H 117 -49.01 -58.29 9.85
CA PHE H 117 -49.33 -59.23 10.91
C PHE H 117 -50.24 -58.55 11.93
N PRO H 118 -51.38 -59.15 12.27
CA PRO H 118 -52.26 -58.57 13.27
C PRO H 118 -51.83 -58.92 14.68
N PRO H 119 -52.35 -58.21 15.68
CA PRO H 119 -52.02 -58.57 17.07
C PRO H 119 -52.53 -59.95 17.44
N SER H 120 -51.73 -60.65 18.23
CA SER H 120 -52.10 -61.96 18.72
C SER H 120 -53.19 -61.85 19.77
N ASP H 121 -53.95 -62.94 19.92
CA ASP H 121 -54.98 -62.96 20.95
C ASP H 121 -54.39 -62.88 22.34
N GLU H 122 -53.17 -63.38 22.52
CA GLU H 122 -52.54 -63.31 23.83
C GLU H 122 -52.19 -61.87 24.22
N GLN H 123 -51.65 -61.11 23.26
CA GLN H 123 -51.32 -59.72 23.54
C GLN H 123 -52.58 -58.89 23.76
N LEU H 124 -53.63 -59.18 22.97
CA LEU H 124 -54.91 -58.51 23.21
C LEU H 124 -55.44 -58.84 24.59
N LYS H 125 -55.23 -60.07 25.05
CA LYS H 125 -55.59 -60.43 26.40
C LYS H 125 -54.73 -59.71 27.42
N SER H 126 -53.50 -59.35 27.04
CA SER H 126 -52.61 -58.66 27.95
C SER H 126 -52.91 -57.17 28.07
N GLY H 127 -53.75 -56.62 27.19
CA GLY H 127 -54.12 -55.22 27.27
C GLY H 127 -53.47 -54.31 26.25
N THR H 128 -52.64 -54.84 25.36
CA THR H 128 -51.96 -54.05 24.34
C THR H 128 -52.19 -54.67 22.97
N ALA H 129 -52.03 -53.85 21.94
CA ALA H 129 -52.23 -54.31 20.57
C ALA H 129 -51.10 -53.76 19.70
N SER H 130 -50.25 -54.65 19.22
CA SER H 130 -49.17 -54.30 18.30
C SER H 130 -49.48 -54.84 16.91
N VAL H 131 -49.43 -53.95 15.92
CA VAL H 131 -49.61 -54.33 14.51
C VAL H 131 -48.28 -54.16 13.81
N VAL H 132 -47.90 -55.15 13.01
CA VAL H 132 -46.57 -55.23 12.42
C VAL H 132 -46.69 -55.19 10.92
N CYS H 133 -45.93 -54.30 10.29
CA CYS H 133 -45.83 -54.22 8.84
C CYS H 133 -44.39 -54.53 8.46
N LEU H 134 -44.20 -55.47 7.52
CA LEU H 134 -42.87 -55.95 7.18
C LEU H 134 -42.58 -55.66 5.71
N LEU H 135 -41.43 -55.05 5.46
CA LEU H 135 -40.90 -54.83 4.11
C LEU H 135 -39.66 -55.69 3.93
N ASN H 136 -39.71 -56.62 3.00
CA ASN H 136 -38.66 -57.61 2.81
C ASN H 136 -37.92 -57.39 1.51
N ASN H 137 -36.60 -57.40 1.58
CA ASN H 137 -35.73 -57.49 0.39
C ASN H 137 -36.00 -56.33 -0.57
N PHE H 138 -35.63 -55.14 -0.12
CA PHE H 138 -35.79 -53.93 -0.91
C PHE H 138 -34.49 -53.15 -0.93
N TYR H 139 -34.36 -52.34 -1.98
CA TYR H 139 -33.22 -51.45 -2.16
C TYR H 139 -33.62 -50.32 -3.09
N PRO H 140 -33.20 -49.08 -2.82
CA PRO H 140 -32.37 -48.65 -1.70
C PRO H 140 -33.14 -48.64 -0.38
N ARG H 141 -32.51 -48.12 0.67
CA ARG H 141 -33.09 -48.22 2.00
C ARG H 141 -34.25 -47.25 2.21
N GLU H 142 -34.26 -46.13 1.49
CA GLU H 142 -35.28 -45.11 1.73
C GLU H 142 -36.65 -45.60 1.29
N ALA H 143 -37.59 -45.58 2.23
CA ALA H 143 -38.98 -45.96 2.01
C ALA H 143 -39.81 -45.26 3.08
N LYS H 144 -41.10 -45.11 2.82
CA LYS H 144 -42.00 -44.50 3.78
C LYS H 144 -43.14 -45.46 4.07
N VAL H 145 -43.43 -45.66 5.35
CA VAL H 145 -44.52 -46.50 5.81
C VAL H 145 -45.44 -45.65 6.67
N GLN H 146 -46.69 -45.52 6.25
CA GLN H 146 -47.70 -44.75 6.95
C GLN H 146 -48.81 -45.68 7.41
N TRP H 147 -49.16 -45.60 8.69
CA TRP H 147 -50.25 -46.38 9.24
C TRP H 147 -51.56 -45.61 9.11
N LYS H 148 -52.59 -46.29 8.63
CA LYS H 148 -53.93 -45.71 8.50
C LYS H 148 -54.92 -46.63 9.17
N VAL H 149 -55.68 -46.09 10.12
CA VAL H 149 -56.67 -46.84 10.87
C VAL H 149 -58.03 -46.24 10.54
N ASP H 150 -58.84 -47.00 9.80
CA ASP H 150 -60.09 -46.50 9.24
C ASP H 150 -59.85 -45.20 8.46
N ASN H 151 -58.83 -45.22 7.61
CA ASN H 151 -58.47 -44.12 6.72
C ASN H 151 -58.00 -42.88 7.48
N ALA H 152 -57.56 -43.05 8.72
CA ALA H 152 -57.04 -41.94 9.52
C ALA H 152 -55.56 -42.17 9.76
N LEU H 153 -54.74 -41.21 9.36
CA LEU H 153 -53.30 -41.34 9.50
C LEU H 153 -52.88 -41.27 10.96
N GLN H 154 -51.97 -42.17 11.34
CA GLN H 154 -51.44 -42.22 12.69
C GLN H 154 -50.11 -41.49 12.74
N SER H 155 -49.78 -40.96 13.92
CA SER H 155 -48.52 -40.24 14.10
C SER H 155 -48.10 -40.30 15.57
N GLY H 156 -46.86 -40.66 15.81
CA GLY H 156 -46.32 -40.66 17.16
C GLY H 156 -46.59 -41.91 17.96
N ASN H 157 -47.18 -42.94 17.35
CA ASN H 157 -47.50 -44.18 18.05
C ASN H 157 -46.90 -45.40 17.35
N SER H 158 -45.89 -45.20 16.51
CA SER H 158 -45.25 -46.29 15.79
C SER H 158 -43.74 -46.17 15.94
N GLN H 159 -43.06 -47.30 15.77
CA GLN H 159 -41.60 -47.35 15.81
C GLN H 159 -41.09 -48.25 14.70
N GLU H 160 -39.98 -47.87 14.08
CA GLU H 160 -39.41 -48.61 12.97
C GLU H 160 -38.06 -49.20 13.35
N SER H 161 -37.75 -50.35 12.76
CA SER H 161 -36.47 -51.00 12.94
C SER H 161 -36.02 -51.54 11.59
N VAL H 162 -34.74 -51.39 11.30
CA VAL H 162 -34.18 -51.78 10.01
C VAL H 162 -32.99 -52.70 10.26
N THR H 163 -32.93 -53.79 9.50
CA THR H 163 -31.78 -54.67 9.55
C THR H 163 -30.63 -54.11 8.72
N GLU H 164 -29.44 -54.65 8.96
CA GLU H 164 -28.30 -54.36 8.12
C GLU H 164 -28.42 -55.09 6.79
N GLN H 165 -27.56 -54.70 5.86
CA GLN H 165 -27.54 -55.33 4.54
C GLN H 165 -27.22 -56.82 4.65
N ASP H 166 -28.07 -57.64 4.05
CA ASP H 166 -27.88 -59.08 4.08
C ASP H 166 -26.55 -59.45 3.44
N SER H 167 -25.85 -60.40 4.06
CA SER H 167 -24.53 -60.78 3.57
C SER H 167 -24.61 -61.47 2.21
N LYS H 168 -25.73 -62.11 1.90
CA LYS H 168 -25.83 -62.89 0.68
C LYS H 168 -26.27 -62.07 -0.52
N ASP H 169 -27.25 -61.18 -0.36
CA ASP H 169 -27.80 -60.45 -1.49
C ASP H 169 -27.91 -58.95 -1.24
N SER H 170 -27.38 -58.45 -0.12
CA SER H 170 -27.25 -57.02 0.11
C SER H 170 -28.61 -56.32 0.14
N THR H 171 -29.63 -57.02 0.61
CA THR H 171 -30.96 -56.45 0.71
C THR H 171 -31.25 -56.02 2.15
N TYR H 172 -32.30 -55.22 2.29
CA TYR H 172 -32.77 -54.74 3.59
C TYR H 172 -34.08 -55.42 3.97
N SER H 173 -34.33 -55.43 5.27
CA SER H 173 -35.63 -55.79 5.82
C SER H 173 -36.01 -54.74 6.85
N LEU H 174 -37.28 -54.38 6.89
CA LEU H 174 -37.76 -53.34 7.78
C LEU H 174 -39.00 -53.81 8.49
N SER H 175 -39.08 -53.53 9.79
CA SER H 175 -40.28 -53.81 10.58
C SER H 175 -40.81 -52.51 11.14
N SER H 176 -42.11 -52.29 11.02
CA SER H 176 -42.79 -51.17 11.64
C SER H 176 -43.83 -51.70 12.62
N THR H 177 -43.78 -51.21 13.85
CA THR H 177 -44.66 -51.68 14.90
C THR H 177 -45.54 -50.53 15.36
N LEU H 178 -46.84 -50.67 15.15
CA LEU H 178 -47.83 -49.72 15.65
C LEU H 178 -48.41 -50.27 16.94
N THR H 179 -48.28 -49.49 18.01
CA THR H 179 -48.71 -49.90 19.34
C THR H 179 -49.89 -49.06 19.78
N LEU H 180 -50.96 -49.73 20.24
CA LEU H 180 -52.16 -49.05 20.68
C LEU H 180 -52.75 -49.78 21.88
N SER H 181 -53.54 -49.06 22.65
CA SER H 181 -54.28 -49.66 23.74
C SER H 181 -55.40 -50.56 23.20
N LYS H 182 -55.81 -51.50 24.03
CA LYS H 182 -56.88 -52.41 23.65
C LYS H 182 -58.17 -51.66 23.33
N ALA H 183 -58.44 -50.57 24.06
CA ALA H 183 -59.65 -49.81 23.79
C ALA H 183 -59.57 -49.06 22.47
N ASP H 184 -58.42 -48.43 22.19
CA ASP H 184 -58.24 -47.78 20.90
C ASP H 184 -58.27 -48.80 19.77
N TYR H 185 -57.68 -49.98 19.99
CA TYR H 185 -57.63 -50.99 18.95
C TYR H 185 -59.03 -51.52 18.64
N GLU H 186 -59.84 -51.75 19.68
CA GLU H 186 -61.18 -52.28 19.45
C GLU H 186 -62.20 -51.19 19.11
N LYS H 187 -61.79 -49.93 19.11
CA LYS H 187 -62.66 -48.84 18.69
C LYS H 187 -62.55 -48.54 17.21
N HIS H 188 -61.95 -49.43 16.42
CA HIS H 188 -61.82 -49.21 14.99
C HIS H 188 -61.89 -50.55 14.27
N LYS H 189 -61.91 -50.49 12.94
CA LYS H 189 -62.15 -51.66 12.11
C LYS H 189 -60.98 -51.97 11.19
N VAL H 190 -60.59 -51.03 10.34
CA VAL H 190 -59.62 -51.26 9.27
C VAL H 190 -58.24 -50.79 9.74
N TYR H 191 -57.23 -51.61 9.48
CA TYR H 191 -55.86 -51.32 9.87
C TYR H 191 -54.97 -51.55 8.66
N ALA H 192 -54.32 -50.49 8.18
CA ALA H 192 -53.53 -50.55 6.97
C ALA H 192 -52.16 -49.90 7.18
N CYS H 193 -51.16 -50.46 6.50
CA CYS H 193 -49.86 -49.82 6.32
C CYS H 193 -49.66 -49.57 4.83
N GLU H 194 -49.34 -48.33 4.50
CA GLU H 194 -49.07 -47.91 3.13
C GLU H 194 -47.58 -47.69 2.98
N VAL H 195 -47.02 -48.22 1.90
CA VAL H 195 -45.58 -48.26 1.66
C VAL H 195 -45.29 -47.58 0.32
N THR H 196 -44.31 -46.70 0.32
CA THR H 196 -43.78 -46.09 -0.88
C THR H 196 -42.30 -46.41 -1.00
N HIS H 197 -41.86 -46.73 -2.20
CA HIS H 197 -40.49 -47.11 -2.48
C HIS H 197 -40.16 -46.75 -3.92
N GLN H 198 -38.89 -46.43 -4.15
CA GLN H 198 -38.48 -45.98 -5.47
C GLN H 198 -38.67 -47.04 -6.54
N GLY H 199 -38.78 -48.30 -6.16
CA GLY H 199 -39.07 -49.35 -7.11
C GLY H 199 -40.54 -49.59 -7.36
N LEU H 200 -41.42 -48.84 -6.72
CA LEU H 200 -42.86 -49.02 -6.86
C LEU H 200 -43.45 -47.81 -7.58
N SER H 201 -44.15 -48.05 -8.68
CA SER H 201 -44.79 -46.95 -9.40
C SER H 201 -45.91 -46.33 -8.57
N SER H 202 -46.61 -47.12 -7.78
CA SER H 202 -47.69 -46.65 -6.93
C SER H 202 -47.50 -47.23 -5.53
N PRO H 203 -47.97 -46.53 -4.50
CA PRO H 203 -47.83 -47.06 -3.14
C PRO H 203 -48.62 -48.36 -2.97
N VAL H 204 -48.07 -49.26 -2.17
CA VAL H 204 -48.70 -50.54 -1.87
C VAL H 204 -49.31 -50.46 -0.48
N THR H 205 -50.55 -50.93 -0.34
CA THR H 205 -51.27 -50.84 0.92
C THR H 205 -51.78 -52.22 1.29
N LYS H 206 -51.44 -52.68 2.49
CA LYS H 206 -51.99 -53.91 3.03
C LYS H 206 -52.82 -53.58 4.25
N SER H 207 -53.95 -54.29 4.41
CA SER H 207 -54.89 -53.94 5.47
C SER H 207 -55.67 -55.18 5.90
N PHE H 208 -56.17 -55.14 7.14
CA PHE H 208 -57.07 -56.16 7.64
C PHE H 208 -58.14 -55.49 8.50
N ASN H 209 -59.21 -56.23 8.74
CA ASN H 209 -60.28 -55.80 9.64
C ASN H 209 -60.18 -56.53 10.96
N ARG H 210 -60.36 -55.78 12.06
CA ARG H 210 -60.28 -56.38 13.38
C ARG H 210 -61.36 -57.43 13.55
N GLY H 211 -60.94 -58.66 13.86
CA GLY H 211 -61.84 -59.78 14.00
C GLY H 211 -61.93 -60.65 12.78
N GLU H 212 -61.61 -60.12 11.61
CA GLU H 212 -61.65 -60.87 10.37
C GLU H 212 -60.62 -61.99 10.37
N GLN I 1 25.50 -24.43 -2.73
CA GLN I 1 24.48 -23.44 -3.04
C GLN I 1 23.09 -24.04 -2.87
N VAL I 2 22.09 -23.40 -3.47
CA VAL I 2 20.72 -23.90 -3.38
C VAL I 2 20.60 -25.17 -4.20
N GLN I 3 19.94 -26.18 -3.62
CA GLN I 3 19.76 -27.43 -4.34
C GLN I 3 18.37 -27.99 -4.08
N LEU I 4 17.69 -28.44 -5.13
CA LEU I 4 16.37 -29.04 -5.03
C LEU I 4 16.38 -30.37 -5.78
N VAL I 5 15.87 -31.42 -5.15
CA VAL I 5 15.89 -32.75 -5.72
C VAL I 5 14.47 -33.31 -5.69
N GLU I 6 13.88 -33.50 -6.86
CA GLU I 6 12.55 -34.08 -6.97
C GLU I 6 12.62 -35.59 -6.96
N SER I 7 11.56 -36.21 -6.47
CA SER I 7 11.45 -37.67 -6.51
C SER I 7 9.99 -38.04 -6.47
N GLY I 8 9.70 -39.27 -6.85
CA GLY I 8 8.36 -39.80 -6.80
C GLY I 8 7.70 -40.00 -8.14
N GLY I 9 8.31 -39.53 -9.22
CA GLY I 9 7.70 -39.66 -10.51
C GLY I 9 7.80 -41.07 -11.06
N GLY I 10 6.94 -41.36 -12.03
CA GLY I 10 6.94 -42.67 -12.64
C GLY I 10 5.74 -42.85 -13.54
N VAL I 11 5.44 -44.10 -13.84
CA VAL I 11 4.31 -44.46 -14.68
C VAL I 11 3.11 -44.74 -13.80
N VAL I 12 1.98 -44.15 -14.14
CA VAL I 12 0.76 -44.32 -13.37
C VAL I 12 -0.40 -44.45 -14.35
N GLN I 13 -1.32 -45.36 -14.04
CA GLN I 13 -2.48 -45.51 -14.90
C GLN I 13 -3.41 -44.32 -14.72
N PRO I 14 -4.14 -43.95 -15.76
CA PRO I 14 -5.10 -42.85 -15.62
C PRO I 14 -6.13 -43.16 -14.57
N GLY I 15 -6.47 -42.15 -13.79
CA GLY I 15 -7.40 -42.26 -12.71
C GLY I 15 -6.78 -42.55 -11.36
N ARG I 16 -5.54 -43.02 -11.33
CA ARG I 16 -4.87 -43.25 -10.06
C ARG I 16 -4.25 -41.96 -9.56
N SER I 17 -3.60 -42.04 -8.41
CA SER I 17 -2.99 -40.89 -7.76
C SER I 17 -1.49 -41.09 -7.65
N LEU I 18 -0.79 -40.00 -7.39
CA LEU I 18 0.66 -40.06 -7.25
C LEU I 18 1.08 -38.85 -6.44
N ARG I 19 2.08 -39.04 -5.57
CA ARG I 19 2.56 -37.99 -4.70
C ARG I 19 4.01 -37.72 -4.99
N LEU I 20 4.32 -36.51 -5.41
CA LEU I 20 5.68 -36.08 -5.68
C LEU I 20 6.24 -35.34 -4.49
N SER I 21 7.54 -35.48 -4.28
CA SER I 21 8.23 -34.79 -3.20
C SER I 21 9.44 -34.06 -3.76
N CYS I 22 9.86 -33.03 -3.05
CA CYS I 22 10.97 -32.18 -3.44
C CYS I 22 11.78 -31.88 -2.19
N ALA I 23 12.99 -32.40 -2.13
CA ALA I 23 13.88 -32.17 -1.00
C ALA I 23 14.76 -30.97 -1.25
N ALA I 24 14.78 -30.05 -0.30
CA ALA I 24 15.50 -28.80 -0.44
C ALA I 24 16.67 -28.77 0.53
N SER I 25 17.78 -28.18 0.08
CA SER I 25 18.94 -28.01 0.94
C SER I 25 19.77 -26.84 0.43
N GLY I 26 20.65 -26.37 1.29
CA GLY I 26 21.46 -25.22 0.95
C GLY I 26 20.89 -23.88 1.35
N PHE I 27 19.68 -23.86 1.88
CA PHE I 27 19.06 -22.60 2.30
C PHE I 27 18.00 -22.91 3.32
N THR I 28 17.48 -21.87 3.96
CA THR I 28 16.44 -22.03 4.94
C THR I 28 15.14 -22.26 4.19
N PHE I 29 14.71 -23.53 4.12
CA PHE I 29 13.55 -23.86 3.32
C PHE I 29 12.29 -23.22 3.86
N SER I 30 12.17 -23.15 5.17
CA SER I 30 10.93 -22.65 5.77
C SER I 30 10.73 -21.16 5.55
N ASN I 31 11.71 -20.46 5.02
CA ASN I 31 11.58 -19.03 4.83
C ASN I 31 11.10 -18.64 3.44
N PHE I 32 10.86 -19.59 2.55
CA PHE I 32 10.55 -19.26 1.16
C PHE I 32 9.32 -20.00 0.68
N GLY I 33 8.53 -19.33 -0.14
CA GLY I 33 7.49 -20.01 -0.87
C GLY I 33 8.05 -20.83 -2.01
N MET I 34 7.25 -21.74 -2.51
CA MET I 34 7.69 -22.66 -3.54
C MET I 34 6.65 -22.80 -4.63
N HIS I 35 7.11 -23.13 -5.82
CA HIS I 35 6.28 -23.42 -6.97
C HIS I 35 6.48 -24.86 -7.42
N TRP I 36 5.45 -25.42 -8.01
CA TRP I 36 5.55 -26.58 -8.88
C TRP I 36 5.21 -26.15 -10.28
N ILE I 37 6.10 -26.43 -11.22
CA ILE I 37 5.93 -26.07 -12.61
C ILE I 37 6.22 -27.30 -13.44
N ARG I 38 5.40 -27.53 -14.45
CA ARG I 38 5.55 -28.69 -15.31
C ARG I 38 5.83 -28.25 -16.74
N GLN I 39 6.45 -29.15 -17.47
CA GLN I 39 6.85 -28.93 -18.85
C GLN I 39 6.51 -30.16 -19.66
N SER I 40 5.78 -29.96 -20.75
CA SER I 40 5.44 -31.05 -21.64
C SER I 40 5.72 -30.60 -23.07
N PRO I 41 6.00 -31.55 -23.96
CA PRO I 41 6.25 -31.18 -25.36
C PRO I 41 5.08 -30.52 -26.05
N GLY I 42 3.85 -30.78 -25.61
CA GLY I 42 2.70 -30.24 -26.28
C GLY I 42 2.30 -28.86 -25.85
N LYS I 43 2.54 -28.53 -24.59
CA LYS I 43 2.13 -27.25 -24.03
C LYS I 43 3.28 -26.39 -23.55
N GLY I 44 4.51 -26.87 -23.62
CA GLY I 44 5.61 -26.09 -23.12
C GLY I 44 5.58 -25.97 -21.60
N LEU I 45 6.08 -24.85 -21.11
CA LEU I 45 6.11 -24.61 -19.68
C LEU I 45 4.76 -24.13 -19.18
N GLU I 46 4.34 -24.68 -18.05
CA GLU I 46 3.01 -24.47 -17.54
C GLU I 46 3.06 -24.48 -16.03
N TRP I 47 2.74 -23.35 -15.40
CA TRP I 47 2.74 -23.27 -13.95
C TRP I 47 1.60 -24.09 -13.38
N VAL I 48 1.87 -24.78 -12.27
CA VAL I 48 0.93 -25.71 -11.66
C VAL I 48 0.40 -25.18 -10.33
N ALA I 49 1.28 -24.90 -9.37
CA ALA I 49 0.81 -24.49 -8.05
C ALA I 49 1.88 -23.66 -7.36
N ILE I 50 1.44 -22.92 -6.35
CA ILE I 50 2.31 -22.13 -5.48
C ILE I 50 1.86 -22.27 -4.04
N ILE I 51 2.80 -22.29 -3.12
CA ILE I 51 2.50 -22.37 -1.70
C ILE I 51 3.34 -21.34 -0.96
N TRP I 52 2.73 -20.71 0.03
CA TRP I 52 3.38 -19.73 0.88
C TRP I 52 4.40 -20.42 1.77
N TYR I 53 5.27 -19.61 2.38
CA TYR I 53 6.32 -20.16 3.23
C TYR I 53 5.73 -20.93 4.40
N ASP I 54 4.61 -20.48 4.95
CA ASP I 54 3.97 -21.16 6.07
C ASP I 54 2.78 -21.99 5.65
N GLY I 55 2.53 -22.09 4.35
CA GLY I 55 1.39 -22.86 3.88
C GLY I 55 0.05 -22.21 4.03
N SER I 56 0.00 -20.95 4.43
CA SER I 56 -1.30 -20.35 4.69
C SER I 56 -2.07 -20.08 3.41
N ASN I 57 -1.40 -19.73 2.33
CA ASN I 57 -2.06 -19.46 1.05
C ASN I 57 -1.48 -20.38 -0.02
N THR I 58 -2.36 -20.99 -0.79
CA THR I 58 -2.01 -21.83 -1.91
C THR I 58 -2.82 -21.41 -3.12
N TYR I 59 -2.23 -21.51 -4.30
CA TYR I 59 -2.92 -21.22 -5.54
C TYR I 59 -2.61 -22.30 -6.56
N TYR I 60 -3.54 -22.52 -7.47
CA TYR I 60 -3.42 -23.58 -8.45
C TYR I 60 -3.82 -23.05 -9.81
N ALA I 61 -3.26 -23.67 -10.84
CA ALA I 61 -3.71 -23.38 -12.20
C ALA I 61 -5.11 -23.91 -12.41
N ASP I 62 -5.82 -23.31 -13.36
CA ASP I 62 -7.19 -23.68 -13.61
C ASP I 62 -7.33 -25.10 -14.10
N SER I 63 -6.36 -25.58 -14.87
CA SER I 63 -6.46 -26.92 -15.42
C SER I 63 -6.27 -28.00 -14.36
N VAL I 64 -5.76 -27.66 -13.18
CA VAL I 64 -5.51 -28.63 -12.13
C VAL I 64 -6.29 -28.35 -10.86
N LYS I 65 -7.06 -27.27 -10.82
CA LYS I 65 -7.75 -26.93 -9.59
C LYS I 65 -8.76 -27.99 -9.23
N GLY I 66 -8.76 -28.38 -7.96
CA GLY I 66 -9.65 -29.42 -7.48
C GLY I 66 -9.10 -30.83 -7.56
N ARG I 67 -7.98 -31.04 -8.24
CA ARG I 67 -7.38 -32.36 -8.34
C ARG I 67 -6.03 -32.45 -7.67
N PHE I 68 -5.23 -31.39 -7.73
CA PHE I 68 -3.91 -31.37 -7.13
C PHE I 68 -3.95 -30.68 -5.78
N THR I 69 -3.09 -31.14 -4.88
CA THR I 69 -2.96 -30.53 -3.56
C THR I 69 -1.48 -30.38 -3.26
N ILE I 70 -1.06 -29.15 -3.07
CA ILE I 70 0.32 -28.84 -2.73
C ILE I 70 0.42 -28.65 -1.23
N SER I 71 1.47 -29.17 -0.64
CA SER I 71 1.67 -29.06 0.79
C SER I 71 3.16 -29.02 1.06
N ARG I 72 3.52 -28.86 2.32
CA ARG I 72 4.92 -28.79 2.66
C ARG I 72 5.12 -29.24 4.09
N ASP I 73 6.33 -29.73 4.37
CA ASP I 73 6.73 -30.17 5.71
C ASP I 73 8.02 -29.43 6.02
N ASN I 74 7.89 -28.30 6.70
CA ASN I 74 9.04 -27.47 7.03
C ASN I 74 9.96 -28.14 8.05
N SER I 75 9.45 -29.10 8.81
CA SER I 75 10.32 -29.83 9.72
C SER I 75 11.22 -30.79 8.96
N LYS I 76 10.77 -31.28 7.80
CA LYS I 76 11.55 -32.17 6.96
C LYS I 76 12.18 -31.45 5.78
N ASN I 77 11.88 -30.18 5.59
CA ASN I 77 12.35 -29.42 4.45
C ASN I 77 11.94 -30.08 3.14
N THR I 78 10.68 -30.47 3.06
CA THR I 78 10.18 -31.22 1.92
C THR I 78 8.93 -30.56 1.40
N LEU I 79 8.84 -30.42 0.09
CA LEU I 79 7.66 -29.92 -0.59
C LEU I 79 6.94 -31.09 -1.24
N TYR I 80 5.62 -31.12 -1.14
CA TYR I 80 4.82 -32.23 -1.64
C TYR I 80 3.79 -31.76 -2.64
N LEU I 81 3.45 -32.63 -3.58
CA LEU I 81 2.37 -32.39 -4.54
C LEU I 81 1.59 -33.68 -4.70
N GLN I 82 0.41 -33.72 -4.11
CA GLN I 82 -0.50 -34.86 -4.25
C GLN I 82 -1.38 -34.66 -5.48
N MET I 83 -1.26 -35.55 -6.46
CA MET I 83 -2.00 -35.46 -7.71
C MET I 83 -3.02 -36.58 -7.76
N ASN I 84 -4.29 -36.22 -7.80
CA ASN I 84 -5.38 -37.18 -7.89
C ASN I 84 -6.08 -37.06 -9.23
N SER I 85 -6.71 -38.16 -9.64
CA SER I 85 -7.51 -38.20 -10.86
C SER I 85 -6.71 -37.74 -12.08
N LEU I 86 -5.55 -38.33 -12.27
CA LEU I 86 -4.65 -37.92 -13.33
C LEU I 86 -5.24 -38.22 -14.69
N ARG I 87 -5.06 -37.30 -15.62
CA ARG I 87 -5.47 -37.47 -17.00
C ARG I 87 -4.24 -37.62 -17.89
N ALA I 88 -4.47 -38.02 -19.13
CA ALA I 88 -3.37 -38.28 -20.05
C ALA I 88 -2.54 -37.04 -20.28
N GLU I 89 -3.17 -35.87 -20.35
CA GLU I 89 -2.43 -34.65 -20.63
C GLU I 89 -1.57 -34.17 -19.47
N ASP I 90 -1.65 -34.80 -18.31
CA ASP I 90 -0.78 -34.45 -17.20
C ASP I 90 0.61 -35.04 -17.32
N THR I 91 0.88 -35.86 -18.33
CA THR I 91 2.23 -36.37 -18.51
C THR I 91 3.18 -35.23 -18.81
N ALA I 92 4.18 -35.06 -17.97
CA ALA I 92 5.12 -33.96 -18.13
C ALA I 92 6.27 -34.16 -17.17
N VAL I 93 7.29 -33.32 -17.32
CA VAL I 93 8.37 -33.19 -16.35
C VAL I 93 7.98 -32.12 -15.34
N TYR I 94 7.99 -32.47 -14.07
CA TYR I 94 7.59 -31.58 -12.99
C TYR I 94 8.81 -31.08 -12.24
N TYR I 95 8.91 -29.76 -12.11
CA TYR I 95 9.97 -29.10 -11.37
C TYR I 95 9.40 -28.42 -10.14
N CYS I 96 10.10 -28.52 -9.02
CA CYS I 96 9.88 -27.59 -7.93
C CYS I 96 10.80 -26.41 -8.08
N ALA I 97 10.36 -25.26 -7.59
CA ALA I 97 11.15 -24.06 -7.76
C ALA I 97 11.00 -23.16 -6.54
N LYS I 98 12.07 -22.41 -6.27
CA LYS I 98 12.16 -21.52 -5.12
C LYS I 98 11.87 -20.10 -5.53
N VAL I 99 11.02 -19.43 -4.78
CA VAL I 99 10.75 -18.01 -5.01
C VAL I 99 11.99 -17.22 -4.63
N TRP I 100 12.30 -16.20 -5.40
CA TRP I 100 13.45 -15.37 -5.08
C TRP I 100 13.09 -14.42 -3.94
N PHE I 101 14.13 -13.84 -3.34
CA PHE I 101 13.93 -12.83 -2.31
C PHE I 101 13.84 -11.48 -2.99
N GLY I 102 12.88 -10.67 -2.58
CA GLY I 102 12.67 -9.38 -3.19
C GLY I 102 12.16 -8.34 -2.21
N GLU I 103 11.54 -7.30 -2.74
CA GLU I 103 11.00 -6.25 -1.89
C GLU I 103 9.59 -6.60 -1.46
N SER I 104 9.10 -5.90 -0.45
CA SER I 104 7.83 -6.26 0.16
C SER I 104 6.65 -6.05 -0.77
N GLU I 105 6.71 -5.06 -1.65
CA GLU I 105 5.57 -4.76 -2.51
C GLU I 105 5.73 -5.26 -3.94
N ASP I 106 6.82 -5.95 -4.24
CA ASP I 106 7.02 -6.47 -5.58
C ASP I 106 6.18 -7.71 -5.81
N ASN I 107 5.98 -8.04 -7.08
CA ASN I 107 5.49 -9.35 -7.45
C ASN I 107 6.66 -10.33 -7.55
N TYR I 108 6.34 -11.62 -7.40
CA TYR I 108 7.35 -12.64 -7.19
C TYR I 108 7.21 -13.78 -8.19
N SER I 109 8.34 -14.38 -8.53
CA SER I 109 8.40 -15.59 -9.32
C SER I 109 9.57 -16.42 -8.81
N VAL I 110 10.07 -17.35 -9.62
CA VAL I 110 11.04 -18.32 -9.14
C VAL I 110 12.39 -18.02 -9.74
N ASP I 111 13.44 -18.31 -8.97
CA ASP I 111 14.81 -18.10 -9.43
C ASP I 111 15.62 -19.38 -9.53
N VAL I 112 15.37 -20.38 -8.69
CA VAL I 112 16.14 -21.61 -8.71
C VAL I 112 15.16 -22.76 -8.93
N TRP I 113 15.44 -23.55 -9.96
CA TRP I 113 14.63 -24.71 -10.30
C TRP I 113 15.29 -25.99 -9.84
N GLY I 114 14.46 -26.98 -9.55
CA GLY I 114 14.96 -28.29 -9.20
C GLY I 114 15.43 -29.04 -10.42
N GLN I 115 15.78 -30.30 -10.20
CA GLN I 115 16.27 -31.13 -11.30
C GLN I 115 15.17 -31.60 -12.21
N GLY I 116 13.99 -31.86 -11.66
CA GLY I 116 12.88 -32.30 -12.47
C GLY I 116 12.66 -33.79 -12.36
N THR I 117 11.41 -34.21 -12.33
CA THR I 117 11.05 -35.61 -12.32
C THR I 117 9.94 -35.86 -13.32
N THR I 118 10.04 -36.98 -14.04
CA THR I 118 9.15 -37.27 -15.15
C THR I 118 7.95 -38.06 -14.66
N VAL I 119 6.77 -37.65 -15.10
CA VAL I 119 5.53 -38.33 -14.78
C VAL I 119 4.87 -38.70 -16.10
N THR I 120 4.58 -39.99 -16.26
CA THR I 120 4.00 -40.50 -17.50
C THR I 120 2.66 -41.15 -17.16
N VAL I 121 1.58 -40.54 -17.62
CA VAL I 121 0.24 -41.04 -17.39
C VAL I 121 -0.19 -41.81 -18.63
N SER I 122 -0.24 -43.13 -18.52
CA SER I 122 -0.58 -43.96 -19.66
C SER I 122 -1.16 -45.28 -19.16
N SER I 123 -2.09 -45.82 -19.93
CA SER I 123 -2.67 -47.12 -19.63
C SER I 123 -1.89 -48.26 -20.24
N ALA I 124 -0.73 -47.98 -20.84
CA ALA I 124 0.07 -49.04 -21.42
C ALA I 124 0.73 -49.88 -20.34
N SER I 125 0.85 -51.17 -20.59
CA SER I 125 1.51 -52.09 -19.68
C SER I 125 2.98 -52.20 -20.01
N THR I 126 3.77 -52.56 -19.01
CA THR I 126 5.21 -52.71 -19.22
C THR I 126 5.46 -53.78 -20.27
N LYS I 127 6.27 -53.44 -21.27
CA LYS I 127 6.46 -54.31 -22.41
C LYS I 127 7.84 -54.09 -23.00
N GLY I 128 8.55 -55.18 -23.28
CA GLY I 128 9.83 -55.11 -23.93
C GLY I 128 9.69 -54.73 -25.39
N PRO I 129 10.77 -54.25 -25.98
CA PRO I 129 10.72 -53.74 -27.35
C PRO I 129 10.85 -54.84 -28.39
N SER I 130 10.40 -54.50 -29.60
CA SER I 130 10.64 -55.32 -30.78
C SER I 130 11.76 -54.67 -31.59
N VAL I 131 12.80 -55.44 -31.86
CA VAL I 131 13.98 -54.95 -32.56
C VAL I 131 13.98 -55.48 -33.98
N PHE I 132 13.90 -54.57 -34.95
CA PHE I 132 13.93 -54.97 -36.34
C PHE I 132 15.16 -54.39 -37.03
N PRO I 133 15.80 -55.16 -37.89
CA PRO I 133 17.01 -54.67 -38.58
C PRO I 133 16.66 -53.75 -39.73
N LEU I 134 17.44 -52.67 -39.86
CA LEU I 134 17.38 -51.79 -41.03
C LEU I 134 18.58 -52.14 -41.91
N ALA I 135 18.36 -53.09 -42.82
CA ALA I 135 19.45 -53.70 -43.58
C ALA I 135 19.90 -52.77 -44.70
N PRO I 136 21.20 -52.51 -44.82
CA PRO I 136 21.72 -51.72 -45.93
C PRO I 136 21.80 -52.52 -47.21
N SER I 137 21.70 -51.82 -48.33
CA SER I 137 21.82 -52.47 -49.63
C SER I 137 22.24 -51.41 -50.66
N SER I 138 22.13 -51.77 -51.94
CA SER I 138 22.45 -50.83 -53.01
C SER I 138 21.49 -49.65 -53.03
N LYS I 139 20.25 -49.85 -52.59
CA LYS I 139 19.26 -48.79 -52.61
C LYS I 139 19.44 -47.80 -51.46
N SER I 140 20.31 -48.11 -50.51
CA SER I 140 20.67 -47.21 -49.42
C SER I 140 22.16 -46.93 -49.44
N THR I 141 22.71 -46.77 -50.64
CA THR I 141 24.13 -46.51 -50.82
C THR I 141 24.33 -45.37 -51.80
N SER I 142 25.13 -44.39 -51.42
CA SER I 142 25.49 -43.26 -52.28
C SER I 142 27.01 -43.10 -52.20
N GLY I 143 27.71 -43.58 -53.23
CA GLY I 143 29.15 -43.58 -53.21
C GLY I 143 29.70 -44.67 -52.29
N GLY I 144 30.71 -44.31 -51.52
CA GLY I 144 31.33 -45.22 -50.57
C GLY I 144 30.72 -45.26 -49.18
N THR I 145 29.57 -44.64 -48.97
CA THR I 145 28.94 -44.61 -47.66
C THR I 145 27.59 -45.32 -47.69
N ALA I 146 27.37 -46.19 -46.71
CA ALA I 146 26.12 -46.89 -46.55
C ALA I 146 25.54 -46.62 -45.17
N ALA I 147 24.24 -46.84 -45.03
CA ALA I 147 23.53 -46.62 -43.77
C ALA I 147 22.80 -47.89 -43.37
N LEU I 148 22.91 -48.24 -42.08
CA LEU I 148 22.20 -49.37 -41.50
C LEU I 148 21.71 -48.95 -40.13
N GLY I 149 20.82 -49.74 -39.55
CA GLY I 149 20.31 -49.37 -38.24
C GLY I 149 19.47 -50.44 -37.61
N CYS I 150 18.81 -50.06 -36.52
CA CYS I 150 17.90 -50.93 -35.79
C CYS I 150 16.66 -50.13 -35.42
N LEU I 151 15.50 -50.73 -35.63
CA LEU I 151 14.23 -50.11 -35.29
C LEU I 151 13.71 -50.74 -34.01
N VAL I 152 13.51 -49.90 -32.99
CA VAL I 152 13.07 -50.34 -31.68
C VAL I 152 11.62 -49.90 -31.53
N LYS I 153 10.70 -50.83 -31.73
CA LYS I 153 9.29 -50.52 -31.90
C LYS I 153 8.48 -51.14 -30.78
N ASP I 154 7.43 -50.42 -30.37
CA ASP I 154 6.39 -50.96 -29.49
C ASP I 154 6.98 -51.41 -28.14
N TYR I 155 7.52 -50.44 -27.41
CA TYR I 155 8.01 -50.66 -26.08
C TYR I 155 7.39 -49.64 -25.12
N PHE I 156 7.36 -50.02 -23.85
CA PHE I 156 6.84 -49.15 -22.80
C PHE I 156 7.40 -49.64 -21.47
N PRO I 157 7.83 -48.74 -20.58
CA PRO I 157 7.87 -47.30 -20.86
C PRO I 157 9.23 -46.81 -21.32
N GLU I 158 9.38 -45.50 -21.32
CA GLU I 158 10.68 -44.89 -21.56
C GLU I 158 11.59 -45.15 -20.37
N PRO I 159 12.91 -45.15 -20.57
CA PRO I 159 13.59 -45.01 -21.84
C PRO I 159 14.20 -46.32 -22.30
N VAL I 160 14.85 -46.31 -23.46
CA VAL I 160 15.65 -47.43 -23.93
C VAL I 160 17.00 -46.91 -24.35
N THR I 161 18.03 -47.72 -24.17
CA THR I 161 19.38 -47.38 -24.59
C THR I 161 19.80 -48.27 -25.75
N VAL I 162 20.50 -47.67 -26.71
CA VAL I 162 21.01 -48.39 -27.88
C VAL I 162 22.50 -48.13 -27.97
N SER I 163 23.28 -49.20 -28.09
CA SER I 163 24.70 -49.10 -28.35
C SER I 163 25.06 -50.00 -29.51
N TRP I 164 26.25 -49.78 -30.07
CA TRP I 164 26.75 -50.56 -31.19
C TRP I 164 28.08 -51.18 -30.80
N ASN I 165 28.18 -52.49 -30.97
CA ASN I 165 29.38 -53.23 -30.63
C ASN I 165 29.81 -52.95 -29.19
N SER I 166 28.85 -53.01 -28.28
CA SER I 166 29.10 -52.78 -26.86
C SER I 166 29.72 -51.41 -26.61
N GLY I 167 29.37 -50.43 -27.44
CA GLY I 167 29.91 -49.09 -27.27
C GLY I 167 31.15 -48.80 -28.06
N ALA I 168 31.72 -49.78 -28.75
CA ALA I 168 32.94 -49.55 -29.51
C ALA I 168 32.70 -48.69 -30.73
N LEU I 169 31.47 -48.62 -31.23
CA LEU I 169 31.14 -47.83 -32.40
C LEU I 169 30.24 -46.68 -31.99
N THR I 170 30.78 -45.47 -31.98
CA THR I 170 30.01 -44.27 -31.67
C THR I 170 30.05 -43.21 -32.75
N SER I 171 31.05 -43.22 -33.62
CA SER I 171 31.15 -42.22 -34.67
C SER I 171 30.06 -42.43 -35.71
N GLY I 172 29.22 -41.42 -35.90
CA GLY I 172 28.18 -41.48 -36.90
C GLY I 172 26.88 -42.12 -36.47
N VAL I 173 26.68 -42.31 -35.17
CA VAL I 173 25.47 -42.93 -34.65
C VAL I 173 24.45 -41.83 -34.38
N HIS I 174 23.22 -42.05 -34.83
CA HIS I 174 22.12 -41.12 -34.58
C HIS I 174 20.96 -41.92 -34.04
N THR I 175 20.69 -41.77 -32.75
CA THR I 175 19.52 -42.34 -32.11
C THR I 175 18.46 -41.28 -32.00
N PHE I 176 17.36 -41.48 -32.67
CA PHE I 176 16.30 -40.49 -32.71
C PHE I 176 15.50 -40.50 -31.41
N PRO I 177 14.93 -39.37 -31.04
CA PRO I 177 14.03 -39.33 -29.88
C PRO I 177 12.79 -40.18 -30.14
N ALA I 178 12.29 -40.79 -29.07
CA ALA I 178 11.15 -41.66 -29.18
C ALA I 178 9.90 -40.88 -29.54
N VAL I 179 9.00 -41.53 -30.26
CA VAL I 179 7.71 -40.96 -30.63
C VAL I 179 6.61 -41.83 -30.06
N LEU I 180 5.54 -41.18 -29.60
CA LEU I 180 4.39 -41.89 -29.06
C LEU I 180 3.40 -42.22 -30.16
N GLN I 181 3.02 -43.48 -30.25
CA GLN I 181 2.12 -43.96 -31.28
C GLN I 181 0.68 -43.99 -30.77
N SER I 182 -0.23 -44.25 -31.70
CA SER I 182 -1.65 -44.32 -31.36
C SER I 182 -1.95 -45.41 -30.36
N SER I 183 -1.12 -46.45 -30.32
CA SER I 183 -1.35 -47.58 -29.43
C SER I 183 -0.82 -47.34 -28.03
N GLY I 184 -0.26 -46.16 -27.76
CA GLY I 184 0.35 -45.88 -26.48
C GLY I 184 1.72 -46.49 -26.29
N LEU I 185 2.28 -47.10 -27.31
CA LEU I 185 3.63 -47.65 -27.25
C LEU I 185 4.59 -46.72 -27.99
N TYR I 186 5.81 -46.64 -27.47
CA TYR I 186 6.83 -45.80 -28.06
C TYR I 186 7.59 -46.56 -29.14
N SER I 187 8.28 -45.81 -29.99
CA SER I 187 9.07 -46.38 -31.06
C SER I 187 10.14 -45.39 -31.45
N LEU I 188 11.31 -45.90 -31.82
CA LEU I 188 12.41 -45.04 -32.26
C LEU I 188 13.30 -45.82 -33.21
N SER I 189 14.27 -45.12 -33.79
CA SER I 189 15.25 -45.73 -34.66
C SER I 189 16.64 -45.30 -34.27
N SER I 190 17.61 -46.15 -34.56
CA SER I 190 19.01 -45.83 -34.37
C SER I 190 19.75 -46.19 -35.65
N VAL I 191 20.50 -45.24 -36.21
CA VAL I 191 21.14 -45.44 -37.50
C VAL I 191 22.63 -45.13 -37.37
N VAL I 192 23.39 -45.69 -38.31
CA VAL I 192 24.83 -45.47 -38.35
C VAL I 192 25.28 -45.56 -39.80
N THR I 193 26.19 -44.67 -40.19
CA THR I 193 26.79 -44.67 -41.51
C THR I 193 28.14 -45.35 -41.46
N VAL I 194 28.39 -46.26 -42.39
CA VAL I 194 29.62 -47.05 -42.40
C VAL I 194 30.20 -47.01 -43.81
N PRO I 195 31.51 -47.24 -43.93
CA PRO I 195 32.11 -47.38 -45.26
C PRO I 195 31.54 -48.59 -45.99
N SER I 196 31.09 -48.35 -47.23
CA SER I 196 30.51 -49.43 -48.02
C SER I 196 31.50 -50.57 -48.24
N SER I 197 32.79 -50.26 -48.30
CA SER I 197 33.80 -51.29 -48.53
C SER I 197 33.96 -52.25 -47.37
N SER I 198 33.33 -51.98 -46.22
CA SER I 198 33.43 -52.84 -45.06
C SER I 198 32.24 -53.78 -44.92
N LEU I 199 31.20 -53.59 -45.73
CA LEU I 199 30.02 -54.43 -45.66
C LEU I 199 30.36 -55.87 -46.02
N GLY I 200 29.69 -56.81 -45.36
CA GLY I 200 29.91 -58.22 -45.58
C GLY I 200 31.06 -58.83 -44.81
N THR I 201 31.99 -58.03 -44.31
CA THR I 201 33.11 -58.52 -43.54
C THR I 201 33.10 -58.06 -42.10
N GLN I 202 32.81 -56.79 -41.85
CA GLN I 202 32.71 -56.30 -40.49
C GLN I 202 31.32 -56.59 -39.93
N THR I 203 31.28 -57.13 -38.71
CA THR I 203 30.04 -57.51 -38.06
C THR I 203 29.49 -56.33 -37.29
N TYR I 204 28.21 -56.02 -37.49
CA TYR I 204 27.55 -54.92 -36.80
C TYR I 204 26.36 -55.47 -36.03
N ILE I 205 26.36 -55.25 -34.71
CA ILE I 205 25.30 -55.70 -33.83
C ILE I 205 24.85 -54.50 -33.00
N CYS I 206 23.54 -54.28 -32.94
CA CYS I 206 22.96 -53.26 -32.08
C CYS I 206 22.49 -53.89 -30.79
N ASN I 207 22.82 -53.24 -29.68
CA ASN I 207 22.52 -53.72 -28.34
C ASN I 207 21.47 -52.80 -27.74
N VAL I 208 20.24 -53.29 -27.69
CA VAL I 208 19.11 -52.56 -27.13
C VAL I 208 18.91 -53.03 -25.70
N ASN I 209 18.79 -52.08 -24.78
CA ASN I 209 18.59 -52.38 -23.37
C ASN I 209 17.41 -51.57 -22.87
N HIS I 210 16.53 -52.23 -22.12
CA HIS I 210 15.31 -51.63 -21.57
C HIS I 210 15.23 -52.07 -20.11
N LYS I 211 15.76 -51.22 -19.23
CA LYS I 211 15.79 -51.56 -17.81
C LYS I 211 14.42 -51.80 -17.19
N PRO I 212 13.36 -51.06 -17.50
CA PRO I 212 12.07 -51.34 -16.86
C PRO I 212 11.59 -52.75 -17.07
N SER I 213 11.94 -53.40 -18.17
CA SER I 213 11.54 -54.77 -18.41
C SER I 213 12.72 -55.74 -18.35
N ASN I 214 13.92 -55.24 -18.03
CA ASN I 214 15.14 -56.03 -17.97
C ASN I 214 15.42 -56.71 -19.30
N THR I 215 15.07 -56.04 -20.39
CA THR I 215 15.27 -56.58 -21.72
C THR I 215 16.66 -56.22 -22.23
N LYS I 216 17.37 -57.21 -22.75
CA LYS I 216 18.65 -57.00 -23.41
C LYS I 216 18.61 -57.81 -24.70
N VAL I 217 18.72 -57.12 -25.83
CA VAL I 217 18.66 -57.77 -27.13
C VAL I 217 19.86 -57.32 -27.96
N ASP I 218 20.60 -58.30 -28.47
CA ASP I 218 21.70 -58.06 -29.40
C ASP I 218 21.25 -58.54 -30.77
N LYS I 219 20.95 -57.61 -31.66
CA LYS I 219 20.46 -57.93 -32.99
C LYS I 219 21.58 -57.69 -34.00
N LYS I 220 21.90 -58.73 -34.77
CA LYS I 220 22.89 -58.62 -35.82
C LYS I 220 22.22 -58.09 -37.09
N VAL I 221 22.86 -57.12 -37.73
CA VAL I 221 22.34 -56.51 -38.94
C VAL I 221 23.23 -56.91 -40.10
N GLU I 222 22.68 -57.69 -41.03
CA GLU I 222 23.45 -58.09 -42.21
C GLU I 222 22.87 -57.43 -43.45
N PRO I 223 23.70 -57.12 -44.44
CA PRO I 223 23.19 -56.50 -45.66
C PRO I 223 22.40 -57.50 -46.49
N LYS I 224 21.65 -56.98 -47.46
CA LYS I 224 20.88 -57.81 -48.37
C LYS I 224 21.47 -57.79 -49.78
N ASP J 1 -6.71 -15.12 -18.53
CA ASP J 1 -5.45 -15.83 -18.68
C ASP J 1 -4.56 -15.14 -19.69
N ILE J 2 -3.47 -14.54 -19.21
CA ILE J 2 -2.59 -13.78 -20.09
C ILE J 2 -1.81 -14.72 -20.99
N GLN J 3 -1.96 -14.53 -22.30
CA GLN J 3 -1.21 -15.27 -23.31
C GLN J 3 0.11 -14.58 -23.60
N MET J 4 1.17 -15.38 -23.72
CA MET J 4 2.49 -14.85 -24.07
C MET J 4 2.91 -15.43 -25.41
N THR J 5 3.63 -14.62 -26.18
CA THR J 5 4.07 -15.01 -27.52
C THR J 5 5.46 -14.47 -27.77
N GLN J 6 6.36 -15.34 -28.22
CA GLN J 6 7.75 -15.00 -28.46
C GLN J 6 8.05 -15.03 -29.94
N SER J 7 8.86 -14.10 -30.40
CA SER J 7 9.30 -14.13 -31.78
C SER J 7 10.78 -13.83 -31.87
N PRO J 8 11.51 -14.53 -32.76
CA PRO J 8 10.99 -15.64 -33.54
C PRO J 8 10.97 -16.93 -32.74
N SER J 9 10.32 -17.96 -33.27
CA SER J 9 10.34 -19.26 -32.58
C SER J 9 11.73 -19.88 -32.62
N THR J 10 12.42 -19.75 -33.74
CA THR J 10 13.79 -20.24 -33.91
C THR J 10 14.60 -19.15 -34.59
N LEU J 11 15.81 -18.90 -34.10
CA LEU J 11 16.68 -17.90 -34.68
C LEU J 11 18.05 -18.51 -34.92
N SER J 12 18.44 -18.57 -36.19
CA SER J 12 19.78 -19.02 -36.56
C SER J 12 20.77 -17.88 -36.44
N THR J 13 21.80 -18.08 -35.63
CA THR J 13 22.77 -17.02 -35.34
C THR J 13 24.15 -17.64 -35.19
N SER J 14 25.15 -16.77 -35.13
CA SER J 14 26.54 -17.19 -35.10
C SER J 14 27.23 -16.57 -33.89
N VAL J 15 28.35 -17.17 -33.50
CA VAL J 15 29.12 -16.67 -32.37
C VAL J 15 29.61 -15.26 -32.65
N GLY J 16 29.37 -14.36 -31.71
CA GLY J 16 29.76 -12.98 -31.83
C GLY J 16 28.65 -12.07 -32.32
N ASP J 17 27.54 -12.64 -32.76
CA ASP J 17 26.44 -11.83 -33.25
C ASP J 17 25.69 -11.17 -32.11
N ARG J 18 25.00 -10.08 -32.43
CA ARG J 18 24.06 -9.43 -31.53
C ARG J 18 22.66 -10.01 -31.76
N VAL J 19 22.09 -10.61 -30.73
CA VAL J 19 20.83 -11.33 -30.84
C VAL J 19 19.77 -10.57 -30.07
N THR J 20 18.60 -10.39 -30.69
CA THR J 20 17.46 -9.75 -30.02
C THR J 20 16.21 -10.58 -30.26
N ILE J 21 15.56 -11.00 -29.17
CA ILE J 21 14.30 -11.73 -29.25
C ILE J 21 13.23 -10.91 -28.55
N THR J 22 12.00 -11.06 -29.01
CA THR J 22 10.88 -10.27 -28.53
C THR J 22 9.84 -11.16 -27.88
N CYS J 23 9.04 -10.56 -27.01
CA CYS J 23 8.03 -11.28 -26.25
C CYS J 23 6.89 -10.31 -25.99
N ARG J 24 5.67 -10.73 -26.27
CA ARG J 24 4.50 -9.86 -26.16
C ARG J 24 3.42 -10.54 -25.34
N ALA J 25 2.72 -9.74 -24.55
CA ALA J 25 1.65 -10.21 -23.70
C ALA J 25 0.31 -9.74 -24.23
N SER J 26 -0.71 -10.55 -23.98
CA SER J 26 -2.05 -10.21 -24.45
C SER J 26 -2.61 -8.99 -23.76
N GLN J 27 -2.12 -8.64 -22.58
CA GLN J 27 -2.56 -7.43 -21.89
C GLN J 27 -1.37 -6.82 -21.18
N SER J 28 -1.56 -5.64 -20.63
CA SER J 28 -0.47 -4.93 -19.98
C SER J 28 -0.04 -5.64 -18.72
N ILE J 29 1.24 -5.95 -18.61
CA ILE J 29 1.80 -6.60 -17.44
C ILE J 29 2.80 -5.70 -16.71
N SER J 30 2.77 -4.41 -17.00
CA SER J 30 3.69 -3.44 -16.41
C SER J 30 5.12 -3.90 -16.71
N ASN J 31 5.99 -4.03 -15.72
CA ASN J 31 7.35 -4.51 -15.94
C ASN J 31 7.62 -5.88 -15.35
N TRP J 32 6.59 -6.59 -14.90
CA TRP J 32 6.73 -7.88 -14.23
C TRP J 32 6.92 -8.98 -15.26
N LEU J 33 8.12 -9.02 -15.84
CA LEU J 33 8.47 -10.04 -16.81
C LEU J 33 9.84 -10.60 -16.50
N ALA J 34 9.96 -11.93 -16.54
CA ALA J 34 11.22 -12.62 -16.31
C ALA J 34 11.62 -13.41 -17.53
N TRP J 35 12.93 -13.57 -17.71
CA TRP J 35 13.53 -14.35 -18.78
C TRP J 35 14.31 -15.52 -18.21
N TYR J 36 14.06 -16.71 -18.72
CA TYR J 36 14.70 -17.94 -18.26
C TYR J 36 15.43 -18.60 -19.41
N GLN J 37 16.60 -19.13 -19.12
CA GLN J 37 17.41 -19.89 -20.05
C GLN J 37 17.36 -21.36 -19.68
N GLN J 38 17.22 -22.21 -20.68
CA GLN J 38 17.18 -23.65 -20.47
C GLN J 38 18.03 -24.35 -21.50
N LYS J 39 18.90 -25.11 -21.06
CA LYS J 39 19.65 -25.95 -21.98
C LYS J 39 18.98 -27.32 -22.06
N PRO J 40 19.12 -28.00 -23.20
CA PRO J 40 18.41 -29.27 -23.37
C PRO J 40 18.82 -30.30 -22.34
N GLY J 41 17.84 -31.04 -21.86
CA GLY J 41 18.04 -32.03 -20.81
C GLY J 41 18.54 -31.48 -19.51
N LYS J 42 18.22 -30.23 -19.19
CA LYS J 42 18.72 -29.61 -17.99
C LYS J 42 17.67 -28.62 -17.49
N ALA J 43 17.76 -28.28 -16.23
CA ALA J 43 16.75 -27.41 -15.64
C ALA J 43 16.93 -25.97 -16.08
N PRO J 44 15.85 -25.21 -16.16
CA PRO J 44 15.95 -23.80 -16.54
C PRO J 44 16.67 -22.98 -15.49
N LYS J 45 17.32 -21.92 -15.94
CA LYS J 45 18.07 -21.02 -15.10
C LYS J 45 17.56 -19.61 -15.31
N LEU J 46 17.41 -18.86 -14.23
CA LEU J 46 16.91 -17.49 -14.29
C LEU J 46 17.96 -16.54 -14.83
N LEU J 47 17.57 -15.74 -15.81
CA LEU J 47 18.46 -14.71 -16.36
C LEU J 47 18.10 -13.30 -15.93
N ILE J 48 16.85 -12.89 -16.08
CA ILE J 48 16.46 -11.50 -15.86
C ILE J 48 15.11 -11.46 -15.18
N TYR J 49 14.96 -10.56 -14.22
CA TYR J 49 13.66 -10.26 -13.64
C TYR J 49 13.39 -8.76 -13.71
N LYS J 50 12.15 -8.40 -13.43
CA LYS J 50 11.65 -7.03 -13.60
C LYS J 50 11.97 -6.49 -14.99
N ALA J 51 12.04 -7.39 -15.96
CA ALA J 51 12.19 -7.06 -17.37
C ALA J 51 13.56 -6.49 -17.70
N SER J 52 14.27 -5.93 -16.71
CA SER J 52 15.55 -5.32 -17.03
C SER J 52 16.59 -5.47 -15.93
N THR J 53 16.33 -6.23 -14.88
CA THR J 53 17.29 -6.44 -13.81
C THR J 53 18.04 -7.72 -14.04
N LEU J 54 19.36 -7.63 -14.02
CA LEU J 54 20.21 -8.78 -14.27
C LEU J 54 20.36 -9.59 -12.99
N GLU J 55 20.11 -10.89 -13.10
CA GLU J 55 20.30 -11.78 -11.96
C GLU J 55 21.77 -11.86 -11.58
N SER J 56 22.02 -11.99 -10.29
CA SER J 56 23.39 -12.13 -9.79
C SER J 56 24.03 -13.37 -10.39
N GLY J 57 25.26 -13.20 -10.88
CA GLY J 57 25.97 -14.28 -11.52
C GLY J 57 25.81 -14.36 -13.01
N VAL J 58 24.90 -13.58 -13.60
CA VAL J 58 24.68 -13.60 -15.03
C VAL J 58 25.66 -12.66 -15.70
N PRO J 59 26.38 -13.09 -16.72
CA PRO J 59 27.34 -12.20 -17.36
C PRO J 59 26.64 -10.99 -17.96
N SER J 60 27.40 -9.91 -18.10
CA SER J 60 26.84 -8.62 -18.49
C SER J 60 26.41 -8.58 -19.95
N ARG J 61 26.76 -9.58 -20.75
CA ARG J 61 26.35 -9.55 -22.15
C ARG J 61 24.86 -9.77 -22.34
N PHE J 62 24.12 -10.08 -21.29
CA PHE J 62 22.67 -10.19 -21.37
C PHE J 62 22.03 -8.89 -20.91
N SER J 63 20.98 -8.48 -21.61
CA SER J 63 20.28 -7.28 -21.17
C SER J 63 18.82 -7.38 -21.54
N GLY J 64 17.98 -6.76 -20.72
CA GLY J 64 16.56 -6.72 -21.00
C GLY J 64 16.02 -5.33 -21.25
N SER J 65 14.88 -5.26 -21.93
CA SER J 65 14.27 -3.98 -22.22
C SER J 65 12.79 -4.21 -22.46
N GLY J 66 12.01 -3.16 -22.26
CA GLY J 66 10.60 -3.27 -22.59
C GLY J 66 9.67 -2.96 -21.44
N SER J 67 8.43 -2.60 -21.74
CA SER J 67 7.47 -2.28 -20.71
C SER J 67 6.08 -2.30 -21.33
N GLY J 68 5.10 -2.64 -20.49
CA GLY J 68 3.74 -2.73 -20.96
C GLY J 68 3.43 -4.08 -21.56
N THR J 69 3.49 -4.17 -22.89
CA THR J 69 3.16 -5.38 -23.61
C THR J 69 4.25 -5.89 -24.53
N GLU J 70 5.30 -5.11 -24.76
CA GLU J 70 6.41 -5.50 -25.63
C GLU J 70 7.69 -5.53 -24.83
N PHE J 71 8.41 -6.64 -24.90
CA PHE J 71 9.66 -6.79 -24.17
C PHE J 71 10.67 -7.46 -25.08
N THR J 72 11.94 -7.13 -24.87
CA THR J 72 13.02 -7.69 -25.66
C THR J 72 14.16 -8.12 -24.76
N LEU J 73 14.81 -9.20 -25.17
CA LEU J 73 16.04 -9.69 -24.57
C LEU J 73 17.14 -9.59 -25.61
N THR J 74 18.26 -9.01 -25.22
CA THR J 74 19.37 -8.73 -26.12
C THR J 74 20.63 -9.37 -25.57
N ILE J 75 21.33 -10.08 -26.44
CA ILE J 75 22.67 -10.57 -26.17
C ILE J 75 23.62 -9.80 -27.05
N SER J 76 24.48 -8.99 -26.42
CA SER J 76 25.35 -8.11 -27.17
C SER J 76 26.37 -8.88 -28.00
N SER J 77 26.96 -9.93 -27.44
CA SER J 77 27.95 -10.72 -28.15
C SER J 77 27.76 -12.17 -27.76
N LEU J 78 27.24 -12.96 -28.71
CA LEU J 78 26.92 -14.34 -28.43
C LEU J 78 28.17 -15.17 -28.21
N GLN J 79 28.10 -16.07 -27.24
CA GLN J 79 29.18 -16.99 -26.89
C GLN J 79 28.63 -18.40 -26.94
N PRO J 80 29.49 -19.40 -27.14
CA PRO J 80 29.00 -20.76 -27.35
C PRO J 80 28.18 -21.30 -26.19
N ASP J 81 28.41 -20.81 -24.98
CA ASP J 81 27.61 -21.26 -23.85
C ASP J 81 26.18 -20.75 -23.88
N ASP J 82 25.89 -19.75 -24.69
CA ASP J 82 24.58 -19.14 -24.74
C ASP J 82 23.61 -19.80 -25.70
N PHE J 83 24.01 -20.87 -26.38
CA PHE J 83 23.11 -21.59 -27.28
C PHE J 83 22.15 -22.44 -26.46
N ALA J 84 20.93 -21.94 -26.29
CA ALA J 84 19.95 -22.59 -25.43
C ALA J 84 18.58 -22.05 -25.80
N THR J 85 17.56 -22.51 -25.09
CA THR J 85 16.19 -22.05 -25.29
C THR J 85 15.85 -21.00 -24.24
N TYR J 86 15.23 -19.92 -24.68
CA TYR J 86 14.93 -18.79 -23.81
C TYR J 86 13.42 -18.61 -23.71
N TYR J 87 12.91 -18.59 -22.49
CA TYR J 87 11.49 -18.42 -22.23
C TYR J 87 11.26 -17.11 -21.50
N CYS J 88 10.23 -16.38 -21.90
CA CYS J 88 9.75 -15.26 -21.12
C CYS J 88 8.57 -15.70 -20.28
N GLN J 89 8.34 -14.97 -19.19
CA GLN J 89 7.29 -15.32 -18.23
C GLN J 89 6.78 -14.06 -17.60
N GLN J 90 5.49 -13.80 -17.78
CA GLN J 90 4.84 -12.74 -17.02
C GLN J 90 4.51 -13.24 -15.64
N TYR J 91 4.70 -12.40 -14.65
CA TYR J 91 4.28 -12.72 -13.31
C TYR J 91 3.52 -11.56 -12.72
N SER J 92 2.70 -10.92 -13.55
CA SER J 92 1.81 -9.87 -13.10
C SER J 92 0.48 -10.43 -12.62
N SER J 93 0.00 -11.49 -13.25
CA SER J 93 -1.26 -12.12 -12.85
C SER J 93 -1.07 -13.62 -13.05
N TYR J 94 -0.87 -14.33 -11.95
CA TYR J 94 -0.46 -15.73 -11.99
C TYR J 94 0.84 -15.82 -12.78
N TRP J 95 1.05 -16.92 -13.49
CA TRP J 95 2.33 -17.15 -14.17
C TRP J 95 2.07 -17.92 -15.44
N THR J 96 2.44 -17.36 -16.58
CA THR J 96 2.32 -18.06 -17.86
C THR J 96 3.59 -17.85 -18.66
N PHE J 97 4.06 -18.91 -19.30
CA PHE J 97 5.28 -18.86 -20.08
C PHE J 97 4.98 -18.80 -21.57
N GLY J 98 5.89 -18.20 -22.31
CA GLY J 98 5.82 -18.26 -23.75
C GLY J 98 6.27 -19.61 -24.28
N GLN J 99 6.11 -19.79 -25.59
CA GLN J 99 6.49 -21.06 -26.19
C GLN J 99 8.00 -21.27 -26.20
N GLY J 100 8.79 -20.22 -26.07
CA GLY J 100 10.22 -20.38 -26.05
C GLY J 100 10.87 -20.14 -27.39
N THR J 101 12.05 -19.54 -27.36
CA THR J 101 12.86 -19.30 -28.55
C THR J 101 14.14 -20.08 -28.42
N LYS J 102 14.41 -20.92 -29.41
CA LYS J 102 15.62 -21.73 -29.45
C LYS J 102 16.64 -21.05 -30.34
N LEU J 103 17.83 -20.78 -29.80
CA LEU J 103 18.91 -20.20 -30.57
C LEU J 103 19.70 -21.30 -31.28
N GLU J 104 19.67 -21.28 -32.60
CA GLU J 104 20.26 -22.30 -33.42
C GLU J 104 21.60 -21.83 -33.98
N ILE J 105 22.52 -22.77 -34.15
CA ILE J 105 23.86 -22.49 -34.65
C ILE J 105 23.79 -22.36 -36.16
N LYS J 106 24.07 -21.17 -36.67
CA LYS J 106 24.07 -20.94 -38.10
C LYS J 106 25.33 -21.48 -38.72
N ARG J 107 25.18 -22.17 -39.85
CA ARG J 107 26.29 -22.73 -40.60
C ARG J 107 25.96 -22.68 -42.08
N THR J 108 26.88 -23.16 -42.90
CA THR J 108 26.65 -23.19 -44.32
C THR J 108 25.59 -24.24 -44.68
N VAL J 109 25.04 -24.11 -45.88
CA VAL J 109 23.98 -24.99 -46.31
C VAL J 109 24.57 -26.35 -46.67
N ALA J 110 23.94 -27.41 -46.20
CA ALA J 110 24.35 -28.77 -46.53
C ALA J 110 23.14 -29.60 -46.91
N ALA J 111 23.18 -30.19 -48.10
CA ALA J 111 22.06 -31.00 -48.59
C ALA J 111 22.00 -32.34 -47.88
N PRO J 112 20.82 -32.89 -47.69
CA PRO J 112 20.69 -34.16 -46.98
C PRO J 112 21.10 -35.35 -47.83
N SER J 113 21.58 -36.39 -47.14
CA SER J 113 21.74 -37.71 -47.74
C SER J 113 20.50 -38.53 -47.45
N VAL J 114 19.91 -39.13 -48.47
CA VAL J 114 18.62 -39.80 -48.35
C VAL J 114 18.80 -41.29 -48.49
N PHE J 115 18.28 -42.04 -47.53
CA PHE J 115 18.30 -43.50 -47.59
C PHE J 115 16.90 -43.99 -47.23
N ILE J 116 16.51 -45.10 -47.85
CA ILE J 116 15.21 -45.71 -47.60
C ILE J 116 15.41 -47.17 -47.21
N PHE J 117 14.59 -47.64 -46.27
CA PHE J 117 14.64 -49.02 -45.81
C PHE J 117 13.25 -49.64 -45.86
N PRO J 118 13.10 -50.80 -46.49
CA PRO J 118 11.82 -51.48 -46.52
C PRO J 118 11.61 -52.28 -45.25
N PRO J 119 10.37 -52.71 -44.99
CA PRO J 119 10.12 -53.55 -43.81
C PRO J 119 10.83 -54.89 -43.88
N SER J 120 11.32 -55.33 -42.72
CA SER J 120 11.97 -56.62 -42.61
C SER J 120 10.93 -57.74 -42.67
N ASP J 121 11.40 -58.92 -43.06
CA ASP J 121 10.52 -60.09 -43.10
C ASP J 121 10.01 -60.44 -41.72
N GLU J 122 10.78 -60.15 -40.68
CA GLU J 122 10.35 -60.48 -39.32
C GLU J 122 9.17 -59.62 -38.90
N GLN J 123 9.21 -58.32 -39.21
CA GLN J 123 8.08 -57.46 -38.85
C GLN J 123 6.84 -57.84 -39.65
N LEU J 124 7.02 -58.19 -40.92
CA LEU J 124 5.90 -58.68 -41.72
C LEU J 124 5.33 -59.95 -41.11
N LYS J 125 6.20 -60.80 -40.56
CA LYS J 125 5.73 -61.98 -39.85
C LYS J 125 4.98 -61.58 -38.59
N SER J 126 5.33 -60.43 -38.02
CA SER J 126 4.65 -59.97 -36.81
C SER J 126 3.30 -59.32 -37.10
N GLY J 127 3.00 -59.00 -38.35
CA GLY J 127 1.72 -58.42 -38.72
C GLY J 127 1.75 -56.95 -39.03
N THR J 128 2.91 -56.30 -38.97
CA THR J 128 3.04 -54.88 -39.24
C THR J 128 4.14 -54.64 -40.25
N ALA J 129 4.07 -53.49 -40.92
CA ALA J 129 5.06 -53.12 -41.93
C ALA J 129 5.44 -51.66 -41.71
N SER J 130 6.68 -51.43 -41.29
CA SER J 130 7.23 -50.10 -41.11
C SER J 130 8.25 -49.81 -42.20
N VAL J 131 8.09 -48.69 -42.89
CA VAL J 131 9.03 -48.23 -43.91
C VAL J 131 9.71 -46.98 -43.38
N VAL J 132 11.04 -46.92 -43.50
CA VAL J 132 11.83 -45.89 -42.87
C VAL J 132 12.57 -45.11 -43.95
N CYS J 133 12.44 -43.79 -43.91
CA CYS J 133 13.17 -42.89 -44.78
C CYS J 133 14.07 -42.05 -43.91
N LEU J 134 15.36 -41.98 -44.25
CA LEU J 134 16.35 -41.31 -43.40
C LEU J 134 16.98 -40.16 -44.17
N LEU J 135 17.00 -38.99 -43.55
CA LEU J 135 17.70 -37.82 -44.05
C LEU J 135 18.85 -37.51 -43.12
N ASN J 136 20.07 -37.57 -43.61
CA ASN J 136 21.28 -37.46 -42.78
C ASN J 136 22.02 -36.18 -43.09
N ASN J 137 22.39 -35.44 -42.04
CA ASN J 137 23.34 -34.34 -42.12
C ASN J 137 22.88 -33.28 -43.11
N PHE J 138 21.82 -32.59 -42.73
CA PHE J 138 21.25 -31.53 -43.54
C PHE J 138 21.05 -30.29 -42.69
N TYR J 139 21.02 -29.14 -43.36
CA TYR J 139 20.77 -27.88 -42.72
C TYR J 139 20.28 -26.91 -43.76
N PRO J 140 19.29 -26.05 -43.46
CA PRO J 140 18.58 -25.94 -42.18
C PRO J 140 17.61 -27.07 -41.93
N ARG J 141 16.84 -26.96 -40.85
CA ARG J 141 16.00 -28.08 -40.42
C ARG J 141 14.77 -28.24 -41.28
N GLU J 142 14.27 -27.19 -41.91
CA GLU J 142 13.02 -27.29 -42.64
C GLU J 142 13.21 -28.15 -43.88
N ALA J 143 12.39 -29.19 -43.97
CA ALA J 143 12.38 -30.11 -45.10
C ALA J 143 11.00 -30.74 -45.15
N LYS J 144 10.64 -31.27 -46.32
CA LYS J 144 9.37 -31.94 -46.49
C LYS J 144 9.62 -33.34 -47.04
N VAL J 145 8.97 -34.32 -46.41
CA VAL J 145 9.05 -35.72 -46.82
C VAL J 145 7.65 -36.21 -47.13
N GLN J 146 7.45 -36.65 -48.36
CA GLN J 146 6.17 -37.15 -48.83
C GLN J 146 6.28 -38.64 -49.18
N TRP J 147 5.37 -39.43 -48.64
CA TRP J 147 5.30 -40.85 -48.94
C TRP J 147 4.40 -41.05 -50.16
N LYS J 148 4.86 -41.86 -51.11
CA LYS J 148 4.10 -42.18 -52.31
C LYS J 148 4.03 -43.69 -52.47
N VAL J 149 2.81 -44.20 -52.54
CA VAL J 149 2.55 -45.62 -52.70
C VAL J 149 1.83 -45.79 -54.02
N ASP J 150 2.52 -46.38 -55.00
CA ASP J 150 2.04 -46.44 -56.38
C ASP J 150 1.66 -45.05 -56.88
N ASN J 151 2.56 -44.10 -56.64
CA ASN J 151 2.44 -42.71 -57.10
C ASN J 151 1.27 -41.98 -56.45
N ALA J 152 0.80 -42.46 -55.31
CA ALA J 152 -0.30 -41.84 -54.57
C ALA J 152 0.24 -41.31 -53.26
N LEU J 153 0.05 -40.02 -53.02
CA LEU J 153 0.57 -39.39 -51.82
C LEU J 153 -0.17 -39.87 -50.58
N GLN J 154 0.58 -40.15 -49.53
CA GLN J 154 0.03 -40.61 -48.27
C GLN J 154 -0.13 -39.44 -47.32
N SER J 155 -1.08 -39.55 -46.40
CA SER J 155 -1.33 -38.50 -45.42
C SER J 155 -1.96 -39.09 -44.18
N GLY J 156 -1.41 -38.75 -43.02
CA GLY J 156 -1.97 -39.19 -41.76
C GLY J 156 -1.52 -40.55 -41.31
N ASN J 157 -0.58 -41.18 -42.02
CA ASN J 157 -0.09 -42.50 -41.67
C ASN J 157 1.42 -42.53 -41.52
N SER J 158 2.05 -41.37 -41.33
CA SER J 158 3.50 -41.27 -41.18
C SER J 158 3.82 -40.42 -39.95
N GLN J 159 5.03 -40.62 -39.43
CA GLN J 159 5.50 -39.83 -38.29
C GLN J 159 6.95 -39.44 -38.52
N GLU J 160 7.30 -38.22 -38.09
CA GLU J 160 8.64 -37.69 -38.28
C GLU J 160 9.32 -37.49 -36.95
N SER J 161 10.65 -37.66 -36.95
CA SER J 161 11.46 -37.43 -35.76
C SER J 161 12.75 -36.74 -36.17
N VAL J 162 13.17 -35.75 -35.41
CA VAL J 162 14.35 -34.96 -35.72
C VAL J 162 15.30 -34.98 -34.54
N THR J 163 16.58 -35.16 -34.81
CA THR J 163 17.60 -35.06 -33.78
C THR J 163 17.95 -33.61 -33.51
N GLU J 164 18.62 -33.39 -32.38
CA GLU J 164 19.18 -32.08 -32.12
C GLU J 164 20.42 -31.84 -32.97
N GLN J 165 20.88 -30.59 -32.97
CA GLN J 165 22.07 -30.24 -33.72
C GLN J 165 23.28 -31.00 -33.23
N ASP J 166 23.96 -31.67 -34.16
CA ASP J 166 25.14 -32.44 -33.83
C ASP J 166 26.22 -31.54 -33.23
N SER J 167 26.87 -32.04 -32.18
CA SER J 167 27.87 -31.23 -31.49
C SER J 167 29.07 -30.95 -32.38
N LYS J 168 29.37 -31.82 -33.34
CA LYS J 168 30.59 -31.67 -34.13
C LYS J 168 30.40 -30.77 -35.35
N ASP J 169 29.30 -30.92 -36.08
CA ASP J 169 29.12 -30.17 -37.32
C ASP J 169 27.76 -29.49 -37.42
N SER J 170 26.96 -29.51 -36.37
CA SER J 170 25.74 -28.71 -36.29
C SER J 170 24.71 -29.07 -37.36
N THR J 171 24.68 -30.33 -37.77
CA THR J 171 23.71 -30.78 -38.75
C THR J 171 22.56 -31.49 -38.07
N TYR J 172 21.48 -31.67 -38.81
CA TYR J 172 20.30 -32.41 -38.36
C TYR J 172 20.21 -33.75 -39.06
N SER J 173 19.50 -34.67 -38.42
CA SER J 173 19.10 -35.92 -39.06
C SER J 173 17.62 -36.15 -38.77
N LEU J 174 16.91 -36.68 -39.74
CA LEU J 174 15.47 -36.87 -39.62
C LEU J 174 15.09 -38.26 -40.08
N SER J 175 14.19 -38.88 -39.34
CA SER J 175 13.62 -40.18 -39.70
C SER J 175 12.13 -40.02 -39.91
N SER J 176 11.62 -40.59 -40.99
CA SER J 176 10.20 -40.65 -41.26
C SER J 176 9.77 -42.10 -41.33
N THR J 177 8.75 -42.44 -40.54
CA THR J 177 8.27 -43.81 -40.43
C THR J 177 6.84 -43.92 -40.93
N LEU J 178 6.66 -44.69 -41.99
CA LEU J 178 5.34 -45.02 -42.52
C LEU J 178 4.94 -46.40 -41.99
N THR J 179 3.80 -46.45 -41.31
CA THR J 179 3.32 -47.67 -40.68
C THR J 179 2.06 -48.13 -41.37
N LEU J 180 2.02 -49.40 -41.76
CA LEU J 180 0.88 -49.98 -42.45
C LEU J 180 0.67 -51.40 -41.99
N SER J 181 -0.56 -51.89 -42.16
CA SER J 181 -0.83 -53.29 -41.91
C SER J 181 -0.20 -54.15 -43.00
N LYS J 182 0.04 -55.42 -42.65
CA LYS J 182 0.63 -56.35 -43.60
C LYS J 182 -0.23 -56.48 -44.84
N ALA J 183 -1.55 -56.45 -44.68
CA ALA J 183 -2.43 -56.55 -45.83
C ALA J 183 -2.38 -55.29 -46.68
N ASP J 184 -2.37 -54.12 -46.04
CA ASP J 184 -2.21 -52.87 -46.79
C ASP J 184 -0.86 -52.82 -47.47
N TYR J 185 0.19 -53.29 -46.81
CA TYR J 185 1.51 -53.26 -47.40
C TYR J 185 1.60 -54.18 -48.60
N GLU J 186 1.02 -55.37 -48.51
CA GLU J 186 1.10 -56.32 -49.61
C GLU J 186 0.09 -56.05 -50.70
N LYS J 187 -0.76 -55.04 -50.54
CA LYS J 187 -1.70 -54.66 -51.58
C LYS J 187 -1.12 -53.61 -52.52
N HIS J 188 0.19 -53.38 -52.49
CA HIS J 188 0.82 -52.42 -53.37
C HIS J 188 2.22 -52.90 -53.71
N LYS J 189 2.86 -52.19 -54.64
CA LYS J 189 4.14 -52.60 -55.18
C LYS J 189 5.25 -51.58 -54.90
N VAL J 190 5.09 -50.34 -55.32
CA VAL J 190 6.15 -49.34 -55.27
C VAL J 190 5.97 -48.46 -54.05
N TYR J 191 7.07 -48.21 -53.34
CA TYR J 191 7.07 -47.41 -52.12
C TYR J 191 8.20 -46.39 -52.22
N ALA J 192 7.85 -45.11 -52.19
CA ALA J 192 8.83 -44.05 -52.36
C ALA J 192 8.67 -42.98 -51.28
N CYS J 193 9.80 -42.41 -50.87
CA CYS J 193 9.81 -41.17 -50.09
C CYS J 193 10.51 -40.11 -50.92
N GLU J 194 9.83 -38.97 -51.09
CA GLU J 194 10.35 -37.83 -51.81
C GLU J 194 10.68 -36.72 -50.83
N VAL J 195 11.85 -36.11 -51.00
CA VAL J 195 12.39 -35.14 -50.06
C VAL J 195 12.65 -33.84 -50.79
N THR J 196 12.19 -32.73 -50.20
CA THR J 196 12.49 -31.40 -50.67
C THR J 196 13.15 -30.60 -49.56
N HIS J 197 14.16 -29.84 -49.93
CA HIS J 197 14.91 -29.02 -48.98
C HIS J 197 15.50 -27.82 -49.70
N GLN J 198 15.63 -26.71 -48.98
CA GLN J 198 16.11 -25.48 -49.59
C GLN J 198 17.53 -25.62 -50.09
N GLY J 199 18.27 -26.59 -49.60
CA GLY J 199 19.59 -26.88 -50.10
C GLY J 199 19.63 -27.80 -51.28
N LEU J 200 18.47 -28.23 -51.77
CA LEU J 200 18.38 -29.15 -52.90
C LEU J 200 17.80 -28.40 -54.09
N SER J 201 18.53 -28.40 -55.21
CA SER J 201 18.03 -27.75 -56.40
C SER J 201 16.80 -28.47 -56.97
N SER J 202 16.75 -29.78 -56.83
CA SER J 202 15.62 -30.56 -57.30
C SER J 202 15.20 -31.53 -56.22
N PRO J 203 13.92 -31.90 -56.17
CA PRO J 203 13.49 -32.88 -55.17
C PRO J 203 14.18 -34.22 -55.40
N VAL J 204 14.47 -34.90 -54.30
CA VAL J 204 15.11 -36.20 -54.34
C VAL J 204 14.06 -37.25 -54.07
N THR J 205 14.07 -38.33 -54.87
CA THR J 205 13.08 -39.38 -54.74
C THR J 205 13.80 -40.71 -54.63
N LYS J 206 13.54 -41.44 -53.56
CA LYS J 206 14.02 -42.80 -53.41
C LYS J 206 12.82 -43.74 -53.37
N SER J 207 12.97 -44.91 -53.97
CA SER J 207 11.85 -45.83 -54.10
C SER J 207 12.37 -47.26 -54.18
N PHE J 208 11.51 -48.20 -53.79
CA PHE J 208 11.80 -49.61 -53.95
C PHE J 208 10.53 -50.32 -54.36
N ASN J 209 10.70 -51.56 -54.85
CA ASN J 209 9.59 -52.43 -55.19
C ASN J 209 9.42 -53.49 -54.11
N ARG J 210 8.18 -53.75 -53.75
CA ARG J 210 7.88 -54.73 -52.71
C ARG J 210 8.38 -56.10 -53.10
N GLY J 211 9.24 -56.68 -52.25
CA GLY J 211 9.85 -57.96 -52.47
C GLY J 211 11.25 -57.92 -53.04
N GLU J 212 11.64 -56.85 -53.71
CA GLU J 212 12.99 -56.77 -54.25
C GLU J 212 14.03 -56.71 -53.13
N GLN K 1 -18.41 -26.75 -7.08
CA GLN K 1 -18.09 -25.39 -7.48
C GLN K 1 -18.23 -24.45 -6.29
N VAL K 2 -18.35 -23.15 -6.58
CA VAL K 2 -18.49 -22.15 -5.53
C VAL K 2 -19.86 -22.29 -4.88
N GLN K 3 -19.91 -22.24 -3.55
CA GLN K 3 -21.17 -22.35 -2.85
C GLN K 3 -21.18 -21.40 -1.67
N LEU K 4 -22.29 -20.66 -1.52
CA LEU K 4 -22.50 -19.74 -0.40
C LEU K 4 -23.85 -20.04 0.24
N VAL K 5 -23.86 -20.17 1.55
CA VAL K 5 -25.07 -20.53 2.29
C VAL K 5 -25.30 -19.51 3.38
N GLU K 6 -26.37 -18.73 3.26
CA GLU K 6 -26.72 -17.75 4.27
C GLU K 6 -27.53 -18.40 5.38
N SER K 7 -27.41 -17.86 6.58
CA SER K 7 -28.23 -18.32 7.69
C SER K 7 -28.34 -17.20 8.70
N GLY K 8 -29.33 -17.32 9.59
CA GLY K 8 -29.52 -16.37 10.66
C GLY K 8 -30.74 -15.49 10.49
N GLY K 9 -31.40 -15.53 9.35
CA GLY K 9 -32.53 -14.67 9.15
C GLY K 9 -33.76 -15.13 9.89
N GLY K 10 -34.70 -14.21 10.07
CA GLY K 10 -35.93 -14.53 10.76
C GLY K 10 -36.71 -13.27 11.06
N VAL K 11 -37.65 -13.39 11.99
CA VAL K 11 -38.49 -12.27 12.40
C VAL K 11 -37.85 -11.57 13.57
N VAL K 12 -37.76 -10.25 13.51
CA VAL K 12 -37.17 -9.45 14.57
C VAL K 12 -37.99 -8.19 14.74
N GLN K 13 -38.22 -7.80 16.00
CA GLN K 13 -38.94 -6.57 16.26
C GLN K 13 -38.09 -5.36 15.93
N PRO K 14 -38.71 -4.26 15.53
CA PRO K 14 -37.93 -3.04 15.24
C PRO K 14 -37.18 -2.56 16.46
N GLY K 15 -35.96 -2.10 16.22
CA GLY K 15 -35.08 -1.65 17.25
C GLY K 15 -34.16 -2.70 17.82
N ARG K 16 -34.44 -3.97 17.59
CA ARG K 16 -33.59 -5.04 18.07
C ARG K 16 -32.48 -5.29 17.05
N SER K 17 -31.62 -6.25 17.36
CA SER K 17 -30.48 -6.56 16.52
C SER K 17 -30.59 -7.99 16.00
N LEU K 18 -29.80 -8.30 14.98
CA LEU K 18 -29.79 -9.62 14.38
C LEU K 18 -28.47 -9.81 13.68
N ARG K 19 -27.93 -11.02 13.73
CA ARG K 19 -26.63 -11.31 13.15
C ARG K 19 -26.79 -12.36 12.07
N LEU K 20 -26.45 -12.00 10.84
CA LEU K 20 -26.47 -12.91 9.72
C LEU K 20 -25.08 -13.47 9.45
N SER K 21 -25.03 -14.71 9.01
CA SER K 21 -23.79 -15.36 8.67
C SER K 21 -23.89 -15.97 7.28
N CYS K 22 -22.73 -16.16 6.65
CA CYS K 22 -22.64 -16.68 5.29
C CYS K 22 -21.48 -17.65 5.28
N ALA K 23 -21.77 -18.93 5.10
CA ALA K 23 -20.75 -19.95 5.04
C ALA K 23 -20.34 -20.19 3.60
N ALA K 24 -19.05 -20.17 3.34
CA ALA K 24 -18.50 -20.27 2.00
C ALA K 24 -17.74 -21.58 1.86
N SER K 25 -17.82 -22.18 0.68
CA SER K 25 -17.07 -23.38 0.39
C SER K 25 -16.88 -23.50 -1.11
N GLY K 26 -15.93 -24.33 -1.51
CA GLY K 26 -15.63 -24.50 -2.91
C GLY K 26 -14.55 -23.59 -3.44
N PHE K 27 -14.03 -22.68 -2.64
CA PHE K 27 -12.97 -21.79 -3.08
C PHE K 27 -12.24 -21.29 -1.84
N THR K 28 -11.10 -20.63 -2.07
CA THR K 28 -10.34 -20.08 -0.96
C THR K 28 -11.02 -18.82 -0.50
N PHE K 29 -11.78 -18.92 0.59
CA PHE K 29 -12.57 -17.79 1.05
C PHE K 29 -11.70 -16.62 1.48
N SER K 30 -10.57 -16.92 2.11
CA SER K 30 -9.74 -15.85 2.65
C SER K 30 -9.07 -15.01 1.59
N ASN K 31 -9.14 -15.40 0.33
CA ASN K 31 -8.48 -14.65 -0.73
C ASN K 31 -9.39 -13.66 -1.42
N PHE K 32 -10.65 -13.55 -1.04
CA PHE K 32 -11.61 -12.73 -1.77
C PHE K 32 -12.37 -11.80 -0.85
N GLY K 33 -12.63 -10.59 -1.34
CA GLY K 33 -13.58 -9.73 -0.67
C GLY K 33 -15.00 -10.20 -0.87
N MET K 34 -15.90 -9.68 -0.04
CA MET K 34 -17.27 -10.11 -0.07
C MET K 34 -18.21 -8.93 0.02
N HIS K 35 -19.40 -9.09 -0.53
CA HIS K 35 -20.48 -8.13 -0.45
C HIS K 35 -21.65 -8.74 0.29
N TRP K 36 -22.41 -7.88 0.93
CA TRP K 36 -23.77 -8.17 1.33
C TRP K 36 -24.70 -7.29 0.52
N ILE K 37 -25.66 -7.90 -0.13
CA ILE K 37 -26.61 -7.18 -0.96
C ILE K 37 -27.99 -7.66 -0.58
N ARG K 38 -28.92 -6.72 -0.48
CA ARG K 38 -30.28 -7.03 -0.10
C ARG K 38 -31.21 -6.69 -1.23
N GLN K 39 -32.36 -7.35 -1.22
CA GLN K 39 -33.37 -7.20 -2.24
C GLN K 39 -34.74 -7.10 -1.58
N SER K 40 -35.47 -6.05 -1.93
CA SER K 40 -36.81 -5.88 -1.41
C SER K 40 -37.74 -5.54 -2.56
N PRO K 41 -39.01 -5.88 -2.43
CA PRO K 41 -39.97 -5.55 -3.49
C PRO K 41 -40.12 -4.06 -3.74
N GLY K 42 -39.85 -3.23 -2.75
CA GLY K 42 -40.05 -1.80 -2.91
C GLY K 42 -38.88 -1.07 -3.51
N LYS K 43 -37.67 -1.55 -3.26
CA LYS K 43 -36.47 -0.87 -3.71
C LYS K 43 -35.65 -1.70 -4.68
N GLY K 44 -36.05 -2.94 -4.97
CA GLY K 44 -35.24 -3.74 -5.86
C GLY K 44 -33.93 -4.13 -5.21
N LEU K 45 -32.91 -4.29 -6.03
CA LEU K 45 -31.59 -4.66 -5.56
C LEU K 45 -30.86 -3.46 -5.01
N GLU K 46 -30.22 -3.63 -3.87
CA GLU K 46 -29.63 -2.53 -3.13
C GLU K 46 -28.38 -3.04 -2.43
N TRP K 47 -27.23 -2.50 -2.80
CA TRP K 47 -25.99 -2.90 -2.15
C TRP K 47 -25.93 -2.41 -0.71
N VAL K 48 -25.41 -3.25 0.16
CA VAL K 48 -25.39 -2.99 1.60
C VAL K 48 -23.98 -2.73 2.11
N ALA K 49 -23.07 -3.67 1.92
CA ALA K 49 -21.74 -3.50 2.49
C ALA K 49 -20.73 -4.31 1.70
N ILE K 50 -19.46 -3.93 1.84
CA ILE K 50 -18.34 -4.64 1.25
C ILE K 50 -17.22 -4.73 2.26
N ILE K 51 -16.50 -5.84 2.24
CA ILE K 51 -15.36 -6.04 3.12
C ILE K 51 -14.21 -6.60 2.30
N TRP K 52 -13.00 -6.13 2.61
CA TRP K 52 -11.79 -6.59 1.98
C TRP K 52 -11.48 -8.01 2.41
N TYR K 53 -10.57 -8.65 1.69
CA TYR K 53 -10.23 -10.03 2.00
C TYR K 53 -9.67 -10.17 3.41
N ASP K 54 -8.92 -9.19 3.87
CA ASP K 54 -8.34 -9.23 5.21
C ASP K 54 -9.11 -8.38 6.21
N GLY K 55 -10.23 -7.79 5.81
CA GLY K 55 -10.98 -6.96 6.72
C GLY K 55 -10.41 -5.59 6.96
N SER K 56 -9.37 -5.19 6.23
CA SER K 56 -8.74 -3.92 6.53
C SER K 56 -9.62 -2.74 6.12
N ASN K 57 -10.35 -2.86 5.02
CA ASN K 57 -11.22 -1.80 4.55
C ASN K 57 -12.65 -2.32 4.44
N THR K 58 -13.59 -1.55 4.95
CA THR K 58 -15.00 -1.85 4.86
C THR K 58 -15.73 -0.61 4.38
N TYR K 59 -16.78 -0.82 3.60
CA TYR K 59 -17.62 0.28 3.14
C TYR K 59 -19.08 -0.12 3.29
N TYR K 60 -19.93 0.88 3.48
CA TYR K 60 -21.34 0.66 3.74
C TYR K 60 -22.15 1.63 2.90
N ALA K 61 -23.37 1.22 2.59
CA ALA K 61 -24.31 2.13 1.97
C ALA K 61 -24.72 3.20 2.97
N ASP K 62 -25.13 4.35 2.43
CA ASP K 62 -25.47 5.48 3.27
C ASP K 62 -26.67 5.20 4.15
N SER K 63 -27.63 4.41 3.67
CA SER K 63 -28.83 4.16 4.45
C SER K 63 -28.56 3.26 5.64
N VAL K 64 -27.43 2.56 5.68
CA VAL K 64 -27.11 1.65 6.77
C VAL K 64 -25.87 2.04 7.53
N LYS K 65 -25.17 3.09 7.12
CA LYS K 65 -23.93 3.43 7.78
C LYS K 65 -24.17 3.79 9.22
N GLY K 66 -23.36 3.23 10.11
CA GLY K 66 -23.52 3.46 11.53
C GLY K 66 -24.43 2.48 12.23
N ARG K 67 -25.17 1.66 11.51
CA ARG K 67 -26.05 0.68 12.14
C ARG K 67 -25.63 -0.75 11.88
N PHE K 68 -25.13 -1.05 10.69
CA PHE K 68 -24.67 -2.37 10.31
C PHE K 68 -23.17 -2.45 10.45
N THR K 69 -22.70 -3.65 10.78
CA THR K 69 -21.27 -3.89 10.87
C THR K 69 -20.97 -5.20 10.18
N ILE K 70 -20.16 -5.15 9.15
CA ILE K 70 -19.75 -6.33 8.40
C ILE K 70 -18.39 -6.77 8.91
N SER K 71 -18.22 -8.08 9.07
CA SER K 71 -16.97 -8.63 9.54
C SER K 71 -16.78 -10.00 8.92
N ARG K 72 -15.65 -10.63 9.20
CA ARG K 72 -15.40 -11.94 8.65
C ARG K 72 -14.45 -12.70 9.55
N ASP K 73 -14.53 -14.02 9.45
CA ASP K 73 -13.68 -14.95 10.20
C ASP K 73 -13.09 -15.89 9.16
N ASN K 74 -11.88 -15.55 8.70
CA ASN K 74 -11.21 -16.33 7.68
C ASN K 74 -10.77 -17.70 8.18
N SER K 75 -10.62 -17.87 9.48
CA SER K 75 -10.29 -19.18 10.00
C SER K 75 -11.48 -20.11 9.94
N LYS K 76 -12.69 -19.57 10.02
CA LYS K 76 -13.91 -20.36 9.93
C LYS K 76 -14.55 -20.27 8.56
N ASN K 77 -14.01 -19.46 7.67
CA ASN K 77 -14.58 -19.24 6.34
C ASN K 77 -16.01 -18.75 6.43
N THR K 78 -16.23 -17.78 7.30
CA THR K 78 -17.57 -17.29 7.59
C THR K 78 -17.60 -15.78 7.47
N LEU K 79 -18.62 -15.27 6.82
CA LEU K 79 -18.86 -13.84 6.71
C LEU K 79 -20.02 -13.47 7.63
N TYR K 80 -19.89 -12.36 8.34
CA TYR K 80 -20.87 -11.95 9.33
C TYR K 80 -21.40 -10.56 9.01
N LEU K 81 -22.66 -10.32 9.39
CA LEU K 81 -23.28 -9.01 9.28
C LEU K 81 -24.11 -8.78 10.53
N GLN K 82 -23.62 -7.94 11.43
CA GLN K 82 -24.34 -7.54 12.62
C GLN K 82 -25.20 -6.33 12.32
N MET K 83 -26.51 -6.47 12.46
CA MET K 83 -27.47 -5.43 12.15
C MET K 83 -28.08 -4.92 13.45
N ASN K 84 -27.85 -3.65 13.75
CA ASN K 84 -28.40 -3.02 14.94
C ASN K 84 -29.39 -1.93 14.54
N SER K 85 -30.30 -1.63 15.46
CA SER K 85 -31.27 -0.56 15.28
C SER K 85 -32.07 -0.72 13.99
N LEU K 86 -32.63 -1.90 13.81
CA LEU K 86 -33.33 -2.20 12.57
C LEU K 86 -34.60 -1.37 12.43
N ARG K 87 -34.84 -0.87 11.22
CA ARG K 87 -36.05 -0.14 10.88
C ARG K 87 -36.92 -0.99 9.97
N ALA K 88 -38.15 -0.53 9.76
CA ALA K 88 -39.10 -1.30 8.96
C ALA K 88 -38.60 -1.49 7.54
N GLU K 89 -37.93 -0.50 6.98
CA GLU K 89 -37.49 -0.62 5.59
C GLU K 89 -36.34 -1.59 5.39
N ASP K 90 -35.74 -2.13 6.45
CA ASP K 90 -34.71 -3.13 6.27
C ASP K 90 -35.24 -4.52 5.97
N THR K 91 -36.54 -4.72 5.98
CA THR K 91 -37.07 -6.03 5.61
C THR K 91 -36.74 -6.34 4.16
N ALA K 92 -35.99 -7.41 3.94
CA ALA K 92 -35.57 -7.78 2.61
C ALA K 92 -34.96 -9.16 2.65
N VAL K 93 -34.66 -9.69 1.47
CA VAL K 93 -33.85 -10.88 1.31
C VAL K 93 -32.41 -10.47 1.17
N TYR K 94 -31.55 -11.00 2.02
CA TYR K 94 -30.13 -10.65 2.04
C TYR K 94 -29.29 -11.74 1.41
N TYR K 95 -28.45 -11.35 0.46
CA TYR K 95 -27.52 -12.25 -0.19
C TYR K 95 -26.10 -11.86 0.16
N CYS K 96 -25.25 -12.84 0.41
CA CYS K 96 -23.82 -12.61 0.36
C CYS K 96 -23.33 -12.91 -1.05
N ALA K 97 -22.27 -12.23 -1.44
CA ALA K 97 -21.76 -12.38 -2.80
C ALA K 97 -20.25 -12.28 -2.79
N LYS K 98 -19.64 -12.99 -3.72
CA LYS K 98 -18.19 -13.07 -3.85
C LYS K 98 -17.72 -12.14 -4.95
N VAL K 99 -16.67 -11.37 -4.66
CA VAL K 99 -16.06 -10.53 -5.67
C VAL K 99 -15.35 -11.40 -6.69
N TRP K 100 -15.44 -11.05 -7.97
CA TRP K 100 -14.76 -11.81 -8.99
C TRP K 100 -13.27 -11.49 -8.99
N PHE K 101 -12.50 -12.33 -9.66
CA PHE K 101 -11.08 -12.08 -9.83
C PHE K 101 -10.86 -11.27 -11.08
N GLY K 102 -10.01 -10.24 -10.99
CA GLY K 102 -9.75 -9.37 -12.10
C GLY K 102 -8.33 -8.84 -12.15
N GLU K 103 -8.13 -7.74 -12.84
CA GLU K 103 -6.81 -7.13 -12.92
C GLU K 103 -6.59 -6.16 -11.77
N SER K 104 -5.34 -5.78 -11.57
CA SER K 104 -4.99 -5.01 -10.39
C SER K 104 -5.61 -3.62 -10.38
N GLU K 105 -5.79 -3.01 -11.54
CA GLU K 105 -6.31 -1.64 -11.58
C GLU K 105 -7.78 -1.57 -11.96
N ASP K 106 -8.45 -2.70 -12.15
CA ASP K 106 -9.85 -2.67 -12.50
C ASP K 106 -10.71 -2.36 -11.30
N ASN K 107 -11.93 -1.94 -11.57
CA ASN K 107 -12.98 -1.93 -10.56
C ASN K 107 -13.65 -3.29 -10.47
N TYR K 108 -14.24 -3.55 -9.31
CA TYR K 108 -14.69 -4.89 -8.96
C TYR K 108 -16.14 -4.88 -8.53
N SER K 109 -16.82 -5.99 -8.79
CA SER K 109 -18.16 -6.25 -8.32
C SER K 109 -18.27 -7.75 -8.05
N VAL K 110 -19.48 -8.28 -8.00
CA VAL K 110 -19.69 -9.64 -7.53
C VAL K 110 -20.06 -10.53 -8.71
N ASP K 111 -19.64 -11.78 -8.63
CA ASP K 111 -19.96 -12.75 -9.67
C ASP K 111 -20.79 -13.92 -9.20
N VAL K 112 -20.66 -14.34 -7.95
CA VAL K 112 -21.41 -15.47 -7.44
C VAL K 112 -22.22 -15.00 -6.25
N TRP K 113 -23.52 -15.22 -6.29
CA TRP K 113 -24.42 -14.84 -5.22
C TRP K 113 -24.79 -16.06 -4.39
N GLY K 114 -25.07 -15.81 -3.12
CA GLY K 114 -25.53 -16.86 -2.25
C GLY K 114 -26.98 -17.20 -2.50
N GLN K 115 -27.51 -18.06 -1.65
CA GLN K 115 -28.88 -18.49 -1.79
C GLN K 115 -29.87 -17.44 -1.29
N GLY K 116 -29.51 -16.69 -0.27
CA GLY K 116 -30.40 -15.67 0.24
C GLY K 116 -31.13 -16.09 1.49
N THR K 117 -31.29 -15.15 2.42
CA THR K 117 -32.04 -15.38 3.66
C THR K 117 -32.98 -14.22 3.88
N THR K 118 -34.20 -14.53 4.33
CA THR K 118 -35.25 -13.52 4.44
C THR K 118 -35.21 -12.90 5.82
N VAL K 119 -35.28 -11.58 5.87
CA VAL K 119 -35.33 -10.85 7.13
C VAL K 119 -36.58 -9.99 7.11
N THR K 120 -37.43 -10.14 8.11
CA THR K 120 -38.69 -9.40 8.20
C THR K 120 -38.69 -8.59 9.49
N VAL K 121 -38.65 -7.28 9.36
CA VAL K 121 -38.65 -6.38 10.51
C VAL K 121 -40.07 -5.88 10.69
N SER K 122 -40.74 -6.36 11.73
CA SER K 122 -42.12 -6.01 11.99
C SER K 122 -42.42 -6.20 13.47
N SER K 123 -43.30 -5.36 13.99
CA SER K 123 -43.74 -5.47 15.37
C SER K 123 -44.93 -6.40 15.54
N ALA K 124 -45.34 -7.09 14.48
CA ALA K 124 -46.46 -8.02 14.60
C ALA K 124 -46.05 -9.27 15.35
N SER K 125 -46.97 -9.81 16.13
CA SER K 125 -46.75 -11.04 16.87
C SER K 125 -47.20 -12.24 16.05
N THR K 126 -46.59 -13.38 16.34
CA THR K 126 -46.94 -14.62 15.63
C THR K 126 -48.40 -14.95 15.86
N LYS K 127 -49.14 -15.12 14.77
CA LYS K 127 -50.57 -15.36 14.84
C LYS K 127 -51.01 -16.25 13.70
N GLY K 128 -51.77 -17.28 14.03
CA GLY K 128 -52.32 -18.19 13.05
C GLY K 128 -53.35 -17.51 12.17
N PRO K 129 -53.60 -18.09 11.00
CA PRO K 129 -54.49 -17.46 10.04
C PRO K 129 -55.96 -17.75 10.30
N SER K 130 -56.81 -16.88 9.74
CA SER K 130 -58.24 -17.10 9.67
C SER K 130 -58.58 -17.54 8.25
N VAL K 131 -59.24 -18.68 8.14
CA VAL K 131 -59.58 -19.28 6.85
C VAL K 131 -61.05 -19.03 6.57
N PHE K 132 -61.33 -18.28 5.51
CA PHE K 132 -62.70 -17.99 5.13
C PHE K 132 -63.00 -18.58 3.76
N PRO K 133 -64.18 -19.14 3.55
CA PRO K 133 -64.52 -19.73 2.26
C PRO K 133 -64.88 -18.68 1.23
N LEU K 134 -64.41 -18.89 0.01
CA LEU K 134 -64.84 -18.11 -1.15
C LEU K 134 -65.85 -18.97 -1.89
N ALA K 135 -67.11 -18.82 -1.51
CA ALA K 135 -68.17 -19.73 -1.91
C ALA K 135 -68.61 -19.48 -3.34
N PRO K 136 -68.67 -20.51 -4.18
CA PRO K 136 -69.18 -20.35 -5.54
C PRO K 136 -70.70 -20.26 -5.55
N SER K 137 -71.22 -19.57 -6.55
CA SER K 137 -72.66 -19.44 -6.71
C SER K 137 -72.96 -19.12 -8.17
N SER K 138 -74.18 -18.68 -8.44
CA SER K 138 -74.54 -18.28 -9.81
C SER K 138 -73.72 -17.10 -10.28
N LYS K 139 -73.27 -16.25 -9.37
CA LYS K 139 -72.48 -15.08 -9.71
C LYS K 139 -71.02 -15.43 -10.01
N SER K 140 -70.60 -16.66 -9.74
CA SER K 140 -69.27 -17.13 -10.07
C SER K 140 -69.33 -18.32 -11.02
N THR K 141 -70.26 -18.27 -11.97
CA THR K 141 -70.42 -19.34 -12.94
C THR K 141 -70.58 -18.73 -14.33
N SER K 142 -69.77 -19.21 -15.28
CA SER K 142 -69.86 -18.78 -16.67
C SER K 142 -69.84 -20.05 -17.52
N GLY K 143 -71.02 -20.45 -18.01
CA GLY K 143 -71.09 -21.70 -18.73
C GLY K 143 -70.98 -22.88 -17.77
N GLY K 144 -70.18 -23.86 -18.16
CA GLY K 144 -69.92 -25.03 -17.34
C GLY K 144 -68.76 -24.90 -16.38
N THR K 145 -68.22 -23.70 -16.19
CA THR K 145 -67.08 -23.49 -15.31
C THR K 145 -67.46 -22.59 -14.16
N ALA K 146 -67.09 -22.99 -12.94
CA ALA K 146 -67.29 -22.22 -11.74
C ALA K 146 -65.96 -22.03 -11.02
N ALA K 147 -65.91 -21.02 -10.15
CA ALA K 147 -64.72 -20.71 -9.38
C ALA K 147 -65.05 -20.71 -7.90
N LEU K 148 -64.17 -21.33 -7.12
CA LEU K 148 -64.27 -21.34 -5.66
C LEU K 148 -62.88 -21.17 -5.07
N GLY K 149 -62.81 -20.90 -3.78
CA GLY K 149 -61.50 -20.71 -3.18
C GLY K 149 -61.53 -20.61 -1.68
N CYS K 150 -60.37 -20.21 -1.13
CA CYS K 150 -60.17 -20.01 0.30
C CYS K 150 -59.38 -18.74 0.52
N LEU K 151 -59.82 -17.93 1.48
CA LEU K 151 -59.14 -16.71 1.86
C LEU K 151 -58.39 -16.93 3.18
N VAL K 152 -57.07 -16.74 3.14
CA VAL K 152 -56.21 -16.96 4.30
C VAL K 152 -55.77 -15.61 4.80
N LYS K 153 -56.41 -15.12 5.85
CA LYS K 153 -56.32 -13.73 6.27
C LYS K 153 -55.69 -13.60 7.65
N ASP K 154 -54.91 -12.54 7.82
CA ASP K 154 -54.44 -12.10 9.14
C ASP K 154 -53.57 -13.16 9.81
N TYR K 155 -52.43 -13.45 9.17
CA TYR K 155 -51.43 -14.33 9.74
C TYR K 155 -50.08 -13.64 9.70
N PHE K 156 -49.19 -14.08 10.58
CA PHE K 156 -47.84 -13.55 10.64
C PHE K 156 -46.97 -14.57 11.35
N PRO K 157 -45.76 -14.83 10.86
CA PRO K 157 -45.25 -14.25 9.63
C PRO K 157 -45.43 -15.16 8.44
N GLU K 158 -44.76 -14.82 7.35
CA GLU K 158 -44.70 -15.68 6.20
C GLU K 158 -43.85 -16.91 6.51
N PRO K 159 -44.09 -18.02 5.80
CA PRO K 159 -45.12 -18.24 4.79
C PRO K 159 -46.23 -19.15 5.28
N VAL K 160 -47.21 -19.39 4.41
CA VAL K 160 -48.24 -20.38 4.63
C VAL K 160 -48.34 -21.24 3.38
N THR K 161 -48.69 -22.50 3.56
CA THR K 161 -48.90 -23.41 2.45
C THR K 161 -50.38 -23.75 2.32
N VAL K 162 -50.86 -23.81 1.08
CA VAL K 162 -52.24 -24.15 0.79
C VAL K 162 -52.26 -25.30 -0.19
N SER K 163 -53.03 -26.34 0.13
CA SER K 163 -53.26 -27.44 -0.79
C SER K 163 -54.76 -27.67 -0.91
N TRP K 164 -55.13 -28.43 -1.94
CA TRP K 164 -56.53 -28.73 -2.21
C TRP K 164 -56.74 -30.23 -2.21
N ASN K 165 -57.68 -30.69 -1.39
CA ASN K 165 -58.00 -32.10 -1.26
C ASN K 165 -56.75 -32.92 -1.00
N SER K 166 -55.94 -32.44 -0.06
CA SER K 166 -54.69 -33.10 0.32
C SER K 166 -53.76 -33.29 -0.86
N GLY K 167 -53.80 -32.39 -1.83
CA GLY K 167 -52.96 -32.49 -2.99
C GLY K 167 -53.57 -33.21 -4.17
N ALA K 168 -54.77 -33.76 -4.00
CA ALA K 168 -55.40 -34.49 -5.10
C ALA K 168 -55.88 -33.57 -6.21
N LEU K 169 -56.10 -32.29 -5.92
CA LEU K 169 -56.57 -31.33 -6.91
C LEU K 169 -55.48 -30.30 -7.15
N THR K 170 -54.84 -30.38 -8.33
CA THR K 170 -53.83 -29.40 -8.71
C THR K 170 -54.12 -28.71 -10.03
N SER K 171 -54.94 -29.28 -10.91
CA SER K 171 -55.24 -28.66 -12.19
C SER K 171 -56.12 -27.43 -11.98
N GLY K 172 -55.63 -26.27 -12.42
CA GLY K 172 -56.41 -25.06 -12.33
C GLY K 172 -56.32 -24.31 -11.03
N VAL K 173 -55.35 -24.63 -10.18
CA VAL K 173 -55.21 -23.98 -8.88
C VAL K 173 -54.31 -22.77 -9.05
N HIS K 174 -54.74 -21.64 -8.47
CA HIS K 174 -53.95 -20.42 -8.48
C HIS K 174 -53.90 -19.89 -7.05
N THR K 175 -52.75 -20.03 -6.41
CA THR K 175 -52.50 -19.45 -5.10
C THR K 175 -51.74 -18.15 -5.29
N PHE K 176 -52.37 -17.05 -4.91
CA PHE K 176 -51.77 -15.75 -5.13
C PHE K 176 -50.67 -15.48 -4.11
N PRO K 177 -49.68 -14.68 -4.46
CA PRO K 177 -48.69 -14.25 -3.48
C PRO K 177 -49.33 -13.42 -2.40
N ALA K 178 -48.79 -13.55 -1.19
CA ALA K 178 -49.34 -12.86 -0.04
C ALA K 178 -49.13 -11.36 -0.16
N VAL K 179 -50.06 -10.60 0.43
CA VAL K 179 -49.97 -9.15 0.49
C VAL K 179 -49.94 -8.71 1.94
N LEU K 180 -49.13 -7.69 2.21
CA LEU K 180 -49.00 -7.12 3.54
C LEU K 180 -50.07 -6.05 3.73
N GLN K 181 -50.81 -6.16 4.82
CA GLN K 181 -51.91 -5.24 5.10
C GLN K 181 -51.45 -4.11 5.99
N SER K 182 -52.32 -3.12 6.17
CA SER K 182 -51.99 -1.97 6.99
C SER K 182 -51.73 -2.38 8.44
N SER K 183 -52.30 -3.49 8.87
CA SER K 183 -52.13 -3.97 10.22
C SER K 183 -50.85 -4.76 10.42
N GLY K 184 -50.03 -4.89 9.37
CA GLY K 184 -48.84 -5.71 9.46
C GLY K 184 -49.08 -7.19 9.36
N LEU K 185 -50.30 -7.62 9.08
CA LEU K 185 -50.60 -9.03 8.90
C LEU K 185 -50.74 -9.35 7.42
N TYR K 186 -50.33 -10.56 7.05
CA TYR K 186 -50.41 -10.98 5.66
C TYR K 186 -51.76 -11.61 5.37
N SER K 187 -52.09 -11.66 4.08
CA SER K 187 -53.34 -12.23 3.61
C SER K 187 -53.15 -12.66 2.16
N LEU K 188 -53.79 -13.76 1.78
CA LEU K 188 -53.72 -14.20 0.40
C LEU K 188 -54.98 -14.99 0.07
N SER K 189 -55.11 -15.33 -1.21
CA SER K 189 -56.23 -16.14 -1.67
C SER K 189 -55.74 -17.27 -2.55
N SER K 190 -56.50 -18.36 -2.56
CA SER K 190 -56.25 -19.48 -3.44
C SER K 190 -57.56 -19.85 -4.13
N VAL K 191 -57.54 -19.92 -5.45
CA VAL K 191 -58.76 -20.16 -6.22
C VAL K 191 -58.54 -21.36 -7.11
N VAL K 192 -59.66 -21.97 -7.53
CA VAL K 192 -59.64 -23.12 -8.43
C VAL K 192 -60.91 -23.10 -9.26
N THR K 193 -60.77 -23.43 -10.53
CA THR K 193 -61.90 -23.55 -11.45
C THR K 193 -62.31 -25.01 -11.58
N VAL K 194 -63.60 -25.26 -11.45
CA VAL K 194 -64.14 -26.62 -11.48
C VAL K 194 -65.32 -26.67 -12.43
N PRO K 195 -65.63 -27.85 -12.95
CA PRO K 195 -66.84 -28.00 -13.76
C PRO K 195 -68.09 -27.70 -12.93
N SER K 196 -68.95 -26.84 -13.47
CA SER K 196 -70.17 -26.44 -12.77
C SER K 196 -71.05 -27.65 -12.47
N SER K 197 -71.01 -28.66 -13.34
CA SER K 197 -71.83 -29.85 -13.14
C SER K 197 -71.38 -30.68 -11.95
N SER K 198 -70.25 -30.35 -11.35
CA SER K 198 -69.74 -31.10 -10.20
C SER K 198 -70.08 -30.45 -8.88
N LEU K 199 -70.61 -29.23 -8.90
CA LEU K 199 -70.96 -28.56 -7.65
C LEU K 199 -72.06 -29.30 -6.91
N GLY K 200 -71.97 -29.30 -5.58
CA GLY K 200 -72.93 -30.00 -4.76
C GLY K 200 -72.67 -31.47 -4.56
N THR K 201 -71.86 -32.10 -5.41
CA THR K 201 -71.55 -33.51 -5.27
C THR K 201 -70.09 -33.79 -4.96
N GLN K 202 -69.17 -33.12 -5.64
CA GLN K 202 -67.75 -33.30 -5.36
C GLN K 202 -67.34 -32.41 -4.18
N THR K 203 -66.64 -33.00 -3.22
CA THR K 203 -66.22 -32.28 -2.03
C THR K 203 -64.87 -31.63 -2.24
N TYR K 204 -64.78 -30.33 -1.93
CA TYR K 204 -63.55 -29.58 -2.05
C TYR K 204 -63.19 -29.00 -0.69
N ILE K 205 -62.00 -29.33 -0.21
CA ILE K 205 -61.50 -28.86 1.07
C ILE K 205 -60.10 -28.30 0.84
N CYS K 206 -59.86 -27.10 1.34
CA CYS K 206 -58.54 -26.48 1.28
C CYS K 206 -57.81 -26.73 2.59
N ASN K 207 -56.55 -27.12 2.48
CA ASN K 207 -55.71 -27.46 3.62
C ASN K 207 -54.63 -26.39 3.77
N VAL K 208 -54.82 -25.53 4.76
CA VAL K 208 -53.88 -24.47 5.09
C VAL K 208 -52.97 -24.94 6.21
N ASN K 209 -51.67 -24.76 6.03
CA ASN K 209 -50.67 -25.14 7.02
C ASN K 209 -49.75 -23.96 7.28
N HIS K 210 -49.49 -23.69 8.55
CA HIS K 210 -48.65 -22.57 8.98
C HIS K 210 -47.71 -23.10 10.07
N LYS K 211 -46.52 -23.50 9.64
CA LYS K 211 -45.55 -24.08 10.56
C LYS K 211 -45.14 -23.15 11.70
N PRO K 212 -44.92 -21.85 11.51
CA PRO K 212 -44.50 -21.02 12.64
C PRO K 212 -45.44 -21.07 13.83
N SER K 213 -46.72 -21.30 13.59
CA SER K 213 -47.69 -21.41 14.68
C SER K 213 -48.23 -22.82 14.82
N ASN K 214 -47.74 -23.76 14.01
CA ASN K 214 -48.19 -25.15 14.01
C ASN K 214 -49.68 -25.25 13.71
N THR K 215 -50.17 -24.35 12.87
CA THR K 215 -51.59 -24.32 12.52
C THR K 215 -51.85 -25.24 11.33
N LYS K 216 -52.87 -26.08 11.45
CA LYS K 216 -53.35 -26.90 10.35
C LYS K 216 -54.85 -26.78 10.32
N VAL K 217 -55.38 -26.26 9.22
CA VAL K 217 -56.81 -26.03 9.08
C VAL K 217 -57.30 -26.64 7.79
N ASP K 218 -58.32 -27.48 7.89
CA ASP K 218 -59.01 -28.04 6.74
C ASP K 218 -60.38 -27.38 6.66
N LYS K 219 -60.55 -26.48 5.70
CA LYS K 219 -61.79 -25.73 5.55
C LYS K 219 -62.58 -26.29 4.39
N LYS K 220 -63.82 -26.66 4.65
CA LYS K 220 -64.74 -27.12 3.62
C LYS K 220 -65.43 -25.92 2.98
N VAL K 221 -65.51 -25.95 1.65
CA VAL K 221 -66.11 -24.88 0.87
C VAL K 221 -67.43 -25.37 0.31
N GLU K 222 -68.54 -24.75 0.74
CA GLU K 222 -69.86 -25.14 0.28
C GLU K 222 -70.48 -24.06 -0.61
N PRO K 223 -71.28 -24.45 -1.60
CA PRO K 223 -71.92 -23.47 -2.49
C PRO K 223 -73.02 -22.69 -1.78
N LYS K 224 -73.46 -21.63 -2.44
CA LYS K 224 -74.54 -20.79 -1.95
C LYS K 224 -75.81 -21.02 -2.77
N ASP L 1 -24.67 10.15 -5.71
CA ASP L 1 -25.28 8.84 -5.84
C ASP L 1 -25.77 8.60 -7.26
N ILE L 2 -25.11 7.69 -7.96
CA ILE L 2 -25.41 7.42 -9.36
C ILE L 2 -26.74 6.72 -9.47
N GLN L 3 -27.67 7.31 -10.22
CA GLN L 3 -28.96 6.71 -10.50
C GLN L 3 -28.89 5.84 -11.73
N MET L 4 -29.51 4.67 -11.68
CA MET L 4 -29.58 3.77 -12.82
C MET L 4 -31.02 3.60 -13.24
N THR L 5 -31.26 3.48 -14.55
CA THR L 5 -32.60 3.36 -15.09
C THR L 5 -32.57 2.40 -16.27
N GLN L 6 -33.49 1.44 -16.27
CA GLN L 6 -33.55 0.42 -17.31
C GLN L 6 -34.81 0.59 -18.12
N SER L 7 -34.70 0.38 -19.42
CA SER L 7 -35.85 0.42 -20.29
C SER L 7 -35.83 -0.75 -21.26
N PRO L 8 -36.98 -1.35 -21.55
CA PRO L 8 -38.24 -1.05 -20.90
C PRO L 8 -38.35 -1.77 -19.57
N SER L 9 -39.34 -1.41 -18.76
CA SER L 9 -39.54 -2.12 -17.50
C SER L 9 -40.00 -3.55 -17.73
N THR L 10 -40.86 -3.76 -18.71
CA THR L 10 -41.33 -5.09 -19.09
C THR L 10 -41.29 -5.22 -20.60
N LEU L 11 -40.79 -6.35 -21.08
CA LEU L 11 -40.70 -6.59 -22.52
C LEU L 11 -41.29 -7.94 -22.86
N SER L 12 -42.38 -7.93 -23.63
CA SER L 12 -43.00 -9.14 -24.15
C SER L 12 -42.28 -9.58 -25.42
N THR L 13 -41.77 -10.81 -25.43
CA THR L 13 -40.97 -11.31 -26.54
C THR L 13 -41.25 -12.78 -26.75
N SER L 14 -40.76 -13.30 -27.87
CA SER L 14 -41.03 -14.66 -28.29
C SER L 14 -39.71 -15.37 -28.56
N VAL L 15 -39.75 -16.70 -28.53
CA VAL L 15 -38.55 -17.49 -28.80
C VAL L 15 -38.07 -17.23 -30.21
N GLY L 16 -36.78 -16.94 -30.35
CA GLY L 16 -36.16 -16.64 -31.62
C GLY L 16 -36.06 -15.17 -31.94
N ASP L 17 -36.69 -14.31 -31.16
CA ASP L 17 -36.62 -12.88 -31.42
C ASP L 17 -35.27 -12.33 -31.00
N ARG L 18 -34.93 -11.18 -31.58
CA ARG L 18 -33.77 -10.41 -31.17
C ARG L 18 -34.20 -9.40 -30.12
N VAL L 19 -33.63 -9.50 -28.93
CA VAL L 19 -34.04 -8.70 -27.78
C VAL L 19 -32.93 -7.71 -27.44
N THR L 20 -33.30 -6.46 -27.24
CA THR L 20 -32.36 -5.43 -26.82
C THR L 20 -32.97 -4.63 -25.68
N ILE L 21 -32.28 -4.60 -24.54
CA ILE L 21 -32.69 -3.80 -23.40
C ILE L 21 -31.61 -2.76 -23.12
N THR L 22 -32.02 -1.63 -22.59
CA THR L 22 -31.14 -0.50 -22.39
C THR L 22 -31.05 -0.16 -20.90
N CYS L 23 -29.96 0.51 -20.54
CA CYS L 23 -29.67 0.87 -19.16
C CYS L 23 -28.87 2.16 -19.21
N ARG L 24 -29.27 3.15 -18.41
CA ARG L 24 -28.69 4.48 -18.44
C ARG L 24 -28.31 4.91 -17.04
N ALA L 25 -27.19 5.61 -16.94
CA ALA L 25 -26.69 6.10 -15.67
C ALA L 25 -26.84 7.60 -15.62
N SER L 26 -27.05 8.13 -14.41
CA SER L 26 -27.21 9.56 -14.24
C SER L 26 -25.93 10.32 -14.54
N GLN L 27 -24.78 9.67 -14.46
CA GLN L 27 -23.53 10.31 -14.81
C GLN L 27 -22.64 9.29 -15.48
N SER L 28 -21.50 9.75 -15.98
CA SER L 28 -20.60 8.87 -16.73
C SER L 28 -19.99 7.83 -15.81
N ILE L 29 -20.14 6.56 -16.19
CA ILE L 29 -19.56 5.46 -15.44
C ILE L 29 -18.51 4.72 -16.26
N SER L 30 -18.03 5.33 -17.33
CA SER L 30 -17.05 4.74 -18.24
C SER L 30 -17.62 3.42 -18.75
N ASN L 31 -16.91 2.30 -18.63
CA ASN L 31 -17.40 1.00 -19.06
C ASN L 31 -17.65 0.04 -17.91
N TRP L 32 -17.62 0.52 -16.66
CA TRP L 32 -17.76 -0.32 -15.48
C TRP L 32 -19.24 -0.61 -15.23
N LEU L 33 -19.79 -1.48 -16.06
CA LEU L 33 -21.19 -1.90 -15.94
C LEU L 33 -21.30 -3.40 -16.06
N ALA L 34 -22.07 -4.01 -15.17
CA ALA L 34 -22.33 -5.44 -15.18
C ALA L 34 -23.81 -5.71 -15.37
N TRP L 35 -24.11 -6.86 -15.96
CA TRP L 35 -25.47 -7.34 -16.18
C TRP L 35 -25.68 -8.65 -15.44
N TYR L 36 -26.74 -8.73 -14.66
CA TYR L 36 -27.08 -9.91 -13.88
C TYR L 36 -28.46 -10.41 -14.28
N GLN L 37 -28.57 -11.72 -14.36
CA GLN L 37 -29.83 -12.41 -14.64
C GLN L 37 -30.35 -13.07 -13.39
N GLN L 38 -31.66 -12.97 -13.17
CA GLN L 38 -32.29 -13.58 -12.02
C GLN L 38 -33.58 -14.26 -12.42
N LYS L 39 -33.68 -15.48 -12.09
CA LYS L 39 -34.94 -16.15 -12.28
C LYS L 39 -35.76 -16.08 -11.00
N PRO L 40 -37.08 -16.10 -11.10
CA PRO L 40 -37.91 -15.90 -9.90
C PRO L 40 -37.66 -16.95 -8.84
N GLY L 41 -37.62 -16.49 -7.59
CA GLY L 41 -37.33 -17.35 -6.46
C GLY L 41 -35.96 -17.99 -6.50
N LYS L 42 -34.99 -17.34 -7.11
CA LYS L 42 -33.67 -17.92 -7.27
C LYS L 42 -32.65 -16.81 -7.23
N ALA L 43 -31.41 -17.17 -6.95
CA ALA L 43 -30.38 -16.16 -6.81
C ALA L 43 -29.94 -15.63 -8.16
N PRO L 44 -29.51 -14.38 -8.22
CA PRO L 44 -29.02 -13.80 -9.47
C PRO L 44 -27.72 -14.44 -9.91
N LYS L 45 -27.51 -14.44 -11.22
CA LYS L 45 -26.33 -15.02 -11.84
C LYS L 45 -25.69 -13.96 -12.72
N LEU L 46 -24.36 -13.88 -12.68
CA LEU L 46 -23.63 -12.89 -13.46
C LEU L 46 -23.60 -13.26 -14.93
N LEU L 47 -23.96 -12.31 -15.78
CA LEU L 47 -23.88 -12.50 -17.23
C LEU L 47 -22.73 -11.77 -17.89
N ILE L 48 -22.57 -10.48 -17.64
CA ILE L 48 -21.60 -9.68 -18.37
C ILE L 48 -20.94 -8.69 -17.43
N TYR L 49 -19.64 -8.50 -17.57
CA TYR L 49 -18.94 -7.43 -16.88
C TYR L 49 -18.17 -6.60 -17.89
N LYS L 50 -17.68 -5.45 -17.43
CA LYS L 50 -17.04 -4.46 -18.30
C LYS L 50 -17.92 -4.13 -19.49
N ALA L 51 -19.23 -4.24 -19.33
CA ALA L 51 -20.22 -3.84 -20.30
C ALA L 51 -20.24 -4.73 -21.54
N SER L 52 -19.15 -5.44 -21.81
CA SER L 52 -19.14 -6.26 -23.02
C SER L 52 -18.35 -7.56 -22.88
N THR L 53 -17.89 -7.92 -21.71
CA THR L 53 -17.16 -9.16 -21.53
C THR L 53 -18.10 -10.25 -21.05
N LEU L 54 -18.12 -11.36 -21.75
CA LEU L 54 -19.01 -12.46 -21.41
C LEU L 54 -18.38 -13.33 -20.33
N GLU L 55 -19.14 -13.59 -19.29
CA GLU L 55 -18.66 -14.48 -18.23
C GLU L 55 -18.50 -15.89 -18.78
N SER L 56 -17.50 -16.60 -18.25
CA SER L 56 -17.26 -17.98 -18.66
C SER L 56 -18.47 -18.84 -18.37
N GLY L 57 -18.87 -19.64 -19.35
CA GLY L 57 -20.05 -20.47 -19.25
C GLY L 57 -21.32 -19.85 -19.80
N VAL L 58 -21.30 -18.57 -20.13
CA VAL L 58 -22.48 -17.89 -20.65
C VAL L 58 -22.53 -18.13 -22.16
N PRO L 59 -23.66 -18.57 -22.70
CA PRO L 59 -23.74 -18.81 -24.14
C PRO L 59 -23.50 -17.54 -24.93
N SER L 60 -23.02 -17.72 -26.16
CA SER L 60 -22.59 -16.61 -26.99
C SER L 60 -23.75 -15.76 -27.50
N ARG L 61 -24.99 -16.21 -27.34
CA ARG L 61 -26.11 -15.41 -27.81
C ARG L 61 -26.32 -14.14 -27.00
N PHE L 62 -25.59 -13.95 -25.91
CA PHE L 62 -25.66 -12.73 -25.13
C PHE L 62 -24.51 -11.82 -25.54
N SER L 63 -24.78 -10.53 -25.64
CA SER L 63 -23.71 -9.59 -25.95
C SER L 63 -24.02 -8.26 -25.31
N GLY L 64 -22.97 -7.54 -24.94
CA GLY L 64 -23.14 -6.22 -24.38
C GLY L 64 -22.55 -5.13 -25.24
N SER L 65 -23.02 -3.91 -25.07
CA SER L 65 -22.51 -2.80 -25.83
C SER L 65 -22.79 -1.53 -25.05
N GLY L 66 -22.01 -0.49 -25.33
CA GLY L 66 -22.30 0.79 -24.73
C GLY L 66 -21.14 1.35 -23.94
N SER L 67 -21.13 2.67 -23.73
CA SER L 67 -20.05 3.29 -22.99
C SER L 67 -20.49 4.68 -22.57
N GLY L 68 -19.96 5.14 -21.45
CA GLY L 68 -20.32 6.43 -20.91
C GLY L 68 -21.55 6.33 -20.04
N THR L 69 -22.71 6.66 -20.60
CA THR L 69 -23.96 6.68 -19.85
C THR L 69 -25.05 5.80 -20.44
N GLU L 70 -24.87 5.29 -21.65
CA GLU L 70 -25.87 4.46 -22.31
C GLU L 70 -25.28 3.09 -22.58
N PHE L 71 -25.98 2.05 -22.16
CA PHE L 71 -25.54 0.68 -22.35
C PHE L 71 -26.72 -0.16 -22.79
N THR L 72 -26.43 -1.20 -23.56
CA THR L 72 -27.42 -2.12 -24.07
C THR L 72 -26.97 -3.56 -23.92
N LEU L 73 -27.94 -4.42 -23.66
CA LEU L 73 -27.77 -5.87 -23.63
C LEU L 73 -28.60 -6.47 -24.75
N THR L 74 -27.99 -7.34 -25.53
CA THR L 74 -28.63 -7.93 -26.70
C THR L 74 -28.61 -9.43 -26.59
N ILE L 75 -29.76 -10.04 -26.82
CA ILE L 75 -29.90 -11.47 -26.98
C ILE L 75 -30.26 -11.72 -28.43
N SER L 76 -29.36 -12.36 -29.16
CA SER L 76 -29.56 -12.53 -30.59
C SER L 76 -30.74 -13.43 -30.89
N SER L 77 -30.90 -14.52 -30.17
CA SER L 77 -32.00 -15.45 -30.40
C SER L 77 -32.48 -15.98 -29.05
N LEU L 78 -33.67 -15.57 -28.66
CA LEU L 78 -34.19 -15.91 -27.35
C LEU L 78 -34.47 -17.40 -27.26
N GLN L 79 -34.15 -17.98 -26.11
CA GLN L 79 -34.38 -19.38 -25.80
C GLN L 79 -35.17 -19.48 -24.51
N PRO L 80 -35.88 -20.59 -24.29
CA PRO L 80 -36.79 -20.66 -23.14
C PRO L 80 -36.10 -20.47 -21.81
N ASP L 81 -34.81 -20.79 -21.72
CA ASP L 81 -34.11 -20.58 -20.46
C ASP L 81 -33.86 -19.11 -20.16
N ASP L 82 -34.01 -18.22 -21.14
CA ASP L 82 -33.70 -16.81 -20.96
C ASP L 82 -34.86 -15.98 -20.44
N PHE L 83 -36.01 -16.58 -20.15
CA PHE L 83 -37.13 -15.83 -19.58
C PHE L 83 -36.84 -15.58 -18.12
N ALA L 84 -36.37 -14.37 -17.81
CA ALA L 84 -35.96 -14.03 -16.45
C ALA L 84 -35.90 -12.52 -16.34
N THR L 85 -35.52 -12.04 -15.17
CA THR L 85 -35.36 -10.61 -14.93
C THR L 85 -33.90 -10.23 -15.01
N TYR L 86 -33.60 -9.14 -15.71
CA TYR L 86 -32.24 -8.71 -15.97
C TYR L 86 -31.99 -7.36 -15.32
N TYR L 87 -30.95 -7.29 -14.49
CA TYR L 87 -30.57 -6.07 -13.79
C TYR L 87 -29.22 -5.60 -14.28
N CYS L 88 -29.09 -4.30 -14.50
CA CYS L 88 -27.78 -3.71 -14.72
C CYS L 88 -27.27 -3.14 -13.42
N GLN L 89 -25.95 -2.99 -13.34
CA GLN L 89 -25.30 -2.53 -12.13
C GLN L 89 -24.05 -1.77 -12.50
N GLN L 90 -24.00 -0.51 -12.14
CA GLN L 90 -22.76 0.24 -12.25
C GLN L 90 -21.86 -0.07 -11.08
N TYR L 91 -20.58 -0.20 -11.34
CA TYR L 91 -19.61 -0.36 -10.26
C TYR L 91 -18.45 0.59 -10.48
N SER L 92 -18.76 1.79 -10.93
CA SER L 92 -17.77 2.85 -11.04
C SER L 92 -17.63 3.63 -9.75
N SER L 93 -18.73 3.84 -9.03
CA SER L 93 -18.70 4.56 -7.76
C SER L 93 -19.71 3.87 -6.85
N TYR L 94 -19.19 3.09 -5.91
CA TYR L 94 -20.04 2.21 -5.10
C TYR L 94 -20.80 1.29 -6.05
N TRP L 95 -22.01 0.90 -5.69
CA TRP L 95 -22.75 -0.09 -6.47
C TRP L 95 -24.24 0.21 -6.40
N THR L 96 -24.86 0.45 -7.55
CA THR L 96 -26.30 0.67 -7.61
C THR L 96 -26.87 -0.13 -8.77
N PHE L 97 -28.02 -0.75 -8.55
CA PHE L 97 -28.68 -1.58 -9.53
C PHE L 97 -29.86 -0.83 -10.14
N GLY L 98 -30.19 -1.17 -11.37
CA GLY L 98 -31.41 -0.69 -11.96
C GLY L 98 -32.63 -1.41 -11.44
N GLN L 99 -33.80 -0.91 -11.82
CA GLN L 99 -35.03 -1.54 -11.36
C GLN L 99 -35.25 -2.92 -11.94
N GLY L 100 -34.60 -3.24 -13.05
CA GLY L 100 -34.76 -4.56 -13.64
C GLY L 100 -35.75 -4.61 -14.77
N THR L 101 -35.43 -5.41 -15.78
CA THR L 101 -36.30 -5.65 -16.92
C THR L 101 -36.69 -7.13 -16.92
N LYS L 102 -37.99 -7.39 -16.92
CA LYS L 102 -38.52 -8.75 -16.93
C LYS L 102 -38.89 -9.13 -18.34
N LEU L 103 -38.33 -10.24 -18.84
CA LEU L 103 -38.68 -10.76 -20.14
C LEU L 103 -39.92 -11.64 -20.03
N GLU L 104 -40.99 -11.21 -20.66
CA GLU L 104 -42.29 -11.85 -20.57
C GLU L 104 -42.55 -12.69 -21.80
N ILE L 105 -43.27 -13.79 -21.62
CA ILE L 105 -43.61 -14.71 -22.70
C ILE L 105 -44.77 -14.11 -23.49
N LYS L 106 -44.50 -13.72 -24.73
CA LYS L 106 -45.55 -13.15 -25.55
C LYS L 106 -46.45 -14.24 -26.11
N ARG L 107 -47.76 -14.00 -26.05
CA ARG L 107 -48.75 -14.91 -26.60
C ARG L 107 -49.91 -14.08 -27.11
N THR L 108 -50.92 -14.77 -27.64
CA THR L 108 -52.10 -14.10 -28.14
C THR L 108 -52.93 -13.54 -27.00
N VAL L 109 -53.82 -12.62 -27.35
CA VAL L 109 -54.66 -11.95 -26.36
C VAL L 109 -55.72 -12.91 -25.88
N ALA L 110 -55.92 -12.96 -24.56
CA ALA L 110 -56.96 -13.78 -23.96
C ALA L 110 -57.70 -12.95 -22.92
N ALA L 111 -59.02 -12.86 -23.08
CA ALA L 111 -59.82 -12.08 -22.16
C ALA L 111 -59.96 -12.78 -20.81
N PRO L 112 -60.06 -12.02 -19.73
CA PRO L 112 -60.18 -12.62 -18.40
C PRO L 112 -61.55 -13.19 -18.15
N SER L 113 -61.59 -14.23 -17.31
CA SER L 113 -62.84 -14.69 -16.71
C SER L 113 -62.99 -14.01 -15.37
N VAL L 114 -64.16 -13.40 -15.13
CA VAL L 114 -64.36 -12.57 -13.95
C VAL L 114 -65.32 -13.26 -13.00
N PHE L 115 -64.91 -13.40 -11.75
CA PHE L 115 -65.74 -13.97 -10.71
C PHE L 115 -65.68 -13.09 -9.48
N ILE L 116 -66.80 -13.02 -8.76
CA ILE L 116 -66.90 -12.24 -7.53
C ILE L 116 -67.34 -13.16 -6.40
N PHE L 117 -66.80 -12.93 -5.21
CA PHE L 117 -67.13 -13.69 -4.02
C PHE L 117 -67.51 -12.73 -2.89
N PRO L 118 -68.66 -12.93 -2.25
CA PRO L 118 -69.04 -12.09 -1.13
C PRO L 118 -68.39 -12.57 0.16
N PRO L 119 -68.39 -11.76 1.20
CA PRO L 119 -67.84 -12.20 2.49
C PRO L 119 -68.65 -13.34 3.09
N SER L 120 -67.93 -14.28 3.71
CA SER L 120 -68.56 -15.40 4.39
C SER L 120 -69.23 -14.94 5.68
N ASP L 121 -70.22 -15.73 6.11
CA ASP L 121 -70.91 -15.43 7.36
C ASP L 121 -69.98 -15.54 8.56
N GLU L 122 -68.95 -16.38 8.48
CA GLU L 122 -68.01 -16.49 9.59
C GLU L 122 -67.19 -15.22 9.72
N GLN L 123 -66.73 -14.68 8.59
CA GLN L 123 -65.97 -13.45 8.64
C GLN L 123 -66.86 -12.29 9.09
N LEU L 124 -68.11 -12.30 8.66
CA LEU L 124 -69.06 -11.31 9.13
C LEU L 124 -69.23 -11.42 10.64
N LYS L 125 -69.21 -12.65 11.16
CA LYS L 125 -69.26 -12.84 12.60
C LYS L 125 -67.97 -12.34 13.26
N SER L 126 -66.86 -12.34 12.53
CA SER L 126 -65.61 -11.88 13.09
C SER L 126 -65.49 -10.36 13.10
N GLY L 127 -66.38 -9.64 12.41
CA GLY L 127 -66.39 -8.20 12.42
C GLY L 127 -65.82 -7.53 11.19
N THR L 128 -65.39 -8.30 10.19
CA THR L 128 -64.82 -7.76 8.97
C THR L 128 -65.52 -8.36 7.77
N ALA L 129 -65.44 -7.65 6.65
CA ALA L 129 -66.07 -8.11 5.40
C ALA L 129 -65.07 -7.89 4.27
N SER L 130 -64.59 -8.98 3.70
CA SER L 130 -63.70 -8.93 2.55
C SER L 130 -64.45 -9.41 1.32
N VAL L 131 -64.42 -8.61 0.27
CA VAL L 131 -65.02 -8.95 -1.02
C VAL L 131 -63.91 -9.16 -2.03
N VAL L 132 -64.00 -10.26 -2.78
CA VAL L 132 -62.93 -10.71 -3.65
C VAL L 132 -63.43 -10.72 -5.09
N CYS L 133 -62.66 -10.09 -5.97
CA CYS L 133 -62.91 -10.10 -7.40
C CYS L 133 -61.75 -10.82 -8.06
N LEU L 134 -62.04 -11.81 -8.89
CA LEU L 134 -61.02 -12.67 -9.48
C LEU L 134 -61.03 -12.54 -10.99
N LEU L 135 -59.86 -12.30 -11.56
CA LEU L 135 -59.65 -12.33 -13.00
C LEU L 135 -58.76 -13.51 -13.34
N ASN L 136 -59.29 -14.45 -14.10
CA ASN L 136 -58.62 -15.73 -14.36
C ASN L 136 -58.20 -15.82 -15.81
N ASN L 137 -56.94 -16.22 -16.02
CA ASN L 137 -56.43 -16.64 -17.32
C ASN L 137 -56.61 -15.54 -18.37
N PHE L 138 -55.84 -14.47 -18.17
CA PHE L 138 -55.88 -13.32 -19.07
C PHE L 138 -54.47 -12.93 -19.46
N TYR L 139 -54.39 -12.26 -20.61
CA TYR L 139 -53.15 -11.72 -21.15
C TYR L 139 -53.50 -10.60 -22.12
N PRO L 140 -52.74 -9.50 -22.13
CA PRO L 140 -51.58 -9.25 -21.26
C PRO L 140 -52.01 -8.95 -19.84
N ARG L 141 -51.04 -8.61 -18.97
CA ARG L 141 -51.33 -8.46 -17.56
C ARG L 141 -52.08 -7.16 -17.26
N GLU L 142 -51.91 -6.12 -18.08
CA GLU L 142 -52.50 -4.83 -17.76
C GLU L 142 -54.02 -4.92 -17.75
N ALA L 143 -54.61 -4.55 -16.62
CA ALA L 143 -56.05 -4.51 -16.43
C ALA L 143 -56.36 -3.54 -15.32
N LYS L 144 -57.60 -3.07 -15.29
CA LYS L 144 -58.06 -2.16 -14.26
C LYS L 144 -59.30 -2.75 -13.60
N VAL L 145 -59.29 -2.77 -12.27
CA VAL L 145 -60.41 -3.27 -11.47
C VAL L 145 -60.88 -2.15 -10.57
N GLN L 146 -62.14 -1.76 -10.71
CA GLN L 146 -62.74 -0.71 -9.91
C GLN L 146 -63.86 -1.30 -9.07
N TRP L 147 -63.81 -1.02 -7.77
CA TRP L 147 -64.85 -1.46 -6.84
C TRP L 147 -65.92 -0.39 -6.76
N LYS L 148 -67.19 -0.83 -6.83
CA LYS L 148 -68.33 0.06 -6.72
C LYS L 148 -69.28 -0.47 -5.67
N VAL L 149 -69.58 0.35 -4.67
CA VAL L 149 -70.48 0.00 -3.59
C VAL L 149 -71.66 0.94 -3.66
N ASP L 150 -72.82 0.41 -4.04
CA ASP L 150 -74.00 1.22 -4.36
C ASP L 150 -73.64 2.31 -5.36
N ASN L 151 -72.94 1.91 -6.42
CA ASN L 151 -72.57 2.79 -7.52
C ASN L 151 -71.60 3.89 -7.10
N ALA L 152 -70.90 3.68 -5.98
CA ALA L 152 -69.93 4.65 -5.48
C ALA L 152 -68.54 4.04 -5.58
N LEU L 153 -67.64 4.73 -6.28
CA LEU L 153 -66.29 4.23 -6.48
C LEU L 153 -65.50 4.24 -5.18
N GLN L 154 -64.79 3.16 -4.91
CA GLN L 154 -63.95 3.02 -3.73
C GLN L 154 -62.51 3.38 -4.07
N SER L 155 -61.78 3.85 -3.06
CA SER L 155 -60.39 4.22 -3.27
C SER L 155 -59.62 4.12 -1.96
N GLY L 156 -58.48 3.44 -2.01
CA GLY L 156 -57.63 3.33 -0.84
C GLY L 156 -58.01 2.23 0.12
N ASN L 157 -58.98 1.40 -0.22
CA ASN L 157 -59.42 0.33 0.65
C ASN L 157 -59.39 -1.03 -0.03
N SER L 158 -58.62 -1.16 -1.11
CA SER L 158 -58.51 -2.42 -1.85
C SER L 158 -57.03 -2.73 -2.06
N GLN L 159 -56.75 -4.00 -2.28
CA GLN L 159 -55.40 -4.46 -2.56
C GLN L 159 -55.43 -5.49 -3.68
N GLU L 160 -54.43 -5.45 -4.54
CA GLU L 160 -54.35 -6.34 -5.69
C GLU L 160 -53.16 -7.28 -5.56
N SER L 161 -53.31 -8.49 -6.10
CA SER L 161 -52.23 -9.46 -6.14
C SER L 161 -52.26 -10.15 -7.49
N VAL L 162 -51.09 -10.35 -8.08
CA VAL L 162 -50.98 -10.94 -9.40
C VAL L 162 -50.03 -12.13 -9.34
N THR L 163 -50.42 -13.22 -9.99
CA THR L 163 -49.56 -14.38 -10.12
C THR L 163 -48.55 -14.19 -11.25
N GLU L 164 -47.52 -15.03 -11.25
CA GLU L 164 -46.61 -15.08 -12.38
C GLU L 164 -47.26 -15.78 -13.56
N GLN L 165 -46.60 -15.67 -14.72
CA GLN L 165 -47.11 -16.32 -15.92
C GLN L 165 -47.19 -17.83 -15.74
N ASP L 166 -48.36 -18.38 -16.00
CA ASP L 166 -48.57 -19.81 -15.86
C ASP L 166 -47.63 -20.56 -16.79
N SER L 167 -47.05 -21.65 -16.26
CA SER L 167 -46.09 -22.42 -17.04
C SER L 167 -46.73 -23.09 -18.24
N LYS L 168 -48.02 -23.38 -18.18
CA LYS L 168 -48.67 -24.14 -19.23
C LYS L 168 -49.17 -23.26 -20.37
N ASP L 169 -49.79 -22.12 -20.06
CA ASP L 169 -50.40 -21.29 -21.08
C ASP L 169 -50.02 -19.82 -20.98
N SER L 170 -49.10 -19.46 -20.08
CA SER L 170 -48.52 -18.12 -20.05
C SER L 170 -49.55 -17.04 -19.76
N THR L 171 -50.59 -17.38 -19.00
CA THR L 171 -51.61 -16.41 -18.63
C THR L 171 -51.39 -15.91 -17.22
N TYR L 172 -52.08 -14.82 -16.89
CA TYR L 172 -52.04 -14.23 -15.56
C TYR L 172 -53.37 -14.47 -14.85
N SER L 173 -53.31 -14.39 -13.52
CA SER L 173 -54.50 -14.34 -12.69
C SER L 173 -54.33 -13.22 -11.67
N LEU L 174 -55.42 -12.53 -11.38
CA LEU L 174 -55.37 -11.39 -10.48
C LEU L 174 -56.49 -11.48 -9.46
N SER L 175 -56.17 -11.18 -8.21
CA SER L 175 -57.16 -11.11 -7.15
C SER L 175 -57.16 -9.70 -6.58
N SER L 176 -58.37 -9.14 -6.41
CA SER L 176 -58.56 -7.86 -5.76
C SER L 176 -59.40 -8.05 -4.52
N THR L 177 -58.92 -7.55 -3.39
CA THR L 177 -59.59 -7.72 -2.11
C THR L 177 -60.01 -6.36 -1.58
N LEU L 178 -61.31 -6.15 -1.47
CA LEU L 178 -61.88 -4.96 -0.85
C LEU L 178 -62.24 -5.29 0.58
N THR L 179 -61.68 -4.54 1.52
CA THR L 179 -61.86 -4.79 2.94
C THR L 179 -62.67 -3.66 3.56
N LEU L 180 -63.71 -4.02 4.30
CA LEU L 180 -64.59 -3.05 4.95
C LEU L 180 -64.98 -3.57 6.32
N SER L 181 -65.37 -2.64 7.19
CA SER L 181 -65.91 -3.02 8.49
C SER L 181 -67.30 -3.63 8.33
N LYS L 182 -67.67 -4.44 9.32
CA LYS L 182 -68.98 -5.08 9.30
C LYS L 182 -70.09 -4.04 9.27
N ALA L 183 -69.89 -2.91 9.95
CA ALA L 183 -70.90 -1.87 9.95
C ALA L 183 -70.96 -1.18 8.60
N ASP L 184 -69.80 -0.89 8.01
CA ASP L 184 -69.77 -0.33 6.66
C ASP L 184 -70.34 -1.31 5.67
N TYR L 185 -70.05 -2.60 5.84
CA TYR L 185 -70.56 -3.59 4.91
C TYR L 185 -72.07 -3.69 4.98
N GLU L 186 -72.64 -3.65 6.18
CA GLU L 186 -74.07 -3.77 6.34
C GLU L 186 -74.78 -2.46 6.09
N LYS L 187 -74.04 -1.38 5.82
CA LYS L 187 -74.64 -0.11 5.46
C LYS L 187 -74.84 0.03 3.96
N HIS L 188 -74.73 -1.06 3.21
CA HIS L 188 -74.95 -1.02 1.78
C HIS L 188 -75.54 -2.34 1.31
N LYS L 189 -75.95 -2.35 0.04
CA LYS L 189 -76.67 -3.49 -0.52
C LYS L 189 -75.90 -4.10 -1.68
N VAL L 190 -75.59 -3.33 -2.71
CA VAL L 190 -75.01 -3.84 -3.94
C VAL L 190 -73.50 -3.64 -3.91
N TYR L 191 -72.77 -4.67 -4.30
CA TYR L 191 -71.31 -4.66 -4.33
C TYR L 191 -70.86 -5.18 -5.67
N ALA L 192 -70.15 -4.35 -6.44
CA ALA L 192 -69.75 -4.71 -7.79
C ALA L 192 -68.27 -4.42 -8.00
N CYS L 193 -67.64 -5.27 -8.81
CA CYS L 193 -66.32 -4.99 -9.37
C CYS L 193 -66.42 -4.89 -10.88
N GLU L 194 -65.89 -3.80 -11.43
CA GLU L 194 -65.84 -3.55 -12.86
C GLU L 194 -64.42 -3.73 -13.34
N VAL L 195 -64.27 -4.46 -14.45
CA VAL L 195 -62.97 -4.87 -14.97
C VAL L 195 -62.85 -4.39 -16.40
N THR L 196 -61.71 -3.77 -16.72
CA THR L 196 -61.36 -3.40 -18.08
C THR L 196 -60.05 -4.05 -18.48
N HIS L 197 -60.00 -4.55 -19.70
CA HIS L 197 -58.83 -5.21 -20.24
C HIS L 197 -58.81 -5.06 -21.75
N GLN L 198 -57.59 -5.04 -22.31
CA GLN L 198 -57.46 -4.80 -23.75
C GLN L 198 -58.11 -5.89 -24.58
N GLY L 199 -58.36 -7.05 -23.99
CA GLY L 199 -59.10 -8.09 -24.68
C GLY L 199 -60.58 -7.98 -24.55
N LEU L 200 -61.08 -6.97 -23.83
CA LEU L 200 -62.51 -6.77 -23.61
C LEU L 200 -62.94 -5.51 -24.35
N SER L 201 -63.93 -5.67 -25.25
CA SER L 201 -64.43 -4.50 -25.97
C SER L 201 -65.16 -3.54 -25.05
N SER L 202 -65.84 -4.04 -24.03
CA SER L 202 -66.57 -3.23 -23.07
C SER L 202 -66.24 -3.70 -21.66
N PRO L 203 -66.31 -2.80 -20.68
CA PRO L 203 -66.02 -3.23 -19.31
C PRO L 203 -67.02 -4.27 -18.85
N VAL L 204 -66.54 -5.21 -18.06
CA VAL L 204 -67.35 -6.29 -17.50
C VAL L 204 -67.62 -5.97 -16.04
N THR L 205 -68.87 -6.15 -15.61
CA THR L 205 -69.27 -5.80 -14.26
C THR L 205 -69.94 -7.01 -13.62
N LYS L 206 -69.43 -7.43 -12.47
CA LYS L 206 -70.07 -8.46 -11.66
C LYS L 206 -70.52 -7.83 -10.35
N SER L 207 -71.68 -8.25 -9.86
CA SER L 207 -72.27 -7.63 -8.69
C SER L 207 -73.14 -8.63 -7.95
N PHE L 208 -73.30 -8.39 -6.66
CA PHE L 208 -74.21 -9.16 -5.82
C PHE L 208 -74.92 -8.24 -4.85
N ASN L 209 -76.00 -8.73 -4.27
CA ASN L 209 -76.73 -8.05 -3.22
C ASN L 209 -76.43 -8.69 -1.87
N ARG L 210 -76.21 -7.86 -0.86
CA ARG L 210 -75.90 -8.39 0.46
C ARG L 210 -77.07 -9.21 0.97
N GLY L 211 -76.81 -10.49 1.28
CA GLY L 211 -77.82 -11.41 1.73
C GLY L 211 -78.36 -12.31 0.64
N GLU L 212 -78.27 -11.90 -0.61
CA GLU L 212 -78.76 -12.72 -1.72
C GLU L 212 -77.94 -13.99 -1.86
N GLN M 1 19.69 -2.44 35.20
CA GLN M 1 19.04 -2.37 33.92
C GLN M 1 19.54 -3.48 32.99
N VAL M 2 19.33 -3.30 31.69
CA VAL M 2 19.78 -4.28 30.71
C VAL M 2 21.29 -4.25 30.62
N GLN M 3 21.91 -5.43 30.62
CA GLN M 3 23.35 -5.51 30.51
C GLN M 3 23.72 -6.68 29.61
N LEU M 4 24.64 -6.45 28.68
CA LEU M 4 25.15 -7.49 27.79
C LEU M 4 26.66 -7.50 27.86
N VAL M 5 27.26 -8.68 28.03
CA VAL M 5 28.69 -8.80 28.21
C VAL M 5 29.22 -9.81 27.20
N GLU M 6 30.00 -9.34 26.23
CA GLU M 6 30.61 -10.23 25.26
C GLU M 6 31.92 -10.79 25.79
N SER M 7 32.25 -11.99 25.33
CA SER M 7 33.53 -12.59 25.68
C SER M 7 33.89 -13.60 24.60
N GLY M 8 35.17 -13.97 24.58
CA GLY M 8 35.64 -14.98 23.65
C GLY M 8 36.53 -14.45 22.55
N GLY M 9 36.64 -13.15 22.41
CA GLY M 9 37.43 -12.58 21.35
C GLY M 9 38.92 -12.69 21.61
N GLY M 10 39.69 -12.57 20.54
CA GLY M 10 41.13 -12.65 20.66
C GLY M 10 41.78 -12.71 19.29
N VAL M 11 43.03 -13.14 19.28
CA VAL M 11 43.80 -13.26 18.06
C VAL M 11 43.65 -14.67 17.51
N VAL M 12 43.34 -14.77 16.22
CA VAL M 12 43.17 -16.05 15.56
C VAL M 12 43.76 -15.99 14.15
N GLN M 13 44.45 -17.04 13.75
CA GLN M 13 45.00 -17.10 12.41
C GLN M 13 43.90 -17.29 11.39
N PRO M 14 44.08 -16.80 10.18
CA PRO M 14 43.05 -17.00 9.15
C PRO M 14 42.83 -18.47 8.87
N GLY M 15 41.57 -18.82 8.68
CA GLY M 15 41.17 -20.19 8.44
C GLY M 15 40.79 -20.96 9.68
N ARG M 16 41.16 -20.48 10.86
CA ARG M 16 40.78 -21.16 12.09
C ARG M 16 39.40 -20.71 12.51
N SER M 17 38.91 -21.23 13.64
CA SER M 17 37.57 -20.93 14.12
C SER M 17 37.65 -20.24 15.47
N LEU M 18 36.53 -19.62 15.85
CA LEU M 18 36.45 -18.92 17.12
C LEU M 18 34.99 -18.80 17.52
N ARG M 19 34.72 -18.92 18.81
CA ARG M 19 33.36 -18.89 19.32
C ARG M 19 33.19 -17.73 20.28
N LEU M 20 32.31 -16.80 19.95
CA LEU M 20 32.01 -15.68 20.81
C LEU M 20 30.74 -15.96 21.61
N SER M 21 30.70 -15.45 22.83
CA SER M 21 29.53 -15.62 23.68
C SER M 21 29.10 -14.26 24.22
N CYS M 22 27.83 -14.17 24.58
CA CYS M 22 27.23 -12.93 25.06
C CYS M 22 26.31 -13.29 26.21
N ALA M 23 26.67 -12.87 27.41
CA ALA M 23 25.88 -13.12 28.60
C ALA M 23 24.94 -11.94 28.84
N ALA M 24 23.66 -12.24 29.02
CA ALA M 24 22.64 -11.21 29.15
C ALA M 24 22.09 -11.25 30.56
N SER M 25 21.77 -10.08 31.10
CA SER M 25 21.16 -10.02 32.42
C SER M 25 20.37 -8.73 32.53
N GLY M 26 19.49 -8.69 33.51
CA GLY M 26 18.65 -7.55 33.69
C GLY M 26 17.32 -7.62 32.98
N PHE M 27 17.07 -8.68 32.22
CA PHE M 27 15.81 -8.82 31.53
C PHE M 27 15.61 -10.30 31.21
N THR M 28 14.40 -10.63 30.78
CA THR M 28 14.09 -12.01 30.44
C THR M 28 14.72 -12.30 29.09
N PHE M 29 15.87 -12.98 29.11
CA PHE M 29 16.61 -13.20 27.88
C PHE M 29 15.83 -14.05 26.89
N SER M 30 15.11 -15.05 27.39
CA SER M 30 14.43 -15.98 26.49
C SER M 30 13.27 -15.37 25.75
N ASN M 31 12.87 -14.16 26.07
CA ASN M 31 11.73 -13.53 25.42
C ASN M 31 12.12 -12.64 24.25
N PHE M 32 13.40 -12.49 23.94
CA PHE M 32 13.82 -11.52 22.92
C PHE M 32 14.75 -12.14 21.91
N GLY M 33 14.60 -11.73 20.66
CA GLY M 33 15.59 -12.05 19.67
C GLY M 33 16.84 -11.23 19.85
N MET M 34 17.92 -11.67 19.22
CA MET M 34 19.20 -11.03 19.38
C MET M 34 19.88 -10.84 18.04
N HIS M 35 20.73 -9.83 17.97
CA HIS M 35 21.57 -9.57 16.82
C HIS M 35 23.03 -9.66 17.23
N TRP M 36 23.87 -10.01 16.27
CA TRP M 36 25.29 -9.76 16.33
C TRP M 36 25.63 -8.74 15.26
N ILE M 37 26.28 -7.68 15.65
CA ILE M 37 26.64 -6.61 14.74
C ILE M 37 28.10 -6.28 14.95
N ARG M 38 28.82 -6.09 13.86
CA ARG M 38 30.24 -5.83 13.92
C ARG M 38 30.54 -4.45 13.35
N GLN M 39 31.68 -3.91 13.78
CA GLN M 39 32.14 -2.60 13.39
C GLN M 39 33.62 -2.65 13.08
N SER M 40 33.99 -2.21 11.90
CA SER M 40 35.38 -2.14 11.53
C SER M 40 35.67 -0.78 10.91
N PRO M 41 36.90 -0.30 11.02
CA PRO M 41 37.23 0.99 10.42
C PRO M 41 37.09 1.03 8.92
N GLY M 42 37.19 -0.11 8.24
CA GLY M 42 37.15 -0.11 6.80
C GLY M 42 35.75 -0.15 6.23
N LYS M 43 34.83 -0.81 6.94
CA LYS M 43 33.47 -0.98 6.46
C LYS M 43 32.44 -0.32 7.36
N GLY M 44 32.83 0.26 8.49
CA GLY M 44 31.86 0.83 9.38
C GLY M 44 31.01 -0.24 10.04
N LEU M 45 29.77 0.12 10.34
CA LEU M 45 28.84 -0.81 10.96
C LEU M 45 28.23 -1.75 9.93
N GLU M 46 28.17 -3.03 10.29
CA GLU M 46 27.78 -4.08 9.36
C GLU M 46 27.05 -5.16 10.12
N TRP M 47 25.78 -5.37 9.81
CA TRP M 47 25.02 -6.42 10.49
C TRP M 47 25.50 -7.80 10.10
N VAL M 48 25.54 -8.70 11.08
CA VAL M 48 26.08 -10.05 10.92
C VAL M 48 25.00 -11.12 10.97
N ALA M 49 24.25 -11.18 12.07
CA ALA M 49 23.27 -12.26 12.21
C ALA M 49 22.15 -11.84 13.14
N ILE M 50 21.02 -12.55 13.01
CA ILE M 50 19.87 -12.38 13.89
C ILE M 50 19.31 -13.75 14.23
N ILE M 51 18.83 -13.90 15.45
CA ILE M 51 18.22 -15.14 15.90
C ILE M 51 16.92 -14.82 16.61
N TRP M 52 15.91 -15.66 16.38
CA TRP M 52 14.61 -15.55 17.01
C TRP M 52 14.72 -15.90 18.48
N TYR M 53 13.67 -15.56 19.22
CA TYR M 53 13.67 -15.81 20.66
C TYR M 53 13.81 -17.29 20.97
N ASP M 54 13.23 -18.15 20.16
CA ASP M 54 13.32 -19.58 20.38
C ASP M 54 14.33 -20.25 19.47
N GLY M 55 15.06 -19.47 18.68
CA GLY M 55 16.03 -20.05 17.79
C GLY M 55 15.46 -20.68 16.54
N SER M 56 14.17 -20.54 16.28
CA SER M 56 13.59 -21.26 15.16
C SER M 56 14.02 -20.65 13.83
N ASN M 57 14.18 -19.34 13.76
CA ASN M 57 14.60 -18.68 12.53
C ASN M 57 15.87 -17.89 12.79
N THR M 58 16.83 -18.04 11.90
CA THR M 58 18.08 -17.31 11.93
C THR M 58 18.36 -16.74 10.56
N TYR M 59 18.99 -15.57 10.53
CA TYR M 59 19.37 -14.95 9.27
C TYR M 59 20.79 -14.43 9.39
N TYR M 60 21.48 -14.38 8.25
CA TYR M 60 22.87 -14.00 8.20
C TYR M 60 23.08 -13.05 7.04
N ALA M 61 24.09 -12.20 7.18
CA ALA M 61 24.51 -11.37 6.07
C ALA M 61 25.14 -12.22 4.99
N ASP M 62 25.10 -11.72 3.75
CA ASP M 62 25.60 -12.49 2.63
C ASP M 62 27.09 -12.73 2.73
N SER M 63 27.84 -11.79 3.30
CA SER M 63 29.27 -11.95 3.37
C SER M 63 29.70 -13.02 4.36
N VAL M 64 28.80 -13.45 5.24
CA VAL M 64 29.13 -14.45 6.24
C VAL M 64 28.31 -15.72 6.11
N LYS M 65 27.37 -15.77 5.16
CA LYS M 65 26.52 -16.94 5.07
C LYS M 65 27.32 -18.17 4.74
N GLY M 66 27.06 -19.26 5.48
CA GLY M 66 27.78 -20.48 5.29
C GLY M 66 29.02 -20.64 6.14
N ARG M 67 29.48 -19.60 6.81
CA ARG M 67 30.66 -19.68 7.65
C ARG M 67 30.36 -19.47 9.12
N PHE M 68 29.42 -18.59 9.43
CA PHE M 68 29.03 -18.28 10.79
C PHE M 68 27.78 -19.04 11.17
N THR M 69 27.68 -19.37 12.45
CA THR M 69 26.50 -20.04 13.00
C THR M 69 26.14 -19.37 14.30
N ILE M 70 24.95 -18.80 14.35
CA ILE M 70 24.44 -18.15 15.54
C ILE M 70 23.53 -19.11 16.28
N SER M 71 23.64 -19.14 17.59
CA SER M 71 22.82 -20.02 18.40
C SER M 71 22.59 -19.33 19.74
N ARG M 72 21.81 -19.97 20.60
CA ARG M 72 21.54 -19.40 21.90
C ARG M 72 21.20 -20.51 22.87
N ASP M 73 21.44 -20.22 24.15
CA ASP M 73 21.15 -21.13 25.25
C ASP M 73 20.32 -20.34 26.25
N ASN M 74 18.99 -20.46 26.13
CA ASN M 74 18.09 -19.72 26.99
C ASN M 74 18.12 -20.21 28.42
N SER M 75 18.58 -21.43 28.66
CA SER M 75 18.72 -21.89 30.04
C SER M 75 19.90 -21.21 30.73
N LYS M 76 20.91 -20.83 29.97
CA LYS M 76 22.08 -20.15 30.50
C LYS M 76 22.04 -18.64 30.24
N ASN M 77 21.03 -18.15 29.53
CA ASN M 77 20.94 -16.75 29.15
C ASN M 77 22.17 -16.31 28.38
N THR M 78 22.56 -17.12 27.41
CA THR M 78 23.79 -16.88 26.67
C THR M 78 23.52 -16.93 25.18
N LEU M 79 24.08 -15.98 24.45
CA LEU M 79 24.03 -15.95 23.01
C LEU M 79 25.39 -16.35 22.47
N TYR M 80 25.43 -17.20 21.43
CA TYR M 80 26.67 -17.72 20.89
C TYR M 80 26.80 -17.41 19.42
N LEU M 81 28.04 -17.25 18.97
CA LEU M 81 28.34 -17.07 17.54
C LEU M 81 29.60 -17.86 17.24
N GLN M 82 29.44 -19.00 16.56
CA GLN M 82 30.55 -19.81 16.10
C GLN M 82 30.98 -19.34 14.72
N MET M 83 32.22 -18.86 14.61
CA MET M 83 32.77 -18.33 13.37
C MET M 83 33.83 -19.27 12.84
N ASN M 84 33.58 -19.82 11.65
CA ASN M 84 34.52 -20.72 11.00
C ASN M 84 35.09 -20.08 9.74
N SER M 85 36.27 -20.54 9.34
CA SER M 85 36.92 -20.11 8.10
C SER M 85 37.09 -18.60 8.05
N LEU M 86 37.67 -18.05 9.11
CA LEU M 86 37.81 -16.60 9.23
C LEU M 86 38.78 -16.06 8.19
N ARG M 87 38.42 -14.91 7.62
CA ARG M 87 39.26 -14.19 6.69
C ARG M 87 39.77 -12.92 7.35
N ALA M 88 40.75 -12.29 6.69
CA ALA M 88 41.37 -11.10 7.25
C ALA M 88 40.35 -9.98 7.45
N GLU M 89 39.40 -9.85 6.53
CA GLU M 89 38.44 -8.76 6.63
C GLU M 89 37.42 -8.95 7.74
N ASP M 90 37.41 -10.10 8.42
CA ASP M 90 36.50 -10.26 9.55
C ASP M 90 37.02 -9.62 10.81
N THR M 91 38.22 -9.05 10.81
CA THR M 91 38.68 -8.35 12.01
C THR M 91 37.79 -7.15 12.28
N ALA M 92 37.17 -7.13 13.45
CA ALA M 92 36.26 -6.06 13.81
C ALA M 92 35.91 -6.19 15.29
N VAL M 93 35.20 -5.20 15.79
CA VAL M 93 34.57 -5.25 17.11
C VAL M 93 33.16 -5.78 16.94
N TYR M 94 32.84 -6.85 17.67
CA TYR M 94 31.56 -7.51 17.58
C TYR M 94 30.71 -7.17 18.80
N TYR M 95 29.49 -6.71 18.55
CA TYR M 95 28.52 -6.40 19.59
C TYR M 95 27.36 -7.36 19.48
N CYS M 96 26.87 -7.84 20.62
CA CYS M 96 25.53 -8.43 20.66
C CYS M 96 24.53 -7.34 20.99
N ALA M 97 23.32 -7.51 20.50
CA ALA M 97 22.32 -6.48 20.68
C ALA M 97 20.95 -7.11 20.84
N LYS M 98 20.11 -6.44 21.60
CA LYS M 98 18.77 -6.90 21.94
C LYS M 98 17.75 -6.20 21.06
N VAL M 99 16.83 -6.97 20.50
CA VAL M 99 15.73 -6.39 19.73
C VAL M 99 14.80 -5.67 20.70
N TRP M 100 14.28 -4.53 20.28
CA TRP M 100 13.35 -3.81 21.13
C TRP M 100 11.99 -4.48 21.09
N PHE M 101 11.15 -4.12 22.06
CA PHE M 101 9.78 -4.60 22.07
C PHE M 101 8.92 -3.63 21.26
N GLY M 102 8.07 -4.17 20.42
CA GLY M 102 7.22 -3.36 19.56
C GLY M 102 5.87 -3.97 19.29
N GLU M 103 5.23 -3.55 18.22
CA GLU M 103 3.93 -4.10 17.86
C GLU M 103 4.10 -5.34 17.01
N SER M 104 3.01 -6.11 16.89
CA SER M 104 3.09 -7.40 16.24
C SER M 104 3.40 -7.30 14.75
N GLU M 105 2.95 -6.25 14.09
CA GLU M 105 3.15 -6.13 12.65
C GLU M 105 4.25 -5.16 12.27
N ASP M 106 4.95 -4.58 13.22
CA ASP M 106 6.05 -3.67 12.92
C ASP M 106 7.28 -4.44 12.50
N ASN M 107 8.20 -3.72 11.85
CA ASN M 107 9.56 -4.20 11.68
C ASN M 107 10.41 -3.87 12.90
N TYR M 108 11.46 -4.65 13.09
CA TYR M 108 12.20 -4.63 14.35
C TYR M 108 13.69 -4.42 14.10
N SER M 109 14.33 -3.77 15.06
CA SER M 109 15.78 -3.62 15.10
C SER M 109 16.22 -3.65 16.56
N VAL M 110 17.40 -3.13 16.86
CA VAL M 110 18.00 -3.30 18.17
C VAL M 110 17.98 -1.99 18.92
N ASP M 111 17.83 -2.07 20.24
CA ASP M 111 17.82 -0.89 21.10
C ASP M 111 18.96 -0.85 22.09
N VAL M 112 19.43 -1.99 22.57
CA VAL M 112 20.49 -2.04 23.56
C VAL M 112 21.63 -2.84 22.98
N TRP M 113 22.82 -2.26 22.97
CA TRP M 113 24.01 -2.91 22.49
C TRP M 113 24.87 -3.37 23.65
N GLY M 114 25.62 -4.42 23.43
CA GLY M 114 26.55 -4.91 24.41
C GLY M 114 27.77 -4.05 24.49
N GLN M 115 28.73 -4.50 25.27
CA GLN M 115 29.95 -3.74 25.44
C GLN M 115 30.88 -3.88 24.25
N GLY M 116 30.89 -5.03 23.61
CA GLY M 116 31.74 -5.24 22.46
C GLY M 116 33.00 -6.01 22.79
N THR M 117 33.41 -6.88 21.87
CA THR M 117 34.64 -7.65 21.99
C THR M 117 35.39 -7.59 20.68
N THR M 118 36.70 -7.44 20.76
CA THR M 118 37.54 -7.21 19.59
C THR M 118 38.03 -8.53 19.05
N VAL M 119 37.95 -8.71 17.74
CA VAL M 119 38.43 -9.89 17.06
C VAL M 119 39.43 -9.45 16.01
N THR M 120 40.64 -10.00 16.07
CA THR M 120 41.71 -9.64 15.15
C THR M 120 42.16 -10.88 14.40
N VAL M 121 41.91 -10.91 13.10
CA VAL M 121 42.28 -12.03 12.25
C VAL M 121 43.57 -11.65 11.54
N SER M 122 44.68 -12.26 11.93
CA SER M 122 45.97 -11.93 11.35
C SER M 122 46.89 -13.13 11.49
N SER M 123 47.79 -13.29 10.53
CA SER M 123 48.78 -14.35 10.59
C SER M 123 50.05 -13.93 11.32
N ALA M 124 50.07 -12.74 11.90
CA ALA M 124 51.24 -12.29 12.64
C ALA M 124 51.35 -13.01 13.98
N SER M 125 52.57 -13.28 14.39
CA SER M 125 52.84 -13.90 15.68
C SER M 125 53.05 -12.83 16.74
N THR M 126 52.77 -13.20 17.99
CA THR M 126 52.95 -12.26 19.09
C THR M 126 54.40 -11.82 19.17
N LYS M 127 54.61 -10.51 19.22
CA LYS M 127 55.95 -9.95 19.16
C LYS M 127 55.98 -8.62 19.89
N GLY M 128 56.99 -8.43 20.74
CA GLY M 128 57.17 -7.19 21.42
C GLY M 128 57.65 -6.10 20.49
N PRO M 129 57.46 -4.85 20.88
CA PRO M 129 57.78 -3.71 20.02
C PRO M 129 59.25 -3.30 20.11
N SER M 130 59.68 -2.57 19.09
CA SER M 130 60.97 -1.89 19.09
C SER M 130 60.70 -0.41 19.39
N VAL M 131 61.33 0.11 20.43
CA VAL M 131 61.13 1.48 20.86
C VAL M 131 62.32 2.32 20.44
N PHE M 132 62.10 3.28 19.55
CA PHE M 132 63.18 4.15 19.13
C PHE M 132 62.89 5.60 19.49
N PRO M 133 63.88 6.35 19.94
CA PRO M 133 63.66 7.74 20.34
C PRO M 133 63.58 8.69 19.14
N LEU M 134 62.64 9.63 19.23
CA LEU M 134 62.55 10.76 18.32
C LEU M 134 63.15 11.98 19.02
N ALA M 135 64.45 12.15 18.83
CA ALA M 135 65.26 13.09 19.59
C ALA M 135 65.02 14.52 19.15
N PRO M 136 64.77 15.44 20.08
CA PRO M 136 64.63 16.85 19.73
C PRO M 136 65.97 17.50 19.44
N SER M 137 65.93 18.53 18.61
CA SER M 137 67.13 19.28 18.25
C SER M 137 66.72 20.68 17.82
N SER M 138 67.65 21.39 17.18
CA SER M 138 67.36 22.73 16.68
C SER M 138 66.30 22.70 15.58
N LYS M 139 66.21 21.60 14.83
CA LYS M 139 65.22 21.51 13.76
C LYS M 139 63.83 21.21 14.29
N SER M 140 63.69 20.86 15.57
CA SER M 140 62.39 20.64 16.19
C SER M 140 62.19 21.57 17.38
N THR M 141 62.62 22.83 17.24
CA THR M 141 62.48 23.82 18.29
C THR M 141 61.97 25.12 17.69
N SER M 142 60.91 25.66 18.28
CA SER M 142 60.34 26.95 17.90
C SER M 142 60.14 27.76 19.17
N GLY M 143 61.04 28.72 19.42
CA GLY M 143 60.98 29.46 20.66
C GLY M 143 61.43 28.61 21.83
N GLY M 144 60.69 28.71 22.93
CA GLY M 144 60.96 27.93 24.12
C GLY M 144 60.31 26.58 24.19
N THR M 145 59.72 26.09 23.10
CA THR M 145 59.04 24.81 23.09
C THR M 145 59.71 23.85 22.13
N ALA M 146 59.96 22.64 22.60
CA ALA M 146 60.53 21.57 21.80
C ALA M 146 59.62 20.35 21.86
N ALA M 147 59.77 19.46 20.89
CA ALA M 147 58.98 18.24 20.80
C ALA M 147 59.91 17.04 20.76
N LEU M 148 59.59 16.02 21.54
CA LEU M 148 60.33 14.77 21.55
C LEU M 148 59.33 13.63 21.65
N GLY M 149 59.79 12.41 21.40
CA GLY M 149 58.87 11.31 21.47
C GLY M 149 59.56 9.96 21.38
N CYS M 150 58.73 8.93 21.21
CA CYS M 150 59.15 7.55 21.06
C CYS M 150 58.32 6.90 19.97
N LEU M 151 59.00 6.17 19.09
CA LEU M 151 58.36 5.41 18.03
C LEU M 151 58.30 3.95 18.43
N VAL M 152 57.08 3.42 18.53
CA VAL M 152 56.83 2.06 18.97
C VAL M 152 56.42 1.26 17.75
N LYS M 153 57.36 0.51 17.19
CA LYS M 153 57.24 -0.09 15.88
C LYS M 153 57.25 -1.61 15.96
N ASP M 154 56.46 -2.24 15.08
CA ASP M 154 56.55 -3.69 14.83
C ASP M 154 56.23 -4.51 16.07
N TYR M 155 54.99 -4.37 16.54
CA TYR M 155 54.48 -5.18 17.63
C TYR M 155 53.16 -5.79 17.21
N PHE M 156 52.81 -6.91 17.86
CA PHE M 156 51.56 -7.58 17.60
C PHE M 156 51.23 -8.43 18.81
N PRO M 157 49.98 -8.45 19.27
CA PRO M 157 48.91 -7.65 18.70
C PRO M 157 48.68 -6.37 19.46
N GLU M 158 47.56 -5.72 19.15
CA GLU M 158 47.13 -4.58 19.93
C GLU M 158 46.66 -5.05 21.30
N PRO M 159 46.73 -4.18 22.31
CA PRO M 159 47.25 -2.83 22.29
C PRO M 159 48.58 -2.73 23.01
N VAL M 160 49.16 -1.53 23.05
CA VAL M 160 50.32 -1.23 23.87
C VAL M 160 50.03 0.03 24.65
N THR M 161 50.60 0.11 25.85
CA THR M 161 50.47 1.30 26.68
C THR M 161 51.81 2.02 26.75
N VAL M 162 51.75 3.35 26.69
CA VAL M 162 52.92 4.20 26.78
C VAL M 162 52.70 5.22 27.87
N SER M 163 53.66 5.34 28.78
CA SER M 163 53.66 6.39 29.78
C SER M 163 55.00 7.10 29.72
N TRP M 164 55.05 8.28 30.34
CA TRP M 164 56.26 9.09 30.35
C TRP M 164 56.68 9.37 31.77
N ASN M 165 57.92 9.06 32.10
CA ASN M 165 58.47 9.25 33.43
C ASN M 165 57.56 8.60 34.48
N SER M 166 57.18 7.36 34.19
CA SER M 166 56.33 6.57 35.08
C SER M 166 55.00 7.27 35.38
N GLY M 167 54.50 8.05 34.43
CA GLY M 167 53.25 8.74 34.60
C GLY M 167 53.34 10.13 35.19
N ALA M 168 54.54 10.56 35.57
CA ALA M 168 54.68 11.89 36.17
C ALA M 168 54.49 13.00 35.16
N LEU M 169 54.66 12.73 33.88
CA LEU M 169 54.50 13.74 32.82
C LEU M 169 53.31 13.36 31.97
N THR M 170 52.21 14.10 32.10
CA THR M 170 51.03 13.91 31.29
C THR M 170 50.58 15.15 30.53
N SER M 171 50.99 16.34 30.96
CA SER M 171 50.60 17.56 30.27
C SER M 171 51.29 17.67 28.92
N GLY M 172 50.50 17.74 27.85
CA GLY M 172 51.05 17.89 26.52
C GLY M 172 51.42 16.59 25.85
N VAL M 173 50.95 15.46 26.35
CA VAL M 173 51.28 14.17 25.76
C VAL M 173 50.23 13.83 24.71
N HIS M 174 50.69 13.38 23.55
CA HIS M 174 49.82 12.95 22.47
C HIS M 174 50.30 11.59 21.99
N THR M 175 49.54 10.55 22.33
CA THR M 175 49.79 9.20 21.83
C THR M 175 48.86 8.94 20.66
N PHE M 176 49.41 8.78 19.48
CA PHE M 176 48.60 8.61 18.31
C PHE M 176 48.01 7.21 18.27
N PRO M 177 46.84 7.03 17.65
CA PRO M 177 46.32 5.70 17.46
C PRO M 177 47.23 4.89 16.56
N ALA M 178 47.29 3.59 16.85
CA ALA M 178 48.18 2.72 16.10
C ALA M 178 47.65 2.54 14.69
N VAL M 179 48.57 2.33 13.76
CA VAL M 179 48.24 2.05 12.38
C VAL M 179 48.80 0.68 12.03
N LEU M 180 48.04 -0.08 11.26
CA LEU M 180 48.46 -1.40 10.81
C LEU M 180 49.24 -1.27 9.51
N GLN M 181 50.42 -1.85 9.47
CA GLN M 181 51.31 -1.75 8.32
C GLN M 181 51.11 -2.94 7.39
N SER M 182 51.76 -2.85 6.22
CA SER M 182 51.68 -3.91 5.22
C SER M 182 52.23 -5.23 5.74
N SER M 183 53.11 -5.21 6.71
CA SER M 183 53.71 -6.41 7.24
C SER M 183 52.84 -7.09 8.28
N GLY M 184 51.65 -6.56 8.55
CA GLY M 184 50.80 -7.10 9.58
C GLY M 184 51.20 -6.75 11.00
N LEU M 185 52.21 -5.91 11.18
CA LEU M 185 52.62 -5.46 12.49
C LEU M 185 52.12 -4.05 12.73
N TYR M 186 51.77 -3.76 13.98
CA TYR M 186 51.28 -2.43 14.30
C TYR M 186 52.44 -1.50 14.63
N SER M 187 52.16 -0.21 14.55
CA SER M 187 53.16 0.80 14.83
C SER M 187 52.44 2.09 15.22
N LEU M 188 53.03 2.82 16.16
CA LEU M 188 52.47 4.10 16.57
C LEU M 188 53.60 4.98 17.10
N SER M 189 53.25 6.22 17.39
CA SER M 189 54.19 7.17 17.97
C SER M 189 53.54 7.87 19.16
N SER M 190 54.39 8.29 20.09
CA SER M 190 53.95 9.08 21.23
C SER M 190 54.87 10.28 21.36
N VAL M 191 54.30 11.48 21.41
CA VAL M 191 55.08 12.70 21.42
C VAL M 191 54.68 13.55 22.61
N VAL M 192 55.58 14.45 23.01
CA VAL M 192 55.34 15.36 24.11
C VAL M 192 56.12 16.63 23.84
N THR M 193 55.51 17.77 24.14
CA THR M 193 56.16 19.07 24.04
C THR M 193 56.68 19.49 25.40
N VAL M 194 57.94 19.93 25.43
CA VAL M 194 58.60 20.27 26.69
C VAL M 194 59.25 21.64 26.55
N PRO M 195 59.47 22.31 27.67
CA PRO M 195 60.23 23.57 27.63
C PRO M 195 61.66 23.33 27.17
N SER M 196 62.08 24.14 26.19
CA SER M 196 63.43 24.01 25.65
C SER M 196 64.48 24.23 26.73
N SER M 197 64.17 25.04 27.74
CA SER M 197 65.11 25.32 28.81
C SER M 197 65.40 24.12 29.70
N SER M 198 64.66 23.03 29.53
CA SER M 198 64.87 21.84 30.34
C SER M 198 65.73 20.81 29.63
N LEU M 199 66.03 21.01 28.35
CA LEU M 199 66.83 20.07 27.60
C LEU M 199 68.24 19.97 28.19
N GLY M 200 68.80 18.76 28.15
CA GLY M 200 70.12 18.51 28.68
C GLY M 200 70.20 18.26 30.17
N THR M 201 69.19 18.67 30.93
CA THR M 201 69.20 18.45 32.37
C THR M 201 68.11 17.51 32.86
N GLN M 202 66.89 17.65 32.36
CA GLN M 202 65.81 16.74 32.75
C GLN M 202 65.86 15.49 31.89
N THR M 203 65.77 14.33 32.55
CA THR M 203 65.82 13.05 31.88
C THR M 203 64.40 12.64 31.48
N TYR M 204 64.23 12.26 30.22
CA TYR M 204 62.93 11.84 29.71
C TYR M 204 63.04 10.41 29.20
N ILE M 205 62.24 9.53 29.77
CA ILE M 205 62.21 8.12 29.40
C ILE M 205 60.75 7.75 29.14
N CYS M 206 60.51 7.09 28.03
CA CYS M 206 59.19 6.57 27.70
C CYS M 206 59.11 5.10 28.10
N ASN M 207 58.01 4.75 28.76
CA ASN M 207 57.78 3.42 29.29
C ASN M 207 56.69 2.75 28.46
N VAL M 208 57.11 1.83 27.60
CA VAL M 208 56.23 1.05 26.74
C VAL M 208 55.98 -0.29 27.41
N ASN M 209 54.71 -0.68 27.49
CA ASN M 209 54.30 -1.94 28.08
C ASN M 209 53.40 -2.69 27.12
N HIS M 210 53.66 -3.98 26.95
CA HIS M 210 52.90 -4.83 26.02
C HIS M 210 52.60 -6.13 26.75
N LYS M 211 51.43 -6.20 27.36
CA LYS M 211 51.04 -7.37 28.13
C LYS M 211 51.01 -8.67 27.34
N PRO M 212 50.52 -8.72 26.09
CA PRO M 212 50.47 -10.01 25.40
C PRO M 212 51.81 -10.69 25.28
N SER M 213 52.90 -9.95 25.22
CA SER M 213 54.23 -10.54 25.13
C SER M 213 55.04 -10.30 26.40
N ASN M 214 54.44 -9.67 27.41
CA ASN M 214 55.11 -9.34 28.67
C ASN M 214 56.33 -8.46 28.43
N THR M 215 56.24 -7.59 27.43
CA THR M 215 57.34 -6.69 27.10
C THR M 215 57.22 -5.42 27.93
N LYS M 216 58.32 -5.02 28.56
CA LYS M 216 58.42 -3.75 29.25
C LYS M 216 59.73 -3.11 28.86
N VAL M 217 59.66 -1.96 28.20
CA VAL M 217 60.85 -1.27 27.72
C VAL M 217 60.82 0.17 28.19
N ASP M 218 61.89 0.60 28.84
CA ASP M 218 62.09 1.99 29.24
C ASP M 218 63.19 2.56 28.35
N LYS M 219 62.81 3.41 27.40
CA LYS M 219 63.75 3.98 26.44
C LYS M 219 64.02 5.43 26.80
N LYS M 220 65.30 5.76 26.98
CA LYS M 220 65.72 7.12 27.24
C LYS M 220 65.86 7.92 25.96
N VAL M 221 65.34 9.14 25.98
CA VAL M 221 65.35 10.05 24.84
C VAL M 221 66.33 11.18 25.16
N GLU M 222 67.41 11.25 24.39
CA GLU M 222 68.34 12.31 24.69
C GLU M 222 68.32 13.38 23.59
N PRO M 223 68.55 14.63 23.96
CA PRO M 223 68.55 15.72 22.97
C PRO M 223 69.78 15.65 22.08
N LYS M 224 69.73 16.42 21.00
CA LYS M 224 70.83 16.51 20.06
C LYS M 224 71.52 17.87 20.19
N ASP N 1 20.61 -5.19 -2.04
CA ASP N 1 21.26 -4.64 -0.86
C ASP N 1 21.05 -3.13 -0.77
N ILE N 2 20.25 -2.69 0.19
CA ILE N 2 19.93 -1.28 0.29
C ILE N 2 21.15 -0.50 0.76
N GLN N 3 21.58 0.47 -0.03
CA GLN N 3 22.69 1.34 0.31
C GLN N 3 22.18 2.55 1.08
N MET N 4 22.91 2.91 2.13
CA MET N 4 22.59 4.09 2.92
C MET N 4 23.74 5.08 2.81
N THR N 5 23.41 6.37 2.83
CA THR N 5 24.39 7.43 2.69
C THR N 5 24.02 8.58 3.59
N GLN N 6 24.97 9.06 4.37
CA GLN N 6 24.75 10.13 5.33
C GLN N 6 25.48 11.39 4.90
N SER N 7 24.84 12.53 5.11
CA SER N 7 25.48 13.80 4.82
C SER N 7 25.21 14.77 5.96
N PRO N 8 26.18 15.59 6.33
CA PRO N 8 27.55 15.52 5.81
C PRO N 8 28.34 14.45 6.52
N SER N 9 29.53 14.12 6.02
CA SER N 9 30.36 13.14 6.71
C SER N 9 30.88 13.70 8.03
N THR N 10 31.25 14.98 8.05
CA THR N 10 31.73 15.67 9.24
C THR N 10 31.06 17.02 9.34
N LEU N 11 30.60 17.39 10.53
CA LEU N 11 29.97 18.69 10.73
C LEU N 11 30.60 19.39 11.93
N SER N 12 31.25 20.53 11.67
CA SER N 12 31.81 21.36 12.72
C SER N 12 30.71 22.27 13.28
N THR N 13 30.48 22.18 14.58
CA THR N 13 29.40 22.91 15.22
C THR N 13 29.82 23.33 16.62
N SER N 14 29.02 24.20 17.22
CA SER N 14 29.32 24.80 18.51
C SER N 14 28.14 24.56 19.45
N VAL N 15 28.41 24.67 20.75
CA VAL N 15 27.35 24.50 21.73
C VAL N 15 26.28 25.54 21.53
N GLY N 16 25.03 25.09 21.47
CA GLY N 16 23.91 25.97 21.25
C GLY N 16 23.48 26.05 19.80
N ASP N 17 24.25 25.47 18.89
CA ASP N 17 23.89 25.51 17.48
C ASP N 17 22.73 24.56 17.19
N ARG N 18 22.05 24.82 16.08
CA ARG N 18 21.01 23.95 15.56
C ARG N 18 21.64 23.04 14.52
N VAL N 19 21.56 21.73 14.75
CA VAL N 19 22.24 20.74 13.92
C VAL N 19 21.21 19.93 13.15
N THR N 20 21.45 19.76 11.87
CA THR N 20 20.62 18.92 11.02
C THR N 20 21.50 18.02 10.17
N ILE N 21 21.32 16.72 10.29
CA ILE N 21 22.02 15.74 9.48
C ILE N 21 21.01 14.94 8.68
N THR N 22 21.42 14.51 7.50
CA THR N 22 20.56 13.83 6.54
C THR N 22 21.05 12.43 6.28
N CYS N 23 20.13 11.58 5.82
CA CYS N 23 20.40 10.17 5.56
C CYS N 23 19.49 9.76 4.42
N ARG N 24 20.05 9.10 3.41
CA ARG N 24 19.31 8.75 2.21
C ARG N 24 19.50 7.28 1.90
N ALA N 25 18.44 6.65 1.42
CA ALA N 25 18.44 5.24 1.08
C ALA N 25 18.42 5.06 -0.42
N SER N 26 19.04 3.96 -0.88
CA SER N 26 19.06 3.70 -2.31
C SER N 26 17.68 3.36 -2.84
N GLN N 27 16.78 2.90 -1.99
CA GLN N 27 15.41 2.64 -2.41
C GLN N 27 14.48 2.99 -1.26
N SER N 28 13.19 2.93 -1.53
CA SER N 28 12.21 3.34 -0.54
C SER N 28 12.20 2.35 0.61
N ILE N 29 12.38 2.85 1.83
CA ILE N 29 12.36 2.04 3.02
C ILE N 29 11.18 2.39 3.93
N SER N 30 10.20 3.10 3.38
CA SER N 30 9.02 3.56 4.11
C SER N 30 9.52 4.40 5.28
N ASN N 31 9.11 4.13 6.52
CA ASN N 31 9.58 4.87 7.68
C ASN N 31 10.46 4.05 8.61
N TRP N 32 10.90 2.87 8.19
CA TRP N 32 11.67 1.96 9.05
C TRP N 32 13.13 2.40 9.06
N LEU N 33 13.39 3.50 9.77
CA LEU N 33 14.74 4.03 9.92
C LEU N 33 15.01 4.36 11.37
N ALA N 34 16.17 3.95 11.86
CA ALA N 34 16.60 4.23 13.22
C ALA N 34 17.88 5.05 13.21
N TRP N 35 18.05 5.86 14.25
CA TRP N 35 19.23 6.67 14.48
C TRP N 35 19.92 6.25 15.77
N TYR N 36 21.22 5.99 15.69
CA TYR N 36 22.02 5.56 16.82
C TYR N 36 23.15 6.54 17.07
N GLN N 37 23.41 6.80 18.35
CA GLN N 37 24.51 7.64 18.78
C GLN N 37 25.61 6.80 19.37
N GLN N 38 26.85 7.12 19.02
CA GLN N 38 28.01 6.41 19.53
C GLN N 38 29.10 7.38 19.93
N LYS N 39 29.51 7.27 21.11
CA LYS N 39 30.67 8.02 21.56
C LYS N 39 31.92 7.16 21.44
N PRO N 40 33.07 7.78 21.25
CA PRO N 40 34.29 6.99 21.01
C PRO N 40 34.62 6.08 22.17
N GLY N 41 35.05 4.87 21.83
CA GLY N 41 35.36 3.84 22.81
C GLY N 41 34.18 3.40 23.65
N LYS N 42 32.97 3.46 23.12
CA LYS N 42 31.79 3.13 23.88
C LYS N 42 30.75 2.54 22.94
N ALA N 43 29.82 1.81 23.50
CA ALA N 43 28.83 1.15 22.67
C ALA N 43 27.78 2.13 22.17
N PRO N 44 27.22 1.89 21.00
CA PRO N 44 26.17 2.76 20.48
C PRO N 44 24.90 2.68 21.31
N LYS N 45 24.16 3.78 21.30
CA LYS N 45 22.92 3.91 22.04
C LYS N 45 21.83 4.34 21.08
N LEU N 46 20.64 3.76 21.23
CA LEU N 46 19.51 4.06 20.36
C LEU N 46 18.92 5.42 20.67
N LEU N 47 18.74 6.23 19.64
CA LEU N 47 18.09 7.53 19.79
C LEU N 47 16.67 7.57 19.24
N ILE N 48 16.45 7.14 18.01
CA ILE N 48 15.16 7.30 17.37
C ILE N 48 14.84 6.05 16.55
N TYR N 49 13.59 5.62 16.59
CA TYR N 49 13.09 4.60 15.71
C TYR N 49 11.87 5.10 14.98
N LYS N 50 11.46 4.35 13.95
CA LYS N 50 10.39 4.75 13.04
C LYS N 50 10.62 6.16 12.52
N ALA N 51 11.88 6.55 12.39
CA ALA N 51 12.29 7.81 11.79
C ALA N 51 11.91 9.03 12.61
N SER N 52 10.90 8.91 13.49
CA SER N 52 10.47 10.10 14.22
C SER N 52 10.02 9.84 15.66
N THR N 53 10.16 8.64 16.18
CA THR N 53 9.76 8.33 17.55
C THR N 53 10.97 8.42 18.46
N LEU N 54 10.84 9.19 19.52
CA LEU N 54 11.94 9.38 20.45
C LEU N 54 11.98 8.23 21.44
N GLU N 55 13.15 7.63 21.59
CA GLU N 55 13.33 6.56 22.56
C GLU N 55 13.17 7.09 23.97
N SER N 56 12.60 6.25 24.84
CA SER N 56 12.42 6.60 26.23
C SER N 56 13.76 6.91 26.89
N GLY N 57 13.81 8.03 27.62
CA GLY N 57 15.03 8.47 28.26
C GLY N 57 15.85 9.44 27.45
N VAL N 58 15.51 9.64 26.18
CA VAL N 58 16.25 10.55 25.32
C VAL N 58 15.73 11.96 25.51
N PRO N 59 16.59 12.95 25.75
CA PRO N 59 16.10 14.31 25.95
C PRO N 59 15.36 14.82 24.72
N SER N 60 14.45 15.77 24.97
CA SER N 60 13.54 16.25 23.94
C SER N 60 14.22 17.08 22.87
N ARG N 61 15.48 17.47 23.06
CA ARG N 61 16.15 18.26 22.05
C ARG N 61 16.47 17.48 20.79
N PHE N 62 16.22 16.18 20.77
CA PHE N 62 16.39 15.37 19.58
C PHE N 62 15.05 15.21 18.86
N SER N 63 15.08 15.27 17.53
CA SER N 63 13.85 15.03 16.80
C SER N 63 14.20 14.41 15.45
N GLY N 64 13.30 13.58 14.95
CA GLY N 64 13.47 12.97 13.66
C GLY N 64 12.43 13.39 12.65
N SER N 65 12.75 13.27 11.38
CA SER N 65 11.81 13.64 10.34
C SER N 65 12.18 12.89 9.07
N GLY N 66 11.21 12.74 8.19
CA GLY N 66 11.53 12.16 6.90
C GLY N 66 10.71 10.93 6.58
N SER N 67 10.60 10.60 5.29
CA SER N 67 9.83 9.44 4.86
C SER N 67 10.22 9.11 3.44
N GLY N 68 10.11 7.83 3.11
CA GLY N 68 10.47 7.37 1.79
C GLY N 68 11.95 7.06 1.70
N THR N 69 12.72 8.00 1.15
CA THR N 69 14.14 7.80 0.94
C THR N 69 15.02 8.85 1.59
N GLU N 70 14.45 9.94 2.09
CA GLU N 70 15.20 11.01 2.73
C GLU N 70 14.75 11.18 4.16
N PHE N 71 15.70 11.18 5.08
CA PHE N 71 15.40 11.33 6.50
C PHE N 71 16.41 12.29 7.10
N THR N 72 15.97 13.00 8.13
CA THR N 72 16.81 13.96 8.83
C THR N 72 16.68 13.80 10.32
N LEU N 73 17.79 14.05 11.01
CA LEU N 73 17.85 14.13 12.46
C LEU N 73 18.23 15.53 12.84
N THR N 74 17.48 16.13 13.75
CA THR N 74 17.65 17.51 14.15
C THR N 74 17.87 17.59 15.64
N ILE N 75 18.90 18.34 16.04
CA ILE N 75 19.14 18.72 17.42
C ILE N 75 18.92 20.22 17.51
N SER N 76 17.90 20.62 18.27
CA SER N 76 17.52 22.02 18.33
C SER N 76 18.61 22.87 18.96
N SER N 77 19.23 22.39 20.04
CA SER N 77 20.27 23.15 20.73
C SER N 77 21.33 22.18 21.20
N LEU N 78 22.49 22.22 20.58
CA LEU N 78 23.55 21.26 20.87
C LEU N 78 24.11 21.49 22.25
N GLN N 79 24.40 20.40 22.95
CA GLN N 79 24.99 20.40 24.27
C GLN N 79 26.25 19.55 24.27
N PRO N 80 27.18 19.81 25.20
CA PRO N 80 28.47 19.12 25.13
C PRO N 80 28.37 17.61 25.20
N ASP N 81 27.31 17.08 25.80
CA ASP N 81 27.15 15.63 25.82
C ASP N 81 26.78 15.07 24.46
N ASP N 82 26.35 15.91 23.53
CA ASP N 82 25.90 15.46 22.22
C ASP N 82 27.01 15.38 21.18
N PHE N 83 28.25 15.66 21.55
CA PHE N 83 29.35 15.53 20.59
C PHE N 83 29.70 14.06 20.44
N ALA N 84 29.22 13.45 19.35
CA ALA N 84 29.41 12.02 19.14
C ALA N 84 29.15 11.73 17.67
N THR N 85 29.24 10.46 17.30
CA THR N 85 28.97 10.04 15.93
C THR N 85 27.57 9.46 15.83
N TYR N 86 26.84 9.85 14.79
CA TYR N 86 25.46 9.47 14.61
C TYR N 86 25.31 8.61 13.36
N TYR N 87 24.74 7.43 13.51
CA TYR N 87 24.52 6.49 12.42
C TYR N 87 23.03 6.31 12.18
N CYS N 88 22.63 6.29 10.92
CA CYS N 88 21.30 5.87 10.56
C CYS N 88 21.33 4.41 10.13
N GLN N 89 20.17 3.76 10.24
CA GLN N 89 20.06 2.34 9.94
C GLN N 89 18.67 2.07 9.42
N GLN N 90 18.60 1.59 8.19
CA GLN N 90 17.35 1.08 7.67
C GLN N 90 17.13 -0.33 8.17
N TYR N 91 15.88 -0.63 8.51
CA TYR N 91 15.52 -1.98 8.85
C TYR N 91 14.25 -2.38 8.13
N SER N 92 14.16 -1.99 6.87
CA SER N 92 13.07 -2.40 6.01
C SER N 92 13.38 -3.71 5.31
N SER N 93 14.64 -3.94 4.95
CA SER N 93 15.05 -5.17 4.29
C SER N 93 16.44 -5.51 4.81
N TYR N 94 16.50 -6.48 5.71
CA TYR N 94 17.73 -6.77 6.45
C TYR N 94 18.13 -5.48 7.17
N TRP N 95 19.43 -5.24 7.34
CA TRP N 95 19.87 -4.11 8.15
C TRP N 95 21.18 -3.57 7.59
N THR N 96 21.19 -2.30 7.19
CA THR N 96 22.40 -1.66 6.72
C THR N 96 22.51 -0.29 7.35
N PHE N 97 23.72 0.07 7.75
CA PHE N 97 24.00 1.33 8.41
C PHE N 97 24.66 2.31 7.45
N GLY N 98 24.47 3.59 7.71
CA GLY N 98 25.21 4.59 7.00
C GLY N 98 26.64 4.70 7.48
N GLN N 99 27.41 5.52 6.77
CA GLN N 99 28.82 5.68 7.11
C GLN N 99 29.03 6.41 8.43
N GLY N 100 28.04 7.15 8.89
CA GLY N 100 28.15 7.86 10.15
C GLY N 100 28.56 9.31 9.98
N THR N 101 27.99 10.17 10.81
CA THR N 101 28.31 11.58 10.85
C THR N 101 28.88 11.92 12.22
N LYS N 102 30.08 12.48 12.25
CA LYS N 102 30.72 12.88 13.49
C LYS N 102 30.51 14.36 13.72
N LEU N 103 29.94 14.70 14.87
CA LEU N 103 29.76 16.10 15.25
C LEU N 103 31.03 16.62 15.92
N GLU N 104 31.65 17.60 15.28
CA GLU N 104 32.94 18.11 15.70
C GLU N 104 32.77 19.45 16.41
N ILE N 105 33.65 19.71 17.37
CA ILE N 105 33.61 20.93 18.16
C ILE N 105 34.23 22.07 17.35
N LYS N 106 33.42 23.05 16.99
CA LYS N 106 33.92 24.18 16.22
C LYS N 106 34.66 25.16 17.11
N ARG N 107 35.81 25.63 16.64
CA ARG N 107 36.62 26.61 17.33
C ARG N 107 37.29 27.51 16.31
N THR N 108 38.08 28.46 16.81
CA THR N 108 38.79 29.34 15.90
C THR N 108 39.92 28.59 15.21
N VAL N 109 40.40 29.18 14.11
CA VAL N 109 41.44 28.55 13.32
C VAL N 109 42.78 28.66 14.04
N ALA N 110 43.51 27.56 14.09
CA ALA N 110 44.85 27.56 14.68
C ALA N 110 45.78 26.80 13.76
N ALA N 111 46.87 27.46 13.36
CA ALA N 111 47.83 26.86 12.45
C ALA N 111 48.66 25.80 13.18
N PRO N 112 49.08 24.77 12.46
CA PRO N 112 49.85 23.70 13.11
C PRO N 112 51.28 24.13 13.41
N SER N 113 51.84 23.53 14.46
CA SER N 113 53.27 23.61 14.71
C SER N 113 53.92 22.37 14.09
N VAL N 114 54.95 22.58 13.28
CA VAL N 114 55.55 21.52 12.48
C VAL N 114 56.92 21.16 13.04
N PHE N 115 57.12 19.87 13.28
CA PHE N 115 58.40 19.36 13.75
C PHE N 115 58.76 18.13 12.94
N ILE N 116 60.05 17.93 12.71
CA ILE N 116 60.56 16.78 11.98
C ILE N 116 61.56 16.02 12.84
N PHE N 117 61.55 14.70 12.73
CA PHE N 117 62.46 13.84 13.46
C PHE N 117 63.14 12.89 12.49
N PRO N 118 64.47 12.81 12.51
CA PRO N 118 65.17 11.88 11.63
C PRO N 118 65.22 10.49 12.24
N PRO N 119 65.53 9.47 11.45
CA PRO N 119 65.69 8.13 12.01
C PRO N 119 66.85 8.04 12.99
N SER N 120 66.64 7.29 14.06
CA SER N 120 67.69 7.09 15.04
C SER N 120 68.76 6.15 14.47
N ASP N 121 69.96 6.29 15.02
CA ASP N 121 71.05 5.40 14.61
C ASP N 121 70.78 3.96 15.01
N GLU N 122 70.03 3.74 16.09
CA GLU N 122 69.75 2.37 16.50
C GLU N 122 68.82 1.69 15.51
N GLN N 123 67.79 2.39 15.06
CA GLN N 123 66.87 1.82 14.09
C GLN N 123 67.59 1.61 12.75
N LEU N 124 68.46 2.54 12.38
CA LEU N 124 69.27 2.35 11.18
C LEU N 124 70.14 1.12 11.31
N LYS N 125 70.64 0.87 12.52
CA LYS N 125 71.39 -0.36 12.77
C LYS N 125 70.48 -1.58 12.66
N SER N 126 69.19 -1.40 12.93
CA SER N 126 68.25 -2.50 12.86
C SER N 126 67.82 -2.82 11.43
N GLY N 127 68.15 -1.96 10.47
CA GLY N 127 67.84 -2.21 9.08
C GLY N 127 66.68 -1.42 8.51
N THR N 128 66.08 -0.54 9.30
CA THR N 128 64.96 0.27 8.85
C THR N 128 65.23 1.74 9.17
N ALA N 129 64.57 2.62 8.43
CA ALA N 129 64.72 4.05 8.61
C ALA N 129 63.34 4.68 8.58
N SER N 130 62.90 5.18 9.72
CA SER N 130 61.63 5.88 9.83
C SER N 130 61.86 7.37 10.01
N VAL N 131 61.21 8.17 9.16
CA VAL N 131 61.25 9.62 9.28
C VAL N 131 59.86 10.09 9.68
N VAL N 132 59.80 10.96 10.67
CA VAL N 132 58.55 11.35 11.30
C VAL N 132 58.36 12.84 11.11
N CYS N 133 57.19 13.23 10.61
CA CYS N 133 56.80 14.62 10.51
C CYS N 133 55.59 14.81 11.41
N LEU N 134 55.65 15.80 12.30
CA LEU N 134 54.63 15.99 13.32
C LEU N 134 53.96 17.34 13.15
N LEU N 135 52.63 17.33 13.13
CA LEU N 135 51.81 18.53 13.15
C LEU N 135 51.07 18.59 14.47
N ASN N 136 51.34 19.62 15.26
CA ASN N 136 50.82 19.70 16.62
C ASN N 136 49.80 20.82 16.76
N ASN N 137 48.65 20.48 17.37
CA ASN N 137 47.68 21.46 17.86
C ASN N 137 47.21 22.37 16.73
N PHE N 138 46.45 21.77 15.81
CA PHE N 138 45.92 22.51 14.68
C PHE N 138 44.43 22.26 14.54
N TYR N 139 43.76 23.20 13.88
CA TYR N 139 42.34 23.13 13.58
C TYR N 139 42.04 24.03 12.40
N PRO N 140 41.18 23.61 11.47
CA PRO N 140 40.49 22.33 11.48
C PRO N 140 41.41 21.17 11.13
N ARG N 141 40.84 19.97 10.98
CA ARG N 141 41.64 18.77 10.82
C ARG N 141 42.25 18.63 9.44
N GLU N 142 41.64 19.20 8.41
CA GLU N 142 42.13 18.99 7.05
C GLU N 142 43.47 19.65 6.86
N ALA N 143 44.45 18.87 6.44
CA ALA N 143 45.80 19.33 6.14
C ALA N 143 46.42 18.34 5.17
N LYS N 144 47.44 18.78 4.45
CA LYS N 144 48.14 17.93 3.51
C LYS N 144 49.63 17.95 3.83
N VAL N 145 50.21 16.76 3.91
CA VAL N 145 51.64 16.58 4.16
C VAL N 145 52.23 15.79 3.00
N GLN N 146 53.20 16.39 2.32
CA GLN N 146 53.87 15.76 1.19
C GLN N 146 55.34 15.56 1.52
N TRP N 147 55.80 14.33 1.31
CA TRP N 147 57.21 13.98 1.51
C TRP N 147 57.97 14.22 0.21
N LYS N 148 59.14 14.86 0.34
CA LYS N 148 60.00 15.12 -0.81
C LYS N 148 61.39 14.61 -0.46
N VAL N 149 61.92 13.73 -1.30
CA VAL N 149 63.24 13.15 -1.12
C VAL N 149 64.08 13.58 -2.30
N ASP N 150 65.04 14.47 -2.05
CA ASP N 150 65.81 15.14 -3.10
C ASP N 150 64.85 15.78 -4.11
N ASN N 151 63.86 16.49 -3.57
CA ASN N 151 62.86 17.22 -4.35
C ASN N 151 61.96 16.28 -5.15
N ALA N 152 61.88 15.02 -4.76
CA ALA N 152 61.03 14.04 -5.42
C ALA N 152 59.93 13.62 -4.47
N LEU N 153 58.68 13.79 -4.90
CA LEU N 153 57.54 13.46 -4.06
C LEU N 153 57.42 11.95 -3.87
N GLN N 154 57.13 11.54 -2.64
CA GLN N 154 56.96 10.14 -2.31
C GLN N 154 55.47 9.77 -2.34
N SER N 155 55.20 8.52 -2.63
CA SER N 155 53.83 8.02 -2.69
C SER N 155 53.82 6.53 -2.41
N GLY N 156 52.94 6.12 -1.50
CA GLY N 156 52.77 4.72 -1.18
C GLY N 156 53.74 4.17 -0.16
N ASN N 157 54.58 5.02 0.42
CA ASN N 157 55.54 4.58 1.42
C ASN N 157 55.43 5.37 2.72
N SER N 158 54.30 6.03 2.95
CA SER N 158 54.07 6.81 4.15
C SER N 158 52.73 6.44 4.75
N GLN N 159 52.58 6.69 6.04
CA GLN N 159 51.32 6.44 6.74
C GLN N 159 51.03 7.58 7.70
N GLU N 160 49.76 7.95 7.78
CA GLU N 160 49.33 9.07 8.62
C GLU N 160 48.44 8.58 9.75
N SER N 161 48.51 9.28 10.87
CA SER N 161 47.66 9.00 12.01
C SER N 161 47.20 10.32 12.61
N VAL N 162 45.93 10.40 12.98
CA VAL N 162 45.34 11.62 13.48
C VAL N 162 44.70 11.34 14.83
N THR N 163 44.92 12.22 15.79
CA THR N 163 44.26 12.12 17.08
C THR N 163 42.85 12.69 17.03
N GLU N 164 42.06 12.34 18.04
CA GLU N 164 40.77 12.96 18.24
C GLU N 164 40.92 14.36 18.81
N GLN N 165 39.81 15.10 18.82
CA GLN N 165 39.82 16.45 19.38
C GLN N 165 40.19 16.42 20.86
N ASP N 166 41.20 17.20 21.22
CA ASP N 166 41.61 17.26 22.61
C ASP N 166 40.48 17.78 23.48
N SER N 167 40.31 17.16 24.64
CA SER N 167 39.22 17.53 25.52
C SER N 167 39.40 18.93 26.08
N LYS N 168 40.63 19.40 26.19
CA LYS N 168 40.91 20.68 26.83
C LYS N 168 40.83 21.86 25.85
N ASP N 169 41.38 21.71 24.66
CA ASP N 169 41.46 22.84 23.73
C ASP N 169 40.98 22.51 22.31
N SER N 170 40.45 21.32 22.08
CA SER N 170 39.77 20.98 20.84
C SER N 170 40.69 21.03 19.63
N THR N 171 41.97 20.75 19.82
CA THR N 171 42.91 20.75 18.70
C THR N 171 43.20 19.33 18.25
N TYR N 172 43.78 19.23 17.05
CA TYR N 172 44.21 17.97 16.48
C TYR N 172 45.74 17.88 16.46
N SER N 173 46.23 16.65 16.42
CA SER N 173 47.63 16.39 16.13
C SER N 173 47.72 15.29 15.10
N LEU N 174 48.69 15.40 14.20
CA LEU N 174 48.83 14.43 13.12
C LEU N 174 50.29 14.02 13.03
N SER N 175 50.52 12.72 12.85
CA SER N 175 51.85 12.19 12.64
C SER N 175 51.90 11.51 11.27
N SER N 176 52.96 11.80 10.52
CA SER N 176 53.24 11.14 9.25
C SER N 176 54.55 10.41 9.36
N THR N 177 54.55 9.12 9.02
CA THR N 177 55.72 8.27 9.14
C THR N 177 56.12 7.76 7.76
N LEU N 178 57.32 8.15 7.34
CA LEU N 178 57.92 7.64 6.11
C LEU N 178 58.89 6.52 6.48
N THR N 179 58.66 5.33 5.92
CA THR N 179 59.43 4.15 6.23
C THR N 179 60.22 3.73 5.00
N LEU N 180 61.52 3.51 5.18
CA LEU N 180 62.39 3.10 4.08
C LEU N 180 63.42 2.10 4.56
N SER N 181 63.93 1.32 3.61
CA SER N 181 65.05 0.45 3.88
C SER N 181 66.33 1.26 4.05
N LYS N 182 67.31 0.66 4.74
CA LYS N 182 68.58 1.34 4.96
C LYS N 182 69.23 1.71 3.63
N ALA N 183 69.09 0.84 2.62
CA ALA N 183 69.67 1.15 1.32
C ALA N 183 68.94 2.28 0.63
N ASP N 184 67.61 2.28 0.69
CA ASP N 184 66.84 3.40 0.15
C ASP N 184 67.17 4.69 0.89
N TYR N 185 67.34 4.61 2.21
CA TYR N 185 67.62 5.80 2.99
C TYR N 185 69.00 6.37 2.66
N GLU N 186 70.00 5.53 2.52
CA GLU N 186 71.34 6.01 2.24
C GLU N 186 71.59 6.30 0.77
N LYS N 187 70.63 6.05 -0.11
CA LYS N 187 70.76 6.36 -1.52
C LYS N 187 70.23 7.74 -1.87
N HIS N 188 70.00 8.60 -0.89
CA HIS N 188 69.51 9.94 -1.16
C HIS N 188 70.06 10.90 -0.12
N LYS N 189 69.80 12.19 -0.34
CA LYS N 189 70.40 13.23 0.47
C LYS N 189 69.38 14.05 1.23
N VAL N 190 68.44 14.70 0.55
CA VAL N 190 67.53 15.65 1.17
C VAL N 190 66.21 14.96 1.47
N TYR N 191 65.69 15.18 2.67
CA TYR N 191 64.42 14.60 3.11
C TYR N 191 63.59 15.71 3.74
N ALA N 192 62.45 16.01 3.14
CA ALA N 192 61.60 17.11 3.58
C ALA N 192 60.15 16.67 3.67
N CYS N 193 59.43 17.24 4.64
CA CYS N 193 57.98 17.18 4.67
C CYS N 193 57.43 18.59 4.54
N GLU N 194 56.52 18.76 3.58
CA GLU N 194 55.84 20.03 3.33
C GLU N 194 54.40 19.92 3.78
N VAL N 195 53.94 20.94 4.49
CA VAL N 195 52.64 20.95 5.14
C VAL N 195 51.85 22.15 4.63
N THR N 196 50.60 21.91 4.25
CA THR N 196 49.66 22.96 3.90
C THR N 196 48.43 22.84 4.76
N HIS N 197 47.93 23.99 5.22
CA HIS N 197 46.76 24.05 6.09
C HIS N 197 46.07 25.38 5.88
N GLN N 198 44.75 25.37 6.04
CA GLN N 198 43.97 26.57 5.78
C GLN N 198 44.32 27.71 6.72
N GLY N 199 44.96 27.41 7.84
CA GLY N 199 45.45 28.44 8.74
C GLY N 199 46.83 28.95 8.41
N LEU N 200 47.45 28.43 7.36
CA LEU N 200 48.80 28.82 6.95
C LEU N 200 48.72 29.59 5.64
N SER N 201 49.24 30.82 5.63
CA SER N 201 49.24 31.59 4.39
C SER N 201 50.16 30.97 3.34
N SER N 202 51.25 30.35 3.76
CA SER N 202 52.18 29.70 2.86
C SER N 202 52.52 28.32 3.39
N PRO N 203 52.84 27.38 2.51
CA PRO N 203 53.21 26.05 2.99
C PRO N 203 54.48 26.10 3.82
N VAL N 204 54.55 25.25 4.83
CA VAL N 204 55.71 25.15 5.71
C VAL N 204 56.50 23.91 5.32
N THR N 205 57.81 24.05 5.20
CA THR N 205 58.67 22.95 4.76
C THR N 205 59.78 22.77 5.77
N LYS N 206 59.92 21.55 6.29
CA LYS N 206 61.04 21.17 7.12
C LYS N 206 61.85 20.11 6.39
N SER N 207 63.18 20.18 6.50
CA SER N 207 64.02 19.29 5.73
C SER N 207 65.34 19.07 6.46
N PHE N 208 65.96 17.93 6.19
CA PHE N 208 67.29 17.63 6.69
C PHE N 208 68.08 16.89 5.62
N ASN N 209 69.39 16.88 5.80
CA ASN N 209 70.30 16.11 4.96
C ASN N 209 70.78 14.89 5.73
N ARG N 210 70.83 13.75 5.05
CA ARG N 210 71.28 12.53 5.70
C ARG N 210 72.72 12.70 6.16
N GLY N 211 72.93 12.55 7.48
CA GLY N 211 74.23 12.73 8.08
C GLY N 211 74.44 14.11 8.68
N GLU N 212 73.72 15.11 8.20
CA GLU N 212 73.84 16.47 8.71
C GLU N 212 73.36 16.56 10.15
N GLN O 1 18.13 23.11 -3.00
CA GLN O 1 17.17 23.29 -4.08
C GLN O 1 17.10 22.04 -4.93
N VAL O 2 16.58 22.17 -6.15
CA VAL O 2 16.48 21.03 -7.05
C VAL O 2 17.88 20.64 -7.51
N GLN O 3 18.15 19.34 -7.51
CA GLN O 3 19.46 18.87 -7.94
C GLN O 3 19.28 17.59 -8.75
N LEU O 4 19.98 17.51 -9.88
CA LEU O 4 19.96 16.35 -10.74
C LEU O 4 21.39 15.93 -11.04
N VAL O 5 21.68 14.65 -10.87
CA VAL O 5 23.04 14.11 -11.03
C VAL O 5 23.01 12.96 -12.02
N GLU O 6 23.61 13.16 -13.18
CA GLU O 6 23.71 12.10 -14.19
C GLU O 6 24.90 11.21 -13.91
N SER O 7 24.78 9.96 -14.33
CA SER O 7 25.90 9.03 -14.24
C SER O 7 25.71 7.95 -15.29
N GLY O 8 26.79 7.24 -15.58
CA GLY O 8 26.75 6.13 -16.51
C GLY O 8 27.43 6.40 -17.84
N GLY O 9 27.82 7.63 -18.11
CA GLY O 9 28.43 7.94 -19.38
C GLY O 9 29.86 7.46 -19.47
N GLY O 10 30.33 7.33 -20.70
CA GLY O 10 31.70 6.90 -20.93
C GLY O 10 31.92 6.59 -22.39
N VAL O 11 32.97 5.84 -22.67
CA VAL O 11 33.32 5.45 -24.02
C VAL O 11 32.71 4.10 -24.33
N VAL O 12 32.05 3.99 -25.47
CA VAL O 12 31.40 2.75 -25.88
C VAL O 12 31.61 2.56 -27.38
N GLN O 13 31.90 1.33 -27.78
CA GLN O 13 32.06 1.02 -29.19
C GLN O 13 30.72 1.07 -29.91
N PRO O 14 30.72 1.40 -31.19
CA PRO O 14 29.47 1.40 -31.95
C PRO O 14 28.84 0.03 -31.97
N GLY O 15 27.52 0.01 -31.84
CA GLY O 15 26.77 -1.22 -31.79
C GLY O 15 26.52 -1.77 -30.41
N ARG O 16 27.26 -1.32 -29.41
CA ARG O 16 27.04 -1.79 -28.05
C ARG O 16 25.95 -0.95 -27.39
N SER O 17 25.65 -1.27 -26.13
CA SER O 17 24.59 -0.61 -25.40
C SER O 17 25.17 0.12 -24.20
N LEU O 18 24.37 1.03 -23.65
CA LEU O 18 24.79 1.81 -22.49
C LEU O 18 23.54 2.32 -21.80
N ARG O 19 23.57 2.35 -20.48
CA ARG O 19 22.43 2.77 -19.68
C ARG O 19 22.82 3.98 -18.85
N LEU O 20 22.15 5.10 -19.07
CA LEU O 20 22.39 6.30 -18.30
C LEU O 20 21.35 6.42 -17.19
N SER O 21 21.76 6.97 -16.06
CA SER O 21 20.86 7.18 -14.94
C SER O 21 20.95 8.63 -14.48
N CYS O 22 19.89 9.08 -13.83
CA CYS O 22 19.78 10.45 -13.37
C CYS O 22 19.14 10.42 -11.99
N ALA O 23 19.90 10.78 -10.96
CA ALA O 23 19.39 10.81 -9.60
C ALA O 23 18.86 12.21 -9.28
N ALA O 24 17.65 12.26 -8.77
CA ALA O 24 16.96 13.52 -8.50
C ALA O 24 16.79 13.70 -7.01
N SER O 25 16.91 14.95 -6.57
CA SER O 25 16.69 15.30 -5.18
C SER O 25 16.29 16.76 -5.09
N GLY O 26 15.73 17.13 -3.95
CA GLY O 26 15.26 18.47 -3.74
C GLY O 26 13.82 18.71 -4.11
N PHE O 27 13.14 17.72 -4.66
CA PHE O 27 11.74 17.86 -5.02
C PHE O 27 11.13 16.48 -5.10
N THR O 28 9.80 16.44 -5.20
CA THR O 28 9.10 15.18 -5.32
C THR O 28 9.27 14.69 -6.75
N PHE O 29 10.19 13.76 -6.95
CA PHE O 29 10.50 13.32 -8.30
C PHE O 29 9.32 12.63 -8.96
N SER O 30 8.55 11.85 -8.20
CA SER O 30 7.48 11.08 -8.79
C SER O 30 6.32 11.94 -9.27
N ASN O 31 6.32 13.23 -8.98
CA ASN O 31 5.23 14.09 -9.38
C ASN O 31 5.50 14.82 -10.69
N PHE O 32 6.63 14.61 -11.33
CA PHE O 32 7.00 15.40 -12.50
C PHE O 32 7.44 14.51 -13.64
N GLY O 33 7.09 14.91 -14.86
CA GLY O 33 7.67 14.31 -16.02
C GLY O 33 9.11 14.75 -16.22
N MET O 34 9.84 14.00 -17.04
CA MET O 34 11.25 14.27 -17.24
C MET O 34 11.60 14.21 -18.71
N HIS O 35 12.64 14.93 -19.08
CA HIS O 35 13.21 14.91 -20.40
C HIS O 35 14.65 14.43 -20.33
N TRP O 36 15.11 13.81 -21.40
CA TRP O 36 16.53 13.65 -21.70
C TRP O 36 16.83 14.48 -22.93
N ILE O 37 17.82 15.33 -22.82
CA ILE O 37 18.22 16.21 -23.92
C ILE O 37 19.73 16.10 -24.07
N ARG O 38 20.19 16.02 -25.29
CA ARG O 38 21.61 15.88 -25.57
C ARG O 38 22.11 17.08 -26.32
N GLN O 39 23.42 17.29 -26.19
CA GLN O 39 24.08 18.42 -26.81
C GLN O 39 25.39 17.96 -27.43
N SER O 40 25.53 18.26 -28.71
CA SER O 40 26.76 17.95 -29.43
C SER O 40 27.19 19.16 -30.22
N PRO O 41 28.48 19.30 -30.48
CA PRO O 41 28.96 20.45 -31.26
C PRO O 41 28.44 20.48 -32.68
N GLY O 42 28.05 19.35 -33.26
CA GLY O 42 27.62 19.33 -34.64
C GLY O 42 26.16 19.66 -34.84
N LYS O 43 25.33 19.31 -33.87
CA LYS O 43 23.90 19.51 -33.98
C LYS O 43 23.35 20.46 -32.92
N GLY O 44 24.17 20.94 -32.00
CA GLY O 44 23.64 21.79 -30.96
C GLY O 44 22.75 21.02 -30.01
N LEU O 45 21.76 21.71 -29.47
CA LEU O 45 20.82 21.09 -28.55
C LEU O 45 19.77 20.32 -29.32
N GLU O 46 19.46 19.13 -28.82
CA GLU O 46 18.61 18.19 -29.53
C GLU O 46 17.82 17.38 -28.51
N TRP O 47 16.51 17.51 -28.53
CA TRP O 47 15.67 16.75 -27.62
C TRP O 47 15.69 15.28 -27.97
N VAL O 48 15.74 14.43 -26.95
CA VAL O 48 15.86 12.99 -27.10
C VAL O 48 14.59 12.25 -26.70
N ALA O 49 14.13 12.43 -25.47
CA ALA O 49 12.98 11.68 -25.00
C ALA O 49 12.26 12.43 -23.90
N ILE O 50 11.01 12.06 -23.68
CA ILE O 50 10.18 12.56 -22.59
C ILE O 50 9.41 11.41 -21.98
N ILE O 51 9.23 11.45 -20.68
CA ILE O 51 8.45 10.43 -19.98
C ILE O 51 7.49 11.12 -19.03
N TRP O 52 6.28 10.58 -18.94
CA TRP O 52 5.26 11.07 -18.03
C TRP O 52 5.64 10.75 -16.59
N TYR O 53 4.96 11.41 -15.66
CA TYR O 53 5.25 11.19 -14.25
C TYR O 53 5.03 9.75 -13.84
N ASP O 54 4.04 9.09 -14.41
CA ASP O 54 3.75 7.70 -14.09
C ASP O 54 4.27 6.74 -15.15
N GLY O 55 4.97 7.23 -16.16
CA GLY O 55 5.48 6.35 -17.18
C GLY O 55 4.48 5.87 -18.19
N SER O 56 3.25 6.39 -18.18
CA SER O 56 2.25 5.83 -19.08
C SER O 56 2.52 6.23 -20.53
N ASN O 57 3.03 7.44 -20.77
CA ASN O 57 3.33 7.91 -22.12
C ASN O 57 4.78 8.30 -22.20
N THR O 58 5.44 7.86 -23.26
CA THR O 58 6.81 8.20 -23.56
C THR O 58 6.89 8.63 -25.01
N TYR O 59 7.77 9.56 -25.31
CA TYR O 59 7.98 10.01 -26.67
C TYR O 59 9.46 10.13 -26.94
N TYR O 60 9.83 9.94 -28.21
CA TYR O 60 11.22 9.93 -28.62
C TYR O 60 11.36 10.74 -29.89
N ALA O 61 12.54 11.28 -30.11
CA ALA O 61 12.83 11.91 -31.37
C ALA O 61 12.92 10.86 -32.46
N ASP O 62 12.69 11.30 -33.70
CA ASP O 62 12.66 10.38 -34.82
C ASP O 62 14.02 9.72 -35.06
N SER O 63 15.10 10.44 -34.79
CA SER O 63 16.42 9.89 -35.06
C SER O 63 16.79 8.79 -34.08
N VAL O 64 16.08 8.67 -32.96
CA VAL O 64 16.40 7.67 -31.95
C VAL O 64 15.27 6.69 -31.72
N LYS O 65 14.14 6.85 -32.39
CA LYS O 65 13.00 5.99 -32.13
C LYS O 65 13.33 4.55 -32.49
N GLY O 66 13.01 3.63 -31.58
CA GLY O 66 13.32 2.24 -31.78
C GLY O 66 14.65 1.78 -31.24
N ARG O 67 15.52 2.71 -30.85
CA ARG O 67 16.82 2.35 -30.30
C ARG O 67 16.98 2.73 -28.84
N PHE O 68 16.42 3.85 -28.42
CA PHE O 68 16.51 4.31 -27.06
C PHE O 68 15.23 3.95 -26.30
N THR O 69 15.38 3.69 -25.00
CA THR O 69 14.24 3.41 -24.16
C THR O 69 14.41 4.19 -22.87
N ILE O 70 13.48 5.09 -22.60
CA ILE O 70 13.49 5.88 -21.38
C ILE O 70 12.55 5.24 -20.37
N SER O 71 12.98 5.19 -19.12
CA SER O 71 12.17 4.61 -18.07
C SER O 71 12.48 5.33 -16.78
N ARG O 72 11.78 4.94 -15.71
CA ARG O 72 12.01 5.58 -14.43
C ARG O 72 11.65 4.62 -13.32
N ASP O 73 12.26 4.86 -12.16
CA ASP O 73 12.03 4.09 -10.94
C ASP O 73 11.69 5.11 -9.87
N ASN O 74 10.39 5.33 -9.68
CA ASN O 74 9.93 6.32 -8.71
C ASN O 74 10.19 5.89 -7.27
N SER O 75 10.39 4.59 -7.03
CA SER O 75 10.74 4.17 -5.68
C SER O 75 12.18 4.53 -5.37
N LYS O 76 13.03 4.61 -6.38
CA LYS O 76 14.42 4.99 -6.22
C LYS O 76 14.68 6.43 -6.62
N ASN O 77 13.67 7.12 -7.15
CA ASN O 77 13.81 8.49 -7.64
C ASN O 77 14.89 8.58 -8.70
N THR O 78 14.86 7.65 -9.63
CA THR O 78 15.91 7.55 -10.62
C THR O 78 15.30 7.51 -12.01
N LEU O 79 15.89 8.26 -12.92
CA LEU O 79 15.50 8.26 -14.32
C LEU O 79 16.55 7.49 -15.12
N TYR O 80 16.10 6.65 -16.06
CA TYR O 80 17.00 5.80 -16.81
C TYR O 80 16.82 6.04 -18.30
N LEU O 81 17.90 5.85 -19.05
CA LEU O 81 17.86 5.91 -20.51
C LEU O 81 18.75 4.78 -21.03
N GLN O 82 18.12 3.72 -21.53
CA GLN O 82 18.80 2.61 -22.15
C GLN O 82 19.01 2.89 -23.62
N MET O 83 20.26 2.96 -24.05
CA MET O 83 20.64 3.27 -25.42
C MET O 83 21.20 2.02 -26.06
N ASN O 84 20.54 1.53 -27.10
CA ASN O 84 20.98 0.37 -27.84
C ASN O 84 21.37 0.76 -29.27
N SER O 85 22.23 -0.06 -29.87
CA SER O 85 22.65 0.12 -31.26
C SER O 85 23.20 1.51 -31.50
N LEU O 86 24.15 1.92 -30.65
CA LEU O 86 24.68 3.27 -30.72
C LEU O 86 25.46 3.49 -32.00
N ARG O 87 25.28 4.67 -32.59
CA ARG O 87 26.02 5.10 -33.75
C ARG O 87 26.98 6.21 -33.37
N ALA O 88 27.88 6.54 -34.30
CA ALA O 88 28.91 7.53 -34.02
C ALA O 88 28.30 8.89 -33.71
N GLU O 89 27.22 9.25 -34.40
CA GLU O 89 26.61 10.57 -34.21
C GLU O 89 25.90 10.74 -32.88
N ASP O 90 25.75 9.69 -32.08
CA ASP O 90 25.17 9.84 -30.76
C ASP O 90 26.14 10.36 -29.73
N THR O 91 27.41 10.57 -30.09
CA THR O 91 28.35 11.15 -29.14
C THR O 91 27.91 12.56 -28.78
N ALA O 92 27.64 12.77 -27.49
CA ALA O 92 27.15 14.06 -27.02
C ALA O 92 27.17 14.07 -25.50
N VAL O 93 26.89 15.24 -24.94
CA VAL O 93 26.62 15.41 -23.53
C VAL O 93 25.12 15.27 -23.30
N TYR O 94 24.71 14.36 -22.43
CA TYR O 94 23.31 14.09 -22.17
C TYR O 94 22.89 14.69 -20.84
N TYR O 95 21.81 15.47 -20.86
CA TYR O 95 21.25 16.06 -19.67
C TYR O 95 19.88 15.46 -19.39
N CYS O 96 19.60 15.19 -18.12
CA CYS O 96 18.22 15.01 -17.70
C CYS O 96 17.67 16.35 -17.27
N ALA O 97 16.37 16.51 -17.44
CA ALA O 97 15.75 17.79 -17.14
C ALA O 97 14.35 17.55 -16.59
N LYS O 98 13.93 18.45 -15.72
CA LYS O 98 12.65 18.39 -15.04
C LYS O 98 11.66 19.30 -15.73
N VAL O 99 10.45 18.79 -15.98
CA VAL O 99 9.38 19.60 -16.53
C VAL O 99 8.91 20.60 -15.49
N TRP O 100 8.60 21.82 -15.92
CA TRP O 100 8.12 22.80 -14.98
C TRP O 100 6.66 22.54 -14.62
N PHE O 101 6.20 23.17 -13.57
CA PHE O 101 4.81 23.10 -13.17
C PHE O 101 4.03 24.20 -13.87
N GLY O 102 2.87 23.86 -14.41
CA GLY O 102 2.07 24.82 -15.14
C GLY O 102 0.58 24.61 -14.99
N GLU O 103 -0.18 25.14 -15.94
CA GLU O 103 -1.61 24.99 -15.92
C GLU O 103 -2.01 23.72 -16.64
N SER O 104 -3.25 23.30 -16.45
CA SER O 104 -3.68 22.00 -16.95
C SER O 104 -3.70 21.93 -18.47
N GLU O 105 -4.01 23.03 -19.14
CA GLU O 105 -4.12 22.99 -20.60
C GLU O 105 -2.92 23.59 -21.31
N ASP O 106 -1.90 24.01 -20.60
CA ASP O 106 -0.73 24.57 -21.23
C ASP O 106 0.15 23.48 -21.81
N ASN O 107 1.03 23.87 -22.72
CA ASN O 107 2.14 23.05 -23.15
C ASN O 107 3.32 23.19 -22.20
N TYR O 108 4.17 22.17 -22.19
CA TYR O 108 5.19 22.01 -21.16
C TYR O 108 6.57 21.82 -21.76
N SER O 109 7.57 22.29 -21.04
CA SER O 109 8.98 22.07 -21.34
C SER O 109 9.73 21.97 -20.01
N VAL O 110 11.04 22.16 -20.04
CA VAL O 110 11.87 21.87 -18.88
C VAL O 110 12.35 23.18 -18.26
N ASP O 111 12.52 23.17 -16.95
CA ASP O 111 13.01 24.34 -16.23
C ASP O 111 14.34 24.13 -15.53
N VAL O 112 14.63 22.93 -15.05
CA VAL O 112 15.87 22.63 -14.35
C VAL O 112 16.58 21.54 -15.11
N TRP O 113 17.83 21.78 -15.45
CA TRP O 113 18.65 20.80 -16.16
C TRP O 113 19.64 20.16 -15.20
N GLY O 114 20.00 18.92 -15.50
CA GLY O 114 21.00 18.24 -14.72
C GLY O 114 22.38 18.73 -15.05
N GLN O 115 23.37 18.07 -14.47
CA GLN O 115 24.76 18.47 -14.71
C GLN O 115 25.28 18.01 -16.06
N GLY O 116 24.82 16.86 -16.54
CA GLY O 116 25.26 16.37 -17.82
C GLY O 116 26.32 15.30 -17.70
N THR O 117 26.25 14.30 -18.57
CA THR O 117 27.24 13.24 -18.63
C THR O 117 27.64 13.01 -20.08
N THR O 118 28.94 12.81 -20.30
CA THR O 118 29.48 12.75 -21.64
C THR O 118 29.48 11.32 -22.14
N VAL O 119 29.01 11.11 -23.37
CA VAL O 119 29.00 9.81 -24.01
C VAL O 119 29.77 9.94 -25.31
N THR O 120 30.78 9.11 -25.49
CA THR O 120 31.63 9.14 -26.67
C THR O 120 31.54 7.78 -27.35
N VAL O 121 30.94 7.75 -28.52
CA VAL O 121 30.78 6.52 -29.29
C VAL O 121 31.87 6.48 -30.35
N SER O 122 32.84 5.61 -30.17
CA SER O 122 33.97 5.52 -31.08
C SER O 122 34.55 4.12 -31.00
N SER O 123 35.07 3.64 -32.13
CA SER O 123 35.74 2.34 -32.16
C SER O 123 37.23 2.45 -31.85
N ALA O 124 37.70 3.62 -31.45
CA ALA O 124 39.11 3.78 -31.11
C ALA O 124 39.41 3.12 -29.77
N SER O 125 40.60 2.55 -29.67
CA SER O 125 41.05 1.92 -28.44
C SER O 125 41.81 2.91 -27.58
N THR O 126 41.81 2.65 -26.27
CA THR O 126 42.51 3.52 -25.32
C THR O 126 43.98 3.58 -25.66
N LYS O 127 44.52 4.80 -25.75
CA LYS O 127 45.88 5.00 -26.21
C LYS O 127 46.44 6.26 -25.57
N GLY O 128 47.65 6.16 -25.04
CA GLY O 128 48.34 7.29 -24.49
C GLY O 128 48.81 8.25 -25.55
N PRO O 129 49.08 9.50 -25.17
CA PRO O 129 49.43 10.52 -26.14
C PRO O 129 50.91 10.51 -26.49
N SER O 130 51.20 11.10 -27.65
CA SER O 130 52.57 11.41 -28.06
C SER O 130 52.81 12.90 -27.82
N VAL O 131 53.84 13.21 -27.05
CA VAL O 131 54.16 14.59 -26.68
C VAL O 131 55.35 15.06 -27.49
N PHE O 132 55.15 16.06 -28.32
CA PHE O 132 56.22 16.61 -29.12
C PHE O 132 56.48 18.06 -28.74
N PRO O 133 57.74 18.48 -28.68
CA PRO O 133 58.05 19.85 -28.30
C PRO O 133 57.84 20.82 -29.46
N LEU O 134 57.27 21.98 -29.14
CA LEU O 134 57.18 23.09 -30.08
C LEU O 134 58.29 24.08 -29.71
N ALA O 135 59.45 23.87 -30.31
CA ALA O 135 60.67 24.56 -29.92
C ALA O 135 60.68 25.99 -30.44
N PRO O 136 60.96 26.98 -29.58
CA PRO O 136 61.08 28.36 -30.05
C PRO O 136 62.41 28.60 -30.74
N SER O 137 62.40 29.54 -31.68
CA SER O 137 63.61 29.91 -32.40
C SER O 137 63.43 31.33 -32.93
N SER O 138 64.28 31.73 -33.87
CA SER O 138 64.17 33.05 -34.48
C SER O 138 62.87 33.18 -35.26
N LYS O 139 62.33 32.07 -35.78
CA LYS O 139 61.09 32.10 -36.54
C LYS O 139 59.86 32.21 -35.65
N SER O 140 60.02 32.08 -34.34
CA SER O 140 58.94 32.24 -33.37
C SER O 140 59.23 33.34 -32.37
N THR O 141 59.82 34.45 -32.83
CA THR O 141 60.15 35.56 -31.97
C THR O 141 59.71 36.86 -32.63
N SER O 142 58.97 37.68 -31.88
CA SER O 142 58.55 39.00 -32.34
C SER O 142 58.83 39.99 -31.21
N GLY O 143 59.91 40.75 -31.36
CA GLY O 143 60.32 41.65 -30.30
C GLY O 143 60.94 40.90 -29.14
N GLY O 144 60.56 41.30 -27.93
CA GLY O 144 61.02 40.63 -26.73
C GLY O 144 60.15 39.49 -26.26
N THR O 145 59.19 39.04 -27.08
CA THR O 145 58.29 37.97 -26.71
C THR O 145 58.49 36.79 -27.66
N ALA O 146 58.61 35.59 -27.10
CA ALA O 146 58.72 34.36 -27.86
C ALA O 146 57.62 33.40 -27.43
N ALA O 147 57.34 32.43 -28.29
CA ALA O 147 56.31 31.43 -28.03
C ALA O 147 56.90 30.04 -28.13
N LEU O 148 56.56 29.18 -27.17
CA LEU O 148 56.96 27.79 -27.17
C LEU O 148 55.77 26.96 -26.71
N GLY O 149 55.84 25.65 -26.89
CA GLY O 149 54.71 24.85 -26.49
C GLY O 149 54.96 23.37 -26.56
N CYS O 150 53.88 22.61 -26.43
CA CYS O 150 53.90 21.16 -26.51
C CYS O 150 52.70 20.70 -27.33
N LEU O 151 52.93 19.78 -28.25
CA LEU O 151 51.89 19.19 -29.07
C LEU O 151 51.56 17.81 -28.53
N VAL O 152 50.31 17.61 -28.12
CA VAL O 152 49.85 16.36 -27.53
C VAL O 152 48.96 15.69 -28.56
N LYS O 153 49.52 14.71 -29.26
CA LYS O 153 48.91 14.18 -30.47
C LYS O 153 48.53 12.72 -30.28
N ASP O 154 47.40 12.34 -30.88
CA ASP O 154 47.02 10.93 -31.04
C ASP O 154 46.83 10.23 -29.70
N TYR O 155 45.85 10.73 -28.96
CA TYR O 155 45.43 10.11 -27.72
C TYR O 155 43.92 9.89 -27.75
N PHE O 156 43.47 8.93 -26.95
CA PHE O 156 42.06 8.61 -26.82
C PHE O 156 41.86 7.87 -25.52
N PRO O 157 40.81 8.17 -24.75
CA PRO O 157 39.88 9.24 -25.07
C PRO O 157 40.18 10.53 -24.36
N GLU O 158 39.22 11.44 -24.40
CA GLU O 158 39.29 12.64 -23.61
C GLU O 158 39.09 12.30 -22.15
N PRO O 159 39.62 13.13 -21.23
CA PRO O 159 40.41 14.32 -21.50
C PRO O 159 41.86 14.12 -21.14
N VAL O 160 42.67 15.16 -21.38
CA VAL O 160 44.04 15.22 -20.93
C VAL O 160 44.26 16.56 -20.25
N THR O 161 45.14 16.57 -19.25
CA THR O 161 45.51 17.79 -18.57
C THR O 161 46.95 18.15 -18.90
N VAL O 162 47.18 19.43 -19.10
CA VAL O 162 48.51 19.97 -19.40
C VAL O 162 48.83 21.04 -18.38
N SER O 163 49.99 20.95 -17.76
CA SER O 163 50.50 21.98 -16.87
C SER O 163 51.92 22.35 -17.29
N TRP O 164 52.39 23.48 -16.77
CA TRP O 164 53.72 23.98 -17.06
C TRP O 164 54.47 24.09 -15.75
N ASN O 165 55.65 23.47 -15.70
CA ASN O 165 56.48 23.47 -14.51
C ASN O 165 55.69 22.99 -13.30
N SER O 166 54.96 21.89 -13.48
CA SER O 166 54.14 21.30 -12.42
C SER O 166 53.12 22.29 -11.87
N GLY O 167 52.63 23.20 -12.70
CA GLY O 167 51.66 24.17 -12.29
C GLY O 167 52.22 25.50 -11.82
N ALA O 168 53.54 25.61 -11.71
CA ALA O 168 54.14 26.86 -11.24
C ALA O 168 54.04 27.97 -12.26
N LEU O 169 53.87 27.64 -13.54
CA LEU O 169 53.78 28.62 -14.61
C LEU O 169 52.38 28.58 -15.19
N THR O 170 51.59 29.62 -14.92
CA THR O 170 50.25 29.74 -15.46
C THR O 170 50.02 31.03 -16.25
N SER O 171 50.83 32.05 -16.05
CA SER O 171 50.65 33.30 -16.77
C SER O 171 51.02 33.12 -18.22
N GLY O 172 50.08 33.37 -19.12
CA GLY O 172 50.32 33.28 -20.54
C GLY O 172 50.15 31.91 -21.15
N VAL O 173 49.53 30.97 -20.44
CA VAL O 173 49.34 29.62 -20.95
C VAL O 173 48.02 29.55 -21.70
N HIS O 174 48.05 28.97 -22.89
CA HIS O 174 46.86 28.75 -23.70
C HIS O 174 46.84 27.30 -24.16
N THR O 175 45.97 26.50 -23.56
CA THR O 175 45.74 25.14 -23.97
C THR O 175 44.50 25.10 -24.86
N PHE O 176 44.68 24.74 -26.11
CA PHE O 176 43.57 24.75 -27.03
C PHE O 176 42.65 23.57 -26.76
N PRO O 177 41.36 23.71 -27.06
CA PRO O 177 40.46 22.56 -26.96
C PRO O 177 40.85 21.49 -27.95
N ALA O 178 40.64 20.24 -27.54
CA ALA O 178 41.03 19.12 -28.38
C ALA O 178 40.16 19.04 -29.61
N VAL O 179 40.73 18.53 -30.70
CA VAL O 179 40.03 18.30 -31.94
C VAL O 179 40.08 16.82 -32.27
N LEU O 180 38.97 16.30 -32.80
CA LEU O 180 38.89 14.91 -33.20
C LEU O 180 39.34 14.77 -34.65
N GLN O 181 40.28 13.86 -34.88
CA GLN O 181 40.84 13.66 -36.21
C GLN O 181 40.14 12.53 -36.93
N SER O 182 40.48 12.39 -38.22
CA SER O 182 39.89 11.34 -39.03
C SER O 182 40.22 9.96 -38.51
N SER O 183 41.32 9.83 -37.78
CA SER O 183 41.74 8.54 -37.25
C SER O 183 41.06 8.19 -35.95
N GLY O 184 40.15 9.02 -35.46
CA GLY O 184 39.52 8.80 -34.18
C GLY O 184 40.36 9.12 -32.97
N LEU O 185 41.55 9.68 -33.16
CA LEU O 185 42.41 10.10 -32.07
C LEU O 185 42.36 11.61 -31.92
N TYR O 186 42.43 12.08 -30.68
CA TYR O 186 42.40 13.50 -30.41
C TYR O 186 43.81 14.08 -30.42
N SER O 187 43.87 15.40 -30.57
CA SER O 187 45.13 16.13 -30.60
C SER O 187 44.88 17.55 -30.18
N LEU O 188 45.85 18.14 -29.48
CA LEU O 188 45.75 19.52 -29.05
C LEU O 188 47.14 20.11 -28.92
N SER O 189 47.18 21.41 -28.65
CA SER O 189 48.42 22.12 -28.42
C SER O 189 48.30 22.96 -27.17
N SER O 190 49.44 23.19 -26.53
CA SER O 190 49.52 24.08 -25.39
C SER O 190 50.68 25.03 -25.63
N VAL O 191 50.43 26.33 -25.53
CA VAL O 191 51.44 27.32 -25.87
C VAL O 191 51.61 28.27 -24.69
N VAL O 192 52.77 28.92 -24.65
CA VAL O 192 53.08 29.89 -23.62
C VAL O 192 54.03 30.92 -24.19
N THR O 193 53.80 32.18 -23.86
CA THR O 193 54.66 33.27 -24.27
C THR O 193 55.64 33.61 -23.13
N VAL O 194 56.91 33.73 -23.49
CA VAL O 194 57.96 33.97 -22.49
C VAL O 194 58.84 35.10 -22.98
N PRO O 195 59.53 35.79 -22.07
CA PRO O 195 60.53 36.78 -22.49
C PRO O 195 61.67 36.11 -23.24
N SER O 196 61.99 36.65 -24.42
CA SER O 196 63.05 36.08 -25.23
C SER O 196 64.39 36.10 -24.49
N SER O 197 64.59 37.08 -23.62
CA SER O 197 65.84 37.19 -22.87
C SER O 197 66.02 36.09 -21.85
N SER O 198 65.00 35.27 -21.60
CA SER O 198 65.09 34.20 -20.62
C SER O 198 65.39 32.85 -21.27
N LEU O 199 65.35 32.77 -22.59
CA LEU O 199 65.62 31.51 -23.28
C LEU O 199 67.03 31.05 -23.05
N GLY O 200 67.21 29.73 -22.96
CA GLY O 200 68.49 29.14 -22.70
C GLY O 200 68.88 29.04 -21.24
N THR O 201 68.23 29.82 -20.37
CA THR O 201 68.52 29.78 -18.95
C THR O 201 67.35 29.29 -18.12
N GLN O 202 66.13 29.74 -18.40
CA GLN O 202 64.96 29.25 -17.70
C GLN O 202 64.48 27.96 -18.33
N THR O 203 64.24 26.96 -17.50
CA THR O 203 63.81 25.65 -17.98
C THR O 203 62.29 25.59 -18.03
N TYR O 204 61.75 25.17 -19.17
CA TYR O 204 60.32 25.02 -19.36
C TYR O 204 60.01 23.57 -19.73
N ILE O 205 59.19 22.93 -18.91
CA ILE O 205 58.79 21.55 -19.10
C ILE O 205 57.27 21.51 -19.03
N CYS O 206 56.65 20.85 -19.99
CA CYS O 206 55.21 20.64 -19.98
C CYS O 206 54.90 19.27 -19.40
N ASN O 207 53.93 19.23 -18.50
CA ASN O 207 53.53 18.02 -17.79
C ASN O 207 52.16 17.61 -18.29
N VAL O 208 52.12 16.56 -19.10
CA VAL O 208 50.88 16.01 -19.63
C VAL O 208 50.45 14.82 -18.78
N ASN O 209 49.18 14.81 -18.38
CA ASN O 209 48.60 13.76 -17.57
C ASN O 209 47.31 13.26 -18.22
N HIS O 210 47.16 11.94 -18.27
CA HIS O 210 46.02 11.26 -18.89
C HIS O 210 45.57 10.14 -17.94
N LYS O 211 44.59 10.46 -17.10
CA LYS O 211 44.11 9.49 -16.12
C LYS O 211 43.57 8.19 -16.71
N PRO O 212 42.83 8.18 -17.82
CA PRO O 212 42.33 6.90 -18.33
C PRO O 212 43.42 5.88 -18.60
N SER O 213 44.61 6.33 -18.97
CA SER O 213 45.73 5.41 -19.21
C SER O 213 46.81 5.53 -18.17
N ASN O 214 46.62 6.38 -17.16
CA ASN O 214 47.60 6.63 -16.10
C ASN O 214 48.91 7.13 -16.69
N THR O 215 48.82 7.90 -17.76
CA THR O 215 50.01 8.42 -18.42
C THR O 215 50.42 9.74 -17.79
N LYS O 216 51.70 9.86 -17.47
CA LYS O 216 52.28 11.11 -17.00
C LYS O 216 53.60 11.30 -17.73
N VAL O 217 53.69 12.37 -18.52
CA VAL O 217 54.88 12.64 -19.31
C VAL O 217 55.31 14.07 -19.04
N ASP O 218 56.58 14.24 -18.66
CA ASP O 218 57.19 15.55 -18.50
C ASP O 218 58.16 15.75 -19.65
N LYS O 219 57.78 16.59 -20.61
CA LYS O 219 58.59 16.83 -21.80
C LYS O 219 59.26 18.19 -21.72
N LYS O 220 60.59 18.19 -21.83
CA LYS O 220 61.36 19.42 -21.88
C LYS O 220 61.41 19.95 -23.30
N VAL O 221 61.21 21.26 -23.44
CA VAL O 221 61.23 21.93 -24.73
C VAL O 221 62.49 22.78 -24.80
N GLU O 222 63.39 22.42 -25.71
CA GLU O 222 64.62 23.19 -25.81
C GLU O 222 64.65 23.97 -27.12
N PRO O 223 65.28 25.14 -27.11
CA PRO O 223 65.36 25.95 -28.34
C PRO O 223 66.31 25.33 -29.35
N LYS O 224 66.25 25.86 -30.57
CA LYS O 224 67.11 25.43 -31.66
C LYS O 224 68.14 26.50 -31.99
N ASP P 1 8.75 18.53 -38.96
CA ASP P 1 9.81 18.91 -38.03
C ASP P 1 10.02 20.41 -38.07
N ILE P 2 9.64 21.10 -37.00
CA ILE P 2 9.72 22.55 -36.97
C ILE P 2 11.17 22.99 -36.90
N GLN P 3 11.61 23.78 -37.87
CA GLN P 3 12.95 24.35 -37.87
C GLN P 3 12.96 25.67 -37.10
N MET P 4 13.99 25.86 -36.29
CA MET P 4 14.18 27.10 -35.55
C MET P 4 15.47 27.75 -36.01
N THR P 5 15.47 29.08 -36.04
CA THR P 5 16.64 29.83 -36.51
C THR P 5 16.78 31.08 -35.67
N GLN P 6 17.98 31.32 -35.17
CA GLN P 6 18.27 32.45 -34.30
C GLN P 6 19.18 33.42 -35.04
N SER P 7 18.95 34.70 -34.84
CA SER P 7 19.82 35.71 -35.42
C SER P 7 20.11 36.80 -34.40
N PRO P 8 21.34 37.32 -34.36
CA PRO P 8 22.44 36.78 -35.17
C PRO P 8 23.05 35.56 -34.52
N SER P 9 23.91 34.86 -35.24
CA SER P 9 24.59 33.71 -34.65
C SER P 9 25.55 34.15 -33.56
N THR P 10 26.25 35.26 -33.77
CA THR P 10 27.17 35.83 -32.81
C THR P 10 26.92 37.32 -32.72
N LEU P 11 26.87 37.85 -31.50
CA LEU P 11 26.65 39.28 -31.31
C LEU P 11 27.70 39.83 -30.37
N SER P 12 28.52 40.74 -30.88
CA SER P 12 29.51 41.44 -30.07
C SER P 12 28.86 42.64 -29.39
N THR P 13 28.92 42.68 -28.07
CA THR P 13 28.25 43.70 -27.29
C THR P 13 29.10 44.07 -26.08
N SER P 14 28.72 45.15 -25.42
CA SER P 14 29.48 45.69 -24.30
C SER P 14 28.56 45.83 -23.11
N VAL P 15 29.16 45.89 -21.93
CA VAL P 15 28.38 46.06 -20.70
C VAL P 15 27.63 47.37 -20.74
N GLY P 16 26.34 47.31 -20.44
CA GLY P 16 25.48 48.46 -20.47
C GLY P 16 24.71 48.64 -21.76
N ASP P 17 25.03 47.86 -22.78
CA ASP P 17 24.33 47.97 -24.05
C ASP P 17 22.94 47.35 -23.95
N ARG P 18 22.06 47.80 -24.85
CA ARG P 18 20.76 47.19 -25.05
C ARG P 18 20.86 46.11 -26.12
N VAL P 19 20.54 44.87 -25.75
CA VAL P 19 20.75 43.71 -26.62
C VAL P 19 19.40 43.16 -27.04
N THR P 20 19.25 42.89 -28.33
CA THR P 20 18.05 42.26 -28.87
C THR P 20 18.45 41.13 -29.81
N ILE P 21 18.00 39.92 -29.51
CA ILE P 21 18.22 38.76 -30.36
C ILE P 21 16.88 38.23 -30.83
N THR P 22 16.87 37.64 -32.02
CA THR P 22 15.63 37.18 -32.64
C THR P 22 15.67 35.68 -32.84
N CYS P 23 14.48 35.10 -32.96
CA CYS P 23 14.31 33.66 -33.10
C CYS P 23 13.06 33.46 -33.93
N ARG P 24 13.15 32.64 -34.96
CA ARG P 24 12.07 32.45 -35.91
C ARG P 24 11.80 30.98 -36.10
N ALA P 25 10.52 30.65 -36.25
CA ALA P 25 10.08 29.28 -36.44
C ALA P 25 9.62 29.08 -37.87
N SER P 26 9.80 27.87 -38.37
CA SER P 26 9.40 27.56 -39.73
C SER P 26 7.89 27.58 -39.91
N GLN P 27 7.12 27.41 -38.84
CA GLN P 27 5.68 27.49 -38.92
C GLN P 27 5.16 28.13 -37.65
N SER P 28 3.87 28.40 -37.62
CA SER P 28 3.29 29.10 -36.48
C SER P 28 3.33 28.20 -35.25
N ILE P 29 3.92 28.71 -34.17
CA ILE P 29 3.98 27.99 -32.91
C ILE P 29 3.21 28.71 -31.81
N SER P 30 2.36 29.65 -32.20
CA SER P 30 1.58 30.46 -31.26
C SER P 30 2.55 31.16 -30.32
N ASN P 31 2.39 31.05 -29.01
CA ASN P 31 3.30 31.67 -28.06
C ASN P 31 4.13 30.67 -27.26
N TRP P 32 4.12 29.39 -27.64
CA TRP P 32 4.81 28.35 -26.90
C TRP P 32 6.30 28.34 -27.24
N LEU P 33 7.01 29.34 -26.72
CA LEU P 33 8.44 29.48 -26.93
C LEU P 33 9.14 29.79 -25.63
N ALA P 34 10.25 29.10 -25.38
CA ALA P 34 11.06 29.31 -24.19
C ALA P 34 12.46 29.74 -24.59
N TRP P 35 13.11 30.50 -23.71
CA TRP P 35 14.48 30.95 -23.87
C TRP P 35 15.34 30.40 -22.73
N TYR P 36 16.45 29.79 -23.09
CA TYR P 36 17.38 29.21 -22.13
C TYR P 36 18.74 29.85 -22.30
N GLN P 37 19.40 30.13 -21.18
CA GLN P 37 20.75 30.65 -21.14
C GLN P 37 21.69 29.56 -20.65
N GLN P 38 22.85 29.46 -21.28
CA GLN P 38 23.86 28.49 -20.91
C GLN P 38 25.21 29.15 -20.89
N LYS P 39 25.89 29.01 -19.83
CA LYS P 39 27.26 29.46 -19.73
C LYS P 39 28.19 28.32 -20.09
N PRO P 40 29.37 28.62 -20.61
CA PRO P 40 30.25 27.56 -21.10
C PRO P 40 30.66 26.60 -19.99
N GLY P 41 30.68 25.31 -20.34
CA GLY P 41 30.98 24.27 -19.39
C GLY P 41 30.00 24.17 -18.24
N LYS P 42 28.74 24.54 -18.46
CA LYS P 42 27.77 24.56 -17.39
C LYS P 42 26.41 24.24 -17.97
N ALA P 43 25.49 23.81 -17.11
CA ALA P 43 24.19 23.39 -17.61
C ALA P 43 23.33 24.61 -17.96
N PRO P 44 22.43 24.46 -18.92
CA PRO P 44 21.54 25.55 -19.28
C PRO P 44 20.57 25.90 -18.18
N LYS P 45 20.17 27.16 -18.15
CA LYS P 45 19.26 27.68 -17.15
C LYS P 45 18.09 28.32 -17.85
N LEU P 46 16.88 28.10 -17.32
CA LEU P 46 15.67 28.65 -17.91
C LEU P 46 15.54 30.13 -17.63
N LEU P 47 15.29 30.91 -18.68
CA LEU P 47 15.05 32.34 -18.52
C LEU P 47 13.60 32.74 -18.70
N ILE P 48 12.97 32.35 -19.80
CA ILE P 48 11.64 32.84 -20.14
C ILE P 48 10.83 31.70 -20.73
N TYR P 49 9.56 31.63 -20.37
CA TYR P 49 8.63 30.74 -21.04
C TYR P 49 7.41 31.51 -21.51
N LYS P 50 6.62 30.86 -22.36
CA LYS P 50 5.49 31.49 -23.03
C LYS P 50 5.91 32.79 -23.71
N ALA P 51 7.16 32.85 -24.13
CA ALA P 51 7.72 33.95 -24.91
C ALA P 51 7.84 35.25 -24.14
N SER P 52 7.08 35.42 -23.05
CA SER P 52 7.16 36.70 -22.35
C SER P 52 6.99 36.59 -20.84
N THR P 53 6.96 35.40 -20.27
CA THR P 53 6.84 35.24 -18.84
C THR P 53 8.20 35.02 -18.23
N LEU P 54 8.54 35.82 -17.23
CA LEU P 54 9.83 35.74 -16.59
C LEU P 54 9.84 34.65 -15.54
N GLU P 55 10.83 33.77 -15.62
CA GLU P 55 10.99 32.74 -14.61
C GLU P 55 11.34 33.35 -13.26
N SER P 56 10.84 32.72 -12.20
CA SER P 56 11.14 33.18 -10.85
C SER P 56 12.63 33.13 -10.58
N GLY P 57 13.16 34.22 -10.02
CA GLY P 57 14.58 34.34 -9.75
C GLY P 57 15.38 35.00 -10.85
N VAL P 58 14.78 35.25 -12.01
CA VAL P 58 15.47 35.89 -13.13
C VAL P 58 15.38 37.39 -12.96
N PRO P 59 16.48 38.12 -13.06
CA PRO P 59 16.42 39.57 -12.89
C PRO P 59 15.54 40.21 -13.96
N SER P 60 14.99 41.37 -13.61
CA SER P 60 14.00 42.03 -14.45
C SER P 60 14.58 42.63 -15.72
N ARG P 61 15.90 42.70 -15.84
CA ARG P 61 16.48 43.26 -17.05
C ARG P 61 16.27 42.38 -18.28
N PHE P 62 15.74 41.17 -18.12
CA PHE P 62 15.43 40.32 -19.26
C PHE P 62 13.95 40.45 -19.61
N SER P 63 13.66 40.48 -20.90
CA SER P 63 12.26 40.53 -21.31
C SER P 63 12.09 39.83 -22.64
N GLY P 64 10.93 39.23 -22.84
CA GLY P 64 10.62 38.59 -24.09
C GLY P 64 9.47 39.22 -24.85
N SER P 65 9.41 39.00 -26.15
CA SER P 65 8.33 39.56 -26.95
C SER P 65 8.18 38.70 -28.19
N GLY P 66 6.99 38.75 -28.78
CA GLY P 66 6.83 38.06 -30.04
C GLY P 66 5.73 37.04 -30.01
N SER P 67 5.19 36.68 -31.17
CA SER P 67 4.12 35.71 -31.25
C SER P 67 4.01 35.21 -32.68
N GLY P 68 3.55 33.98 -32.82
CA GLY P 68 3.45 33.38 -34.14
C GLY P 68 4.74 32.73 -34.57
N THR P 69 5.52 33.45 -35.38
CA THR P 69 6.76 32.92 -35.92
C THR P 69 7.99 33.75 -35.62
N GLU P 70 7.84 34.95 -35.10
CA GLU P 70 8.95 35.83 -34.76
C GLU P 70 8.95 36.13 -33.28
N PHE P 71 10.10 35.94 -32.64
CA PHE P 71 10.24 36.20 -31.22
C PHE P 71 11.55 36.92 -30.98
N THR P 72 11.57 37.75 -29.95
CA THR P 72 12.75 38.50 -29.58
C THR P 72 12.98 38.44 -28.09
N LEU P 73 14.25 38.43 -27.71
CA LEU P 73 14.69 38.54 -26.33
C LEU P 73 15.49 39.82 -26.19
N THR P 74 15.15 40.63 -25.19
CA THR P 74 15.76 41.93 -24.98
C THR P 74 16.36 41.99 -23.59
N ILE P 75 17.61 42.44 -23.52
CA ILE P 75 18.29 42.77 -22.28
C ILE P 75 18.47 44.27 -22.25
N SER P 76 17.79 44.92 -21.31
CA SER P 76 17.79 46.38 -21.25
C SER P 76 19.17 46.93 -20.93
N SER P 77 19.87 46.33 -19.98
CA SER P 77 21.20 46.80 -19.60
C SER P 77 22.06 45.57 -19.31
N LEU P 78 23.00 45.31 -20.20
CA LEU P 78 23.81 44.12 -20.08
C LEU P 78 24.73 44.21 -18.88
N GLN P 79 24.88 43.09 -18.18
CA GLN P 79 25.73 42.96 -17.02
C GLN P 79 26.71 41.82 -17.24
N PRO P 80 27.86 41.84 -16.56
CA PRO P 80 28.91 40.85 -16.85
C PRO P 80 28.47 39.43 -16.65
N ASP P 81 27.50 39.18 -15.77
CA ASP P 81 27.01 37.81 -15.59
C ASP P 81 26.19 37.32 -16.77
N ASP P 82 25.75 38.21 -17.65
CA ASP P 82 24.87 37.84 -18.76
C ASP P 82 25.62 37.42 -20.01
N PHE P 83 26.94 37.39 -19.99
CA PHE P 83 27.72 36.94 -21.15
C PHE P 83 27.65 35.42 -21.23
N ALA P 84 26.79 34.90 -22.10
CA ALA P 84 26.55 33.47 -22.22
C ALA P 84 25.89 33.22 -23.56
N THR P 85 25.57 31.96 -23.82
CA THR P 85 24.87 31.56 -25.04
C THR P 85 23.39 31.38 -24.76
N TYR P 86 22.55 31.90 -25.65
CA TYR P 86 21.10 31.91 -25.48
C TYR P 86 20.46 31.08 -26.57
N TYR P 87 19.65 30.10 -26.17
CA TYR P 87 18.94 29.22 -27.07
C TYR P 87 17.45 29.45 -26.94
N CYS P 88 16.76 29.52 -28.07
CA CYS P 88 15.32 29.48 -28.06
C CYS P 88 14.85 28.06 -28.31
N GLN P 89 13.63 27.78 -27.88
CA GLN P 89 13.07 26.44 -27.97
C GLN P 89 11.57 26.56 -28.15
N GLN P 90 11.06 26.05 -29.25
CA GLN P 90 9.62 25.90 -29.40
C GLN P 90 9.18 24.64 -28.69
N TYR P 91 8.02 24.72 -28.03
CA TYR P 91 7.43 23.54 -27.44
C TYR P 91 5.97 23.46 -27.79
N SER P 92 5.66 23.82 -29.03
CA SER P 92 4.33 23.68 -29.59
C SER P 92 4.13 22.31 -30.21
N SER P 93 5.15 21.74 -30.83
CA SER P 93 5.06 20.42 -31.44
C SER P 93 6.40 19.74 -31.20
N TYR P 94 6.43 18.83 -30.25
CA TYR P 94 7.69 18.25 -29.78
C TYR P 94 8.58 19.39 -29.30
N TRP P 95 9.89 19.25 -29.45
CA TRP P 95 10.81 20.23 -28.89
C TRP P 95 12.03 20.34 -29.80
N THR P 96 12.30 21.53 -30.31
CA THR P 96 13.47 21.77 -31.13
C THR P 96 14.13 23.06 -30.68
N PHE P 97 15.45 23.06 -30.61
CA PHE P 97 16.21 24.22 -30.18
C PHE P 97 16.82 24.92 -31.38
N GLY P 98 17.03 26.20 -31.25
CA GLY P 98 17.80 26.93 -32.21
C GLY P 98 19.28 26.69 -32.09
N GLN P 99 20.04 27.24 -33.04
CA GLN P 99 21.48 27.04 -33.03
C GLN P 99 22.14 27.79 -31.88
N GLY P 100 21.50 28.78 -31.31
CA GLY P 100 22.07 29.50 -30.19
C GLY P 100 22.77 30.77 -30.58
N THR P 101 22.62 31.80 -29.75
CA THR P 101 23.30 33.07 -29.93
C THR P 101 24.25 33.29 -28.77
N LYS P 102 25.52 33.51 -29.06
CA LYS P 102 26.53 33.76 -28.05
C LYS P 102 26.77 35.26 -27.95
N LEU P 103 26.63 35.80 -26.75
CA LEU P 103 26.90 37.21 -26.50
C LEU P 103 28.39 37.37 -26.21
N GLU P 104 29.08 38.09 -27.07
CA GLU P 104 30.53 38.23 -27.00
C GLU P 104 30.88 39.60 -26.42
N ILE P 105 32.01 39.64 -25.70
CA ILE P 105 32.48 40.88 -25.08
C ILE P 105 33.16 41.72 -26.14
N LYS P 106 32.57 42.87 -26.46
CA LYS P 106 33.14 43.76 -27.45
C LYS P 106 34.28 44.56 -26.85
N ARG P 107 35.37 44.67 -27.61
CA ARG P 107 36.54 45.45 -27.20
C ARG P 107 37.16 46.06 -28.44
N THR P 108 38.24 46.80 -28.22
CA THR P 108 38.94 47.44 -29.32
C THR P 108 39.69 46.41 -30.17
N VAL P 109 40.07 46.82 -31.36
CA VAL P 109 40.73 45.93 -32.30
C VAL P 109 42.17 45.72 -31.85
N ALA P 110 42.60 44.46 -31.85
CA ALA P 110 43.99 44.11 -31.52
C ALA P 110 44.49 43.12 -32.55
N ALA P 111 45.61 43.45 -33.19
CA ALA P 111 46.16 42.59 -34.23
C ALA P 111 46.82 41.35 -33.61
N PRO P 112 46.77 40.22 -34.30
CA PRO P 112 47.36 39.00 -33.76
C PRO P 112 48.87 38.99 -33.80
N SER P 113 49.46 38.26 -32.86
CA SER P 113 50.86 37.89 -32.93
C SER P 113 50.97 36.51 -33.55
N VAL P 114 51.81 36.38 -34.57
CA VAL P 114 51.89 35.19 -35.39
C VAL P 114 53.19 34.45 -35.10
N PHE P 115 53.09 33.16 -34.80
CA PHE P 115 54.25 32.31 -34.58
C PHE P 115 54.06 31.02 -35.36
N ILE P 116 55.18 30.46 -35.84
CA ILE P 116 55.16 29.21 -36.59
C ILE P 116 56.10 28.23 -35.91
N PHE P 117 55.71 26.96 -35.92
CA PHE P 117 56.50 25.88 -35.35
C PHE P 117 56.66 24.77 -36.38
N PRO P 118 57.89 24.32 -36.65
CA PRO P 118 58.10 23.22 -37.58
C PRO P 118 57.93 21.89 -36.87
N PRO P 119 57.78 20.80 -37.63
CA PRO P 119 57.70 19.47 -36.99
C PRO P 119 58.98 19.12 -36.27
N SER P 120 58.83 18.48 -35.12
CA SER P 120 59.98 18.03 -34.36
C SER P 120 60.64 16.85 -35.06
N ASP P 121 61.94 16.68 -34.79
CA ASP P 121 62.67 15.54 -35.35
C ASP P 121 62.13 14.21 -34.84
N GLU P 122 61.59 14.20 -33.62
CA GLU P 122 61.04 12.97 -33.09
C GLU P 122 59.78 12.54 -33.84
N GLN P 123 58.90 13.51 -34.13
CA GLN P 123 57.69 13.17 -34.87
C GLN P 123 58.01 12.77 -36.31
N LEU P 124 58.97 13.45 -36.93
CA LEU P 124 59.42 13.04 -38.25
C LEU P 124 59.99 11.63 -38.22
N LYS P 125 60.69 11.29 -37.15
CA LYS P 125 61.16 9.92 -36.98
C LYS P 125 60.00 8.96 -36.79
N SER P 126 58.89 9.44 -36.24
CA SER P 126 57.72 8.59 -36.02
C SER P 126 56.90 8.37 -37.27
N GLY P 127 57.17 9.12 -38.34
CA GLY P 127 56.46 8.93 -39.61
C GLY P 127 55.41 9.97 -39.92
N THR P 128 55.22 10.98 -39.07
CA THR P 128 54.24 12.02 -39.30
C THR P 128 54.91 13.38 -39.16
N ALA P 129 54.29 14.38 -39.78
CA ALA P 129 54.81 15.74 -39.74
C ALA P 129 53.66 16.70 -39.50
N SER P 130 53.64 17.33 -38.33
CA SER P 130 52.66 18.35 -37.99
C SER P 130 53.32 19.70 -37.97
N VAL P 131 52.75 20.65 -38.71
CA VAL P 131 53.22 22.03 -38.72
C VAL P 131 52.16 22.89 -38.07
N VAL P 132 52.58 23.77 -37.17
CA VAL P 132 51.67 24.52 -36.32
C VAL P 132 51.85 26.00 -36.60
N CYS P 133 50.74 26.68 -36.86
CA CYS P 133 50.71 28.12 -37.02
C CYS P 133 49.85 28.66 -35.89
N LEU P 134 50.37 29.63 -35.14
CA LEU P 134 49.70 30.12 -33.95
C LEU P 134 49.39 31.59 -34.09
N LEU P 135 48.13 31.96 -33.84
CA LEU P 135 47.71 33.36 -33.77
C LEU P 135 47.33 33.67 -32.33
N ASN P 136 48.05 34.60 -31.72
CA ASN P 136 47.91 34.89 -30.30
C ASN P 136 47.31 36.28 -30.09
N ASN P 137 46.30 36.35 -29.22
CA ASN P 137 45.80 37.61 -28.68
C ASN P 137 45.35 38.56 -29.79
N PHE P 138 44.25 38.17 -30.43
CA PHE P 138 43.65 38.94 -31.51
C PHE P 138 42.16 39.08 -31.26
N TYR P 139 41.59 40.13 -31.86
CA TYR P 139 40.16 40.36 -31.76
C TYR P 139 39.74 41.21 -32.95
N PRO P 140 38.57 40.94 -33.56
CA PRO P 140 37.61 39.89 -33.21
C PRO P 140 38.08 38.49 -33.59
N ARG P 141 37.21 37.51 -33.43
CA ARG P 141 37.62 36.12 -33.61
C ARG P 141 37.79 35.74 -35.07
N GLU P 142 37.10 36.42 -35.99
CA GLU P 142 37.16 36.03 -37.39
C GLU P 142 38.54 36.35 -37.93
N ALA P 143 39.18 35.33 -38.49
CA ALA P 143 40.49 35.43 -39.12
C ALA P 143 40.59 34.30 -40.11
N LYS P 144 41.50 34.44 -41.07
CA LYS P 144 41.72 33.40 -42.06
C LYS P 144 43.19 33.01 -42.08
N VAL P 145 43.44 31.71 -42.03
CA VAL P 145 44.77 31.14 -42.09
C VAL P 145 44.82 30.20 -43.29
N GLN P 146 45.70 30.49 -44.24
CA GLN P 146 45.87 29.68 -45.43
C GLN P 146 47.26 29.07 -45.46
N TRP P 147 47.33 27.76 -45.67
CA TRP P 147 48.60 27.09 -45.81
C TRP P 147 49.01 27.08 -47.28
N LYS P 148 50.27 27.44 -47.54
CA LYS P 148 50.82 27.45 -48.89
C LYS P 148 52.12 26.66 -48.87
N VAL P 149 52.20 25.66 -49.74
CA VAL P 149 53.38 24.81 -49.86
C VAL P 149 53.94 25.06 -51.25
N ASP P 150 55.10 25.72 -51.31
CA ASP P 150 55.65 26.22 -52.56
C ASP P 150 54.62 27.07 -53.30
N ASN P 151 54.00 27.99 -52.56
CA ASN P 151 53.02 28.94 -53.08
C ASN P 151 51.76 28.26 -53.59
N ALA P 152 51.49 27.05 -53.13
CA ALA P 152 50.29 26.30 -53.53
C ALA P 152 49.38 26.15 -52.33
N LEU P 153 48.14 26.58 -52.48
CA LEU P 153 47.17 26.53 -51.39
C LEU P 153 46.80 25.10 -51.05
N GLN P 154 46.75 24.80 -49.76
CA GLN P 154 46.40 23.48 -49.26
C GLN P 154 44.92 23.43 -48.92
N SER P 155 44.34 22.23 -49.01
CA SER P 155 42.93 22.06 -48.70
C SER P 155 42.68 20.61 -48.26
N GLY P 156 41.99 20.45 -47.14
CA GLY P 156 41.63 19.13 -46.67
C GLY P 156 42.69 18.44 -45.85
N ASN P 157 43.78 19.12 -45.53
CA ASN P 157 44.86 18.53 -44.75
C ASN P 157 45.22 19.37 -43.53
N SER P 158 44.31 20.25 -43.09
CA SER P 158 44.54 21.12 -41.95
C SER P 158 43.36 21.04 -40.99
N GLN P 159 43.61 21.39 -39.73
CA GLN P 159 42.58 21.44 -38.71
C GLN P 159 42.79 22.70 -37.88
N GLU P 160 41.70 23.34 -37.49
CA GLU P 160 41.75 24.59 -36.74
C GLU P 160 41.17 24.41 -35.35
N SER P 161 41.72 25.16 -34.39
CA SER P 161 41.23 25.19 -33.03
C SER P 161 41.26 26.62 -32.51
N VAL P 162 40.20 27.01 -31.80
CA VAL P 162 40.06 28.37 -31.31
C VAL P 162 39.82 28.33 -29.80
N THR P 163 40.49 29.20 -29.07
CA THR P 163 40.26 29.34 -27.63
C THR P 163 39.03 30.18 -27.35
N GLU P 164 38.54 30.08 -26.12
CA GLU P 164 37.52 30.99 -25.65
C GLU P 164 38.10 32.36 -25.34
N GLN P 165 37.22 33.33 -25.12
CA GLN P 165 37.66 34.67 -24.78
C GLN P 165 38.44 34.68 -23.47
N ASP P 166 39.64 35.24 -23.52
CA ASP P 166 40.45 35.31 -22.32
C ASP P 166 39.73 36.10 -21.24
N SER P 167 39.78 35.61 -20.01
CA SER P 167 39.06 36.26 -18.92
C SER P 167 39.64 37.63 -18.61
N LYS P 168 40.93 37.84 -18.88
CA LYS P 168 41.59 39.07 -18.49
C LYS P 168 41.47 40.17 -19.53
N ASP P 169 41.64 39.85 -20.82
CA ASP P 169 41.64 40.88 -21.84
C ASP P 169 40.74 40.55 -23.03
N SER P 170 39.97 39.46 -22.95
CA SER P 170 38.92 39.18 -23.92
C SER P 170 39.48 38.96 -25.32
N THR P 171 40.68 38.42 -25.42
CA THR P 171 41.27 38.15 -26.71
C THR P 171 41.15 36.66 -27.04
N TYR P 172 41.35 36.34 -28.32
CA TYR P 172 41.33 34.98 -28.81
C TYR P 172 42.73 34.52 -29.19
N SER P 173 42.90 33.20 -29.20
CA SER P 173 44.06 32.55 -29.78
C SER P 173 43.60 31.40 -30.65
N LEU P 174 44.27 31.20 -31.77
CA LEU P 174 43.89 30.18 -32.74
C LEU P 174 45.11 29.37 -33.13
N SER P 175 44.94 28.06 -33.22
CA SER P 175 45.98 27.16 -33.68
C SER P 175 45.52 26.47 -34.95
N SER P 176 46.40 26.42 -35.95
CA SER P 176 46.17 25.67 -37.18
C SER P 176 47.23 24.59 -37.29
N THR P 177 46.80 23.36 -37.50
CA THR P 177 47.69 22.20 -37.56
C THR P 177 47.62 21.58 -38.94
N LEU P 178 48.73 21.62 -39.66
CA LEU P 178 48.86 20.94 -40.94
C LEU P 178 49.56 19.60 -40.72
N THR P 179 48.90 18.51 -41.10
CA THR P 179 49.41 17.17 -40.89
C THR P 179 49.71 16.51 -42.23
N LEU P 180 50.93 15.98 -42.36
CA LEU P 180 51.35 15.33 -43.59
C LEU P 180 52.21 14.13 -43.26
N SER P 181 52.28 13.19 -44.20
CA SER P 181 53.22 12.10 -44.09
C SER P 181 54.63 12.60 -44.31
N LYS P 182 55.61 11.85 -43.78
CA LYS P 182 56.99 12.23 -43.96
C LYS P 182 57.38 12.29 -45.43
N ALA P 183 56.83 11.38 -46.24
CA ALA P 183 57.15 11.39 -47.66
C ALA P 183 56.50 12.56 -48.37
N ASP P 184 55.24 12.86 -48.04
CA ASP P 184 54.60 14.05 -48.61
C ASP P 184 55.33 15.31 -48.17
N TYR P 185 55.77 15.35 -46.92
CA TYR P 185 56.45 16.52 -46.40
C TYR P 185 57.80 16.72 -47.10
N GLU P 186 58.53 15.64 -47.32
CA GLU P 186 59.84 15.75 -47.95
C GLU P 186 59.78 15.86 -49.46
N LYS P 187 58.60 15.79 -50.06
CA LYS P 187 58.49 15.99 -51.50
C LYS P 187 58.26 17.44 -51.87
N HIS P 188 58.47 18.36 -50.93
CA HIS P 188 58.32 19.79 -51.19
C HIS P 188 59.31 20.55 -50.32
N LYS P 189 59.38 21.86 -50.54
CA LYS P 189 60.42 22.67 -49.90
C LYS P 189 59.86 23.74 -48.97
N VAL P 190 59.03 24.65 -49.47
CA VAL P 190 58.60 25.81 -48.70
C VAL P 190 57.24 25.55 -48.09
N TYR P 191 57.10 25.92 -46.81
CA TYR P 191 55.87 25.74 -46.05
C TYR P 191 55.55 27.04 -45.33
N ALA P 192 54.42 27.65 -45.68
CA ALA P 192 54.04 28.94 -45.14
C ALA P 192 52.59 28.93 -44.66
N CYS P 193 52.31 29.69 -43.61
CA CYS P 193 50.95 30.03 -43.23
C CYS P 193 50.77 31.54 -43.38
N GLU P 194 49.74 31.93 -44.13
CA GLU P 194 49.38 33.32 -44.34
C GLU P 194 48.11 33.63 -43.57
N VAL P 195 48.10 34.78 -42.90
CA VAL P 195 47.02 35.17 -42.00
C VAL P 195 46.47 36.50 -42.44
N THR P 196 45.14 36.59 -42.54
CA THR P 196 44.43 37.83 -42.81
C THR P 196 43.45 38.11 -41.69
N HIS P 197 43.38 39.38 -41.28
CA HIS P 197 42.50 39.84 -40.22
C HIS P 197 42.18 41.30 -40.45
N GLN P 198 40.98 41.70 -40.03
CA GLN P 198 40.52 43.06 -40.28
C GLN P 198 41.38 44.10 -39.57
N GLY P 199 42.14 43.69 -38.57
CA GLY P 199 43.09 44.55 -37.90
C GLY P 199 44.45 44.62 -38.55
N LEU P 200 44.65 43.91 -39.66
CA LEU P 200 45.92 43.88 -40.38
C LEU P 200 45.75 44.60 -41.70
N SER P 201 46.58 45.61 -41.95
CA SER P 201 46.51 46.31 -43.22
C SER P 201 46.95 45.42 -44.37
N SER P 202 47.91 44.52 -44.13
CA SER P 202 48.40 43.59 -45.12
C SER P 202 48.46 42.20 -44.52
N PRO P 203 48.31 41.16 -45.33
CA PRO P 203 48.41 39.79 -44.79
C PRO P 203 49.79 39.54 -44.22
N VAL P 204 49.85 38.75 -43.15
CA VAL P 204 51.10 38.37 -42.51
C VAL P 204 51.44 36.96 -42.95
N THR P 205 52.71 36.74 -43.32
CA THR P 205 53.13 35.46 -43.83
C THR P 205 54.36 34.98 -43.06
N LYS P 206 54.27 33.78 -42.50
CA LYS P 206 55.41 33.11 -41.91
C LYS P 206 55.69 31.86 -42.72
N SER P 207 56.98 31.55 -42.91
CA SER P 207 57.36 30.46 -43.79
C SER P 207 58.69 29.90 -43.34
N PHE P 208 58.92 28.63 -43.67
CA PHE P 208 60.21 28.01 -43.45
C PHE P 208 60.54 27.10 -44.63
N ASN P 209 61.81 26.73 -44.71
CA ASN P 209 62.30 25.79 -45.70
C ASN P 209 62.50 24.44 -45.04
N ARG P 210 62.10 23.40 -45.75
CA ARG P 210 62.21 22.04 -45.23
C ARG P 210 63.65 21.67 -44.91
N GLY P 211 63.89 21.32 -43.65
CA GLY P 211 65.21 20.98 -43.15
C GLY P 211 65.92 22.11 -42.45
N GLU P 212 65.58 23.36 -42.76
CA GLU P 212 66.20 24.51 -42.14
C GLU P 212 65.85 24.60 -40.66
N PRO Q 109 -11.92 42.08 -61.01
CA PRO Q 109 -11.05 43.05 -61.69
C PRO Q 109 -9.78 43.37 -60.90
N ASN Q 110 -9.71 44.57 -60.33
CA ASN Q 110 -8.55 45.01 -59.57
C ASN Q 110 -8.98 45.53 -58.20
N ALA Q 111 -9.80 44.75 -57.50
CA ALA Q 111 -10.26 45.14 -56.19
C ALA Q 111 -9.12 45.12 -55.18
N ASN Q 112 -9.41 45.58 -53.98
CA ASN Q 112 -8.42 45.62 -52.92
C ASN Q 112 -8.07 44.20 -52.50
N PRO Q 113 -6.80 43.78 -52.62
CA PRO Q 113 -6.42 42.43 -52.20
C PRO Q 113 -5.99 42.30 -50.75
N ASN Q 114 -6.20 43.30 -49.91
CA ASN Q 114 -5.77 43.28 -48.52
C ASN Q 114 -6.98 43.31 -47.60
N ALA Q 115 -6.72 43.38 -46.29
CA ALA Q 115 -7.80 43.51 -45.31
C ALA Q 115 -8.40 44.91 -45.38
N ASN Q 116 -9.45 45.13 -44.60
CA ASN Q 116 -10.11 46.44 -44.62
C ASN Q 116 -9.21 47.58 -44.17
N PRO Q 117 -8.50 47.51 -43.03
CA PRO Q 117 -8.45 46.50 -41.97
C PRO Q 117 -9.45 46.79 -40.87
N ASN Q 118 -10.36 47.75 -41.09
CA ASN Q 118 -11.40 48.03 -40.12
C ASN Q 118 -12.58 47.08 -40.30
N ALA Q 119 -12.31 45.78 -40.33
CA ALA Q 119 -13.36 44.79 -40.49
C ALA Q 119 -13.87 44.36 -39.12
N ASN Q 120 -14.67 43.33 -39.08
CA ASN Q 120 -15.21 42.86 -37.82
C ASN Q 120 -14.14 42.16 -37.01
N PRO Q 121 -13.77 42.66 -35.84
CA PRO Q 121 -12.79 41.98 -34.98
C PRO Q 121 -13.40 41.11 -33.89
N ASN Q 122 -14.70 40.93 -33.84
CA ASN Q 122 -15.36 40.20 -32.77
C ASN Q 122 -15.74 38.81 -33.23
N ALA Q 123 -16.48 38.09 -32.39
CA ALA Q 123 -17.01 36.80 -32.79
C ALA Q 123 -18.14 36.99 -33.80
N ASN Q 124 -18.70 35.88 -34.29
CA ASN Q 124 -19.72 36.02 -35.33
C ASN Q 124 -21.02 36.57 -34.79
N PRO Q 125 -21.64 36.01 -33.74
CA PRO Q 125 -21.37 34.83 -32.94
C PRO Q 125 -22.09 33.61 -33.50
N ASN Q 126 -22.70 33.75 -34.68
CA ASN Q 126 -23.38 32.64 -35.31
C ASN Q 126 -22.44 31.64 -35.95
N ALA Q 127 -21.15 31.72 -35.63
CA ALA Q 127 -20.19 30.76 -36.16
C ALA Q 127 -20.49 29.37 -35.65
N ASN Q 128 -19.71 28.41 -36.13
CA ASN Q 128 -19.98 27.02 -35.83
C ASN Q 128 -19.82 26.75 -34.35
N PRO Q 129 -20.87 26.33 -33.66
CA PRO Q 129 -20.77 26.00 -32.24
C PRO Q 129 -20.56 24.52 -31.94
N ASN Q 130 -20.57 23.66 -32.95
CA ASN Q 130 -20.41 22.24 -32.74
C ASN Q 130 -18.94 21.89 -32.62
N ALA Q 131 -18.65 20.60 -32.51
CA ALA Q 131 -17.29 20.10 -32.49
C ALA Q 131 -16.93 19.62 -33.87
N ASN Q 132 -15.84 20.15 -34.41
CA ASN Q 132 -15.41 19.77 -35.75
C ASN Q 132 -15.00 18.31 -35.74
N PRO Q 133 -15.65 17.44 -36.52
CA PRO Q 133 -15.25 16.03 -36.54
C PRO Q 133 -13.82 15.81 -37.01
N ASN Q 134 -13.33 16.63 -37.94
CA ASN Q 134 -11.97 16.49 -38.43
C ASN Q 134 -11.01 17.29 -37.58
N ALA Q 135 -11.13 17.16 -36.27
CA ALA Q 135 -10.25 17.84 -35.34
C ALA Q 135 -9.03 16.95 -35.11
N ASN Q 136 -8.25 17.23 -34.07
CA ASN Q 136 -7.07 16.43 -33.79
C ASN Q 136 -7.49 15.27 -32.90
N PRO Q 137 -7.47 14.04 -33.41
CA PRO Q 137 -7.80 12.87 -32.58
C PRO Q 137 -6.61 12.18 -31.93
N ASN Q 138 -5.46 12.80 -31.91
CA ASN Q 138 -4.25 12.24 -31.31
C ASN Q 138 -3.96 12.95 -30.01
N ALA Q 139 -3.06 12.38 -29.24
CA ALA Q 139 -2.69 12.99 -27.98
C ALA Q 139 -1.63 14.04 -28.22
N ASN Q 140 -1.81 15.19 -27.60
CA ASN Q 140 -0.84 16.27 -27.70
C ASN Q 140 0.46 15.87 -27.01
N PRO Q 141 1.55 15.67 -27.74
CA PRO Q 141 2.74 15.10 -27.10
C PRO Q 141 3.28 15.98 -26.00
N ASN Q 142 3.21 17.30 -26.18
CA ASN Q 142 3.67 18.24 -25.16
C ASN Q 142 2.47 18.75 -24.37
N ALA Q 143 1.83 17.84 -23.65
CA ALA Q 143 0.72 18.17 -22.78
C ALA Q 143 1.23 18.12 -21.36
N ASN Q 144 0.31 18.09 -20.42
CA ASN Q 144 0.71 18.14 -19.03
C ASN Q 144 1.21 16.78 -18.56
N PRO Q 145 2.52 16.65 -18.30
CA PRO Q 145 3.08 15.37 -17.84
C PRO Q 145 3.23 15.25 -16.33
N ASN Q 146 2.93 16.27 -15.57
CA ASN Q 146 3.10 16.22 -14.14
C ASN Q 146 1.89 15.58 -13.48
N ALA Q 147 2.05 15.22 -12.21
CA ALA Q 147 0.90 14.77 -11.45
C ALA Q 147 0.04 15.96 -11.07
N ASN Q 148 -1.26 15.72 -11.01
CA ASN Q 148 -2.21 16.77 -10.69
C ASN Q 148 -2.33 16.92 -9.19
N PRO Q 149 -1.93 18.05 -8.61
CA PRO Q 149 -2.12 18.24 -7.17
C PRO Q 149 -3.57 18.16 -6.75
N ASN Q 150 -4.47 18.66 -7.58
CA ASN Q 150 -5.90 18.52 -7.34
C ASN Q 150 -6.36 17.29 -8.09
N ALA Q 151 -6.28 16.14 -7.43
CA ALA Q 151 -6.73 14.89 -8.01
C ALA Q 151 -7.43 14.13 -6.91
N ASN Q 152 -7.69 12.87 -7.14
CA ASN Q 152 -8.39 12.12 -6.10
C ASN Q 152 -7.39 11.66 -5.05
N PRO Q 153 -7.48 12.17 -3.82
CA PRO Q 153 -6.60 11.72 -2.74
C PRO Q 153 -7.17 10.63 -1.87
N ASN Q 154 -8.37 10.16 -2.16
CA ASN Q 154 -9.04 9.15 -1.33
C ASN Q 154 -8.68 7.78 -1.86
N ALA Q 155 -9.36 6.75 -1.38
CA ALA Q 155 -9.12 5.40 -1.83
C ALA Q 155 -10.35 4.93 -2.57
N ASN Q 156 -10.15 4.46 -3.80
CA ASN Q 156 -11.26 4.01 -4.61
C ASN Q 156 -11.98 2.90 -3.88
N PRO Q 157 -13.29 3.01 -3.64
CA PRO Q 157 -14.02 1.90 -3.03
C PRO Q 157 -14.07 0.67 -3.88
N ASN Q 158 -13.99 0.80 -5.19
CA ASN Q 158 -14.06 -0.34 -6.09
C ASN Q 158 -12.70 -0.91 -6.42
N ALA Q 159 -11.66 -0.53 -5.70
CA ALA Q 159 -10.34 -1.05 -5.95
C ALA Q 159 -10.31 -2.53 -5.60
N ASN Q 160 -9.30 -3.22 -6.10
CA ASN Q 160 -9.17 -4.64 -5.92
C ASN Q 160 -9.28 -5.04 -4.46
N PRO Q 161 -10.33 -5.76 -4.08
CA PRO Q 161 -10.49 -6.25 -2.71
C PRO Q 161 -10.07 -7.69 -2.49
N ASN Q 162 -9.38 -8.30 -3.43
CA ASN Q 162 -8.96 -9.69 -3.32
C ASN Q 162 -7.48 -9.74 -2.95
N ALA Q 163 -6.94 -10.93 -2.89
CA ALA Q 163 -5.55 -11.10 -2.52
C ALA Q 163 -4.71 -11.16 -3.77
N ASN Q 164 -3.61 -10.44 -3.76
CA ASN Q 164 -2.68 -10.45 -4.88
C ASN Q 164 -1.91 -11.75 -4.93
N PRO Q 165 -2.18 -12.64 -5.88
CA PRO Q 165 -1.59 -13.98 -5.83
C PRO Q 165 -0.10 -13.96 -6.04
N ASN Q 166 0.45 -12.84 -6.51
CA ASN Q 166 1.87 -12.74 -6.78
C ASN Q 166 2.60 -11.94 -5.73
N ALA Q 167 2.01 -11.77 -4.55
CA ALA Q 167 2.61 -10.92 -3.54
C ALA Q 167 3.75 -11.68 -2.89
N ASN Q 168 4.34 -11.10 -1.87
CA ASN Q 168 5.51 -11.69 -1.23
C ASN Q 168 5.15 -12.97 -0.50
N PRO Q 169 5.60 -14.14 -0.96
CA PRO Q 169 5.31 -15.39 -0.26
C PRO Q 169 6.41 -15.83 0.69
N ASN Q 170 7.44 -15.03 0.90
CA ASN Q 170 8.55 -15.43 1.73
C ASN Q 170 8.26 -15.02 3.17
N ALA Q 171 9.27 -15.08 4.04
CA ALA Q 171 9.10 -14.68 5.43
C ALA Q 171 9.90 -13.42 5.66
N ASN Q 172 9.22 -12.37 6.07
CA ASN Q 172 9.81 -11.06 6.30
C ASN Q 172 10.90 -11.13 7.36
N PRO Q 173 12.17 -10.92 6.99
CA PRO Q 173 13.24 -11.04 7.98
C PRO Q 173 13.10 -10.05 9.10
N ASN Q 174 12.57 -8.87 8.82
CA ASN Q 174 12.42 -7.83 9.83
C ASN Q 174 11.04 -7.94 10.47
N ALA Q 175 10.74 -9.11 10.99
CA ALA Q 175 9.46 -9.36 11.58
C ALA Q 175 9.62 -9.30 13.09
N ASN Q 176 8.68 -9.88 13.83
CA ASN Q 176 8.75 -9.81 15.27
C ASN Q 176 9.51 -11.04 15.77
N PRO Q 177 10.73 -10.89 16.27
CA PRO Q 177 11.49 -12.02 16.78
C PRO Q 177 11.36 -12.26 18.27
N ASN Q 178 10.65 -11.40 18.98
CA ASN Q 178 10.49 -11.55 20.42
C ASN Q 178 9.44 -12.61 20.70
N ALA Q 179 9.03 -12.74 21.96
CA ALA Q 179 7.94 -13.63 22.29
C ALA Q 179 6.66 -12.83 22.40
N ASN Q 180 5.56 -13.46 22.07
CA ASN Q 180 4.28 -12.80 22.21
C ASN Q 180 3.77 -12.93 23.63
N PRO Q 181 3.72 -11.83 24.38
CA PRO Q 181 3.35 -11.95 25.79
C PRO Q 181 1.92 -12.36 25.98
N ASN Q 182 1.07 -12.18 24.97
CA ASN Q 182 -0.33 -12.52 25.07
C ASN Q 182 -0.64 -13.88 24.48
N ALA Q 183 0.37 -14.71 24.27
CA ALA Q 183 0.15 -15.98 23.60
C ALA Q 183 -0.46 -16.95 24.59
N ASN Q 184 -0.62 -18.19 24.19
CA ASN Q 184 -1.32 -19.17 24.99
C ASN Q 184 -0.52 -19.57 26.22
N PRO Q 185 -0.96 -19.22 27.42
CA PRO Q 185 -0.27 -19.64 28.63
C PRO Q 185 -0.77 -20.94 29.21
N ASN Q 186 -1.88 -21.46 28.73
CA ASN Q 186 -2.44 -22.68 29.27
C ASN Q 186 -1.62 -23.88 28.83
N ALA Q 187 -1.94 -25.03 29.39
CA ALA Q 187 -1.28 -26.27 28.99
C ALA Q 187 -2.07 -26.91 27.88
N ASN Q 188 -1.36 -27.42 26.88
CA ASN Q 188 -2.01 -27.97 25.71
C ASN Q 188 -2.57 -29.35 26.02
N PRO Q 189 -3.89 -29.56 25.95
CA PRO Q 189 -4.43 -30.85 26.39
C PRO Q 189 -3.99 -31.98 25.50
N ASN Q 190 -4.00 -31.76 24.19
CA ASN Q 190 -3.58 -32.79 23.24
C ASN Q 190 -2.12 -32.58 22.89
N ALA Q 191 -1.28 -32.78 23.89
CA ALA Q 191 0.15 -32.73 23.73
C ALA Q 191 0.68 -34.14 23.95
N ASN Q 192 1.97 -34.27 24.17
CA ASN Q 192 2.55 -35.60 24.25
C ASN Q 192 2.27 -36.22 25.60
N PRO Q 193 1.38 -37.20 25.66
CA PRO Q 193 1.00 -37.84 26.91
C PRO Q 193 1.77 -39.11 27.25
N ASN Q 194 2.76 -39.48 26.47
CA ASN Q 194 3.50 -40.72 26.70
C ASN Q 194 4.81 -40.41 27.38
N ALA Q 195 5.55 -41.46 27.71
CA ALA Q 195 6.84 -41.21 28.31
C ALA Q 195 7.87 -40.96 27.23
N ASN Q 196 8.98 -40.37 27.62
CA ASN Q 196 10.02 -40.10 26.66
C ASN Q 196 11.05 -41.19 26.78
N PRO Q 197 11.30 -41.98 25.73
CA PRO Q 197 12.35 -42.99 25.82
C PRO Q 197 13.71 -42.44 26.14
N ASN Q 198 14.09 -41.33 25.53
CA ASN Q 198 15.40 -40.74 25.79
C ASN Q 198 15.32 -39.68 26.88
N ALA Q 199 14.67 -40.02 27.97
CA ALA Q 199 14.59 -39.16 29.14
C ALA Q 199 15.82 -39.44 30.00
N ASN Q 200 15.81 -39.01 31.23
CA ASN Q 200 16.94 -39.31 32.10
C ASN Q 200 16.80 -40.70 32.71
N PRO Q 201 17.69 -41.63 32.36
CA PRO Q 201 17.66 -42.98 32.93
C PRO Q 201 18.57 -43.19 34.13
N ASN Q 202 19.36 -42.20 34.52
CA ASN Q 202 20.30 -42.36 35.61
C ASN Q 202 19.64 -41.95 36.91
N ALA Q 203 20.10 -42.53 38.01
CA ALA Q 203 19.58 -42.15 39.30
C ALA Q 203 19.93 -40.70 39.60
N ASN Q 204 19.12 -40.07 40.45
CA ASN Q 204 19.34 -38.69 40.79
C ASN Q 204 20.24 -38.59 42.00
N PRO Q 205 21.39 -37.93 41.91
CA PRO Q 205 22.24 -37.76 43.10
C PRO Q 205 21.58 -37.01 44.24
N ASN Q 206 20.78 -36.00 43.95
CA ASN Q 206 20.13 -35.19 44.98
C ASN Q 206 18.70 -35.63 45.22
N ALA Q 207 18.44 -36.91 45.20
CA ALA Q 207 17.11 -37.44 45.51
C ALA Q 207 16.99 -37.59 47.02
N ASN Q 208 15.95 -38.27 47.47
CA ASN Q 208 15.74 -38.45 48.90
C ASN Q 208 16.72 -39.47 49.46
N PRO Q 209 17.63 -39.07 50.34
CA PRO Q 209 18.57 -40.01 50.96
C PRO Q 209 18.18 -40.53 52.34
N ASN Q 210 16.94 -40.30 52.78
CA ASN Q 210 16.49 -40.71 54.09
C ASN Q 210 15.41 -41.78 53.97
N ALA Q 211 14.75 -42.08 55.07
CA ALA Q 211 13.65 -43.03 55.04
C ALA Q 211 12.37 -42.33 54.59
N ASN Q 212 11.28 -43.10 54.50
CA ASN Q 212 10.03 -42.53 53.99
C ASN Q 212 9.52 -41.40 54.87
N PRO Q 213 9.22 -41.60 56.17
CA PRO Q 213 9.58 -42.69 57.06
C PRO Q 213 8.44 -43.71 57.22
N ASN Q 214 7.33 -43.47 56.53
CA ASN Q 214 6.19 -44.39 56.56
C ASN Q 214 6.43 -45.52 55.56
N ALA Q 215 7.45 -46.32 55.87
CA ALA Q 215 7.81 -47.46 55.06
C ALA Q 215 7.04 -48.69 55.55
N ASN Q 216 7.52 -49.88 55.25
CA ASN Q 216 6.88 -51.10 55.71
C ASN Q 216 7.36 -51.44 57.11
N PRO Q 217 6.51 -51.31 58.12
CA PRO Q 217 6.93 -51.68 59.47
C PRO Q 217 6.61 -53.12 59.82
N ASN Q 218 6.30 -53.92 58.81
CA ASN Q 218 5.94 -55.32 59.01
C ASN Q 218 7.05 -56.22 58.50
N ALA Q 219 7.07 -57.44 59.01
CA ALA Q 219 8.06 -58.44 58.59
C ALA Q 219 7.94 -58.73 57.11
N GLN R 1 -18.08 -24.77 41.07
CA GLN R 1 -17.46 -24.15 39.90
C GLN R 1 -16.06 -23.65 40.24
N VAL R 2 -15.54 -22.74 39.42
CA VAL R 2 -14.21 -22.19 39.66
C VAL R 2 -14.25 -21.28 40.88
N GLN R 3 -13.26 -21.43 41.75
CA GLN R 3 -13.19 -20.60 42.95
C GLN R 3 -11.76 -20.20 43.21
N LEU R 4 -11.55 -18.92 43.51
CA LEU R 4 -10.23 -18.39 43.85
C LEU R 4 -10.34 -17.61 45.14
N VAL R 5 -9.43 -17.86 46.08
CA VAL R 5 -9.47 -17.24 47.39
C VAL R 5 -8.13 -16.60 47.67
N GLU R 6 -8.10 -15.27 47.73
CA GLU R 6 -6.88 -14.54 48.05
C GLU R 6 -6.71 -14.41 49.55
N SER R 7 -5.47 -14.32 49.98
CA SER R 7 -5.17 -14.09 51.37
C SER R 7 -3.80 -13.44 51.48
N GLY R 8 -3.54 -12.84 52.63
CA GLY R 8 -2.24 -12.25 52.90
C GLY R 8 -2.20 -10.73 52.91
N GLY R 9 -3.27 -10.08 52.52
CA GLY R 9 -3.27 -8.64 52.47
C GLY R 9 -3.38 -8.00 53.84
N GLY R 10 -2.97 -6.74 53.90
CA GLY R 10 -3.04 -6.01 55.15
C GLY R 10 -2.32 -4.68 55.04
N VAL R 11 -2.00 -4.11 56.19
CA VAL R 11 -1.29 -2.85 56.27
C VAL R 11 0.20 -3.11 56.36
N VAL R 12 0.96 -2.41 55.54
CA VAL R 12 2.42 -2.56 55.50
C VAL R 12 3.05 -1.19 55.35
N GLN R 13 4.13 -0.95 56.08
CA GLN R 13 4.83 0.31 55.97
C GLN R 13 5.59 0.36 54.65
N PRO R 14 5.77 1.56 54.08
CA PRO R 14 6.54 1.67 52.84
C PRO R 14 7.95 1.17 53.03
N GLY R 15 8.45 0.47 52.02
CA GLY R 15 9.77 -0.11 52.05
C GLY R 15 9.82 -1.53 52.55
N ARG R 16 8.78 -2.01 53.21
CA ARG R 16 8.75 -3.38 53.68
C ARG R 16 8.26 -4.30 52.56
N SER R 17 8.16 -5.59 52.87
CA SER R 17 7.76 -6.60 51.90
C SER R 17 6.46 -7.24 52.33
N LEU R 18 5.81 -7.92 51.39
CA LEU R 18 4.55 -8.56 51.67
C LEU R 18 4.33 -9.68 50.65
N ARG R 19 3.74 -10.78 51.11
CA ARG R 19 3.51 -11.95 50.28
C ARG R 19 2.02 -12.23 50.19
N LEU R 20 1.48 -12.17 48.98
CA LEU R 20 0.09 -12.51 48.73
C LEU R 20 -0.01 -13.92 48.21
N SER R 21 -1.09 -14.60 48.58
CA SER R 21 -1.34 -15.95 48.11
C SER R 21 -2.75 -16.04 47.55
N CYS R 22 -2.95 -16.99 46.67
CA CYS R 22 -4.22 -17.21 45.99
C CYS R 22 -4.44 -18.71 45.91
N ALA R 23 -5.43 -19.20 46.62
CA ALA R 23 -5.76 -20.62 46.60
C ALA R 23 -6.81 -20.88 45.55
N ALA R 24 -6.57 -21.86 44.69
CA ALA R 24 -7.45 -22.15 43.58
C ALA R 24 -8.10 -23.50 43.79
N SER R 25 -9.36 -23.61 43.38
CA SER R 25 -10.07 -24.87 43.45
C SER R 25 -11.18 -24.88 42.42
N GLY R 26 -11.69 -26.08 42.13
CA GLY R 26 -12.72 -26.23 41.13
C GLY R 26 -12.22 -26.49 39.74
N PHE R 27 -10.91 -26.50 39.53
CA PHE R 27 -10.36 -26.77 38.21
C PHE R 27 -8.93 -27.25 38.39
N THR R 28 -8.35 -27.75 37.31
CA THR R 28 -6.96 -28.19 37.36
C THR R 28 -6.08 -26.96 37.32
N PHE R 29 -5.57 -26.57 38.47
CA PHE R 29 -4.81 -25.33 38.56
C PHE R 29 -3.54 -25.37 37.73
N SER R 30 -2.88 -26.52 37.69
CA SER R 30 -1.60 -26.60 37.01
C SER R 30 -1.71 -26.48 35.49
N ASN R 31 -2.91 -26.48 34.95
CA ASN R 31 -3.09 -26.41 33.52
C ASN R 31 -3.32 -25.00 32.99
N PHE R 32 -3.36 -23.99 33.84
CA PHE R 32 -3.73 -22.65 33.41
C PHE R 32 -2.74 -21.61 33.88
N GLY R 33 -2.48 -20.62 33.03
CA GLY R 33 -1.77 -19.45 33.48
C GLY R 33 -2.64 -18.57 34.34
N MET R 34 -2.00 -17.67 35.08
CA MET R 34 -2.69 -16.84 36.03
C MET R 34 -2.21 -15.41 35.92
N HIS R 35 -3.08 -14.48 36.27
CA HIS R 35 -2.78 -13.06 36.36
C HIS R 35 -2.94 -12.58 37.79
N TRP R 36 -2.20 -11.55 38.14
CA TRP R 36 -2.50 -10.69 39.27
C TRP R 36 -2.86 -9.32 38.76
N ILE R 37 -4.01 -8.82 39.17
CA ILE R 37 -4.50 -7.53 38.72
C ILE R 37 -4.94 -6.76 39.96
N ARG R 38 -4.60 -5.48 40.00
CA ARG R 38 -4.92 -4.62 41.13
C ARG R 38 -5.85 -3.52 40.69
N GLN R 39 -6.58 -3.00 41.65
CA GLN R 39 -7.57 -1.95 41.44
C GLN R 39 -7.48 -0.93 42.55
N SER R 40 -7.33 0.33 42.15
CA SER R 40 -7.29 1.43 43.09
C SER R 40 -8.21 2.53 42.60
N PRO R 41 -8.73 3.35 43.50
CA PRO R 41 -9.62 4.43 43.07
C PRO R 41 -8.95 5.45 42.17
N GLY R 42 -7.64 5.58 42.26
CA GLY R 42 -6.93 6.57 41.48
C GLY R 42 -6.53 6.12 40.09
N LYS R 43 -6.28 4.83 39.94
CA LYS R 43 -5.83 4.28 38.69
C LYS R 43 -6.79 3.29 38.07
N GLY R 44 -7.89 2.95 38.74
CA GLY R 44 -8.77 1.96 38.18
C GLY R 44 -8.14 0.58 38.19
N LEU R 45 -8.53 -0.22 37.20
CA LEU R 45 -7.99 -1.55 37.04
C LEU R 45 -6.64 -1.48 36.37
N GLU R 46 -5.69 -2.26 36.86
CA GLU R 46 -4.30 -2.16 36.45
C GLU R 46 -3.67 -3.53 36.51
N TRP R 47 -3.24 -4.06 35.37
CA TRP R 47 -2.60 -5.37 35.34
C TRP R 47 -1.22 -5.32 35.99
N VAL R 48 -0.91 -6.37 36.75
CA VAL R 48 0.33 -6.44 37.53
C VAL R 48 1.28 -7.49 36.97
N ALA R 49 0.86 -8.74 36.86
CA ALA R 49 1.76 -9.80 36.44
C ALA R 49 1.00 -10.94 35.81
N ILE R 50 1.72 -11.75 35.04
CA ILE R 50 1.20 -12.97 34.44
C ILE R 50 2.24 -14.06 34.56
N ILE R 51 1.78 -15.28 34.77
CA ILE R 51 2.66 -16.44 34.86
C ILE R 51 2.09 -17.56 34.02
N TRP R 52 2.97 -18.28 33.33
CA TRP R 52 2.62 -19.43 32.52
C TRP R 52 2.22 -20.59 33.41
N TYR R 53 1.60 -21.61 32.81
CA TYR R 53 1.14 -22.74 33.59
C TYR R 53 2.28 -23.44 34.31
N ASP R 54 3.45 -23.51 33.70
CA ASP R 54 4.60 -24.15 34.32
C ASP R 54 5.57 -23.16 34.91
N GLY R 55 5.24 -21.86 34.90
CA GLY R 55 6.16 -20.89 35.45
C GLY R 55 7.33 -20.55 34.56
N SER R 56 7.36 -21.03 33.32
CA SER R 56 8.54 -20.80 32.51
C SER R 56 8.65 -19.36 32.06
N ASN R 57 7.54 -18.70 31.79
CA ASN R 57 7.53 -17.30 31.36
C ASN R 57 6.70 -16.48 32.33
N THR R 58 7.25 -15.35 32.74
CA THR R 58 6.56 -14.40 33.60
C THR R 58 6.73 -13.02 32.99
N TYR R 59 5.71 -12.20 33.16
CA TYR R 59 5.74 -10.82 32.69
C TYR R 59 5.17 -9.92 33.77
N TYR R 60 5.63 -8.68 33.77
CA TYR R 60 5.25 -7.73 34.80
C TYR R 60 4.93 -6.41 34.14
N ALA R 61 4.09 -5.63 34.80
CA ALA R 61 3.86 -4.27 34.34
C ALA R 61 5.11 -3.44 34.58
N ASP R 62 5.23 -2.38 33.79
CA ASP R 62 6.43 -1.55 33.87
C ASP R 62 6.55 -0.86 35.22
N SER R 63 5.43 -0.50 35.83
CA SER R 63 5.49 0.21 37.10
C SER R 63 5.93 -0.71 38.24
N VAL R 64 5.89 -2.02 38.07
CA VAL R 64 6.25 -2.94 39.13
C VAL R 64 7.43 -3.83 38.79
N LYS R 65 7.97 -3.72 37.58
CA LYS R 65 9.04 -4.61 37.19
C LYS R 65 10.26 -4.38 38.06
N GLY R 66 10.84 -5.47 38.55
CA GLY R 66 11.96 -5.38 39.45
C GLY R 66 11.62 -5.33 40.92
N ARG R 67 10.36 -5.14 41.27
CA ARG R 67 9.95 -5.10 42.67
C ARG R 67 9.06 -6.25 43.06
N PHE R 68 8.18 -6.68 42.17
CA PHE R 68 7.27 -7.79 42.39
C PHE R 68 7.81 -9.05 41.76
N THR R 69 7.50 -10.18 42.37
CA THR R 69 7.89 -11.48 41.85
C THR R 69 6.70 -12.41 41.95
N ILE R 70 6.25 -12.90 40.81
CA ILE R 70 5.14 -13.84 40.74
C ILE R 70 5.68 -15.24 40.63
N SER R 71 5.05 -16.17 41.35
CA SER R 71 5.46 -17.57 41.34
C SER R 71 4.22 -18.41 41.60
N ARG R 72 4.40 -19.73 41.56
CA ARG R 72 3.28 -20.62 41.79
C ARG R 72 3.79 -21.94 42.31
N ASP R 73 2.91 -22.65 43.03
CA ASP R 73 3.20 -23.97 43.58
C ASP R 73 2.09 -24.87 43.08
N ASN R 74 2.33 -25.56 41.98
CA ASN R 74 1.34 -26.42 41.37
C ASN R 74 1.05 -27.66 42.20
N SER R 75 1.94 -28.05 43.09
CA SER R 75 1.65 -29.17 43.97
C SER R 75 0.65 -28.77 45.04
N LYS R 76 0.62 -27.50 45.41
CA LYS R 76 -0.31 -26.98 46.40
C LYS R 76 -1.47 -26.22 45.78
N ASN R 77 -1.48 -26.05 44.46
CA ASN R 77 -2.49 -25.28 43.75
C ASN R 77 -2.59 -23.86 44.29
N THR R 78 -1.45 -23.22 44.45
CA THR R 78 -1.38 -21.90 45.07
C THR R 78 -0.60 -20.95 44.20
N LEU R 79 -1.10 -19.73 44.03
CA LEU R 79 -0.39 -18.68 43.32
C LEU R 79 0.16 -17.68 44.33
N TYR R 80 1.39 -17.24 44.12
CA TYR R 80 2.07 -16.35 45.06
C TYR R 80 2.53 -15.07 44.38
N LEU R 81 2.58 -14.00 45.15
CA LEU R 81 3.12 -12.72 44.69
C LEU R 81 3.95 -12.11 45.82
N GLN R 82 5.27 -12.15 45.68
CA GLN R 82 6.19 -11.52 46.62
C GLN R 82 6.41 -10.07 46.19
N MET R 83 6.03 -9.13 47.05
CA MET R 83 6.13 -7.70 46.77
C MET R 83 7.20 -7.09 47.66
N ASN R 84 8.25 -6.57 47.04
CA ASN R 84 9.33 -5.91 47.74
C ASN R 84 9.36 -4.43 47.37
N SER R 85 9.95 -3.64 48.27
CA SER R 85 10.15 -2.20 48.05
C SER R 85 8.84 -1.49 47.71
N LEU R 86 7.83 -1.70 48.55
CA LEU R 86 6.51 -1.16 48.29
C LEU R 86 6.49 0.36 48.40
N ARG R 87 5.79 0.99 47.48
CA ARG R 87 5.58 2.43 47.52
C ARG R 87 4.12 2.72 47.87
N ALA R 88 3.86 3.99 48.19
CA ALA R 88 2.54 4.39 48.62
C ALA R 88 1.49 4.13 47.55
N GLU R 89 1.85 4.32 46.28
CA GLU R 89 0.89 4.15 45.21
C GLU R 89 0.51 2.70 44.95
N ASP R 90 1.17 1.74 45.60
CA ASP R 90 0.77 0.34 45.43
C ASP R 90 -0.43 -0.04 46.28
N THR R 91 -0.97 0.85 47.10
CA THR R 91 -2.17 0.53 47.85
C THR R 91 -3.33 0.29 46.91
N ALA R 92 -3.90 -0.91 46.96
CA ALA R 92 -4.98 -1.29 46.07
C ALA R 92 -5.56 -2.61 46.54
N VAL R 93 -6.64 -3.01 45.91
CA VAL R 93 -7.21 -4.36 46.05
C VAL R 93 -6.62 -5.23 44.95
N TYR R 94 -6.01 -6.35 45.35
CA TYR R 94 -5.35 -7.26 44.42
C TYR R 94 -6.20 -8.51 44.20
N TYR R 95 -6.45 -8.82 42.93
CA TYR R 95 -7.18 -10.01 42.52
C TYR R 95 -6.23 -10.93 41.77
N CYS R 96 -6.33 -12.23 42.04
CA CYS R 96 -5.79 -13.22 41.12
C CYS R 96 -6.84 -13.61 40.12
N ALA R 97 -6.41 -14.00 38.93
CA ALA R 97 -7.35 -14.31 37.87
C ALA R 97 -6.83 -15.44 37.01
N LYS R 98 -7.76 -16.21 36.49
CA LYS R 98 -7.49 -17.39 35.68
C LYS R 98 -7.62 -17.05 34.21
N VAL R 99 -6.65 -17.47 33.41
CA VAL R 99 -6.73 -17.32 31.97
C VAL R 99 -7.78 -18.26 31.43
N TRP R 100 -8.54 -17.80 30.46
CA TRP R 100 -9.55 -18.66 29.88
C TRP R 100 -8.89 -19.67 28.95
N PHE R 101 -9.63 -20.71 28.59
CA PHE R 101 -9.16 -21.67 27.61
C PHE R 101 -9.55 -21.19 26.24
N GLY R 102 -8.61 -21.25 25.30
CA GLY R 102 -8.88 -20.78 23.95
C GLY R 102 -8.16 -21.56 22.87
N GLU R 103 -7.98 -20.96 21.70
CA GLU R 103 -7.30 -21.61 20.61
C GLU R 103 -5.81 -21.36 20.70
N SER R 104 -5.05 -22.15 19.94
CA SER R 104 -3.59 -22.13 20.07
C SER R 104 -2.99 -20.82 19.61
N GLU R 105 -3.56 -20.16 18.62
CA GLU R 105 -2.96 -18.95 18.08
C GLU R 105 -3.65 -17.67 18.55
N ASP R 106 -4.65 -17.76 19.40
CA ASP R 106 -5.32 -16.58 19.89
C ASP R 106 -4.51 -15.88 20.96
N ASN R 107 -4.83 -14.62 21.18
CA ASN R 107 -4.40 -13.90 22.37
C ASN R 107 -5.32 -14.18 23.54
N TYR R 108 -4.79 -14.02 24.74
CA TYR R 108 -5.43 -14.51 25.95
C TYR R 108 -5.57 -13.41 26.99
N SER R 109 -6.62 -13.52 27.79
CA SER R 109 -6.84 -12.70 28.97
C SER R 109 -7.54 -13.57 30.01
N VAL R 110 -8.18 -12.95 30.99
CA VAL R 110 -8.69 -13.67 32.13
C VAL R 110 -10.21 -13.74 32.07
N ASP R 111 -10.77 -14.84 32.59
CA ASP R 111 -12.21 -14.99 32.60
C ASP R 111 -12.81 -15.06 33.99
N VAL R 112 -12.09 -15.59 34.97
CA VAL R 112 -12.60 -15.72 36.32
C VAL R 112 -11.67 -14.98 37.25
N TRP R 113 -12.22 -14.07 38.02
CA TRP R 113 -11.47 -13.29 39.00
C TRP R 113 -11.70 -13.83 40.39
N GLY R 114 -10.71 -13.65 41.24
CA GLY R 114 -10.82 -14.05 42.62
C GLY R 114 -11.66 -13.08 43.40
N GLN R 115 -11.69 -13.29 44.70
CA GLN R 115 -12.49 -12.46 45.59
C GLN R 115 -11.85 -11.11 45.85
N GLY R 116 -10.54 -11.05 45.90
CA GLY R 116 -9.83 -9.81 46.12
C GLY R 116 -9.36 -9.64 47.55
N THR R 117 -8.17 -9.10 47.72
CA THR R 117 -7.60 -8.81 49.02
C THR R 117 -7.02 -7.41 49.01
N THR R 118 -7.24 -6.68 50.09
CA THR R 118 -6.88 -5.27 50.17
C THR R 118 -5.48 -5.12 50.73
N VAL R 119 -4.66 -4.29 50.09
CA VAL R 119 -3.31 -3.99 50.55
C VAL R 119 -3.23 -2.48 50.74
N THR R 120 -2.83 -2.07 51.93
CA THR R 120 -2.75 -0.65 52.29
C THR R 120 -1.31 -0.33 52.69
N VAL R 121 -0.64 0.47 51.87
CA VAL R 121 0.73 0.88 52.11
C VAL R 121 0.70 2.26 52.74
N SER R 122 1.01 2.34 54.02
CA SER R 122 0.96 3.61 54.73
C SER R 122 1.90 3.54 55.91
N SER R 123 2.51 4.68 56.23
CA SER R 123 3.38 4.79 57.39
C SER R 123 2.62 5.17 58.66
N ALA R 124 1.29 5.22 58.60
CA ALA R 124 0.52 5.56 59.78
C ALA R 124 0.50 4.40 60.77
N SER R 125 0.52 4.72 62.05
CA SER R 125 0.44 3.74 63.11
C SER R 125 -1.02 3.50 63.49
N THR R 126 -1.28 2.31 64.03
CA THR R 126 -2.64 1.98 64.45
C THR R 126 -3.12 2.95 65.50
N LYS R 127 -4.29 3.53 65.28
CA LYS R 127 -4.81 4.59 66.15
C LYS R 127 -6.32 4.57 66.12
N GLY R 128 -6.94 4.64 67.30
CA GLY R 128 -8.38 4.71 67.40
C GLY R 128 -8.94 6.05 67.00
N PRO R 129 -10.23 6.07 66.68
CA PRO R 129 -10.87 7.29 66.18
C PRO R 129 -11.34 8.22 67.29
N SER R 130 -11.53 9.48 66.90
CA SER R 130 -12.20 10.47 67.73
C SER R 130 -13.63 10.65 67.21
N VAL R 131 -14.61 10.47 68.09
CA VAL R 131 -16.02 10.54 67.72
C VAL R 131 -16.58 11.86 68.22
N PHE R 132 -17.01 12.71 67.31
CA PHE R 132 -17.60 13.98 67.69
C PHE R 132 -19.05 14.05 67.23
N PRO R 133 -19.94 14.59 68.05
CA PRO R 133 -21.36 14.66 67.67
C PRO R 133 -21.63 15.78 66.69
N LEU R 134 -22.49 15.49 65.73
CA LEU R 134 -23.06 16.48 64.82
C LEU R 134 -24.45 16.77 65.36
N ALA R 135 -24.52 17.74 66.26
CA ALA R 135 -25.71 17.98 67.06
C ALA R 135 -26.78 18.68 66.24
N PRO R 136 -28.02 18.18 66.24
CA PRO R 136 -29.11 18.86 65.56
C PRO R 136 -29.60 20.05 66.35
N SER R 137 -30.13 21.04 65.63
CA SER R 137 -30.70 22.23 66.26
C SER R 137 -31.70 22.85 65.29
N SER R 138 -32.08 24.10 65.56
CA SER R 138 -32.99 24.81 64.67
C SER R 138 -32.36 25.03 63.31
N LYS R 139 -31.03 25.12 63.24
CA LYS R 139 -30.33 25.34 61.99
C LYS R 139 -30.22 24.08 61.15
N SER R 140 -30.58 22.92 61.71
CA SER R 140 -30.60 21.66 61.00
C SER R 140 -32.00 21.06 61.01
N THR R 141 -33.02 21.90 60.87
CA THR R 141 -34.40 21.46 60.84
C THR R 141 -35.12 22.16 59.70
N SER R 142 -35.80 21.38 58.86
CA SER R 142 -36.63 21.93 57.78
C SER R 142 -37.98 21.22 57.84
N GLY R 143 -38.97 21.91 58.38
CA GLY R 143 -40.26 21.28 58.59
C GLY R 143 -40.18 20.31 59.75
N GLY R 144 -40.77 19.13 59.56
CA GLY R 144 -40.73 18.09 60.56
C GLY R 144 -39.55 17.15 60.47
N THR R 145 -38.55 17.48 59.65
CA THR R 145 -37.39 16.62 59.48
C THR R 145 -36.13 17.35 59.94
N ALA R 146 -35.33 16.68 60.76
CA ALA R 146 -34.06 17.18 61.23
C ALA R 146 -32.96 16.18 60.90
N ALA R 147 -31.71 16.65 60.91
CA ALA R 147 -30.57 15.80 60.62
C ALA R 147 -29.58 15.87 61.77
N LEU R 148 -29.06 14.72 62.17
CA LEU R 148 -28.04 14.60 63.19
C LEU R 148 -27.05 13.53 62.76
N GLY R 149 -25.91 13.47 63.44
CA GLY R 149 -24.94 12.49 63.05
C GLY R 149 -23.77 12.38 64.00
N CYS R 150 -22.75 11.64 63.55
CA CYS R 150 -21.51 11.41 64.27
C CYS R 150 -20.36 11.52 63.29
N LEU R 151 -19.32 12.25 63.68
CA LEU R 151 -18.11 12.41 62.89
C LEU R 151 -17.01 11.52 63.47
N VAL R 152 -16.51 10.60 62.65
CA VAL R 152 -15.50 9.63 63.06
C VAL R 152 -14.19 10.01 62.38
N LYS R 153 -13.30 10.68 63.12
CA LYS R 153 -12.15 11.35 62.56
C LYS R 153 -10.86 10.73 63.07
N ASP R 154 -9.85 10.67 62.21
CA ASP R 154 -8.48 10.36 62.60
C ASP R 154 -8.36 8.95 63.19
N TYR R 155 -8.67 7.97 62.35
CA TYR R 155 -8.50 6.57 62.69
C TYR R 155 -7.69 5.88 61.60
N PHE R 156 -7.06 4.78 61.98
CA PHE R 156 -6.28 3.99 61.04
C PHE R 156 -6.14 2.59 61.59
N PRO R 157 -6.26 1.55 60.76
CA PRO R 157 -6.64 1.65 59.35
C PRO R 157 -8.11 1.43 59.14
N GLU R 158 -8.49 1.23 57.88
CA GLU R 158 -9.84 0.81 57.58
C GLU R 158 -10.04 -0.63 58.04
N PRO R 159 -11.28 -1.03 58.34
CA PRO R 159 -12.50 -0.23 58.33
C PRO R 159 -13.00 0.08 59.73
N VAL R 160 -14.10 0.81 59.80
CA VAL R 160 -14.82 1.02 61.05
C VAL R 160 -16.29 0.72 60.80
N THR R 161 -16.96 0.23 61.84
CA THR R 161 -18.39 -0.04 61.77
C THR R 161 -19.15 0.95 62.64
N VAL R 162 -20.28 1.42 62.13
CA VAL R 162 -21.14 2.36 62.84
C VAL R 162 -22.55 1.79 62.89
N SER R 163 -23.14 1.77 64.08
CA SER R 163 -24.54 1.42 64.25
C SER R 163 -25.22 2.51 65.06
N TRP R 164 -26.54 2.52 65.03
CA TRP R 164 -27.29 3.54 65.75
C TRP R 164 -28.24 2.85 66.72
N ASN R 165 -28.16 3.26 67.99
CA ASN R 165 -28.99 2.71 69.04
C ASN R 165 -28.90 1.19 69.06
N SER R 166 -27.67 0.68 68.99
CA SER R 166 -27.38 -0.75 68.99
C SER R 166 -28.08 -1.48 67.85
N GLY R 167 -28.28 -0.80 66.72
CA GLY R 167 -28.91 -1.41 65.58
C GLY R 167 -30.40 -1.27 65.48
N ALA R 168 -31.05 -0.69 66.49
CA ALA R 168 -32.50 -0.55 66.44
C ALA R 168 -32.95 0.49 65.43
N LEU R 169 -32.09 1.43 65.07
CA LEU R 169 -32.42 2.49 64.12
C LEU R 169 -31.55 2.31 62.88
N THR R 170 -32.17 1.87 61.79
CA THR R 170 -31.49 1.75 60.50
C THR R 170 -32.14 2.52 59.38
N SER R 171 -33.42 2.86 59.48
CA SER R 171 -34.11 3.59 58.43
C SER R 171 -33.61 5.02 58.34
N GLY R 172 -33.10 5.40 57.17
CA GLY R 172 -32.64 6.75 56.96
C GLY R 172 -31.21 7.02 57.36
N VAL R 173 -30.41 5.99 57.57
CA VAL R 173 -29.03 6.15 57.97
C VAL R 173 -28.16 6.21 56.72
N HIS R 174 -27.25 7.18 56.69
CA HIS R 174 -26.30 7.34 55.60
C HIS R 174 -24.91 7.45 56.19
N THR R 175 -24.13 6.38 56.04
CA THR R 175 -22.73 6.38 56.43
C THR R 175 -21.88 6.61 55.20
N PHE R 176 -21.18 7.71 55.16
CA PHE R 176 -20.41 8.02 53.98
C PHE R 176 -19.15 7.17 53.91
N PRO R 177 -18.66 6.87 52.70
CA PRO R 177 -17.38 6.20 52.59
C PRO R 177 -16.26 7.07 53.12
N ALA R 178 -15.26 6.42 53.70
CA ALA R 178 -14.16 7.13 54.31
C ALA R 178 -13.31 7.83 53.25
N VAL R 179 -12.71 8.94 53.66
CA VAL R 179 -11.79 9.69 52.81
C VAL R 179 -10.44 9.75 53.50
N LEU R 180 -9.38 9.63 52.72
CA LEU R 180 -8.03 9.71 53.24
C LEU R 180 -7.57 11.16 53.24
N GLN R 181 -7.09 11.62 54.39
CA GLN R 181 -6.67 13.00 54.56
C GLN R 181 -5.17 13.14 54.33
N SER R 182 -4.72 14.40 54.31
CA SER R 182 -3.31 14.68 54.10
C SER R 182 -2.45 14.10 55.21
N SER R 183 -3.02 13.89 56.39
CA SER R 183 -2.26 13.37 57.51
C SER R 183 -2.15 11.84 57.49
N GLY R 184 -2.69 11.20 56.47
CA GLY R 184 -2.71 9.76 56.41
C GLY R 184 -3.73 9.08 57.29
N LEU R 185 -4.58 9.84 57.97
CA LEU R 185 -5.64 9.27 58.78
C LEU R 185 -6.96 9.41 58.06
N TYR R 186 -7.81 8.41 58.23
CA TYR R 186 -9.11 8.44 57.58
C TYR R 186 -10.14 9.14 58.47
N SER R 187 -11.22 9.56 57.83
CA SER R 187 -12.30 10.25 58.51
C SER R 187 -13.57 10.07 57.69
N LEU R 188 -14.70 9.95 58.38
CA LEU R 188 -15.98 9.81 57.71
C LEU R 188 -17.07 10.35 58.62
N SER R 189 -18.27 10.41 58.08
CA SER R 189 -19.42 10.84 58.86
C SER R 189 -20.57 9.86 58.66
N SER R 190 -21.43 9.78 59.67
CA SER R 190 -22.66 9.00 59.59
C SER R 190 -23.79 9.89 60.05
N VAL R 191 -24.83 10.01 59.23
CA VAL R 191 -25.93 10.92 59.50
C VAL R 191 -27.24 10.17 59.43
N VAL R 192 -28.25 10.74 60.08
CA VAL R 192 -29.58 10.16 60.08
C VAL R 192 -30.59 11.29 60.19
N THR R 193 -31.67 11.18 59.44
CA THR R 193 -32.77 12.13 59.50
C THR R 193 -33.88 11.58 60.40
N VAL R 194 -34.35 12.41 61.32
CA VAL R 194 -35.34 11.98 62.31
C VAL R 194 -36.46 13.01 62.34
N PRO R 195 -37.65 12.61 62.79
CA PRO R 195 -38.72 13.59 63.00
C PRO R 195 -38.33 14.59 64.09
N SER R 196 -38.49 15.87 63.75
CA SER R 196 -38.13 16.92 64.70
C SER R 196 -38.95 16.81 65.98
N SER R 197 -40.17 16.28 65.89
CA SER R 197 -41.02 16.14 67.06
C SER R 197 -40.52 15.08 68.03
N SER R 198 -39.50 14.30 67.66
CA SER R 198 -38.96 13.28 68.52
C SER R 198 -37.72 13.73 69.26
N LEU R 199 -37.18 14.90 68.92
CA LEU R 199 -35.99 15.40 69.59
C LEU R 199 -36.28 15.68 71.06
N GLY R 200 -35.29 15.43 71.90
CA GLY R 200 -35.44 15.62 73.33
C GLY R 200 -36.07 14.48 74.07
N THR R 201 -36.77 13.59 73.37
CA THR R 201 -37.42 12.44 73.99
C THR R 201 -36.83 11.12 73.54
N GLN R 202 -36.58 10.95 72.24
CA GLN R 202 -35.94 9.75 71.75
C GLN R 202 -34.43 9.88 71.89
N THR R 203 -33.80 8.86 72.44
CA THR R 203 -32.36 8.88 72.68
C THR R 203 -31.64 8.33 71.46
N TYR R 204 -30.64 9.07 70.97
CA TYR R 204 -29.85 8.65 69.83
C TYR R 204 -28.39 8.53 70.21
N ILE R 205 -27.83 7.34 70.06
CA ILE R 205 -26.43 7.05 70.36
C ILE R 205 -25.85 6.32 69.16
N CYS R 206 -24.70 6.79 68.69
CA CYS R 206 -23.97 6.12 67.63
C CYS R 206 -22.90 5.23 68.24
N ASN R 207 -22.82 3.99 67.78
CA ASN R 207 -21.89 2.99 68.29
C ASN R 207 -20.85 2.71 67.22
N VAL R 208 -19.65 3.24 67.43
CA VAL R 208 -18.51 3.05 66.53
C VAL R 208 -17.67 1.91 67.08
N ASN R 209 -17.33 0.97 66.21
CA ASN R 209 -16.50 -0.17 66.56
C ASN R 209 -15.37 -0.29 65.55
N HIS R 210 -14.16 -0.49 66.07
CA HIS R 210 -12.93 -0.59 65.27
C HIS R 210 -12.11 -1.76 65.80
N LYS R 211 -12.30 -2.91 65.15
CA LYS R 211 -11.63 -4.12 65.60
C LYS R 211 -10.10 -4.04 65.60
N PRO R 212 -9.44 -3.43 64.61
CA PRO R 212 -7.97 -3.40 64.65
C PRO R 212 -7.40 -2.78 65.90
N SER R 213 -8.10 -1.82 66.51
CA SER R 213 -7.64 -1.19 67.73
C SER R 213 -8.50 -1.56 68.93
N ASN R 214 -9.49 -2.42 68.75
CA ASN R 214 -10.42 -2.82 69.81
C ASN R 214 -11.15 -1.61 70.38
N THR R 215 -11.46 -0.64 69.52
CA THR R 215 -12.14 0.57 69.93
C THR R 215 -13.65 0.36 69.89
N LYS R 216 -14.31 0.72 70.99
CA LYS R 216 -15.77 0.75 71.05
C LYS R 216 -16.18 2.04 71.72
N VAL R 217 -16.92 2.88 70.99
CA VAL R 217 -17.33 4.18 71.50
C VAL R 217 -18.83 4.32 71.28
N ASP R 218 -19.55 4.62 72.36
CA ASP R 218 -20.97 4.94 72.29
C ASP R 218 -21.11 6.43 72.58
N LYS R 219 -21.38 7.21 71.53
CA LYS R 219 -21.49 8.66 71.66
C LYS R 219 -22.96 9.05 71.59
N LYS R 220 -23.42 9.75 72.61
CA LYS R 220 -24.78 10.28 72.63
C LYS R 220 -24.81 11.63 71.94
N VAL R 221 -25.82 11.82 71.09
CA VAL R 221 -25.99 13.05 70.33
C VAL R 221 -27.19 13.79 70.91
N GLU R 222 -26.93 14.96 71.51
CA GLU R 222 -28.03 15.74 72.07
C GLU R 222 -28.25 17.01 71.28
N PRO R 223 -29.49 17.48 71.20
CA PRO R 223 -29.78 18.70 70.46
C PRO R 223 -29.26 19.94 71.20
N LYS R 224 -29.23 21.05 70.48
CA LYS R 224 -28.80 22.32 71.05
C LYS R 224 -29.99 23.26 71.22
N ASP S 1 2.69 1.68 25.30
CA ASP S 1 1.60 1.42 26.22
C ASP S 1 0.28 1.90 25.65
N ILE S 2 -0.60 0.96 25.31
CA ILE S 2 -1.86 1.30 24.69
C ILE S 2 -2.78 1.95 25.71
N GLN S 3 -3.24 3.16 25.41
CA GLN S 3 -4.19 3.87 26.24
C GLN S 3 -5.62 3.50 25.85
N MET S 4 -6.47 3.29 26.84
CA MET S 4 -7.87 3.00 26.61
C MET S 4 -8.73 4.11 27.19
N THR S 5 -9.84 4.42 26.52
CA THR S 5 -10.74 5.48 26.92
C THR S 5 -12.17 5.06 26.65
N GLN S 6 -13.03 5.20 27.64
CA GLN S 6 -14.42 4.78 27.54
C GLN S 6 -15.34 5.99 27.55
N SER S 7 -16.40 5.94 26.75
CA SER S 7 -17.37 7.00 26.79
C SER S 7 -18.78 6.44 26.76
N PRO S 8 -19.71 7.04 27.51
CA PRO S 8 -19.41 8.12 28.45
C PRO S 8 -18.87 7.58 29.76
N SER S 9 -18.35 8.46 30.62
CA SER S 9 -17.88 8.01 31.92
C SER S 9 -19.03 7.55 32.81
N THR S 10 -20.15 8.25 32.76
CA THR S 10 -21.34 7.91 33.51
C THR S 10 -22.54 8.03 32.59
N LEU S 11 -23.43 7.05 32.63
CA LEU S 11 -24.63 7.08 31.80
C LEU S 11 -25.86 6.81 32.64
N SER S 12 -26.74 7.79 32.73
CA SER S 12 -28.02 7.63 33.41
C SER S 12 -29.02 6.98 32.47
N THR S 13 -29.58 5.85 32.86
CA THR S 13 -30.46 5.07 32.01
C THR S 13 -31.55 4.43 32.86
N SER S 14 -32.56 3.88 32.19
CA SER S 14 -33.72 3.33 32.86
C SER S 14 -33.93 1.90 32.41
N VAL S 15 -34.68 1.15 33.23
CA VAL S 15 -34.96 -0.24 32.92
C VAL S 15 -35.73 -0.34 31.62
N GLY S 16 -35.26 -1.20 30.72
CA GLY S 16 -35.86 -1.38 29.42
C GLY S 16 -35.20 -0.59 28.32
N ASP S 17 -34.31 0.33 28.67
CA ASP S 17 -33.64 1.14 27.67
C ASP S 17 -32.59 0.33 26.91
N ARG S 18 -32.27 0.79 25.70
CA ARG S 18 -31.15 0.28 24.94
C ARG S 18 -29.92 1.10 25.25
N VAL S 19 -28.88 0.45 25.77
CA VAL S 19 -27.69 1.12 26.25
C VAL S 19 -26.53 0.79 25.33
N THR S 20 -25.77 1.81 24.94
CA THR S 20 -24.57 1.63 24.13
C THR S 20 -23.43 2.43 24.71
N ILE S 21 -22.34 1.75 25.05
CA ILE S 21 -21.13 2.40 25.54
C ILE S 21 -20.00 2.11 24.57
N THR S 22 -19.06 3.04 24.48
CA THR S 22 -17.98 2.97 23.51
C THR S 22 -16.64 2.91 24.23
N CYS S 23 -15.65 2.39 23.51
CA CYS S 23 -14.32 2.18 24.05
C CYS S 23 -13.34 2.31 22.88
N ARG S 24 -12.30 3.11 23.07
CA ARG S 24 -11.34 3.41 22.02
C ARG S 24 -9.92 3.19 22.52
N ALA S 25 -9.09 2.69 21.63
CA ALA S 25 -7.70 2.40 21.93
C ALA S 25 -6.79 3.41 21.24
N SER S 26 -5.65 3.68 21.86
CA SER S 26 -4.71 4.63 21.28
C SER S 26 -4.09 4.11 20.00
N GLN S 27 -4.08 2.81 19.78
CA GLN S 27 -3.57 2.24 18.54
C GLN S 27 -4.41 1.03 18.20
N SER S 28 -4.17 0.47 17.02
CA SER S 28 -4.99 -0.65 16.55
C SER S 28 -4.72 -1.89 17.40
N ILE S 29 -5.79 -2.47 17.94
CA ILE S 29 -5.70 -3.68 18.72
C ILE S 29 -6.41 -4.85 18.06
N SER S 30 -6.71 -4.72 16.77
CA SER S 30 -7.42 -5.72 15.99
C SER S 30 -8.76 -5.99 16.67
N ASN S 31 -9.11 -7.23 16.99
CA ASN S 31 -10.35 -7.54 17.70
C ASN S 31 -10.13 -8.06 19.11
N TRP S 32 -8.90 -7.96 19.62
CA TRP S 32 -8.56 -8.51 20.94
C TRP S 32 -8.99 -7.53 22.03
N LEU S 33 -10.30 -7.49 22.26
CA LEU S 33 -10.89 -6.63 23.28
C LEU S 33 -11.88 -7.41 24.10
N ALA S 34 -11.81 -7.26 25.42
CA ALA S 34 -12.74 -7.90 26.33
C ALA S 34 -13.51 -6.86 27.12
N TRP S 35 -14.73 -7.23 27.51
CA TRP S 35 -15.60 -6.42 28.33
C TRP S 35 -15.89 -7.13 29.64
N TYR S 36 -15.70 -6.43 30.75
CA TYR S 36 -15.92 -6.95 32.08
C TYR S 36 -16.96 -6.12 32.80
N GLN S 37 -17.81 -6.80 33.54
CA GLN S 37 -18.82 -6.16 34.38
C GLN S 37 -18.42 -6.31 35.84
N GLN S 38 -18.60 -5.24 36.60
CA GLN S 38 -18.27 -5.26 38.02
C GLN S 38 -19.38 -4.61 38.82
N LYS S 39 -19.86 -5.29 39.75
CA LYS S 39 -20.80 -4.69 40.68
C LYS S 39 -20.06 -4.19 41.91
N PRO S 40 -20.57 -3.16 42.56
CA PRO S 40 -19.85 -2.56 43.68
C PRO S 40 -19.64 -3.55 44.82
N GLY S 41 -18.45 -3.49 45.40
CA GLY S 41 -18.07 -4.41 46.45
C GLY S 41 -18.06 -5.87 46.04
N LYS S 42 -17.78 -6.15 44.77
CA LYS S 42 -17.83 -7.51 44.27
C LYS S 42 -16.78 -7.66 43.18
N ALA S 43 -16.40 -8.89 42.93
CA ALA S 43 -15.36 -9.12 41.95
C ALA S 43 -15.89 -8.97 40.54
N PRO S 44 -15.05 -8.54 39.61
CA PRO S 44 -15.48 -8.41 38.21
C PRO S 44 -15.77 -9.75 37.58
N LYS S 45 -16.68 -9.72 36.61
CA LYS S 45 -17.10 -10.90 35.87
C LYS S 45 -16.93 -10.62 34.38
N LEU S 46 -16.42 -11.61 33.66
CA LEU S 46 -16.20 -11.49 32.23
C LEU S 46 -17.50 -11.57 31.46
N LEU S 47 -17.74 -10.62 30.55
CA LEU S 47 -18.91 -10.65 29.69
C LEU S 47 -18.59 -11.03 28.25
N ILE S 48 -17.62 -10.39 27.62
CA ILE S 48 -17.36 -10.56 26.20
C ILE S 48 -15.87 -10.61 25.94
N TYR S 49 -15.46 -11.50 25.05
CA TYR S 49 -14.10 -11.50 24.53
C TYR S 49 -14.14 -11.49 23.01
N LYS S 50 -12.99 -11.25 22.41
CA LYS S 50 -12.85 -11.06 20.97
C LYS S 50 -13.84 -10.02 20.46
N ALA S 51 -14.18 -9.07 21.32
CA ALA S 51 -15.01 -7.92 20.99
C ALA S 51 -16.45 -8.28 20.69
N SER S 52 -16.73 -9.52 20.31
CA SER S 52 -18.10 -9.87 19.94
C SER S 52 -18.51 -11.29 20.33
N THR S 53 -17.71 -12.03 21.08
CA THR S 53 -18.06 -13.36 21.49
C THR S 53 -18.66 -13.33 22.88
N LEU S 54 -19.85 -13.90 23.02
CA LEU S 54 -20.55 -13.89 24.29
C LEU S 54 -20.02 -15.00 25.18
N GLU S 55 -19.66 -14.65 26.40
CA GLU S 55 -19.21 -15.64 27.37
C GLU S 55 -20.35 -16.58 27.72
N SER S 56 -20.00 -17.85 27.96
CA SER S 56 -21.00 -18.83 28.35
C SER S 56 -21.69 -18.42 29.64
N GLY S 57 -23.01 -18.50 29.64
CA GLY S 57 -23.80 -18.10 30.79
C GLY S 57 -24.29 -16.68 30.76
N VAL S 58 -23.82 -15.86 29.82
CA VAL S 58 -24.24 -14.47 29.72
C VAL S 58 -25.53 -14.38 28.92
N PRO S 59 -26.55 -13.70 29.42
CA PRO S 59 -27.80 -13.60 28.67
C PRO S 59 -27.59 -12.90 27.33
N SER S 60 -28.48 -13.23 26.39
CA SER S 60 -28.32 -12.77 25.02
C SER S 60 -28.57 -11.28 24.84
N ARG S 61 -29.10 -10.59 25.85
CA ARG S 61 -29.31 -9.16 25.72
C ARG S 61 -28.02 -8.37 25.69
N PHE S 62 -26.88 -9.01 25.89
CA PHE S 62 -25.59 -8.37 25.77
C PHE S 62 -25.01 -8.65 24.40
N SER S 63 -24.41 -7.64 23.79
CA SER S 63 -23.78 -7.85 22.50
C SER S 63 -22.59 -6.92 22.35
N GLY S 64 -21.59 -7.38 21.61
CA GLY S 64 -20.44 -6.57 21.34
C GLY S 64 -20.28 -6.25 19.87
N SER S 65 -19.55 -5.18 19.57
CA SER S 65 -19.33 -4.79 18.19
C SER S 65 -18.07 -3.97 18.13
N GLY S 66 -17.46 -3.93 16.96
CA GLY S 66 -16.33 -3.05 16.78
C GLY S 66 -15.07 -3.75 16.32
N SER S 67 -14.16 -3.02 15.71
CA SER S 67 -12.92 -3.60 15.22
C SER S 67 -11.93 -2.50 14.96
N GLY S 68 -10.65 -2.83 15.11
CA GLY S 68 -9.60 -1.86 14.92
C GLY S 68 -9.34 -1.06 16.19
N THR S 69 -9.90 0.14 16.26
CA THR S 69 -9.69 1.04 17.39
C THR S 69 -10.95 1.48 18.10
N GLU S 70 -12.13 1.22 17.53
CA GLU S 70 -13.40 1.61 18.11
C GLU S 70 -14.25 0.38 18.39
N PHE S 71 -14.74 0.28 19.61
CA PHE S 71 -15.55 -0.86 20.00
C PHE S 71 -16.73 -0.36 20.81
N THR S 72 -17.83 -1.08 20.74
CA THR S 72 -19.04 -0.74 21.46
C THR S 72 -19.62 -1.98 22.13
N LEU S 73 -20.22 -1.75 23.29
CA LEU S 73 -20.99 -2.75 24.01
C LEU S 73 -22.43 -2.28 24.06
N THR S 74 -23.34 -3.17 23.70
CA THR S 74 -24.75 -2.84 23.59
C THR S 74 -25.56 -3.78 24.47
N ILE S 75 -26.46 -3.22 25.25
CA ILE S 75 -27.46 -3.96 25.99
C ILE S 75 -28.81 -3.62 25.36
N SER S 76 -29.44 -4.63 24.75
CA SER S 76 -30.65 -4.39 23.99
C SER S 76 -31.80 -3.94 24.87
N SER S 77 -31.96 -4.55 26.04
CA SER S 77 -33.04 -4.18 26.96
C SER S 77 -32.50 -4.29 28.37
N LEU S 78 -32.30 -3.15 29.01
CA LEU S 78 -31.68 -3.12 30.32
C LEU S 78 -32.59 -3.74 31.36
N GLN S 79 -32.01 -4.50 32.26
CA GLN S 79 -32.69 -5.14 33.38
C GLN S 79 -32.00 -4.75 34.67
N PRO S 80 -32.71 -4.81 35.80
CA PRO S 80 -32.15 -4.29 37.05
C PRO S 80 -30.85 -4.94 37.48
N ASP S 81 -30.59 -6.19 37.07
CA ASP S 81 -29.33 -6.83 37.43
C ASP S 81 -28.14 -6.24 36.68
N ASP S 82 -28.37 -5.49 35.62
CA ASP S 82 -27.29 -4.97 34.79
C ASP S 82 -26.75 -3.63 35.25
N PHE S 83 -27.26 -3.07 36.33
CA PHE S 83 -26.74 -1.81 36.85
C PHE S 83 -25.41 -2.04 37.54
N ALA S 84 -24.32 -1.76 36.84
CA ALA S 84 -22.98 -2.03 37.34
C ALA S 84 -22.00 -1.20 36.53
N THR S 85 -20.72 -1.35 36.84
CA THR S 85 -19.66 -0.67 36.12
C THR S 85 -19.02 -1.60 35.10
N TYR S 86 -18.81 -1.09 33.89
CA TYR S 86 -18.32 -1.88 32.78
C TYR S 86 -16.97 -1.37 32.33
N TYR S 87 -15.98 -2.26 32.29
CA TYR S 87 -14.63 -1.94 31.87
C TYR S 87 -14.31 -2.67 30.59
N CYS S 88 -13.67 -1.97 29.66
CA CYS S 88 -13.08 -2.62 28.51
C CYS S 88 -11.61 -2.87 28.77
N GLN S 89 -11.06 -3.82 28.06
CA GLN S 89 -9.68 -4.24 28.25
C GLN S 89 -9.12 -4.72 26.93
N GLN S 90 -8.09 -4.07 26.44
CA GLN S 90 -7.34 -4.59 25.32
C GLN S 90 -6.38 -5.65 25.81
N TYR S 91 -6.25 -6.72 25.05
CA TYR S 91 -5.26 -7.74 25.35
C TYR S 91 -4.51 -8.10 24.09
N SER S 92 -4.20 -7.09 23.29
CA SER S 92 -3.36 -7.25 22.13
C SER S 92 -1.89 -7.10 22.45
N SER S 93 -1.56 -6.21 23.38
CA SER S 93 -0.18 -5.99 23.80
C SER S 93 -0.21 -5.72 25.29
N TYR S 94 0.18 -6.72 26.07
CA TYR S 94 0.01 -6.68 27.52
C TYR S 94 -1.47 -6.47 27.80
N TRP S 95 -1.81 -5.79 28.89
CA TRP S 95 -3.20 -5.68 29.30
C TRP S 95 -3.43 -4.33 29.97
N THR S 96 -4.33 -3.53 29.41
CA THR S 96 -4.69 -2.25 30.00
C THR S 96 -6.20 -2.11 29.98
N PHE S 97 -6.76 -1.58 31.07
CA PHE S 97 -8.19 -1.41 31.20
C PHE S 97 -8.59 0.03 30.97
N GLY S 98 -9.82 0.22 30.52
CA GLY S 98 -10.39 1.56 30.48
C GLY S 98 -10.80 2.04 31.86
N GLN S 99 -11.20 3.30 31.94
CA GLN S 99 -11.61 3.87 33.22
C GLN S 99 -12.93 3.31 33.71
N GLY S 100 -13.75 2.77 32.84
CA GLY S 100 -15.01 2.21 33.29
C GLY S 100 -16.16 3.16 33.14
N THR S 101 -17.32 2.62 32.77
CA THR S 101 -18.56 3.36 32.68
C THR S 101 -19.54 2.79 33.69
N LYS S 102 -20.07 3.66 34.54
CA LYS S 102 -21.04 3.25 35.56
C LYS S 102 -22.43 3.56 35.05
N LEU S 103 -23.28 2.54 34.99
CA LEU S 103 -24.68 2.72 34.60
C LEU S 103 -25.53 3.09 35.80
N GLU S 104 -26.08 4.28 35.77
CA GLU S 104 -26.83 4.84 36.89
C GLU S 104 -28.33 4.75 36.62
N ILE S 105 -29.09 4.60 37.69
CA ILE S 105 -30.55 4.48 37.60
C ILE S 105 -31.13 5.88 37.43
N LYS S 106 -31.71 6.15 36.27
CA LYS S 106 -32.30 7.45 36.00
C LYS S 106 -33.67 7.56 36.67
N ARG S 107 -33.92 8.71 37.29
CA ARG S 107 -35.18 9.03 37.94
C ARG S 107 -35.44 10.52 37.78
N THR S 108 -36.56 10.97 38.31
CA THR S 108 -36.89 12.38 38.22
C THR S 108 -35.96 13.20 39.12
N VAL S 109 -35.93 14.50 38.85
CA VAL S 109 -35.04 15.39 39.57
C VAL S 109 -35.59 15.64 40.96
N ALA S 110 -34.74 15.57 41.97
CA ALA S 110 -35.10 15.87 43.34
C ALA S 110 -34.05 16.77 43.96
N ALA S 111 -34.47 17.92 44.47
CA ALA S 111 -33.54 18.87 45.05
C ALA S 111 -33.04 18.38 46.40
N PRO S 112 -31.80 18.71 46.76
CA PRO S 112 -31.24 18.25 48.03
C PRO S 112 -31.81 18.99 49.22
N SER S 113 -31.84 18.30 50.35
CA SER S 113 -32.07 18.94 51.64
C SER S 113 -30.71 19.21 52.25
N VAL S 114 -30.48 20.44 52.69
CA VAL S 114 -29.17 20.89 53.12
C VAL S 114 -29.17 21.10 54.63
N PHE S 115 -28.20 20.51 55.31
CA PHE S 115 -28.01 20.69 56.74
C PHE S 115 -26.55 21.01 57.00
N ILE S 116 -26.30 21.84 58.01
CA ILE S 116 -24.95 22.22 58.40
C ILE S 116 -24.76 21.93 59.89
N PHE S 117 -23.54 21.51 60.24
CA PHE S 117 -23.15 21.22 61.60
C PHE S 117 -21.87 21.97 61.94
N PRO S 118 -21.84 22.72 63.02
CA PRO S 118 -20.62 23.42 63.42
C PRO S 118 -19.69 22.50 64.22
N PRO S 119 -18.43 22.88 64.36
CA PRO S 119 -17.52 22.08 65.20
C PRO S 119 -17.95 22.10 66.65
N SER S 120 -17.79 20.95 67.30
CA SER S 120 -18.09 20.87 68.72
C SER S 120 -17.00 21.59 69.52
N ASP S 121 -17.38 22.03 70.71
CA ASP S 121 -16.41 22.66 71.60
C ASP S 121 -15.35 21.67 72.05
N GLU S 122 -15.71 20.38 72.12
CA GLU S 122 -14.74 19.37 72.53
C GLU S 122 -13.66 19.21 71.48
N GLN S 123 -14.04 19.20 70.20
CA GLN S 123 -13.05 19.07 69.15
C GLN S 123 -12.16 20.31 69.09
N LEU S 124 -12.75 21.49 69.30
CA LEU S 124 -11.95 22.71 69.40
C LEU S 124 -10.98 22.63 70.57
N LYS S 125 -11.40 22.01 71.68
CA LYS S 125 -10.49 21.78 72.79
C LYS S 125 -9.40 20.81 72.40
N SER S 126 -9.70 19.90 71.46
CA SER S 126 -8.71 18.94 71.00
C SER S 126 -7.73 19.55 70.00
N GLY S 127 -8.01 20.75 69.51
CA GLY S 127 -7.12 21.44 68.59
C GLY S 127 -7.54 21.44 67.14
N THR S 128 -8.69 20.87 66.81
CA THR S 128 -9.16 20.83 65.43
C THR S 128 -10.60 21.34 65.36
N ALA S 129 -10.98 21.79 64.17
CA ALA S 129 -12.33 22.30 63.93
C ALA S 129 -12.82 21.75 62.61
N SER S 130 -13.82 20.88 62.66
CA SER S 130 -14.45 20.33 61.47
C SER S 130 -15.85 20.89 61.30
N VAL S 131 -16.13 21.43 60.12
CA VAL S 131 -17.46 21.93 59.78
C VAL S 131 -18.02 21.03 58.69
N VAL S 132 -19.28 20.60 58.86
CA VAL S 132 -19.88 19.59 58.01
C VAL S 132 -21.09 20.19 57.31
N CYS S 133 -21.14 20.04 55.99
CA CYS S 133 -22.29 20.42 55.18
C CYS S 133 -22.84 19.15 54.55
N LEU S 134 -24.14 18.92 54.69
CA LEU S 134 -24.77 17.68 54.25
C LEU S 134 -25.82 17.99 53.21
N LEU S 135 -25.76 17.28 52.09
CA LEU S 135 -26.79 17.33 51.06
C LEU S 135 -27.47 15.97 50.98
N ASN S 136 -28.76 15.92 51.25
CA ASN S 136 -29.51 14.69 51.40
C ASN S 136 -30.50 14.51 50.25
N ASN S 137 -30.50 13.31 49.67
CA ASN S 137 -31.55 12.84 48.77
C ASN S 137 -31.72 13.78 47.58
N PHE S 138 -30.70 13.79 46.73
CA PHE S 138 -30.69 14.61 45.55
C PHE S 138 -30.32 13.78 44.33
N TYR S 139 -30.75 14.28 43.17
CA TYR S 139 -30.46 13.67 41.90
C TYR S 139 -30.59 14.72 40.81
N PRO S 140 -29.71 14.76 39.81
CA PRO S 140 -28.56 13.85 39.66
C PRO S 140 -27.46 14.14 40.66
N ARG S 141 -26.33 13.43 40.53
CA ARG S 141 -25.28 13.55 41.53
C ARG S 141 -24.52 14.85 41.39
N GLU S 142 -24.47 15.42 40.20
CA GLU S 142 -23.66 16.62 39.98
C GLU S 142 -24.23 17.77 40.79
N ALA S 143 -23.38 18.36 41.62
CA ALA S 143 -23.71 19.51 42.44
C ALA S 143 -22.42 20.23 42.77
N LYS S 144 -22.54 21.50 43.16
CA LYS S 144 -21.38 22.29 43.55
C LYS S 144 -21.61 22.85 44.94
N VAL S 145 -20.63 22.68 45.81
CA VAL S 145 -20.65 23.18 47.18
C VAL S 145 -19.45 24.08 47.38
N GLN S 146 -19.70 25.34 47.72
CA GLN S 146 -18.66 26.33 47.97
C GLN S 146 -18.73 26.78 49.42
N TRP S 147 -17.57 26.74 50.09
CA TRP S 147 -17.47 27.23 51.46
C TRP S 147 -17.12 28.71 51.45
N LYS S 148 -17.83 29.49 52.26
CA LYS S 148 -17.59 30.91 52.40
C LYS S 148 -17.44 31.24 53.88
N VAL S 149 -16.31 31.85 54.22
CA VAL S 149 -16.01 32.25 55.59
C VAL S 149 -15.91 33.76 55.57
N ASP S 150 -16.89 34.42 56.18
CA ASP S 150 -17.07 35.87 56.07
C ASP S 150 -17.07 36.28 54.60
N ASN S 151 -17.86 35.56 53.80
CA ASN S 151 -18.06 35.82 52.38
C ASN S 151 -16.79 35.63 51.55
N ALA S 152 -15.82 34.88 52.07
CA ALA S 152 -14.59 34.60 51.37
C ALA S 152 -14.54 33.12 51.02
N LEU S 153 -14.36 32.82 49.73
CA LEU S 153 -14.35 31.43 49.27
C LEU S 153 -13.12 30.69 49.74
N GLN S 154 -13.31 29.47 50.20
CA GLN S 154 -12.24 28.60 50.66
C GLN S 154 -11.81 27.67 49.53
N SER S 155 -10.56 27.24 49.58
CA SER S 155 -10.02 26.35 48.56
C SER S 155 -8.87 25.54 49.13
N GLY S 156 -8.93 24.22 48.91
CA GLY S 156 -7.86 23.33 49.32
C GLY S 156 -7.90 22.86 50.75
N ASN S 157 -8.97 23.17 51.49
CA ASN S 157 -9.08 22.76 52.88
C ASN S 157 -10.36 21.99 53.18
N SER S 158 -11.01 21.45 52.14
CA SER S 158 -12.25 20.70 52.31
C SER S 158 -12.14 19.39 51.56
N GLN S 159 -12.95 18.41 51.99
CA GLN S 159 -13.03 17.12 51.34
C GLN S 159 -14.47 16.66 51.25
N GLU S 160 -14.82 16.03 50.13
CA GLU S 160 -16.17 15.58 49.87
C GLU S 160 -16.25 14.07 49.81
N SER S 161 -17.40 13.54 50.22
CA SER S 161 -17.67 12.10 50.16
C SER S 161 -19.10 11.89 49.71
N VAL S 162 -19.32 10.94 48.81
CA VAL S 162 -20.62 10.67 48.24
C VAL S 162 -20.94 9.19 48.41
N THR S 163 -22.18 8.91 48.82
CA THR S 163 -22.64 7.54 48.91
C THR S 163 -23.08 7.03 47.55
N GLU S 164 -23.22 5.71 47.46
CA GLU S 164 -23.82 5.11 46.28
C GLU S 164 -25.32 5.35 46.28
N GLN S 165 -25.93 5.05 45.14
CA GLN S 165 -27.37 5.20 45.01
C GLN S 165 -28.12 4.33 46.01
N ASP S 166 -29.01 4.96 46.76
CA ASP S 166 -29.80 4.24 47.74
C ASP S 166 -30.65 3.18 47.07
N SER S 167 -30.72 2.01 47.70
CA SER S 167 -31.45 0.89 47.11
C SER S 167 -32.94 1.18 47.01
N LYS S 168 -33.48 2.03 47.88
CA LYS S 168 -34.91 2.25 47.92
C LYS S 168 -35.38 3.33 46.96
N ASP S 169 -34.65 4.45 46.86
CA ASP S 169 -35.11 5.56 46.04
C ASP S 169 -34.03 6.11 45.10
N SER S 170 -32.86 5.48 45.06
CA SER S 170 -31.85 5.79 44.05
C SER S 170 -31.36 7.23 44.17
N THR S 171 -31.35 7.77 45.37
CA THR S 171 -30.87 9.13 45.59
C THR S 171 -29.46 9.11 46.14
N TYR S 172 -28.81 10.27 46.09
CA TYR S 172 -27.47 10.47 46.62
C TYR S 172 -27.50 11.32 47.89
N SER S 173 -26.43 11.18 48.68
CA SER S 173 -26.14 12.07 49.78
C SER S 173 -24.67 12.46 49.70
N LEU S 174 -24.36 13.71 50.03
CA LEU S 174 -23.00 14.21 49.91
C LEU S 174 -22.62 14.93 51.19
N SER S 175 -21.41 14.68 51.67
CA SER S 175 -20.88 15.36 52.84
C SER S 175 -19.63 16.14 52.45
N SER S 176 -19.55 17.37 52.91
CA SER S 176 -18.35 18.19 52.76
C SER S 176 -17.82 18.56 54.13
N THR S 177 -16.55 18.28 54.37
CA THR S 177 -15.91 18.51 55.66
C THR S 177 -14.82 19.54 55.51
N LEU S 178 -14.99 20.68 56.16
CA LEU S 178 -13.97 21.72 56.24
C LEU S 178 -13.21 21.59 57.55
N THR S 179 -11.90 21.42 57.45
CA THR S 179 -11.03 21.22 58.60
C THR S 179 -10.12 22.43 58.75
N LEU S 180 -10.09 23.01 59.95
CA LEU S 180 -9.27 24.19 60.22
C LEU S 180 -8.69 24.10 61.63
N SER S 181 -7.59 24.83 61.82
CA SER S 181 -7.02 25.01 63.14
C SER S 181 -7.90 25.92 63.99
N LYS S 182 -7.76 25.78 65.31
CA LYS S 182 -8.53 26.57 66.24
C LYS S 182 -8.30 28.07 66.05
N ALA S 183 -7.06 28.46 65.74
CA ALA S 183 -6.76 29.88 65.57
C ALA S 183 -7.38 30.44 64.29
N ASP S 184 -7.29 29.71 63.19
CA ASP S 184 -7.94 30.15 61.96
C ASP S 184 -9.46 30.17 62.14
N TYR S 185 -10.00 29.18 62.83
CA TYR S 185 -11.45 29.11 63.00
C TYR S 185 -11.97 30.25 63.87
N GLU S 186 -11.25 30.58 64.95
CA GLU S 186 -11.72 31.62 65.86
C GLU S 186 -11.40 33.02 65.37
N LYS S 187 -10.71 33.16 64.24
CA LYS S 187 -10.45 34.47 63.69
C LYS S 187 -11.54 34.94 62.74
N HIS S 188 -12.69 34.28 62.75
CA HIS S 188 -13.81 34.67 61.91
C HIS S 188 -15.12 34.34 62.62
N LYS S 189 -16.21 34.78 62.01
CA LYS S 189 -17.53 34.71 62.62
C LYS S 189 -18.50 33.85 61.83
N VAL S 190 -18.73 34.16 60.55
CA VAL S 190 -19.76 33.53 59.75
C VAL S 190 -19.15 32.43 58.91
N TYR S 191 -19.81 31.27 58.89
CA TYR S 191 -19.36 30.10 58.14
C TYR S 191 -20.55 29.57 57.35
N ALA S 192 -20.42 29.56 56.04
CA ALA S 192 -21.53 29.17 55.17
C ALA S 192 -21.06 28.18 54.11
N CYS S 193 -21.96 27.27 53.75
CA CYS S 193 -21.83 26.44 52.56
C CYS S 193 -22.96 26.79 51.61
N GLU S 194 -22.59 27.10 50.37
CA GLU S 194 -23.54 27.42 49.30
C GLU S 194 -23.59 26.25 48.33
N VAL S 195 -24.80 25.87 47.94
CA VAL S 195 -25.05 24.68 47.15
C VAL S 195 -25.81 25.08 45.89
N THR S 196 -25.32 24.60 44.75
CA THR S 196 -26.00 24.73 43.47
C THR S 196 -26.26 23.34 42.93
N HIS S 197 -27.44 23.15 42.36
CA HIS S 197 -27.85 21.87 41.81
C HIS S 197 -28.84 22.10 40.69
N GLN S 198 -28.83 21.19 39.73
CA GLN S 198 -29.66 21.36 38.54
C GLN S 198 -31.14 21.35 38.88
N GLY S 199 -31.50 20.81 40.05
CA GLY S 199 -32.86 20.86 40.53
C GLY S 199 -33.23 22.10 41.31
N LEU S 200 -32.30 23.04 41.48
CA LEU S 200 -32.54 24.24 42.25
C LEU S 200 -32.58 25.45 41.32
N SER S 201 -33.68 26.19 41.35
CA SER S 201 -33.76 27.40 40.53
C SER S 201 -32.79 28.47 41.01
N SER S 202 -32.54 28.54 42.31
CA SER S 202 -31.62 29.50 42.87
C SER S 202 -30.67 28.79 43.83
N PRO S 203 -29.45 29.30 44.00
CA PRO S 203 -28.52 28.67 44.94
C PRO S 203 -29.06 28.72 46.36
N VAL S 204 -28.77 27.66 47.12
CA VAL S 204 -29.18 27.57 48.51
C VAL S 204 -27.95 27.84 49.37
N THR S 205 -28.10 28.67 50.40
CA THR S 205 -26.99 29.05 51.26
C THR S 205 -27.39 28.79 52.70
N LYS S 206 -26.59 28.00 53.41
CA LYS S 206 -26.76 27.80 54.84
C LYS S 206 -25.54 28.38 55.57
N SER S 207 -25.78 28.99 56.71
CA SER S 207 -24.71 29.68 57.43
C SER S 207 -25.00 29.70 58.92
N PHE S 208 -23.93 29.82 59.69
CA PHE S 208 -24.04 30.01 61.14
C PHE S 208 -22.98 31.00 61.59
N ASN S 209 -23.16 31.51 62.81
CA ASN S 209 -22.18 32.38 63.44
C ASN S 209 -21.41 31.61 64.50
N ARG S 210 -20.10 31.80 64.51
CA ARG S 210 -19.25 31.11 65.48
C ARG S 210 -19.61 31.53 66.90
N GLY S 211 -19.97 30.55 67.72
CA GLY S 211 -20.38 30.79 69.08
C GLY S 211 -21.87 30.86 69.30
N GLU S 212 -22.65 31.18 68.27
CA GLU S 212 -24.10 31.25 68.40
C GLU S 212 -24.71 29.88 68.71
N GLN T 1 13.29 46.26 -42.17
CA GLN T 1 12.23 46.63 -43.08
C GLN T 1 11.63 45.41 -43.76
N VAL T 2 10.94 45.63 -44.88
CA VAL T 2 10.33 44.54 -45.62
C VAL T 2 11.41 43.70 -46.28
N GLN T 3 11.28 42.38 -46.20
CA GLN T 3 12.25 41.49 -46.81
C GLN T 3 11.54 40.30 -47.43
N LEU T 4 11.91 39.97 -48.67
CA LEU T 4 11.37 38.82 -49.40
C LEU T 4 12.52 37.99 -49.93
N VAL T 5 12.48 36.68 -49.74
CA VAL T 5 13.56 35.80 -50.13
C VAL T 5 12.99 34.69 -51.00
N GLU T 6 13.33 34.70 -52.29
CA GLU T 6 12.89 33.64 -53.19
C GLU T 6 13.86 32.47 -53.15
N SER T 7 13.32 31.28 -53.43
CA SER T 7 14.14 30.09 -53.53
C SER T 7 13.42 29.10 -54.41
N GLY T 8 14.17 28.12 -54.91
CA GLY T 8 13.61 27.05 -55.71
C GLY T 8 13.96 27.10 -57.17
N GLY T 9 14.58 28.18 -57.65
CA GLY T 9 14.90 28.27 -59.04
C GLY T 9 16.09 27.42 -59.42
N GLY T 10 16.17 27.09 -60.70
CA GLY T 10 17.29 26.29 -61.18
C GLY T 10 17.05 25.82 -62.60
N VAL T 11 17.78 24.79 -62.98
CA VAL T 11 17.68 24.18 -64.30
C VAL T 11 16.69 23.04 -64.24
N VAL T 12 15.77 23.00 -65.21
CA VAL T 12 14.74 21.97 -65.26
C VAL T 12 14.56 21.57 -66.71
N GLN T 13 14.39 20.26 -66.94
CA GLN T 13 14.16 19.78 -68.29
C GLN T 13 12.76 20.17 -68.73
N PRO T 14 12.56 20.39 -70.03
CA PRO T 14 11.22 20.72 -70.53
C PRO T 14 10.23 19.60 -70.24
N GLY T 15 9.02 19.98 -69.85
CA GLY T 15 7.98 19.04 -69.51
C GLY T 15 7.92 18.67 -68.05
N ARG T 16 8.97 18.93 -67.29
CA ARG T 16 8.98 18.63 -65.86
C ARG T 16 8.34 19.77 -65.08
N SER T 17 8.29 19.61 -63.76
CA SER T 17 7.65 20.58 -62.89
C SER T 17 8.67 21.16 -61.93
N LEU T 18 8.32 22.29 -61.33
CA LEU T 18 9.18 22.96 -60.37
C LEU T 18 8.32 23.86 -59.50
N ARG T 19 8.68 23.94 -58.22
CA ARG T 19 7.92 24.73 -57.25
C ARG T 19 8.82 25.82 -56.68
N LEU T 20 8.42 27.07 -56.88
CA LEU T 20 9.14 28.20 -56.33
C LEU T 20 8.47 28.63 -55.03
N SER T 21 9.29 29.11 -54.10
CA SER T 21 8.81 29.59 -52.82
C SER T 21 9.35 30.98 -52.55
N CYS T 22 8.63 31.71 -51.71
CA CYS T 22 8.97 33.09 -51.36
C CYS T 22 8.70 33.26 -49.88
N ALA T 23 9.76 33.45 -49.10
CA ALA T 23 9.65 33.66 -47.66
C ALA T 23 9.58 35.15 -47.39
N ALA T 24 8.58 35.57 -46.62
CA ALA T 24 8.33 36.97 -46.35
C ALA T 24 8.59 37.27 -44.89
N SER T 25 9.15 38.44 -44.62
CA SER T 25 9.38 38.89 -43.26
C SER T 25 9.42 40.41 -43.25
N GLY T 26 9.28 40.98 -42.05
CA GLY T 26 9.27 42.41 -41.90
C GLY T 26 7.89 43.04 -41.97
N PHE T 27 6.85 42.26 -42.23
CA PHE T 27 5.50 42.80 -42.30
C PHE T 27 4.52 41.66 -42.07
N THR T 28 3.26 42.01 -41.87
CA THR T 28 2.22 41.02 -41.67
C THR T 28 1.86 40.45 -43.03
N PHE T 29 2.40 39.27 -43.34
CA PHE T 29 2.22 38.69 -44.66
C PHE T 29 0.76 38.36 -44.93
N SER T 30 0.04 37.88 -43.92
CA SER T 30 -1.32 37.43 -44.12
C SER T 30 -2.31 38.56 -44.40
N ASN T 31 -1.89 39.81 -44.27
CA ASN T 31 -2.78 40.94 -44.49
C ASN T 31 -2.68 41.52 -45.89
N PHE T 32 -1.83 40.99 -46.75
CA PHE T 32 -1.57 41.59 -48.05
C PHE T 32 -1.68 40.56 -49.16
N GLY T 33 -2.20 40.99 -50.30
CA GLY T 33 -2.09 40.18 -51.50
C GLY T 33 -0.68 40.19 -52.06
N MET T 34 -0.40 39.23 -52.92
CA MET T 34 0.95 39.08 -53.45
C MET T 34 0.89 38.85 -54.96
N HIS T 35 1.97 39.25 -55.64
CA HIS T 35 2.17 39.00 -57.05
C HIS T 35 3.40 38.14 -57.27
N TRP T 36 3.37 37.39 -58.37
CA TRP T 36 4.57 36.85 -58.99
C TRP T 36 4.73 37.52 -60.34
N ILE T 37 5.90 38.10 -60.57
CA ILE T 37 6.21 38.77 -61.83
C ILE T 37 7.56 38.27 -62.29
N ARG T 38 7.67 37.99 -63.59
CA ARG T 38 8.91 37.47 -64.13
C ARG T 38 9.48 38.44 -65.15
N GLN T 39 10.79 38.35 -65.32
CA GLN T 39 11.54 39.19 -66.23
C GLN T 39 12.55 38.36 -67.00
N SER T 40 12.52 38.47 -68.32
CA SER T 40 13.46 37.78 -69.18
C SER T 40 13.99 38.77 -70.20
N PRO T 41 15.20 38.55 -70.71
CA PRO T 41 15.73 39.47 -71.74
C PRO T 41 14.90 39.48 -73.00
N GLY T 42 14.15 38.43 -73.29
CA GLY T 42 13.38 38.35 -74.50
C GLY T 42 12.01 38.98 -74.38
N LYS T 43 11.44 38.94 -73.18
CA LYS T 43 10.10 39.44 -72.95
C LYS T 43 10.03 40.63 -72.01
N GLY T 44 11.15 41.03 -71.41
CA GLY T 44 11.09 42.13 -70.46
C GLY T 44 10.34 41.76 -69.20
N LEU T 45 9.71 42.76 -68.61
CA LEU T 45 8.91 42.55 -67.40
C LEU T 45 7.53 42.03 -67.77
N GLU T 46 7.07 41.02 -67.03
CA GLU T 46 5.86 40.31 -67.38
C GLU T 46 5.17 39.82 -66.11
N TRP T 47 3.98 40.33 -65.85
CA TRP T 47 3.21 39.89 -64.69
C TRP T 47 2.76 38.44 -64.90
N VAL T 48 2.82 37.65 -63.84
CA VAL T 48 2.53 36.23 -63.91
C VAL T 48 1.24 35.88 -63.19
N ALA T 49 1.15 36.21 -61.90
CA ALA T 49 -0.01 35.82 -61.13
C ALA T 49 -0.20 36.78 -59.96
N ILE T 50 -1.43 36.77 -59.44
CA ILE T 50 -1.79 37.52 -58.24
C ILE T 50 -2.66 36.64 -57.38
N ILE T 51 -2.50 36.76 -56.06
CA ILE T 51 -3.30 36.03 -55.10
C ILE T 51 -3.77 36.98 -54.02
N TRP T 52 -5.01 36.80 -53.59
CA TRP T 52 -5.59 37.61 -52.54
C TRP T 52 -4.93 37.27 -51.20
N TYR T 53 -5.15 38.15 -50.22
CA TYR T 53 -4.56 37.95 -48.90
C TYR T 53 -5.04 36.64 -48.28
N ASP T 54 -6.28 36.27 -48.53
CA ASP T 54 -6.84 35.03 -48.01
C ASP T 54 -6.89 33.93 -49.04
N GLY T 55 -6.35 34.15 -50.24
CA GLY T 55 -6.38 33.14 -51.26
C GLY T 55 -7.70 32.96 -51.97
N SER T 56 -8.68 33.82 -51.72
CA SER T 56 -10.01 33.59 -52.27
C SER T 56 -10.05 33.85 -53.77
N ASN T 57 -9.29 34.82 -54.26
CA ASN T 57 -9.26 35.14 -55.68
C ASN T 57 -7.84 35.02 -56.19
N THR T 58 -7.66 34.34 -57.31
CA THR T 58 -6.38 34.21 -57.96
C THR T 58 -6.54 34.54 -59.43
N TYR T 59 -5.53 35.17 -60.01
CA TYR T 59 -5.52 35.47 -61.42
C TYR T 59 -4.16 35.15 -62.02
N TYR T 60 -4.16 34.81 -63.30
CA TYR T 60 -2.97 34.39 -64.02
C TYR T 60 -2.94 35.07 -65.38
N ALA T 61 -1.74 35.25 -65.91
CA ALA T 61 -1.61 35.73 -67.27
C ALA T 61 -2.06 34.65 -68.24
N ASP T 62 -2.49 35.08 -69.43
CA ASP T 62 -3.03 34.14 -70.42
C ASP T 62 -1.98 33.16 -70.90
N SER T 63 -0.72 33.58 -70.98
CA SER T 63 0.32 32.69 -71.49
C SER T 63 0.66 31.58 -70.50
N VAL T 64 0.27 31.71 -69.24
CA VAL T 64 0.56 30.72 -68.21
C VAL T 64 -0.69 30.12 -67.60
N LYS T 65 -1.87 30.60 -67.99
CA LYS T 65 -3.10 30.12 -67.38
C LYS T 65 -3.30 28.64 -67.66
N GLY T 66 -3.64 27.89 -66.62
CA GLY T 66 -3.81 26.47 -66.74
C GLY T 66 -2.58 25.63 -66.49
N ARG T 67 -1.40 26.24 -66.42
CA ARG T 67 -0.17 25.51 -66.17
C ARG T 67 0.47 25.85 -64.84
N PHE T 68 0.41 27.12 -64.44
CA PHE T 68 0.97 27.56 -63.17
C PHE T 68 -0.14 27.66 -62.12
N THR T 69 0.23 27.44 -60.87
CA THR T 69 -0.70 27.55 -59.75
C THR T 69 -0.03 28.33 -58.64
N ILE T 70 -0.63 29.46 -58.28
CA ILE T 70 -0.14 30.30 -57.19
C ILE T 70 -0.93 29.97 -55.93
N SER T 71 -0.23 29.89 -54.81
CA SER T 71 -0.87 29.59 -53.53
C SER T 71 -0.09 30.29 -52.43
N ARG T 72 -0.58 30.15 -51.20
CA ARG T 72 0.10 30.77 -50.08
C ARG T 72 -0.20 29.99 -48.82
N ASP T 73 0.71 30.10 -47.85
CA ASP T 73 0.61 29.45 -46.55
C ASP T 73 0.80 30.56 -45.51
N ASN T 74 -0.32 31.11 -45.04
CA ASN T 74 -0.28 32.19 -44.08
C ASN T 74 0.22 31.74 -42.72
N SER T 75 0.16 30.45 -42.42
CA SER T 75 0.73 29.97 -41.17
C SER T 75 2.25 29.96 -41.22
N LYS T 76 2.82 29.78 -42.42
CA LYS T 76 4.26 29.81 -42.62
C LYS T 76 4.75 31.12 -43.22
N ASN T 77 3.83 32.01 -43.59
CA ASN T 77 4.15 33.27 -44.25
C ASN T 77 4.95 33.03 -45.52
N THR T 78 4.48 32.09 -46.33
CA THR T 78 5.21 31.67 -47.51
C THR T 78 4.30 31.71 -48.72
N LEU T 79 4.81 32.24 -49.81
CA LEU T 79 4.10 32.27 -51.08
C LEU T 79 4.69 31.21 -52.01
N TYR T 80 3.84 30.47 -52.69
CA TYR T 80 4.27 29.37 -53.55
C TYR T 80 3.79 29.56 -54.97
N LEU T 81 4.56 29.02 -55.91
CA LEU T 81 4.18 28.98 -57.32
C LEU T 81 4.60 27.62 -57.87
N GLN T 82 3.62 26.75 -58.09
CA GLN T 82 3.85 25.44 -58.71
C GLN T 82 3.75 25.58 -60.22
N MET T 83 4.85 25.30 -60.92
CA MET T 83 4.93 25.43 -62.37
C MET T 83 5.01 24.05 -63.01
N ASN T 84 3.99 23.73 -63.81
CA ASN T 84 3.93 22.48 -64.55
C ASN T 84 4.03 22.75 -66.04
N SER T 85 4.47 21.73 -66.77
CA SER T 85 4.56 21.77 -68.24
C SER T 85 5.38 22.96 -68.72
N LEU T 86 6.58 23.10 -68.17
CA LEU T 86 7.42 24.25 -68.45
C LEU T 86 7.90 24.23 -69.90
N ARG T 87 7.92 25.41 -70.52
CA ARG T 87 8.45 25.56 -71.87
C ARG T 87 9.76 26.32 -71.82
N ALA T 88 10.47 26.30 -72.95
CA ALA T 88 11.79 26.93 -73.01
C ALA T 88 11.71 28.42 -72.77
N GLU T 89 10.66 29.06 -73.25
CA GLU T 89 10.50 30.50 -73.11
C GLU T 89 10.17 30.92 -71.69
N ASP T 90 9.93 29.97 -70.79
CA ASP T 90 9.69 30.30 -69.40
C ASP T 90 10.97 30.60 -68.62
N THR T 91 12.14 30.46 -69.24
CA THR T 91 13.37 30.83 -68.56
C THR T 91 13.39 32.33 -68.28
N ALA T 92 13.46 32.68 -66.99
CA ALA T 92 13.45 34.07 -66.57
C ALA T 92 13.78 34.14 -65.09
N VAL T 93 13.95 35.36 -64.61
CA VAL T 93 14.05 35.63 -63.18
C VAL T 93 12.65 35.92 -62.65
N TYR T 94 12.23 35.18 -61.64
CA TYR T 94 10.90 35.31 -61.06
C TYR T 94 11.00 36.03 -59.73
N TYR T 95 10.22 37.08 -59.56
CA TYR T 95 10.15 37.85 -58.33
C TYR T 95 8.78 37.68 -57.68
N CYS T 96 8.76 37.53 -56.37
CA CYS T 96 7.53 37.77 -55.62
C CYS T 96 7.48 39.22 -55.18
N ALA T 97 6.26 39.76 -55.07
CA ALA T 97 6.12 41.16 -54.73
C ALA T 97 4.88 41.37 -53.88
N LYS T 98 4.96 42.36 -52.99
CA LYS T 98 3.90 42.69 -52.05
C LYS T 98 3.08 43.85 -52.58
N VAL T 99 1.76 43.73 -52.52
CA VAL T 99 0.88 44.82 -52.90
C VAL T 99 0.97 45.92 -51.85
N TRP T 100 0.95 47.17 -52.32
CA TRP T 100 0.98 48.31 -51.41
C TRP T 100 -0.39 48.50 -50.75
N PHE T 101 -0.41 49.28 -49.68
CA PHE T 101 -1.65 49.63 -49.02
C PHE T 101 -2.24 50.91 -49.62
N GLY T 102 -3.55 50.88 -49.86
CA GLY T 102 -4.23 52.01 -50.45
C GLY T 102 -5.65 52.18 -49.96
N GLU T 103 -6.48 52.89 -50.73
CA GLU T 103 -7.87 53.11 -50.37
C GLU T 103 -8.74 51.98 -50.91
N SER T 104 -9.97 51.92 -50.41
CA SER T 104 -10.85 50.80 -50.69
C SER T 104 -11.25 50.71 -52.15
N GLU T 105 -11.38 51.84 -52.84
CA GLU T 105 -11.83 51.84 -54.22
C GLU T 105 -10.70 52.01 -55.22
N ASP T 106 -9.46 52.06 -54.77
CA ASP T 106 -8.34 52.20 -55.69
C ASP T 106 -8.02 50.88 -56.38
N ASN T 107 -7.33 50.97 -57.50
CA ASN T 107 -6.65 49.83 -58.08
C ASN T 107 -5.28 49.67 -57.44
N TYR T 108 -4.76 48.45 -57.48
CA TYR T 108 -3.60 48.06 -56.69
C TYR T 108 -2.51 47.46 -57.57
N SER T 109 -1.27 47.67 -57.15
CA SER T 109 -0.11 47.04 -57.75
C SER T 109 0.90 46.81 -56.62
N VAL T 110 2.17 46.62 -56.97
CA VAL T 110 3.17 46.19 -56.01
C VAL T 110 4.10 47.34 -55.70
N ASP T 111 4.59 47.37 -54.47
CA ASP T 111 5.53 48.39 -54.02
C ASP T 111 6.88 47.84 -53.62
N VAL T 112 6.95 46.62 -53.09
CA VAL T 112 8.19 46.01 -52.66
C VAL T 112 8.39 44.71 -53.41
N TRP T 113 9.53 44.58 -54.06
CA TRP T 113 9.89 43.38 -54.80
C TRP T 113 10.90 42.54 -54.02
N GLY T 114 10.85 41.23 -54.23
CA GLY T 114 11.80 40.33 -53.63
C GLY T 114 13.13 40.39 -54.34
N GLN T 115 14.02 39.49 -53.95
CA GLN T 115 15.36 39.45 -54.55
C GLN T 115 15.35 38.81 -55.92
N GLY T 116 14.50 37.82 -56.15
CA GLY T 116 14.43 37.18 -57.45
C GLY T 116 15.15 35.85 -57.50
N THR T 117 14.59 34.89 -58.22
CA THR T 117 15.21 33.59 -58.43
C THR T 117 15.13 33.21 -59.90
N THR T 118 16.23 32.67 -60.41
CA THR T 118 16.37 32.39 -61.83
C THR T 118 15.91 30.97 -62.13
N VAL T 119 15.12 30.82 -63.18
CA VAL T 119 14.63 29.53 -63.65
C VAL T 119 15.06 29.37 -65.09
N THR T 120 15.77 28.28 -65.39
CA THR T 120 16.29 28.02 -66.73
C THR T 120 15.72 26.70 -67.22
N VAL T 121 14.86 26.78 -68.24
CA VAL T 121 14.23 25.60 -68.84
C VAL T 121 14.99 25.26 -70.11
N SER T 122 15.74 24.16 -70.07
CA SER T 122 16.56 23.74 -71.20
C SER T 122 16.76 22.24 -71.12
N SER T 123 16.86 21.62 -72.29
CA SER T 123 17.13 20.19 -72.38
C SER T 123 18.62 19.88 -72.40
N ALA T 124 19.48 20.87 -72.20
CA ALA T 124 20.91 20.63 -72.20
C ALA T 124 21.33 19.92 -70.92
N SER T 125 22.31 19.02 -71.06
CA SER T 125 22.87 18.28 -69.94
C SER T 125 24.05 19.03 -69.34
N THR T 126 24.29 18.78 -68.05
CA THR T 126 25.42 19.40 -67.36
C THR T 126 26.72 19.01 -68.04
N LYS T 127 27.54 20.02 -68.34
CA LYS T 127 28.76 19.80 -69.12
C LYS T 127 29.79 20.85 -68.71
N GLY T 128 31.00 20.41 -68.46
CA GLY T 128 32.10 21.30 -68.14
C GLY T 128 32.55 22.07 -69.37
N PRO T 129 33.22 23.19 -69.15
CA PRO T 129 33.62 24.06 -70.26
C PRO T 129 34.92 23.64 -70.91
N SER T 130 35.10 24.10 -72.14
CA SER T 130 36.37 24.02 -72.84
C SER T 130 37.03 25.39 -72.80
N VAL T 131 38.26 25.46 -72.29
CA VAL T 131 38.98 26.70 -72.13
C VAL T 131 40.05 26.77 -73.21
N PHE T 132 39.93 27.74 -74.12
CA PHE T 132 40.90 27.92 -75.18
C PHE T 132 41.59 29.28 -75.06
N PRO T 133 42.88 29.35 -75.32
CA PRO T 133 43.60 30.62 -75.19
C PRO T 133 43.38 31.53 -76.39
N LEU T 134 43.21 32.81 -76.10
CA LEU T 134 43.20 33.87 -77.11
C LEU T 134 44.57 34.52 -77.06
N ALA T 135 45.49 33.99 -77.86
CA ALA T 135 46.91 34.32 -77.77
C ALA T 135 47.19 35.69 -78.38
N PRO T 136 47.92 36.55 -77.68
CA PRO T 136 48.28 37.85 -78.26
C PRO T 136 49.42 37.71 -79.26
N SER T 137 49.42 38.62 -80.22
CA SER T 137 50.46 38.67 -81.25
C SER T 137 50.53 40.09 -81.80
N SER T 138 51.19 40.24 -82.95
CA SER T 138 51.27 41.55 -83.60
C SER T 138 49.91 42.06 -84.04
N LYS T 139 48.97 41.14 -84.34
CA LYS T 139 47.65 41.55 -84.78
C LYS T 139 46.74 41.99 -83.62
N SER T 140 47.16 41.77 -82.38
CA SER T 140 46.44 42.22 -81.20
C SER T 140 47.29 43.16 -80.35
N THR T 141 48.06 44.04 -80.99
CA THR T 141 48.91 44.98 -80.30
C THR T 141 48.73 46.36 -80.92
N SER T 142 48.46 47.36 -80.07
CA SER T 142 48.34 48.76 -80.49
C SER T 142 49.18 49.60 -79.55
N GLY T 143 50.36 50.01 -80.01
CA GLY T 143 51.27 50.74 -79.15
C GLY T 143 51.91 49.81 -78.13
N GLY T 144 51.97 50.28 -76.89
CA GLY T 144 52.50 49.47 -75.82
C GLY T 144 51.51 48.59 -75.10
N THR T 145 50.29 48.45 -75.63
CA THR T 145 49.24 47.65 -75.01
C THR T 145 48.86 46.50 -75.94
N ALA T 146 48.79 45.29 -75.37
CA ALA T 146 48.37 44.11 -76.09
C ALA T 146 47.17 43.49 -75.37
N ALA T 147 46.43 42.65 -76.08
CA ALA T 147 45.25 42.00 -75.53
C ALA T 147 45.38 40.48 -75.67
N LEU T 148 45.04 39.79 -74.59
CA LEU T 148 44.99 38.33 -74.54
C LEU T 148 43.77 37.93 -73.75
N GLY T 149 43.40 36.66 -73.82
CA GLY T 149 42.23 36.24 -73.08
C GLY T 149 42.04 34.73 -73.08
N CYS T 150 40.87 34.33 -72.61
CA CYS T 150 40.46 32.93 -72.55
C CYS T 150 39.01 32.81 -73.00
N LEU T 151 38.75 31.82 -73.84
CA LEU T 151 37.40 31.53 -74.33
C LEU T 151 36.85 30.32 -73.58
N VAL T 152 35.72 30.53 -72.90
CA VAL T 152 35.09 29.49 -72.09
C VAL T 152 33.83 29.06 -72.83
N LYS T 153 33.94 27.94 -73.53
CA LYS T 153 32.96 27.52 -74.53
C LYS T 153 32.31 26.21 -74.10
N ASP T 154 31.01 26.08 -74.38
CA ASP T 154 30.30 24.81 -74.27
C ASP T 154 30.32 24.29 -72.83
N TYR T 155 29.69 25.05 -71.96
CA TYR T 155 29.51 24.67 -70.57
C TYR T 155 28.04 24.77 -70.20
N PHE T 156 27.66 24.00 -69.18
CA PHE T 156 26.28 24.02 -68.72
C PHE T 156 26.25 23.51 -67.29
N PRO T 157 25.50 24.15 -66.39
CA PRO T 157 24.77 25.39 -66.67
C PRO T 157 25.54 26.65 -66.25
N GLU T 158 24.83 27.77 -66.23
CA GLU T 158 25.39 28.98 -65.69
C GLU T 158 25.55 28.87 -64.17
N PRO T 159 26.48 29.62 -63.57
CA PRO T 159 27.44 30.52 -64.20
C PRO T 159 28.85 29.97 -64.16
N VAL T 160 29.80 30.72 -64.71
CA VAL T 160 31.23 30.43 -64.58
C VAL T 160 31.95 31.69 -64.14
N THR T 161 33.00 31.51 -63.35
CA THR T 161 33.85 32.62 -62.91
C THR T 161 35.21 32.52 -63.57
N VAL T 162 35.76 33.66 -63.95
CA VAL T 162 37.09 33.74 -64.57
C VAL T 162 37.92 34.72 -63.76
N SER T 163 39.12 34.29 -63.36
CA SER T 163 40.08 35.16 -62.71
C SER T 163 41.41 35.04 -63.43
N TRP T 164 42.30 35.99 -63.16
CA TRP T 164 43.62 36.02 -63.78
C TRP T 164 44.68 35.96 -62.70
N ASN T 165 45.62 35.03 -62.85
CA ASN T 165 46.70 34.82 -61.89
C ASN T 165 46.15 34.63 -60.47
N SER T 166 45.15 33.76 -60.35
CA SER T 166 44.50 33.45 -59.07
C SER T 166 43.92 34.69 -58.41
N GLY T 167 43.47 35.65 -59.21
CA GLY T 167 42.88 36.87 -58.70
C GLY T 167 43.85 38.02 -58.53
N ALA T 168 45.14 37.80 -58.75
CA ALA T 168 46.12 38.86 -58.58
C ALA T 168 46.04 39.90 -59.69
N LEU T 169 45.45 39.56 -60.84
CA LEU T 169 45.33 40.47 -61.97
C LEU T 169 43.85 40.79 -62.18
N THR T 170 43.46 42.01 -61.84
CA THR T 170 42.11 42.50 -62.07
C THR T 170 42.04 43.76 -62.89
N SER T 171 43.12 44.54 -62.97
CA SER T 171 43.12 45.77 -63.74
C SER T 171 43.07 45.45 -65.23
N GLY T 172 42.04 45.95 -65.90
CA GLY T 172 41.90 45.75 -67.34
C GLY T 172 41.22 44.46 -67.74
N VAL T 173 40.55 43.79 -66.82
CA VAL T 173 39.87 42.54 -67.11
C VAL T 173 38.44 42.84 -67.55
N HIS T 174 38.02 42.22 -68.64
CA HIS T 174 36.66 42.36 -69.16
C HIS T 174 36.11 40.96 -69.40
N THR T 175 35.19 40.53 -68.53
CA THR T 175 34.48 39.28 -68.70
C THR T 175 33.11 39.59 -69.30
N PHE T 176 32.89 39.10 -70.52
CA PHE T 176 31.66 39.42 -71.21
C PHE T 176 30.50 38.60 -70.65
N PRO T 177 29.27 39.13 -70.71
CA PRO T 177 28.11 38.34 -70.34
C PRO T 177 27.93 37.15 -71.28
N ALA T 178 27.47 36.05 -70.72
CA ALA T 178 27.28 34.85 -71.52
C ALA T 178 26.14 35.03 -72.49
N VAL T 179 26.24 34.34 -73.63
CA VAL T 179 25.20 34.32 -74.65
C VAL T 179 24.77 32.87 -74.84
N LEU T 180 23.48 32.66 -75.02
CA LEU T 180 22.93 31.34 -75.25
C LEU T 180 22.96 31.02 -76.74
N GLN T 181 23.56 29.88 -77.07
CA GLN T 181 23.72 29.46 -78.46
C GLN T 181 22.60 28.51 -78.87
N SER T 182 22.56 28.21 -80.16
CA SER T 182 21.55 27.32 -80.71
C SER T 182 21.65 25.91 -80.12
N SER T 183 22.83 25.52 -79.67
CA SER T 183 23.02 24.17 -79.14
C SER T 183 22.62 24.03 -77.68
N GLY T 184 22.12 25.09 -77.05
CA GLY T 184 21.80 25.04 -75.64
C GLY T 184 22.97 25.09 -74.70
N LEU T 185 24.19 25.27 -75.20
CA LEU T 185 25.37 25.38 -74.35
C LEU T 185 25.78 26.85 -74.27
N TYR T 186 26.27 27.25 -73.11
CA TYR T 186 26.68 28.63 -72.94
C TYR T 186 28.13 28.82 -73.35
N SER T 187 28.48 30.07 -73.62
CA SER T 187 29.84 30.40 -74.01
C SER T 187 30.09 31.88 -73.72
N LEU T 188 31.31 32.20 -73.31
CA LEU T 188 31.70 33.58 -73.07
C LEU T 188 33.20 33.71 -73.26
N SER T 189 33.67 34.95 -73.19
CA SER T 189 35.10 35.25 -73.28
C SER T 189 35.50 36.18 -72.15
N SER T 190 36.76 36.10 -71.76
CA SER T 190 37.35 36.99 -70.78
C SER T 190 38.68 37.49 -71.34
N VAL T 191 38.86 38.81 -71.35
CA VAL T 191 40.03 39.43 -71.97
C VAL T 191 40.72 40.33 -70.96
N VAL T 192 41.99 40.59 -71.22
CA VAL T 192 42.79 41.46 -70.37
C VAL T 192 43.84 42.14 -71.24
N THR T 193 44.08 43.42 -70.97
CA THR T 193 45.11 44.22 -71.64
C THR T 193 46.36 44.26 -70.77
N VAL T 194 47.50 43.99 -71.38
CA VAL T 194 48.77 43.91 -70.66
C VAL T 194 49.80 44.75 -71.40
N PRO T 195 50.83 45.21 -70.70
CA PRO T 195 51.92 45.91 -71.38
C PRO T 195 52.64 44.99 -72.36
N SER T 196 52.79 45.48 -73.60
CA SER T 196 53.44 44.69 -74.63
C SER T 196 54.89 44.38 -74.25
N SER T 197 55.53 45.27 -73.51
CA SER T 197 56.91 45.06 -73.08
C SER T 197 57.04 43.94 -72.07
N SER T 198 55.94 43.41 -71.55
CA SER T 198 55.96 42.35 -70.56
C SER T 198 55.76 40.97 -71.17
N LEU T 199 55.41 40.89 -72.45
CA LEU T 199 55.19 39.60 -73.09
C LEU T 199 56.47 38.78 -73.11
N GLY T 200 56.33 37.46 -72.97
CA GLY T 200 57.45 36.55 -72.94
C GLY T 200 58.13 36.38 -71.60
N THR T 201 57.95 37.32 -70.67
CA THR T 201 58.56 37.20 -69.34
C THR T 201 57.56 37.04 -68.22
N GLN T 202 56.47 37.80 -68.22
CA GLN T 202 55.44 37.67 -67.21
C GLN T 202 54.49 36.54 -67.58
N THR T 203 54.21 35.67 -66.62
CA THR T 203 53.33 34.52 -66.84
C THR T 203 51.90 34.92 -66.56
N TYR T 204 51.00 34.61 -67.51
CA TYR T 204 49.59 34.90 -67.40
C TYR T 204 48.79 33.61 -67.50
N ILE T 205 47.98 33.32 -66.48
CA ILE T 205 47.15 32.13 -66.43
C ILE T 205 45.73 32.57 -66.09
N CYS T 206 44.77 32.07 -66.85
CA CYS T 206 43.36 32.31 -66.58
C CYS T 206 42.78 31.13 -65.81
N ASN T 207 42.03 31.44 -64.76
CA ASN T 207 41.43 30.44 -63.87
C ASN T 207 39.93 30.45 -64.08
N VAL T 208 39.43 29.42 -64.78
CA VAL T 208 38.01 29.24 -65.03
C VAL T 208 37.45 28.27 -64.01
N ASN T 209 36.35 28.64 -63.38
CA ASN T 209 35.69 27.82 -62.37
C ASN T 209 34.21 27.67 -62.69
N HIS T 210 33.73 26.43 -62.58
CA HIS T 210 32.34 26.06 -62.89
C HIS T 210 31.87 25.17 -61.74
N LYS T 211 31.23 25.80 -60.75
CA LYS T 211 30.78 25.08 -59.56
C LYS T 211 29.81 23.94 -59.84
N PRO T 212 28.83 24.07 -60.74
CA PRO T 212 27.90 22.94 -60.95
C PRO T 212 28.59 21.64 -61.33
N SER T 213 29.73 21.69 -62.00
CA SER T 213 30.47 20.50 -62.37
C SER T 213 31.78 20.37 -61.60
N ASN T 214 32.06 21.30 -60.68
CA ASN T 214 33.30 21.30 -59.91
C ASN T 214 34.52 21.40 -60.81
N THR T 215 34.39 22.13 -61.92
CA THR T 215 35.46 22.28 -62.88
C THR T 215 36.35 23.45 -62.48
N LYS T 216 37.66 23.21 -62.45
CA LYS T 216 38.66 24.25 -62.24
C LYS T 216 39.76 24.06 -63.27
N VAL T 217 39.96 25.05 -64.13
CA VAL T 217 40.94 24.97 -65.21
C VAL T 217 41.82 26.19 -65.15
N ASP T 218 43.14 25.97 -65.10
CA ASP T 218 44.14 27.03 -65.20
C ASP T 218 44.80 26.90 -66.56
N LYS T 219 44.46 27.80 -67.48
CA LYS T 219 44.97 27.78 -68.84
C LYS T 219 46.00 28.89 -68.98
N LYS T 220 47.22 28.53 -69.40
CA LYS T 220 48.25 29.51 -69.68
C LYS T 220 48.10 30.01 -71.11
N VAL T 221 48.20 31.33 -71.29
CA VAL T 221 48.08 31.97 -72.60
C VAL T 221 49.46 32.46 -72.98
N GLU T 222 50.04 31.89 -74.02
CA GLU T 222 51.36 32.32 -74.44
C GLU T 222 51.29 33.03 -75.80
N PRO T 223 52.15 34.01 -76.03
CA PRO T 223 52.16 34.71 -77.32
C PRO T 223 52.72 33.80 -78.42
N LYS T 224 52.49 34.24 -79.66
CA LYS T 224 53.00 33.51 -80.82
C LYS T 224 54.13 34.28 -81.49
N ASP U 1 -5.63 43.24 -74.71
CA ASP U 1 -4.29 43.41 -74.16
C ASP U 1 -3.79 44.83 -74.38
N ILE U 2 -3.67 45.59 -73.28
CA ILE U 2 -3.27 46.98 -73.37
C ILE U 2 -1.79 47.05 -73.73
N GLN U 3 -1.48 47.75 -74.83
CA GLN U 3 -0.11 47.94 -75.25
C GLN U 3 0.48 49.17 -74.58
N MET U 4 1.72 49.05 -74.11
CA MET U 4 2.45 50.14 -73.50
C MET U 4 3.69 50.45 -74.32
N THR U 5 4.04 51.73 -74.39
CA THR U 5 5.19 52.17 -75.18
C THR U 5 5.91 53.30 -74.44
N GLN U 6 7.22 53.15 -74.29
CA GLN U 6 8.05 54.12 -73.58
C GLN U 6 9.00 54.80 -74.57
N SER U 7 9.21 56.10 -74.38
CA SER U 7 10.16 56.83 -75.19
C SER U 7 11.01 57.76 -74.32
N PRO U 8 12.29 57.92 -74.64
CA PRO U 8 12.99 57.17 -75.69
C PRO U 8 13.45 55.81 -75.20
N SER U 9 13.90 54.93 -76.11
CA SER U 9 14.44 53.65 -75.68
C SER U 9 15.76 53.84 -74.96
N THR U 10 16.60 54.74 -75.46
CA THR U 10 17.89 55.05 -74.84
C THR U 10 18.05 56.56 -74.82
N LEU U 11 18.49 57.11 -73.68
CA LEU U 11 18.73 58.53 -73.54
C LEU U 11 20.10 58.75 -72.92
N SER U 12 21.00 59.37 -73.67
CA SER U 12 22.31 59.76 -73.15
C SER U 12 22.17 61.08 -72.42
N THR U 13 22.52 61.09 -71.13
CA THR U 13 22.32 62.27 -70.30
C THR U 13 23.45 62.38 -69.29
N SER U 14 23.51 63.53 -68.63
CA SER U 14 24.58 63.84 -67.70
C SER U 14 23.98 64.25 -66.37
N VAL U 15 24.81 64.16 -65.33
CA VAL U 15 24.38 64.55 -63.98
C VAL U 15 24.00 66.02 -63.98
N GLY U 16 22.81 66.31 -63.43
CA GLY U 16 22.30 67.66 -63.38
C GLY U 16 21.35 68.02 -64.50
N ASP U 17 21.22 67.16 -65.50
CA ASP U 17 20.33 67.44 -66.62
C ASP U 17 18.88 67.28 -66.20
N ARG U 18 17.98 67.93 -66.94
CA ARG U 18 16.56 67.73 -66.80
C ARG U 18 16.11 66.64 -67.76
N VAL U 19 15.57 65.56 -67.21
CA VAL U 19 15.22 64.36 -67.98
C VAL U 19 13.70 64.23 -68.01
N THR U 20 13.16 63.97 -69.19
CA THR U 20 11.73 63.73 -69.36
C THR U 20 11.55 62.49 -70.23
N ILE U 21 10.85 61.49 -69.70
CA ILE U 21 10.53 60.27 -70.44
C ILE U 21 9.01 60.16 -70.55
N THR U 22 8.55 59.56 -71.64
CA THR U 22 7.13 59.46 -71.94
C THR U 22 6.70 58.00 -71.99
N CYS U 23 5.40 57.79 -71.78
CA CYS U 23 4.81 56.46 -71.72
C CYS U 23 3.37 56.57 -72.21
N ARG U 24 2.99 55.68 -73.13
CA ARG U 24 1.69 55.73 -73.77
C ARG U 24 1.02 54.37 -73.72
N ALA U 25 -0.30 54.39 -73.52
CA ALA U 25 -1.13 53.20 -73.45
C ALA U 25 -1.99 53.10 -74.70
N SER U 26 -2.28 51.86 -75.10
CA SER U 26 -3.09 51.65 -76.30
C SER U 26 -4.53 52.12 -76.12
N GLN U 27 -5.01 52.21 -74.89
CA GLN U 27 -6.36 52.73 -74.63
C GLN U 27 -6.32 53.51 -73.33
N SER U 28 -7.45 54.16 -73.02
CA SER U 28 -7.52 55.01 -71.84
C SER U 28 -7.44 54.16 -70.58
N ILE U 29 -6.49 54.50 -69.71
CA ILE U 29 -6.30 53.83 -68.43
C ILE U 29 -6.54 54.79 -67.26
N SER U 30 -7.19 55.93 -67.53
CA SER U 30 -7.44 56.97 -66.52
C SER U 30 -6.08 57.40 -65.96
N ASN U 31 -5.88 57.37 -64.65
CA ASN U 31 -4.60 57.73 -64.03
C ASN U 31 -3.88 56.53 -63.43
N TRP U 32 -4.32 55.31 -63.72
CA TRP U 32 -3.78 54.10 -63.11
C TRP U 32 -2.48 53.71 -63.82
N LEU U 33 -1.43 54.50 -63.55
CA LEU U 33 -0.11 54.24 -64.09
C LEU U 33 0.92 54.38 -62.98
N ALA U 34 1.84 53.42 -62.90
CA ALA U 34 2.90 53.43 -61.91
C ALA U 34 4.26 53.46 -62.60
N TRP U 35 5.25 54.04 -61.91
CA TRP U 35 6.62 54.11 -62.39
C TRP U 35 7.54 53.35 -61.44
N TYR U 36 8.35 52.45 -61.99
CA TYR U 36 9.29 51.63 -61.24
C TYR U 36 10.70 51.85 -61.75
N GLN U 37 11.66 51.90 -60.82
CA GLN U 37 13.08 51.98 -61.15
C GLN U 37 13.75 50.65 -60.84
N GLN U 38 14.62 50.21 -61.74
CA GLN U 38 15.36 48.97 -61.58
C GLN U 38 16.82 49.17 -61.96
N LYS U 39 17.72 48.83 -61.04
CA LYS U 39 19.12 48.85 -61.42
C LYS U 39 19.56 47.47 -61.90
N PRO U 40 20.53 47.41 -62.80
CA PRO U 40 20.95 46.12 -63.34
C PRO U 40 21.48 45.21 -62.25
N GLY U 41 21.11 43.92 -62.33
CA GLY U 41 21.48 42.98 -61.30
C GLY U 41 20.93 43.31 -59.94
N LYS U 42 19.78 43.98 -59.88
CA LYS U 42 19.21 44.44 -58.63
C LYS U 42 17.69 44.42 -58.76
N ALA U 43 17.02 44.37 -57.62
CA ALA U 43 15.57 44.28 -57.64
C ALA U 43 14.93 45.62 -57.98
N PRO U 44 13.76 45.61 -58.62
CA PRO U 44 13.07 46.86 -58.93
C PRO U 44 12.59 47.58 -57.67
N LYS U 45 12.51 48.89 -57.76
CA LYS U 45 12.08 49.73 -56.66
C LYS U 45 10.94 50.62 -57.13
N LEU U 46 9.94 50.77 -56.27
CA LEU U 46 8.77 51.59 -56.60
C LEU U 46 9.11 53.08 -56.50
N LEU U 47 8.78 53.82 -57.54
CA LEU U 47 8.97 55.27 -57.53
C LEU U 47 7.68 56.06 -57.38
N ILE U 48 6.68 55.80 -58.22
CA ILE U 48 5.46 56.59 -58.26
C ILE U 48 4.27 55.68 -58.50
N TYR U 49 3.16 55.95 -57.80
CA TYR U 49 1.89 55.32 -58.09
C TYR U 49 0.84 56.41 -58.30
N LYS U 50 -0.32 55.98 -58.82
CA LYS U 50 -1.40 56.89 -59.22
C LYS U 50 -0.89 57.99 -60.13
N ALA U 51 0.16 57.69 -60.91
CA ALA U 51 0.71 58.56 -61.94
C ALA U 51 1.37 59.82 -61.37
N SER U 52 1.02 60.21 -60.15
CA SER U 52 1.58 61.45 -59.61
C SER U 52 1.82 61.41 -58.10
N THR U 53 1.69 60.27 -57.44
CA THR U 53 1.93 60.18 -56.00
C THR U 53 3.34 59.69 -55.74
N LEU U 54 4.07 60.45 -54.93
CA LEU U 54 5.45 60.12 -54.63
C LEU U 54 5.52 59.09 -53.50
N GLU U 55 6.26 58.02 -53.73
CA GLU U 55 6.48 57.01 -52.70
C GLU U 55 7.31 57.61 -51.57
N SER U 56 7.04 57.16 -50.35
CA SER U 56 7.81 57.62 -49.20
C SER U 56 9.28 57.27 -49.39
N GLY U 57 10.14 58.25 -49.13
CA GLY U 57 11.57 58.09 -49.34
C GLY U 57 12.09 58.54 -50.68
N VAL U 58 11.21 58.85 -51.62
CA VAL U 58 11.64 59.27 -52.96
C VAL U 58 11.94 60.77 -52.94
N PRO U 59 13.11 61.19 -53.42
CA PRO U 59 13.45 62.61 -53.40
C PRO U 59 12.49 63.43 -54.24
N SER U 60 12.37 64.71 -53.90
CA SER U 60 11.39 65.60 -54.52
C SER U 60 11.76 65.95 -55.96
N ARG U 61 12.97 65.62 -56.41
CA ARG U 61 13.37 65.90 -57.78
C ARG U 61 12.64 65.04 -58.80
N PHE U 62 11.82 64.09 -58.36
CA PHE U 62 10.99 63.29 -59.26
C PHE U 62 9.60 63.90 -59.32
N SER U 63 9.03 63.91 -60.52
CA SER U 63 7.68 64.44 -60.68
C SER U 63 6.99 63.71 -61.83
N GLY U 64 5.68 63.60 -61.72
CA GLY U 64 4.89 62.98 -62.77
C GLY U 64 3.92 63.94 -63.42
N SER U 65 3.51 63.62 -64.64
CA SER U 65 2.58 64.45 -65.38
C SER U 65 1.87 63.57 -66.40
N GLY U 66 0.69 64.01 -66.82
CA GLY U 66 0.00 63.30 -67.87
C GLY U 66 -1.40 62.84 -67.51
N SER U 67 -2.23 62.59 -68.52
CA SER U 67 -3.59 62.15 -68.28
C SER U 67 -4.15 61.55 -69.57
N GLY U 68 -5.06 60.60 -69.40
CA GLY U 68 -5.65 59.91 -70.52
C GLY U 68 -4.81 58.72 -70.95
N THR U 69 -4.02 58.94 -72.00
CA THR U 69 -3.18 57.90 -72.60
C THR U 69 -1.71 58.26 -72.65
N GLU U 70 -1.35 59.52 -72.35
CA GLU U 70 0.02 59.98 -72.38
C GLU U 70 0.45 60.46 -71.00
N PHE U 71 1.58 59.94 -70.53
CA PHE U 71 2.13 60.29 -69.23
C PHE U 71 3.61 60.51 -69.38
N THR U 72 4.15 61.37 -68.52
CA THR U 72 5.57 61.70 -68.53
C THR U 72 6.11 61.68 -67.10
N LEU U 73 7.36 61.26 -66.99
CA LEU U 73 8.13 61.31 -65.75
C LEU U 73 9.31 62.27 -65.94
N THR U 74 9.48 63.18 -64.99
CA THR U 74 10.50 64.21 -65.09
C THR U 74 11.42 64.15 -63.87
N ILE U 75 12.72 64.18 -64.14
CA ILE U 75 13.76 64.35 -63.11
C ILE U 75 14.38 65.72 -63.33
N SER U 76 14.21 66.60 -62.36
CA SER U 76 14.65 67.98 -62.52
C SER U 76 16.17 68.07 -62.61
N SER U 77 16.89 67.31 -61.79
CA SER U 77 18.35 67.33 -61.80
C SER U 77 18.85 65.91 -61.56
N LEU U 78 19.42 65.30 -62.60
CA LEU U 78 19.85 63.91 -62.53
C LEU U 78 21.04 63.78 -61.59
N GLN U 79 21.05 62.70 -60.83
CA GLN U 79 22.11 62.36 -59.90
C GLN U 79 22.65 60.97 -60.21
N PRO U 80 23.90 60.69 -59.83
CA PRO U 80 24.52 59.42 -60.24
C PRO U 80 23.79 58.18 -59.76
N ASP U 81 23.05 58.29 -58.66
CA ASP U 81 22.27 57.14 -58.19
C ASP U 81 21.06 56.86 -59.07
N ASP U 82 20.68 57.79 -59.94
CA ASP U 82 19.49 57.64 -60.77
C ASP U 82 19.77 56.95 -62.09
N PHE U 83 21.00 56.53 -62.36
CA PHE U 83 21.31 55.81 -63.58
C PHE U 83 20.81 54.37 -63.46
N ALA U 84 19.65 54.11 -64.06
CA ALA U 84 18.98 52.82 -63.95
C ALA U 84 17.96 52.74 -65.07
N THR U 85 17.22 51.64 -65.12
CA THR U 85 16.16 51.46 -66.10
C THR U 85 14.81 51.77 -65.46
N TYR U 86 13.99 52.53 -66.17
CA TYR U 86 12.71 53.01 -65.65
C TYR U 86 11.58 52.42 -66.49
N TYR U 87 10.65 51.75 -65.81
CA TYR U 87 9.49 51.13 -66.45
C TYR U 87 8.21 51.81 -66.01
N CYS U 88 7.32 52.05 -66.95
CA CYS U 88 5.96 52.43 -66.60
C CYS U 88 5.07 51.19 -66.65
N GLN U 89 3.96 51.24 -65.93
CA GLN U 89 3.08 50.08 -65.82
C GLN U 89 1.64 50.53 -65.62
N GLN U 90 0.78 50.14 -66.54
CA GLN U 90 -0.66 50.29 -66.35
C GLN U 90 -1.19 49.19 -65.46
N TYR U 91 -2.12 49.54 -64.57
CA TYR U 91 -2.80 48.58 -63.74
C TYR U 91 -4.30 48.84 -63.75
N SER U 92 -4.82 49.17 -64.94
CA SER U 92 -6.26 49.33 -65.15
C SER U 92 -6.93 48.01 -65.49
N SER U 93 -6.25 47.15 -66.22
CA SER U 93 -6.77 45.83 -66.59
C SER U 93 -5.60 44.87 -66.55
N TYR U 94 -5.53 44.06 -65.50
CA TYR U 94 -4.36 43.22 -65.22
C TYR U 94 -3.14 44.14 -65.11
N TRP U 95 -1.97 43.66 -65.52
CA TRP U 95 -0.73 44.40 -65.33
C TRP U 95 0.21 44.11 -66.50
N THR U 96 0.60 45.16 -67.20
CA THR U 96 1.54 45.06 -68.32
C THR U 96 2.58 46.16 -68.17
N PHE U 97 3.83 45.81 -68.45
CA PHE U 97 4.94 46.73 -68.33
C PHE U 97 5.36 47.25 -69.69
N GLY U 98 5.93 48.45 -69.72
CA GLY U 98 6.55 48.96 -70.91
C GLY U 98 7.89 48.30 -71.19
N GLN U 99 8.46 48.62 -72.34
CA GLN U 99 9.74 48.03 -72.72
C GLN U 99 10.88 48.55 -71.86
N GLY U 100 10.73 49.70 -71.22
CA GLY U 100 11.76 50.22 -70.37
C GLY U 100 12.67 51.24 -71.03
N THR U 101 13.06 52.25 -70.28
CA THR U 101 14.01 53.26 -70.74
C THR U 101 15.25 53.18 -69.86
N LYS U 102 16.41 52.99 -70.48
CA LYS U 102 17.68 52.92 -69.77
C LYS U 102 18.36 54.28 -69.87
N LEU U 103 18.67 54.86 -68.71
CA LEU U 103 19.40 56.12 -68.65
C LEU U 103 20.90 55.86 -68.71
N GLU U 104 21.54 56.33 -69.77
CA GLU U 104 22.95 56.09 -70.02
C GLU U 104 23.77 57.31 -69.67
N ILE U 105 25.01 57.06 -69.23
CA ILE U 105 25.92 58.13 -68.84
C ILE U 105 26.52 58.70 -70.12
N LYS U 106 26.18 59.96 -70.41
CA LYS U 106 26.70 60.61 -71.61
C LYS U 106 28.14 61.07 -71.37
N ARG U 107 29.00 60.82 -72.35
CA ARG U 107 30.39 61.24 -72.28
C ARG U 107 30.86 61.60 -73.68
N THR U 108 32.12 62.00 -73.77
CA THR U 108 32.70 62.36 -75.06
C THR U 108 32.92 61.13 -75.93
N VAL U 109 33.09 61.35 -77.22
CA VAL U 109 33.26 60.28 -78.17
C VAL U 109 34.65 59.69 -78.04
N ALA U 110 34.73 58.35 -78.02
CA ALA U 110 36.01 57.65 -77.98
C ALA U 110 35.95 56.51 -79.00
N ALA U 111 36.91 56.49 -79.91
CA ALA U 111 36.93 55.47 -80.95
C ALA U 111 37.37 54.13 -80.36
N PRO U 112 36.85 53.02 -80.89
CA PRO U 112 37.21 51.70 -80.37
C PRO U 112 38.60 51.26 -80.78
N SER U 113 39.21 50.45 -79.92
CA SER U 113 40.41 49.70 -80.29
C SER U 113 39.99 48.31 -80.75
N VAL U 114 40.47 47.91 -81.92
CA VAL U 114 40.01 46.68 -82.56
C VAL U 114 41.13 45.64 -82.52
N PHE U 115 40.80 44.45 -82.03
CA PHE U 115 41.74 43.33 -81.99
C PHE U 115 41.03 42.09 -82.52
N ILE U 116 41.78 41.23 -83.20
CA ILE U 116 41.23 39.99 -83.74
C ILE U 116 42.07 38.82 -83.24
N PHE U 117 41.40 37.70 -82.96
CA PHE U 117 42.03 36.48 -82.50
C PHE U 117 41.57 35.30 -83.36
N PRO U 118 42.49 34.52 -83.92
CA PRO U 118 42.10 33.35 -84.71
C PRO U 118 41.82 32.14 -83.82
N PRO U 119 41.17 31.12 -84.37
CA PRO U 119 40.95 29.89 -83.60
C PRO U 119 42.26 29.19 -83.25
N SER U 120 42.31 28.62 -82.05
CA SER U 120 43.47 27.88 -81.62
C SER U 120 43.55 26.55 -82.37
N ASP U 121 44.77 26.00 -82.45
CA ASP U 121 44.96 24.71 -83.09
C ASP U 121 44.27 23.59 -82.33
N GLU U 122 44.12 23.73 -81.01
CA GLU U 122 43.45 22.69 -80.24
C GLU U 122 41.96 22.66 -80.58
N GLN U 123 41.34 23.83 -80.71
CA GLN U 123 39.93 23.88 -81.07
C GLN U 123 39.72 23.37 -82.49
N LEU U 124 40.66 23.70 -83.39
CA LEU U 124 40.59 23.16 -84.75
C LEU U 124 40.70 21.63 -84.72
N LYS U 125 41.53 21.10 -83.82
CA LYS U 125 41.59 19.65 -83.65
C LYS U 125 40.28 19.11 -83.08
N SER U 126 39.55 19.93 -82.32
CA SER U 126 38.29 19.50 -81.75
C SER U 126 37.14 19.54 -82.73
N GLY U 127 37.32 20.16 -83.90
CA GLY U 127 36.30 20.19 -84.93
C GLY U 127 35.56 21.50 -85.07
N THR U 128 35.90 22.52 -84.30
CA THR U 128 35.25 23.82 -84.37
C THR U 128 36.29 24.92 -84.51
N ALA U 129 35.85 26.05 -85.05
CA ALA U 129 36.73 27.21 -85.25
C ALA U 129 35.99 28.47 -84.82
N SER U 130 36.45 29.09 -83.73
CA SER U 130 35.88 30.36 -83.28
C SER U 130 36.87 31.49 -83.54
N VAL U 131 36.40 32.52 -84.22
CA VAL U 131 37.19 33.73 -84.48
C VAL U 131 36.57 34.88 -83.69
N VAL U 132 37.40 35.64 -83.01
CA VAL U 132 36.94 36.65 -82.06
C VAL U 132 37.43 38.00 -82.51
N CYS U 133 36.50 38.96 -82.61
CA CYS U 133 36.81 40.35 -82.91
C CYS U 133 36.41 41.17 -81.68
N LEU U 134 37.33 42.00 -81.19
CA LEU U 134 37.13 42.74 -79.95
C LEU U 134 37.17 44.24 -80.22
N LEU U 135 36.16 44.95 -79.73
CA LEU U 135 36.12 46.40 -79.74
C LEU U 135 36.21 46.88 -78.29
N ASN U 136 37.28 47.61 -77.98
CA ASN U 136 37.60 47.99 -76.61
C ASN U 136 37.45 49.50 -76.43
N ASN U 137 36.76 49.89 -75.35
CA ASN U 137 36.75 51.27 -74.87
C ASN U 137 36.27 52.23 -75.95
N PHE U 138 34.97 52.11 -76.27
CA PHE U 138 34.35 52.95 -77.27
C PHE U 138 33.05 53.54 -76.73
N TYR U 139 32.67 54.68 -77.31
CA TYR U 139 31.42 55.35 -77.01
C TYR U 139 31.07 56.23 -78.18
N PRO U 140 29.80 56.33 -78.59
CA PRO U 140 28.60 55.67 -78.03
C PRO U 140 28.51 54.19 -78.36
N ARG U 141 27.38 53.59 -77.99
CA ARG U 141 27.22 52.14 -78.08
C ARG U 141 26.98 51.66 -79.50
N GLU U 142 26.42 52.50 -80.37
CA GLU U 142 26.08 52.05 -81.72
C GLU U 142 27.34 51.80 -82.52
N ALA U 143 27.47 50.60 -83.07
CA ALA U 143 28.59 50.23 -83.92
C ALA U 143 28.17 49.08 -84.81
N LYS U 144 28.90 48.90 -85.91
CA LYS U 144 28.64 47.82 -86.85
C LYS U 144 29.91 47.01 -87.05
N VAL U 145 29.79 45.69 -86.95
CA VAL U 145 30.88 44.75 -87.17
C VAL U 145 30.45 43.81 -88.28
N GLN U 146 31.22 43.80 -89.37
CA GLN U 146 30.94 42.93 -90.51
C GLN U 146 32.07 41.93 -90.67
N TRP U 147 31.72 40.66 -90.75
CA TRP U 147 32.70 39.60 -90.99
C TRP U 147 32.83 39.37 -92.48
N LYS U 148 34.07 39.28 -92.96
CA LYS U 148 34.35 39.02 -94.37
C LYS U 148 35.32 37.86 -94.48
N VAL U 149 34.91 36.84 -95.23
CA VAL U 149 35.71 35.64 -95.47
C VAL U 149 35.96 35.58 -96.96
N ASP U 150 37.20 35.82 -97.38
CA ASP U 150 37.54 35.99 -98.79
C ASP U 150 36.64 37.03 -99.45
N ASN U 151 36.50 38.18 -98.79
CA ASN U 151 35.75 39.34 -99.28
C ASN U 151 34.27 39.06 -99.44
N ALA U 152 33.74 38.05 -98.75
CA ALA U 152 32.32 37.72 -98.81
C ALA U 152 31.72 37.99 -97.43
N LEU U 153 30.68 38.81 -97.40
CA LEU U 153 30.04 39.17 -96.14
C LEU U 153 29.30 37.98 -95.55
N GLN U 154 29.46 37.78 -94.25
CA GLN U 154 28.81 36.70 -93.53
C GLN U 154 27.53 37.21 -92.85
N SER U 155 26.59 36.30 -92.67
CA SER U 155 25.32 36.63 -92.02
C SER U 155 24.73 35.38 -91.40
N GLY U 156 24.32 35.49 -90.15
CA GLY U 156 23.67 34.39 -89.45
C GLY U 156 24.58 33.38 -88.82
N ASN U 157 25.90 33.62 -88.83
CA ASN U 157 26.84 32.67 -88.24
C ASN U 157 27.74 33.35 -87.21
N SER U 158 27.33 34.51 -86.70
CA SER U 158 28.10 35.26 -85.73
C SER U 158 27.18 35.66 -84.58
N GLN U 159 27.79 35.92 -83.42
CA GLN U 159 27.05 36.38 -82.25
C GLN U 159 27.83 37.48 -81.56
N GLU U 160 27.12 38.48 -81.05
CA GLU U 160 27.72 39.64 -80.42
C GLU U 160 27.38 39.68 -78.94
N SER U 161 28.29 40.21 -78.14
CA SER U 161 28.07 40.39 -76.72
C SER U 161 28.63 41.75 -76.30
N VAL U 162 27.88 42.46 -75.46
CA VAL U 162 28.25 43.80 -75.02
C VAL U 162 28.24 43.84 -73.50
N THR U 163 29.28 44.46 -72.94
CA THR U 163 29.34 44.67 -71.50
C THR U 163 28.50 45.89 -71.11
N GLU U 164 28.22 45.99 -69.82
CA GLU U 164 27.60 47.19 -69.28
C GLU U 164 28.63 48.32 -69.22
N GLN U 165 28.13 49.53 -68.98
CA GLN U 165 29.01 50.69 -68.87
C GLN U 165 29.99 50.49 -67.71
N ASP U 166 31.27 50.64 -68.01
CA ASP U 166 32.30 50.47 -67.00
C ASP U 166 32.13 51.49 -65.88
N SER U 167 32.31 51.02 -64.65
CA SER U 167 32.12 51.88 -63.49
C SER U 167 33.14 53.00 -63.43
N LYS U 168 34.33 52.78 -64.00
CA LYS U 168 35.40 53.76 -63.89
C LYS U 168 35.35 54.83 -64.97
N ASP U 169 35.09 54.45 -66.23
CA ASP U 169 35.14 55.42 -67.32
C ASP U 169 33.93 55.37 -68.25
N SER U 170 32.91 54.58 -67.93
CA SER U 170 31.63 54.61 -68.65
C SER U 170 31.78 54.25 -70.12
N THR U 171 32.73 53.39 -70.44
CA THR U 171 32.95 52.95 -71.82
C THR U 171 32.33 51.58 -72.04
N TYR U 172 32.21 51.22 -73.32
CA TYR U 172 31.70 49.92 -73.72
C TYR U 172 32.82 49.04 -74.27
N SER U 173 32.58 47.74 -74.20
CA SER U 173 33.39 46.74 -74.89
C SER U 173 32.45 45.76 -75.58
N LEU U 174 32.85 45.31 -76.77
CA LEU U 174 32.02 44.43 -77.58
C LEU U 174 32.84 43.26 -78.08
N SER U 175 32.27 42.07 -78.02
CA SER U 175 32.88 40.86 -78.57
C SER U 175 31.98 40.31 -79.67
N SER U 176 32.60 39.94 -80.80
CA SER U 176 31.91 39.26 -81.88
C SER U 176 32.57 37.90 -82.10
N THR U 177 31.78 36.84 -82.10
CA THR U 177 32.28 35.48 -82.23
C THR U 177 31.74 34.86 -83.50
N LEU U 178 32.64 34.54 -84.44
CA LEU U 178 32.30 33.81 -85.65
C LEU U 178 32.62 32.33 -85.45
N THR U 179 31.61 31.48 -85.61
CA THR U 179 31.74 30.05 -85.37
C THR U 179 31.60 29.30 -86.70
N LEU U 180 32.55 28.42 -86.98
CA LEU U 180 32.53 27.64 -88.22
C LEU U 180 33.04 26.23 -87.95
N SER U 181 32.64 25.32 -88.83
CA SER U 181 33.18 23.96 -88.81
C SER U 181 34.63 23.97 -89.28
N LYS U 182 35.36 22.92 -88.89
CA LYS U 182 36.76 22.80 -89.29
C LYS U 182 36.91 22.77 -90.81
N ALA U 183 35.97 22.12 -91.50
CA ALA U 183 36.05 22.06 -92.95
C ALA U 183 35.73 23.41 -93.59
N ASP U 184 34.69 24.09 -93.10
CA ASP U 184 34.38 25.42 -93.59
C ASP U 184 35.52 26.39 -93.30
N TYR U 185 36.11 26.29 -92.11
CA TYR U 185 37.19 27.21 -91.74
C TYR U 185 38.44 26.97 -92.59
N GLU U 186 38.78 25.71 -92.85
CA GLU U 186 39.97 25.39 -93.62
C GLU U 186 39.74 25.47 -95.12
N LYS U 187 38.53 25.76 -95.57
CA LYS U 187 38.24 25.96 -96.98
C LYS U 187 38.41 27.40 -97.41
N HIS U 188 39.05 28.24 -96.60
CA HIS U 188 39.28 29.63 -96.96
C HIS U 188 40.61 30.07 -96.36
N LYS U 189 41.02 31.29 -96.72
CA LYS U 189 42.33 31.80 -96.36
C LYS U 189 42.25 33.05 -95.50
N VAL U 190 41.59 34.11 -95.97
CA VAL U 190 41.61 35.40 -95.30
C VAL U 190 40.34 35.55 -94.48
N TYR U 191 40.50 36.03 -93.24
CA TYR U 191 39.40 36.23 -92.31
C TYR U 191 39.52 37.62 -91.70
N ALA U 192 38.51 38.46 -91.93
CA ALA U 192 38.56 39.84 -91.51
C ALA U 192 37.28 40.24 -90.78
N CYS U 193 37.42 41.13 -89.81
CA CYS U 193 36.29 41.85 -89.23
C CYS U 193 36.49 43.33 -89.49
N GLU U 194 35.47 43.96 -90.08
CA GLU U 194 35.45 45.38 -90.38
C GLU U 194 34.50 46.07 -89.41
N VAL U 195 34.95 47.20 -88.84
CA VAL U 195 34.24 47.89 -87.79
C VAL U 195 33.99 49.32 -88.25
N THR U 196 32.74 49.77 -88.10
CA THR U 196 32.35 51.15 -88.32
C THR U 196 31.72 51.70 -87.05
N HIS U 197 32.06 52.95 -86.73
CA HIS U 197 31.56 53.60 -85.54
C HIS U 197 31.51 55.10 -85.78
N GLN U 198 30.55 55.76 -85.13
CA GLN U 198 30.33 57.18 -85.36
C GLN U 198 31.53 58.02 -84.93
N GLY U 199 32.41 57.47 -84.10
CA GLY U 199 33.64 58.15 -83.75
C GLY U 199 34.79 57.89 -84.70
N LEU U 200 34.57 57.11 -85.75
CA LEU U 200 35.60 56.77 -86.73
C LEU U 200 35.26 57.45 -88.05
N SER U 201 36.20 58.25 -88.57
CA SER U 201 35.98 58.89 -89.86
C SER U 201 35.96 57.87 -91.00
N SER U 202 36.73 56.80 -90.89
CA SER U 202 36.77 55.75 -91.90
C SER U 202 36.66 54.40 -91.23
N PRO U 203 36.10 53.40 -91.92
CA PRO U 203 36.01 52.07 -91.33
C PRO U 203 37.37 51.48 -91.04
N VAL U 204 37.45 50.72 -89.95
CA VAL U 204 38.67 50.03 -89.54
C VAL U 204 38.54 48.56 -89.91
N THR U 205 39.58 47.98 -90.49
CA THR U 205 39.54 46.60 -90.94
C THR U 205 40.73 45.86 -90.36
N LYS U 206 40.46 44.76 -89.65
CA LYS U 206 41.50 43.86 -89.19
C LYS U 206 41.31 42.51 -89.88
N SER U 207 42.42 41.87 -90.23
CA SER U 207 42.35 40.63 -91.00
C SER U 207 43.57 39.77 -90.71
N PHE U 208 43.40 38.46 -90.91
CA PHE U 208 44.52 37.54 -90.82
C PHE U 208 44.40 36.49 -91.91
N ASN U 209 45.50 35.79 -92.16
CA ASN U 209 45.54 34.68 -93.09
C ASN U 209 45.56 33.37 -92.34
N ARG U 210 44.80 32.39 -92.84
CA ARG U 210 44.73 31.09 -92.19
C ARG U 210 46.10 30.43 -92.14
N GLY U 211 46.55 30.09 -90.93
CA GLY U 211 47.86 29.54 -90.71
C GLY U 211 48.90 30.54 -90.24
N GLU U 212 48.71 31.82 -90.53
CA GLU U 212 49.64 32.85 -90.10
C GLU U 212 49.64 32.98 -88.58
N GLN V 1 -34.74 8.21 -32.27
CA GLN V 1 -34.16 9.41 -32.85
C GLN V 1 -33.71 10.35 -31.76
N VAL V 2 -33.52 11.62 -32.12
CA VAL V 2 -33.09 12.63 -31.16
C VAL V 2 -34.22 12.91 -30.19
N GLN V 3 -33.89 12.99 -28.91
CA GLN V 3 -34.90 13.27 -27.89
C GLN V 3 -34.34 14.23 -26.85
N LEU V 4 -35.13 15.23 -26.50
CA LEU V 4 -34.79 16.21 -25.47
C LEU V 4 -35.92 16.30 -24.47
N VAL V 5 -35.60 16.25 -23.18
CA VAL V 5 -36.59 16.24 -22.13
C VAL V 5 -36.26 17.35 -21.15
N GLU V 6 -37.11 18.37 -21.09
CA GLU V 6 -36.94 19.46 -20.15
C GLU V 6 -37.59 19.11 -18.83
N SER V 7 -37.06 19.67 -17.75
CA SER V 7 -37.67 19.50 -16.44
C SER V 7 -37.27 20.68 -15.57
N GLY V 8 -38.02 20.88 -14.49
CA GLY V 8 -37.71 21.93 -13.54
C GLY V 8 -38.66 23.10 -13.56
N GLY V 9 -39.55 23.17 -14.53
CA GLY V 9 -40.45 24.30 -14.62
C GLY V 9 -41.56 24.26 -13.58
N GLY V 10 -42.14 25.43 -13.34
CA GLY V 10 -43.22 25.53 -12.38
C GLY V 10 -43.56 26.98 -12.09
N VAL V 11 -44.24 27.17 -10.97
CA VAL V 11 -44.65 28.50 -10.53
C VAL V 11 -43.60 29.05 -9.59
N VAL V 12 -43.19 30.29 -9.82
CA VAL V 12 -42.17 30.94 -9.00
C VAL V 12 -42.56 32.40 -8.79
N GLN V 13 -42.38 32.90 -7.57
CA GLN V 13 -42.66 34.29 -7.30
C GLN V 13 -41.63 35.19 -7.94
N PRO V 14 -42.01 36.41 -8.32
CA PRO V 14 -41.02 37.34 -8.89
C PRO V 14 -39.92 37.63 -7.90
N GLY V 15 -38.70 37.71 -8.41
CA GLY V 15 -37.53 37.94 -7.62
C GLY V 15 -36.82 36.68 -7.17
N ARG V 16 -37.49 35.54 -7.20
CA ARG V 16 -36.87 34.28 -6.83
C ARG V 16 -36.12 33.70 -8.02
N SER V 17 -35.51 32.54 -7.82
CA SER V 17 -34.70 31.89 -8.83
C SER V 17 -35.30 30.54 -9.20
N LEU V 18 -34.87 30.01 -10.34
CA LEU V 18 -35.36 28.72 -10.80
C LEU V 18 -34.34 28.14 -11.76
N ARG V 19 -34.14 26.83 -11.69
CA ARG V 19 -33.15 26.15 -12.51
C ARG V 19 -33.83 25.12 -13.40
N LEU V 20 -33.72 25.31 -14.71
CA LEU V 20 -34.26 24.37 -15.67
C LEU V 20 -33.16 23.44 -16.15
N SER V 21 -33.53 22.21 -16.45
CA SER V 21 -32.60 21.22 -16.98
C SER V 21 -33.17 20.59 -18.23
N CYS V 22 -32.29 20.08 -19.07
CA CYS V 22 -32.66 19.48 -20.35
C CYS V 22 -31.79 18.25 -20.53
N ALA V 23 -32.41 17.09 -20.48
CA ALA V 23 -31.72 15.82 -20.67
C ALA V 23 -31.78 15.43 -22.13
N ALA V 24 -30.63 15.12 -22.70
CA ALA V 24 -30.52 14.81 -24.13
C ALA V 24 -30.16 13.35 -24.32
N SER V 25 -30.72 12.76 -25.36
CA SER V 25 -30.41 11.39 -25.72
C SER V 25 -30.68 11.20 -27.20
N GLY V 26 -30.11 10.13 -27.75
CA GLY V 26 -30.25 9.86 -29.16
C GLY V 26 -29.15 10.44 -30.02
N PHE V 27 -28.22 11.18 -29.43
CA PHE V 27 -27.10 11.75 -30.18
C PHE V 27 -25.99 12.06 -29.21
N THR V 28 -24.81 12.37 -29.76
CA THR V 28 -23.67 12.72 -28.93
C THR V 28 -23.88 14.15 -28.47
N PHE V 29 -24.32 14.31 -27.23
CA PHE V 29 -24.66 15.63 -26.73
C PHE V 29 -23.45 16.53 -26.67
N SER V 30 -22.30 15.98 -26.30
CA SER V 30 -21.11 16.80 -26.11
C SER V 30 -20.55 17.35 -27.40
N ASN V 31 -21.04 16.91 -28.55
CA ASN V 31 -20.51 17.39 -29.82
C ASN V 31 -21.31 18.54 -30.40
N PHE V 32 -22.37 18.99 -29.74
CA PHE V 32 -23.26 19.98 -30.33
C PHE V 32 -23.51 21.14 -29.38
N GLY V 33 -23.59 22.34 -29.94
CA GLY V 33 -24.08 23.47 -29.18
C GLY V 33 -25.58 23.39 -28.97
N MET V 34 -26.06 24.16 -28.01
CA MET V 34 -27.46 24.12 -27.63
C MET V 34 -28.00 25.53 -27.48
N HIS V 35 -29.30 25.66 -27.68
CA HIS V 35 -30.04 26.89 -27.46
C HIS V 35 -31.10 26.66 -26.40
N TRP V 36 -31.43 27.73 -25.69
CA TRP V 36 -32.67 27.83 -24.96
C TRP V 36 -33.51 28.90 -25.64
N ILE V 37 -34.73 28.55 -26.01
CA ILE V 37 -35.62 29.48 -26.67
C ILE V 37 -36.96 29.41 -25.95
N ARG V 38 -37.56 30.57 -25.73
CA ARG V 38 -38.81 30.65 -25.00
C ARG V 38 -39.90 31.21 -25.90
N GLN V 39 -41.13 30.87 -25.54
CA GLN V 39 -42.31 31.27 -26.27
C GLN V 39 -43.37 31.72 -25.28
N SER V 40 -43.87 32.93 -25.49
CA SER V 40 -44.94 33.48 -24.68
C SER V 40 -45.99 34.08 -25.60
N PRO V 41 -47.24 34.12 -25.16
CA PRO V 41 -48.29 34.71 -26.00
C PRO V 41 -48.09 36.18 -26.31
N GLY V 42 -47.37 36.91 -25.49
CA GLY V 42 -47.21 38.34 -25.70
C GLY V 42 -46.08 38.69 -26.64
N LYS V 43 -45.03 37.88 -26.65
CA LYS V 43 -43.85 38.15 -27.46
C LYS V 43 -43.61 37.10 -28.53
N GLY V 44 -44.40 36.05 -28.59
CA GLY V 44 -44.11 35.02 -29.57
C GLY V 44 -42.84 34.27 -29.24
N LEU V 45 -42.15 33.83 -30.28
CA LEU V 45 -40.91 33.10 -30.12
C LEU V 45 -39.76 34.08 -29.88
N GLU V 46 -38.90 33.73 -28.92
CA GLU V 46 -37.87 34.63 -28.43
C GLU V 46 -36.65 33.82 -28.04
N TRP V 47 -35.54 34.03 -28.72
CA TRP V 47 -34.31 33.33 -28.36
C TRP V 47 -33.78 33.85 -27.03
N VAL V 48 -33.28 32.94 -26.19
CA VAL V 48 -32.84 33.24 -24.84
C VAL V 48 -31.33 33.15 -24.70
N ALA V 49 -30.75 32.00 -25.01
CA ALA V 49 -29.31 31.80 -24.80
C ALA V 49 -28.78 30.74 -25.75
N ILE V 50 -27.46 30.77 -25.95
CA ILE V 50 -26.74 29.76 -26.73
C ILE V 50 -25.46 29.41 -26.02
N ILE V 51 -25.07 28.14 -26.10
CA ILE V 51 -23.83 27.67 -25.51
C ILE V 51 -23.08 26.81 -26.51
N TRP V 52 -21.76 26.96 -26.53
CA TRP V 52 -20.88 26.20 -27.39
C TRP V 52 -20.82 24.75 -26.92
N TYR V 53 -20.29 23.89 -27.77
CA TYR V 53 -20.21 22.47 -27.43
C TYR V 53 -19.36 22.25 -26.19
N ASP V 54 -18.31 23.04 -26.01
CA ASP V 54 -17.44 22.91 -24.85
C ASP V 54 -17.72 23.96 -23.79
N GLY V 55 -18.74 24.80 -23.98
CA GLY V 55 -19.02 25.82 -23.01
C GLY V 55 -18.11 27.02 -23.04
N SER V 56 -17.22 27.11 -24.01
CA SER V 56 -16.24 28.19 -23.97
C SER V 56 -16.88 29.53 -24.27
N ASN V 57 -17.85 29.58 -25.17
CA ASN V 57 -18.53 30.82 -25.51
C ASN V 57 -20.02 30.66 -25.25
N THR V 58 -20.61 31.64 -24.60
CA THR V 58 -22.03 31.69 -24.34
C THR V 58 -22.54 33.07 -24.75
N TYR V 59 -23.77 33.11 -25.24
CA TYR V 59 -24.38 34.37 -25.62
C TYR V 59 -25.81 34.41 -25.12
N TYR V 60 -26.29 35.61 -24.85
CA TYR V 60 -27.60 35.81 -24.26
C TYR V 60 -28.31 36.93 -24.98
N ALA V 61 -29.63 36.89 -24.96
CA ALA V 61 -30.42 38.00 -25.44
C ALA V 61 -30.28 39.19 -24.50
N ASP V 62 -30.49 40.37 -25.06
CA ASP V 62 -30.30 41.60 -24.30
C ASP V 62 -31.26 41.71 -23.13
N SER V 63 -32.48 41.20 -23.29
CA SER V 63 -33.47 41.32 -22.23
C SER V 63 -33.17 40.43 -21.03
N VAL V 64 -32.27 39.45 -21.16
CA VAL V 64 -31.95 38.54 -20.07
C VAL V 64 -30.51 38.61 -19.64
N LYS V 65 -29.69 39.42 -20.29
CA LYS V 65 -28.27 39.44 -19.97
C LYS V 65 -28.05 39.88 -18.53
N GLY V 66 -27.20 39.14 -17.82
CA GLY V 66 -26.94 39.43 -16.44
C GLY V 66 -27.83 38.74 -15.43
N ARG V 67 -28.92 38.12 -15.87
CA ARG V 67 -29.82 37.43 -14.96
C ARG V 67 -29.87 35.94 -15.17
N PHE V 68 -29.79 35.48 -16.41
CA PHE V 68 -29.82 34.06 -16.74
C PHE V 68 -28.41 33.55 -16.96
N THR V 69 -28.19 32.29 -16.63
CA THR V 69 -26.91 31.65 -16.84
C THR V 69 -27.15 30.28 -17.45
N ILE V 70 -26.62 30.07 -18.63
CA ILE V 70 -26.70 28.79 -19.34
C ILE V 70 -25.41 28.02 -19.10
N SER V 71 -25.54 26.73 -18.86
CA SER V 71 -24.38 25.89 -18.62
C SER V 71 -24.69 24.50 -19.11
N ARG V 72 -23.70 23.62 -19.03
CA ARG V 72 -23.91 22.25 -19.48
C ARG V 72 -22.98 21.33 -18.72
N ASP V 73 -23.39 20.07 -18.63
CA ASP V 73 -22.62 19.01 -17.98
C ASP V 73 -22.52 17.89 -19.00
N ASN V 74 -21.44 17.87 -19.76
CA ASN V 74 -21.24 16.88 -20.79
C ASN V 74 -21.03 15.48 -20.23
N SER V 75 -20.61 15.38 -18.97
CA SER V 75 -20.50 14.06 -18.36
C SER V 75 -21.86 13.48 -18.05
N LYS V 76 -22.85 14.33 -17.79
CA LYS V 76 -24.22 13.91 -17.52
C LYS V 76 -25.12 14.10 -18.73
N ASN V 77 -24.61 14.69 -19.81
CA ASN V 77 -25.39 15.01 -21.00
C ASN V 77 -26.60 15.85 -20.66
N THR V 78 -26.37 16.89 -19.86
CA THR V 78 -27.46 17.71 -19.34
C THR V 78 -27.19 19.18 -19.60
N LEU V 79 -28.21 19.89 -20.05
CA LEU V 79 -28.12 21.33 -20.25
C LEU V 79 -28.91 22.02 -19.13
N TYR V 80 -28.34 23.09 -18.58
CA TYR V 80 -28.93 23.79 -17.44
C TYR V 80 -29.15 25.25 -17.78
N LEU V 81 -30.17 25.84 -17.16
CA LEU V 81 -30.43 27.28 -17.25
C LEU V 81 -30.85 27.77 -15.88
N GLN V 82 -29.94 28.47 -15.19
CA GLN V 82 -30.22 29.09 -13.91
C GLN V 82 -30.76 30.49 -14.14
N MET V 83 -32.00 30.73 -13.73
CA MET V 83 -32.68 32.00 -13.93
C MET V 83 -32.83 32.71 -12.60
N ASN V 84 -32.20 33.87 -12.47
CA ASN V 84 -32.29 34.69 -11.27
C ASN V 84 -33.03 35.99 -11.56
N SER V 85 -33.59 36.56 -10.50
CA SER V 85 -34.27 37.86 -10.55
C SER V 85 -35.36 37.88 -11.62
N LEU V 86 -36.24 36.87 -11.56
CA LEU V 86 -37.28 36.72 -12.57
C LEU V 86 -38.29 37.84 -12.49
N ARG V 87 -38.71 38.32 -13.65
CA ARG V 87 -39.76 39.31 -13.78
C ARG V 87 -41.01 38.68 -14.36
N ALA V 88 -42.10 39.44 -14.31
CA ALA V 88 -43.39 38.91 -14.76
C ALA V 88 -43.36 38.53 -16.22
N GLU V 89 -42.65 39.29 -17.05
CA GLU V 89 -42.63 39.00 -18.48
C GLU V 89 -41.82 37.77 -18.83
N ASP V 90 -41.11 37.17 -17.88
CA ASP V 90 -40.41 35.92 -18.16
C ASP V 90 -41.31 34.70 -18.13
N THR V 91 -42.59 34.82 -17.81
CA THR V 91 -43.47 33.68 -17.88
C THR V 91 -43.59 33.19 -19.32
N ALA V 92 -43.18 31.96 -19.57
CA ALA V 92 -43.21 31.43 -20.93
C ALA V 92 -42.94 29.93 -20.87
N VAL V 93 -43.08 29.29 -22.03
CA VAL V 93 -42.63 27.93 -22.23
C VAL V 93 -41.21 27.97 -22.78
N TYR V 94 -40.30 27.30 -22.09
CA TYR V 94 -38.88 27.28 -22.46
C TYR V 94 -38.52 25.95 -23.11
N TYR V 95 -37.91 26.02 -24.29
CA TYR V 95 -37.45 24.85 -25.02
C TYR V 95 -35.93 24.84 -25.08
N CYS V 96 -35.33 23.67 -24.90
CA CYS V 96 -33.95 23.47 -25.31
C CYS V 96 -33.94 22.96 -26.74
N ALA V 97 -32.88 23.30 -27.46
CA ALA V 97 -32.81 22.95 -28.86
C ALA V 97 -31.37 22.65 -29.25
N LYS V 98 -31.22 21.74 -30.21
CA LYS V 98 -29.93 21.28 -30.69
C LYS V 98 -29.57 22.01 -31.98
N VAL V 99 -28.33 22.49 -32.05
CA VAL V 99 -27.84 23.11 -33.26
C VAL V 99 -27.63 22.04 -34.32
N TRP V 100 -27.94 22.36 -35.58
CA TRP V 100 -27.73 21.41 -36.65
C TRP V 100 -26.26 21.33 -37.01
N PHE V 101 -25.91 20.28 -37.75
CA PHE V 101 -24.56 20.11 -38.27
C PHE V 101 -24.47 20.79 -39.63
N GLY V 102 -23.41 21.54 -39.85
CA GLY V 102 -23.22 22.26 -41.09
C GLY V 102 -21.77 22.40 -41.50
N GLU V 103 -21.48 23.38 -42.35
CA GLU V 103 -20.12 23.63 -42.80
C GLU V 103 -19.43 24.58 -41.84
N SER V 104 -18.10 24.65 -41.97
CA SER V 104 -17.31 25.39 -41.01
C SER V 104 -17.58 26.88 -41.08
N GLU V 105 -17.90 27.42 -42.24
CA GLU V 105 -18.08 28.86 -42.39
C GLU V 105 -19.55 29.28 -42.44
N ASP V 106 -20.48 28.35 -42.29
CA ASP V 106 -21.90 28.68 -42.30
C ASP V 106 -22.32 29.31 -40.98
N ASN V 107 -23.45 29.99 -41.00
CA ASN V 107 -24.19 30.37 -39.81
C ASN V 107 -25.08 29.23 -39.34
N TYR V 108 -25.41 29.25 -38.05
CA TYR V 108 -26.03 28.11 -37.39
C TYR V 108 -27.30 28.49 -36.66
N SER V 109 -28.23 27.56 -36.60
CA SER V 109 -29.45 27.64 -35.80
C SER V 109 -29.78 26.23 -35.33
N VAL V 110 -31.03 26.01 -34.93
CA VAL V 110 -31.42 24.77 -34.28
C VAL V 110 -32.28 23.95 -35.22
N ASP V 111 -32.17 22.63 -35.11
CA ASP V 111 -32.96 21.73 -35.95
C ASP V 111 -33.92 20.85 -35.17
N VAL V 112 -33.57 20.48 -33.94
CA VAL V 112 -34.42 19.63 -33.10
C VAL V 112 -34.72 20.39 -31.83
N TRP V 113 -36.00 20.52 -31.51
CA TRP V 113 -36.44 21.21 -30.30
C TRP V 113 -36.87 20.19 -29.26
N GLY V 114 -36.71 20.58 -28.00
CA GLY V 114 -37.14 19.74 -26.91
C GLY V 114 -38.65 19.78 -26.74
N GLN V 115 -39.12 19.16 -25.67
CA GLN V 115 -40.55 19.10 -25.42
C GLN V 115 -41.09 20.41 -24.84
N GLY V 116 -40.31 21.11 -24.06
CA GLY V 116 -40.75 22.37 -23.49
C GLY V 116 -41.20 22.23 -22.06
N THR V 117 -40.89 23.21 -21.23
CA THR V 117 -41.32 23.26 -19.84
C THR V 117 -41.84 24.66 -19.55
N THR V 118 -42.94 24.73 -18.81
CA THR V 118 -43.64 25.98 -18.58
C THR V 118 -43.13 26.64 -17.31
N VAL V 119 -42.85 27.94 -17.38
CA VAL V 119 -42.43 28.72 -16.24
C VAL V 119 -43.42 29.86 -16.07
N THR V 120 -44.01 29.98 -14.88
CA THR V 120 -45.02 30.98 -14.58
C THR V 120 -44.53 31.85 -13.42
N VAL V 121 -44.26 33.12 -13.71
CA VAL V 121 -43.79 34.08 -12.71
C VAL V 121 -44.97 34.90 -12.24
N SER V 122 -45.42 34.64 -11.01
CA SER V 122 -46.57 35.33 -10.43
C SER V 122 -46.45 35.27 -8.92
N SER V 123 -46.94 36.33 -8.27
CA SER V 123 -46.98 36.38 -6.81
C SER V 123 -48.27 35.78 -6.24
N ALA V 124 -49.10 35.18 -7.08
CA ALA V 124 -50.34 34.59 -6.60
C ALA V 124 -50.07 33.29 -5.85
N SER V 125 -50.87 33.04 -4.81
CA SER V 125 -50.79 31.81 -4.03
C SER V 125 -51.71 30.75 -4.61
N THR V 126 -51.36 29.49 -4.35
CA THR V 126 -52.17 28.38 -4.83
C THR V 126 -53.58 28.47 -4.27
N LYS V 127 -54.57 28.37 -5.16
CA LYS V 127 -55.97 28.60 -4.78
C LYS V 127 -56.86 27.77 -5.68
N GLY V 128 -57.81 27.06 -5.08
CA GLY V 128 -58.78 26.31 -5.82
C GLY V 128 -59.79 27.21 -6.51
N PRO V 129 -60.47 26.67 -7.51
CA PRO V 129 -61.38 27.49 -8.32
C PRO V 129 -62.76 27.61 -7.70
N SER V 130 -63.47 28.64 -8.12
CA SER V 130 -64.89 28.79 -7.82
C SER V 130 -65.68 28.40 -9.07
N VAL V 131 -66.58 27.44 -8.92
CA VAL V 131 -67.37 26.92 -10.04
C VAL V 131 -68.78 27.48 -9.94
N PHE V 132 -69.18 28.26 -10.93
CA PHE V 132 -70.51 28.82 -10.96
C PHE V 132 -71.28 28.32 -12.18
N PRO V 133 -72.56 28.01 -12.03
CA PRO V 133 -73.35 27.50 -13.16
C PRO V 133 -73.77 28.61 -14.12
N LEU V 134 -73.69 28.29 -15.41
CA LEU V 134 -74.24 29.13 -16.47
C LEU V 134 -75.56 28.48 -16.88
N ALA V 135 -76.63 28.92 -16.22
CA ALA V 135 -77.93 28.27 -16.28
C ALA V 135 -78.63 28.56 -17.61
N PRO V 136 -79.13 27.55 -18.30
CA PRO V 136 -79.89 27.76 -19.53
C PRO V 136 -81.30 28.25 -19.23
N SER V 137 -81.85 29.00 -20.19
CA SER V 137 -83.21 29.50 -20.08
C SER V 137 -83.76 29.78 -21.47
N SER V 138 -84.86 30.51 -21.54
CA SER V 138 -85.46 30.90 -22.82
C SER V 138 -84.54 31.81 -23.62
N LYS V 139 -83.69 32.59 -22.97
CA LYS V 139 -82.79 33.51 -23.67
C LYS V 139 -81.58 32.80 -24.26
N SER V 140 -81.36 31.53 -23.94
CA SER V 140 -80.29 30.73 -24.51
C SER V 140 -80.85 29.50 -25.22
N THR V 141 -81.98 29.67 -25.90
CA THR V 141 -82.63 28.58 -26.62
C THR V 141 -83.03 29.07 -28.00
N SER V 142 -82.64 28.31 -29.02
CA SER V 142 -83.02 28.59 -30.41
C SER V 142 -83.52 27.28 -31.00
N GLY V 143 -84.84 27.14 -31.11
CA GLY V 143 -85.40 25.87 -31.55
C GLY V 143 -85.31 24.82 -30.47
N GLY V 144 -84.91 23.62 -30.86
CA GLY V 144 -84.73 22.52 -29.95
C GLY V 144 -83.36 22.41 -29.31
N THR V 145 -82.52 23.43 -29.45
CA THR V 145 -81.17 23.42 -28.88
C THR V 145 -81.03 24.52 -27.84
N ALA V 146 -80.48 24.16 -26.68
CA ALA V 146 -80.20 25.08 -25.60
C ALA V 146 -78.72 24.99 -25.23
N ALA V 147 -78.23 26.03 -24.56
CA ALA V 147 -76.85 26.08 -24.14
C ALA V 147 -76.76 26.28 -22.63
N LEU V 148 -75.88 25.50 -22.00
CA LEU V 148 -75.61 25.61 -20.58
C LEU V 148 -74.11 25.43 -20.38
N GLY V 149 -73.63 25.76 -19.19
CA GLY V 149 -72.21 25.63 -18.97
C GLY V 149 -71.82 25.82 -17.52
N CYS V 150 -70.51 25.94 -17.32
CA CYS V 150 -69.92 26.17 -16.01
C CYS V 150 -68.81 27.19 -16.17
N LEU V 151 -68.78 28.17 -15.26
CA LEU V 151 -67.73 29.19 -15.22
C LEU V 151 -66.76 28.85 -14.10
N VAL V 152 -65.50 28.66 -14.46
CA VAL V 152 -64.45 28.27 -13.53
C VAL V 152 -63.57 29.50 -13.31
N LYS V 153 -63.80 30.20 -12.21
CA LYS V 153 -63.27 31.54 -11.99
C LYS V 153 -62.33 31.57 -10.79
N ASP V 154 -61.29 32.39 -10.90
CA ASP V 154 -60.43 32.76 -9.78
C ASP V 154 -59.71 31.55 -9.19
N TYR V 155 -58.87 30.95 -10.02
CA TYR V 155 -58.01 29.86 -9.61
C TYR V 155 -56.58 30.16 -10.02
N PHE V 156 -55.65 29.53 -9.30
CA PHE V 156 -54.23 29.67 -9.58
C PHE V 156 -53.53 28.48 -8.95
N PRO V 157 -52.57 27.85 -9.64
CA PRO V 157 -52.21 28.17 -11.02
C PRO V 157 -52.89 27.27 -12.04
N GLU V 158 -52.41 27.33 -13.27
CA GLU V 158 -52.83 26.40 -14.30
C GLU V 158 -52.30 25.02 -13.98
N PRO V 159 -52.97 23.96 -14.48
CA PRO V 159 -54.21 23.98 -15.26
C PRO V 159 -55.40 23.49 -14.46
N VAL V 160 -56.57 23.49 -15.09
CA VAL V 160 -57.75 22.86 -14.53
C VAL V 160 -58.37 21.97 -15.59
N THR V 161 -58.99 20.87 -15.14
CA THR V 161 -59.69 19.96 -16.02
C THR V 161 -61.18 20.04 -15.75
N VAL V 162 -61.97 20.00 -16.83
CA VAL V 162 -63.42 20.03 -16.74
C VAL V 162 -63.97 18.85 -17.51
N SER V 163 -64.86 18.09 -16.89
CA SER V 163 -65.58 17.02 -17.57
C SER V 163 -67.07 17.18 -17.33
N TRP V 164 -67.85 16.48 -18.15
CA TRP V 164 -69.31 16.53 -18.07
C TRP V 164 -69.83 15.13 -17.85
N ASN V 165 -70.65 14.96 -16.81
CA ASN V 165 -71.23 13.67 -16.46
C ASN V 165 -70.16 12.59 -16.37
N SER V 166 -69.07 12.92 -15.67
CA SER V 166 -67.95 12.00 -15.48
C SER V 166 -67.38 11.52 -16.81
N GLY V 167 -67.44 12.36 -17.84
CA GLY V 167 -66.92 12.02 -19.14
C GLY V 167 -67.92 11.39 -20.10
N ALA V 168 -69.14 11.12 -19.64
CA ALA V 168 -70.14 10.50 -20.50
C ALA V 168 -70.66 11.45 -21.57
N LEU V 169 -70.54 12.76 -21.36
CA LEU V 169 -71.02 13.75 -22.30
C LEU V 169 -69.83 14.51 -22.88
N THR V 170 -69.52 14.24 -24.15
CA THR V 170 -68.44 14.93 -24.84
C THR V 170 -68.89 15.63 -26.12
N SER V 171 -70.01 15.22 -26.71
CA SER V 171 -70.47 15.85 -27.95
C SER V 171 -70.97 17.26 -27.67
N GLY V 172 -70.37 18.24 -28.34
CA GLY V 172 -70.80 19.62 -28.20
C GLY V 172 -70.19 20.39 -27.07
N VAL V 173 -69.10 19.90 -26.50
CA VAL V 173 -68.45 20.56 -25.37
C VAL V 173 -67.39 21.53 -25.90
N HIS V 174 -67.39 22.75 -25.38
CA HIS V 174 -66.40 23.75 -25.72
C HIS V 174 -65.83 24.30 -24.43
N THR V 175 -64.59 23.90 -24.12
CA THR V 175 -63.86 24.46 -22.98
C THR V 175 -62.90 25.53 -23.49
N PHE V 176 -63.13 26.77 -23.09
CA PHE V 176 -62.34 27.87 -23.58
C PHE V 176 -60.97 27.89 -22.90
N PRO V 177 -59.94 28.40 -23.60
CA PRO V 177 -58.65 28.61 -22.96
C PRO V 177 -58.73 29.64 -21.85
N ALA V 178 -57.93 29.42 -20.82
CA ALA V 178 -57.94 30.31 -19.66
C ALA V 178 -57.38 31.67 -20.03
N VAL V 179 -57.87 32.70 -19.34
CA VAL V 179 -57.40 34.06 -19.49
C VAL V 179 -56.89 34.55 -18.14
N LEU V 180 -55.80 35.29 -18.17
CA LEU V 180 -55.22 35.86 -16.96
C LEU V 180 -55.87 37.21 -16.69
N GLN V 181 -56.38 37.38 -15.48
CA GLN V 181 -57.08 38.60 -15.09
C GLN V 181 -56.14 39.56 -14.38
N SER V 182 -56.64 40.76 -14.15
CA SER V 182 -55.85 41.79 -13.47
C SER V 182 -55.47 41.36 -12.07
N SER V 183 -56.25 40.48 -11.45
CA SER V 183 -55.99 40.02 -10.10
C SER V 183 -54.98 38.88 -10.05
N GLY V 184 -54.44 38.47 -11.19
CA GLY V 184 -53.54 37.34 -11.23
C GLY V 184 -54.19 35.98 -11.13
N LEU V 185 -55.51 35.91 -11.13
CA LEU V 185 -56.21 34.64 -11.11
C LEU V 185 -56.75 34.31 -12.49
N TYR V 186 -56.73 33.03 -12.84
CA TYR V 186 -57.23 32.60 -14.14
C TYR V 186 -58.72 32.30 -14.07
N SER V 187 -59.34 32.27 -15.25
CA SER V 187 -60.76 32.00 -15.36
C SER V 187 -61.05 31.48 -16.76
N LEU V 188 -62.00 30.57 -16.86
CA LEU V 188 -62.41 30.04 -18.15
C LEU V 188 -63.85 29.58 -18.07
N SER V 189 -64.40 29.19 -19.21
CA SER V 189 -65.75 28.67 -19.27
C SER V 189 -65.78 27.39 -20.08
N SER V 190 -66.75 26.53 -19.77
CA SER V 190 -67.01 25.32 -20.52
C SER V 190 -68.50 25.26 -20.81
N VAL V 191 -68.88 25.11 -22.07
CA VAL V 191 -70.28 25.15 -22.48
C VAL V 191 -70.60 23.90 -23.28
N VAL V 192 -71.90 23.59 -23.33
CA VAL V 192 -72.39 22.44 -24.08
C VAL V 192 -73.80 22.74 -24.54
N THR V 193 -74.11 22.34 -25.77
CA THR V 193 -75.44 22.46 -26.34
C THR V 193 -76.18 21.14 -26.20
N VAL V 194 -77.41 21.21 -25.70
CA VAL V 194 -78.21 20.02 -25.42
C VAL V 194 -79.59 20.21 -26.03
N PRO V 195 -80.30 19.11 -26.30
CA PRO V 195 -81.69 19.22 -26.75
C PRO V 195 -82.56 19.88 -25.69
N SER V 196 -83.31 20.91 -26.11
CA SER V 196 -84.16 21.63 -25.18
C SER V 196 -85.22 20.71 -24.56
N SER V 197 -85.64 19.68 -25.30
CA SER V 197 -86.65 18.77 -24.78
C SER V 197 -86.14 17.90 -23.64
N SER V 198 -84.84 17.91 -23.35
CA SER V 198 -84.29 17.11 -22.27
C SER V 198 -84.08 17.92 -21.00
N LEU V 199 -84.23 19.23 -21.05
CA LEU V 199 -84.04 20.06 -19.87
C LEU V 199 -85.07 19.73 -18.81
N GLY V 200 -84.66 19.80 -17.55
CA GLY V 200 -85.52 19.50 -16.43
C GLY V 200 -85.62 18.02 -16.09
N THR V 201 -85.28 17.14 -17.02
CA THR V 201 -85.31 15.70 -16.80
C THR V 201 -83.94 15.06 -16.84
N GLN V 202 -83.10 15.43 -17.80
CA GLN V 202 -81.74 14.93 -17.85
C GLN V 202 -80.87 15.76 -16.94
N THR V 203 -80.07 15.10 -16.12
CA THR V 203 -79.21 15.79 -15.16
C THR V 203 -77.87 16.08 -15.79
N TYR V 204 -77.42 17.33 -15.69
CA TYR V 204 -76.12 17.74 -16.21
C TYR V 204 -75.31 18.32 -15.07
N ILE V 205 -74.14 17.71 -14.82
CA ILE V 205 -73.23 18.14 -13.77
C ILE V 205 -71.85 18.28 -14.38
N CYS V 206 -71.19 19.40 -14.11
CA CYS V 206 -69.82 19.60 -14.54
C CYS V 206 -68.89 19.24 -13.38
N ASN V 207 -67.86 18.46 -13.70
CA ASN V 207 -66.90 17.97 -12.72
C ASN V 207 -65.57 18.68 -12.97
N VAL V 208 -65.24 19.63 -12.11
CA VAL V 208 -63.99 20.37 -12.18
C VAL V 208 -62.98 19.72 -11.24
N ASN V 209 -61.79 19.46 -11.76
CA ASN V 209 -60.70 18.86 -11.02
C ASN V 209 -59.45 19.71 -11.23
N HIS V 210 -58.75 19.97 -10.13
CA HIS V 210 -57.55 20.81 -10.11
C HIS V 210 -56.49 20.09 -9.29
N LYS V 211 -55.63 19.36 -9.98
CA LYS V 211 -54.60 18.56 -9.31
C LYS V 211 -53.65 19.39 -8.45
N PRO V 212 -53.18 20.58 -8.86
CA PRO V 212 -52.25 21.30 -7.99
C PRO V 212 -52.79 21.59 -6.60
N SER V 213 -54.10 21.75 -6.44
CA SER V 213 -54.69 21.99 -5.14
C SER V 213 -55.54 20.83 -4.67
N ASN V 214 -55.61 19.75 -5.46
CA ASN V 214 -56.42 18.58 -5.15
C ASN V 214 -57.90 18.95 -5.01
N THR V 215 -58.35 19.92 -5.79
CA THR V 215 -59.73 20.39 -5.74
C THR V 215 -60.60 19.54 -6.65
N LYS V 216 -61.73 19.08 -6.13
CA LYS V 216 -62.73 18.38 -6.92
C LYS V 216 -64.09 18.94 -6.58
N VAL V 217 -64.75 19.52 -7.57
CA VAL V 217 -66.06 20.14 -7.38
C VAL V 217 -67.00 19.61 -8.46
N ASP V 218 -68.14 19.06 -8.04
CA ASP V 218 -69.20 18.64 -8.95
C ASP V 218 -70.36 19.62 -8.81
N LYS V 219 -70.54 20.48 -9.80
CA LYS V 219 -71.57 21.50 -9.78
C LYS V 219 -72.69 21.11 -10.73
N LYS V 220 -73.91 21.03 -10.22
CA LYS V 220 -75.08 20.78 -11.04
C LYS V 220 -75.60 22.08 -11.62
N VAL V 221 -75.93 22.06 -12.91
CA VAL V 221 -76.43 23.24 -13.61
C VAL V 221 -77.90 23.00 -13.91
N GLU V 222 -78.77 23.79 -13.27
CA GLU V 222 -80.20 23.67 -13.47
C GLU V 222 -80.75 24.89 -14.19
N PRO V 223 -81.78 24.74 -15.00
CA PRO V 223 -82.37 25.90 -15.70
C PRO V 223 -83.11 26.80 -14.72
N LYS V 224 -83.42 28.00 -15.20
CA LYS V 224 -84.18 28.96 -14.41
C LYS V 224 -85.58 29.14 -14.94
N ASP W 1 -32.80 44.49 -32.40
CA ASP W 1 -31.77 44.48 -33.44
C ASP W 1 -32.36 44.33 -34.83
N ILE W 2 -32.51 43.08 -35.28
CA ILE W 2 -33.12 42.79 -36.58
C ILE W 2 -34.61 42.56 -36.39
N GLN W 3 -35.42 43.35 -37.08
CA GLN W 3 -36.87 43.19 -37.05
C GLN W 3 -37.33 42.20 -38.09
N MET W 4 -38.26 41.32 -37.71
CA MET W 4 -38.85 40.36 -38.62
C MET W 4 -40.35 40.62 -38.73
N THR W 5 -40.91 40.42 -39.92
CA THR W 5 -42.33 40.66 -40.16
C THR W 5 -42.85 39.62 -41.13
N GLN W 6 -43.94 38.97 -40.79
CA GLN W 6 -44.51 37.92 -41.61
C GLN W 6 -45.86 38.38 -42.16
N SER W 7 -46.13 38.04 -43.42
CA SER W 7 -47.43 38.34 -44.00
C SER W 7 -47.92 37.14 -44.79
N PRO W 8 -49.23 36.84 -44.73
CA PRO W 8 -50.16 37.54 -43.85
C PRO W 8 -50.06 36.98 -42.44
N SER W 9 -50.68 37.64 -41.47
CA SER W 9 -50.67 37.08 -40.11
C SER W 9 -51.52 35.81 -40.05
N THR W 10 -52.64 35.79 -40.74
CA THR W 10 -53.52 34.64 -40.82
C THR W 10 -53.93 34.44 -42.27
N LEU W 11 -53.90 33.20 -42.74
CA LEU W 11 -54.28 32.89 -44.11
C LEU W 11 -55.27 31.73 -44.09
N SER W 12 -56.50 32.00 -44.56
CA SER W 12 -57.52 30.98 -44.71
C SER W 12 -57.32 30.26 -46.04
N THR W 13 -57.15 28.95 -45.98
CA THR W 13 -56.84 28.15 -47.15
C THR W 13 -57.51 26.79 -47.05
N SER W 14 -57.50 26.07 -48.17
CA SER W 14 -58.17 24.79 -48.29
C SER W 14 -57.16 23.76 -48.78
N VAL W 15 -57.49 22.49 -48.56
CA VAL W 15 -56.61 21.41 -49.01
C VAL W 15 -56.49 21.43 -50.52
N GLY W 16 -55.25 21.37 -51.00
CA GLY W 16 -54.97 21.42 -52.42
C GLY W 16 -54.61 22.81 -52.93
N ASP W 17 -54.76 23.83 -52.10
CA ASP W 17 -54.44 25.19 -52.53
C ASP W 17 -52.93 25.39 -52.63
N ARG W 18 -52.55 26.37 -53.43
CA ARG W 18 -51.17 26.84 -53.49
C ARG W 18 -51.00 27.99 -52.51
N VAL W 19 -50.13 27.80 -51.52
CA VAL W 19 -49.96 28.74 -50.42
C VAL W 19 -48.60 29.40 -50.55
N THR W 20 -48.58 30.73 -50.40
CA THR W 20 -47.33 31.49 -50.39
C THR W 20 -47.38 32.48 -49.24
N ILE W 21 -46.42 32.38 -48.34
CA ILE W 21 -46.29 33.33 -47.24
C ILE W 21 -44.96 34.05 -47.37
N THR W 22 -44.93 35.28 -46.89
CA THR W 22 -43.78 36.15 -47.04
C THR W 22 -43.22 36.54 -45.67
N CYS W 23 -41.94 36.90 -45.67
CA CYS W 23 -41.21 37.24 -44.46
C CYS W 23 -40.17 38.28 -44.84
N ARG W 24 -40.11 39.37 -44.07
CA ARG W 24 -39.24 40.49 -44.40
C ARG W 24 -38.42 40.89 -43.20
N ALA W 25 -37.17 41.27 -43.45
CA ALA W 25 -36.25 41.70 -42.42
C ALA W 25 -36.02 43.20 -42.55
N SER W 26 -35.76 43.84 -41.42
CA SER W 26 -35.52 45.28 -41.43
C SER W 26 -34.21 45.63 -42.10
N GLN W 27 -33.27 44.70 -42.19
CA GLN W 27 -32.01 44.93 -42.87
C GLN W 27 -31.58 43.65 -43.57
N SER W 28 -30.52 43.74 -44.36
CA SER W 28 -30.08 42.60 -45.14
C SER W 28 -29.53 41.49 -44.25
N ILE W 29 -30.08 40.29 -44.40
CA ILE W 29 -29.63 39.12 -43.66
C ILE W 29 -29.03 38.06 -44.58
N SER W 30 -28.71 38.45 -45.82
CA SER W 30 -28.17 37.56 -46.84
C SER W 30 -29.15 36.42 -47.03
N ASN W 31 -28.72 35.16 -46.94
CA ASN W 31 -29.62 34.02 -47.06
C ASN W 31 -29.77 33.21 -45.77
N TRP W 32 -29.30 33.73 -44.64
CA TRP W 32 -29.32 32.99 -43.38
C TRP W 32 -30.71 33.13 -42.75
N LEU W 33 -31.66 32.41 -43.34
CA LEU W 33 -33.04 32.41 -42.88
C LEU W 33 -33.57 31.00 -42.81
N ALA W 34 -34.23 30.66 -41.70
CA ALA W 34 -34.82 29.36 -41.49
C ALA W 34 -36.32 29.47 -41.31
N TRP W 35 -37.03 28.41 -41.69
CA TRP W 35 -38.47 28.29 -41.54
C TRP W 35 -38.79 27.12 -40.63
N TYR W 36 -39.61 27.36 -39.62
CA TYR W 36 -40.00 26.35 -38.65
C TYR W 36 -41.50 26.19 -38.64
N GLN W 37 -41.95 24.94 -38.54
CA GLN W 37 -43.36 24.60 -38.41
C GLN W 37 -43.64 24.16 -36.98
N GLN W 38 -44.77 24.61 -36.45
CA GLN W 38 -45.18 24.26 -35.10
C GLN W 38 -46.67 23.92 -35.06
N LYS W 39 -46.97 22.77 -34.54
CA LYS W 39 -48.36 22.43 -34.29
C LYS W 39 -48.74 22.80 -32.87
N PRO W 40 -50.00 23.14 -32.64
CA PRO W 40 -50.42 23.59 -31.32
C PRO W 40 -50.20 22.52 -30.25
N GLY W 41 -49.73 22.97 -29.09
CA GLY W 41 -49.40 22.06 -28.00
C GLY W 41 -48.33 21.06 -28.32
N LYS W 42 -47.41 21.41 -29.22
CA LYS W 42 -46.39 20.48 -29.66
C LYS W 42 -45.13 21.28 -29.98
N ALA W 43 -44.00 20.59 -29.97
CA ALA W 43 -42.75 21.30 -30.20
C ALA W 43 -42.58 21.66 -31.67
N PRO W 44 -41.90 22.76 -31.95
CA PRO W 44 -41.63 23.15 -33.34
C PRO W 44 -40.69 22.18 -34.03
N LYS W 45 -40.85 22.09 -35.34
CA LYS W 45 -40.04 21.21 -36.17
C LYS W 45 -39.42 22.04 -37.29
N LEU W 46 -38.15 21.76 -37.58
CA LEU W 46 -37.42 22.49 -38.61
C LEU W 46 -37.87 22.08 -40.00
N LEU W 47 -38.19 23.05 -40.85
CA LEU W 47 -38.54 22.77 -42.22
C LEU W 47 -37.46 23.13 -43.23
N ILE W 48 -36.95 24.34 -43.18
CA ILE W 48 -36.03 24.82 -44.22
C ILE W 48 -34.94 25.66 -43.57
N TYR W 49 -33.71 25.50 -44.05
CA TYR W 49 -32.63 26.39 -43.69
C TYR W 49 -31.97 26.94 -44.95
N LYS W 50 -31.13 27.95 -44.75
CA LYS W 50 -30.50 28.70 -45.85
C LYS W 50 -31.54 29.17 -46.85
N ALA W 51 -32.75 29.40 -46.37
CA ALA W 51 -33.83 29.98 -47.16
C ALA W 51 -34.33 29.06 -48.26
N SER W 52 -33.53 28.08 -48.67
CA SER W 52 -33.96 27.23 -49.77
C SER W 52 -33.52 25.78 -49.67
N THR W 53 -32.91 25.35 -48.57
CA THR W 53 -32.49 23.97 -48.42
C THR W 53 -33.54 23.19 -47.65
N LEU W 54 -34.00 22.09 -48.22
CA LEU W 54 -35.03 21.29 -47.60
C LEU W 54 -34.42 20.36 -46.56
N GLU W 55 -34.97 20.39 -45.36
CA GLU W 55 -34.51 19.48 -44.32
C GLU W 55 -34.84 18.04 -44.68
N SER W 56 -33.96 17.13 -44.28
CA SER W 56 -34.18 15.70 -44.52
C SER W 56 -35.45 15.26 -43.81
N GLY W 57 -36.29 14.52 -44.54
CA GLY W 57 -37.56 14.06 -44.04
C GLY W 57 -38.72 14.95 -44.35
N VAL W 58 -38.48 16.16 -44.87
CA VAL W 58 -39.55 17.09 -45.21
C VAL W 58 -40.04 16.78 -46.61
N PRO W 59 -41.34 16.62 -46.82
CA PRO W 59 -41.83 16.31 -48.17
C PRO W 59 -41.51 17.43 -49.14
N SER W 60 -41.42 17.06 -50.41
CA SER W 60 -40.95 17.98 -51.45
C SER W 60 -41.95 19.08 -51.77
N ARG W 61 -43.18 18.99 -51.29
CA ARG W 61 -44.15 20.03 -51.57
C ARG W 61 -43.85 21.35 -50.88
N PHE W 62 -42.83 21.40 -50.03
CA PHE W 62 -42.40 22.64 -49.41
C PHE W 62 -41.22 23.21 -50.18
N SER W 63 -41.22 24.53 -50.36
CA SER W 63 -40.09 25.14 -51.04
C SER W 63 -39.88 26.55 -50.51
N GLY W 64 -38.64 26.98 -50.52
CA GLY W 64 -38.30 28.33 -50.11
C GLY W 64 -37.72 29.15 -51.23
N SER W 65 -37.80 30.47 -51.11
CA SER W 65 -37.27 31.37 -52.11
C SER W 65 -37.00 32.71 -51.46
N GLY W 66 -36.09 33.46 -52.07
CA GLY W 66 -35.88 34.81 -51.58
C GLY W 66 -34.44 35.08 -51.19
N SER W 67 -34.06 36.36 -51.15
CA SER W 67 -32.70 36.70 -50.80
C SER W 67 -32.65 38.18 -50.44
N GLY W 68 -31.72 38.52 -49.56
CA GLY W 68 -31.58 39.89 -49.11
C GLY W 68 -32.51 40.19 -47.96
N THR W 69 -33.66 40.80 -48.26
CA THR W 69 -34.62 41.22 -47.25
C THR W 69 -36.01 40.65 -47.45
N GLU W 70 -36.30 40.02 -48.58
CA GLU W 70 -37.60 39.44 -48.88
C GLU W 70 -37.46 37.95 -49.09
N PHE W 71 -38.27 37.18 -48.38
CA PHE W 71 -38.25 35.72 -48.48
C PHE W 71 -39.68 35.21 -48.53
N THR W 72 -39.86 34.08 -49.22
CA THR W 72 -41.17 33.45 -49.34
C THR W 72 -41.06 31.96 -49.12
N LEU W 73 -42.11 31.40 -48.52
CA LEU W 73 -42.29 29.96 -48.36
C LEU W 73 -43.52 29.56 -49.15
N THR W 74 -43.39 28.53 -49.97
CA THR W 74 -44.45 28.09 -50.85
C THR W 74 -44.77 26.63 -50.59
N ILE W 75 -46.06 26.35 -50.46
CA ILE W 75 -46.59 24.99 -50.42
C ILE W 75 -47.38 24.78 -51.70
N SER W 76 -46.90 23.88 -52.55
CA SER W 76 -47.52 23.68 -53.85
C SER W 76 -48.92 23.10 -53.72
N SER W 77 -49.10 22.14 -52.83
CA SER W 77 -50.41 21.50 -52.64
C SER W 77 -50.58 21.20 -51.15
N LEU W 78 -51.47 21.95 -50.51
CA LEU W 78 -51.64 21.81 -49.07
C LEU W 78 -52.24 20.47 -48.72
N GLN W 79 -51.77 19.87 -47.64
CA GLN W 79 -52.24 18.59 -47.15
C GLN W 79 -52.68 18.73 -45.70
N PRO W 80 -53.59 17.86 -45.24
CA PRO W 80 -54.16 18.05 -43.89
C PRO W 80 -53.15 18.03 -42.78
N ASP W 81 -52.03 17.34 -42.94
CA ASP W 81 -51.00 17.35 -41.91
C ASP W 81 -50.27 18.68 -41.82
N ASP W 82 -50.39 19.53 -42.83
CA ASP W 82 -49.67 20.78 -42.90
C ASP W 82 -50.40 21.95 -42.25
N PHE W 83 -51.55 21.73 -41.63
CA PHE W 83 -52.25 22.80 -40.95
C PHE W 83 -51.55 23.09 -39.62
N ALA W 84 -50.74 24.14 -39.61
CA ALA W 84 -49.92 24.47 -38.46
C ALA W 84 -49.48 25.93 -38.61
N THR W 85 -48.69 26.40 -37.66
CA THR W 85 -48.13 27.75 -37.69
C THR W 85 -46.70 27.74 -38.19
N TYR W 86 -46.38 28.68 -39.07
CA TYR W 86 -45.07 28.75 -39.72
C TYR W 86 -44.36 30.02 -39.29
N TYR W 87 -43.15 29.87 -38.77
CA TYR W 87 -42.33 30.96 -38.31
C TYR W 87 -41.08 31.06 -39.19
N CYS W 88 -40.71 32.28 -39.56
CA CYS W 88 -39.41 32.51 -40.15
C CYS W 88 -38.45 32.99 -39.08
N GLN W 89 -37.17 32.79 -39.34
CA GLN W 89 -36.13 33.13 -38.36
C GLN W 89 -34.87 33.52 -39.08
N GLN W 90 -34.42 34.75 -38.88
CA GLN W 90 -33.10 35.13 -39.32
C GLN W 90 -32.07 34.65 -38.31
N TYR W 91 -30.94 34.17 -38.81
CA TYR W 91 -29.83 33.82 -37.94
C TYR W 91 -28.56 34.40 -38.52
N SER W 92 -28.66 35.62 -39.03
CA SER W 92 -27.51 36.38 -39.51
C SER W 92 -26.84 37.15 -38.40
N SER W 93 -27.61 37.68 -37.45
CA SER W 93 -27.05 38.42 -36.32
C SER W 93 -27.91 38.05 -35.12
N TYR W 94 -27.39 37.19 -34.26
CA TYR W 94 -28.17 36.59 -33.18
C TYR W 94 -29.37 35.89 -33.81
N TRP W 95 -30.51 35.87 -33.13
CA TRP W 95 -31.64 35.09 -33.61
C TRP W 95 -32.94 35.77 -33.22
N THR W 96 -33.76 36.11 -34.21
CA THR W 96 -35.06 36.71 -33.95
C THR W 96 -36.09 36.02 -34.83
N PHE W 97 -37.25 35.74 -34.27
CA PHE W 97 -38.33 35.07 -34.96
C PHE W 97 -39.41 36.05 -35.35
N GLY W 98 -40.12 35.73 -36.41
CA GLY W 98 -41.30 36.49 -36.74
C GLY W 98 -42.47 36.13 -35.82
N GLN W 99 -43.56 36.88 -35.97
CA GLN W 99 -44.73 36.63 -35.12
C GLN W 99 -45.40 35.31 -35.45
N GLY W 100 -45.16 34.76 -36.64
CA GLY W 100 -45.77 33.51 -37.01
C GLY W 100 -47.01 33.70 -37.84
N THR W 101 -47.19 32.82 -38.81
CA THR W 101 -48.37 32.81 -39.67
C THR W 101 -49.12 31.51 -39.44
N LYS W 102 -50.39 31.63 -39.10
CA LYS W 102 -51.25 30.47 -38.86
C LYS W 102 -52.06 30.21 -40.11
N LEU W 103 -51.95 28.99 -40.64
CA LEU W 103 -52.75 28.55 -41.78
C LEU W 103 -54.08 28.02 -41.31
N GLU W 104 -55.17 28.69 -41.71
CA GLU W 104 -56.50 28.39 -41.22
C GLU W 104 -57.27 27.59 -42.27
N ILE W 105 -58.16 26.73 -41.78
CA ILE W 105 -58.97 25.88 -42.64
C ILE W 105 -60.13 26.71 -43.18
N LYS W 106 -60.14 26.94 -44.48
CA LYS W 106 -61.20 27.72 -45.10
C LYS W 106 -62.45 26.87 -45.28
N ARG W 107 -63.59 27.45 -44.95
CA ARG W 107 -64.88 26.78 -45.10
C ARG W 107 -65.93 27.83 -45.46
N THR W 108 -67.17 27.38 -45.64
CA THR W 108 -68.26 28.27 -45.96
C THR W 108 -68.63 29.13 -44.76
N VAL W 109 -69.36 30.21 -45.02
CA VAL W 109 -69.75 31.14 -43.99
C VAL W 109 -70.86 30.53 -43.14
N ALA W 110 -70.71 30.62 -41.83
CA ALA W 110 -71.73 30.15 -40.89
C ALA W 110 -71.95 31.21 -39.83
N ALA W 111 -73.20 31.64 -39.67
CA ALA W 111 -73.52 32.67 -38.69
C ALA W 111 -73.44 32.11 -37.28
N PRO W 112 -73.06 32.94 -36.31
CA PRO W 112 -72.93 32.45 -34.92
C PRO W 112 -74.28 32.25 -34.27
N SER W 113 -74.31 31.31 -33.32
CA SER W 113 -75.42 31.19 -32.38
C SER W 113 -75.05 31.96 -31.13
N VAL W 114 -75.95 32.85 -30.68
CA VAL W 114 -75.65 33.77 -29.59
C VAL W 114 -76.45 33.38 -28.36
N PHE W 115 -75.76 33.23 -27.24
CA PHE W 115 -76.39 32.93 -25.96
C PHE W 115 -75.81 33.86 -24.91
N ILE W 116 -76.65 34.25 -23.96
CA ILE W 116 -76.23 35.10 -22.84
C ILE W 116 -76.59 34.40 -21.54
N PHE W 117 -75.71 34.53 -20.54
CA PHE W 117 -75.92 33.95 -19.22
C PHE W 117 -75.73 35.00 -18.15
N PRO W 118 -76.68 35.16 -17.23
CA PRO W 118 -76.53 36.11 -16.14
C PRO W 118 -75.72 35.52 -15.00
N PRO W 119 -75.22 36.35 -14.09
CA PRO W 119 -74.51 35.82 -12.92
C PRO W 119 -75.43 35.00 -12.03
N SER W 120 -74.87 33.93 -11.47
CA SER W 120 -75.61 33.10 -10.55
C SER W 120 -75.79 33.84 -9.22
N ASP W 121 -76.82 33.43 -8.48
CA ASP W 121 -77.06 34.02 -7.17
C ASP W 121 -75.94 33.72 -6.19
N GLU W 122 -75.26 32.59 -6.36
CA GLU W 122 -74.16 32.25 -5.45
C GLU W 122 -72.98 33.19 -5.66
N GLN W 123 -72.65 33.48 -6.92
CA GLN W 123 -71.54 34.40 -7.19
C GLN W 123 -71.90 35.81 -6.74
N LEU W 124 -73.16 36.20 -6.93
CA LEU W 124 -73.61 37.49 -6.42
C LEU W 124 -73.49 37.54 -4.90
N LYS W 125 -73.75 36.41 -4.24
CA LYS W 125 -73.55 36.34 -2.80
C LYS W 125 -72.06 36.43 -2.47
N SER W 126 -71.20 36.01 -3.38
CA SER W 126 -69.77 36.06 -3.14
C SER W 126 -69.17 37.44 -3.35
N GLY W 127 -69.93 38.38 -3.92
CA GLY W 127 -69.47 39.73 -4.11
C GLY W 127 -69.05 40.11 -5.51
N THR W 128 -69.16 39.20 -6.47
CA THR W 128 -68.79 39.47 -7.85
C THR W 128 -69.93 39.09 -8.78
N ALA W 129 -69.94 39.69 -9.95
CA ALA W 129 -70.97 39.42 -10.95
C ALA W 129 -70.30 39.28 -12.30
N SER W 130 -70.31 38.06 -12.84
CA SER W 130 -69.79 37.79 -14.18
C SER W 130 -70.94 37.50 -15.12
N VAL W 131 -70.98 38.23 -16.24
CA VAL W 131 -71.97 38.03 -17.29
C VAL W 131 -71.25 37.48 -18.51
N VAL W 132 -71.81 36.43 -19.11
CA VAL W 132 -71.14 35.68 -20.16
C VAL W 132 -71.98 35.75 -21.43
N CYS W 133 -71.33 36.13 -22.53
CA CYS W 133 -71.94 36.12 -23.85
C CYS W 133 -71.19 35.10 -24.69
N LEU W 134 -71.91 34.18 -25.32
CA LEU W 134 -71.30 33.07 -26.04
C LEU W 134 -71.70 33.13 -27.51
N LEU W 135 -70.71 33.06 -28.39
CA LEU W 135 -70.93 32.91 -29.82
C LEU W 135 -70.43 31.54 -30.24
N ASN W 136 -71.34 30.71 -30.72
CA ASN W 136 -71.05 29.30 -30.99
C ASN W 136 -71.09 29.03 -32.49
N ASN W 137 -70.06 28.32 -32.97
CA ASN W 137 -70.05 27.73 -34.31
C ASN W 137 -70.26 28.79 -35.39
N PHE W 138 -69.25 29.63 -35.53
CA PHE W 138 -69.27 30.71 -36.51
C PHE W 138 -67.97 30.69 -37.31
N TYR W 139 -68.05 31.26 -38.50
CA TYR W 139 -66.89 31.40 -39.37
C TYR W 139 -67.17 32.52 -40.35
N PRO W 140 -66.18 33.36 -40.67
CA PRO W 140 -64.81 33.31 -40.13
C PRO W 140 -64.71 33.75 -38.68
N ARG W 141 -63.48 33.85 -38.17
CA ARG W 141 -63.29 34.10 -36.75
C ARG W 141 -63.60 35.54 -36.38
N GLU W 142 -63.45 36.47 -37.31
CA GLU W 142 -63.63 37.88 -36.99
C GLU W 142 -65.11 38.16 -36.71
N ALA W 143 -65.36 38.72 -35.54
CA ALA W 143 -66.69 39.12 -35.08
C ALA W 143 -66.49 40.20 -34.03
N LYS W 144 -67.53 40.99 -33.79
CA LYS W 144 -67.45 42.03 -32.79
C LYS W 144 -68.58 41.85 -31.79
N VAL W 145 -68.21 41.89 -30.51
CA VAL W 145 -69.15 41.79 -29.39
C VAL W 145 -69.01 43.03 -28.55
N GLN W 146 -70.10 43.79 -28.41
CA GLN W 146 -70.12 45.01 -27.62
C GLN W 146 -71.09 44.84 -26.46
N TRP W 147 -70.63 45.14 -25.26
CA TRP W 147 -71.48 45.09 -24.08
C TRP W 147 -72.14 46.44 -23.87
N LYS W 148 -73.45 46.42 -23.63
CA LYS W 148 -74.22 47.62 -23.36
C LYS W 148 -75.02 47.41 -22.08
N VAL W 149 -74.85 48.29 -21.12
CA VAL W 149 -75.55 48.22 -19.85
C VAL W 149 -76.42 49.46 -19.74
N ASP W 150 -77.74 49.27 -19.85
CA ASP W 150 -78.68 50.38 -19.96
C ASP W 150 -78.28 51.31 -21.10
N ASN W 151 -77.99 50.73 -22.26
CA ASN W 151 -77.65 51.43 -23.50
C ASN W 151 -76.34 52.20 -23.40
N ALA W 152 -75.46 51.83 -22.47
CA ALA W 152 -74.16 52.47 -22.34
C ALA W 152 -73.07 51.48 -22.71
N LEU W 153 -72.22 51.86 -23.66
CA LEU W 153 -71.16 50.98 -24.14
C LEU W 153 -70.10 50.80 -23.08
N GLN W 154 -69.66 49.55 -22.90
CA GLN W 154 -68.63 49.23 -21.93
C GLN W 154 -67.27 49.17 -22.62
N SER W 155 -66.22 49.47 -21.84
CA SER W 155 -64.86 49.42 -22.36
C SER W 155 -63.89 49.20 -21.22
N GLY W 156 -63.00 48.23 -21.38
CA GLY W 156 -61.99 47.98 -20.38
C GLY W 156 -62.41 47.12 -19.22
N ASN W 157 -63.62 46.56 -19.25
CA ASN W 157 -64.12 45.73 -18.16
C ASN W 157 -64.58 44.36 -18.65
N SER W 158 -64.13 43.94 -19.82
CA SER W 158 -64.50 42.66 -20.40
C SER W 158 -63.25 41.91 -20.85
N GLN W 159 -63.39 40.59 -20.98
CA GLN W 159 -62.30 39.75 -21.46
C GLN W 159 -62.87 38.74 -22.45
N GLU W 160 -62.08 38.46 -23.50
CA GLU W 160 -62.49 37.57 -24.57
C GLU W 160 -61.62 36.32 -24.60
N SER W 161 -62.22 35.21 -25.02
CA SER W 161 -61.51 33.96 -25.20
C SER W 161 -62.00 33.28 -26.46
N VAL W 162 -61.09 32.73 -27.25
CA VAL W 162 -61.43 32.11 -28.53
C VAL W 162 -60.88 30.69 -28.55
N THR W 163 -61.70 29.75 -28.99
CA THR W 163 -61.26 28.38 -29.17
C THR W 163 -60.53 28.21 -30.50
N GLU W 164 -59.82 27.09 -30.60
CA GLU W 164 -59.23 26.69 -31.88
C GLU W 164 -60.30 26.16 -32.83
N GLN W 165 -59.91 25.97 -34.08
CA GLN W 165 -60.83 25.46 -35.10
C GLN W 165 -61.35 24.08 -34.73
N ASP W 166 -62.67 23.94 -34.74
CA ASP W 166 -63.30 22.68 -34.41
C ASP W 166 -62.87 21.58 -35.38
N SER W 167 -62.61 20.40 -34.83
CA SER W 167 -62.12 19.30 -35.65
C SER W 167 -63.18 18.81 -36.62
N LYS W 168 -64.46 18.97 -36.30
CA LYS W 168 -65.52 18.42 -37.13
C LYS W 168 -65.96 19.35 -38.26
N ASP W 169 -66.13 20.64 -37.98
CA ASP W 169 -66.65 21.56 -38.98
C ASP W 169 -65.83 22.84 -39.11
N SER W 170 -64.69 22.94 -38.44
CA SER W 170 -63.73 24.02 -38.64
C SER W 170 -64.32 25.38 -38.26
N THR W 171 -65.22 25.41 -37.30
CA THR W 171 -65.80 26.64 -36.83
C THR W 171 -65.15 27.09 -35.52
N TYR W 172 -65.38 28.34 -35.16
CA TYR W 172 -64.89 28.92 -33.91
C TYR W 172 -66.03 29.13 -32.92
N SER W 173 -65.66 29.21 -31.65
CA SER W 173 -66.54 29.66 -30.59
C SER W 173 -65.80 30.67 -29.75
N LEU W 174 -66.53 31.69 -29.30
CA LEU W 174 -65.93 32.78 -28.54
C LEU W 174 -66.75 33.07 -27.30
N SER W 175 -66.08 33.30 -26.18
CA SER W 175 -66.73 33.69 -24.94
C SER W 175 -66.25 35.08 -24.54
N SER W 176 -67.18 35.95 -24.17
CA SER W 176 -66.88 37.26 -23.63
C SER W 176 -67.44 37.35 -22.21
N THR W 177 -66.59 37.74 -21.27
CA THR W 177 -66.96 37.79 -19.86
C THR W 177 -66.88 39.24 -19.38
N LEU W 178 -68.03 39.78 -18.99
CA LEU W 178 -68.10 41.10 -18.38
C LEU W 178 -68.16 40.91 -16.87
N THR W 179 -67.20 41.50 -16.16
CA THR W 179 -67.06 41.35 -14.73
C THR W 179 -67.33 42.68 -14.04
N LEU W 180 -68.20 42.66 -13.02
CA LEU W 180 -68.56 43.85 -12.28
C LEU W 180 -68.71 43.51 -10.81
N SER W 181 -68.58 44.52 -9.96
CA SER W 181 -68.86 44.35 -8.55
C SER W 181 -70.37 44.22 -8.33
N LYS W 182 -70.73 43.58 -7.22
CA LYS W 182 -72.14 43.40 -6.88
C LYS W 182 -72.87 44.73 -6.77
N ALA W 183 -72.20 45.75 -6.23
CA ALA W 183 -72.86 47.05 -6.11
C ALA W 183 -73.00 47.71 -7.48
N ASP W 184 -71.96 47.65 -8.30
CA ASP W 184 -72.07 48.17 -9.66
C ASP W 184 -73.08 47.37 -10.46
N TYR W 185 -73.13 46.05 -10.26
CA TYR W 185 -74.07 45.23 -11.01
C TYR W 185 -75.51 45.55 -10.62
N GLU W 186 -75.77 45.75 -9.33
CA GLU W 186 -77.12 46.04 -8.88
C GLU W 186 -77.50 47.51 -9.04
N LYS W 187 -76.57 48.34 -9.49
CA LYS W 187 -76.86 49.74 -9.78
C LYS W 187 -77.33 49.96 -11.21
N HIS W 188 -77.71 48.89 -11.92
CA HIS W 188 -78.20 49.01 -13.27
C HIS W 188 -79.23 47.93 -13.51
N LYS W 189 -79.88 48.01 -14.67
CA LYS W 189 -81.02 47.15 -14.97
C LYS W 189 -80.79 46.24 -16.17
N VAL W 190 -80.50 46.81 -17.34
CA VAL W 190 -80.45 46.07 -18.59
C VAL W 190 -79.00 45.75 -18.92
N TYR W 191 -78.75 44.50 -19.32
CA TYR W 191 -77.43 44.01 -19.67
C TYR W 191 -77.52 43.29 -21.00
N ALA W 192 -76.83 43.80 -22.01
CA ALA W 192 -76.92 43.26 -23.36
C ALA W 192 -75.53 43.07 -23.97
N CYS W 193 -75.40 42.03 -24.80
CA CYS W 193 -74.28 41.87 -25.70
C CYS W 193 -74.80 41.91 -27.13
N GLU W 194 -74.19 42.78 -27.94
CA GLU W 194 -74.51 42.95 -29.35
C GLU W 194 -73.39 42.35 -30.20
N VAL W 195 -73.77 41.59 -31.21
CA VAL W 195 -72.85 40.81 -32.02
C VAL W 195 -73.02 41.20 -33.48
N THR W 196 -71.90 41.47 -34.16
CA THR W 196 -71.86 41.71 -35.59
C THR W 196 -70.92 40.71 -36.24
N HIS W 197 -71.35 40.21 -37.40
CA HIS W 197 -70.61 39.23 -38.17
C HIS W 197 -70.95 39.37 -39.63
N GLN W 198 -69.98 39.05 -40.49
CA GLN W 198 -70.16 39.25 -41.92
C GLN W 198 -71.28 38.38 -42.49
N GLY W 199 -71.68 37.32 -41.79
CA GLY W 199 -72.80 36.51 -42.20
C GLY W 199 -74.15 37.00 -41.72
N LEU W 200 -74.18 38.11 -40.99
CA LEU W 200 -75.42 38.65 -40.45
C LEU W 200 -75.74 39.95 -41.16
N SER W 201 -76.94 40.04 -41.75
CA SER W 201 -77.34 41.27 -42.42
C SER W 201 -77.53 42.40 -41.41
N SER W 202 -77.98 42.09 -40.20
CA SER W 202 -78.18 43.08 -39.16
C SER W 202 -77.55 42.58 -37.86
N PRO W 203 -77.11 43.49 -36.99
CA PRO W 203 -76.53 43.06 -35.72
C PRO W 203 -77.56 42.33 -34.86
N VAL W 204 -77.08 41.34 -34.11
CA VAL W 204 -77.91 40.56 -33.22
C VAL W 204 -77.67 41.05 -31.80
N THR W 205 -78.75 41.25 -31.04
CA THR W 205 -78.64 41.77 -29.68
C THR W 205 -79.39 40.85 -28.73
N LYS W 206 -78.70 40.39 -27.70
CA LYS W 206 -79.32 39.65 -26.61
C LYS W 206 -79.21 40.47 -25.33
N SER W 207 -80.25 40.44 -24.51
CA SER W 207 -80.30 41.29 -23.33
C SER W 207 -81.19 40.65 -22.28
N PHE W 208 -80.92 41.02 -21.02
CA PHE W 208 -81.76 40.62 -19.90
C PHE W 208 -81.89 41.79 -18.94
N ASN W 209 -82.87 41.70 -18.06
CA ASN W 209 -83.06 42.67 -16.99
C ASN W 209 -82.60 42.06 -15.68
N ARG W 210 -81.89 42.86 -14.89
CA ARG W 210 -81.38 42.38 -13.61
C ARG W 210 -82.53 41.98 -12.69
N GLY W 211 -82.52 40.73 -12.26
CA GLY W 211 -83.56 40.16 -11.43
C GLY W 211 -84.60 39.37 -12.20
N GLU W 212 -84.77 39.64 -13.48
CA GLU W 212 -85.72 38.91 -14.31
C GLU W 212 -85.31 37.45 -14.47
N GLN X 1 -21.43 12.32 13.80
CA GLN X 1 -20.93 12.65 12.47
C GLN X 1 -19.41 12.72 12.48
N VAL X 2 -18.84 13.39 11.48
CA VAL X 2 -17.40 13.54 11.38
C VAL X 2 -16.90 14.48 12.46
N GLN X 3 -15.82 14.11 13.13
CA GLN X 3 -15.25 14.97 14.16
C GLN X 3 -13.74 14.94 14.08
N LEU X 4 -13.12 16.12 14.15
CA LEU X 4 -11.68 16.27 14.14
C LEU X 4 -11.25 17.12 15.31
N VAL X 5 -10.23 16.67 16.04
CA VAL X 5 -9.77 17.35 17.25
C VAL X 5 -8.28 17.61 17.11
N GLU X 6 -7.90 18.88 17.02
CA GLU X 6 -6.50 19.27 16.95
C GLU X 6 -5.91 19.41 18.34
N SER X 7 -4.61 19.18 18.44
CA SER X 7 -3.91 19.39 19.70
C SER X 7 -2.45 19.66 19.39
N GLY X 8 -1.76 20.21 20.38
CA GLY X 8 -0.33 20.47 20.26
C GLY X 8 0.05 21.93 20.14
N GLY X 9 -0.91 22.82 19.99
CA GLY X 9 -0.58 24.22 19.82
C GLY X 9 -0.14 24.88 21.11
N GLY X 10 0.56 25.99 20.97
CA GLY X 10 1.03 26.74 22.11
C GLY X 10 2.00 27.82 21.69
N VAL X 11 2.76 28.30 22.66
CA VAL X 11 3.76 29.34 22.42
C VAL X 11 5.10 28.69 22.14
N VAL X 12 5.77 29.15 21.10
CA VAL X 12 7.06 28.60 20.70
C VAL X 12 7.97 29.74 20.26
N GLN X 13 9.23 29.67 20.67
CA GLN X 13 10.20 30.67 20.27
C GLN X 13 10.54 30.51 18.79
N PRO X 14 10.88 31.60 18.10
CA PRO X 14 11.27 31.49 16.71
C PRO X 14 12.49 30.61 16.54
N GLY X 15 12.47 29.79 15.50
CA GLY X 15 13.54 28.87 15.23
C GLY X 15 13.36 27.50 15.84
N ARG X 16 12.46 27.35 16.81
CA ARG X 16 12.22 26.06 17.42
C ARG X 16 11.22 25.28 16.58
N SER X 17 10.89 24.08 17.03
CA SER X 17 10.00 23.19 16.32
C SER X 17 8.76 22.92 17.15
N LEU X 18 7.73 22.41 16.49
CA LEU X 18 6.48 22.08 17.17
C LEU X 18 5.76 21.06 16.32
N ARG X 19 5.10 20.11 16.96
CA ARG X 19 4.41 19.04 16.27
C ARG X 19 2.94 19.08 16.61
N LEU X 20 2.09 19.30 15.62
CA LEU X 20 0.66 19.30 15.80
C LEU X 20 0.07 17.96 15.41
N SER X 21 -1.00 17.57 16.11
CA SER X 21 -1.68 16.32 15.82
C SER X 21 -3.17 16.60 15.66
N CYS X 22 -3.84 15.71 14.94
CA CYS X 22 -5.27 15.83 14.64
C CYS X 22 -5.87 14.45 14.77
N ALA X 23 -6.72 14.26 15.76
CA ALA X 23 -7.40 12.98 15.98
C ALA X 23 -8.74 12.98 15.28
N ALA X 24 -8.99 11.94 14.49
CA ALA X 24 -10.18 11.85 13.68
C ALA X 24 -11.08 10.73 14.18
N SER X 25 -12.38 10.95 14.10
CA SER X 25 -13.36 9.94 14.47
C SER X 25 -14.66 10.22 13.73
N GLY X 26 -15.51 9.21 13.69
CA GLY X 26 -16.77 9.34 12.98
C GLY X 26 -16.73 8.93 11.53
N PHE X 27 -15.58 8.54 11.02
CA PHE X 27 -15.47 8.12 9.63
C PHE X 27 -14.22 7.26 9.50
N THR X 28 -14.10 6.59 8.35
CA THR X 28 -12.93 5.77 8.10
C THR X 28 -11.78 6.69 7.74
N PHE X 29 -10.91 6.96 8.70
CA PHE X 29 -9.85 7.93 8.49
C PHE X 29 -8.88 7.48 7.42
N SER X 30 -8.59 6.19 7.35
CA SER X 30 -7.58 5.74 6.41
C SER X 30 -8.03 5.82 4.96
N ASN X 31 -9.29 6.13 4.70
CA ASN X 31 -9.79 6.19 3.34
C ASN X 31 -9.77 7.59 2.74
N PHE X 32 -9.34 8.60 3.47
CA PHE X 32 -9.45 9.97 2.99
C PHE X 32 -8.14 10.71 3.12
N GLY X 33 -7.85 11.55 2.12
CA GLY X 33 -6.77 12.50 2.28
C GLY X 33 -7.14 13.62 3.20
N MET X 34 -6.14 14.34 3.67
CA MET X 34 -6.34 15.39 4.65
C MET X 34 -5.56 16.63 4.25
N HIS X 35 -6.05 17.77 4.69
CA HIS X 35 -5.39 19.06 4.56
C HIS X 35 -5.07 19.63 5.92
N TRP X 36 -4.03 20.44 5.97
CA TRP X 36 -3.81 21.39 7.04
C TRP X 36 -3.95 22.78 6.46
N ILE X 37 -4.80 23.58 7.07
CA ILE X 37 -5.05 24.94 6.61
C ILE X 37 -4.97 25.86 7.81
N ARG X 38 -4.32 27.00 7.63
CA ARG X 38 -4.14 27.94 8.70
C ARG X 38 -4.84 29.24 8.38
N GLN X 39 -5.16 29.98 9.43
CA GLN X 39 -5.86 31.24 9.36
C GLN X 39 -5.18 32.22 10.29
N SER X 40 -4.79 33.37 9.75
CA SER X 40 -4.21 34.40 10.57
C SER X 40 -4.85 35.72 10.20
N PRO X 41 -4.89 36.67 11.13
CA PRO X 41 -5.47 37.98 10.82
C PRO X 41 -4.76 38.72 9.72
N GLY X 42 -3.49 38.44 9.49
CA GLY X 42 -2.74 39.18 8.48
C GLY X 42 -2.89 38.62 7.08
N LYS X 43 -3.05 37.32 6.96
CA LYS X 43 -3.11 36.66 5.67
C LYS X 43 -4.44 35.99 5.40
N GLY X 44 -5.36 35.98 6.35
CA GLY X 44 -6.60 35.26 6.10
C GLY X 44 -6.37 33.77 6.04
N LEU X 45 -7.19 33.10 5.24
CA LEU X 45 -7.07 31.67 5.07
C LEU X 45 -5.96 31.34 4.09
N GLU X 46 -5.16 30.33 4.43
CA GLU X 46 -3.96 30.02 3.69
C GLU X 46 -3.73 28.51 3.76
N TRP X 47 -3.78 27.84 2.63
CA TRP X 47 -3.55 26.41 2.61
C TRP X 47 -2.10 26.10 2.94
N VAL X 48 -1.88 25.05 3.72
CA VAL X 48 -0.56 24.68 4.21
C VAL X 48 -0.05 23.40 3.58
N ALA X 49 -0.80 22.31 3.72
CA ALA X 49 -0.31 21.04 3.22
C ALA X 49 -1.46 20.10 2.91
N ILE X 50 -1.17 19.10 2.08
CA ILE X 50 -2.11 18.03 1.76
C ILE X 50 -1.39 16.70 1.74
N ILE X 51 -2.05 15.65 2.20
CA ILE X 51 -1.50 14.31 2.19
C ILE X 51 -2.53 13.34 1.65
N TRP X 52 -2.07 12.39 0.85
CA TRP X 52 -2.91 11.35 0.28
C TRP X 52 -3.35 10.39 1.38
N TYR X 53 -4.35 9.59 1.05
CA TYR X 53 -4.89 8.64 2.03
C TYR X 53 -3.82 7.66 2.50
N ASP X 54 -2.92 7.27 1.62
CA ASP X 54 -1.86 6.33 1.97
C ASP X 54 -0.52 7.00 2.20
N GLY X 55 -0.48 8.33 2.16
CA GLY X 55 0.78 9.02 2.36
C GLY X 55 1.71 9.01 1.19
N SER X 56 1.29 8.50 0.04
CA SER X 56 2.24 8.37 -1.06
C SER X 56 2.59 9.73 -1.66
N ASN X 57 1.64 10.65 -1.72
CA ASN X 57 1.88 11.98 -2.27
C ASN X 57 1.55 13.04 -1.24
N THR X 58 2.44 14.00 -1.08
CA THR X 58 2.25 15.14 -0.20
C THR X 58 2.61 16.40 -0.97
N TYR X 59 1.90 17.48 -0.66
CA TYR X 59 2.18 18.78 -1.27
C TYR X 59 2.15 19.85 -0.20
N TYR X 60 2.92 20.90 -0.42
CA TYR X 60 3.06 21.97 0.56
C TYR X 60 2.97 23.30 -0.16
N ALA X 61 2.54 24.31 0.58
CA ALA X 61 2.59 25.67 0.07
C ALA X 61 4.03 26.13 -0.03
N ASP X 62 4.26 27.09 -0.91
CA ASP X 62 5.62 27.55 -1.16
C ASP X 62 6.23 28.22 0.06
N SER X 63 5.43 28.89 0.87
CA SER X 63 5.98 29.58 2.03
C SER X 63 6.44 28.63 3.11
N VAL X 64 6.03 27.37 3.06
CA VAL X 64 6.39 26.40 4.07
C VAL X 64 7.19 25.23 3.52
N LYS X 65 7.43 25.19 2.21
CA LYS X 65 8.11 24.04 1.64
C LYS X 65 9.52 23.94 2.18
N GLY X 66 9.90 22.74 2.59
CA GLY X 66 11.20 22.52 3.18
C GLY X 66 11.28 22.68 4.68
N ARG X 67 10.25 23.21 5.31
CA ARG X 67 10.24 23.39 6.76
C ARG X 67 9.21 22.53 7.46
N PHE X 68 8.04 22.36 6.86
CA PHE X 68 6.96 21.57 7.42
C PHE X 68 6.96 20.17 6.82
N THR X 69 6.53 19.21 7.62
CA THR X 69 6.38 17.84 7.17
C THR X 69 5.05 17.32 7.67
N ILE X 70 4.19 16.93 6.75
CA ILE X 70 2.90 16.37 7.07
C ILE X 70 2.99 14.86 6.98
N SER X 71 2.38 14.18 7.93
CA SER X 71 2.40 12.73 7.95
C SER X 71 1.12 12.23 8.56
N ARG X 72 0.96 10.92 8.60
CA ARG X 72 -0.24 10.35 9.18
C ARG X 72 0.05 8.97 9.69
N ASP X 73 -0.75 8.54 10.67
CA ASP X 73 -0.67 7.22 11.28
C ASP X 73 -2.06 6.63 11.19
N ASN X 74 -2.31 5.85 10.14
CA ASN X 74 -3.61 5.25 9.93
C ASN X 74 -3.94 4.20 10.97
N SER X 75 -2.94 3.64 11.64
CA SER X 75 -3.23 2.70 12.71
C SER X 75 -3.75 3.42 13.94
N LYS X 76 -3.35 4.66 14.14
CA LYS X 76 -3.81 5.47 15.25
C LYS X 76 -4.89 6.46 14.85
N ASN X 77 -5.21 6.53 13.57
CA ASN X 77 -6.17 7.50 13.05
C ASN X 77 -5.78 8.93 13.41
N THR X 78 -4.51 9.24 13.22
CA THR X 78 -3.95 10.51 13.65
C THR X 78 -3.21 11.17 12.49
N LEU X 79 -3.43 12.47 12.32
CA LEU X 79 -2.71 13.27 11.33
C LEU X 79 -1.71 14.14 12.06
N TYR X 80 -0.49 14.23 11.51
CA TYR X 80 0.60 14.95 12.16
C TYR X 80 1.13 16.04 11.26
N LEU X 81 1.63 17.11 11.86
CA LEU X 81 2.31 18.18 11.13
C LEU X 81 3.50 18.62 11.94
N GLN X 82 4.70 18.23 11.50
CA GLN X 82 5.94 18.65 12.11
C GLN X 82 6.40 19.96 11.51
N MET X 83 6.48 20.99 12.33
CA MET X 83 6.85 22.34 11.90
C MET X 83 8.22 22.68 12.46
N ASN X 84 9.19 22.89 11.58
CA ASN X 84 10.54 23.27 11.97
C ASN X 84 10.85 24.68 11.52
N SER X 85 11.81 25.30 12.22
CA SER X 85 12.29 26.62 11.88
C SER X 85 11.16 27.64 11.78
N LEU X 86 10.34 27.70 12.83
CA LEU X 86 9.17 28.56 12.80
C LEU X 86 9.58 30.02 12.79
N ARG X 87 8.89 30.81 11.99
CA ARG X 87 9.08 32.25 11.91
C ARG X 87 7.89 32.96 12.53
N ALA X 88 8.06 34.26 12.74
CA ALA X 88 7.02 35.05 13.38
C ALA X 88 5.72 35.02 12.60
N GLU X 89 5.81 35.02 11.27
CA GLU X 89 4.60 35.05 10.46
C GLU X 89 3.83 33.74 10.46
N ASP X 90 4.35 32.68 11.04
CA ASP X 90 3.59 31.44 11.15
C ASP X 90 2.58 31.42 12.28
N THR X 91 2.51 32.46 13.10
CA THR X 91 1.49 32.50 14.14
C THR X 91 0.10 32.53 13.50
N ALA X 92 -0.70 31.51 13.79
CA ALA X 92 -2.03 31.38 13.21
C ALA X 92 -2.78 30.27 13.92
N VAL X 93 -4.05 30.16 13.58
CA VAL X 93 -4.87 29.01 13.96
C VAL X 93 -4.79 27.97 12.86
N TYR X 94 -4.42 26.75 13.23
CA TYR X 94 -4.24 25.65 12.29
C TYR X 94 -5.42 24.69 12.39
N TYR X 95 -6.04 24.41 11.26
CA TYR X 95 -7.14 23.47 11.15
C TYR X 95 -6.70 22.27 10.34
N CYS X 96 -7.09 21.07 10.77
CA CYS X 96 -7.07 19.93 9.88
C CYS X 96 -8.42 19.81 9.20
N ALA X 97 -8.41 19.27 7.99
CA ALA X 97 -9.63 19.19 7.21
C ALA X 97 -9.64 17.92 6.38
N LYS X 98 -10.84 17.40 6.16
CA LYS X 98 -11.05 16.15 5.44
C LYS X 98 -11.47 16.44 4.00
N VAL X 99 -10.84 15.74 3.06
CA VAL X 99 -11.24 15.86 1.66
C VAL X 99 -12.60 15.22 1.48
N TRP X 100 -13.45 15.82 0.66
CA TRP X 100 -14.75 15.22 0.42
C TRP X 100 -14.63 14.04 -0.51
N PHE X 101 -15.67 13.24 -0.57
CA PHE X 101 -15.73 12.13 -1.50
C PHE X 101 -16.34 12.62 -2.80
N GLY X 102 -15.72 12.25 -3.91
CA GLY X 102 -16.18 12.68 -5.20
C GLY X 102 -16.00 11.68 -6.32
N GLU X 103 -15.99 12.17 -7.55
CA GLU X 103 -15.80 11.31 -8.71
C GLU X 103 -14.31 11.16 -9.00
N SER X 104 -13.98 10.17 -9.82
CA SER X 104 -12.58 9.83 -10.03
C SER X 104 -11.81 10.92 -10.75
N GLU X 105 -12.43 11.67 -11.63
CA GLU X 105 -11.72 12.68 -12.41
C GLU X 105 -11.94 14.10 -11.93
N ASP X 106 -12.68 14.29 -10.86
CA ASP X 106 -12.91 15.63 -10.34
C ASP X 106 -11.68 16.12 -9.60
N ASN X 107 -11.62 17.44 -9.43
CA ASN X 107 -10.71 18.04 -8.47
C ASN X 107 -11.34 18.05 -7.08
N TYR X 108 -10.49 18.10 -6.07
CA TYR X 108 -10.92 17.85 -4.71
C TYR X 108 -10.50 18.98 -3.78
N SER X 109 -11.31 19.22 -2.76
CA SER X 109 -10.99 20.13 -1.68
C SER X 109 -11.61 19.55 -0.41
N VAL X 110 -11.79 20.39 0.60
CA VAL X 110 -12.18 19.90 1.93
C VAL X 110 -13.62 20.25 2.22
N ASP X 111 -14.29 19.39 2.96
CA ASP X 111 -15.67 19.62 3.36
C ASP X 111 -15.88 19.73 4.85
N VAL X 112 -15.09 19.05 5.66
CA VAL X 112 -15.25 19.08 7.11
C VAL X 112 -13.95 19.58 7.72
N TRP X 113 -14.05 20.62 8.53
CA TRP X 113 -12.90 21.20 9.21
C TRP X 113 -12.87 20.77 10.66
N GLY X 114 -11.67 20.70 11.21
CA GLY X 114 -11.50 20.42 12.61
C GLY X 114 -11.82 21.64 13.45
N GLN X 115 -11.56 21.52 14.73
CA GLN X 115 -11.86 22.61 15.65
C GLN X 115 -10.83 23.73 15.58
N GLY X 116 -9.58 23.40 15.32
CA GLY X 116 -8.54 24.41 15.22
C GLY X 116 -7.72 24.51 16.47
N THR X 117 -6.42 24.71 16.31
CA THR X 117 -5.52 24.91 17.44
C THR X 117 -4.61 26.09 17.16
N THR X 118 -4.38 26.91 18.19
CA THR X 118 -3.66 28.16 18.03
C THR X 118 -2.18 27.96 18.27
N VAL X 119 -1.37 28.51 17.38
CA VAL X 119 0.08 28.49 17.50
C VAL X 119 0.57 29.92 17.46
N THR X 120 1.33 30.31 18.48
CA THR X 120 1.83 31.68 18.61
C THR X 120 3.36 31.62 18.63
N VAL X 121 3.98 32.14 17.59
CA VAL X 121 5.43 32.17 17.46
C VAL X 121 5.91 33.54 17.88
N SER X 122 6.55 33.62 19.04
CA SER X 122 7.01 34.88 19.58
C SER X 122 8.18 34.62 20.51
N SER X 123 9.11 35.56 20.54
CA SER X 123 10.23 35.49 21.46
C SER X 123 9.93 36.13 22.81
N ALA X 124 8.69 36.53 23.04
CA ALA X 124 8.32 37.13 24.32
C ALA X 124 8.24 36.08 25.42
N SER X 125 8.65 36.46 26.62
CA SER X 125 8.58 35.59 27.77
C SER X 125 7.25 35.76 28.48
N THR X 126 6.83 34.71 29.16
CA THR X 126 5.58 34.75 29.91
C THR X 126 5.63 35.84 30.96
N LYS X 127 4.60 36.69 30.98
CA LYS X 127 4.61 37.87 31.83
C LYS X 127 3.18 38.21 32.21
N GLY X 128 2.95 38.46 33.50
CA GLY X 128 1.67 38.87 33.98
C GLY X 128 1.34 40.29 33.56
N PRO X 129 0.06 40.64 33.58
CA PRO X 129 -0.36 41.95 33.08
C PRO X 129 -0.24 43.04 34.14
N SER X 130 -0.19 44.27 33.64
CA SER X 130 -0.31 45.47 34.47
C SER X 130 -1.72 46.02 34.32
N VAL X 131 -2.42 46.17 35.44
CA VAL X 131 -3.80 46.62 35.44
C VAL X 131 -3.85 48.08 35.89
N PHE X 132 -4.30 48.96 35.00
CA PHE X 132 -4.41 50.36 35.35
C PHE X 132 -5.86 50.80 35.28
N PRO X 133 -6.32 51.61 36.22
CA PRO X 133 -7.72 52.05 36.20
C PRO X 133 -7.95 53.18 35.21
N LEU X 134 -9.07 53.09 34.51
CA LEU X 134 -9.58 54.19 33.69
C LEU X 134 -10.70 54.84 34.49
N ALA X 135 -10.33 55.81 35.30
CA ALA X 135 -11.21 56.38 36.32
C ALA X 135 -12.22 57.35 35.71
N PRO X 136 -13.50 57.19 36.00
CA PRO X 136 -14.50 58.16 35.53
C PRO X 136 -14.47 59.42 36.39
N SER X 137 -14.85 60.53 35.77
CA SER X 137 -14.93 61.78 36.49
C SER X 137 -15.89 62.70 35.76
N SER X 138 -15.86 64.00 36.11
CA SER X 138 -16.69 64.97 35.42
C SER X 138 -16.29 65.13 33.97
N LYS X 139 -15.02 64.89 33.64
CA LYS X 139 -14.56 65.02 32.27
C LYS X 139 -14.94 63.82 31.41
N SER X 140 -15.44 62.75 32.02
CA SER X 140 -15.92 61.58 31.31
C SER X 140 -17.38 61.30 31.65
N THR X 141 -18.19 62.36 31.78
CA THR X 141 -19.60 62.23 32.10
C THR X 141 -20.42 63.11 31.16
N SER X 142 -21.46 62.51 30.56
CA SER X 142 -22.38 63.23 29.70
C SER X 142 -23.79 62.87 30.14
N GLY X 143 -24.44 63.79 30.85
CA GLY X 143 -25.75 63.52 31.41
C GLY X 143 -25.63 62.58 32.61
N GLY X 144 -26.53 61.61 32.67
CA GLY X 144 -26.53 60.62 33.72
C GLY X 144 -25.70 59.39 33.45
N THR X 145 -24.87 59.38 32.42
CA THR X 145 -24.07 58.22 32.08
C THR X 145 -22.58 58.55 32.18
N ALA X 146 -21.85 57.67 32.85
CA ALA X 146 -20.40 57.78 32.97
C ALA X 146 -19.77 56.49 32.48
N ALA X 147 -18.49 56.56 32.13
CA ALA X 147 -17.75 55.42 31.64
C ALA X 147 -16.51 55.19 32.50
N LEU X 148 -16.27 53.94 32.84
CA LEU X 148 -15.07 53.56 33.57
C LEU X 148 -14.54 52.26 33.00
N GLY X 149 -13.32 51.92 33.37
CA GLY X 149 -12.77 50.69 32.84
C GLY X 149 -11.46 50.31 33.48
N CYS X 150 -10.83 49.31 32.87
CA CYS X 150 -9.54 48.80 33.30
C CYS X 150 -8.70 48.54 32.07
N LEU X 151 -7.44 48.97 32.12
CA LEU X 151 -6.49 48.76 31.05
C LEU X 151 -5.55 47.62 31.45
N VAL X 152 -5.54 46.57 30.65
CA VAL X 152 -4.73 45.38 30.91
C VAL X 152 -3.60 45.39 29.90
N LYS X 153 -2.43 45.83 30.34
CA LYS X 153 -1.33 46.19 29.44
C LYS X 153 -0.13 45.29 29.69
N ASP X 154 0.57 44.96 28.60
CA ASP X 154 1.89 44.33 28.66
C ASP X 154 1.84 42.98 29.35
N TYR X 155 1.10 42.07 28.74
CA TYR X 155 1.03 40.68 29.18
C TYR X 155 1.32 39.78 27.98
N PHE X 156 1.78 38.57 28.29
CA PHE X 156 2.06 37.58 27.28
C PHE X 156 2.06 36.22 27.94
N PRO X 157 1.47 35.20 27.33
CA PRO X 157 0.73 35.28 26.09
C PRO X 157 -0.77 35.41 26.30
N GLU X 158 -1.52 35.21 25.23
CA GLU X 158 -2.95 35.10 25.30
C GLU X 158 -3.34 33.80 25.98
N PRO X 159 -4.53 33.74 26.58
CA PRO X 159 -5.49 34.83 26.72
C PRO X 159 -5.58 35.37 28.12
N VAL X 160 -6.42 36.38 28.32
CA VAL X 160 -6.76 36.86 29.65
C VAL X 160 -8.28 36.96 29.72
N THR X 161 -8.82 36.73 30.90
CA THR X 161 -10.25 36.87 31.14
C THR X 161 -10.49 38.07 32.04
N VAL X 162 -11.55 38.82 31.74
CA VAL X 162 -11.92 39.98 32.52
C VAL X 162 -13.36 39.83 32.95
N SER X 163 -13.60 40.00 34.25
CA SER X 163 -14.94 40.05 34.81
C SER X 163 -15.05 41.31 35.66
N TRP X 164 -16.28 41.66 36.00
CA TRP X 164 -16.52 42.85 36.80
C TRP X 164 -17.25 42.45 38.07
N ASN X 165 -16.69 42.85 39.21
CA ASN X 165 -17.27 42.55 40.51
C ASN X 165 -17.56 41.05 40.65
N SER X 166 -16.56 40.24 40.29
CA SER X 166 -16.66 38.79 40.36
C SER X 166 -17.83 38.25 39.54
N GLY X 167 -18.16 38.93 38.44
CA GLY X 167 -19.25 38.48 37.60
C GLY X 167 -20.60 39.10 37.92
N ALA X 168 -20.69 39.90 38.98
CA ALA X 168 -21.97 40.49 39.33
C ALA X 168 -22.38 41.59 38.36
N LEU X 169 -21.44 42.16 37.63
CA LEU X 169 -21.73 43.22 36.68
C LEU X 169 -21.43 42.71 35.27
N THR X 170 -22.48 42.44 34.50
CA THR X 170 -22.33 42.04 33.11
C THR X 170 -23.06 42.93 32.12
N SER X 171 -24.08 43.66 32.55
CA SER X 171 -24.81 44.53 31.65
C SER X 171 -23.94 45.72 31.27
N GLY X 172 -23.69 45.90 29.98
CA GLY X 172 -22.92 47.04 29.51
C GLY X 172 -21.43 46.87 29.52
N VAL X 173 -20.94 45.63 29.63
CA VAL X 173 -19.52 45.35 29.67
C VAL X 173 -19.03 45.15 28.25
N HIS X 174 -17.92 45.79 27.91
CA HIS X 174 -17.28 45.64 26.61
C HIS X 174 -15.81 45.34 26.83
N THR X 175 -15.41 44.10 26.61
CA THR X 175 -14.02 43.70 26.64
C THR X 175 -13.48 43.68 25.23
N PHE X 176 -12.53 44.55 24.94
CA PHE X 176 -12.02 44.64 23.58
C PHE X 176 -11.07 43.49 23.29
N PRO X 177 -10.98 43.08 22.02
CA PRO X 177 -9.98 42.09 21.64
C PRO X 177 -8.57 42.63 21.84
N ALA X 178 -7.67 41.73 22.20
CA ALA X 178 -6.30 42.11 22.48
C ALA X 178 -5.60 42.55 21.19
N VAL X 179 -4.65 43.47 21.34
CA VAL X 179 -3.84 43.94 20.24
C VAL X 179 -2.37 43.64 20.54
N LEU X 180 -1.64 43.24 19.53
CA LEU X 180 -0.22 42.96 19.66
C LEU X 180 0.59 44.22 19.44
N GLN X 181 1.47 44.54 20.38
CA GLN X 181 2.28 45.74 20.32
C GLN X 181 3.64 45.45 19.70
N SER X 182 4.37 46.54 19.43
CA SER X 182 5.70 46.41 18.84
C SER X 182 6.65 45.67 19.76
N SER X 183 6.40 45.70 21.06
CA SER X 183 7.25 45.04 22.03
C SER X 183 6.93 43.56 22.19
N GLY X 184 5.98 43.04 21.41
CA GLY X 184 5.56 41.67 21.55
C GLY X 184 4.64 41.40 22.72
N LEU X 185 4.21 42.41 23.44
CA LEU X 185 3.27 42.25 24.53
C LEU X 185 1.88 42.69 24.10
N TYR X 186 0.87 41.98 24.60
CA TYR X 186 -0.51 42.30 24.27
C TYR X 186 -1.07 43.32 25.25
N SER X 187 -2.17 43.96 24.84
CA SER X 187 -2.82 44.95 25.67
C SER X 187 -4.27 45.07 25.23
N LEU X 188 -5.15 45.30 26.19
CA LEU X 188 -6.56 45.48 25.88
C LEU X 188 -7.19 46.36 26.96
N SER X 189 -8.45 46.71 26.73
CA SER X 189 -9.23 47.48 27.68
C SER X 189 -10.58 46.84 27.87
N SER X 190 -11.17 47.06 29.04
CA SER X 190 -12.53 46.63 29.32
C SER X 190 -13.27 47.82 29.91
N VAL X 191 -14.41 48.17 29.33
CA VAL X 191 -15.13 49.37 29.72
C VAL X 191 -16.57 49.02 30.05
N VAL X 192 -17.18 49.89 30.84
CA VAL X 192 -18.58 49.73 31.24
C VAL X 192 -19.16 51.12 31.47
N THR X 193 -20.40 51.31 31.03
CA THR X 193 -21.15 52.54 31.27
C THR X 193 -22.06 52.35 32.47
N VAL X 194 -22.03 53.31 33.38
CA VAL X 194 -22.78 53.21 34.63
C VAL X 194 -23.55 54.51 34.85
N PRO X 195 -24.62 54.45 35.63
CA PRO X 195 -25.32 55.69 36.01
C PRO X 195 -24.40 56.58 36.82
N SER X 196 -24.32 57.85 36.41
CA SER X 196 -23.46 58.81 37.08
C SER X 196 -23.84 58.99 38.53
N SER X 197 -25.12 58.81 38.87
CA SER X 197 -25.57 58.98 40.25
C SER X 197 -25.05 57.90 41.18
N SER X 198 -24.41 56.86 40.66
CA SER X 198 -23.88 55.79 41.49
C SER X 198 -22.40 55.96 41.80
N LEU X 199 -21.72 56.91 41.15
CA LEU X 199 -20.30 57.12 41.39
C LEU X 199 -20.08 57.57 42.82
N GLY X 200 -18.97 57.10 43.41
CA GLY X 200 -18.64 57.41 44.77
C GLY X 200 -19.32 56.55 45.80
N THR X 201 -20.41 55.88 45.44
CA THR X 201 -21.15 55.01 46.33
C THR X 201 -21.12 53.55 45.90
N GLN X 202 -21.31 53.29 44.61
CA GLN X 202 -21.25 51.93 44.10
C GLN X 202 -19.80 51.55 43.82
N THR X 203 -19.38 50.39 44.31
CA THR X 203 -18.01 49.92 44.15
C THR X 203 -17.89 49.14 42.85
N TYR X 204 -16.89 49.48 42.05
CA TYR X 204 -16.63 48.78 40.79
C TYR X 204 -15.22 48.22 40.81
N ILE X 205 -15.11 46.90 40.65
CA ILE X 205 -13.83 46.21 40.66
C ILE X 205 -13.77 45.32 39.42
N CYS X 206 -12.67 45.41 38.68
CA CYS X 206 -12.42 44.53 37.54
C CYS X 206 -11.51 43.39 37.99
N ASN X 207 -11.88 42.18 37.61
CA ASN X 207 -11.16 40.96 37.99
C ASN X 207 -10.50 40.39 36.75
N VAL X 208 -9.19 40.56 36.66
CA VAL X 208 -8.38 40.05 35.56
C VAL X 208 -7.74 38.75 36.00
N ASN X 209 -7.87 37.73 35.15
CA ASN X 209 -7.30 36.42 35.41
C ASN X 209 -6.47 35.97 34.21
N HIS X 210 -5.28 35.46 34.47
CA HIS X 210 -4.33 35.01 33.45
C HIS X 210 -3.78 33.67 33.91
N LYS X 211 -4.42 32.60 33.45
CA LYS X 211 -4.03 31.26 33.87
C LYS X 211 -2.59 30.89 33.54
N PRO X 212 -2.03 31.23 32.37
CA PRO X 212 -0.65 30.81 32.10
C PRO X 212 0.35 31.29 33.13
N SER X 213 0.09 32.42 33.79
CA SER X 213 0.98 32.91 34.83
C SER X 213 0.35 32.84 36.20
N ASN X 214 -0.87 32.29 36.29
CA ASN X 214 -1.62 32.18 37.55
C ASN X 214 -1.84 33.53 38.19
N THR X 215 -2.03 34.56 37.37
CA THR X 215 -2.24 35.92 37.85
C THR X 215 -3.72 36.15 38.10
N LYS X 216 -4.04 36.69 39.27
CA LYS X 216 -5.39 37.11 39.58
C LYS X 216 -5.30 38.49 40.23
N VAL X 217 -5.90 39.49 39.60
CA VAL X 217 -5.85 40.86 40.07
C VAL X 217 -7.25 41.43 40.14
N ASP X 218 -7.63 41.92 41.30
CA ASP X 218 -8.88 42.65 41.51
C ASP X 218 -8.53 44.11 41.71
N LYS X 219 -8.79 44.93 40.70
CA LYS X 219 -8.47 46.36 40.74
C LYS X 219 -9.74 47.16 40.95
N LYS X 220 -9.75 47.98 41.98
CA LYS X 220 -10.86 48.88 42.25
C LYS X 220 -10.67 50.17 41.46
N VAL X 221 -11.74 50.63 40.85
CA VAL X 221 -11.73 51.85 40.05
C VAL X 221 -12.50 52.90 40.83
N GLU X 222 -11.79 53.93 41.26
CA GLU X 222 -12.39 55.01 42.03
C GLU X 222 -12.45 56.30 41.22
N PRO X 223 -13.45 57.13 41.44
CA PRO X 223 -13.54 58.40 40.69
C PRO X 223 -12.46 59.36 41.13
N LYS X 224 -12.28 60.40 40.34
CA LYS X 224 -11.30 61.44 40.65
C LYS X 224 -11.98 62.73 41.05
N ASP Y 1 0.58 31.29 -8.93
CA ASP Y 1 -0.24 31.41 -7.74
C ASP Y 1 -1.51 32.18 -8.04
N ILE Y 2 -2.64 31.48 -8.04
CA ILE Y 2 -3.91 32.10 -8.39
C ILE Y 2 -4.36 33.04 -7.27
N GLN Y 3 -4.57 34.30 -7.62
CA GLN Y 3 -5.10 35.27 -6.68
C GLN Y 3 -6.61 35.25 -6.70
N MET Y 4 -7.23 35.31 -5.52
CA MET Y 4 -8.67 35.38 -5.40
C MET Y 4 -9.04 36.69 -4.74
N THR Y 5 -10.17 37.26 -5.15
CA THR Y 5 -10.62 38.54 -4.63
C THR Y 5 -12.13 38.54 -4.53
N GLN Y 6 -12.65 38.93 -3.38
CA GLN Y 6 -14.08 38.92 -3.11
C GLN Y 6 -14.57 40.36 -2.99
N SER Y 7 -15.77 40.61 -3.52
CA SER Y 7 -16.36 41.91 -3.37
C SER Y 7 -17.83 41.79 -3.02
N PRO Y 8 -18.34 42.65 -2.14
CA PRO Y 8 -17.57 43.63 -1.39
C PRO Y 8 -16.91 43.00 -0.19
N SER Y 9 -16.00 43.72 0.47
CA SER Y 9 -15.36 43.20 1.67
C SER Y 9 -16.34 43.10 2.83
N THR Y 10 -17.24 44.07 2.96
CA THR Y 10 -18.25 44.07 4.00
C THR Y 10 -19.59 44.46 3.38
N LEU Y 11 -20.64 43.73 3.73
CA LEU Y 11 -21.97 44.02 3.22
C LEU Y 11 -22.95 44.09 4.37
N SER Y 12 -23.52 45.28 4.58
CA SER Y 12 -24.58 45.47 5.56
C SER Y 12 -25.91 45.08 4.95
N THR Y 13 -26.61 44.14 5.58
CA THR Y 13 -27.84 43.60 5.04
C THR Y 13 -28.81 43.32 6.18
N SER Y 14 -30.06 43.04 5.80
CA SER Y 14 -31.12 42.86 6.76
C SER Y 14 -31.80 41.52 6.50
N VAL Y 15 -32.48 41.02 7.52
CA VAL Y 15 -33.19 39.75 7.38
C VAL Y 15 -34.26 39.86 6.30
N GLY Y 16 -34.26 38.90 5.39
CA GLY Y 16 -35.19 38.89 4.29
C GLY Y 16 -34.64 39.46 3.01
N ASP Y 17 -33.46 40.08 3.05
CA ASP Y 17 -32.87 40.63 1.85
C ASP Y 17 -32.32 39.54 0.95
N ARG Y 18 -32.21 39.87 -0.33
CA ARG Y 18 -31.51 39.04 -1.29
C ARG Y 18 -30.06 39.50 -1.36
N VAL Y 19 -29.14 38.59 -1.03
CA VAL Y 19 -27.73 38.93 -0.90
C VAL Y 19 -26.97 38.27 -2.05
N THR Y 20 -26.10 39.04 -2.70
CA THR Y 20 -25.24 38.51 -3.74
C THR Y 20 -23.82 39.00 -3.51
N ILE Y 21 -22.89 38.08 -3.36
CA ILE Y 21 -21.48 38.39 -3.21
C ILE Y 21 -20.73 37.78 -4.38
N THR Y 22 -19.63 38.42 -4.77
CA THR Y 22 -18.87 38.04 -5.94
C THR Y 22 -17.46 37.63 -5.55
N CYS Y 23 -16.84 36.84 -6.42
CA CYS Y 23 -15.50 36.30 -6.20
C CYS Y 23 -14.86 36.15 -7.56
N ARG Y 24 -13.63 36.64 -7.70
CA ARG Y 24 -12.96 36.66 -8.98
C ARG Y 24 -11.58 36.07 -8.84
N ALA Y 25 -11.16 35.33 -9.86
CA ALA Y 25 -9.86 34.70 -9.88
C ALA Y 25 -8.97 35.38 -10.89
N SER Y 26 -7.66 35.37 -10.61
CA SER Y 26 -6.72 36.01 -11.51
C SER Y 26 -6.61 35.28 -12.83
N GLN Y 27 -6.96 34.00 -12.89
CA GLN Y 27 -6.94 33.28 -14.15
C GLN Y 27 -8.10 32.29 -14.16
N SER Y 28 -8.30 31.63 -15.29
CA SER Y 28 -9.43 30.73 -15.43
C SER Y 28 -9.26 29.51 -14.56
N ILE Y 29 -10.26 29.24 -13.72
CA ILE Y 29 -10.27 28.09 -12.84
C ILE Y 29 -11.39 27.12 -13.20
N SER Y 30 -11.96 27.26 -14.38
CA SER Y 30 -13.08 26.43 -14.83
C SER Y 30 -14.21 26.58 -13.82
N ASN Y 31 -14.75 25.50 -13.27
CA ASN Y 31 -15.80 25.58 -12.26
C ASN Y 31 -15.35 25.09 -10.89
N TRP Y 32 -14.06 24.87 -10.69
CA TRP Y 32 -13.55 24.31 -9.43
C TRP Y 32 -13.44 25.41 -8.37
N LEU Y 33 -14.59 25.82 -7.87
CA LEU Y 33 -14.68 26.83 -6.83
C LEU Y 33 -15.63 26.38 -5.75
N ALA Y 34 -15.22 26.53 -4.50
CA ALA Y 34 -16.02 26.19 -3.34
C ALA Y 34 -16.26 27.43 -2.49
N TRP Y 35 -17.39 27.44 -1.80
CA TRP Y 35 -17.79 28.50 -0.88
C TRP Y 35 -17.89 27.94 0.53
N TYR Y 36 -17.23 28.60 1.47
CA TYR Y 36 -17.22 28.20 2.86
C TYR Y 36 -17.76 29.32 3.73
N GLN Y 37 -18.54 28.95 4.73
CA GLN Y 37 -19.08 29.86 5.72
C GLN Y 37 -18.36 29.66 7.04
N GLN Y 38 -18.03 30.77 7.71
CA GLN Y 38 -17.36 30.72 9.00
C GLN Y 38 -18.00 31.70 9.94
N LYS Y 39 -18.41 31.24 11.06
CA LYS Y 39 -18.88 32.09 12.12
C LYS Y 39 -17.73 32.39 13.08
N PRO Y 40 -17.77 33.54 13.74
CA PRO Y 40 -16.64 33.95 14.57
C PRO Y 40 -16.36 32.97 15.70
N GLY Y 41 -15.06 32.74 15.93
CA GLY Y 41 -14.61 31.77 16.92
C GLY Y 41 -15.05 30.35 16.66
N LYS Y 42 -15.22 29.98 15.39
CA LYS Y 42 -15.71 28.65 15.06
C LYS Y 42 -15.10 28.24 13.73
N ALA Y 43 -15.08 26.95 13.49
CA ALA Y 43 -14.45 26.46 12.27
C ALA Y 43 -15.33 26.72 11.05
N PRO Y 44 -14.72 26.91 9.90
CA PRO Y 44 -15.49 27.10 8.67
C PRO Y 44 -16.25 25.84 8.28
N LYS Y 45 -17.37 26.05 7.60
CA LYS Y 45 -18.25 24.99 7.16
C LYS Y 45 -18.46 25.12 5.67
N LEU Y 46 -18.45 23.98 4.97
CA LEU Y 46 -18.63 23.97 3.52
C LEU Y 46 -20.07 24.23 3.13
N LEU Y 47 -20.27 25.16 2.20
CA LEU Y 47 -21.59 25.45 1.67
C LEU Y 47 -21.81 24.93 0.26
N ILE Y 48 -20.90 25.22 -0.66
CA ILE Y 48 -21.11 24.90 -2.07
C ILE Y 48 -19.79 24.42 -2.65
N TYR Y 49 -19.86 23.40 -3.49
CA TYR Y 49 -18.71 22.98 -4.27
C TYR Y 49 -19.07 22.94 -5.74
N LYS Y 50 -18.04 22.86 -6.57
CA LYS Y 50 -18.18 22.88 -8.02
C LYS Y 50 -18.91 24.14 -8.46
N ALA Y 51 -18.79 25.20 -7.67
CA ALA Y 51 -19.32 26.52 -7.94
C ALA Y 51 -20.83 26.59 -7.93
N SER Y 52 -21.51 25.46 -8.11
CA SER Y 52 -22.98 25.53 -8.15
C SER Y 52 -23.66 24.30 -7.56
N THR Y 53 -22.94 23.38 -6.95
CA THR Y 53 -23.54 22.21 -6.33
C THR Y 53 -23.71 22.48 -4.84
N LEU Y 54 -24.92 22.30 -4.36
CA LEU Y 54 -25.22 22.55 -2.96
C LEU Y 54 -24.85 21.35 -2.12
N GLU Y 55 -24.09 21.59 -1.06
CA GLU Y 55 -23.73 20.53 -0.14
C GLU Y 55 -24.96 19.99 0.58
N SER Y 56 -24.94 18.68 0.84
CA SER Y 56 -26.02 18.03 1.57
C SER Y 56 -26.15 18.63 2.96
N GLY Y 57 -27.38 18.95 3.35
CA GLY Y 57 -27.65 19.56 4.62
C GLY Y 57 -27.72 21.08 4.59
N VAL Y 58 -27.33 21.69 3.48
CA VAL Y 58 -27.36 23.14 3.35
C VAL Y 58 -28.75 23.56 2.91
N PRO Y 59 -29.39 24.52 3.56
CA PRO Y 59 -30.73 24.93 3.15
C PRO Y 59 -30.72 25.47 1.73
N SER Y 60 -31.87 25.37 1.08
CA SER Y 60 -31.99 25.70 -0.33
C SER Y 60 -31.88 27.18 -0.63
N ARG Y 61 -31.92 28.03 0.38
CA ARG Y 61 -31.80 29.46 0.14
C ARG Y 61 -30.41 29.88 -0.31
N PHE Y 62 -29.44 28.98 -0.32
CA PHE Y 62 -28.11 29.27 -0.83
C PHE Y 62 -28.00 28.78 -2.27
N SER Y 63 -27.34 29.56 -3.12
CA SER Y 63 -27.15 29.11 -4.48
C SER Y 63 -25.85 29.70 -5.00
N GLY Y 64 -25.21 28.95 -5.90
CA GLY Y 64 -24.00 29.43 -6.52
C GLY Y 64 -24.13 29.61 -8.00
N SER Y 65 -23.28 30.44 -8.59
CA SER Y 65 -23.33 30.68 -10.02
C SER Y 65 -21.95 31.15 -10.46
N GLY Y 66 -21.66 30.97 -11.74
CA GLY Y 66 -20.43 31.52 -12.27
C GLY Y 66 -19.54 30.49 -12.92
N SER Y 67 -18.66 30.94 -13.80
CA SER Y 67 -17.75 30.03 -14.48
C SER Y 67 -16.61 30.82 -15.09
N GLY Y 68 -15.46 30.18 -15.20
CA GLY Y 68 -14.29 30.85 -15.72
C GLY Y 68 -13.54 31.59 -14.64
N THR Y 69 -13.77 32.90 -14.55
CA THR Y 69 -13.06 33.73 -13.58
C THR Y 69 -13.97 34.52 -12.66
N GLU Y 70 -15.27 34.56 -12.93
CA GLU Y 70 -16.23 35.30 -12.11
C GLU Y 70 -17.26 34.37 -11.53
N PHE Y 71 -17.47 34.44 -10.22
CA PHE Y 71 -18.43 33.59 -9.53
C PHE Y 71 -19.20 34.44 -8.53
N THR Y 72 -20.44 34.05 -8.28
CA THR Y 72 -21.30 34.73 -7.33
C THR Y 72 -22.01 33.73 -6.44
N LEU Y 73 -22.23 34.14 -5.19
CA LEU Y 73 -23.03 33.41 -4.22
C LEU Y 73 -24.25 34.23 -3.87
N THR Y 74 -25.42 33.61 -3.92
CA THR Y 74 -26.68 34.29 -3.71
C THR Y 74 -27.45 33.62 -2.59
N ILE Y 75 -27.96 34.43 -1.67
CA ILE Y 75 -28.91 33.99 -0.65
C ILE Y 75 -30.23 34.66 -0.97
N SER Y 76 -31.22 33.84 -1.33
CA SER Y 76 -32.51 34.38 -1.78
C SER Y 76 -33.23 35.12 -0.66
N SER Y 77 -33.22 34.56 0.55
CA SER Y 77 -33.91 35.19 1.68
C SER Y 77 -33.06 34.97 2.92
N LEU Y 78 -32.44 36.04 3.39
CA LEU Y 78 -31.50 35.96 4.50
C LEU Y 78 -32.22 35.62 5.79
N GLN Y 79 -31.59 34.78 6.59
CA GLN Y 79 -32.08 34.37 7.90
C GLN Y 79 -31.01 34.65 8.94
N PRO Y 80 -31.39 34.82 10.20
CA PRO Y 80 -30.42 35.27 11.21
C PRO Y 80 -29.23 34.34 11.37
N ASP Y 81 -29.39 33.07 11.07
CA ASP Y 81 -28.27 32.14 11.17
C ASP Y 81 -27.21 32.36 10.09
N ASP Y 82 -27.53 33.11 9.03
CA ASP Y 82 -26.63 33.31 7.92
C ASP Y 82 -25.68 34.48 8.07
N PHE Y 83 -25.72 35.20 9.18
CA PHE Y 83 -24.79 36.30 9.41
C PHE Y 83 -23.43 35.74 9.80
N ALA Y 84 -22.51 35.70 8.85
CA ALA Y 84 -21.20 35.09 9.05
C ALA Y 84 -20.28 35.60 7.96
N THR Y 85 -19.05 35.12 7.96
CA THR Y 85 -18.08 35.46 6.94
C THR Y 85 -18.01 34.35 5.90
N TYR Y 86 -18.00 34.73 4.63
CA TYR Y 86 -18.05 33.80 3.52
C TYR Y 86 -16.77 33.91 2.70
N TYR Y 87 -16.09 32.78 2.52
CA TYR Y 87 -14.85 32.71 1.77
C TYR Y 87 -15.05 31.87 0.52
N CYS Y 88 -14.52 32.33 -0.60
CA CYS Y 88 -14.42 31.49 -1.77
C CYS Y 88 -13.04 30.87 -1.85
N GLN Y 89 -12.95 29.76 -2.57
CA GLN Y 89 -11.72 29.00 -2.68
C GLN Y 89 -11.68 28.32 -4.02
N GLN Y 90 -10.68 28.64 -4.82
CA GLN Y 90 -10.41 27.89 -6.03
C GLN Y 90 -9.64 26.63 -5.68
N TYR Y 91 -9.97 25.53 -6.33
CA TYR Y 91 -9.20 24.32 -6.18
C TYR Y 91 -8.92 23.73 -7.54
N SER Y 92 -8.61 24.59 -8.49
CA SER Y 92 -8.18 24.18 -9.81
C SER Y 92 -6.67 23.99 -9.88
N SER Y 93 -5.92 24.79 -9.15
CA SER Y 93 -4.46 24.67 -9.11
C SER Y 93 -4.05 25.01 -7.69
N TYR Y 94 -3.73 23.97 -6.91
CA TYR Y 94 -3.52 24.12 -5.48
C TYR Y 94 -4.79 24.73 -4.86
N TRP Y 95 -4.65 25.54 -3.82
CA TRP Y 95 -5.81 26.04 -3.09
C TRP Y 95 -5.51 27.44 -2.58
N THR Y 96 -6.31 28.41 -2.97
CA THR Y 96 -6.18 29.77 -2.47
C THR Y 96 -7.55 30.31 -2.12
N PHE Y 97 -7.64 31.00 -0.99
CA PHE Y 97 -8.89 31.56 -0.50
C PHE Y 97 -8.95 33.05 -0.75
N GLY Y 98 -10.16 33.56 -0.87
CA GLY Y 98 -10.35 35.00 -0.89
C GLY Y 98 -10.23 35.62 0.47
N GLN Y 99 -10.25 36.95 0.51
CA GLN Y 99 -10.14 37.65 1.78
C GLN Y 99 -11.37 37.46 2.66
N GLY Y 100 -12.50 37.08 2.08
CA GLY Y 100 -13.68 36.87 2.87
C GLY Y 100 -14.59 38.07 2.85
N THR Y 101 -15.88 37.81 2.81
CA THR Y 101 -16.91 38.85 2.89
C THR Y 101 -17.69 38.62 4.16
N LYS Y 102 -17.77 39.65 4.99
CA LYS Y 102 -18.50 39.57 6.24
C LYS Y 102 -19.87 40.19 6.04
N LEU Y 103 -20.92 39.42 6.33
CA LEU Y 103 -22.28 39.93 6.26
C LEU Y 103 -22.63 40.60 7.59
N GLU Y 104 -22.87 41.90 7.54
CA GLU Y 104 -23.11 42.69 8.73
C GLU Y 104 -24.60 42.98 8.89
N ILE Y 105 -25.04 43.08 10.13
CA ILE Y 105 -26.43 43.33 10.46
C ILE Y 105 -26.72 44.81 10.27
N LYS Y 106 -27.57 45.13 9.31
CA LYS Y 106 -27.92 46.52 9.05
C LYS Y 106 -28.93 47.01 10.06
N ARG Y 107 -28.71 48.22 10.55
CA ARG Y 107 -29.58 48.88 11.50
C ARG Y 107 -29.58 50.37 11.22
N THR Y 108 -30.36 51.10 12.03
CA THR Y 108 -30.41 52.54 11.87
C THR Y 108 -29.11 53.18 12.35
N VAL Y 109 -28.91 54.42 11.94
CA VAL Y 109 -27.68 55.13 12.28
C VAL Y 109 -27.73 55.52 13.74
N ALA Y 110 -26.64 55.29 14.46
CA ALA Y 110 -26.53 55.70 15.85
C ALA Y 110 -25.18 56.36 16.06
N ALA Y 111 -25.20 57.59 16.57
CA ALA Y 111 -23.97 58.32 16.79
C ALA Y 111 -23.22 57.77 18.00
N PRO Y 112 -21.89 57.82 17.99
CA PRO Y 112 -21.12 57.28 19.12
C PRO Y 112 -21.19 58.18 20.33
N SER Y 113 -21.06 57.57 21.50
CA SER Y 113 -20.79 58.30 22.72
C SER Y 113 -19.28 58.32 22.92
N VAL Y 114 -18.72 59.49 23.14
CA VAL Y 114 -17.28 59.69 23.15
C VAL Y 114 -16.81 59.95 24.57
N PHE Y 115 -15.83 59.17 25.02
CA PHE Y 115 -15.21 59.35 26.32
C PHE Y 115 -13.71 59.31 26.15
N ILE Y 116 -13.02 60.07 26.98
CA ILE Y 116 -11.56 60.13 27.00
C ILE Y 116 -11.08 59.80 28.40
N PHE Y 117 -9.97 59.07 28.49
CA PHE Y 117 -9.39 58.69 29.76
C PHE Y 117 -7.91 59.05 29.77
N PRO Y 118 -7.45 59.78 30.78
CA PRO Y 118 -6.03 60.11 30.87
C PRO Y 118 -5.25 58.97 31.52
N PRO Y 119 -3.92 58.98 31.41
CA PRO Y 119 -3.13 57.95 32.08
C PRO Y 119 -3.27 58.03 33.60
N SER Y 120 -3.32 56.86 34.23
CA SER Y 120 -3.38 56.80 35.67
C SER Y 120 -2.04 57.20 36.27
N ASP Y 121 -2.09 57.64 37.52
CA ASP Y 121 -0.87 58.00 38.22
C ASP Y 121 0.03 56.79 38.42
N GLU Y 122 -0.57 55.59 38.52
CA GLU Y 122 0.24 54.39 38.69
C GLU Y 122 1.03 54.08 37.42
N GLN Y 123 0.39 54.21 36.27
CA GLN Y 123 1.11 53.95 35.02
C GLN Y 123 2.18 55.01 34.78
N LEU Y 124 1.89 56.27 35.10
CA LEU Y 124 2.91 57.30 35.02
C LEU Y 124 4.07 57.01 35.95
N LYS Y 125 3.78 56.45 37.12
CA LYS Y 125 4.85 56.04 38.02
C LYS Y 125 5.63 54.87 37.43
N SER Y 126 4.98 54.06 36.59
CA SER Y 126 5.66 52.93 35.98
C SER Y 126 6.51 53.32 34.79
N GLY Y 127 6.39 54.55 34.29
CA GLY Y 127 7.21 55.04 33.20
C GLY Y 127 6.52 55.12 31.85
N THR Y 128 5.25 54.79 31.76
CA THR Y 128 4.51 54.82 30.51
C THR Y 128 3.23 55.63 30.69
N ALA Y 129 2.69 56.14 29.58
CA ALA Y 129 1.46 56.91 29.61
C ALA Y 129 0.57 56.48 28.46
N SER Y 130 -0.55 55.83 28.79
CA SER Y 130 -1.55 55.43 27.80
C SER Y 130 -2.79 56.31 27.91
N VAL Y 131 -3.21 56.89 26.80
CA VAL Y 131 -4.43 57.69 26.74
C VAL Y 131 -5.44 56.94 25.88
N VAL Y 132 -6.67 56.84 26.37
CA VAL Y 132 -7.69 56.01 25.75
C VAL Y 132 -8.86 56.88 25.34
N CYS Y 133 -9.27 56.75 24.08
CA CYS Y 133 -10.44 57.42 23.56
C CYS Y 133 -11.43 56.33 23.19
N LEU Y 134 -12.66 56.44 23.68
CA LEU Y 134 -13.65 55.39 23.53
C LEU Y 134 -14.85 55.91 22.76
N LEU Y 135 -15.25 55.17 21.74
CA LEU Y 135 -16.47 55.42 20.99
C LEU Y 135 -17.43 54.26 21.26
N ASN Y 136 -18.56 54.56 21.88
CA ASN Y 136 -19.47 53.53 22.35
C ASN Y 136 -20.76 53.55 21.54
N ASN Y 137 -21.19 52.38 21.09
CA ASN Y 137 -22.53 52.15 20.53
C ASN Y 137 -22.80 53.07 19.35
N PHE Y 138 -22.07 52.80 18.26
CA PHE Y 138 -22.18 53.56 17.04
C PHE Y 138 -22.36 52.62 15.86
N TYR Y 139 -22.93 53.15 14.79
CA TYR Y 139 -23.14 52.44 13.54
C TYR Y 139 -23.27 53.43 12.42
N PRO Y 140 -22.70 53.17 11.24
CA PRO Y 140 -21.90 52.00 10.92
C PRO Y 140 -20.52 52.02 11.56
N ARG Y 141 -19.69 51.05 11.21
CA ARG Y 141 -18.40 50.87 11.88
C ARG Y 141 -17.37 51.90 11.45
N GLU Y 142 -17.48 52.43 10.25
CA GLU Y 142 -16.45 53.34 9.75
C GLU Y 142 -16.45 54.65 10.52
N ALA Y 143 -15.30 54.99 11.07
CA ALA Y 143 -15.09 56.23 11.79
C ALA Y 143 -13.61 56.55 11.73
N LYS Y 144 -13.27 57.82 11.94
CA LYS Y 144 -11.89 58.25 11.95
C LYS Y 144 -11.61 58.96 13.26
N VAL Y 145 -10.52 58.59 13.91
CA VAL Y 145 -10.08 59.17 15.16
C VAL Y 145 -8.69 59.74 14.97
N GLN Y 146 -8.54 61.04 15.19
CA GLN Y 146 -7.27 61.73 15.06
C GLN Y 146 -6.84 62.25 16.42
N TRP Y 147 -5.62 61.92 16.80
CA TRP Y 147 -5.05 62.41 18.05
C TRP Y 147 -4.34 63.73 17.80
N LYS Y 148 -4.56 64.70 18.68
CA LYS Y 148 -3.93 66.00 18.58
C LYS Y 148 -3.26 66.33 19.91
N VAL Y 149 -1.97 66.61 19.85
CA VAL Y 149 -1.17 66.95 21.02
C VAL Y 149 -0.69 68.38 20.81
N ASP Y 150 -1.24 69.30 21.60
CA ASP Y 150 -1.04 70.73 21.39
C ASP Y 150 -1.38 71.10 19.95
N ASN Y 151 -2.55 70.62 19.51
CA ASN Y 151 -3.10 70.91 18.18
C ASN Y 151 -2.23 70.35 17.06
N ALA Y 152 -1.41 69.35 17.36
CA ALA Y 152 -0.56 68.71 16.37
C ALA Y 152 -1.03 67.27 16.19
N LEU Y 153 -1.33 66.90 14.95
CA LEU Y 153 -1.84 65.57 14.65
C LEU Y 153 -0.76 64.52 14.87
N GLN Y 154 -1.14 63.43 15.50
CA GLN Y 154 -0.24 62.31 15.77
C GLN Y 154 -0.38 61.25 14.68
N SER Y 155 0.69 60.50 14.47
CA SER Y 155 0.69 59.45 13.46
C SER Y 155 1.71 58.39 13.82
N GLY Y 156 1.29 57.12 13.79
CA GLY Y 156 2.19 56.02 14.03
C GLY Y 156 2.42 55.67 15.47
N ASN Y 157 1.70 56.29 16.40
CA ASN Y 157 1.87 56.01 17.82
C ASN Y 157 0.57 55.62 18.51
N SER Y 158 -0.44 55.19 17.75
CA SER Y 158 -1.72 54.80 18.30
C SER Y 158 -2.14 53.45 17.74
N GLN Y 159 -3.01 52.77 18.48
CA GLN Y 159 -3.56 51.49 18.03
C GLN Y 159 -5.05 51.45 18.33
N GLU Y 160 -5.81 50.87 17.41
CA GLU Y 160 -7.26 50.81 17.52
C GLU Y 160 -7.73 49.37 17.67
N SER Y 161 -8.84 49.20 18.39
CA SER Y 161 -9.46 47.90 18.55
C SER Y 161 -10.97 48.06 18.47
N VAL Y 162 -11.63 47.17 17.75
CA VAL Y 162 -13.07 47.25 17.53
C VAL Y 162 -13.72 45.94 17.94
N THR Y 163 -14.83 46.02 18.66
CA THR Y 163 -15.60 44.83 19.01
C THR Y 163 -16.48 44.40 17.84
N GLU Y 164 -16.97 43.17 17.93
CA GLU Y 164 -17.97 42.70 16.99
C GLU Y 164 -19.32 43.33 17.32
N GLN Y 165 -20.27 43.15 16.40
CA GLN Y 165 -21.61 43.66 16.58
C GLN Y 165 -22.27 43.06 17.81
N ASP Y 166 -22.78 43.94 18.68
CA ASP Y 166 -23.45 43.49 19.89
C ASP Y 166 -24.66 42.64 19.54
N SER Y 167 -24.85 41.56 20.28
CA SER Y 167 -25.93 40.63 19.99
C SER Y 167 -27.29 41.26 20.21
N LYS Y 168 -27.38 42.25 21.10
CA LYS Y 168 -28.67 42.82 21.46
C LYS Y 168 -29.10 43.95 20.54
N ASP Y 169 -28.19 44.85 20.17
CA ASP Y 169 -28.57 46.02 19.39
C ASP Y 169 -27.66 46.26 18.18
N SER Y 170 -26.73 45.35 17.90
CA SER Y 170 -25.96 45.38 16.66
C SER Y 170 -25.09 46.63 16.52
N THR Y 171 -24.62 47.18 17.64
CA THR Y 171 -23.77 48.35 17.61
C THR Y 171 -22.31 47.94 17.79
N TYR Y 172 -21.42 48.87 17.48
CA TYR Y 172 -19.99 48.70 17.65
C TYR Y 172 -19.49 49.55 18.81
N SER Y 173 -18.35 49.15 19.36
CA SER Y 173 -17.59 49.97 20.27
C SER Y 173 -16.14 49.92 19.84
N LEU Y 174 -15.46 51.05 19.93
CA LEU Y 174 -14.09 51.16 19.47
C LEU Y 174 -13.24 51.85 20.52
N SER Y 175 -12.04 51.33 20.74
CA SER Y 175 -11.08 51.95 21.63
C SER Y 175 -9.85 52.33 20.83
N SER Y 176 -9.34 53.53 21.05
CA SER Y 176 -8.09 53.99 20.48
C SER Y 176 -7.14 54.31 21.62
N THR Y 177 -5.95 53.71 21.57
CA THR Y 177 -4.97 53.85 22.64
C THR Y 177 -3.73 54.55 22.11
N LEU Y 178 -3.44 55.73 22.64
CA LEU Y 178 -2.21 56.44 22.36
C LEU Y 178 -1.21 56.16 23.47
N THR Y 179 -0.05 55.64 23.10
CA THR Y 179 0.98 55.24 24.05
C THR Y 179 2.20 56.12 23.89
N LEU Y 180 2.69 56.67 25.00
CA LEU Y 180 3.85 57.55 24.99
C LEU Y 180 4.73 57.30 26.21
N SER Y 181 6.00 57.67 26.07
CA SER Y 181 6.91 57.65 27.20
C SER Y 181 6.56 58.77 28.17
N LYS Y 182 6.99 58.58 29.43
CA LYS Y 182 6.71 59.59 30.45
C LYS Y 182 7.31 60.95 30.08
N ALA Y 183 8.49 60.94 29.46
CA ALA Y 183 9.11 62.20 29.08
C ALA Y 183 8.39 62.86 27.92
N ASP Y 184 8.02 62.08 26.91
CA ASP Y 184 7.24 62.62 25.80
C ASP Y 184 5.88 63.11 26.29
N TYR Y 185 5.26 62.38 27.19
CA TYR Y 185 3.94 62.78 27.69
C TYR Y 185 4.02 64.07 28.50
N GLU Y 186 5.04 64.21 29.32
CA GLU Y 186 5.17 65.39 30.16
C GLU Y 186 5.78 66.57 29.44
N LYS Y 187 6.16 66.42 28.17
CA LYS Y 187 6.66 67.53 27.38
C LYS Y 187 5.56 68.28 26.63
N HIS Y 188 4.29 68.06 26.98
CA HIS Y 188 3.19 68.76 26.35
C HIS Y 188 2.09 68.94 27.37
N LYS Y 189 1.06 69.68 26.96
CA LYS Y 189 0.00 70.09 27.88
C LYS Y 189 -1.36 69.55 27.48
N VAL Y 190 -1.82 69.85 26.27
CA VAL Y 190 -3.18 69.53 25.84
C VAL Y 190 -3.15 68.26 25.00
N TYR Y 191 -4.07 67.35 25.29
CA TYR Y 191 -4.18 66.07 24.60
C TYR Y 191 -5.63 65.84 24.21
N ALA Y 192 -5.89 65.72 22.91
CA ALA Y 192 -7.25 65.61 22.42
C ALA Y 192 -7.38 64.45 21.43
N CYS Y 193 -8.55 63.83 21.44
CA CYS Y 193 -8.96 62.93 20.37
C CYS Y 193 -10.17 63.52 19.68
N GLU Y 194 -10.07 63.63 18.36
CA GLU Y 194 -11.15 64.12 17.51
C GLU Y 194 -11.73 62.94 16.74
N VAL Y 195 -13.06 62.88 16.69
CA VAL Y 195 -13.79 61.76 16.15
C VAL Y 195 -14.71 62.27 15.05
N THR Y 196 -14.68 61.59 13.90
CA THR Y 196 -15.61 61.84 12.81
C THR Y 196 -16.33 60.55 12.48
N HIS Y 197 -17.63 60.68 12.24
CA HIS Y 197 -18.49 59.55 11.93
C HIS Y 197 -19.66 60.03 11.09
N GLN Y 198 -20.15 59.14 10.23
CA GLN Y 198 -21.22 59.52 9.31
C GLN Y 198 -22.50 59.88 10.05
N GLY Y 199 -22.64 59.47 11.30
CA GLY Y 199 -23.76 59.86 12.13
C GLY Y 199 -23.57 61.15 12.87
N LEU Y 200 -22.44 61.83 12.68
CA LEU Y 200 -22.13 63.09 13.35
C LEU Y 200 -22.14 64.20 12.33
N SER Y 201 -22.97 65.22 12.56
CA SER Y 201 -23.00 66.36 11.65
C SER Y 201 -21.70 67.16 11.70
N SER Y 202 -21.06 67.23 12.86
CA SER Y 202 -19.81 67.94 13.04
C SER Y 202 -18.84 67.05 13.81
N PRO Y 203 -17.54 67.23 13.60
CA PRO Y 203 -16.57 66.42 14.35
C PRO Y 203 -16.67 66.72 15.84
N VAL Y 204 -16.46 65.67 16.63
CA VAL Y 204 -16.49 65.78 18.09
C VAL Y 204 -15.06 65.80 18.59
N THR Y 205 -14.77 66.70 19.51
CA THR Y 205 -13.41 66.84 20.03
C THR Y 205 -13.46 66.80 21.54
N LYS Y 206 -12.72 65.86 22.14
CA LYS Y 206 -12.52 65.80 23.57
C LYS Y 206 -11.05 66.03 23.88
N SER Y 207 -10.78 66.73 24.97
CA SER Y 207 -9.42 67.12 25.30
C SER Y 207 -9.27 67.27 26.80
N PHE Y 208 -8.04 67.11 27.28
CA PHE Y 208 -7.72 67.35 28.68
C PHE Y 208 -6.36 68.02 28.76
N ASN Y 209 -6.07 68.59 29.94
CA ASN Y 209 -4.77 69.18 30.22
C ASN Y 209 -3.96 68.25 31.11
N ARG Y 210 -2.68 68.11 30.79
CA ARG Y 210 -1.78 67.25 31.54
C ARG Y 210 -1.62 67.71 32.98
N GLY Y 211 -1.93 66.81 33.91
CA GLY Y 211 -1.87 67.08 35.33
C GLY Y 211 -3.19 67.42 35.98
N GLU Y 212 -4.16 67.92 35.21
CA GLU Y 212 -5.46 68.26 35.79
C GLU Y 212 -6.19 67.00 36.26
N GLN Z 1 8.27 -1.55 -38.52
CA GLN Z 1 7.48 -0.34 -38.69
C GLN Z 1 6.08 -0.53 -38.14
N VAL Z 2 5.15 0.33 -38.56
CA VAL Z 2 3.78 0.24 -38.11
C VAL Z 2 3.13 -0.99 -38.71
N GLN Z 3 2.40 -1.75 -37.90
CA GLN Z 3 1.73 -2.94 -38.40
C GLN Z 3 0.36 -3.04 -37.76
N LEU Z 4 -0.65 -3.33 -38.57
CA LEU Z 4 -2.02 -3.52 -38.11
C LEU Z 4 -2.54 -4.85 -38.64
N VAL Z 5 -3.15 -5.64 -37.76
CA VAL Z 5 -3.63 -6.97 -38.12
C VAL Z 5 -5.09 -7.08 -37.72
N GLU Z 6 -5.97 -7.18 -38.71
CA GLU Z 6 -7.39 -7.36 -38.46
C GLU Z 6 -7.71 -8.83 -38.27
N SER Z 7 -8.75 -9.10 -37.49
CA SER Z 7 -9.21 -10.46 -37.33
C SER Z 7 -10.67 -10.43 -36.93
N GLY Z 8 -11.34 -11.55 -37.10
CA GLY Z 8 -12.73 -11.70 -36.70
C GLY Z 8 -13.71 -11.77 -37.85
N GLY Z 9 -13.25 -11.53 -39.07
CA GLY Z 9 -14.16 -11.54 -40.20
C GLY Z 9 -14.57 -12.93 -40.61
N GLY Z 10 -15.67 -13.01 -41.32
CA GLY Z 10 -16.17 -14.28 -41.81
C GLY Z 10 -17.57 -14.14 -42.36
N VAL Z 11 -18.26 -15.27 -42.47
CA VAL Z 11 -19.62 -15.30 -42.98
C VAL Z 11 -20.58 -15.21 -41.80
N VAL Z 12 -21.57 -14.34 -41.92
CA VAL Z 12 -22.56 -14.13 -40.86
C VAL Z 12 -23.92 -13.95 -41.52
N GLN Z 13 -24.94 -14.55 -40.92
CA GLN Z 13 -26.28 -14.41 -41.44
C GLN Z 13 -26.81 -13.00 -41.20
N PRO Z 14 -27.68 -12.51 -42.08
CA PRO Z 14 -28.25 -11.18 -41.88
C PRO Z 14 -29.04 -11.11 -40.59
N GLY Z 15 -28.90 -9.98 -39.91
CA GLY Z 15 -29.54 -9.74 -38.64
C GLY Z 15 -28.71 -10.12 -37.43
N ARG Z 16 -27.69 -10.93 -37.60
CA ARG Z 16 -26.83 -11.31 -36.51
C ARG Z 16 -25.72 -10.26 -36.33
N SER Z 17 -24.86 -10.50 -35.36
CA SER Z 17 -23.79 -9.58 -35.01
C SER Z 17 -22.44 -10.23 -35.24
N LEU Z 18 -21.41 -9.39 -35.28
CA LEU Z 18 -20.05 -9.84 -35.49
C LEU Z 18 -19.12 -8.78 -34.94
N ARG Z 19 -18.02 -9.21 -34.33
CA ARG Z 19 -17.08 -8.30 -33.70
C ARG Z 19 -15.72 -8.42 -34.37
N LEU Z 20 -15.25 -7.33 -34.94
CA LEU Z 20 -13.93 -7.28 -35.55
C LEU Z 20 -12.94 -6.67 -34.57
N SER Z 21 -11.71 -7.15 -34.62
CA SER Z 21 -10.65 -6.62 -33.79
C SER Z 21 -9.46 -6.27 -34.66
N CYS Z 22 -8.63 -5.36 -34.16
CA CYS Z 22 -7.48 -4.86 -34.90
C CYS Z 22 -6.35 -4.73 -33.91
N ALA Z 23 -5.32 -5.55 -34.06
CA ALA Z 23 -4.16 -5.51 -33.20
C ALA Z 23 -3.10 -4.61 -33.81
N ALA Z 24 -2.61 -3.67 -33.02
CA ALA Z 24 -1.65 -2.68 -33.49
C ALA Z 24 -0.31 -2.91 -32.84
N SER Z 25 0.75 -2.67 -33.60
CA SER Z 25 2.10 -2.77 -33.08
C SER Z 25 3.02 -1.90 -33.91
N GLY Z 26 4.19 -1.62 -33.35
CA GLY Z 26 5.14 -0.76 -34.01
C GLY Z 26 5.03 0.70 -33.66
N PHE Z 27 4.06 1.08 -32.85
CA PHE Z 27 3.91 2.47 -32.44
C PHE Z 27 3.09 2.50 -31.16
N THR Z 28 3.06 3.67 -30.54
CA THR Z 28 2.29 3.85 -29.32
C THR Z 28 0.83 3.96 -29.71
N PHE Z 29 0.10 2.87 -29.56
CA PHE Z 29 -1.29 2.83 -30.02
C PHE Z 29 -2.16 3.81 -29.27
N SER Z 30 -1.92 3.96 -27.96
CA SER Z 30 -2.79 4.79 -27.16
C SER Z 30 -2.67 6.27 -27.47
N ASN Z 31 -1.71 6.68 -28.28
CA ASN Z 31 -1.53 8.07 -28.58
C ASN Z 31 -2.23 8.50 -29.86
N PHE Z 32 -2.90 7.60 -30.56
CA PHE Z 32 -3.44 7.93 -31.87
C PHE Z 32 -4.90 7.52 -31.98
N GLY Z 33 -5.68 8.35 -32.67
CA GLY Z 33 -7.00 7.95 -33.06
C GLY Z 33 -6.98 6.96 -34.19
N MET Z 34 -8.10 6.27 -34.38
CA MET Z 34 -8.19 5.22 -35.36
C MET Z 34 -9.48 5.34 -36.16
N HIS Z 35 -9.43 4.83 -37.37
CA HIS Z 35 -10.57 4.71 -38.27
C HIS Z 35 -10.84 3.25 -38.57
N TRP Z 36 -12.09 2.95 -38.87
CA TRP Z 36 -12.49 1.75 -39.58
C TRP Z 36 -13.04 2.19 -40.92
N ILE Z 37 -12.49 1.63 -42.00
CA ILE Z 37 -12.92 1.97 -43.35
C ILE Z 37 -13.17 0.68 -44.08
N ARG Z 38 -14.25 0.63 -44.84
CA ARG Z 38 -14.62 -0.56 -45.57
C ARG Z 38 -14.61 -0.27 -47.05
N GLN Z 39 -14.43 -1.35 -47.81
CA GLN Z 39 -14.36 -1.30 -49.27
C GLN Z 39 -15.18 -2.42 -49.84
N SER Z 40 -16.10 -2.07 -50.72
CA SER Z 40 -16.91 -3.06 -51.40
C SER Z 40 -16.95 -2.75 -52.88
N PRO Z 41 -17.13 -3.77 -53.72
CA PRO Z 41 -17.19 -3.53 -55.18
C PRO Z 41 -18.34 -2.65 -55.60
N GLY Z 42 -19.42 -2.59 -54.84
CA GLY Z 42 -20.58 -1.82 -55.25
C GLY Z 42 -20.52 -0.36 -54.88
N LYS Z 43 -19.87 -0.05 -53.77
CA LYS Z 43 -19.80 1.31 -53.25
C LYS Z 43 -18.39 1.87 -53.20
N GLY Z 44 -17.38 1.09 -53.56
CA GLY Z 44 -16.03 1.61 -53.46
C GLY Z 44 -15.60 1.77 -52.01
N LEU Z 45 -14.74 2.75 -51.79
CA LEU Z 45 -14.25 3.04 -50.45
C LEU Z 45 -15.27 3.86 -49.68
N GLU Z 46 -15.46 3.48 -48.42
CA GLU Z 46 -16.52 4.03 -47.60
C GLU Z 46 -16.06 4.11 -46.16
N TRP Z 47 -15.97 5.31 -45.61
CA TRP Z 47 -15.58 5.46 -44.22
C TRP Z 47 -16.69 4.97 -43.31
N VAL Z 48 -16.30 4.30 -42.23
CA VAL Z 48 -17.23 3.65 -41.31
C VAL Z 48 -17.28 4.36 -39.96
N ALA Z 49 -16.14 4.48 -39.29
CA ALA Z 49 -16.14 5.05 -37.95
C ALA Z 49 -14.78 5.65 -37.63
N ILE Z 50 -14.77 6.54 -36.65
CA ILE Z 50 -13.55 7.14 -36.12
C ILE Z 50 -13.65 7.17 -34.61
N ILE Z 51 -12.53 6.95 -33.93
CA ILE Z 51 -12.48 7.02 -32.49
C ILE Z 51 -11.26 7.82 -32.06
N TRP Z 52 -11.44 8.63 -31.03
CA TRP Z 52 -10.38 9.44 -30.46
C TRP Z 52 -9.36 8.56 -29.76
N TYR Z 53 -8.20 9.14 -29.45
CA TYR Z 53 -7.15 8.37 -28.79
C TYR Z 53 -7.61 7.83 -27.45
N ASP Z 54 -8.42 8.60 -26.73
CA ASP Z 54 -8.93 8.16 -25.44
C ASP Z 54 -10.35 7.66 -25.51
N GLY Z 55 -10.93 7.58 -26.70
CA GLY Z 55 -12.29 7.12 -26.81
C GLY Z 55 -13.36 8.10 -26.43
N SER Z 56 -13.02 9.36 -26.18
CA SER Z 56 -14.02 10.28 -25.67
C SER Z 56 -15.01 10.66 -26.76
N ASN Z 57 -14.57 10.79 -28.01
CA ASN Z 57 -15.45 11.14 -29.11
C ASN Z 57 -15.36 10.07 -30.17
N THR Z 58 -16.50 9.63 -30.66
CA THR Z 58 -16.62 8.67 -31.74
C THR Z 58 -17.60 9.23 -32.76
N TYR Z 59 -17.36 8.93 -34.03
CA TYR Z 59 -18.25 9.35 -35.09
C TYR Z 59 -18.46 8.18 -36.03
N TYR Z 60 -19.62 8.17 -36.68
CA TYR Z 60 -20.01 7.07 -37.53
C TYR Z 60 -20.60 7.64 -38.81
N ALA Z 61 -20.50 6.85 -39.87
CA ALA Z 61 -21.19 7.21 -41.09
C ALA Z 61 -22.68 7.09 -40.89
N ASP Z 62 -23.42 7.84 -41.70
CA ASP Z 62 -24.87 7.88 -41.56
C ASP Z 62 -25.50 6.53 -41.85
N SER Z 63 -24.92 5.77 -42.77
CA SER Z 63 -25.51 4.49 -43.12
C SER Z 63 -25.34 3.43 -42.03
N VAL Z 64 -24.46 3.66 -41.06
CA VAL Z 64 -24.23 2.69 -40.01
C VAL Z 64 -24.53 3.22 -38.63
N LYS Z 65 -24.93 4.47 -38.50
CA LYS Z 65 -25.16 5.03 -37.17
C LYS Z 65 -26.28 4.29 -36.47
N GLY Z 66 -26.05 3.94 -35.21
CA GLY Z 66 -27.02 3.19 -34.46
C GLY Z 66 -26.89 1.68 -34.54
N ARG Z 67 -26.09 1.17 -35.45
CA ARG Z 67 -25.91 -0.28 -35.57
C ARG Z 67 -24.51 -0.73 -35.22
N PHE Z 68 -23.50 0.05 -35.57
CA PHE Z 68 -22.12 -0.29 -35.30
C PHE Z 68 -21.63 0.45 -34.07
N THR Z 69 -20.73 -0.16 -33.34
CA THR Z 69 -20.13 0.47 -32.17
C THR Z 69 -18.64 0.24 -32.21
N ILE Z 70 -17.88 1.31 -32.27
CA ILE Z 70 -16.43 1.28 -32.28
C ILE Z 70 -15.92 1.54 -30.88
N SER Z 71 -14.92 0.78 -30.46
CA SER Z 71 -14.34 0.95 -29.14
C SER Z 71 -12.87 0.58 -29.21
N ARG Z 72 -12.16 0.73 -28.11
CA ARG Z 72 -10.75 0.41 -28.09
C ARG Z 72 -10.34 0.02 -26.69
N ASP Z 73 -9.27 -0.76 -26.61
CA ASP Z 73 -8.67 -1.21 -25.36
C ASP Z 73 -7.19 -0.85 -25.43
N ASN Z 74 -6.86 0.32 -24.88
CA ASN Z 74 -5.50 0.81 -24.91
C ASN Z 74 -4.56 -0.01 -24.05
N SER Z 75 -5.08 -0.74 -23.07
CA SER Z 75 -4.21 -1.61 -22.28
C SER Z 75 -3.79 -2.83 -23.10
N LYS Z 76 -4.62 -3.26 -24.05
CA LYS Z 76 -4.32 -4.37 -24.91
C LYS Z 76 -3.87 -3.94 -26.30
N ASN Z 77 -3.88 -2.65 -26.58
CA ASN Z 77 -3.54 -2.12 -27.90
C ASN Z 77 -4.43 -2.73 -28.98
N THR Z 78 -5.72 -2.77 -28.72
CA THR Z 78 -6.66 -3.43 -29.61
C THR Z 78 -7.79 -2.49 -29.94
N LEU Z 79 -8.16 -2.42 -31.21
CA LEU Z 79 -9.31 -1.66 -31.67
C LEU Z 79 -10.43 -2.63 -32.00
N TYR Z 80 -11.65 -2.30 -31.60
CA TYR Z 80 -12.79 -3.19 -31.79
C TYR Z 80 -13.89 -2.49 -32.58
N LEU Z 81 -14.64 -3.28 -33.34
CA LEU Z 81 -15.83 -2.79 -34.04
C LEU Z 81 -16.91 -3.85 -33.92
N GLN Z 82 -17.90 -3.58 -33.07
CA GLN Z 82 -19.06 -4.44 -32.91
C GLN Z 82 -20.13 -4.04 -33.91
N MET Z 83 -20.49 -4.95 -34.81
CA MET Z 83 -21.45 -4.70 -35.86
C MET Z 83 -22.72 -5.48 -35.56
N ASN Z 84 -23.82 -4.77 -35.35
CA ASN Z 84 -25.12 -5.36 -35.08
C ASN Z 84 -26.09 -5.10 -36.22
N SER Z 85 -27.09 -5.96 -36.33
CA SER Z 85 -28.16 -5.82 -37.32
C SER Z 85 -27.61 -5.68 -38.74
N LEU Z 86 -26.75 -6.61 -39.12
CA LEU Z 86 -26.08 -6.54 -40.40
C LEU Z 86 -27.07 -6.75 -41.55
N ARG Z 87 -26.90 -5.97 -42.60
CA ARG Z 87 -27.67 -6.09 -43.82
C ARG Z 87 -26.78 -6.64 -44.92
N ALA Z 88 -27.40 -7.03 -46.02
CA ALA Z 88 -26.65 -7.64 -47.13
C ALA Z 88 -25.60 -6.69 -47.69
N GLU Z 89 -25.91 -5.40 -47.75
CA GLU Z 89 -24.99 -4.44 -48.33
C GLU Z 89 -23.77 -4.15 -47.45
N ASP Z 90 -23.72 -4.66 -46.23
CA ASP Z 90 -22.53 -4.48 -45.41
C ASP Z 90 -21.41 -5.43 -45.77
N THR Z 91 -21.62 -6.35 -46.70
CA THR Z 91 -20.52 -7.21 -47.13
C THR Z 91 -19.43 -6.39 -47.77
N ALA Z 92 -18.23 -6.42 -47.18
CA ALA Z 92 -17.11 -5.64 -47.67
C ALA Z 92 -15.86 -6.11 -46.95
N VAL Z 93 -14.73 -5.57 -47.39
CA VAL Z 93 -13.46 -5.72 -46.70
C VAL Z 93 -13.28 -4.54 -45.75
N TYR Z 94 -13.06 -4.84 -44.48
CA TYR Z 94 -12.93 -3.81 -43.45
C TYR Z 94 -11.47 -3.65 -43.05
N TYR Z 95 -10.99 -2.41 -43.10
CA TYR Z 95 -9.64 -2.05 -42.70
C TYR Z 95 -9.69 -1.18 -41.47
N CYS Z 96 -8.78 -1.40 -40.53
CA CYS Z 96 -8.48 -0.40 -39.53
C CYS Z 96 -7.34 0.48 -40.01
N ALA Z 97 -7.35 1.73 -39.56
CA ALA Z 97 -6.37 2.67 -40.05
C ALA Z 97 -5.98 3.65 -38.95
N LYS Z 98 -4.73 4.09 -39.01
CA LYS Z 98 -4.15 4.99 -38.03
C LYS Z 98 -4.16 6.41 -38.55
N VAL Z 99 -4.60 7.35 -37.72
CA VAL Z 99 -4.56 8.76 -38.07
C VAL Z 99 -3.12 9.24 -38.08
N TRP Z 100 -2.78 10.10 -39.04
CA TRP Z 100 -1.42 10.61 -39.09
C TRP Z 100 -1.22 11.67 -38.02
N PHE Z 101 0.04 11.98 -37.76
CA PHE Z 101 0.38 13.06 -36.83
C PHE Z 101 0.46 14.37 -37.60
N GLY Z 102 -0.15 15.41 -37.05
CA GLY Z 102 -0.17 16.72 -37.68
C GLY Z 102 -0.14 17.87 -36.71
N GLU Z 103 -0.59 19.04 -37.16
CA GLU Z 103 -0.62 20.21 -36.31
C GLU Z 103 -1.94 20.28 -35.56
N SER Z 104 -1.98 21.13 -34.54
CA SER Z 104 -3.12 21.16 -33.64
C SER Z 104 -4.40 21.62 -34.33
N GLU Z 105 -4.30 22.51 -35.30
CA GLU Z 105 -5.48 23.05 -35.94
C GLU Z 105 -5.77 22.45 -37.31
N ASP Z 106 -4.99 21.48 -37.74
CA ASP Z 106 -5.23 20.85 -39.02
C ASP Z 106 -6.39 19.88 -38.93
N ASN Z 107 -6.94 19.53 -40.09
CA ASN Z 107 -7.82 18.40 -40.23
C ASN Z 107 -7.02 17.12 -40.45
N TYR Z 108 -7.63 15.99 -40.11
CA TYR Z 108 -6.92 14.74 -39.99
C TYR Z 108 -7.56 13.62 -40.80
N SER Z 109 -6.73 12.70 -41.27
CA SER Z 109 -7.15 11.47 -41.92
C SER Z 109 -6.14 10.39 -41.57
N VAL Z 110 -6.10 9.32 -42.35
CA VAL Z 110 -5.33 8.14 -41.99
C VAL Z 110 -4.12 8.01 -42.90
N ASP Z 111 -3.03 7.46 -42.36
CA ASP Z 111 -1.81 7.26 -43.13
C ASP Z 111 -1.41 5.81 -43.27
N VAL Z 112 -1.71 4.95 -42.31
CA VAL Z 112 -1.34 3.55 -42.36
C VAL Z 112 -2.60 2.72 -42.25
N TRP Z 113 -2.82 1.85 -43.21
CA TRP Z 113 -3.97 0.97 -43.24
C TRP Z 113 -3.57 -0.43 -42.81
N GLY Z 114 -4.52 -1.15 -42.23
CA GLY Z 114 -4.31 -2.51 -41.85
C GLY Z 114 -4.35 -3.45 -43.05
N GLN Z 115 -4.30 -4.74 -42.76
CA GLN Z 115 -4.31 -5.73 -43.81
C GLN Z 115 -5.69 -5.94 -44.40
N GLY Z 116 -6.73 -5.82 -43.59
CA GLY Z 116 -8.08 -6.00 -44.07
C GLY Z 116 -8.64 -7.37 -43.76
N THR Z 117 -9.92 -7.41 -43.41
CA THR Z 117 -10.61 -8.66 -43.17
C THR Z 117 -11.95 -8.61 -43.88
N THR Z 118 -12.33 -9.73 -44.50
CA THR Z 118 -13.50 -9.78 -45.35
C THR Z 118 -14.70 -10.19 -44.52
N VAL Z 119 -15.81 -9.48 -44.68
CA VAL Z 119 -17.05 -9.79 -44.00
C VAL Z 119 -18.10 -10.01 -45.07
N THR Z 120 -18.76 -11.17 -45.03
CA THR Z 120 -19.75 -11.56 -46.02
C THR Z 120 -21.08 -11.79 -45.32
N VAL Z 121 -22.05 -10.93 -45.61
CA VAL Z 121 -23.38 -11.02 -45.04
C VAL Z 121 -24.28 -11.69 -46.06
N SER Z 122 -24.66 -12.93 -45.79
CA SER Z 122 -25.47 -13.69 -46.71
C SER Z 122 -26.23 -14.76 -45.93
N SER Z 123 -27.43 -15.07 -46.38
CA SER Z 123 -28.22 -16.13 -45.77
C SER Z 123 -27.93 -17.49 -46.39
N ALA Z 124 -26.94 -17.58 -47.27
CA ALA Z 124 -26.61 -18.85 -47.89
C ALA Z 124 -25.91 -19.78 -46.90
N SER Z 125 -26.19 -21.07 -47.02
CA SER Z 125 -25.57 -22.09 -46.18
C SER Z 125 -24.30 -22.63 -46.86
N THR Z 126 -23.40 -23.14 -46.02
CA THR Z 126 -22.15 -23.70 -46.53
C THR Z 126 -22.46 -24.88 -47.46
N LYS Z 127 -21.86 -24.85 -48.65
CA LYS Z 127 -22.18 -25.82 -49.69
C LYS Z 127 -20.98 -26.04 -50.59
N GLY Z 128 -20.67 -27.30 -50.86
CA GLY Z 128 -19.61 -27.64 -51.78
C GLY Z 128 -19.99 -27.36 -53.21
N PRO Z 129 -19.00 -27.24 -54.09
CA PRO Z 129 -19.25 -26.86 -55.47
C PRO Z 129 -19.62 -28.02 -56.37
N SER Z 130 -20.26 -27.69 -57.48
CA SER Z 130 -20.48 -28.61 -58.59
C SER Z 130 -19.48 -28.30 -59.69
N VAL Z 131 -18.72 -29.29 -60.10
CA VAL Z 131 -17.66 -29.14 -61.10
C VAL Z 131 -18.14 -29.72 -62.42
N PHE Z 132 -18.26 -28.88 -63.44
CA PHE Z 132 -18.68 -29.31 -64.75
C PHE Z 132 -17.57 -29.10 -65.77
N PRO Z 133 -17.39 -30.03 -66.70
CA PRO Z 133 -16.32 -29.90 -67.70
C PRO Z 133 -16.67 -28.94 -68.81
N LEU Z 134 -15.68 -28.14 -69.23
CA LEU Z 134 -15.77 -27.31 -70.42
C LEU Z 134 -15.01 -28.01 -71.53
N ALA Z 135 -15.72 -28.86 -72.26
CA ALA Z 135 -15.12 -29.78 -73.23
C ALA Z 135 -14.71 -29.05 -74.50
N PRO Z 136 -13.49 -29.22 -74.98
CA PRO Z 136 -13.09 -28.63 -76.26
C PRO Z 136 -13.63 -29.45 -77.42
N SER Z 137 -13.84 -28.77 -78.54
CA SER Z 137 -14.32 -29.43 -79.74
C SER Z 137 -13.92 -28.60 -80.95
N SER Z 138 -14.53 -28.89 -82.10
CA SER Z 138 -14.26 -28.13 -83.31
C SER Z 138 -14.69 -26.68 -83.18
N LYS Z 139 -15.72 -26.42 -82.36
CA LYS Z 139 -16.21 -25.06 -82.18
C LYS Z 139 -15.34 -24.24 -81.24
N SER Z 140 -14.38 -24.87 -80.57
CA SER Z 140 -13.43 -24.18 -79.71
C SER Z 140 -11.99 -24.40 -80.17
N THR Z 141 -11.77 -24.39 -81.48
CA THR Z 141 -10.44 -24.57 -82.04
C THR Z 141 -10.23 -23.52 -83.11
N SER Z 142 -9.11 -22.79 -83.01
CA SER Z 142 -8.71 -21.81 -84.01
C SER Z 142 -7.24 -22.04 -84.31
N GLY Z 143 -6.96 -22.66 -85.45
CA GLY Z 143 -5.58 -22.99 -85.77
C GLY Z 143 -5.10 -24.14 -84.90
N GLY Z 144 -3.88 -24.00 -84.39
CA GLY Z 144 -3.30 -24.97 -83.51
C GLY Z 144 -3.59 -24.78 -82.04
N THR Z 145 -4.52 -23.90 -81.68
CA THR Z 145 -4.85 -23.64 -80.29
C THR Z 145 -6.30 -24.02 -80.00
N ALA Z 146 -6.50 -24.76 -78.91
CA ALA Z 146 -7.81 -25.15 -78.43
C ALA Z 146 -7.96 -24.69 -76.99
N ALA Z 147 -9.21 -24.59 -76.53
CA ALA Z 147 -9.48 -24.16 -75.17
C ALA Z 147 -10.35 -25.20 -74.45
N LEU Z 148 -9.99 -25.50 -73.21
CA LEU Z 148 -10.78 -26.38 -72.36
C LEU Z 148 -10.79 -25.80 -70.96
N GLY Z 149 -11.68 -26.29 -70.11
CA GLY Z 149 -11.74 -25.73 -68.77
C GLY Z 149 -12.65 -26.50 -67.84
N CYS Z 150 -12.91 -25.88 -66.68
CA CYS Z 150 -13.79 -26.41 -65.66
C CYS Z 150 -14.66 -25.28 -65.10
N LEU Z 151 -15.95 -25.56 -64.96
CA LEU Z 151 -16.91 -24.63 -64.38
C LEU Z 151 -17.21 -25.06 -62.95
N VAL Z 152 -16.93 -24.19 -62.00
CA VAL Z 152 -17.10 -24.46 -60.58
C VAL Z 152 -18.30 -23.65 -60.13
N LYS Z 153 -19.45 -24.31 -60.02
CA LYS Z 153 -20.74 -23.64 -59.90
C LYS Z 153 -21.38 -23.97 -58.56
N ASP Z 154 -22.08 -22.98 -58.01
CA ASP Z 154 -22.98 -23.17 -56.87
C ASP Z 154 -22.22 -23.65 -55.64
N TYR Z 155 -21.31 -22.81 -55.18
CA TYR Z 155 -20.59 -23.04 -53.93
C TYR Z 155 -20.69 -21.80 -53.06
N PHE Z 156 -20.53 -22.02 -51.75
CA PHE Z 156 -20.56 -20.93 -50.79
C PHE Z 156 -19.88 -21.41 -49.53
N PRO Z 157 -19.02 -20.60 -48.90
CA PRO Z 157 -18.64 -19.29 -49.40
C PRO Z 157 -17.33 -19.31 -50.16
N GLU Z 158 -16.78 -18.14 -50.41
CA GLU Z 158 -15.45 -18.00 -50.97
C GLU Z 158 -14.41 -18.42 -49.94
N PRO Z 159 -13.22 -18.84 -50.38
CA PRO Z 159 -12.81 -19.01 -51.77
C PRO Z 159 -12.69 -20.46 -52.20
N VAL Z 160 -12.34 -20.68 -53.46
CA VAL Z 160 -11.98 -22.00 -53.96
C VAL Z 160 -10.68 -21.88 -54.73
N THR Z 161 -9.88 -22.94 -54.70
CA THR Z 161 -8.65 -23.01 -55.46
C THR Z 161 -8.78 -24.03 -56.58
N VAL Z 162 -8.23 -23.69 -57.74
CA VAL Z 162 -8.24 -24.56 -58.90
C VAL Z 162 -6.82 -24.74 -59.40
N SER Z 163 -6.41 -25.99 -59.61
CA SER Z 163 -5.14 -26.30 -60.23
C SER Z 163 -5.36 -27.26 -61.38
N TRP Z 164 -4.36 -27.39 -62.25
CA TRP Z 164 -4.43 -28.25 -63.40
C TRP Z 164 -3.29 -29.25 -63.33
N ASN Z 165 -3.62 -30.55 -63.43
CA ASN Z 165 -2.64 -31.62 -63.36
C ASN Z 165 -1.77 -31.49 -62.11
N SER Z 166 -2.44 -31.26 -60.98
CA SER Z 166 -1.76 -31.12 -59.69
C SER Z 166 -0.73 -30.00 -59.69
N GLY Z 167 -0.96 -28.95 -60.49
CA GLY Z 167 -0.05 -27.84 -60.55
C GLY Z 167 1.01 -27.94 -61.62
N ALA Z 168 1.08 -29.05 -62.35
CA ALA Z 168 2.11 -29.21 -63.37
C ALA Z 168 1.85 -28.33 -64.59
N LEU Z 169 0.60 -27.92 -64.82
CA LEU Z 169 0.25 -27.09 -65.96
C LEU Z 169 -0.20 -25.73 -65.46
N THR Z 170 0.64 -24.71 -65.65
CA THR Z 170 0.29 -23.34 -65.28
C THR Z 170 0.36 -22.35 -66.42
N SER Z 171 1.09 -22.64 -67.49
CA SER Z 171 1.21 -21.70 -68.60
C SER Z 171 -0.10 -21.62 -69.38
N GLY Z 172 -0.67 -20.42 -69.45
CA GLY Z 172 -1.89 -20.20 -70.19
C GLY Z 172 -3.16 -20.46 -69.43
N VAL Z 173 -3.10 -20.59 -68.11
CA VAL Z 173 -4.27 -20.86 -67.29
C VAL Z 173 -4.86 -19.52 -66.86
N HIS Z 174 -6.19 -19.40 -67.00
CA HIS Z 174 -6.91 -18.20 -66.56
C HIS Z 174 -8.08 -18.63 -65.71
N THR Z 175 -7.97 -18.40 -64.41
CA THR Z 175 -9.07 -18.60 -63.47
C THR Z 175 -9.75 -17.27 -63.23
N PHE Z 176 -11.00 -17.16 -63.63
CA PHE Z 176 -11.72 -15.91 -63.53
C PHE Z 176 -12.16 -15.64 -62.10
N PRO Z 177 -12.30 -14.37 -61.73
CA PRO Z 177 -12.86 -14.06 -60.42
C PRO Z 177 -14.30 -14.51 -60.33
N ALA Z 178 -14.69 -14.92 -59.12
CA ALA Z 178 -16.03 -15.43 -58.91
C ALA Z 178 -17.05 -14.32 -59.04
N VAL Z 179 -18.25 -14.70 -59.46
CA VAL Z 179 -19.38 -13.79 -59.57
C VAL Z 179 -20.48 -14.29 -58.65
N LEU Z 180 -21.16 -13.35 -58.00
CA LEU Z 180 -22.26 -13.66 -57.10
C LEU Z 180 -23.55 -13.73 -57.90
N GLN Z 181 -24.28 -14.81 -57.74
CA GLN Z 181 -25.51 -15.03 -58.49
C GLN Z 181 -26.72 -14.58 -57.69
N SER Z 182 -27.87 -14.56 -58.37
CA SER Z 182 -29.11 -14.15 -57.72
C SER Z 182 -29.49 -15.08 -56.57
N SER Z 183 -29.04 -16.33 -56.63
CA SER Z 183 -29.37 -17.31 -55.60
C SER Z 183 -28.44 -17.23 -54.40
N GLY Z 184 -27.51 -16.28 -54.38
CA GLY Z 184 -26.54 -16.20 -53.31
C GLY Z 184 -25.42 -17.20 -53.35
N LEU Z 185 -25.34 -18.01 -54.39
CA LEU Z 185 -24.24 -18.95 -54.54
C LEU Z 185 -23.23 -18.42 -55.55
N TYR Z 186 -21.96 -18.70 -55.30
CA TYR Z 186 -20.90 -18.24 -56.18
C TYR Z 186 -20.63 -19.25 -57.29
N SER Z 187 -19.99 -18.76 -58.34
CA SER Z 187 -19.65 -19.57 -59.50
C SER Z 187 -18.49 -18.90 -60.23
N LEU Z 188 -17.60 -19.72 -60.79
CA LEU Z 188 -16.49 -19.19 -61.56
C LEU Z 188 -16.08 -20.21 -62.62
N SER Z 189 -15.16 -19.80 -63.49
CA SER Z 189 -14.63 -20.67 -64.51
C SER Z 189 -13.11 -20.58 -64.54
N SER Z 190 -12.49 -21.67 -64.97
CA SER Z 190 -11.05 -21.73 -65.19
C SER Z 190 -10.81 -22.35 -66.55
N VAL Z 191 -10.03 -21.66 -67.39
CA VAL Z 191 -9.81 -22.10 -68.75
C VAL Z 191 -8.31 -22.21 -69.00
N VAL Z 192 -7.97 -23.00 -70.01
CA VAL Z 192 -6.57 -23.19 -70.40
C VAL Z 192 -6.52 -23.45 -71.89
N THR Z 193 -5.53 -22.86 -72.55
CA THR Z 193 -5.29 -23.08 -73.96
C THR Z 193 -4.21 -24.14 -74.15
N VAL Z 194 -4.49 -25.11 -75.01
CA VAL Z 194 -3.59 -26.25 -75.21
C VAL Z 194 -3.40 -26.43 -76.71
N PRO Z 195 -2.29 -27.07 -77.10
CA PRO Z 195 -2.12 -27.42 -78.52
C PRO Z 195 -3.19 -28.39 -78.98
N SER Z 196 -3.84 -28.06 -80.10
CA SER Z 196 -4.89 -28.92 -80.61
C SER Z 196 -4.37 -30.30 -80.94
N SER Z 197 -3.09 -30.40 -81.33
CA SER Z 197 -2.49 -31.69 -81.66
C SER Z 197 -2.29 -32.58 -80.44
N SER Z 198 -2.49 -32.07 -79.23
CA SER Z 198 -2.30 -32.85 -78.01
C SER Z 198 -3.59 -33.44 -77.47
N LEU Z 199 -4.74 -33.05 -78.00
CA LEU Z 199 -6.01 -33.57 -77.53
C LEU Z 199 -6.09 -35.07 -77.77
N GLY Z 200 -6.74 -35.77 -76.84
CA GLY Z 200 -6.87 -37.21 -76.92
C GLY Z 200 -5.70 -37.99 -76.37
N THR Z 201 -4.53 -37.37 -76.22
CA THR Z 201 -3.36 -38.04 -75.69
C THR Z 201 -2.90 -37.49 -74.35
N GLN Z 202 -2.86 -36.16 -74.21
CA GLN Z 202 -2.51 -35.56 -72.94
C GLN Z 202 -3.74 -35.50 -72.04
N THR Z 203 -3.60 -35.94 -70.80
CA THR Z 203 -4.70 -35.97 -69.86
C THR Z 203 -4.76 -34.65 -69.11
N TYR Z 204 -5.95 -34.05 -69.06
CA TYR Z 204 -6.16 -32.79 -68.35
C TYR Z 204 -7.22 -33.00 -67.28
N ILE Z 205 -6.85 -32.75 -66.04
CA ILE Z 205 -7.73 -32.88 -64.89
C ILE Z 205 -7.63 -31.59 -64.08
N CYS Z 206 -8.78 -31.02 -63.73
CA CYS Z 206 -8.83 -29.84 -62.87
C CYS Z 206 -9.09 -30.27 -61.44
N ASN Z 207 -8.32 -29.70 -60.52
CA ASN Z 207 -8.37 -30.01 -59.09
C ASN Z 207 -8.94 -28.82 -58.36
N VAL Z 208 -10.21 -28.94 -57.94
CA VAL Z 208 -10.89 -27.92 -57.19
C VAL Z 208 -10.82 -28.27 -55.70
N ASN Z 209 -10.43 -27.29 -54.89
CA ASN Z 209 -10.31 -27.46 -53.46
C ASN Z 209 -11.05 -26.32 -52.77
N HIS Z 210 -11.84 -26.67 -51.75
CA HIS Z 210 -12.66 -25.72 -51.00
C HIS Z 210 -12.48 -26.06 -49.52
N LYS Z 211 -11.54 -25.36 -48.89
CA LYS Z 211 -11.24 -25.62 -47.48
C LYS Z 211 -12.42 -25.43 -46.54
N PRO Z 212 -13.28 -24.42 -46.68
CA PRO Z 212 -14.39 -24.28 -45.73
C PRO Z 212 -15.27 -25.50 -45.64
N SER Z 213 -15.41 -26.27 -46.71
CA SER Z 213 -16.22 -27.47 -46.70
C SER Z 213 -15.39 -28.74 -46.82
N ASN Z 214 -14.06 -28.61 -46.87
CA ASN Z 214 -13.14 -29.73 -47.04
C ASN Z 214 -13.43 -30.48 -48.32
N THR Z 215 -13.85 -29.76 -49.36
CA THR Z 215 -14.18 -30.36 -50.63
C THR Z 215 -12.93 -30.46 -51.50
N LYS Z 216 -12.69 -31.63 -52.06
CA LYS Z 216 -11.63 -31.82 -53.03
C LYS Z 216 -12.20 -32.64 -54.19
N VAL Z 217 -12.21 -32.05 -55.38
CA VAL Z 217 -12.76 -32.72 -56.55
C VAL Z 217 -11.74 -32.64 -57.69
N ASP Z 218 -11.39 -33.80 -58.24
CA ASP Z 218 -10.55 -33.89 -59.43
C ASP Z 218 -11.43 -34.32 -60.59
N LYS Z 219 -11.75 -33.39 -61.48
CA LYS Z 219 -12.63 -33.67 -62.61
C LYS Z 219 -11.79 -33.74 -63.87
N LYS Z 220 -11.88 -34.85 -64.58
CA LYS Z 220 -11.23 -34.99 -65.87
C LYS Z 220 -12.16 -34.47 -66.97
N VAL Z 221 -11.60 -33.68 -67.88
CA VAL Z 221 -12.35 -33.11 -68.98
C VAL Z 221 -11.89 -33.78 -70.26
N GLU Z 222 -12.79 -34.54 -70.89
CA GLU Z 222 -12.43 -35.22 -72.12
C GLU Z 222 -13.18 -34.61 -73.31
N PRO Z 223 -12.57 -34.60 -74.49
CA PRO Z 223 -13.24 -34.05 -75.67
C PRO Z 223 -14.37 -34.96 -76.13
N LYS Z 224 -15.20 -34.41 -77.01
CA LYS Z 224 -16.31 -35.17 -77.58
C LYS Z 224 -16.07 -35.50 -79.06
N ASP AA 1 -23.41 15.74 -47.25
CA ASP AA 1 -22.48 14.69 -47.69
C ASP AA 1 -21.75 15.13 -48.94
N ILE AA 2 -20.45 15.38 -48.80
CA ILE AA 2 -19.65 15.88 -49.92
C ILE AA 2 -19.45 14.77 -50.94
N GLN AA 3 -19.83 15.03 -52.18
CA GLN AA 3 -19.63 14.10 -53.27
C GLN AA 3 -18.26 14.30 -53.89
N MET AA 4 -17.57 13.20 -54.17
CA MET AA 4 -16.28 13.23 -54.83
C MET AA 4 -16.39 12.50 -56.17
N THR AA 5 -15.67 12.99 -57.17
CA THR AA 5 -15.71 12.42 -58.51
C THR AA 5 -14.33 12.47 -59.11
N GLN AA 6 -13.85 11.35 -59.63
CA GLN AA 6 -12.52 11.25 -60.20
C GLN AA 6 -12.62 11.05 -61.69
N SER AA 7 -11.72 11.68 -62.43
CA SER AA 7 -11.66 11.48 -63.85
C SER AA 7 -10.22 11.31 -64.31
N PRO AA 8 -9.98 10.42 -65.26
CA PRO AA 8 -10.98 9.51 -65.79
C PRO AA 8 -11.14 8.32 -64.86
N SER AA 9 -12.16 7.49 -65.09
CA SER AA 9 -12.31 6.30 -64.26
C SER AA 9 -11.20 5.29 -64.53
N THR AA 10 -10.80 5.15 -65.79
CA THR AA 10 -9.69 4.28 -66.19
C THR AA 10 -8.82 5.04 -67.17
N LEU AA 11 -7.51 4.95 -66.98
CA LEU AA 11 -6.57 5.63 -67.86
C LEU AA 11 -5.49 4.66 -68.32
N SER AA 12 -5.44 4.42 -69.63
CA SER AA 12 -4.39 3.61 -70.24
C SER AA 12 -3.16 4.47 -70.49
N THR AA 13 -2.02 4.09 -69.92
CA THR AA 13 -0.80 4.88 -70.00
C THR AA 13 0.39 3.96 -70.10
N SER AA 14 1.56 4.54 -70.41
CA SER AA 14 2.77 3.78 -70.65
C SER AA 14 3.89 4.31 -69.77
N VAL AA 15 4.90 3.46 -69.56
CA VAL AA 15 6.04 3.85 -68.74
C VAL AA 15 6.74 5.04 -69.39
N GLY AA 16 6.98 6.06 -68.58
CA GLY AA 16 7.61 7.27 -69.02
C GLY AA 16 6.65 8.38 -69.37
N ASP AA 17 5.35 8.07 -69.44
CA ASP AA 17 4.38 9.10 -69.76
C ASP AA 17 4.17 10.03 -68.56
N ARG AA 18 3.71 11.24 -68.85
CA ARG AA 18 3.26 12.17 -67.83
C ARG AA 18 1.76 11.97 -67.62
N VAL AA 19 1.38 11.60 -66.40
CA VAL AA 19 0.01 11.23 -66.07
C VAL AA 19 -0.57 12.29 -65.17
N THR AA 20 -1.79 12.73 -65.48
CA THR AA 20 -2.52 13.69 -64.66
C THR AA 20 -3.94 13.19 -64.47
N ILE AA 21 -4.34 13.01 -63.22
CA ILE AA 21 -5.70 12.62 -62.91
C ILE AA 21 -6.34 13.72 -62.08
N THR AA 22 -7.66 13.85 -62.22
CA THR AA 22 -8.41 14.94 -61.60
C THR AA 22 -9.44 14.39 -60.62
N CYS AA 23 -9.84 15.23 -59.69
CA CYS AA 23 -10.77 14.88 -58.62
C CYS AA 23 -11.53 16.14 -58.25
N ARG AA 24 -12.85 16.05 -58.18
CA ARG AA 24 -13.68 17.21 -57.94
C ARG AA 24 -14.65 16.95 -56.80
N ALA AA 25 -14.87 17.97 -56.00
CA ALA AA 25 -15.77 17.88 -54.87
C ALA AA 25 -17.02 18.70 -55.16
N SER AA 26 -18.15 18.25 -54.63
CA SER AA 26 -19.40 18.95 -54.85
C SER AA 26 -19.43 20.31 -54.18
N GLN AA 27 -18.61 20.53 -53.17
CA GLN AA 27 -18.54 21.82 -52.51
C GLN AA 27 -17.10 22.09 -52.10
N SER AA 28 -16.85 23.30 -51.63
CA SER AA 28 -15.49 23.69 -51.29
C SER AA 28 -15.01 22.93 -50.07
N ILE AA 29 -13.85 22.29 -50.21
CA ILE AA 29 -13.21 21.54 -49.13
C ILE AA 29 -11.88 22.18 -48.74
N SER AA 30 -11.66 23.43 -49.15
CA SER AA 30 -10.41 24.15 -48.90
C SER AA 30 -9.27 23.34 -49.49
N ASN AA 31 -8.22 23.01 -48.73
CA ASN AA 31 -7.13 22.19 -49.24
C ASN AA 31 -7.06 20.83 -48.58
N TRP AA 32 -8.09 20.43 -47.84
CA TRP AA 32 -8.10 19.18 -47.08
C TRP AA 32 -8.44 18.02 -48.01
N LEU AA 33 -7.48 17.65 -48.85
CA LEU AA 33 -7.63 16.53 -49.77
C LEU AA 33 -6.42 15.64 -49.70
N ALA AA 34 -6.64 14.34 -49.62
CA ALA AA 34 -5.59 13.35 -49.59
C ALA AA 34 -5.72 12.41 -50.77
N TRP AA 35 -4.58 11.87 -51.21
CA TRP AA 35 -4.51 10.89 -52.28
C TRP AA 35 -3.93 9.59 -51.75
N TYR AA 36 -4.61 8.49 -52.04
CA TYR AA 36 -4.19 7.15 -51.60
C TYR AA 36 -3.99 6.26 -52.80
N GLN AA 37 -2.94 5.46 -52.75
CA GLN AA 37 -2.65 4.46 -53.77
C GLN AA 37 -2.94 3.07 -53.24
N GLN AA 38 -3.53 2.24 -54.09
CA GLN AA 38 -3.85 0.87 -53.75
C GLN AA 38 -3.48 -0.06 -54.88
N LYS AA 39 -2.72 -1.03 -54.58
CA LYS AA 39 -2.45 -2.05 -55.57
C LYS AA 39 -3.45 -3.18 -55.42
N PRO AA 40 -3.76 -3.89 -56.49
CA PRO AA 40 -4.80 -4.92 -56.42
C PRO AA 40 -4.47 -6.01 -55.42
N GLY AA 41 -5.49 -6.43 -54.69
CA GLY AA 41 -5.32 -7.41 -53.63
C GLY AA 41 -4.41 -6.96 -52.52
N LYS AA 42 -4.33 -5.65 -52.26
CA LYS AA 42 -3.41 -5.12 -51.27
C LYS AA 42 -4.04 -3.89 -50.63
N ALA AA 43 -3.54 -3.55 -49.45
CA ALA AA 43 -4.12 -2.43 -48.72
C ALA AA 43 -3.67 -1.10 -49.32
N PRO AA 44 -4.50 -0.08 -49.22
CA PRO AA 44 -4.12 1.24 -49.72
C PRO AA 44 -2.98 1.85 -48.95
N LYS AA 45 -2.21 2.68 -49.62
CA LYS AA 45 -1.07 3.36 -49.05
C LYS AA 45 -1.22 4.86 -49.29
N LEU AA 46 -0.88 5.65 -48.27
CA LEU AA 46 -1.00 7.09 -48.36
C LEU AA 46 0.10 7.70 -49.22
N LEU AA 47 -0.29 8.55 -50.16
CA LEU AA 47 0.66 9.27 -51.00
C LEU AA 47 0.78 10.74 -50.66
N ILE AA 48 -0.32 11.48 -50.56
CA ILE AA 48 -0.28 12.92 -50.42
C ILE AA 48 -1.35 13.36 -49.46
N TYR AA 49 -1.03 14.32 -48.60
CA TYR AA 49 -2.01 14.99 -47.78
C TYR AA 49 -1.90 16.49 -47.95
N LYS AA 50 -2.90 17.22 -47.45
CA LYS AA 50 -3.03 18.66 -47.66
C LYS AA 50 -2.93 19.02 -49.13
N ALA AA 51 -3.34 18.11 -50.00
CA ALA AA 51 -3.45 18.33 -51.43
C ALA AA 51 -2.10 18.46 -52.11
N SER AA 52 -1.05 18.83 -51.37
CA SER AA 52 0.24 19.02 -52.02
C SER AA 52 1.44 18.63 -51.18
N THR AA 53 1.26 18.01 -50.03
CA THR AA 53 2.38 17.59 -49.19
C THR AA 53 2.69 16.13 -49.45
N LEU AA 54 3.94 15.85 -49.75
CA LEU AA 54 4.37 14.50 -50.05
C LEU AA 54 4.67 13.74 -48.76
N GLU AA 55 4.09 12.56 -48.63
CA GLU AA 55 4.37 11.72 -47.47
C GLU AA 55 5.82 11.27 -47.47
N SER AA 56 6.38 11.14 -46.27
CA SER AA 56 7.75 10.66 -46.13
C SER AA 56 7.89 9.27 -46.71
N GLY AA 57 8.92 9.07 -47.52
CA GLY AA 57 9.16 7.83 -48.19
C GLY AA 57 8.58 7.73 -49.58
N VAL AA 58 7.76 8.69 -49.98
CA VAL AA 58 7.16 8.68 -51.31
C VAL AA 58 8.12 9.34 -52.30
N PRO AA 59 8.42 8.70 -53.43
CA PRO AA 59 9.35 9.32 -54.38
C PRO AA 59 8.82 10.63 -54.90
N SER AA 60 9.75 11.50 -55.29
CA SER AA 60 9.44 12.87 -55.68
C SER AA 60 8.72 12.98 -57.01
N ARG AA 61 8.62 11.90 -57.77
CA ARG AA 61 7.92 11.97 -59.05
C ARG AA 61 6.42 12.15 -58.90
N PHE AA 62 5.88 12.09 -57.68
CA PHE AA 62 4.47 12.34 -57.43
C PHE AA 62 4.27 13.77 -56.97
N SER AA 63 3.23 14.42 -57.46
CA SER AA 63 2.95 15.78 -56.99
C SER AA 63 1.46 16.04 -57.03
N GLY AA 64 1.00 16.89 -56.12
CA GLY AA 64 -0.39 17.28 -56.09
C GLY AA 64 -0.61 18.75 -56.35
N SER AA 65 -1.81 19.12 -56.78
CA SER AA 65 -2.12 20.51 -57.06
C SER AA 65 -3.62 20.68 -56.97
N GLY AA 66 -4.04 21.91 -56.71
CA GLY AA 66 -5.45 22.18 -56.74
C GLY AA 66 -5.96 22.77 -55.45
N SER AA 67 -7.11 23.44 -55.49
CA SER AA 67 -7.66 24.05 -54.29
C SER AA 67 -9.11 24.39 -54.55
N GLY AA 68 -9.90 24.38 -53.48
CA GLY AA 68 -11.32 24.65 -53.60
C GLY AA 68 -12.11 23.40 -53.96
N THR AA 69 -12.41 23.24 -55.25
CA THR AA 69 -13.22 22.13 -55.72
C THR AA 69 -12.56 21.29 -56.80
N GLU AA 70 -11.44 21.72 -57.35
CA GLU AA 70 -10.72 21.00 -58.39
C GLU AA 70 -9.32 20.65 -57.90
N PHE AA 71 -8.96 19.38 -58.02
CA PHE AA 71 -7.65 18.92 -57.59
C PHE AA 71 -7.10 17.97 -58.63
N THR AA 72 -5.77 17.96 -58.76
CA THR AA 72 -5.09 17.08 -59.70
C THR AA 72 -3.90 16.42 -59.04
N LEU AA 73 -3.65 15.18 -59.44
CA LEU AA 73 -2.46 14.44 -59.06
C LEU AA 73 -1.66 14.17 -60.32
N THR AA 74 -0.37 14.46 -60.27
CA THR AA 74 0.51 14.36 -61.42
C THR AA 74 1.66 13.42 -61.11
N ILE AA 75 1.91 12.49 -62.02
CA ILE AA 75 3.09 11.66 -62.01
C ILE AA 75 3.92 12.08 -63.22
N SER AA 76 5.10 12.65 -62.96
CA SER AA 76 5.91 13.20 -64.04
C SER AA 76 6.39 12.12 -64.99
N SER AA 77 6.84 10.98 -64.46
CA SER AA 77 7.33 9.89 -65.29
C SER AA 77 6.91 8.58 -64.66
N LEU AA 78 5.96 7.91 -65.30
CA LEU AA 78 5.40 6.69 -64.75
C LEU AA 78 6.42 5.57 -64.73
N GLN AA 79 6.41 4.79 -63.66
CA GLN AA 79 7.27 3.65 -63.48
C GLN AA 79 6.43 2.41 -63.20
N PRO AA 80 6.95 1.22 -63.48
CA PRO AA 80 6.12 0.02 -63.41
C PRO AA 80 5.53 -0.24 -62.03
N ASP AA 81 6.16 0.24 -60.97
CA ASP AA 81 5.58 0.06 -59.65
C ASP AA 81 4.35 0.93 -59.43
N ASP AA 82 4.13 1.93 -60.28
CA ASP AA 82 3.03 2.87 -60.10
C ASP AA 82 1.74 2.43 -60.76
N PHE AA 83 1.69 1.27 -61.39
CA PHE AA 83 0.44 0.78 -61.99
C PHE AA 83 -0.47 0.27 -60.88
N ALA AA 84 -1.43 1.09 -60.48
CA ALA AA 84 -2.30 0.78 -59.36
C ALA AA 84 -3.53 1.69 -59.45
N THR AA 85 -4.43 1.57 -58.48
CA THR AA 85 -5.61 2.40 -58.40
C THR AA 85 -5.41 3.53 -57.41
N TYR AA 86 -5.80 4.74 -57.80
CA TYR AA 86 -5.58 5.96 -57.02
C TYR AA 86 -6.91 6.57 -56.61
N TYR AA 87 -7.08 6.78 -55.32
CA TYR AA 87 -8.27 7.35 -54.75
C TYR AA 87 -7.97 8.71 -54.14
N CYS AA 88 -8.86 9.68 -54.38
CA CYS AA 88 -8.81 10.93 -53.65
C CYS AA 88 -9.78 10.86 -52.49
N GLN AA 89 -9.53 11.69 -51.48
CA GLN AA 89 -10.33 11.66 -50.27
C GLN AA 89 -10.36 13.06 -49.68
N GLN AA 90 -11.54 13.64 -49.58
CA GLN AA 90 -11.70 14.87 -48.83
C GLN AA 90 -11.82 14.53 -47.35
N TYR AA 91 -11.19 15.34 -46.52
CA TYR AA 91 -11.35 15.18 -45.08
C TYR AA 91 -11.62 16.53 -44.46
N SER AA 92 -12.44 17.32 -45.14
CA SER AA 92 -12.91 18.59 -44.62
C SER AA 92 -14.16 18.44 -43.80
N SER AA 93 -15.05 17.53 -44.17
CA SER AA 93 -16.28 17.30 -43.42
C SER AA 93 -16.54 15.81 -43.48
N TYR AA 94 -16.25 15.12 -42.38
CA TYR AA 94 -16.25 13.65 -42.37
C TYR AA 94 -15.27 13.20 -43.46
N TRP AA 95 -15.52 12.06 -44.10
CA TRP AA 95 -14.55 11.49 -45.03
C TRP AA 95 -15.29 10.78 -46.16
N THR AA 96 -15.06 11.20 -47.39
CA THR AA 96 -15.65 10.53 -48.54
C THR AA 96 -14.58 10.33 -49.61
N PHE AA 97 -14.59 9.16 -50.23
CA PHE AA 97 -13.63 8.80 -51.25
C PHE AA 97 -14.25 8.88 -52.63
N GLY AA 98 -13.41 9.12 -53.62
CA GLY AA 98 -13.82 9.01 -54.99
C GLY AA 98 -13.94 7.58 -55.45
N GLN AA 99 -14.44 7.41 -56.67
CA GLN AA 99 -14.61 6.07 -57.20
C GLN AA 99 -13.28 5.39 -57.49
N GLY AA 100 -12.22 6.14 -57.65
CA GLY AA 100 -10.90 5.58 -57.92
C GLY AA 100 -10.55 5.58 -59.38
N THR AA 101 -9.29 5.85 -59.68
CA THR AA 101 -8.76 5.80 -61.03
C THR AA 101 -7.70 4.72 -61.11
N LYS AA 102 -7.88 3.78 -62.02
CA LYS AA 102 -6.95 2.69 -62.24
C LYS AA 102 -6.04 3.03 -63.40
N LEU AA 103 -4.74 3.01 -63.17
CA LEU AA 103 -3.74 3.22 -64.22
C LEU AA 103 -3.47 1.91 -64.92
N GLU AA 104 -3.81 1.86 -66.20
CA GLU AA 104 -3.75 0.63 -66.98
C GLU AA 104 -2.50 0.63 -67.86
N ILE AA 105 -1.97 -0.56 -68.10
CA ILE AA 105 -0.77 -0.75 -68.91
C ILE AA 105 -1.17 -0.66 -70.37
N LYS AA 106 -0.69 0.37 -71.05
CA LYS AA 106 -1.00 0.55 -72.46
C LYS AA 106 -0.14 -0.39 -73.29
N ARG AA 107 -0.77 -1.03 -74.28
CA ARG AA 107 -0.05 -1.92 -75.19
C ARG AA 107 -0.71 -1.82 -76.56
N THR AA 108 -0.17 -2.58 -77.50
CA THR AA 108 -0.71 -2.60 -78.84
C THR AA 108 -2.05 -3.31 -78.88
N VAL AA 109 -2.80 -3.07 -79.95
CA VAL AA 109 -4.13 -3.65 -80.10
C VAL AA 109 -3.99 -5.12 -80.42
N ALA AA 110 -4.76 -5.96 -79.75
CA ALA AA 110 -4.80 -7.39 -80.03
C ALA AA 110 -6.25 -7.83 -80.06
N ALA AA 111 -6.66 -8.45 -81.17
CA ALA AA 111 -8.03 -8.91 -81.31
C ALA AA 111 -8.26 -10.13 -80.44
N PRO AA 112 -9.48 -10.30 -79.94
CA PRO AA 112 -9.75 -11.43 -79.05
C PRO AA 112 -9.84 -12.74 -79.80
N SER AA 113 -9.48 -13.82 -79.10
CA SER AA 113 -9.77 -15.17 -79.54
C SER AA 113 -11.06 -15.61 -78.89
N VAL AA 114 -12.00 -16.12 -79.68
CA VAL AA 114 -13.35 -16.41 -79.23
C VAL AA 114 -13.56 -17.92 -79.17
N PHE AA 115 -14.02 -18.42 -78.04
CA PHE AA 115 -14.33 -19.83 -77.87
C PHE AA 115 -15.68 -19.98 -77.18
N ILE AA 116 -16.43 -21.01 -77.54
CA ILE AA 116 -17.72 -21.30 -76.95
C ILE AA 116 -17.74 -22.72 -76.40
N PHE AA 117 -18.41 -22.91 -75.27
CA PHE AA 117 -18.56 -24.22 -74.64
C PHE AA 117 -20.04 -24.46 -74.37
N PRO AA 118 -20.59 -25.59 -74.79
CA PRO AA 118 -22.00 -25.88 -74.51
C PRO AA 118 -22.16 -26.48 -73.13
N PRO AA 119 -23.38 -26.51 -72.59
CA PRO AA 119 -23.58 -27.15 -71.30
C PRO AA 119 -23.27 -28.64 -71.33
N SER AA 120 -22.67 -29.12 -70.25
CA SER AA 120 -22.38 -30.53 -70.12
C SER AA 120 -23.66 -31.32 -69.87
N ASP AA 121 -23.61 -32.60 -70.23
CA ASP AA 121 -24.76 -33.46 -69.99
C ASP AA 121 -25.02 -33.66 -68.51
N GLU AA 122 -23.97 -33.59 -67.68
CA GLU AA 122 -24.17 -33.75 -66.24
C GLU AA 122 -24.94 -32.58 -65.65
N GLN AA 123 -24.59 -31.37 -66.09
CA GLN AA 123 -25.30 -30.20 -65.59
C GLN AA 123 -26.74 -30.20 -66.08
N LEU AA 124 -26.96 -30.64 -67.33
CA LEU AA 124 -28.32 -30.79 -67.83
C LEU AA 124 -29.09 -31.81 -66.99
N LYS AA 125 -28.41 -32.87 -66.56
CA LYS AA 125 -29.06 -33.82 -65.66
C LYS AA 125 -29.35 -33.18 -64.31
N SER AA 126 -28.56 -32.18 -63.92
CA SER AA 126 -28.78 -31.52 -62.64
C SER AA 126 -29.89 -30.47 -62.71
N GLY AA 127 -30.37 -30.12 -63.89
CA GLY AA 127 -31.47 -29.18 -64.03
C GLY AA 127 -31.08 -27.79 -64.48
N THR AA 128 -29.81 -27.53 -64.75
CA THR AA 128 -29.35 -26.22 -65.19
C THR AA 128 -28.52 -26.38 -66.46
N ALA AA 129 -28.43 -25.29 -67.22
CA ALA AA 129 -27.67 -25.27 -68.47
C ALA AA 129 -26.85 -24.01 -68.51
N SER AA 130 -25.53 -24.14 -68.44
CA SER AA 130 -24.62 -23.02 -68.56
C SER AA 130 -23.89 -23.04 -69.89
N VAL AA 131 -23.96 -21.92 -70.62
CA VAL AA 131 -23.24 -21.74 -71.87
C VAL AA 131 -22.18 -20.69 -71.64
N VAL AA 132 -20.96 -20.96 -72.10
CA VAL AA 132 -19.81 -20.13 -71.78
C VAL AA 132 -19.23 -19.58 -73.07
N CYS AA 133 -19.05 -18.27 -73.12
CA CYS AA 133 -18.37 -17.61 -74.23
C CYS AA 133 -17.11 -16.98 -73.67
N LEU AA 134 -15.96 -17.28 -74.28
CA LEU AA 134 -14.67 -16.86 -73.76
C LEU AA 134 -13.97 -15.98 -74.78
N LEU AA 135 -13.50 -14.82 -74.33
CA LEU AA 135 -12.65 -13.94 -75.14
C LEU AA 135 -11.27 -13.92 -74.51
N ASN AA 136 -10.26 -14.40 -75.24
CA ASN AA 136 -8.93 -14.61 -74.70
C ASN AA 136 -7.94 -13.63 -75.34
N ASN AA 137 -7.13 -13.00 -74.49
CA ASN AA 137 -5.94 -12.26 -74.93
C ASN AA 137 -6.31 -11.17 -75.94
N PHE AA 138 -7.01 -10.17 -75.42
CA PHE AA 138 -7.46 -9.04 -76.20
C PHE AA 138 -7.09 -7.74 -75.50
N TYR AA 139 -6.99 -6.67 -76.29
CA TYR AA 139 -6.73 -5.35 -75.74
C TYR AA 139 -7.18 -4.33 -76.76
N PRO AA 140 -7.82 -3.22 -76.34
CA PRO AA 140 -8.15 -2.90 -74.95
C PRO AA 140 -9.28 -3.77 -74.41
N ARG AA 141 -9.71 -3.50 -73.18
CA ARG AA 141 -10.69 -4.37 -72.54
C ARG AA 141 -12.08 -4.18 -73.12
N GLU AA 142 -12.40 -2.99 -73.63
CA GLU AA 142 -13.77 -2.72 -74.06
C GLU AA 142 -14.15 -3.62 -75.22
N ALA AA 143 -15.25 -4.34 -75.03
CA ALA AA 143 -15.83 -5.24 -76.02
C ALA AA 143 -17.31 -5.40 -75.68
N LYS AA 144 -18.08 -5.81 -76.67
CA LYS AA 144 -19.50 -6.06 -76.48
C LYS AA 144 -19.82 -7.49 -76.88
N VAL AA 145 -20.55 -8.18 -76.01
CA VAL AA 145 -20.96 -9.55 -76.22
C VAL AA 145 -22.47 -9.61 -76.17
N GLN AA 146 -23.08 -10.07 -77.27
CA GLN AA 146 -24.53 -10.21 -77.39
C GLN AA 146 -24.85 -11.69 -77.53
N TRP AA 147 -25.76 -12.17 -76.70
CA TRP AA 147 -26.22 -13.55 -76.78
C TRP AA 147 -27.41 -13.65 -77.71
N LYS AA 148 -27.37 -14.63 -78.61
CA LYS AA 148 -28.48 -14.88 -79.53
C LYS AA 148 -28.84 -16.36 -79.45
N VAL AA 149 -30.09 -16.64 -79.14
CA VAL AA 149 -30.59 -18.00 -79.07
C VAL AA 149 -31.66 -18.10 -80.14
N ASP AA 150 -31.35 -18.82 -81.23
CA ASP AA 150 -32.19 -18.82 -82.42
C ASP AA 150 -32.46 -17.37 -82.85
N ASN AA 151 -31.39 -16.58 -82.90
CA ASN AA 151 -31.42 -15.18 -83.33
C ASN AA 151 -32.24 -14.29 -82.41
N ALA AA 152 -32.43 -14.71 -81.16
CA ALA AA 152 -33.17 -13.93 -80.16
C ALA AA 152 -32.21 -13.47 -79.07
N LEU AA 153 -32.16 -12.16 -78.84
CA LEU AA 153 -31.27 -11.59 -77.86
C LEU AA 153 -31.70 -11.96 -76.44
N GLN AA 154 -30.72 -12.33 -75.61
CA GLN AA 154 -30.95 -12.68 -74.22
C GLN AA 154 -30.71 -11.45 -73.34
N SER AA 155 -31.39 -11.42 -72.20
CA SER AA 155 -31.23 -10.31 -71.27
C SER AA 155 -31.58 -10.76 -69.86
N GLY AA 156 -30.70 -10.46 -68.91
CA GLY AA 156 -30.96 -10.75 -67.52
C GLY AA 156 -30.64 -12.16 -67.08
N ASN AA 157 -30.04 -12.96 -67.96
CA ASN AA 157 -29.70 -14.34 -67.64
C ASN AA 157 -28.23 -14.65 -67.89
N SER AA 158 -27.38 -13.62 -67.94
CA SER AA 158 -25.95 -13.82 -68.19
C SER AA 158 -25.15 -13.04 -67.15
N GLN AA 159 -23.91 -13.50 -66.95
CA GLN AA 159 -22.98 -12.86 -66.04
C GLN AA 159 -21.59 -12.83 -66.67
N GLU AA 160 -20.86 -11.75 -66.45
CA GLU AA 160 -19.54 -11.56 -67.03
C GLU AA 160 -18.47 -11.53 -65.95
N SER AA 161 -17.29 -12.02 -66.30
CA SER AA 161 -16.14 -11.98 -65.42
C SER AA 161 -14.91 -11.61 -66.24
N VAL AA 162 -14.07 -10.74 -65.70
CA VAL AA 162 -12.91 -10.24 -66.41
C VAL AA 162 -11.67 -10.47 -65.57
N THR AA 163 -10.60 -10.93 -66.20
CA THR AA 163 -9.33 -11.07 -65.51
C THR AA 163 -8.60 -9.74 -65.44
N GLU AA 164 -7.61 -9.69 -64.56
CA GLU AA 164 -6.71 -8.56 -64.52
C GLU AA 164 -5.74 -8.63 -65.70
N GLN AA 165 -5.03 -7.53 -65.92
CA GLN AA 165 -4.04 -7.48 -66.99
C GLN AA 165 -2.95 -8.53 -66.78
N ASP AA 166 -2.72 -9.35 -67.80
CA ASP AA 166 -1.73 -10.40 -67.69
C ASP AA 166 -0.35 -9.81 -67.44
N SER AA 167 0.40 -10.45 -66.54
CA SER AA 167 1.71 -9.94 -66.17
C SER AA 167 2.70 -10.02 -67.33
N LYS AA 168 2.50 -10.97 -68.24
CA LYS AA 168 3.46 -11.19 -69.31
C LYS AA 168 3.22 -10.31 -70.53
N ASP AA 169 1.96 -10.15 -70.95
CA ASP AA 169 1.66 -9.42 -72.18
C ASP AA 169 0.55 -8.39 -72.02
N SER AA 170 0.07 -8.17 -70.79
CA SER AA 170 -0.85 -7.07 -70.49
C SER AA 170 -2.17 -7.21 -71.23
N THR AA 171 -2.61 -8.43 -71.49
CA THR AA 171 -3.88 -8.67 -72.16
C THR AA 171 -4.95 -9.04 -71.16
N TYR AA 172 -6.20 -8.98 -71.61
CA TYR AA 172 -7.36 -9.36 -70.81
C TYR AA 172 -7.96 -10.67 -71.31
N SER AA 173 -8.68 -11.32 -70.40
CA SER AA 173 -9.55 -12.44 -70.74
C SER AA 173 -10.89 -12.25 -70.07
N LEU AA 174 -11.97 -12.61 -70.77
CA LEU AA 174 -13.33 -12.42 -70.29
C LEU AA 174 -14.13 -13.70 -70.48
N SER AA 175 -14.92 -14.05 -69.49
CA SER AA 175 -15.83 -15.18 -69.56
C SER AA 175 -17.25 -14.66 -69.40
N SER AA 176 -18.16 -15.10 -70.25
CA SER AA 176 -19.57 -14.80 -70.13
C SER AA 176 -20.33 -16.10 -69.95
N THR AA 177 -21.16 -16.16 -68.92
CA THR AA 177 -21.89 -17.37 -68.58
C THR AA 177 -23.38 -17.11 -68.72
N LEU AA 178 -24.01 -17.80 -69.66
CA LEU AA 178 -25.45 -17.76 -69.85
C LEU AA 178 -26.07 -18.97 -69.14
N THR AA 179 -26.98 -18.69 -68.22
CA THR AA 179 -27.61 -19.73 -67.40
C THR AA 179 -29.08 -19.82 -67.75
N LEU AA 180 -29.55 -21.04 -68.01
CA LEU AA 180 -30.94 -21.29 -68.38
C LEU AA 180 -31.39 -22.60 -67.74
N SER AA 181 -32.71 -22.71 -67.59
CA SER AA 181 -33.30 -23.96 -67.15
C SER AA 181 -33.20 -25.01 -68.25
N LYS AA 182 -33.24 -26.27 -67.85
CA LYS AA 182 -33.17 -27.37 -68.81
C LYS AA 182 -34.31 -27.30 -69.81
N ALA AA 183 -35.51 -26.89 -69.36
CA ALA AA 183 -36.64 -26.80 -70.27
C ALA AA 183 -36.47 -25.64 -71.24
N ASP AA 184 -36.00 -24.49 -70.73
CA ASP AA 184 -35.71 -23.37 -71.61
C ASP AA 184 -34.59 -23.73 -72.58
N TYR AA 185 -33.59 -24.46 -72.12
CA TYR AA 185 -32.47 -24.83 -72.97
C TYR AA 185 -32.91 -25.77 -74.08
N GLU AA 186 -33.77 -26.74 -73.77
CA GLU AA 186 -34.22 -27.70 -74.77
C GLU AA 186 -35.35 -27.18 -75.63
N LYS AA 187 -35.85 -25.97 -75.38
CA LYS AA 187 -36.87 -25.36 -76.22
C LYS AA 187 -36.27 -24.54 -77.35
N HIS AA 188 -34.98 -24.69 -77.62
CA HIS AA 188 -34.34 -23.96 -78.70
C HIS AA 188 -33.23 -24.82 -79.29
N LYS AA 189 -32.66 -24.34 -80.39
CA LYS AA 189 -31.69 -25.11 -81.17
C LYS AA 189 -30.33 -24.44 -81.22
N VAL AA 190 -30.25 -23.21 -81.71
CA VAL AA 190 -29.00 -22.53 -82.00
C VAL AA 190 -28.65 -21.60 -80.84
N TYR AA 191 -27.39 -21.62 -80.44
CA TYR AA 191 -26.88 -20.80 -79.33
C TYR AA 191 -25.61 -20.12 -79.79
N ALA AA 192 -25.63 -18.78 -79.83
CA ALA AA 192 -24.51 -18.01 -80.35
C ALA AA 192 -24.16 -16.86 -79.41
N CYS AA 193 -22.87 -16.55 -79.35
CA CYS AA 193 -22.37 -15.31 -78.76
C CYS AA 193 -21.67 -14.50 -79.85
N GLU AA 194 -22.08 -13.24 -79.99
CA GLU AA 194 -21.50 -12.30 -80.94
C GLU AA 194 -20.66 -11.27 -80.19
N VAL AA 195 -19.47 -11.01 -80.71
CA VAL AA 195 -18.46 -10.18 -80.07
C VAL AA 195 -18.07 -9.06 -81.02
N THR AA 196 -18.03 -7.84 -80.50
CA THR AA 196 -17.52 -6.68 -81.22
C THR AA 196 -16.38 -6.07 -80.42
N HIS AA 197 -15.34 -5.67 -81.14
CA HIS AA 197 -14.14 -5.09 -80.54
C HIS AA 197 -13.51 -4.15 -81.54
N GLN AA 198 -12.86 -3.11 -81.03
CA GLN AA 198 -12.29 -2.09 -81.91
C GLN AA 198 -11.20 -2.63 -82.81
N GLY AA 199 -10.62 -3.76 -82.46
CA GLY AA 199 -9.65 -4.42 -83.31
C GLY AA 199 -10.24 -5.35 -84.34
N LEU AA 200 -11.57 -5.48 -84.37
CA LEU AA 200 -12.26 -6.37 -85.28
C LEU AA 200 -13.03 -5.53 -86.29
N SER AA 201 -12.76 -5.75 -87.58
CA SER AA 201 -13.49 -5.02 -88.61
C SER AA 201 -14.96 -5.43 -88.65
N SER AA 202 -15.26 -6.69 -88.36
CA SER AA 202 -16.61 -7.19 -88.33
C SER AA 202 -16.83 -8.01 -87.06
N PRO AA 203 -18.07 -8.06 -86.57
CA PRO AA 203 -18.33 -8.87 -85.37
C PRO AA 203 -18.07 -10.34 -85.64
N VAL AA 204 -17.57 -11.03 -84.62
CA VAL AA 204 -17.30 -12.46 -84.69
C VAL AA 204 -18.41 -13.20 -83.95
N THR AA 205 -18.93 -14.26 -84.56
CA THR AA 205 -20.05 -15.00 -84.00
C THR AA 205 -19.69 -16.48 -83.93
N LYS AA 206 -19.79 -17.06 -82.74
CA LYS AA 206 -19.65 -18.49 -82.55
C LYS AA 206 -20.97 -19.07 -82.08
N SER AA 207 -21.30 -20.26 -82.59
CA SER AA 207 -22.61 -20.85 -82.32
C SER AA 207 -22.51 -22.36 -82.39
N PHE AA 208 -23.45 -23.02 -81.72
CA PHE AA 208 -23.58 -24.46 -81.81
C PHE AA 208 -25.06 -24.83 -81.88
N ASN AA 209 -25.32 -26.04 -82.31
CA ASN AA 209 -26.66 -26.60 -82.35
C ASN AA 209 -26.86 -27.58 -81.20
N ARG AA 210 -28.01 -27.49 -80.55
CA ARG AA 210 -28.33 -28.37 -79.44
C ARG AA 210 -28.38 -29.83 -79.90
N GLY AA 211 -27.53 -30.66 -79.30
CA GLY AA 211 -27.43 -32.06 -79.64
C GLY AA 211 -26.29 -32.40 -80.59
N GLU AA 212 -25.82 -31.45 -81.38
CA GLU AA 212 -24.72 -31.71 -82.31
C GLU AA 212 -23.43 -32.01 -81.57
N GLN BA 1 -21.98 47.28 -15.12
CA GLN BA 1 -21.85 47.48 -16.56
C GLN BA 1 -20.44 47.16 -17.02
N VAL BA 2 -20.06 47.66 -18.20
CA VAL BA 2 -18.73 47.43 -18.73
C VAL BA 2 -17.72 48.20 -17.91
N GLN BA 3 -16.61 47.56 -17.57
CA GLN BA 3 -15.57 48.22 -16.79
C GLN BA 3 -14.20 47.82 -17.31
N LEU BA 4 -13.33 48.81 -17.49
CA LEU BA 4 -11.96 48.59 -17.91
C LEU BA 4 -11.02 49.31 -16.96
N VAL BA 5 -10.00 48.61 -16.49
CA VAL BA 5 -9.08 49.15 -15.50
C VAL BA 5 -7.65 49.00 -16.00
N GLU BA 6 -7.00 50.11 -16.31
CA GLU BA 6 -5.62 50.10 -16.73
C GLU BA 6 -4.68 50.12 -15.54
N SER BA 7 -3.50 49.54 -15.73
CA SER BA 7 -2.46 49.57 -14.71
C SER BA 7 -1.12 49.41 -15.38
N GLY BA 8 -0.06 49.77 -14.67
CA GLY BA 8 1.29 49.60 -15.15
C GLY BA 8 1.98 50.90 -15.51
N GLY BA 9 1.25 52.01 -15.54
CA GLY BA 9 1.86 53.27 -15.91
C GLY BA 9 2.73 53.85 -14.81
N GLY BA 10 3.62 54.74 -15.21
CA GLY BA 10 4.49 55.38 -14.25
C GLY BA 10 5.57 56.17 -14.96
N VAL BA 11 6.63 56.46 -14.21
CA VAL BA 11 7.76 57.20 -14.73
C VAL BA 11 8.80 56.20 -15.24
N VAL BA 12 9.29 56.43 -16.45
CA VAL BA 12 10.28 55.54 -17.06
C VAL BA 12 11.31 56.38 -17.79
N GLN BA 13 12.58 55.98 -17.66
CA GLN BA 13 13.64 56.67 -18.36
C GLN BA 13 13.59 56.37 -19.86
N PRO BA 14 14.02 57.30 -20.70
CA PRO BA 14 14.03 57.04 -22.14
C PRO BA 14 14.93 55.86 -22.47
N GLY BA 15 14.47 55.04 -23.41
CA GLY BA 15 15.19 53.85 -23.81
C GLY BA 15 14.79 52.59 -23.09
N ARG BA 16 14.12 52.70 -21.94
CA ARG BA 16 13.66 51.53 -21.22
C ARG BA 16 12.32 51.06 -21.77
N SER BA 17 11.79 50.00 -21.17
CA SER BA 17 10.56 49.38 -21.62
C SER BA 17 9.51 49.48 -20.52
N LEU BA 18 8.26 49.27 -20.91
CA LEU BA 18 7.17 49.34 -19.95
C LEU BA 18 6.00 48.53 -20.50
N ARG BA 19 5.30 47.83 -19.61
CA ARG BA 19 4.19 46.97 -19.99
C ARG BA 19 2.92 47.46 -19.32
N LEU BA 20 1.93 47.84 -20.13
CA LEU BA 20 0.63 48.26 -19.62
C LEU BA 20 -0.34 47.08 -19.69
N SER BA 21 -1.25 47.02 -18.74
CA SER BA 21 -2.27 45.99 -18.71
C SER BA 21 -3.63 46.63 -18.55
N CYS BA 22 -4.66 45.92 -18.99
CA CYS BA 22 -6.03 46.41 -18.96
C CYS BA 22 -6.90 45.24 -18.56
N ALA BA 23 -7.48 45.31 -17.37
CA ALA BA 23 -8.38 44.27 -16.88
C ALA BA 23 -9.82 44.61 -17.25
N ALA BA 24 -10.52 43.66 -17.85
CA ALA BA 24 -11.86 43.89 -18.35
C ALA BA 24 -12.84 43.06 -17.55
N SER BA 25 -14.03 43.63 -17.32
CA SER BA 25 -15.11 42.92 -16.65
C SER BA 25 -16.42 43.54 -17.07
N GLY BA 26 -17.50 42.81 -16.83
CA GLY BA 26 -18.82 43.23 -17.24
C GLY BA 26 -19.25 42.76 -18.60
N PHE BA 27 -18.36 42.07 -19.32
CA PHE BA 27 -18.70 41.55 -20.64
C PHE BA 27 -17.74 40.40 -20.94
N THR BA 28 -18.05 39.66 -22.00
CA THR BA 28 -17.20 38.56 -22.42
C THR BA 28 -16.00 39.14 -23.15
N PHE BA 29 -14.86 39.21 -22.46
CA PHE BA 29 -13.69 39.85 -23.01
C PHE BA 29 -13.17 39.13 -24.24
N SER BA 30 -13.23 37.80 -24.23
CA SER BA 30 -12.65 37.02 -25.32
C SER BA 30 -13.44 37.13 -26.62
N ASN BA 31 -14.61 37.73 -26.61
CA ASN BA 31 -15.42 37.83 -27.82
C ASN BA 31 -15.23 39.14 -28.55
N PHE BA 32 -14.40 40.05 -28.07
CA PHE BA 32 -14.32 41.38 -28.66
C PHE BA 32 -12.87 41.76 -28.93
N GLY BA 33 -12.66 42.46 -30.05
CA GLY BA 33 -11.39 43.10 -30.27
C GLY BA 33 -11.23 44.33 -29.39
N MET BA 34 -9.98 44.77 -29.26
CA MET BA 34 -9.65 45.88 -28.37
C MET BA 34 -8.71 46.83 -29.07
N HIS BA 35 -8.76 48.08 -28.65
CA HIS BA 35 -7.85 49.14 -29.09
C HIS BA 35 -7.05 49.64 -27.89
N TRP BA 36 -5.86 50.13 -28.18
CA TRP BA 36 -5.12 51.02 -27.30
C TRP BA 36 -5.04 52.38 -27.98
N ILE BA 37 -5.46 53.41 -27.27
CA ILE BA 37 -5.45 54.77 -27.78
C ILE BA 37 -4.81 55.65 -26.74
N ARG BA 38 -3.96 56.57 -27.19
CA ARG BA 38 -3.23 57.46 -26.31
C ARG BA 38 -3.65 58.89 -26.58
N GLN BA 39 -3.47 59.72 -25.56
CA GLN BA 39 -3.83 61.13 -25.62
C GLN BA 39 -2.72 61.94 -24.98
N SER BA 40 -2.21 62.92 -25.72
CA SER BA 40 -1.20 63.83 -25.23
C SER BA 40 -1.62 65.25 -25.58
N PRO BA 41 -1.17 66.24 -24.80
CA PRO BA 41 -1.53 67.63 -25.11
C PRO BA 41 -1.00 68.11 -26.45
N GLY BA 42 0.07 67.52 -26.95
CA GLY BA 42 0.66 67.99 -28.18
C GLY BA 42 0.05 67.40 -29.44
N LYS BA 43 -0.44 66.17 -29.32
CA LYS BA 43 -0.99 65.44 -30.45
C LYS BA 43 -2.46 65.13 -30.31
N GLY BA 44 -3.09 65.46 -29.18
CA GLY BA 44 -4.48 65.11 -29.01
C GLY BA 44 -4.67 63.62 -28.89
N LEU BA 45 -5.82 63.16 -29.36
CA LEU BA 45 -6.14 61.74 -29.34
C LEU BA 45 -5.47 61.05 -30.52
N GLU BA 46 -4.89 59.88 -30.25
CA GLU BA 46 -4.04 59.20 -31.22
C GLU BA 46 -4.19 57.71 -31.05
N TRP BA 47 -4.71 57.04 -32.07
CA TRP BA 47 -4.84 55.59 -32.00
C TRP BA 47 -3.47 54.93 -32.06
N VAL BA 48 -3.30 53.88 -31.26
CA VAL BA 48 -2.03 53.19 -31.11
C VAL BA 48 -2.05 51.80 -31.72
N ALA BA 49 -2.98 50.94 -31.30
CA ALA BA 49 -3.00 49.57 -31.76
C ALA BA 49 -4.41 49.00 -31.68
N ILE BA 50 -4.62 47.94 -32.43
CA ILE BA 50 -5.85 47.15 -32.42
C ILE BA 50 -5.49 45.67 -32.45
N ILE BA 51 -6.27 44.86 -31.75
CA ILE BA 51 -6.08 43.42 -31.73
C ILE BA 51 -7.41 42.73 -31.94
N TRP BA 52 -7.39 41.65 -32.71
CA TRP BA 52 -8.57 40.85 -32.97
C TRP BA 52 -8.96 40.08 -31.70
N TYR BA 53 -10.18 39.55 -31.71
CA TYR BA 53 -10.66 38.82 -30.55
C TYR BA 53 -9.79 37.62 -30.25
N ASP BA 54 -9.28 36.97 -31.28
CA ASP BA 54 -8.43 35.79 -31.10
C ASP BA 54 -6.96 36.09 -31.27
N GLY BA 55 -6.59 37.36 -31.44
CA GLY BA 55 -5.20 37.71 -31.61
C GLY BA 55 -4.63 37.42 -32.98
N SER BA 56 -5.44 37.02 -33.95
CA SER BA 56 -4.89 36.62 -35.22
C SER BA 56 -4.39 37.83 -36.01
N ASN BA 57 -5.06 38.96 -35.90
CA ASN BA 57 -4.65 40.17 -36.60
C ASN BA 57 -4.41 41.29 -35.60
N THR BA 58 -3.29 41.97 -35.76
CA THR BA 58 -2.92 43.13 -34.98
C THR BA 58 -2.47 44.22 -35.93
N TYR BA 59 -2.77 45.46 -35.57
CA TYR BA 59 -2.35 46.60 -36.36
C TYR BA 59 -1.82 47.69 -35.44
N TYR BA 60 -0.90 48.48 -35.96
CA TYR BA 60 -0.25 49.51 -35.18
C TYR BA 60 -0.18 50.78 -35.99
N ALA BA 61 -0.14 51.91 -35.29
CA ALA BA 61 0.11 53.16 -35.97
C ALA BA 61 1.56 53.20 -36.47
N ASP BA 62 1.79 54.01 -37.49
CA ASP BA 62 3.11 54.07 -38.12
C ASP BA 62 4.16 54.58 -37.16
N SER BA 63 3.79 55.49 -36.25
CA SER BA 63 4.76 56.06 -35.34
C SER BA 63 5.24 55.07 -34.28
N VAL BA 64 4.52 53.97 -34.09
CA VAL BA 64 4.89 52.98 -33.08
C VAL BA 64 5.19 51.62 -33.67
N LYS BA 65 5.05 51.45 -34.98
CA LYS BA 65 5.26 50.14 -35.59
C LYS BA 65 6.69 49.68 -35.39
N GLY BA 66 6.85 48.44 -34.97
CA GLY BA 66 8.16 47.89 -34.71
C GLY BA 66 8.68 48.08 -33.30
N ARG BA 67 8.03 48.93 -32.49
CA ARG BA 67 8.46 49.14 -31.13
C ARG BA 67 7.45 48.67 -30.11
N PHE BA 68 6.17 48.83 -30.39
CA PHE BA 68 5.10 48.41 -29.50
C PHE BA 68 4.55 47.07 -29.94
N THR BA 69 4.10 46.29 -28.96
CA THR BA 69 3.49 44.99 -29.23
C THR BA 69 2.23 44.88 -28.38
N ILE BA 70 1.11 44.72 -29.04
CA ILE BA 70 -0.17 44.54 -28.37
C ILE BA 70 -0.48 43.05 -28.31
N SER BA 71 -0.97 42.60 -27.16
CA SER BA 71 -1.30 41.19 -27.00
C SER BA 71 -2.45 41.07 -26.02
N ARG BA 72 -2.91 39.84 -25.80
CA ARG BA 72 -4.02 39.62 -24.89
C ARG BA 72 -3.94 38.22 -24.30
N ASP BA 73 -4.55 38.08 -23.12
CA ASP BA 73 -4.63 36.81 -22.39
C ASP BA 73 -6.10 36.58 -22.08
N ASN BA 74 -6.77 35.83 -22.95
CA ASN BA 74 -8.18 35.58 -22.80
C ASN BA 74 -8.50 34.68 -21.61
N SER BA 75 -7.54 33.91 -21.13
CA SER BA 75 -7.77 33.11 -19.93
C SER BA 75 -7.80 33.98 -18.68
N LYS BA 76 -7.10 35.10 -18.70
CA LYS BA 76 -7.07 36.06 -17.60
C LYS BA 76 -7.94 37.27 -17.86
N ASN BA 77 -8.53 37.37 -19.05
CA ASN BA 77 -9.33 38.52 -19.45
C ASN BA 77 -8.53 39.79 -19.35
N THR BA 78 -7.31 39.76 -19.85
CA THR BA 78 -6.38 40.87 -19.70
C THR BA 78 -5.80 41.27 -21.05
N LEU BA 79 -5.75 42.56 -21.30
CA LEU BA 79 -5.12 43.10 -22.50
C LEU BA 79 -3.78 43.71 -22.11
N TYR BA 80 -2.75 43.46 -22.92
CA TYR BA 80 -1.40 43.89 -22.62
C TYR BA 80 -0.85 44.74 -23.76
N LEU BA 81 0.03 45.67 -23.42
CA LEU BA 81 0.76 46.47 -24.39
C LEU BA 81 2.20 46.60 -23.92
N GLN BA 82 3.11 45.87 -24.56
CA GLN BA 82 4.53 45.96 -24.29
C GLN BA 82 5.16 47.06 -25.14
N MET BA 83 5.70 48.07 -24.49
CA MET BA 83 6.31 49.22 -25.15
C MET BA 83 7.81 49.20 -24.94
N ASN BA 84 8.55 49.06 -26.04
CA ASN BA 84 10.01 49.06 -26.03
C ASN BA 84 10.54 50.29 -26.74
N SER BA 85 11.78 50.67 -26.40
CA SER BA 85 12.48 51.78 -27.04
C SER BA 85 11.66 53.08 -26.96
N LEU BA 86 11.24 53.42 -25.76
CA LEU BA 86 10.36 54.57 -25.58
C LEU BA 86 11.09 55.87 -25.90
N ARG BA 87 10.40 56.77 -26.57
CA ARG BA 87 10.90 58.10 -26.88
C ARG BA 87 10.16 59.13 -26.03
N ALA BA 88 10.69 60.34 -26.03
CA ALA BA 88 10.11 61.40 -25.21
C ALA BA 88 8.68 61.71 -25.61
N GLU BA 89 8.38 61.66 -26.90
CA GLU BA 89 7.04 62.01 -27.36
C GLU BA 89 5.99 60.96 -27.03
N ASP BA 90 6.38 59.81 -26.50
CA ASP BA 90 5.39 58.82 -26.08
C ASP BA 90 4.74 59.12 -24.75
N THR BA 91 5.13 60.17 -24.05
CA THR BA 91 4.45 60.51 -22.81
C THR BA 91 3.00 60.90 -23.09
N ALA BA 92 2.07 60.15 -22.51
CA ALA BA 92 0.65 60.38 -22.74
C ALA BA 92 -0.15 59.55 -21.77
N VAL BA 93 -1.46 59.77 -21.76
CA VAL BA 93 -2.42 58.91 -21.08
C VAL BA 93 -2.91 57.87 -22.08
N TYR BA 94 -2.75 56.59 -21.72
CA TYR BA 94 -3.12 55.48 -22.57
C TYR BA 94 -4.40 54.83 -22.07
N TYR BA 95 -5.38 54.69 -22.96
CA TYR BA 95 -6.65 54.04 -22.69
C TYR BA 95 -6.77 52.75 -23.49
N CYS BA 96 -7.30 51.71 -22.86
CA CYS BA 96 -7.81 50.57 -23.62
C CYS BA 96 -9.27 50.80 -23.92
N ALA BA 97 -9.73 50.26 -25.04
CA ALA BA 97 -11.10 50.48 -25.47
C ALA BA 97 -11.64 49.23 -26.15
N LYS BA 98 -12.94 49.03 -26.01
CA LYS BA 98 -13.63 47.86 -26.54
C LYS BA 98 -14.31 48.22 -27.84
N VAL BA 99 -14.16 47.37 -28.84
CA VAL BA 99 -14.84 47.55 -30.11
C VAL BA 99 -16.33 47.27 -29.91
N TRP BA 100 -17.17 48.07 -30.56
CA TRP BA 100 -18.60 47.86 -30.46
C TRP BA 100 -19.04 46.67 -31.32
N PHE BA 101 -20.24 46.19 -31.07
CA PHE BA 101 -20.83 45.14 -31.89
C PHE BA 101 -21.59 45.76 -33.05
N GLY BA 102 -21.39 45.20 -34.24
CA GLY BA 102 -22.03 45.71 -35.44
C GLY BA 102 -22.38 44.64 -36.44
N GLU BA 103 -22.55 45.05 -37.70
CA GLU BA 103 -22.87 44.11 -38.76
C GLU BA 103 -21.60 43.54 -39.37
N SER BA 104 -21.76 42.46 -40.13
CA SER BA 104 -20.61 41.73 -40.63
C SER BA 104 -19.80 42.54 -41.63
N GLU BA 105 -20.44 43.40 -42.41
CA GLU BA 105 -19.75 44.15 -43.45
C GLU BA 105 -19.49 45.59 -43.07
N ASP BA 106 -19.85 46.00 -41.86
CA ASP BA 106 -19.60 47.37 -41.44
C ASP BA 106 -18.14 47.55 -41.06
N ASN BA 107 -17.71 48.81 -41.04
CA ASN BA 107 -16.47 49.16 -40.38
C ASN BA 107 -16.69 49.38 -38.90
N TYR BA 108 -15.63 49.22 -38.13
CA TYR BA 108 -15.73 49.12 -36.68
C TYR BA 108 -14.80 50.11 -35.99
N SER BA 109 -15.24 50.57 -34.83
CA SER BA 109 -14.43 51.40 -33.94
C SER BA 109 -14.83 51.05 -32.50
N VAL BA 110 -14.53 51.93 -31.55
CA VAL BA 110 -14.68 51.61 -30.14
C VAL BA 110 -15.84 52.41 -29.55
N ASP BA 111 -16.50 51.81 -28.57
CA ASP BA 111 -17.62 52.44 -27.87
C ASP BA 111 -17.37 52.68 -26.40
N VAL BA 112 -16.59 51.84 -25.73
CA VAL BA 112 -16.35 51.97 -24.30
C VAL BA 112 -14.86 52.12 -24.08
N TRP BA 113 -14.46 53.18 -23.40
CA TRP BA 113 -13.07 53.47 -23.06
C TRP BA 113 -12.78 53.12 -21.62
N GLY BA 114 -11.53 52.77 -21.36
CA GLY BA 114 -11.08 52.48 -20.02
C GLY BA 114 -10.86 53.75 -19.22
N GLN BA 115 -10.32 53.57 -18.02
CA GLN BA 115 -10.08 54.70 -17.14
C GLN BA 115 -8.85 55.50 -17.53
N GLY BA 116 -7.83 54.84 -18.06
CA GLY BA 116 -6.62 55.53 -18.48
C GLY BA 116 -5.49 55.39 -17.48
N THR BA 117 -4.27 55.25 -17.99
CA THR BA 117 -3.06 55.19 -17.18
C THR BA 117 -2.01 56.10 -17.78
N THR BA 118 -1.30 56.81 -16.91
CA THR BA 118 -0.38 57.85 -17.35
C THR BA 118 1.01 57.26 -17.53
N VAL BA 119 1.66 57.60 -18.63
CA VAL BA 119 3.02 57.18 -18.92
C VAL BA 119 3.83 58.44 -19.16
N THR BA 120 4.91 58.60 -18.40
CA THR BA 120 5.77 59.77 -18.48
C THR BA 120 7.18 59.35 -18.84
N VAL BA 121 7.62 59.72 -20.05
CA VAL BA 121 8.97 59.40 -20.52
C VAL BA 121 9.83 60.61 -20.30
N SER BA 122 10.73 60.55 -19.33
CA SER BA 122 11.58 61.67 -18.99
C SER BA 122 12.84 61.15 -18.32
N SER BA 123 13.94 61.84 -18.56
CA SER BA 123 15.22 61.52 -17.93
C SER BA 123 15.41 62.23 -16.61
N ALA BA 124 14.38 62.92 -16.10
CA ALA BA 124 14.50 63.60 -14.83
C ALA BA 124 14.50 62.62 -13.67
N SER BA 125 15.29 62.93 -12.65
CA SER BA 125 15.38 62.15 -11.43
C SER BA 125 14.38 62.65 -10.40
N THR BA 126 13.99 61.77 -9.49
CA THR BA 126 13.04 62.13 -8.45
C THR BA 126 13.59 63.28 -7.61
N LYS BA 127 12.78 64.32 -7.44
CA LYS BA 127 13.24 65.54 -6.78
C LYS BA 127 12.05 66.22 -6.11
N GLY BA 128 12.24 66.61 -4.86
CA GLY BA 128 11.22 67.35 -4.14
C GLY BA 128 11.10 68.77 -4.65
N PRO BA 129 9.97 69.41 -4.36
CA PRO BA 129 9.73 70.75 -4.91
C PRO BA 129 10.37 71.84 -4.06
N SER BA 130 10.55 72.99 -4.69
CA SER BA 130 10.93 74.21 -3.99
C SER BA 130 9.69 75.07 -3.84
N VAL BA 131 9.36 75.43 -2.60
CA VAL BA 131 8.18 76.21 -2.29
C VAL BA 131 8.61 77.63 -1.97
N PHE BA 132 8.19 78.58 -2.80
CA PHE BA 132 8.53 79.97 -2.56
C PHE BA 132 7.26 80.78 -2.34
N PRO BA 133 7.27 81.73 -1.40
CA PRO BA 133 6.09 82.54 -1.13
C PRO BA 133 5.91 83.64 -2.17
N LEU BA 134 4.66 83.85 -2.58
CA LEU BA 134 4.28 84.99 -3.40
C LEU BA 134 3.65 86.02 -2.47
N ALA BA 135 4.48 86.89 -1.93
CA ALA BA 135 4.12 87.79 -0.85
C ALA BA 135 3.27 88.96 -1.38
N PRO BA 136 2.14 89.25 -0.76
CA PRO BA 136 1.35 90.41 -1.18
C PRO BA 136 1.96 91.71 -0.67
N SER BA 137 1.72 92.77 -1.42
CA SER BA 137 2.23 94.09 -1.06
C SER BA 137 1.35 95.14 -1.74
N SER BA 138 1.85 96.38 -1.76
CA SER BA 138 1.13 97.46 -2.43
C SER BA 138 1.04 97.22 -3.93
N LYS BA 139 2.00 96.48 -4.51
CA LYS BA 139 1.98 96.21 -5.94
C LYS BA 139 1.00 95.11 -6.32
N SER BA 140 0.44 94.39 -5.36
CA SER BA 140 -0.57 93.38 -5.60
C SER BA 140 -1.88 93.67 -4.87
N THR BA 141 -2.28 94.94 -4.82
CA THR BA 141 -3.51 95.34 -4.16
C THR BA 141 -4.29 96.28 -5.05
N SER BA 142 -5.57 95.97 -5.26
CA SER BA 142 -6.49 96.81 -6.01
C SER BA 142 -7.77 96.94 -5.19
N GLY BA 143 -7.94 98.08 -4.52
CA GLY BA 143 -9.08 98.26 -3.65
C GLY BA 143 -8.93 97.46 -2.37
N GLY BA 144 -10.02 96.82 -1.96
CA GLY BA 144 -10.03 95.98 -0.77
C GLY BA 144 -9.65 94.53 -0.98
N THR BA 145 -9.13 94.18 -2.16
CA THR BA 145 -8.75 92.81 -2.47
C THR BA 145 -7.26 92.74 -2.74
N ALA BA 146 -6.60 91.77 -2.11
CA ALA BA 146 -5.18 91.51 -2.32
C ALA BA 146 -4.99 90.07 -2.76
N ALA BA 147 -3.84 89.80 -3.37
CA ALA BA 147 -3.51 88.46 -3.85
C ALA BA 147 -2.20 88.00 -3.25
N LEU BA 148 -2.18 86.75 -2.80
CA LEU BA 148 -0.98 86.10 -2.29
C LEU BA 148 -0.96 84.67 -2.81
N GLY BA 149 0.18 84.00 -2.69
CA GLY BA 149 0.24 82.65 -3.19
C GLY BA 149 1.52 81.93 -2.83
N CYS BA 150 1.71 80.78 -3.47
CA CYS BA 150 2.89 79.95 -3.32
C CYS BA 150 3.31 79.43 -4.69
N LEU BA 151 4.60 79.50 -4.97
CA LEU BA 151 5.18 78.99 -6.21
C LEU BA 151 5.87 77.66 -5.93
N VAL BA 152 5.42 76.61 -6.60
CA VAL BA 152 5.93 75.26 -6.41
C VAL BA 152 6.74 74.92 -7.65
N LYS BA 153 8.07 75.04 -7.54
CA LYS BA 153 8.95 75.05 -8.69
C LYS BA 153 9.91 73.87 -8.65
N ASP BA 154 10.21 73.32 -9.82
CA ASP BA 154 11.31 72.37 -10.00
C ASP BA 154 11.10 71.11 -9.16
N TYR BA 155 10.04 70.38 -9.47
CA TYR BA 155 9.77 69.10 -8.86
C TYR BA 155 9.55 68.06 -9.94
N PHE BA 156 9.81 66.79 -9.58
CA PHE BA 156 9.60 65.69 -10.49
C PHE BA 156 9.50 64.42 -9.67
N PRO BA 157 8.56 63.52 -9.97
CA PRO BA 157 7.54 63.73 -11.00
C PRO BA 157 6.23 64.23 -10.46
N GLU BA 158 5.21 64.18 -11.31
CA GLU BA 158 3.85 64.45 -10.87
C GLU BA 158 3.36 63.32 -9.99
N PRO BA 159 2.40 63.60 -9.09
CA PRO BA 159 1.81 64.92 -8.85
C PRO BA 159 2.24 65.53 -7.53
N VAL BA 160 1.76 66.73 -7.26
CA VAL BA 160 1.90 67.38 -5.96
C VAL BA 160 0.54 67.91 -5.54
N THR BA 161 0.31 67.91 -4.23
CA THR BA 161 -0.93 68.46 -3.66
C THR BA 161 -0.61 69.74 -2.89
N VAL BA 162 -1.48 70.73 -3.04
CA VAL BA 162 -1.36 72.01 -2.36
C VAL BA 162 -2.64 72.29 -1.60
N SER BA 163 -2.52 72.62 -0.32
CA SER BA 163 -3.65 73.08 0.48
C SER BA 163 -3.29 74.39 1.15
N TRP BA 164 -4.31 75.09 1.63
CA TRP BA 164 -4.12 76.37 2.29
C TRP BA 164 -4.70 76.28 3.69
N ASN BA 165 -3.87 76.63 4.69
CA ASN BA 165 -4.28 76.58 6.09
C ASN BA 165 -4.85 75.21 6.44
N SER BA 166 -4.12 74.17 6.02
CA SER BA 166 -4.52 72.78 6.26
C SER BA 166 -5.90 72.47 5.68
N GLY BA 167 -6.27 73.15 4.59
CA GLY BA 167 -7.55 72.92 3.95
C GLY BA 167 -8.67 73.83 4.41
N ALA BA 168 -8.42 74.67 5.41
CA ALA BA 168 -9.47 75.54 5.92
C ALA BA 168 -9.84 76.67 4.97
N LEU BA 169 -8.95 77.04 4.05
CA LEU BA 169 -9.20 78.11 3.10
C LEU BA 169 -9.29 77.53 1.69
N THR BA 170 -10.50 77.48 1.14
CA THR BA 170 -10.71 77.04 -0.22
C THR BA 170 -11.42 78.05 -1.10
N SER BA 171 -12.16 79.00 -0.52
CA SER BA 171 -12.88 79.99 -1.31
C SER BA 171 -11.90 80.96 -1.96
N GLY BA 172 -11.92 81.03 -3.28
CA GLY BA 172 -11.07 81.94 -4.01
C GLY BA 172 -9.69 81.42 -4.32
N VAL BA 173 -9.46 80.12 -4.17
CA VAL BA 173 -8.16 79.52 -4.40
C VAL BA 173 -8.09 79.08 -5.86
N HIS BA 174 -6.99 79.41 -6.52
CA HIS BA 174 -6.75 78.99 -7.90
C HIS BA 174 -5.38 78.35 -7.99
N THR BA 175 -5.36 77.04 -8.12
CA THR BA 175 -4.13 76.29 -8.35
C THR BA 175 -4.02 76.02 -9.84
N PHE BA 176 -3.01 76.58 -10.47
CA PHE BA 176 -2.86 76.46 -11.90
C PHE BA 176 -2.34 75.07 -12.27
N PRO BA 177 -2.68 74.59 -13.46
CA PRO BA 177 -2.08 73.33 -13.93
C PRO BA 177 -0.58 73.49 -14.13
N ALA BA 178 0.14 72.41 -13.87
CA ALA BA 178 1.59 72.44 -13.97
C ALA BA 178 2.02 72.59 -15.42
N VAL BA 179 3.17 73.23 -15.62
CA VAL BA 179 3.76 73.40 -16.94
C VAL BA 179 5.13 72.72 -16.92
N LEU BA 180 5.46 72.07 -18.03
CA LEU BA 180 6.75 71.41 -18.17
C LEU BA 180 7.76 72.41 -18.72
N GLN BA 181 8.88 72.52 -18.03
CA GLN BA 181 9.93 73.47 -18.38
C GLN BA 181 10.99 72.81 -19.24
N SER BA 182 11.90 73.64 -19.76
CA SER BA 182 12.98 73.13 -20.60
C SER BA 182 13.87 72.16 -19.86
N SER BA 183 13.93 72.26 -18.53
CA SER BA 183 14.77 71.39 -17.73
C SER BA 183 14.11 70.06 -17.42
N GLY BA 184 12.91 69.81 -17.93
CA GLY BA 184 12.18 68.60 -17.60
C GLY BA 184 11.54 68.58 -16.23
N LEU BA 185 11.59 69.68 -15.49
CA LEU BA 185 10.94 69.78 -14.20
C LEU BA 185 9.66 70.58 -14.31
N TYR BA 186 8.67 70.19 -13.51
CA TYR BA 186 7.39 70.87 -13.51
C TYR BA 186 7.40 72.05 -12.55
N SER BA 187 6.44 72.95 -12.76
CA SER BA 187 6.30 74.13 -11.92
C SER BA 187 4.86 74.60 -12.01
N LEU BA 188 4.35 75.13 -10.91
CA LEU BA 188 3.00 75.66 -10.88
C LEU BA 188 2.90 76.74 -9.82
N SER BA 189 1.76 77.42 -9.80
CA SER BA 189 1.47 78.42 -8.80
C SER BA 189 0.08 78.20 -8.22
N SER BA 190 -0.10 78.63 -6.98
CA SER BA 190 -1.40 78.61 -6.32
C SER BA 190 -1.61 79.98 -5.71
N VAL BA 191 -2.75 80.60 -6.01
CA VAL BA 191 -3.01 81.97 -5.58
C VAL BA 191 -4.35 82.01 -4.86
N VAL BA 192 -4.51 83.04 -4.03
CA VAL BA 192 -5.73 83.25 -3.29
C VAL BA 192 -5.91 84.76 -3.09
N THR BA 193 -7.15 85.21 -3.24
CA THR BA 193 -7.54 86.60 -3.00
C THR BA 193 -8.12 86.74 -1.60
N VAL BA 194 -7.63 87.74 -0.86
CA VAL BA 194 -8.04 87.94 0.52
C VAL BA 194 -8.42 89.40 0.72
N PRO BA 195 -9.24 89.70 1.72
CA PRO BA 195 -9.53 91.10 2.05
C PRO BA 195 -8.27 91.83 2.50
N SER BA 196 -8.03 92.99 1.88
CA SER BA 196 -6.85 93.77 2.21
C SER BA 196 -6.84 94.17 3.68
N SER BA 197 -8.01 94.36 4.27
CA SER BA 197 -8.09 94.74 5.68
C SER BA 197 -7.66 93.63 6.61
N SER BA 198 -7.44 92.42 6.11
CA SER BA 198 -7.03 91.29 6.92
C SER BA 198 -5.52 91.05 6.87
N LEU BA 199 -4.82 91.75 5.98
CA LEU BA 199 -3.38 91.56 5.85
C LEU BA 199 -2.66 91.96 7.15
N GLY BA 200 -1.59 91.24 7.46
CA GLY BA 200 -0.83 91.48 8.66
C GLY BA 200 -1.36 90.81 9.91
N THR BA 201 -2.62 90.38 9.92
CA THR BA 201 -3.20 89.73 11.09
C THR BA 201 -3.55 88.27 10.85
N GLN BA 202 -4.16 87.94 9.71
CA GLN BA 202 -4.47 86.55 9.41
C GLN BA 202 -3.24 85.86 8.81
N THR BA 203 -2.91 84.70 9.35
CA THR BA 203 -1.76 83.93 8.90
C THR BA 203 -2.17 83.00 7.77
N TYR BA 204 -1.42 83.02 6.68
CA TYR BA 204 -1.68 82.15 5.53
C TYR BA 204 -0.45 81.29 5.27
N ILE BA 205 -0.63 79.98 5.31
CA ILE BA 205 0.43 79.01 5.09
C ILE BA 205 -0.07 78.02 4.04
N CYS BA 206 0.74 77.77 3.03
CA CYS BA 206 0.46 76.77 2.01
C CYS BA 206 1.18 75.47 2.35
N ASN BA 207 0.46 74.36 2.24
CA ASN BA 207 0.96 73.03 2.58
C ASN BA 207 1.13 72.24 1.28
N VAL BA 208 2.39 72.08 0.86
CA VAL BA 208 2.74 71.32 -0.33
C VAL BA 208 3.16 69.93 0.09
N ASN BA 209 2.59 68.92 -0.57
CA ASN BA 209 2.88 67.52 -0.29
C ASN BA 209 3.22 66.81 -1.59
N HIS BA 210 4.28 65.99 -1.54
CA HIS BA 210 4.80 65.24 -2.69
C HIS BA 210 5.05 63.81 -2.22
N LYS BA 211 4.06 62.95 -2.43
CA LYS BA 211 4.14 61.56 -1.99
C LYS BA 211 5.31 60.78 -2.57
N PRO BA 212 5.68 60.90 -3.85
CA PRO BA 212 6.80 60.10 -4.35
C PRO BA 212 8.10 60.30 -3.57
N SER BA 213 8.31 61.48 -3.00
CA SER BA 213 9.50 61.76 -2.21
C SER BA 213 9.19 61.93 -0.74
N ASN BA 214 7.93 61.77 -0.33
CA ASN BA 214 7.50 61.96 1.05
C ASN BA 214 7.81 63.37 1.55
N THR BA 215 7.70 64.34 0.65
CA THR BA 215 7.98 65.73 0.97
C THR BA 215 6.75 66.41 1.53
N LYS BA 216 6.90 67.10 2.67
CA LYS BA 216 5.84 67.92 3.22
C LYS BA 216 6.44 69.25 3.64
N VAL BA 217 5.96 70.34 3.04
CA VAL BA 217 6.48 71.67 3.31
C VAL BA 217 5.31 72.59 3.61
N ASP BA 218 5.37 73.26 4.76
CA ASP BA 218 4.41 74.29 5.14
C ASP BA 218 5.12 75.64 5.06
N LYS BA 219 4.80 76.42 4.04
CA LYS BA 219 5.46 77.71 3.81
C LYS BA 219 4.50 78.83 4.20
N LYS BA 220 4.94 79.69 5.11
CA LYS BA 220 4.18 80.86 5.50
C LYS BA 220 4.48 82.02 4.55
N VAL BA 221 3.44 82.71 4.12
CA VAL BA 221 3.55 83.85 3.23
C VAL BA 221 3.23 85.10 4.04
N GLU BA 222 4.24 85.96 4.22
CA GLU BA 222 4.03 87.18 4.99
C GLU BA 222 4.11 88.40 4.08
N PRO BA 223 3.35 89.44 4.39
CA PRO BA 223 3.41 90.67 3.58
C PRO BA 223 4.72 91.39 3.79
N LYS BA 224 4.98 92.35 2.90
CA LYS BA 224 6.19 93.15 2.98
C LYS BA 224 5.85 94.58 3.40
N ASP CA 1 -2.65 58.56 -44.74
CA ASP CA 1 -3.17 58.98 -43.45
C ASP CA 1 -4.21 60.08 -43.61
N ILE CA 2 -5.47 59.74 -43.34
CA ILE CA 2 -6.57 60.67 -43.52
C ILE CA 2 -6.50 61.76 -42.45
N GLN CA 3 -6.44 63.01 -42.87
CA GLN CA 3 -6.44 64.13 -41.94
C GLN CA 3 -7.85 64.55 -41.60
N MET CA 4 -8.09 64.82 -40.32
CA MET CA 4 -9.37 65.30 -39.84
C MET CA 4 -9.22 66.69 -39.25
N THR CA 5 -10.24 67.53 -39.42
CA THR CA 5 -10.22 68.91 -38.96
C THR CA 5 -11.60 69.31 -38.47
N GLN CA 6 -11.66 69.89 -37.27
CA GLN CA 6 -12.92 70.28 -36.66
C GLN CA 6 -13.00 71.79 -36.58
N SER CA 7 -14.20 72.33 -36.82
CA SER CA 7 -14.44 73.75 -36.70
C SER CA 7 -15.76 74.01 -35.99
N PRO CA 8 -15.83 75.03 -35.13
CA PRO CA 8 -14.65 75.82 -34.77
C PRO CA 8 -13.83 75.11 -33.70
N SER CA 9 -12.63 75.59 -33.43
CA SER CA 9 -11.83 75.00 -32.36
C SER CA 9 -12.46 75.27 -31.01
N THR CA 10 -13.00 76.47 -30.82
CA THR CA 10 -13.68 76.87 -29.61
C THR CA 10 -14.96 77.58 -30.00
N LEU CA 11 -16.06 77.24 -29.34
CA LEU CA 11 -17.35 77.85 -29.62
C LEU CA 11 -17.97 78.33 -28.32
N SER CA 12 -18.17 79.64 -28.21
CA SER CA 12 -18.86 80.22 -27.07
C SER CA 12 -20.36 80.14 -27.29
N THR CA 13 -21.06 79.48 -26.37
CA THR CA 13 -22.48 79.23 -26.52
C THR CA 13 -23.13 79.28 -25.15
N SER CA 14 -24.46 79.28 -25.13
CA SER CA 14 -25.24 79.43 -23.92
C SER CA 14 -26.22 78.28 -23.80
N VAL CA 15 -26.68 78.03 -22.57
CA VAL CA 15 -27.66 76.97 -22.33
C VAL CA 15 -28.94 77.26 -23.09
N GLY CA 16 -29.42 76.26 -23.81
CA GLY CA 16 -30.62 76.38 -24.63
C GLY CA 16 -30.36 76.70 -26.08
N ASP CA 17 -29.12 77.01 -26.44
CA ASP CA 17 -28.79 77.35 -27.82
C ASP CA 17 -28.79 76.09 -28.70
N ARG CA 18 -28.97 76.31 -30.00
CA ARG CA 18 -28.79 75.27 -30.99
C ARG CA 18 -27.34 75.31 -31.48
N VAL CA 19 -26.62 74.22 -31.28
CA VAL CA 19 -25.18 74.17 -31.55
C VAL CA 19 -24.93 73.25 -32.74
N THR CA 20 -24.11 73.71 -33.67
CA THR CA 20 -23.70 72.91 -34.82
C THR CA 20 -22.19 73.03 -34.98
N ILE CA 21 -21.48 71.90 -34.95
CA ILE CA 21 -20.05 71.85 -35.17
C ILE CA 21 -19.78 71.01 -36.42
N THR CA 22 -18.68 71.33 -37.10
CA THR CA 22 -18.36 70.71 -38.37
C THR CA 22 -17.04 69.95 -38.26
N CYS CA 23 -16.88 68.98 -39.16
CA CYS CA 23 -15.73 68.08 -39.18
C CYS CA 23 -15.50 67.69 -40.63
N ARG CA 24 -14.25 67.79 -41.08
CA ARG CA 24 -13.92 67.54 -42.46
C ARG CA 24 -12.75 66.58 -42.57
N ALA CA 25 -12.81 65.70 -43.56
CA ALA CA 25 -11.78 64.70 -43.82
C ALA CA 25 -11.01 65.06 -45.07
N SER CA 26 -9.73 64.68 -45.09
CA SER CA 26 -8.89 64.98 -46.25
C SER CA 26 -9.33 64.22 -47.48
N GLN CA 27 -10.03 63.11 -47.33
CA GLN CA 27 -10.56 62.36 -48.46
C GLN CA 27 -11.91 61.78 -48.07
N SER CA 28 -12.58 61.18 -49.05
CA SER CA 28 -13.91 60.65 -48.82
C SER CA 28 -13.86 59.45 -47.89
N ILE CA 29 -14.63 59.49 -46.81
CA ILE CA 29 -14.71 58.39 -45.85
C ILE CA 29 -16.11 57.79 -45.83
N SER CA 30 -16.92 58.09 -46.84
CA SER CA 30 -18.31 57.62 -46.94
C SER CA 30 -19.04 58.10 -45.69
N ASN CA 31 -19.70 57.23 -44.93
CA ASN CA 31 -20.38 57.61 -43.71
C ASN CA 31 -19.73 57.04 -42.45
N TRP CA 32 -18.53 56.48 -42.56
CA TRP CA 32 -17.88 55.83 -41.43
C TRP CA 32 -17.22 56.91 -40.54
N LEU CA 33 -18.07 57.64 -39.83
CA LEU CA 33 -17.62 58.68 -38.91
C LEU CA 33 -18.35 58.56 -37.59
N ALA CA 34 -17.61 58.66 -36.49
CA ALA CA 34 -18.14 58.60 -35.14
C ALA CA 34 -17.87 59.89 -34.39
N TRP CA 35 -18.76 60.20 -33.45
CA TRP CA 35 -18.63 61.35 -32.57
C TRP CA 35 -18.52 60.90 -31.11
N TYR CA 36 -17.50 61.41 -30.42
CA TYR CA 36 -17.21 61.09 -29.03
C TYR CA 36 -17.21 62.36 -28.19
N GLN CA 37 -17.77 62.25 -27.00
CA GLN CA 37 -17.77 63.32 -26.01
C GLN CA 37 -16.80 62.99 -24.88
N GLN CA 38 -16.06 64.00 -24.43
CA GLN CA 38 -15.12 63.81 -23.34
C GLN CA 38 -15.23 64.96 -22.35
N LYS CA 39 -15.44 64.62 -21.11
CA LYS CA 39 -15.42 65.56 -20.00
C LYS CA 39 -14.04 65.58 -19.36
N PRO CA 40 -13.65 66.71 -18.78
CA PRO CA 40 -12.29 66.82 -18.22
C PRO CA 40 -12.06 65.82 -17.11
N GLY CA 41 -10.87 65.24 -17.10
CA GLY CA 41 -10.54 64.22 -16.13
C GLY CA 41 -11.41 62.99 -16.21
N LYS CA 42 -11.92 62.66 -17.39
CA LYS CA 42 -12.84 61.55 -17.53
C LYS CA 42 -12.63 60.91 -18.89
N ALA CA 43 -13.05 59.65 -19.01
CA ALA CA 43 -12.84 58.94 -20.26
C ALA CA 43 -13.85 59.38 -21.31
N PRO CA 44 -13.47 59.33 -22.58
CA PRO CA 44 -14.41 59.69 -23.64
C PRO CA 44 -15.56 58.71 -23.74
N LYS CA 45 -16.69 59.21 -24.20
CA LYS CA 45 -17.92 58.44 -24.34
C LYS CA 45 -18.43 58.52 -25.77
N LEU CA 46 -18.90 57.38 -26.29
CA LEU CA 46 -19.43 57.33 -27.65
C LEU CA 46 -20.80 57.99 -27.74
N LEU CA 47 -20.96 58.89 -28.70
CA LEU CA 47 -22.26 59.52 -28.94
C LEU CA 47 -22.96 59.00 -30.18
N ILE CA 48 -22.27 59.00 -31.32
CA ILE CA 48 -22.89 58.67 -32.60
C ILE CA 48 -21.90 57.85 -33.41
N TYR CA 49 -22.40 56.84 -34.12
CA TYR CA 49 -21.61 56.12 -35.11
C TYR CA 49 -22.37 56.10 -36.42
N LYS CA 50 -21.68 55.70 -37.48
CA LYS CA 50 -22.19 55.76 -38.85
C LYS CA 50 -22.74 57.14 -39.18
N ALA CA 51 -22.17 58.17 -38.54
CA ALA CA 51 -22.45 59.58 -38.80
C ALA CA 51 -23.85 60.01 -38.38
N SER CA 52 -24.79 59.07 -38.25
CA SER CA 52 -26.15 59.48 -37.91
C SER CA 52 -26.89 58.48 -37.01
N THR CA 53 -26.24 57.47 -36.49
CA THR CA 53 -26.90 56.51 -35.61
C THR CA 53 -26.65 56.89 -34.16
N LEU CA 54 -27.73 57.01 -33.40
CA LEU CA 54 -27.63 57.41 -32.00
C LEU CA 54 -27.31 56.21 -31.11
N GLU CA 55 -26.29 56.36 -30.28
CA GLU CA 55 -25.96 55.32 -29.33
C GLU CA 55 -27.05 55.15 -28.29
N SER CA 56 -27.24 53.90 -27.85
CA SER CA 56 -28.22 53.61 -26.82
C SER CA 56 -27.87 54.35 -25.54
N GLY CA 57 -28.87 55.00 -24.95
CA GLY CA 57 -28.69 55.79 -23.75
C GLY CA 57 -28.41 57.27 -24.01
N VAL CA 58 -28.17 57.65 -25.26
CA VAL CA 58 -27.88 59.04 -25.59
C VAL CA 58 -29.19 59.79 -25.80
N PRO CA 59 -29.39 60.93 -25.16
CA PRO CA 59 -30.65 61.67 -25.33
C PRO CA 59 -30.84 62.10 -26.78
N SER CA 60 -32.10 62.28 -27.16
CA SER CA 60 -32.47 62.54 -28.54
C SER CA 60 -32.06 63.93 -29.02
N ARG CA 61 -31.64 64.81 -28.11
CA ARG CA 61 -31.22 66.15 -28.53
C ARG CA 61 -29.92 66.16 -29.31
N PHE CA 62 -29.25 65.02 -29.44
CA PHE CA 62 -28.05 64.90 -30.25
C PHE CA 62 -28.42 64.34 -31.61
N SER CA 63 -27.82 64.88 -32.66
CA SER CA 63 -28.08 64.35 -33.99
C SER CA 63 -26.85 64.55 -34.86
N GLY CA 64 -26.66 63.63 -35.81
CA GLY CA 64 -25.57 63.74 -36.76
C GLY CA 64 -26.03 63.91 -38.19
N SER CA 65 -25.17 64.46 -39.03
CA SER CA 65 -25.51 64.67 -40.43
C SER CA 65 -24.23 64.75 -41.22
N GLY CA 66 -24.31 64.46 -42.52
CA GLY CA 66 -23.16 64.64 -43.38
C GLY CA 66 -22.76 63.38 -44.11
N SER CA 67 -22.02 63.54 -45.21
CA SER CA 67 -21.58 62.41 -46.00
C SER CA 67 -20.47 62.86 -46.93
N GLY CA 68 -19.58 61.92 -47.25
CA GLY CA 68 -18.43 62.20 -48.09
C GLY CA 68 -17.27 62.74 -47.29
N THR CA 69 -17.12 64.06 -47.30
CA THR CA 69 -16.01 64.73 -46.64
C THR CA 69 -16.44 65.76 -45.61
N GLU CA 70 -17.73 66.10 -45.55
CA GLU CA 70 -18.25 67.08 -44.63
C GLU CA 70 -19.29 66.45 -43.71
N PHE CA 71 -19.12 66.63 -42.41
CA PHE CA 71 -20.02 66.09 -41.42
C PHE CA 71 -20.28 67.15 -40.37
N THR CA 72 -21.48 67.09 -39.78
CA THR CA 72 -21.89 68.02 -38.75
C THR CA 72 -22.55 67.27 -37.60
N LEU CA 73 -22.32 67.78 -36.40
CA LEU CA 73 -22.99 67.34 -35.19
C LEU CA 73 -23.82 68.48 -34.64
N THR CA 74 -25.08 68.19 -34.33
CA THR CA 74 -26.03 69.20 -33.89
C THR CA 74 -26.60 68.82 -32.54
N ILE CA 75 -26.60 69.77 -31.62
CA ILE CA 75 -27.29 69.67 -30.34
C ILE CA 75 -28.45 70.66 -30.37
N SER CA 76 -29.68 70.13 -30.35
CA SER CA 76 -30.86 70.98 -30.50
C SER CA 76 -31.01 71.94 -29.34
N SER CA 77 -30.79 71.48 -28.11
CA SER CA 77 -30.92 72.33 -26.93
C SER CA 77 -29.84 71.95 -25.93
N LEU CA 78 -28.86 72.83 -25.78
CA LEU CA 78 -27.72 72.54 -24.92
C LEU CA 78 -28.15 72.50 -23.46
N GLN CA 79 -27.59 71.57 -22.72
CA GLN CA 79 -27.84 71.40 -21.30
C GLN CA 79 -26.54 71.44 -20.52
N PRO CA 80 -26.59 71.80 -19.24
CA PRO CA 80 -25.33 72.00 -18.48
C PRO CA 80 -24.47 70.75 -18.41
N ASP CA 81 -25.06 69.56 -18.49
CA ASP CA 81 -24.25 68.34 -18.48
C ASP CA 81 -23.49 68.15 -19.80
N ASP CA 82 -23.88 68.87 -20.84
CA ASP CA 82 -23.29 68.70 -22.17
C ASP CA 82 -22.06 69.57 -22.42
N PHE CA 83 -21.62 70.34 -21.42
CA PHE CA 83 -20.40 71.15 -21.58
C PHE CA 83 -19.19 70.25 -21.50
N ALA CA 84 -18.63 69.93 -22.67
CA ALA CA 84 -17.52 68.99 -22.77
C ALA CA 84 -16.86 69.19 -24.13
N THR CA 85 -15.84 68.39 -24.40
CA THR CA 85 -15.14 68.43 -25.68
C THR CA 85 -15.64 67.32 -26.60
N TYR CA 86 -15.87 67.67 -27.87
CA TYR CA 86 -16.44 66.77 -28.85
C TYR CA 86 -15.43 66.49 -29.95
N TYR CA 87 -15.15 65.21 -30.17
CA TYR CA 87 -14.21 64.76 -31.18
C TYR CA 87 -14.92 63.97 -32.26
N CYS CA 88 -14.58 64.22 -33.52
CA CYS CA 88 -15.00 63.36 -34.61
C CYS CA 88 -13.87 62.38 -34.92
N GLN CA 89 -14.24 61.25 -35.52
CA GLN CA 89 -13.29 60.18 -35.79
C GLN CA 89 -13.70 59.42 -37.03
N GLN CA 90 -12.84 59.43 -38.04
CA GLN CA 90 -13.01 58.55 -39.18
C GLN CA 90 -12.49 57.16 -38.85
N TYR CA 91 -13.21 56.14 -39.32
CA TYR CA 91 -12.75 54.77 -39.21
C TYR CA 91 -12.93 54.06 -40.53
N SER CA 92 -12.65 54.76 -41.62
CA SER CA 92 -12.63 54.19 -42.95
C SER CA 92 -11.28 53.58 -43.30
N SER CA 93 -10.20 54.19 -42.85
CA SER CA 93 -8.84 53.71 -43.09
C SER CA 93 -8.05 53.99 -41.83
N TYR CA 94 -7.82 52.96 -41.04
CA TYR CA 94 -7.25 53.08 -39.69
C TYR CA 94 -8.14 54.01 -38.88
N TRP CA 95 -7.57 54.77 -37.95
CA TRP CA 95 -8.35 55.57 -37.03
C TRP CA 95 -7.59 56.84 -36.72
N THR CA 96 -8.18 57.99 -37.01
CA THR CA 96 -7.60 59.29 -36.70
C THR CA 96 -8.65 60.19 -36.09
N PHE CA 97 -8.27 60.92 -35.06
CA PHE CA 97 -9.17 61.81 -34.35
C PHE CA 97 -8.93 63.25 -34.78
N GLY CA 98 -9.99 64.05 -34.68
CA GLY CA 98 -9.86 65.48 -34.84
C GLY CA 98 -9.26 66.15 -33.62
N GLN CA 99 -8.97 67.44 -33.74
CA GLN CA 99 -8.38 68.17 -32.64
C GLN CA 99 -9.36 68.37 -31.49
N GLY CA 100 -10.65 68.28 -31.74
CA GLY CA 100 -11.64 68.44 -30.69
C GLY CA 100 -12.20 69.84 -30.62
N THR CA 101 -13.49 69.96 -30.34
CA THR CA 101 -14.15 71.24 -30.15
C THR CA 101 -14.67 71.31 -28.72
N LYS CA 102 -14.26 72.35 -28.00
CA LYS CA 102 -14.68 72.58 -26.62
C LYS CA 102 -15.83 73.60 -26.63
N LEU CA 103 -16.96 73.22 -26.05
CA LEU CA 103 -18.11 74.09 -25.90
C LEU CA 103 -17.98 74.91 -24.62
N GLU CA 104 -17.87 76.22 -24.77
CA GLU CA 104 -17.62 77.13 -23.66
C GLU CA 104 -18.90 77.84 -23.24
N ILE CA 105 -18.98 78.12 -21.94
CA ILE CA 105 -20.15 78.77 -21.35
C ILE CA 105 -20.04 80.27 -21.62
N LYS CA 106 -20.96 80.79 -22.42
CA LYS CA 106 -20.95 82.22 -22.72
C LYS CA 106 -21.54 82.99 -21.55
N ARG CA 107 -20.87 84.08 -21.18
CA ARG CA 107 -21.32 84.94 -20.09
C ARG CA 107 -20.94 86.38 -20.43
N THR CA 108 -21.29 87.29 -19.52
CA THR CA 108 -20.97 88.69 -19.73
C THR CA 108 -19.47 88.95 -19.59
N VAL CA 109 -19.05 90.10 -20.10
CA VAL CA 109 -17.64 90.47 -20.10
C VAL CA 109 -17.22 90.88 -18.69
N ALA CA 110 -16.07 90.38 -18.24
CA ALA CA 110 -15.50 90.75 -16.96
C ALA CA 110 -14.02 91.04 -17.15
N ALA CA 111 -13.58 92.23 -16.75
CA ALA CA 111 -12.19 92.61 -16.92
C ALA CA 111 -11.31 91.89 -15.90
N PRO CA 112 -10.07 91.59 -16.27
CA PRO CA 112 -9.18 90.87 -15.36
C PRO CA 112 -8.68 91.75 -14.23
N SER CA 113 -8.41 91.11 -13.09
CA SER CA 113 -7.65 91.74 -12.01
C SER CA 113 -6.19 91.35 -12.15
N VAL CA 114 -5.30 92.34 -12.10
CA VAL CA 114 -3.89 92.15 -12.40
C VAL CA 114 -3.08 92.28 -11.11
N PHE CA 115 -2.25 91.29 -10.83
CA PHE CA 115 -1.36 91.30 -9.68
C PHE CA 115 0.02 90.86 -10.13
N ILE CA 116 1.05 91.43 -9.51
CA ILE CA 116 2.43 91.10 -9.81
C ILE CA 116 3.13 90.68 -8.52
N PHE CA 117 4.02 89.68 -8.63
CA PHE CA 117 4.80 89.18 -7.50
C PHE CA 117 6.27 89.16 -7.88
N PRO CA 118 7.15 89.75 -7.07
CA PRO CA 118 8.58 89.71 -7.35
C PRO CA 118 9.20 88.42 -6.84
N PRO CA 119 10.41 88.09 -7.29
CA PRO CA 119 11.10 86.91 -6.75
C PRO CA 119 11.42 87.07 -5.27
N SER CA 120 11.30 85.96 -4.55
CA SER CA 120 11.64 85.94 -3.13
C SER CA 120 13.16 86.02 -2.95
N ASP CA 121 13.56 86.52 -1.78
CA ASP CA 121 14.99 86.59 -1.47
C ASP CA 121 15.62 85.21 -1.37
N GLU CA 122 14.86 84.19 -0.97
CA GLU CA 122 15.43 82.85 -0.89
C GLU CA 122 15.72 82.31 -2.28
N GLN CA 123 14.80 82.51 -3.22
CA GLN CA 123 15.02 82.04 -4.58
C GLN CA 123 16.15 82.82 -5.24
N LEU CA 124 16.22 84.12 -4.98
CA LEU CA 124 17.34 84.92 -5.47
C LEU CA 124 18.66 84.41 -4.89
N LYS CA 125 18.65 83.98 -3.63
CA LYS CA 125 19.83 83.37 -3.05
C LYS CA 125 20.13 82.03 -3.69
N SER CA 126 19.11 81.36 -4.21
CA SER CA 126 19.32 80.07 -4.84
C SER CA 126 19.85 80.17 -6.26
N GLY CA 127 19.87 81.37 -6.85
CA GLY CA 127 20.41 81.57 -8.17
C GLY CA 127 19.39 81.75 -9.28
N THR CA 128 18.10 81.75 -8.96
CA THR CA 128 17.05 81.91 -9.96
C THR CA 128 16.12 83.02 -9.53
N ALA CA 129 15.42 83.60 -10.51
CA ALA CA 129 14.48 84.69 -10.28
C ALA CA 129 13.23 84.45 -11.09
N SER CA 130 12.12 84.16 -10.41
CA SER CA 130 10.82 84.01 -11.07
C SER CA 130 9.95 85.21 -10.73
N VAL CA 131 9.41 85.85 -11.77
CA VAL CA 131 8.48 86.95 -11.62
C VAL CA 131 7.12 86.49 -12.12
N VAL CA 132 6.07 86.75 -11.36
CA VAL CA 132 4.76 86.20 -11.62
C VAL CA 132 3.79 87.35 -11.87
N CYS CA 133 3.06 87.26 -12.98
CA CYS CA 133 1.99 88.19 -13.30
C CYS CA 133 0.70 87.39 -13.34
N LEU CA 134 -0.31 87.83 -12.62
CA LEU CA 134 -1.55 87.07 -12.45
C LEU CA 134 -2.73 87.87 -12.99
N LEU CA 135 -3.52 87.22 -13.84
CA LEU CA 135 -4.79 87.77 -14.30
C LEU CA 135 -5.90 86.91 -13.71
N ASN CA 136 -6.74 87.53 -12.88
CA ASN CA 136 -7.73 86.81 -12.10
C ASN CA 136 -9.14 87.17 -12.57
N ASN CA 137 -9.97 86.15 -12.77
CA ASN CA 137 -11.41 86.31 -12.93
C ASN CA 137 -11.73 87.22 -14.11
N PHE CA 138 -11.43 86.71 -15.30
CA PHE CA 138 -11.67 87.44 -16.55
C PHE CA 138 -12.41 86.55 -17.53
N TYR CA 139 -13.10 87.19 -18.47
CA TYR CA 139 -13.80 86.51 -19.53
C TYR CA 139 -14.00 87.51 -20.67
N PRO CA 140 -13.85 87.10 -21.93
CA PRO CA 140 -13.49 85.77 -22.43
C PRO CA 140 -12.02 85.43 -22.20
N ARG CA 141 -11.58 84.30 -22.76
CA ARG CA 141 -10.25 83.78 -22.47
C ARG CA 141 -9.16 84.56 -23.18
N GLU CA 142 -9.46 85.18 -24.31
CA GLU CA 142 -8.43 85.85 -25.09
C GLU CA 142 -7.93 87.09 -24.36
N ALA CA 143 -6.62 87.14 -24.14
CA ALA CA 143 -5.97 88.27 -23.51
C ALA CA 143 -4.52 88.25 -23.95
N LYS CA 144 -3.86 89.40 -23.85
CA LYS CA 144 -2.44 89.49 -24.20
C LYS CA 144 -1.66 90.04 -23.03
N VAL CA 145 -0.55 89.38 -22.70
CA VAL CA 145 0.36 89.80 -21.64
C VAL CA 145 1.73 89.97 -22.27
N GLN CA 146 2.28 91.17 -22.18
CA GLN CA 146 3.60 91.48 -22.72
C GLN CA 146 4.54 91.85 -21.59
N TRP CA 147 5.69 91.19 -21.54
CA TRP CA 147 6.72 91.48 -20.56
C TRP CA 147 7.70 92.51 -21.09
N LYS CA 148 7.99 93.52 -20.27
CA LYS CA 148 8.96 94.55 -20.60
C LYS CA 148 9.96 94.67 -19.47
N VAL CA 149 11.25 94.53 -19.79
CA VAL CA 149 12.32 94.63 -18.81
C VAL CA 149 13.18 95.81 -19.22
N ASP CA 150 13.11 96.89 -18.42
CA ASP CA 150 13.72 98.17 -18.78
C ASP CA 150 13.30 98.60 -20.18
N ASN CA 151 11.98 98.52 -20.43
CA ASN CA 151 11.35 98.94 -21.68
C ASN CA 151 11.81 98.10 -22.87
N ALA CA 152 12.32 96.89 -22.62
CA ALA CA 152 12.76 95.99 -23.67
C ALA CA 152 11.84 94.77 -23.68
N LEU CA 153 11.25 94.48 -24.84
CA LEU CA 153 10.31 93.37 -24.95
C LEU CA 153 11.04 92.04 -24.80
N GLN CA 154 10.44 91.14 -24.03
CA GLN CA 154 11.00 89.81 -23.80
C GLN CA 154 10.36 88.79 -24.73
N SER CA 155 11.12 87.74 -25.02
CA SER CA 155 10.64 86.67 -25.88
C SER CA 155 11.40 85.39 -25.56
N GLY CA 156 10.67 84.31 -25.35
CA GLY CA 156 11.30 83.02 -25.11
C GLY CA 156 11.72 82.75 -23.70
N ASN CA 157 11.38 83.62 -22.74
CA ASN CA 157 11.77 83.42 -21.35
C ASN CA 157 10.58 83.45 -20.40
N SER CA 158 9.37 83.25 -20.92
CA SER CA 158 8.17 83.26 -20.09
C SER CA 158 7.32 82.04 -20.40
N GLN CA 159 6.49 81.65 -19.44
CA GLN CA 159 5.56 80.54 -19.61
C GLN CA 159 4.21 80.91 -19.02
N GLU CA 160 3.15 80.49 -19.70
CA GLU CA 160 1.78 80.80 -19.29
C GLU CA 160 1.04 79.53 -18.90
N SER CA 161 0.11 79.67 -17.96
CA SER CA 161 -0.76 78.59 -17.53
C SER CA 161 -2.17 79.15 -17.34
N VAL CA 162 -3.17 78.40 -17.81
CA VAL CA 162 -4.55 78.85 -17.76
C VAL CA 162 -5.38 77.78 -17.08
N THR CA 163 -6.26 78.22 -16.17
CA THR CA 163 -7.21 77.32 -15.53
C THR CA 163 -8.41 77.08 -16.43
N GLU CA 164 -9.17 76.03 -16.08
CA GLU CA 164 -10.46 75.80 -16.72
C GLU CA 164 -11.49 76.79 -16.20
N GLN CA 165 -12.64 76.81 -16.86
CA GLN CA 165 -13.74 77.68 -16.46
C GLN CA 165 -14.18 77.36 -15.05
N ASP CA 166 -14.19 78.38 -14.19
CA ASP CA 166 -14.58 78.20 -12.81
C ASP CA 166 -16.01 77.69 -12.71
N SER CA 167 -16.22 76.73 -11.80
CA SER CA 167 -17.54 76.12 -11.66
C SER CA 167 -18.57 77.12 -11.14
N LYS CA 168 -18.13 78.14 -10.39
CA LYS CA 168 -19.06 79.05 -9.75
C LYS CA 168 -19.46 80.22 -10.65
N ASP CA 169 -18.52 80.82 -11.36
CA ASP CA 169 -18.81 82.01 -12.15
C ASP CA 169 -18.27 81.94 -13.58
N SER CA 170 -17.73 80.80 -13.99
CA SER CA 170 -17.36 80.56 -15.39
C SER CA 170 -16.28 81.53 -15.87
N THR CA 171 -15.40 81.94 -14.96
CA THR CA 171 -14.32 82.84 -15.31
C THR CA 171 -13.02 82.07 -15.46
N TYR CA 172 -12.03 82.73 -16.05
CA TYR CA 172 -10.69 82.18 -16.22
C TYR CA 172 -9.71 82.87 -15.28
N SER CA 173 -8.63 82.16 -15.00
CA SER CA 173 -7.47 82.74 -14.33
C SER CA 173 -6.22 82.31 -15.09
N LEU CA 174 -5.26 83.23 -15.20
CA LEU CA 174 -4.05 82.98 -15.97
C LEU CA 174 -2.84 83.40 -15.16
N SER CA 175 -1.80 82.58 -15.19
CA SER CA 175 -0.53 82.90 -14.56
C SER CA 175 0.56 82.95 -15.63
N SER CA 176 1.40 83.99 -15.57
CA SER CA 176 2.57 84.12 -16.41
C SER CA 176 3.81 84.17 -15.53
N THR CA 177 4.78 83.31 -15.82
CA THR CA 177 6.00 83.19 -15.04
C THR CA 177 7.18 83.55 -15.91
N LEU CA 178 7.88 84.62 -15.55
CA LEU CA 178 9.12 85.02 -16.20
C LEU CA 178 10.29 84.49 -15.37
N THR CA 179 11.13 83.68 -16.00
CA THR CA 179 12.23 83.02 -15.32
C THR CA 179 13.56 83.54 -15.84
N LEU CA 180 14.45 83.93 -14.93
CA LEU CA 180 15.76 84.45 -15.30
C LEU CA 180 16.80 83.96 -14.30
N SER CA 181 18.05 83.94 -14.75
CA SER CA 181 19.17 83.66 -13.87
C SER CA 181 19.40 84.84 -12.92
N LYS CA 182 20.04 84.55 -11.79
CA LYS CA 182 20.32 85.60 -10.82
C LYS CA 182 21.17 86.72 -11.43
N ALA CA 183 22.12 86.35 -12.29
CA ALA CA 183 22.97 87.37 -12.92
C ALA CA 183 22.19 88.18 -13.95
N ASP CA 184 21.37 87.50 -14.77
CA ASP CA 184 20.51 88.22 -15.71
C ASP CA 184 19.50 89.09 -14.98
N TYR CA 185 18.94 88.58 -13.88
CA TYR CA 185 17.94 89.34 -13.15
C TYR CA 185 18.54 90.59 -12.52
N GLU CA 186 19.74 90.47 -11.95
CA GLU CA 186 20.36 91.60 -11.28
C GLU CA 186 21.05 92.55 -12.26
N LYS CA 187 21.05 92.24 -13.55
CA LYS CA 187 21.59 93.13 -14.56
C LYS CA 187 20.55 94.09 -15.13
N HIS CA 188 19.39 94.21 -14.48
CA HIS CA 188 18.36 95.13 -14.95
C HIS CA 188 17.61 95.68 -13.75
N LYS CA 189 16.73 96.66 -14.02
CA LYS CA 189 16.07 97.41 -12.96
C LYS CA 189 14.56 97.25 -13.00
N VAL CA 190 13.91 97.61 -14.11
CA VAL CA 190 12.44 97.69 -14.18
C VAL CA 190 11.90 96.42 -14.81
N TYR CA 191 10.84 95.87 -14.22
CA TYR CA 191 10.19 94.65 -14.68
C TYR CA 191 8.69 94.89 -14.70
N ALA CA 192 8.08 94.82 -15.88
CA ALA CA 192 6.67 95.12 -16.03
C ALA CA 192 5.96 94.05 -16.85
N CYS CA 193 4.70 93.80 -16.50
CA CYS CA 193 3.77 93.05 -17.34
C CYS CA 193 2.62 93.98 -17.73
N GLU CA 194 2.37 94.07 -19.03
CA GLU CA 194 1.27 94.84 -19.60
C GLU CA 194 0.20 93.89 -20.09
N VAL CA 195 -1.05 94.20 -19.77
CA VAL CA 195 -2.19 93.32 -20.02
C VAL CA 195 -3.21 94.07 -20.87
N THR CA 196 -3.67 93.41 -21.93
CA THR CA 196 -4.77 93.89 -22.75
C THR CA 196 -5.88 92.85 -22.76
N HIS CA 197 -7.11 93.35 -22.70
CA HIS CA 197 -8.30 92.50 -22.66
C HIS CA 197 -9.46 93.27 -23.28
N GLN CA 198 -10.38 92.52 -23.90
CA GLN CA 198 -11.47 93.15 -24.64
C GLN CA 198 -12.37 93.98 -23.75
N GLY CA 199 -12.35 93.75 -22.44
CA GLY CA 199 -13.10 94.60 -21.55
C GLY CA 199 -12.36 95.84 -21.09
N LEU CA 200 -11.13 96.03 -21.54
CA LEU CA 200 -10.30 97.18 -21.15
C LEU CA 200 -10.10 98.08 -22.36
N SER CA 201 -10.48 99.36 -22.22
CA SER CA 201 -10.28 100.31 -23.30
C SER CA 201 -8.80 100.58 -23.53
N SER CA 202 -7.99 100.55 -22.49
CA SER CA 202 -6.55 100.78 -22.58
C SER CA 202 -5.80 99.70 -21.83
N PRO CA 203 -4.58 99.38 -22.24
CA PRO CA 203 -3.79 98.36 -21.53
C PRO CA 203 -3.48 98.78 -20.10
N VAL CA 204 -3.45 97.78 -19.22
CA VAL CA 204 -3.11 97.97 -17.82
C VAL CA 204 -1.69 97.49 -17.62
N THR CA 205 -0.88 98.27 -16.91
CA THR CA 205 0.53 97.96 -16.75
C THR CA 205 0.90 97.95 -15.27
N LYS CA 206 1.48 96.84 -14.82
CA LYS CA 206 2.05 96.73 -13.50
C LYS CA 206 3.56 96.56 -13.61
N SER CA 207 4.31 97.19 -12.72
CA SER CA 207 5.75 97.21 -12.82
C SER CA 207 6.36 97.38 -11.44
N PHE CA 208 7.60 96.91 -11.29
CA PHE CA 208 8.38 97.15 -10.08
C PHE CA 208 9.82 97.42 -10.47
N ASN CA 209 10.57 97.98 -9.52
CA ASN CA 209 11.99 98.20 -9.66
C ASN CA 209 12.75 97.16 -8.84
N ARG CA 210 13.81 96.61 -9.42
CA ARG CA 210 14.59 95.61 -8.70
C ARG CA 210 15.19 96.22 -7.44
N GLY CA 211 14.85 95.63 -6.30
CA GLY CA 211 15.27 96.11 -5.00
C GLY CA 211 14.25 96.98 -4.30
N GLU CA 212 13.36 97.62 -5.05
CA GLU CA 212 12.31 98.47 -4.49
C GLU CA 212 11.31 97.67 -3.68
#